data_3D29
#
_entry.id   3D29
#
_cell.length_a   134.272
_cell.length_b   301.580
_cell.length_c   143.454
_cell.angle_alpha   90.00
_cell.angle_beta   112.70
_cell.angle_gamma   90.00
#
_symmetry.space_group_name_H-M   'P 1 21 1'
#
loop_
_entity.id
_entity.type
_entity.pdbx_description
1 polymer 'PRE8 isoform 1'
2 polymer 'PRE9 isoform 1'
3 polymer 'PRE6 isoform 1'
4 polymer 'PUP2 isoform 1'
5 polymer 'PRE5 isoform 1'
6 polymer 'PRE10 isoform 1'
7 polymer 'SCL1 isoform 1'
8 polymer 'proteasome endopeptidase complex'
9 polymer 'PUP3 isoform 1'
10 polymer 'Proteasome subunit beta'
11 polymer 'proteasome endopeptidase complex'
12 polymer 'PRE7 isoform 1'
13 polymer 'Proteasome subunit beta'
14 polymer 'Proteasome subunit beta type-1'
15 polymer 'Fellutamide B'
16 non-polymer '(3R)-3-HYDROXYDODECANOIC ACID'
17 water water
#
loop_
_entity_poly.entity_id
_entity_poly.type
_entity_poly.pdbx_seq_one_letter_code
_entity_poly.pdbx_strand_id
1 'polypeptide(L)'
;MTDRYSFSLTTFSPSGKLGQIDYALTAVKQGVTSLGIKATNGVVIATEKKSSSPLAMSETLSKVSLLTPDIGAVYSGMGP
DYRVLVDKSRKVAHTSYKRIYGEYPPTKLLVSEVAKIMQEATQSGGVRPFGVSLLIAGHDEFNGFSLYQVDPSGSYFPWK
ATAIGKGSVAAKTFLEKRWNDELELEDAIHIALLTLKESVEGEFNGDTIELAIIGDENPDLLGYTGIPTDKGPRFRKLTS
QEINDRLEAL
;
A,O
2 'polypeptide(L)'
;GSRRYDSRTTIFSPEGRLYQVEYALESISHAGTAIGIMASDGIVLAAERKVTSTLLEQDTSTEKLYKLNDKIAVAVAGLT
ADAEILINTARIHAQNYLKTYNEDIPVEILVRRLSDIKQGYTQHGGLRPFGVSFIYAGYDDRYGYQLYTSNPSGNYTGWK
AISVGANTSAAQTLLQMDYKDDMKVDDAIELALKTLSKTTDSSALTYDRLEFATIRKGANDGEVYQKIFKPQEIKDILVK
TGIT
;
B,P
3 'polypeptide(L)'
;GYDRALSIFSPDGHIFQVEYALEAVKRGTCAVGVKGKNCVVLGCERRSTLKLQDTRITPSKVSKIDSHVVLSFSGLNADS
RILIEKARVEAQSHRLTLEDPVTVEYLTRYVAGVQQRYTQSGGVRPFGVSTLIAGFDPRDDEPKLYQTEPSGIYSSWSAQ
TIGRNSKTVREFLEKNYDRKEPPATVEECVKLTVRSLLEVVQTGAKNIEITVVKPDSDIVALSSEEINQYVTQIEQEKQE
Q
;
C,Q
4 'polypeptide(L)'
;DRGVSTFSPEGRLFQVEYSLEAIKLGSTAIGIATKEGVVLGVEKRATSPLLESDSIEKIVEIDRHIGCAMSGLTADARSM
IEHARTAAVTHNLYYDEDINVESLTQSVCDLALRFGEGASGEERLMSRPFGVALLIAGHDADDGYQLFHAEPSGTFYRYN
AKAIGSGSEGAQAELLNEWHSSLTLKEAELLVLKILKQVMEEKLDENNAQLSCITKQDGFKIYDNEKTAELIKELKEKEA
AE
;
D,R
5 'polypeptide(L)'
;FRNNYDGDTVTFSPTGRLFQVEYALEAIKQGSVTVGLRSNTHAVLVALKRNADELSSYQKKIIKCDEHMGLSLAGLAPDA
RVLSNYLRQQCNYSSLVFNRKLAVERAGHLLCDKAQKNTQSYGGRPYGVGLLIIGYDKSGAHLLEFQPSGNVTELYGTAI
GARSQGAKTYLERTLDTFIKIDGNPDELIKAGVEAISQSLRDESLTVDNLSIAIVGKDTPFTIYDGEAVAKYI
;
E,S
6 'polypeptide(L)'
;GTGYDLSNSVFSPDGRNFQVEYAVKAVENGTTSIGIKCNDGVVFAVEKLITSKLLVPQKNVKIQVVDRHIGCVYSGLIPD
GRHLVNRGREEAASFKKLYKTPIPIPAFADRLGQYVQAHTLYNSVRPFGVSTIFGGVDKNGAHLYMLEPSGSYWGYKGAA
TGKGRQSAKAELEKLVDHHPEGLSAREAVKQAAKIIYLAHEDNKEKDFELEISWCSLSETNGLHKFVKGDLLQEAIDFAQ
KEIN
;
F,T
7 'polypeptide(L)'
;AGYDRHITIFSPEGRLYQVEYAFKATNQTNINSLAVRGKDCTVVISQKKVPDKLLDPTTVSYIFCISRTIGMVVNGPIPD
ARNAALRAKAEAAEFRYKYGYDMPCDVLAKRMANLSQIYTQRAYMRPLGVILTFVSVDEELGPSIYKTDPAGYYVGYKAT
ATGPKQQEITTNLENHFKKSKIDHINEESWEKVVEFAITHMIDALGTEFSKNDLEVGVATKDKFFTLSAENIEERLVAIA
EQD
;
G,U
8 'polypeptide(L)'
;TTIVGVKFNNGVVIAADTRSTQGPIVADKNCAKLHRISPKIWCAGAGTAADTEAVTQLIGSNIELHSLYTSREPRVVSAL
QMLKQHLFKYQGHIGAYLIVAGVDPTGSHLFSIHAHGSTDVGYYLSLGSGSLAAMAVLESHWKQDLTKEEAIKLASDAIQ
AGIWNDLGSGSNVDVCVMEIGKDAEYLRNYLTPNVREEKQKSYKFPRGTTAVLKESIVNICD
;
H,V
9 'polypeptide(L)'
;SDPSSINGGIVVAMTGKDCVAIACDLRLGSQSLGVSNKFEKIFHYGHVFLGITGLATDVTTLNEMFRYKTNLYKLKEERA
IEPETFTQLVSSSLYERRFGPYFVGPVVAGINSKSGKPFIAGFDLIGCIDEAKDFIVSGTASDQLFGMCESLYEPNLEPE
DLFETISQALLNAADRDALSGWGAVVYIIKKDEVVKRYLKMRQD
;
I,W
10 'polypeptide(L)'
;MDIILGIRVQDSVILASSKAVTRGISVLKDSDDKTRQLSPHTLMSFAGEAGDTVQFAEYIQANIQLYSIREDYELSPQAV
SSFVRQELAKSIRSRRPYQVNVLIGGYDKKKNKPELYQIDYLGTKVELPYGAHGYSGFYTFSLLDHHYRPDMTTEEGLDL
LKLCVQELEKRMPMDFKGVIVKIVDKDGIRQVDDFQAQ
;
J,X
11 'polypeptide(L)'
;TTTLAFRFQGGIIVAVDSRATAGNWVASQTVKKVIEINPFLLGTMAGGAADCQFWETWLGSQCRLHELREKERISVAAAS
KILSNLVYQYKGAGLSMGTMICGYTRKEGPTIYYVDSDGTRLKGDIFCVGSGQTFAYGVLDSNYKWDLSVEDALYLGKRS
ILAAAHRDAYSGGSVNLYHVTEDGWIYHGNHDVGELFWKVKEEEGSFNNVIG
;
K,Y
12 'polypeptide(L)'
;QFNPYGDNGGTILGIAGEDFAVLAGDTRNITDYSINSRYEPKVFDCGDNIVMSANGFAADGDALVKRFKNSVKWYHFDHN
DKKLSINSAARNIQHLLYGKRFFPYYVHTIIAGLDEDGKGAVYSFDPVGSYEREQCRAGGAAASLIMPFLDNQVNFKNQY
EPGTNGKVKKPLKYLSVEEVIKLVRDSFTSATERHIQVGDGLEILIVTKDGVRKEFYELKRD
;
L,Z
13 'polypeptide(L)'
;TQQPIVTGTSVISMKYDNGVIIAADNLGSYGSLLRFNGVERLIPVGDNTVVGISGDISDMQHIERLLKDLVTENAYDNPL
ADAEEALEPSYIFEYLATVMYQRRSKMNPLWNAIIVAGVQSNGDQFLRYVNLLGVTYSSPTLATGFGAHMANPLLRKVVD
RESDIPKTTVQVAEEAIVNAMRVLYYRDARSSRNFSLAIIDKNTGLTFKKNLQVENMKWDFAKDIKGYGTQKI
;
M,1
14 'polypeptide(L)'
;TSIMAVTFKDGVILGADSRTTTGAYIANRVTDKLTRVHDKIWCCRSGSAADTQAIADIVQYHLELYTSQYGTPSTETAAS
VFKELCYENKDNLTAGIIVAGYDDKNKGEVYTIPLGGSVHKLPYAIAGSGSTFIYGYCDKNFRENMSKEETVDFIKHSLS
QAIKWDGSSGGVIRMVVLTAAGVERLIFYPDEYEQL
;
N,2
15 'polypeptide(L)' NQL a,b,c,d,e,f
#
# COMPACT_ATOMS: atom_id res chain seq x y z
N MET A 1 -44.19 -22.14 -25.41
CA MET A 1 -44.28 -20.65 -25.32
C MET A 1 -43.34 -20.04 -26.35
N THR A 2 -42.80 -18.88 -26.00
CA THR A 2 -41.89 -18.13 -26.86
C THR A 2 -42.49 -17.90 -28.24
N ASP A 3 -42.75 -16.64 -28.53
CA ASP A 3 -43.31 -16.23 -29.81
C ASP A 3 -42.52 -16.90 -30.93
N ARG A 4 -43.15 -17.82 -31.63
CA ARG A 4 -42.50 -18.54 -32.72
C ARG A 4 -43.01 -17.96 -34.03
N TYR A 5 -43.62 -16.79 -33.94
CA TYR A 5 -44.14 -16.08 -35.10
C TYR A 5 -43.13 -15.01 -35.45
N SER A 6 -41.97 -15.47 -35.89
CA SER A 6 -40.87 -14.58 -36.26
C SER A 6 -40.93 -14.19 -37.74
N PHE A 7 -41.98 -14.61 -38.43
CA PHE A 7 -42.15 -14.30 -39.85
C PHE A 7 -43.24 -13.26 -40.04
N SER A 8 -43.22 -12.59 -41.20
CA SER A 8 -44.20 -11.56 -41.49
C SER A 8 -45.62 -12.07 -41.65
N LEU A 9 -46.58 -11.32 -41.10
CA LEU A 9 -47.98 -11.71 -41.22
C LEU A 9 -48.61 -10.89 -42.35
N THR A 10 -47.84 -9.95 -42.88
CA THR A 10 -48.27 -9.12 -43.99
C THR A 10 -47.28 -9.41 -45.12
N THR A 11 -47.75 -9.95 -46.24
CA THR A 11 -46.87 -10.24 -47.36
C THR A 11 -47.51 -9.74 -48.64
N PHE A 12 -46.78 -9.79 -49.75
CA PHE A 12 -47.30 -9.34 -51.03
C PHE A 12 -48.11 -10.44 -51.70
N SER A 13 -49.24 -10.06 -52.29
CA SER A 13 -50.07 -11.02 -52.99
C SER A 13 -49.61 -10.94 -54.44
N PRO A 14 -50.00 -11.92 -55.27
CA PRO A 14 -49.57 -11.86 -56.67
C PRO A 14 -49.93 -10.55 -57.35
N SER A 15 -51.05 -9.94 -56.97
CA SER A 15 -51.44 -8.67 -57.58
C SER A 15 -50.56 -7.50 -57.13
N GLY A 16 -49.75 -7.73 -56.11
CA GLY A 16 -48.87 -6.69 -55.60
C GLY A 16 -49.45 -5.94 -54.41
N LYS A 17 -50.58 -6.44 -53.91
CA LYS A 17 -51.24 -5.81 -52.76
C LYS A 17 -50.71 -6.39 -51.45
N LEU A 18 -50.85 -5.60 -50.39
CA LEU A 18 -50.49 -6.04 -49.05
C LEU A 18 -51.83 -6.08 -48.33
N GLY A 19 -52.44 -7.26 -48.39
CA GLY A 19 -53.76 -7.48 -47.81
C GLY A 19 -54.03 -6.92 -46.44
N GLN A 20 -53.22 -7.33 -45.48
CA GLN A 20 -53.40 -6.88 -44.11
C GLN A 20 -53.52 -5.37 -43.99
N ILE A 21 -52.75 -4.64 -44.79
CA ILE A 21 -52.83 -3.18 -44.73
C ILE A 21 -54.13 -2.67 -45.39
N ASP A 22 -54.53 -3.30 -46.48
CA ASP A 22 -55.77 -2.90 -47.14
C ASP A 22 -56.90 -3.13 -46.14
N TYR A 23 -56.90 -4.29 -45.52
CA TYR A 23 -57.94 -4.63 -44.54
C TYR A 23 -57.95 -3.66 -43.38
N ALA A 24 -56.76 -3.25 -42.95
CA ALA A 24 -56.66 -2.29 -41.86
C ALA A 24 -57.35 -1.02 -42.33
N LEU A 25 -57.06 -0.61 -43.57
CA LEU A 25 -57.66 0.58 -44.14
C LEU A 25 -59.18 0.46 -44.13
N THR A 26 -59.67 -0.74 -44.42
CA THR A 26 -61.10 -1.02 -44.44
C THR A 26 -61.69 -0.77 -43.05
N ALA A 27 -61.00 -1.24 -42.02
CA ALA A 27 -61.46 -1.06 -40.66
C ALA A 27 -61.54 0.44 -40.35
N VAL A 28 -60.61 1.21 -40.90
CA VAL A 28 -60.59 2.65 -40.69
C VAL A 28 -61.84 3.28 -41.31
N LYS A 29 -62.19 2.82 -42.51
CA LYS A 29 -63.36 3.32 -43.20
C LYS A 29 -64.64 3.16 -42.37
N GLN A 30 -64.73 2.05 -41.64
CA GLN A 30 -65.89 1.75 -40.81
C GLN A 30 -65.95 2.60 -39.54
N GLY A 31 -64.82 3.21 -39.18
CA GLY A 31 -64.79 4.01 -37.97
C GLY A 31 -65.51 5.33 -38.02
N VAL A 32 -65.79 5.88 -36.85
CA VAL A 32 -66.48 7.16 -36.74
C VAL A 32 -65.64 8.26 -37.37
N THR A 33 -66.32 9.16 -38.07
CA THR A 33 -65.68 10.28 -38.75
C THR A 33 -64.86 11.17 -37.81
N SER A 34 -63.73 11.66 -38.30
CA SER A 34 -62.87 12.60 -37.57
C SER A 34 -62.28 13.51 -38.66
N LEU A 35 -62.00 14.76 -38.32
CA LEU A 35 -61.49 15.69 -39.32
C LEU A 35 -60.52 16.72 -38.78
N GLY A 36 -59.80 17.37 -39.70
CA GLY A 36 -58.85 18.37 -39.30
C GLY A 36 -58.85 19.56 -40.25
N ILE A 37 -58.78 20.76 -39.69
CA ILE A 37 -58.79 21.96 -40.49
C ILE A 37 -57.73 22.92 -40.01
N LYS A 38 -56.86 23.33 -40.92
CA LYS A 38 -55.80 24.26 -40.60
C LYS A 38 -56.19 25.70 -40.99
N ALA A 39 -56.07 26.62 -40.04
CA ALA A 39 -56.37 28.04 -40.27
C ALA A 39 -55.04 28.79 -40.32
N THR A 40 -55.07 30.11 -40.50
CA THR A 40 -53.83 30.88 -40.58
C THR A 40 -53.21 31.05 -39.20
N ASN A 41 -54.02 30.96 -38.16
CA ASN A 41 -53.50 31.12 -36.81
C ASN A 41 -53.94 29.98 -35.90
N GLY A 42 -53.95 28.77 -36.44
CA GLY A 42 -54.33 27.63 -35.62
C GLY A 42 -54.78 26.44 -36.42
N VAL A 43 -55.07 25.34 -35.72
CA VAL A 43 -55.54 24.13 -36.36
C VAL A 43 -56.64 23.57 -35.47
N VAL A 44 -57.59 22.87 -36.07
CA VAL A 44 -58.66 22.29 -35.28
C VAL A 44 -58.86 20.85 -35.73
N ILE A 45 -59.03 19.96 -34.75
CA ILE A 45 -59.29 18.55 -35.03
C ILE A 45 -60.50 18.17 -34.20
N ALA A 46 -61.42 17.43 -34.80
CA ALA A 46 -62.63 17.03 -34.08
C ALA A 46 -63.16 15.69 -34.53
N THR A 47 -64.06 15.14 -33.72
CA THR A 47 -64.66 13.85 -34.00
C THR A 47 -65.92 13.73 -33.16
N GLU A 48 -66.71 12.70 -33.45
CA GLU A 48 -67.93 12.45 -32.71
C GLU A 48 -67.65 11.40 -31.63
N LYS A 49 -68.19 11.62 -30.43
CA LYS A 49 -68.01 10.68 -29.33
C LYS A 49 -69.18 9.70 -29.37
N LYS A 50 -69.00 8.65 -30.16
CA LYS A 50 -69.99 7.59 -30.35
C LYS A 50 -70.14 6.72 -29.09
N SER A 51 -70.85 7.22 -28.09
CA SER A 51 -71.06 6.46 -26.85
C SER A 51 -71.65 5.08 -27.15
N SER A 52 -71.03 4.03 -26.62
CA SER A 52 -71.50 2.68 -26.87
C SER A 52 -72.39 2.08 -25.76
N SER A 53 -73.16 2.95 -25.13
CA SER A 53 -74.09 2.59 -24.05
C SER A 53 -74.39 3.89 -23.31
N PRO A 54 -75.67 4.16 -23.05
CA PRO A 54 -76.04 5.40 -22.34
C PRO A 54 -75.56 5.36 -20.89
N LEU A 55 -75.18 4.18 -20.43
CA LEU A 55 -74.68 4.00 -19.08
C LEU A 55 -73.19 4.33 -18.99
N ALA A 56 -72.54 4.39 -20.15
CA ALA A 56 -71.13 4.71 -20.22
C ALA A 56 -70.96 6.21 -20.14
N MET A 57 -69.92 6.65 -19.44
CA MET A 57 -69.64 8.08 -19.29
C MET A 57 -68.57 8.44 -20.32
N SER A 58 -69.02 9.00 -21.43
CA SER A 58 -68.15 9.39 -22.55
C SER A 58 -66.98 10.31 -22.19
N GLU A 59 -67.03 10.98 -21.05
CA GLU A 59 -65.95 11.86 -20.67
C GLU A 59 -64.73 11.04 -20.25
N THR A 60 -64.98 9.84 -19.72
CA THR A 60 -63.90 8.97 -19.29
C THR A 60 -63.04 8.50 -20.45
N LEU A 61 -63.47 8.80 -21.66
CA LEU A 61 -62.73 8.40 -22.84
C LEU A 61 -62.45 9.60 -23.73
N SER A 62 -61.22 9.72 -24.21
CA SER A 62 -60.85 10.82 -25.08
C SER A 62 -60.27 10.37 -26.41
N LYS A 63 -60.95 10.76 -27.49
CA LYS A 63 -60.52 10.41 -28.83
C LYS A 63 -59.49 11.44 -29.32
N VAL A 64 -59.50 12.61 -28.68
CA VAL A 64 -58.57 13.68 -29.01
C VAL A 64 -57.54 13.72 -27.88
N SER A 65 -56.29 13.40 -28.22
CA SER A 65 -55.23 13.33 -27.22
C SER A 65 -54.09 14.32 -27.40
N LEU A 66 -53.56 14.80 -26.29
CA LEU A 66 -52.42 15.71 -26.32
C LEU A 66 -51.15 14.84 -26.37
N LEU A 67 -50.27 15.08 -27.35
CA LEU A 67 -49.02 14.33 -27.46
C LEU A 67 -47.92 15.16 -26.81
N THR A 68 -47.85 16.44 -27.16
CA THR A 68 -46.89 17.37 -26.57
C THR A 68 -47.71 18.62 -26.34
N PRO A 69 -47.22 19.57 -25.55
CA PRO A 69 -48.04 20.77 -25.35
C PRO A 69 -48.44 21.56 -26.62
N ASP A 70 -47.87 21.22 -27.77
CA ASP A 70 -48.23 21.90 -29.01
C ASP A 70 -48.69 20.92 -30.09
N ILE A 71 -48.97 19.68 -29.71
CA ILE A 71 -49.39 18.67 -30.69
C ILE A 71 -50.50 17.79 -30.16
N GLY A 72 -51.54 17.60 -30.97
CA GLY A 72 -52.66 16.78 -30.58
C GLY A 72 -52.97 15.77 -31.67
N ALA A 73 -53.72 14.73 -31.29
CA ALA A 73 -54.10 13.68 -32.23
C ALA A 73 -55.54 13.24 -32.06
N VAL A 74 -56.11 12.75 -33.16
CA VAL A 74 -57.48 12.25 -33.19
C VAL A 74 -57.38 11.09 -34.18
N TYR A 75 -58.40 10.24 -34.25
CA TYR A 75 -58.32 9.09 -35.15
C TYR A 75 -59.67 8.60 -35.67
N SER A 76 -59.59 7.48 -36.40
CA SER A 76 -60.75 6.80 -36.95
C SER A 76 -60.32 5.36 -37.14
N GLY A 77 -61.08 4.44 -36.57
CA GLY A 77 -60.75 3.04 -36.68
C GLY A 77 -60.86 2.35 -35.33
N MET A 78 -59.90 1.50 -35.03
CA MET A 78 -59.90 0.77 -33.77
C MET A 78 -59.34 1.57 -32.60
N GLY A 79 -60.25 2.03 -31.74
CA GLY A 79 -59.87 2.82 -30.58
C GLY A 79 -58.79 2.20 -29.70
N PRO A 80 -58.84 0.89 -29.39
CA PRO A 80 -57.77 0.36 -28.55
C PRO A 80 -56.37 0.49 -29.19
N ASP A 81 -56.27 0.34 -30.51
CA ASP A 81 -54.97 0.47 -31.18
C ASP A 81 -54.51 1.91 -31.00
N TYR A 82 -55.42 2.85 -31.23
CA TYR A 82 -55.11 4.28 -31.09
C TYR A 82 -54.58 4.59 -29.70
N ARG A 83 -55.25 4.05 -28.69
CA ARG A 83 -54.86 4.30 -27.30
C ARG A 83 -53.39 3.93 -27.08
N VAL A 84 -52.99 2.72 -27.44
CA VAL A 84 -51.59 2.36 -27.22
C VAL A 84 -50.68 3.19 -28.11
N LEU A 85 -51.15 3.57 -29.30
CA LEU A 85 -50.34 4.41 -30.17
C LEU A 85 -50.09 5.76 -29.53
N VAL A 86 -51.04 6.25 -28.73
CA VAL A 86 -50.87 7.53 -28.05
C VAL A 86 -49.78 7.41 -26.97
N ASP A 87 -49.82 6.33 -26.21
CA ASP A 87 -48.82 6.12 -25.17
C ASP A 87 -47.43 6.05 -25.78
N LYS A 88 -47.30 5.32 -26.88
CA LYS A 88 -46.00 5.20 -27.53
C LYS A 88 -45.56 6.55 -28.09
N SER A 89 -46.48 7.31 -28.65
CA SER A 89 -46.16 8.60 -29.24
C SER A 89 -45.69 9.61 -28.21
N ARG A 90 -46.31 9.59 -27.04
CA ARG A 90 -45.91 10.53 -25.99
C ARG A 90 -44.53 10.16 -25.50
N LYS A 91 -44.30 8.86 -25.39
CA LYS A 91 -43.02 8.39 -24.91
C LYS A 91 -41.89 8.66 -25.89
N VAL A 92 -42.12 8.39 -27.17
CA VAL A 92 -41.08 8.59 -28.16
C VAL A 92 -40.71 10.05 -28.34
N ALA A 93 -41.66 10.95 -28.06
CA ALA A 93 -41.36 12.36 -28.20
C ALA A 93 -40.29 12.70 -27.16
N HIS A 94 -40.28 11.92 -26.07
CA HIS A 94 -39.33 12.11 -25.00
C HIS A 94 -38.02 11.39 -25.23
N THR A 95 -38.09 10.06 -25.31
CA THR A 95 -36.90 9.23 -25.51
C THR A 95 -36.09 9.56 -26.76
N SER A 96 -36.75 10.03 -27.80
CA SER A 96 -36.04 10.32 -29.03
C SER A 96 -35.89 11.79 -29.36
N TYR A 97 -36.27 12.67 -28.43
CA TYR A 97 -36.13 14.07 -28.75
C TYR A 97 -35.94 14.99 -27.54
N LYS A 98 -36.92 15.07 -26.66
CA LYS A 98 -36.78 15.95 -25.52
C LYS A 98 -35.55 15.61 -24.66
N ARG A 99 -35.27 14.33 -24.50
CA ARG A 99 -34.12 13.91 -23.70
C ARG A 99 -32.79 14.21 -24.39
N ILE A 100 -32.84 14.50 -25.68
CA ILE A 100 -31.61 14.82 -26.40
C ILE A 100 -31.38 16.32 -26.51
N TYR A 101 -32.38 17.03 -27.02
CA TYR A 101 -32.28 18.47 -27.23
C TYR A 101 -32.95 19.35 -26.19
N GLY A 102 -33.60 18.73 -25.23
CA GLY A 102 -34.25 19.51 -24.19
C GLY A 102 -35.39 20.37 -24.69
N GLU A 103 -36.06 19.93 -25.74
CA GLU A 103 -37.19 20.66 -26.30
C GLU A 103 -38.06 19.64 -27.02
N TYR A 104 -39.36 19.91 -27.09
CA TYR A 104 -40.29 18.98 -27.74
C TYR A 104 -40.03 18.96 -29.23
N PRO A 105 -40.29 17.83 -29.88
CA PRO A 105 -40.07 17.69 -31.32
C PRO A 105 -41.06 18.49 -32.16
N PRO A 106 -40.64 18.91 -33.37
CA PRO A 106 -41.52 19.67 -34.25
C PRO A 106 -42.58 18.68 -34.75
N THR A 107 -43.75 19.18 -35.13
CA THR A 107 -44.84 18.33 -35.58
C THR A 107 -44.48 17.25 -36.61
N LYS A 108 -43.83 17.63 -37.70
CA LYS A 108 -43.46 16.66 -38.72
C LYS A 108 -42.62 15.49 -38.22
N LEU A 109 -41.69 15.76 -37.32
CA LEU A 109 -40.83 14.70 -36.82
C LEU A 109 -41.52 13.71 -35.91
N LEU A 110 -42.37 14.19 -35.00
CA LEU A 110 -43.07 13.27 -34.12
C LEU A 110 -43.95 12.41 -35.02
N VAL A 111 -44.61 13.04 -35.97
CA VAL A 111 -45.47 12.32 -36.90
C VAL A 111 -44.63 11.26 -37.58
N SER A 112 -43.39 11.63 -37.87
CA SER A 112 -42.46 10.73 -38.51
C SER A 112 -42.17 9.51 -37.63
N GLU A 113 -42.02 9.74 -36.32
CA GLU A 113 -41.76 8.65 -35.39
C GLU A 113 -42.95 7.73 -35.30
N VAL A 114 -44.14 8.32 -35.14
CA VAL A 114 -45.39 7.54 -35.04
C VAL A 114 -45.54 6.67 -36.27
N ALA A 115 -45.37 7.31 -37.43
CA ALA A 115 -45.47 6.66 -38.72
C ALA A 115 -44.52 5.45 -38.79
N LYS A 116 -43.31 5.62 -38.26
CA LYS A 116 -42.36 4.52 -38.29
C LYS A 116 -42.89 3.35 -37.47
N ILE A 117 -43.45 3.66 -36.31
CA ILE A 117 -43.99 2.63 -35.43
C ILE A 117 -45.03 1.81 -36.18
N MET A 118 -45.83 2.50 -36.97
CA MET A 118 -46.86 1.82 -37.73
C MET A 118 -46.25 1.01 -38.88
N GLN A 119 -45.23 1.53 -39.54
CA GLN A 119 -44.62 0.78 -40.62
C GLN A 119 -44.03 -0.53 -40.13
N GLU A 120 -43.45 -0.51 -38.94
CA GLU A 120 -42.87 -1.71 -38.38
C GLU A 120 -43.90 -2.82 -38.14
N ALA A 121 -45.12 -2.43 -37.79
CA ALA A 121 -46.20 -3.40 -37.54
C ALA A 121 -46.71 -3.97 -38.84
N THR A 122 -46.10 -3.52 -39.92
CA THR A 122 -46.46 -3.94 -41.26
C THR A 122 -45.43 -4.93 -41.84
N GLN A 123 -44.30 -5.06 -41.17
CA GLN A 123 -43.25 -5.93 -41.65
C GLN A 123 -42.62 -6.83 -40.59
N SER A 124 -42.56 -6.38 -39.34
CA SER A 124 -42.01 -7.20 -38.26
C SER A 124 -42.72 -8.54 -38.18
N GLY A 125 -42.09 -9.50 -37.51
CA GLY A 125 -42.71 -10.80 -37.40
C GLY A 125 -43.79 -10.89 -36.35
N GLY A 126 -44.75 -11.78 -36.58
CA GLY A 126 -45.83 -12.00 -35.64
C GLY A 126 -46.86 -10.92 -35.31
N VAL A 127 -46.97 -9.84 -36.08
CA VAL A 127 -47.96 -8.82 -35.77
C VAL A 127 -48.83 -8.42 -36.93
N ARG A 128 -49.93 -7.73 -36.62
CA ARG A 128 -50.83 -7.24 -37.65
C ARG A 128 -50.64 -5.73 -37.66
N PRO A 129 -51.03 -5.05 -38.73
CA PRO A 129 -50.88 -3.60 -38.77
C PRO A 129 -51.91 -2.98 -37.83
N PHE A 130 -51.69 -1.73 -37.45
CA PHE A 130 -52.64 -1.03 -36.59
C PHE A 130 -53.85 -0.66 -37.44
N GLY A 131 -55.04 -0.88 -36.88
CA GLY A 131 -56.27 -0.57 -37.59
C GLY A 131 -56.74 0.86 -37.41
N VAL A 132 -55.85 1.84 -37.60
CA VAL A 132 -56.27 3.23 -37.44
C VAL A 132 -55.55 4.21 -38.35
N SER A 133 -56.16 5.37 -38.51
CA SER A 133 -55.57 6.45 -39.29
C SER A 133 -55.57 7.59 -38.30
N LEU A 134 -54.52 8.39 -38.30
CA LEU A 134 -54.43 9.47 -37.36
C LEU A 134 -54.40 10.82 -38.03
N LEU A 135 -54.87 11.82 -37.28
CA LEU A 135 -54.84 13.19 -37.74
C LEU A 135 -54.12 13.88 -36.61
N ILE A 136 -52.93 14.40 -36.92
CA ILE A 136 -52.10 15.07 -35.94
C ILE A 136 -51.92 16.51 -36.34
N ALA A 137 -52.22 17.41 -35.40
CA ALA A 137 -52.09 18.84 -35.64
C ALA A 137 -51.20 19.44 -34.55
N GLY A 138 -50.33 20.36 -34.96
CA GLY A 138 -49.45 21.00 -34.00
C GLY A 138 -48.81 22.26 -34.53
N HIS A 139 -47.92 22.81 -33.70
CA HIS A 139 -47.21 24.02 -34.03
C HIS A 139 -45.80 23.94 -33.47
N ASP A 140 -44.85 24.55 -34.16
CA ASP A 140 -43.47 24.58 -33.71
C ASP A 140 -42.88 25.85 -34.32
N GLU A 141 -42.01 26.50 -33.55
CA GLU A 141 -41.40 27.76 -33.95
C GLU A 141 -40.95 27.93 -35.38
N PHE A 142 -40.24 26.95 -35.94
CA PHE A 142 -39.76 27.10 -37.31
C PHE A 142 -40.65 26.55 -38.42
N ASN A 143 -41.82 26.04 -38.07
CA ASN A 143 -42.72 25.48 -39.08
C ASN A 143 -44.15 25.97 -38.96
N GLY A 144 -44.44 26.71 -37.89
CA GLY A 144 -45.79 27.22 -37.69
C GLY A 144 -46.78 26.10 -37.41
N PHE A 145 -47.97 26.21 -38.01
CA PHE A 145 -49.00 25.20 -37.81
C PHE A 145 -48.95 24.18 -38.92
N SER A 146 -49.32 22.95 -38.59
CA SER A 146 -49.35 21.88 -39.56
C SER A 146 -50.38 20.83 -39.19
N LEU A 147 -50.81 20.07 -40.19
CA LEU A 147 -51.80 19.01 -40.00
C LEU A 147 -51.34 17.81 -40.81
N TYR A 148 -51.34 16.63 -40.18
CA TYR A 148 -50.90 15.42 -40.87
C TYR A 148 -51.85 14.24 -40.72
N GLN A 149 -51.80 13.35 -41.70
CA GLN A 149 -52.60 12.14 -41.66
C GLN A 149 -51.62 10.98 -41.72
N VAL A 150 -51.85 9.96 -40.88
CA VAL A 150 -50.98 8.79 -40.86
C VAL A 150 -51.85 7.55 -41.01
N ASP A 151 -51.59 6.77 -42.06
CA ASP A 151 -52.35 5.56 -42.35
C ASP A 151 -51.65 4.31 -41.83
N PRO A 152 -52.39 3.19 -41.74
CA PRO A 152 -51.90 1.90 -41.28
C PRO A 152 -50.64 1.43 -41.99
N SER A 153 -50.37 1.96 -43.16
CA SER A 153 -49.20 1.56 -43.94
C SER A 153 -47.95 2.21 -43.38
N GLY A 154 -48.14 3.33 -42.70
CA GLY A 154 -47.04 4.07 -42.15
C GLY A 154 -46.84 5.34 -42.96
N SER A 155 -47.63 5.49 -44.02
CA SER A 155 -47.56 6.67 -44.87
C SER A 155 -48.23 7.85 -44.19
N TYR A 156 -47.73 9.05 -44.46
CA TYR A 156 -48.33 10.24 -43.90
C TYR A 156 -48.23 11.39 -44.87
N PHE A 157 -49.20 12.31 -44.81
CA PHE A 157 -49.21 13.45 -45.70
C PHE A 157 -49.72 14.70 -45.01
N PRO A 158 -49.28 15.88 -45.47
CA PRO A 158 -49.67 17.16 -44.90
C PRO A 158 -50.97 17.63 -45.56
N TRP A 159 -51.87 18.20 -44.76
CA TRP A 159 -53.16 18.67 -45.28
C TRP A 159 -53.52 20.08 -44.87
N LYS A 160 -54.39 20.70 -45.65
CA LYS A 160 -54.90 22.04 -45.34
C LYS A 160 -56.15 21.75 -44.51
N ALA A 161 -56.85 20.70 -44.92
CA ALA A 161 -58.06 20.22 -44.26
C ALA A 161 -58.38 18.83 -44.80
N THR A 162 -59.06 18.02 -44.01
CA THR A 162 -59.43 16.68 -44.45
C THR A 162 -60.24 15.92 -43.40
N ALA A 163 -60.71 14.74 -43.79
CA ALA A 163 -61.49 13.90 -42.90
C ALA A 163 -61.23 12.45 -43.24
N ILE A 164 -61.40 11.58 -42.25
CA ILE A 164 -61.19 10.15 -42.43
C ILE A 164 -62.33 9.44 -41.72
N GLY A 165 -62.50 8.16 -42.04
CA GLY A 165 -63.56 7.38 -41.43
C GLY A 165 -64.83 7.28 -42.25
N LYS A 166 -65.91 6.90 -41.56
CA LYS A 166 -67.25 6.71 -42.13
C LYS A 166 -67.65 7.60 -43.30
N GLY A 167 -67.90 8.88 -43.05
CA GLY A 167 -68.32 9.76 -44.13
C GLY A 167 -67.28 10.73 -44.62
N SER A 168 -66.06 10.22 -44.81
CA SER A 168 -64.94 11.03 -45.25
C SER A 168 -65.13 11.62 -46.64
N VAL A 169 -65.65 10.84 -47.57
CA VAL A 169 -65.84 11.33 -48.93
C VAL A 169 -66.70 12.60 -48.92
N ALA A 170 -67.88 12.51 -48.33
CA ALA A 170 -68.80 13.64 -48.25
C ALA A 170 -68.16 14.81 -47.50
N ALA A 171 -67.59 14.50 -46.34
CA ALA A 171 -66.95 15.51 -45.51
C ALA A 171 -65.83 16.23 -46.26
N LYS A 172 -64.99 15.48 -46.97
CA LYS A 172 -63.90 16.10 -47.70
C LYS A 172 -64.43 17.04 -48.76
N THR A 173 -65.41 16.59 -49.53
CA THR A 173 -66.00 17.43 -50.56
C THR A 173 -66.51 18.73 -49.93
N PHE A 174 -67.14 18.63 -48.76
CA PHE A 174 -67.65 19.82 -48.10
C PHE A 174 -66.56 20.77 -47.63
N LEU A 175 -65.45 20.20 -47.16
CA LEU A 175 -64.34 21.03 -46.71
C LEU A 175 -63.68 21.75 -47.89
N GLU A 176 -63.61 21.10 -49.03
CA GLU A 176 -63.00 21.70 -50.21
C GLU A 176 -63.73 22.97 -50.61
N LYS A 177 -65.04 22.96 -50.46
CA LYS A 177 -65.86 24.11 -50.81
C LYS A 177 -65.72 25.29 -49.86
N ARG A 178 -65.53 25.00 -48.57
CA ARG A 178 -65.45 26.05 -47.57
C ARG A 178 -64.03 26.53 -47.19
N TRP A 179 -63.02 25.73 -47.46
CA TRP A 179 -61.65 26.11 -47.09
C TRP A 179 -61.00 27.11 -48.02
N ASN A 180 -60.19 28.00 -47.44
CA ASN A 180 -59.43 29.00 -48.17
C ASN A 180 -58.23 29.36 -47.31
N ASP A 181 -57.17 29.85 -47.93
CA ASP A 181 -55.96 30.20 -47.20
C ASP A 181 -56.03 31.49 -46.37
N GLU A 182 -57.24 31.89 -45.99
CA GLU A 182 -57.41 33.08 -45.18
C GLU A 182 -58.27 32.86 -43.93
N LEU A 183 -58.64 31.62 -43.68
CA LEU A 183 -59.45 31.29 -42.51
C LEU A 183 -58.74 31.59 -41.21
N GLU A 184 -59.49 32.13 -40.26
CA GLU A 184 -58.97 32.42 -38.94
C GLU A 184 -59.36 31.14 -38.16
N LEU A 185 -58.81 30.95 -36.97
CA LEU A 185 -59.14 29.75 -36.21
C LEU A 185 -60.64 29.59 -35.96
N GLU A 186 -61.29 30.65 -35.49
CA GLU A 186 -62.73 30.61 -35.21
C GLU A 186 -63.52 30.18 -36.44
N ASP A 187 -63.04 30.58 -37.61
CA ASP A 187 -63.70 30.22 -38.85
C ASP A 187 -63.55 28.72 -39.05
N ALA A 188 -62.34 28.22 -38.89
CA ALA A 188 -62.06 26.80 -39.04
C ALA A 188 -62.90 25.97 -38.08
N ILE A 189 -63.03 26.45 -36.85
CA ILE A 189 -63.80 25.77 -35.83
C ILE A 189 -65.27 25.71 -36.26
N HIS A 190 -65.79 26.83 -36.73
CA HIS A 190 -67.16 26.91 -37.19
C HIS A 190 -67.33 25.89 -38.33
N ILE A 191 -66.45 25.97 -39.31
CA ILE A 191 -66.51 25.07 -40.46
C ILE A 191 -66.46 23.62 -40.02
N ALA A 192 -65.64 23.36 -39.00
CA ALA A 192 -65.49 22.01 -38.46
C ALA A 192 -66.81 21.53 -37.90
N LEU A 193 -67.46 22.35 -37.08
CA LEU A 193 -68.72 21.96 -36.49
C LEU A 193 -69.78 21.70 -37.56
N LEU A 194 -69.76 22.51 -38.61
CA LEU A 194 -70.71 22.33 -39.70
C LEU A 194 -70.47 21.00 -40.40
N THR A 195 -69.20 20.74 -40.72
CA THR A 195 -68.83 19.50 -41.41
C THR A 195 -69.20 18.26 -40.63
N LEU A 196 -69.06 18.33 -39.32
CA LEU A 196 -69.36 17.21 -38.44
C LEU A 196 -70.87 16.96 -38.33
N LYS A 197 -71.67 18.02 -38.42
CA LYS A 197 -73.12 17.89 -38.31
C LYS A 197 -73.69 16.92 -39.33
N GLU A 198 -73.19 16.98 -40.56
CA GLU A 198 -73.68 16.09 -41.61
C GLU A 198 -73.43 14.63 -41.26
N SER A 199 -72.27 14.35 -40.67
CA SER A 199 -71.88 13.00 -40.28
C SER A 199 -72.51 12.47 -38.98
N VAL A 200 -73.22 13.33 -38.25
CA VAL A 200 -73.84 12.91 -37.00
C VAL A 200 -75.31 12.59 -37.16
N GLU A 201 -75.68 11.37 -36.75
CA GLU A 201 -77.06 10.89 -36.85
C GLU A 201 -77.96 11.46 -35.76
N GLY A 202 -77.71 11.07 -34.52
CA GLY A 202 -78.53 11.52 -33.41
C GLY A 202 -78.21 12.88 -32.82
N GLU A 203 -77.97 12.90 -31.51
CA GLU A 203 -77.66 14.12 -30.81
C GLU A 203 -76.36 14.75 -31.30
N PHE A 204 -76.30 16.08 -31.24
CA PHE A 204 -75.14 16.83 -31.68
C PHE A 204 -74.95 17.98 -30.71
N ASN A 205 -74.14 17.77 -29.69
CA ASN A 205 -73.90 18.79 -28.67
C ASN A 205 -72.51 18.62 -28.09
N GLY A 206 -72.14 19.51 -27.17
CA GLY A 206 -70.83 19.45 -26.55
C GLY A 206 -70.53 18.18 -25.77
N ASP A 207 -71.49 17.26 -25.67
CA ASP A 207 -71.29 16.02 -24.95
C ASP A 207 -71.11 14.83 -25.87
N THR A 208 -71.46 15.01 -27.14
CA THR A 208 -71.34 13.94 -28.13
C THR A 208 -70.26 14.28 -29.15
N ILE A 209 -69.69 15.46 -29.00
CA ILE A 209 -68.64 15.96 -29.89
C ILE A 209 -67.37 16.17 -29.08
N GLU A 210 -66.23 15.96 -29.72
CA GLU A 210 -64.95 16.16 -29.04
C GLU A 210 -64.10 16.98 -30.00
N LEU A 211 -63.64 18.13 -29.53
CA LEU A 211 -62.84 19.02 -30.37
C LEU A 211 -61.73 19.75 -29.61
N ALA A 212 -60.56 19.81 -30.21
CA ALA A 212 -59.43 20.50 -29.61
C ALA A 212 -58.77 21.37 -30.66
N ILE A 213 -57.97 22.33 -30.21
CA ILE A 213 -57.28 23.23 -31.13
C ILE A 213 -55.80 23.41 -30.78
N ILE A 214 -55.04 23.88 -31.76
CA ILE A 214 -53.63 24.19 -31.57
C ILE A 214 -53.63 25.66 -31.98
N GLY A 215 -53.61 26.54 -31.00
CA GLY A 215 -53.63 27.97 -31.29
C GLY A 215 -52.58 28.75 -30.55
N ASP A 216 -52.97 29.87 -29.94
CA ASP A 216 -52.01 30.67 -29.21
C ASP A 216 -51.54 29.94 -27.95
N GLU A 217 -50.49 30.47 -27.34
CA GLU A 217 -49.93 29.89 -26.13
C GLU A 217 -50.86 30.22 -24.95
N ASN A 218 -51.12 29.23 -24.10
CA ASN A 218 -51.99 29.40 -22.94
C ASN A 218 -51.19 29.48 -21.63
N PRO A 219 -50.61 30.64 -21.31
CA PRO A 219 -49.83 30.79 -20.08
C PRO A 219 -50.65 30.41 -18.86
N ASP A 220 -51.96 30.57 -18.97
CA ASP A 220 -52.88 30.27 -17.88
C ASP A 220 -53.01 28.77 -17.63
N LEU A 221 -52.52 27.96 -18.55
CA LEU A 221 -52.59 26.50 -18.41
C LEU A 221 -51.24 25.89 -18.04
N LEU A 222 -50.25 26.75 -17.81
CA LEU A 222 -48.91 26.30 -17.49
C LEU A 222 -48.81 25.63 -16.10
N GLY A 223 -49.41 26.24 -15.10
CA GLY A 223 -49.36 25.69 -13.74
C GLY A 223 -48.29 26.36 -12.86
N TYR A 224 -47.55 27.30 -13.44
CA TYR A 224 -46.50 28.01 -12.71
C TYR A 224 -46.09 29.28 -13.44
N THR A 225 -45.40 30.16 -12.73
CA THR A 225 -44.92 31.39 -13.33
C THR A 225 -43.45 31.58 -12.99
N GLY A 226 -42.79 32.50 -13.68
CA GLY A 226 -41.39 32.77 -13.39
C GLY A 226 -40.40 32.62 -14.52
N ILE A 227 -40.73 31.85 -15.55
CA ILE A 227 -39.80 31.67 -16.64
C ILE A 227 -40.35 32.33 -17.90
N PRO A 228 -39.84 33.52 -18.24
CA PRO A 228 -40.26 34.27 -19.42
C PRO A 228 -40.44 33.45 -20.70
N THR A 229 -39.45 32.62 -21.02
CA THR A 229 -39.51 31.81 -22.23
C THR A 229 -40.62 30.75 -22.24
N ASP A 230 -41.07 30.32 -21.06
CA ASP A 230 -42.14 29.34 -20.98
C ASP A 230 -43.47 30.08 -20.99
N LYS A 231 -44.15 30.07 -22.14
CA LYS A 231 -45.41 30.80 -22.28
C LYS A 231 -46.70 30.00 -22.20
N GLY A 232 -46.62 28.67 -22.14
CA GLY A 232 -47.82 27.87 -22.06
C GLY A 232 -48.09 27.03 -23.28
N PRO A 233 -48.87 25.94 -23.13
CA PRO A 233 -49.20 25.05 -24.24
C PRO A 233 -50.12 25.67 -25.30
N ARG A 234 -49.92 25.27 -26.55
CA ARG A 234 -50.75 25.76 -27.64
C ARG A 234 -51.94 24.86 -27.84
N PHE A 235 -51.85 23.65 -27.31
CA PHE A 235 -52.92 22.66 -27.40
C PHE A 235 -54.00 22.93 -26.36
N ARG A 236 -55.26 22.88 -26.78
CA ARG A 236 -56.36 23.07 -25.84
C ARG A 236 -57.62 22.37 -26.28
N LYS A 237 -58.18 21.57 -25.39
CA LYS A 237 -59.40 20.84 -25.68
C LYS A 237 -60.55 21.75 -25.28
N LEU A 238 -61.55 21.90 -26.16
CA LEU A 238 -62.68 22.75 -25.83
C LEU A 238 -63.59 22.01 -24.86
N THR A 239 -64.28 22.77 -24.02
CA THR A 239 -65.19 22.20 -23.04
C THR A 239 -66.57 22.03 -23.65
N SER A 240 -67.35 21.13 -23.05
CA SER A 240 -68.71 20.88 -23.53
C SER A 240 -69.44 22.20 -23.69
N GLN A 241 -69.35 23.03 -22.66
CA GLN A 241 -69.99 24.33 -22.65
C GLN A 241 -69.50 25.19 -23.82
N GLU A 242 -68.18 25.24 -24.00
CA GLU A 242 -67.61 26.03 -25.08
C GLU A 242 -68.14 25.62 -26.44
N ILE A 243 -68.47 24.35 -26.56
CA ILE A 243 -68.98 23.80 -27.81
C ILE A 243 -70.43 24.21 -28.07
N ASN A 244 -71.27 24.07 -27.05
CA ASN A 244 -72.67 24.45 -27.20
C ASN A 244 -72.83 25.93 -27.55
N ASP A 245 -72.01 26.78 -26.96
CA ASP A 245 -72.06 28.21 -27.25
C ASP A 245 -71.87 28.45 -28.74
N ARG A 246 -70.90 27.75 -29.33
CA ARG A 246 -70.64 27.91 -30.76
C ARG A 246 -71.72 27.26 -31.60
N LEU A 247 -72.41 26.27 -31.05
CA LEU A 247 -73.45 25.58 -31.79
C LEU A 247 -74.67 26.46 -31.99
N GLU A 248 -74.78 27.50 -31.17
CA GLU A 248 -75.92 28.42 -31.28
C GLU A 248 -75.72 29.43 -32.42
N ALA A 249 -74.48 29.59 -32.86
CA ALA A 249 -74.17 30.49 -33.95
C ALA A 249 -73.89 29.63 -35.19
N LEU A 250 -74.45 28.42 -35.18
CA LEU A 250 -74.26 27.46 -36.27
C LEU A 250 -75.14 27.81 -37.48
N GLY B 1 -47.77 -26.02 -34.44
CA GLY B 1 -47.33 -24.68 -33.97
C GLY B 1 -47.61 -23.54 -34.95
N SER B 2 -46.62 -22.68 -35.15
CA SER B 2 -46.72 -21.52 -36.04
C SER B 2 -46.54 -21.81 -37.52
N ARG B 3 -45.69 -22.79 -37.84
CA ARG B 3 -45.40 -23.18 -39.22
C ARG B 3 -46.61 -23.11 -40.15
N ARG B 4 -47.79 -23.36 -39.58
CA ARG B 4 -49.04 -23.36 -40.32
C ARG B 4 -49.35 -22.03 -41.02
N TYR B 5 -48.94 -20.91 -40.42
CA TYR B 5 -49.21 -19.60 -40.98
C TYR B 5 -48.01 -18.92 -41.62
N ASP B 6 -46.91 -19.65 -41.77
CA ASP B 6 -45.70 -19.11 -42.38
C ASP B 6 -45.82 -19.03 -43.90
N SER B 7 -45.78 -17.81 -44.44
CA SER B 7 -45.88 -17.59 -45.88
C SER B 7 -44.60 -17.95 -46.61
N ARG B 8 -43.48 -18.00 -45.89
CA ARG B 8 -42.18 -18.34 -46.49
C ARG B 8 -41.82 -17.34 -47.58
N THR B 9 -41.62 -16.09 -47.17
CA THR B 9 -41.28 -15.01 -48.06
C THR B 9 -39.94 -15.12 -48.76
N THR B 10 -39.12 -16.08 -48.35
CA THR B 10 -37.80 -16.20 -48.98
C THR B 10 -37.51 -17.52 -49.66
N ILE B 11 -38.34 -17.90 -50.62
CA ILE B 11 -38.09 -19.15 -51.32
C ILE B 11 -38.15 -19.00 -52.83
N PHE B 12 -37.55 -19.97 -53.52
CA PHE B 12 -37.51 -20.01 -54.97
C PHE B 12 -38.77 -20.65 -55.52
N SER B 13 -39.14 -20.26 -56.73
CA SER B 13 -40.29 -20.86 -57.40
C SER B 13 -39.66 -22.01 -58.18
N PRO B 14 -40.47 -22.93 -58.73
CA PRO B 14 -39.84 -24.02 -59.48
C PRO B 14 -39.04 -23.49 -60.67
N GLU B 15 -39.29 -22.23 -61.04
CA GLU B 15 -38.61 -21.60 -62.16
C GLU B 15 -37.39 -20.83 -61.66
N GLY B 16 -37.11 -20.94 -60.37
CA GLY B 16 -35.96 -20.23 -59.82
C GLY B 16 -36.18 -18.74 -59.69
N ARG B 17 -37.40 -18.36 -59.34
CA ARG B 17 -37.73 -16.95 -59.16
C ARG B 17 -38.12 -16.71 -57.71
N LEU B 18 -37.94 -15.48 -57.25
CA LEU B 18 -38.27 -15.12 -55.88
C LEU B 18 -39.63 -14.46 -55.82
N TYR B 19 -40.64 -15.28 -55.51
CA TYR B 19 -42.02 -14.83 -55.42
C TYR B 19 -42.23 -13.41 -54.91
N GLN B 20 -41.96 -13.20 -53.62
CA GLN B 20 -42.14 -11.89 -53.01
C GLN B 20 -41.52 -10.74 -53.77
N VAL B 21 -40.32 -10.94 -54.32
CA VAL B 21 -39.66 -9.89 -55.08
C VAL B 21 -40.51 -9.55 -56.30
N GLU B 22 -40.94 -10.61 -56.98
CA GLU B 22 -41.78 -10.46 -58.17
C GLU B 22 -43.02 -9.67 -57.80
N TYR B 23 -43.71 -10.12 -56.77
CA TYR B 23 -44.94 -9.48 -56.32
C TYR B 23 -44.72 -8.04 -55.85
N ALA B 24 -43.56 -7.78 -55.27
CA ALA B 24 -43.26 -6.44 -54.80
C ALA B 24 -43.10 -5.54 -56.04
N LEU B 25 -42.41 -6.03 -57.05
CA LEU B 25 -42.21 -5.27 -58.27
C LEU B 25 -43.58 -5.01 -58.86
N GLU B 26 -44.46 -6.00 -58.74
CA GLU B 26 -45.81 -5.86 -59.27
C GLU B 26 -46.50 -4.70 -58.56
N SER B 27 -46.15 -4.49 -57.31
CA SER B 27 -46.72 -3.41 -56.53
C SER B 27 -46.15 -2.07 -57.00
N ILE B 28 -44.84 -2.06 -57.24
CA ILE B 28 -44.15 -0.86 -57.68
C ILE B 28 -44.72 -0.32 -59.00
N SER B 29 -45.05 -1.24 -59.90
CA SER B 29 -45.58 -0.90 -61.21
C SER B 29 -46.82 -0.02 -61.18
N HIS B 30 -47.50 0.05 -60.04
CA HIS B 30 -48.71 0.87 -59.95
C HIS B 30 -48.40 2.19 -59.25
N ALA B 31 -47.14 2.38 -58.88
CA ALA B 31 -46.74 3.60 -58.17
C ALA B 31 -46.41 4.76 -59.12
N GLY B 32 -46.60 5.98 -58.63
CA GLY B 32 -46.32 7.15 -59.43
C GLY B 32 -44.96 7.04 -60.12
N THR B 33 -44.93 7.39 -61.40
CA THR B 33 -43.72 7.32 -62.20
C THR B 33 -42.62 8.25 -61.73
N ALA B 34 -41.39 7.76 -61.76
CA ALA B 34 -40.24 8.56 -61.37
C ALA B 34 -39.18 8.40 -62.45
N ILE B 35 -38.63 9.54 -62.88
CA ILE B 35 -37.63 9.53 -63.94
C ILE B 35 -36.30 10.18 -63.57
N GLY B 36 -35.22 9.55 -64.03
CA GLY B 36 -33.89 10.08 -63.77
C GLY B 36 -33.14 10.20 -65.09
N ILE B 37 -32.69 11.41 -65.41
CA ILE B 37 -31.94 11.64 -66.65
C ILE B 37 -30.63 12.32 -66.30
N MET B 38 -29.54 11.74 -66.77
CA MET B 38 -28.22 12.29 -66.51
C MET B 38 -27.60 12.97 -67.72
N ALA B 39 -27.21 14.23 -67.55
CA ALA B 39 -26.60 15.03 -68.60
C ALA B 39 -25.10 15.14 -68.36
N SER B 40 -24.41 15.90 -69.21
CA SER B 40 -22.98 16.06 -69.05
C SER B 40 -22.67 17.01 -67.88
N ASP B 41 -23.51 18.01 -67.73
CA ASP B 41 -23.32 19.00 -66.67
C ASP B 41 -24.32 18.88 -65.50
N GLY B 42 -24.89 17.70 -65.32
CA GLY B 42 -25.83 17.55 -64.21
C GLY B 42 -26.77 16.38 -64.33
N ILE B 43 -27.65 16.25 -63.35
CA ILE B 43 -28.62 15.16 -63.35
C ILE B 43 -29.99 15.72 -63.01
N VAL B 44 -31.03 15.05 -63.50
CA VAL B 44 -32.39 15.50 -63.24
C VAL B 44 -33.26 14.39 -62.69
N LEU B 45 -34.07 14.73 -61.69
CA LEU B 45 -35.01 13.80 -61.07
C LEU B 45 -36.39 14.43 -61.15
N ALA B 46 -37.36 13.63 -61.60
CA ALA B 46 -38.72 14.09 -61.75
C ALA B 46 -39.65 12.92 -61.45
N ALA B 47 -40.64 13.16 -60.60
CA ALA B 47 -41.59 12.13 -60.25
C ALA B 47 -43.01 12.65 -60.27
N GLU B 48 -43.96 11.76 -60.52
CA GLU B 48 -45.36 12.11 -60.58
C GLU B 48 -46.00 11.73 -59.25
N ARG B 49 -46.63 12.71 -58.59
CA ARG B 49 -47.30 12.48 -57.32
C ARG B 49 -48.52 11.62 -57.52
N LYS B 50 -48.54 10.44 -56.91
CA LYS B 50 -49.70 9.58 -57.04
C LYS B 50 -50.74 10.08 -56.03
N VAL B 51 -52.00 10.10 -56.46
CA VAL B 51 -53.11 10.57 -55.63
C VAL B 51 -52.88 11.96 -55.03
N THR B 52 -53.70 12.91 -55.48
CA THR B 52 -53.62 14.29 -55.03
C THR B 52 -55.01 14.89 -54.87
N SER B 53 -55.07 16.04 -54.21
CA SER B 53 -56.33 16.72 -53.97
C SER B 53 -56.16 18.23 -53.89
N THR B 54 -57.28 18.92 -53.88
CA THR B 54 -57.29 20.37 -53.79
C THR B 54 -56.73 20.74 -52.43
N LEU B 55 -57.12 19.96 -51.42
CA LEU B 55 -56.73 20.19 -50.04
C LEU B 55 -55.32 19.75 -49.64
N LEU B 56 -54.68 18.91 -50.43
CA LEU B 56 -53.33 18.46 -50.12
C LEU B 56 -52.37 19.64 -50.05
N GLU B 57 -51.68 19.78 -48.93
CA GLU B 57 -50.72 20.86 -48.72
C GLU B 57 -49.45 20.46 -49.47
N GLN B 58 -49.23 21.04 -50.65
CA GLN B 58 -48.07 20.68 -51.45
C GLN B 58 -46.74 21.28 -51.01
N ASP B 59 -46.77 22.47 -50.44
CA ASP B 59 -45.55 23.14 -49.99
C ASP B 59 -44.79 22.33 -48.95
N THR B 60 -45.53 21.63 -48.10
CA THR B 60 -44.95 20.84 -47.03
C THR B 60 -44.83 19.35 -47.40
N SER B 61 -45.27 19.01 -48.60
CA SER B 61 -45.25 17.61 -49.04
C SER B 61 -44.01 17.13 -49.78
N THR B 62 -43.71 15.85 -49.55
CA THR B 62 -42.58 15.14 -50.15
C THR B 62 -42.95 13.66 -50.06
N GLU B 63 -43.16 13.02 -51.19
CA GLU B 63 -43.50 11.61 -51.19
C GLU B 63 -42.66 10.84 -52.20
N LYS B 64 -41.76 11.54 -52.88
CA LYS B 64 -40.95 10.87 -53.87
C LYS B 64 -39.49 11.30 -53.96
N LEU B 65 -39.18 12.53 -53.57
CA LEU B 65 -37.82 13.04 -53.62
C LEU B 65 -37.23 13.32 -52.25
N TYR B 66 -36.17 12.59 -51.91
CA TYR B 66 -35.52 12.74 -50.61
C TYR B 66 -34.04 13.01 -50.74
N LYS B 67 -33.55 13.92 -49.89
CA LYS B 67 -32.15 14.27 -49.90
C LYS B 67 -31.47 13.25 -48.98
N LEU B 68 -30.39 12.65 -49.45
CA LEU B 68 -29.67 11.66 -48.64
C LEU B 68 -28.39 12.26 -48.10
N ASN B 69 -27.75 13.05 -48.94
CA ASN B 69 -26.47 13.66 -48.66
C ASN B 69 -26.54 15.06 -49.25
N ASP B 70 -25.42 15.74 -49.31
CA ASP B 70 -25.43 17.06 -49.93
C ASP B 70 -25.18 16.84 -51.42
N LYS B 71 -24.70 15.64 -51.76
CA LYS B 71 -24.40 15.33 -53.14
C LYS B 71 -25.20 14.16 -53.70
N ILE B 72 -26.08 13.59 -52.88
CA ILE B 72 -26.87 12.45 -53.31
C ILE B 72 -28.33 12.62 -52.94
N ALA B 73 -29.20 12.15 -53.82
CA ALA B 73 -30.64 12.22 -53.58
C ALA B 73 -31.27 11.00 -54.24
N VAL B 74 -32.51 10.71 -53.87
CA VAL B 74 -33.22 9.59 -54.46
C VAL B 74 -34.67 9.92 -54.83
N ALA B 75 -35.18 9.16 -55.78
CA ALA B 75 -36.55 9.27 -56.22
C ALA B 75 -37.13 7.92 -55.84
N VAL B 76 -38.32 7.92 -55.26
CA VAL B 76 -38.95 6.69 -54.79
C VAL B 76 -40.18 6.25 -55.58
N ALA B 77 -40.35 4.94 -55.71
CA ALA B 77 -41.50 4.36 -56.37
C ALA B 77 -41.89 3.12 -55.55
N GLY B 78 -43.05 3.19 -54.90
CA GLY B 78 -43.52 2.08 -54.08
C GLY B 78 -44.06 2.55 -52.74
N LEU B 79 -43.92 1.75 -51.69
CA LEU B 79 -44.41 2.12 -50.36
C LEU B 79 -43.55 3.24 -49.77
N THR B 80 -44.12 4.42 -49.56
CA THR B 80 -43.37 5.55 -48.99
C THR B 80 -42.82 5.23 -47.61
N ALA B 81 -43.63 4.57 -46.79
CA ALA B 81 -43.21 4.19 -45.45
C ALA B 81 -41.98 3.26 -45.50
N ASP B 82 -42.02 2.27 -46.40
CA ASP B 82 -40.90 1.35 -46.55
C ASP B 82 -39.63 2.10 -46.98
N ALA B 83 -39.81 3.08 -47.86
CA ALA B 83 -38.68 3.88 -48.35
C ALA B 83 -38.05 4.69 -47.23
N GLU B 84 -38.87 5.31 -46.39
CA GLU B 84 -38.33 6.12 -45.30
C GLU B 84 -37.44 5.26 -44.40
N ILE B 85 -37.82 4.01 -44.17
CA ILE B 85 -36.99 3.15 -43.34
C ILE B 85 -35.60 3.08 -43.99
N LEU B 86 -35.55 2.75 -45.28
CA LEU B 86 -34.27 2.63 -46.00
C LEU B 86 -33.53 3.96 -46.10
N ILE B 87 -34.27 5.01 -46.44
CA ILE B 87 -33.72 6.35 -46.55
C ILE B 87 -32.92 6.72 -45.30
N ASN B 88 -33.56 6.63 -44.15
CA ASN B 88 -32.90 6.96 -42.91
C ASN B 88 -31.62 6.15 -42.66
N THR B 89 -31.60 4.87 -43.03
CA THR B 89 -30.36 4.12 -42.80
C THR B 89 -29.31 4.59 -43.80
N ALA B 90 -29.75 5.02 -44.98
CA ALA B 90 -28.80 5.52 -45.97
C ALA B 90 -28.16 6.81 -45.46
N ARG B 91 -28.96 7.66 -44.82
CA ARG B 91 -28.44 8.91 -44.29
C ARG B 91 -27.39 8.65 -43.21
N ILE B 92 -27.66 7.67 -42.35
CA ILE B 92 -26.72 7.30 -41.32
C ILE B 92 -25.44 6.73 -41.95
N HIS B 93 -25.61 5.87 -42.93
CA HIS B 93 -24.47 5.27 -43.61
C HIS B 93 -23.49 6.31 -44.18
N ALA B 94 -24.04 7.35 -44.82
CA ALA B 94 -23.20 8.40 -45.39
C ALA B 94 -22.42 9.13 -44.31
N GLN B 95 -23.07 9.40 -43.17
CA GLN B 95 -22.39 10.10 -42.08
C GLN B 95 -21.35 9.20 -41.44
N ASN B 96 -21.59 7.90 -41.41
CA ASN B 96 -20.62 6.99 -40.83
C ASN B 96 -19.37 6.97 -41.70
N TYR B 97 -19.58 6.95 -43.01
CA TYR B 97 -18.46 6.96 -43.94
C TYR B 97 -17.64 8.22 -43.71
N LEU B 98 -18.32 9.36 -43.67
CA LEU B 98 -17.67 10.64 -43.45
C LEU B 98 -16.90 10.65 -42.14
N LYS B 99 -17.54 10.20 -41.07
CA LYS B 99 -16.86 10.18 -39.77
C LYS B 99 -15.63 9.30 -39.80
N THR B 100 -15.71 8.18 -40.49
CA THR B 100 -14.57 7.26 -40.55
C THR B 100 -13.40 7.71 -41.41
N TYR B 101 -13.69 8.21 -42.61
CA TYR B 101 -12.65 8.60 -43.56
C TYR B 101 -12.44 10.08 -43.78
N ASN B 102 -13.32 10.90 -43.22
CA ASN B 102 -13.24 12.35 -43.40
C ASN B 102 -13.34 12.73 -44.86
N GLU B 103 -14.19 12.00 -45.58
CA GLU B 103 -14.43 12.24 -47.00
C GLU B 103 -15.88 11.83 -47.28
N ASP B 104 -16.56 12.59 -48.13
CA ASP B 104 -17.94 12.28 -48.47
C ASP B 104 -18.01 10.89 -49.10
N ILE B 105 -19.11 10.19 -48.85
CA ILE B 105 -19.26 8.84 -49.37
C ILE B 105 -19.47 8.77 -50.88
N PRO B 106 -18.64 7.93 -51.56
CA PRO B 106 -18.75 7.75 -53.00
C PRO B 106 -20.15 7.23 -53.29
N VAL B 107 -20.80 7.78 -54.30
CA VAL B 107 -22.17 7.41 -54.63
C VAL B 107 -22.44 5.90 -54.72
N GLU B 108 -21.59 5.16 -55.42
CA GLU B 108 -21.84 3.73 -55.55
C GLU B 108 -21.82 3.01 -54.21
N ILE B 109 -20.92 3.40 -53.33
CA ILE B 109 -20.81 2.78 -52.03
C ILE B 109 -22.12 2.88 -51.26
N LEU B 110 -22.76 4.04 -51.32
CA LEU B 110 -24.03 4.23 -50.63
C LEU B 110 -25.09 3.33 -51.25
N VAL B 111 -25.11 3.29 -52.59
CA VAL B 111 -26.09 2.46 -53.29
C VAL B 111 -25.93 0.97 -53.04
N ARG B 112 -24.68 0.49 -52.99
CA ARG B 112 -24.43 -0.93 -52.76
C ARG B 112 -24.91 -1.38 -51.39
N ARG B 113 -24.66 -0.55 -50.37
CA ARG B 113 -25.05 -0.89 -49.02
C ARG B 113 -26.58 -1.02 -48.92
N LEU B 114 -27.28 -0.02 -49.43
CA LEU B 114 -28.73 -0.02 -49.40
C LEU B 114 -29.27 -1.22 -50.15
N SER B 115 -28.60 -1.60 -51.23
CA SER B 115 -29.02 -2.74 -52.02
C SER B 115 -28.78 -4.04 -51.26
N ASP B 116 -27.71 -4.07 -50.49
CA ASP B 116 -27.37 -5.24 -49.71
C ASP B 116 -28.43 -5.49 -48.64
N ILE B 117 -28.95 -4.40 -48.10
CA ILE B 117 -29.98 -4.49 -47.07
C ILE B 117 -31.24 -5.14 -47.67
N LYS B 118 -31.62 -4.68 -48.85
CA LYS B 118 -32.78 -5.25 -49.53
C LYS B 118 -32.52 -6.73 -49.80
N GLN B 119 -31.33 -7.02 -50.32
CA GLN B 119 -30.98 -8.40 -50.64
C GLN B 119 -31.20 -9.33 -49.46
N GLY B 120 -30.80 -8.86 -48.28
CA GLY B 120 -30.96 -9.66 -47.07
C GLY B 120 -32.37 -10.15 -46.80
N TYR B 121 -33.34 -9.23 -46.85
CA TYR B 121 -34.74 -9.59 -46.62
C TYR B 121 -35.20 -10.59 -47.67
N THR B 122 -34.32 -10.86 -48.63
CA THR B 122 -34.61 -11.80 -49.70
C THR B 122 -34.06 -13.19 -49.43
N GLN B 123 -33.03 -13.27 -48.58
CA GLN B 123 -32.42 -14.57 -48.33
C GLN B 123 -32.60 -15.15 -46.94
N HIS B 124 -33.05 -14.34 -45.99
CA HIS B 124 -33.23 -14.85 -44.63
C HIS B 124 -34.11 -13.95 -43.77
N GLY B 125 -34.67 -14.53 -42.71
CA GLY B 125 -35.49 -13.76 -41.81
C GLY B 125 -37.00 -13.95 -41.87
N GLY B 126 -37.47 -14.53 -42.97
CA GLY B 126 -38.89 -14.76 -43.12
C GLY B 126 -39.74 -13.50 -43.08
N LEU B 127 -39.15 -12.35 -43.40
CA LEU B 127 -39.91 -11.11 -43.43
C LEU B 127 -40.15 -10.72 -44.87
N ARG B 128 -41.17 -9.92 -45.12
CA ARG B 128 -41.46 -9.47 -46.48
C ARG B 128 -40.38 -8.46 -46.92
N PRO B 129 -40.18 -8.30 -48.22
CA PRO B 129 -39.17 -7.35 -48.69
C PRO B 129 -39.74 -5.95 -48.68
N PHE B 130 -38.89 -4.94 -48.89
CA PHE B 130 -39.40 -3.58 -48.94
C PHE B 130 -39.99 -3.38 -50.33
N GLY B 131 -41.21 -2.85 -50.40
CA GLY B 131 -41.84 -2.63 -51.69
C GLY B 131 -41.39 -1.30 -52.24
N VAL B 132 -40.11 -1.20 -52.57
CA VAL B 132 -39.56 0.05 -53.08
C VAL B 132 -38.51 -0.09 -54.17
N SER B 133 -38.48 0.91 -55.05
CA SER B 133 -37.49 1.01 -56.10
C SER B 133 -36.95 2.43 -56.01
N PHE B 134 -35.63 2.58 -56.10
CA PHE B 134 -34.99 3.88 -56.02
C PHE B 134 -34.23 4.26 -57.28
N ILE B 135 -34.20 5.56 -57.54
CA ILE B 135 -33.41 6.07 -58.64
C ILE B 135 -32.47 6.94 -57.85
N TYR B 136 -31.16 6.68 -57.94
CA TYR B 136 -30.19 7.46 -57.20
C TYR B 136 -29.50 8.48 -58.11
N ALA B 137 -29.48 9.73 -57.68
CA ALA B 137 -28.81 10.77 -58.46
C ALA B 137 -27.74 11.38 -57.57
N GLY B 138 -26.48 11.23 -57.96
CA GLY B 138 -25.43 11.79 -57.13
C GLY B 138 -24.17 12.14 -57.87
N TYR B 139 -23.28 12.85 -57.19
CA TYR B 139 -22.02 13.26 -57.76
C TYR B 139 -20.87 13.10 -56.79
N ASP B 140 -19.76 12.58 -57.28
CA ASP B 140 -18.56 12.45 -56.47
C ASP B 140 -17.38 12.69 -57.41
N ASP B 141 -16.20 12.90 -56.84
CA ASP B 141 -15.01 13.18 -57.63
C ASP B 141 -14.38 11.99 -58.35
N ARG B 142 -14.88 10.78 -58.14
CA ARG B 142 -14.30 9.63 -58.81
C ARG B 142 -15.03 9.21 -60.08
N TYR B 143 -16.34 9.49 -60.15
CA TYR B 143 -17.11 9.11 -61.32
C TYR B 143 -18.02 10.23 -61.78
N GLY B 144 -17.88 11.40 -61.17
CA GLY B 144 -18.73 12.53 -61.53
C GLY B 144 -20.21 12.24 -61.31
N TYR B 145 -21.04 12.71 -62.24
CA TYR B 145 -22.48 12.52 -62.16
C TYR B 145 -22.83 11.07 -62.42
N GLN B 146 -23.63 10.49 -61.54
CA GLN B 146 -24.03 9.09 -61.65
C GLN B 146 -25.52 8.92 -61.42
N LEU B 147 -26.08 7.91 -62.08
CA LEU B 147 -27.50 7.62 -61.96
C LEU B 147 -27.63 6.12 -61.75
N TYR B 148 -28.23 5.73 -60.63
CA TYR B 148 -28.39 4.33 -60.28
C TYR B 148 -29.84 3.97 -60.01
N THR B 149 -30.11 2.67 -59.98
CA THR B 149 -31.44 2.21 -59.73
C THR B 149 -31.37 0.90 -58.94
N SER B 150 -32.19 0.80 -57.91
CA SER B 150 -32.24 -0.41 -57.10
C SER B 150 -33.69 -0.75 -56.92
N ASN B 151 -33.99 -2.06 -56.88
CA ASN B 151 -35.35 -2.53 -56.72
C ASN B 151 -35.39 -3.55 -55.57
N PRO B 152 -36.59 -4.03 -55.21
CA PRO B 152 -36.76 -5.01 -54.12
C PRO B 152 -35.80 -6.19 -54.04
N SER B 153 -35.31 -6.65 -55.19
CA SER B 153 -34.41 -7.80 -55.20
C SER B 153 -33.08 -7.51 -54.54
N GLY B 154 -32.65 -6.26 -54.60
CA GLY B 154 -31.37 -5.90 -54.02
C GLY B 154 -30.32 -5.76 -55.10
N ASN B 155 -30.77 -5.77 -56.35
CA ASN B 155 -29.87 -5.64 -57.47
C ASN B 155 -29.87 -4.17 -57.87
N TYR B 156 -28.74 -3.66 -58.37
CA TYR B 156 -28.68 -2.28 -58.81
C TYR B 156 -27.86 -2.17 -60.09
N THR B 157 -28.15 -1.14 -60.88
CA THR B 157 -27.45 -0.89 -62.14
C THR B 157 -27.41 0.62 -62.43
N GLY B 158 -26.46 1.03 -63.27
CA GLY B 158 -26.31 2.43 -63.62
C GLY B 158 -27.02 2.78 -64.92
N TRP B 159 -27.48 4.01 -65.06
CA TRP B 159 -28.20 4.44 -66.26
C TRP B 159 -27.85 5.83 -66.76
N LYS B 160 -28.17 6.08 -68.03
CA LYS B 160 -27.94 7.40 -68.63
C LYS B 160 -29.28 8.12 -68.42
N ALA B 161 -30.34 7.33 -68.51
CA ALA B 161 -31.71 7.80 -68.31
C ALA B 161 -32.54 6.58 -67.93
N ILE B 162 -33.49 6.78 -67.03
CA ILE B 162 -34.32 5.67 -66.60
C ILE B 162 -35.56 6.08 -65.82
N SER B 163 -36.50 5.17 -65.71
CA SER B 163 -37.72 5.41 -64.98
C SER B 163 -38.09 4.18 -64.14
N VAL B 164 -38.88 4.42 -63.10
CA VAL B 164 -39.35 3.37 -62.22
C VAL B 164 -40.79 3.71 -61.89
N GLY B 165 -41.58 2.70 -61.54
CA GLY B 165 -42.97 2.94 -61.22
C GLY B 165 -43.88 2.46 -62.33
N ALA B 166 -44.93 3.22 -62.59
CA ALA B 166 -45.89 2.84 -63.61
C ALA B 166 -45.51 3.33 -65.00
N ASN B 167 -46.01 2.61 -66.00
CA ASN B 167 -45.78 2.95 -67.40
C ASN B 167 -44.31 3.15 -67.73
N THR B 168 -43.46 2.31 -67.13
CA THR B 168 -42.03 2.43 -67.36
C THR B 168 -41.68 2.02 -68.79
N SER B 169 -42.38 1.02 -69.31
CA SER B 169 -42.14 0.55 -70.67
C SER B 169 -42.35 1.69 -71.68
N ALA B 170 -43.51 2.33 -71.59
CA ALA B 170 -43.81 3.45 -72.47
C ALA B 170 -42.75 4.54 -72.26
N ALA B 171 -42.48 4.85 -71.00
CA ALA B 171 -41.51 5.89 -70.65
C ALA B 171 -40.10 5.59 -71.11
N GLN B 172 -39.69 4.33 -71.02
CA GLN B 172 -38.36 3.92 -71.44
C GLN B 172 -38.22 4.09 -72.95
N THR B 173 -39.25 3.68 -73.68
CA THR B 173 -39.26 3.79 -75.13
C THR B 173 -39.10 5.26 -75.53
N LEU B 174 -39.85 6.15 -74.87
CA LEU B 174 -39.79 7.56 -75.19
C LEU B 174 -38.43 8.19 -74.87
N LEU B 175 -37.76 7.67 -73.84
CA LEU B 175 -36.44 8.17 -73.45
C LEU B 175 -35.37 7.66 -74.40
N GLN B 176 -35.43 6.36 -74.67
CA GLN B 176 -34.48 5.69 -75.55
C GLN B 176 -34.64 6.23 -76.97
N MET B 177 -35.61 7.12 -77.15
CA MET B 177 -35.90 7.67 -78.45
C MET B 177 -35.33 9.07 -78.64
N ASP B 178 -35.25 9.85 -77.57
CA ASP B 178 -34.74 11.22 -77.67
C ASP B 178 -33.55 11.57 -76.80
N TYR B 179 -32.92 10.58 -76.17
CA TYR B 179 -31.77 10.87 -75.32
C TYR B 179 -30.49 10.93 -76.16
N LYS B 180 -29.63 11.90 -75.88
CA LYS B 180 -28.36 12.04 -76.59
C LYS B 180 -27.23 12.32 -75.61
N ASP B 181 -26.19 11.48 -75.67
CA ASP B 181 -25.04 11.59 -74.79
C ASP B 181 -24.54 13.00 -74.49
N ASP B 182 -24.69 13.91 -75.45
CA ASP B 182 -24.22 15.28 -75.25
C ASP B 182 -25.29 16.25 -74.78
N MET B 183 -26.32 15.73 -74.09
CA MET B 183 -27.39 16.59 -73.59
C MET B 183 -26.89 17.56 -72.54
N LYS B 184 -27.65 18.63 -72.35
CA LYS B 184 -27.32 19.64 -71.36
C LYS B 184 -28.41 19.50 -70.29
N VAL B 185 -28.10 19.84 -69.05
CA VAL B 185 -29.07 19.74 -67.97
C VAL B 185 -30.46 20.18 -68.39
N ASP B 186 -30.57 21.42 -68.88
CA ASP B 186 -31.85 21.96 -69.31
C ASP B 186 -32.53 21.10 -70.38
N ASP B 187 -31.73 20.44 -71.19
CA ASP B 187 -32.27 19.56 -72.23
C ASP B 187 -32.92 18.39 -71.52
N ALA B 188 -32.19 17.82 -70.56
CA ALA B 188 -32.67 16.69 -69.77
C ALA B 188 -33.93 17.08 -69.01
N ILE B 189 -33.93 18.28 -68.45
CA ILE B 189 -35.09 18.78 -67.72
C ILE B 189 -36.33 18.74 -68.58
N GLU B 190 -36.17 19.09 -69.85
CA GLU B 190 -37.30 19.09 -70.77
C GLU B 190 -37.71 17.68 -71.18
N LEU B 191 -36.72 16.83 -71.47
CA LEU B 191 -36.99 15.46 -71.87
C LEU B 191 -37.75 14.75 -70.75
N ALA B 192 -37.36 15.05 -69.52
CA ALA B 192 -37.99 14.45 -68.36
C ALA B 192 -39.46 14.78 -68.31
N LEU B 193 -39.77 16.07 -68.32
CA LEU B 193 -41.15 16.54 -68.27
C LEU B 193 -42.02 16.08 -69.44
N LYS B 194 -41.41 15.97 -70.62
CA LYS B 194 -42.15 15.52 -71.79
C LYS B 194 -42.56 14.07 -71.62
N THR B 195 -41.62 13.24 -71.16
CA THR B 195 -41.89 11.82 -70.97
C THR B 195 -43.03 11.62 -69.99
N LEU B 196 -42.93 12.23 -68.81
CA LEU B 196 -43.98 12.11 -67.81
C LEU B 196 -45.30 12.49 -68.47
N SER B 197 -45.29 13.61 -69.16
CA SER B 197 -46.47 14.12 -69.84
C SER B 197 -47.14 13.09 -70.75
N LYS B 198 -46.35 12.31 -71.46
CA LYS B 198 -46.91 11.31 -72.37
C LYS B 198 -47.28 9.98 -71.70
N THR B 199 -46.75 9.74 -70.51
CA THR B 199 -47.03 8.50 -69.80
C THR B 199 -48.15 8.67 -68.76
N THR B 200 -48.29 9.89 -68.24
CA THR B 200 -49.29 10.21 -67.23
C THR B 200 -50.67 9.61 -67.50
N ASP B 201 -51.24 8.97 -66.47
CA ASP B 201 -52.56 8.39 -66.58
C ASP B 201 -53.58 9.51 -66.38
N SER B 202 -53.09 10.67 -65.95
CA SER B 202 -53.94 11.82 -65.68
C SER B 202 -54.30 12.65 -66.91
N SER B 203 -55.24 13.56 -66.70
CA SER B 203 -55.72 14.45 -67.74
C SER B 203 -54.56 15.29 -68.24
N ALA B 204 -54.11 16.22 -67.41
CA ALA B 204 -53.00 17.09 -67.76
C ALA B 204 -51.88 16.95 -66.73
N LEU B 205 -50.68 17.39 -67.12
CA LEU B 205 -49.53 17.32 -66.23
C LEU B 205 -49.32 18.70 -65.61
N THR B 206 -49.94 18.91 -64.45
CA THR B 206 -49.82 20.17 -63.74
C THR B 206 -48.76 20.08 -62.64
N TYR B 207 -48.25 21.24 -62.21
CA TYR B 207 -47.21 21.32 -61.19
C TYR B 207 -47.57 20.64 -59.87
N ASP B 208 -48.84 20.74 -59.48
CA ASP B 208 -49.31 20.15 -58.23
C ASP B 208 -49.20 18.63 -58.15
N ARG B 209 -48.81 18.00 -59.24
CA ARG B 209 -48.68 16.56 -59.26
C ARG B 209 -47.25 16.14 -59.55
N LEU B 210 -46.31 17.04 -59.28
CA LEU B 210 -44.92 16.75 -59.55
C LEU B 210 -43.93 17.17 -58.49
N GLU B 211 -42.78 16.50 -58.49
CA GLU B 211 -41.69 16.81 -57.59
C GLU B 211 -40.51 16.84 -58.54
N PHE B 212 -39.65 17.83 -58.37
CA PHE B 212 -38.52 17.97 -59.25
C PHE B 212 -37.23 18.24 -58.49
N ALA B 213 -36.11 17.80 -59.07
CA ALA B 213 -34.81 18.00 -58.44
C ALA B 213 -33.69 17.93 -59.47
N THR B 214 -32.62 18.70 -59.24
CA THR B 214 -31.47 18.72 -60.14
C THR B 214 -30.18 18.75 -59.35
N ILE B 215 -29.11 18.21 -59.91
CA ILE B 215 -27.82 18.24 -59.25
C ILE B 215 -26.87 18.83 -60.26
N ARG B 216 -26.64 20.14 -60.15
CA ARG B 216 -25.77 20.87 -61.06
C ARG B 216 -24.59 21.53 -60.39
N LYS B 217 -23.51 21.65 -61.14
CA LYS B 217 -22.31 22.28 -60.61
C LYS B 217 -22.31 23.74 -61.03
N GLY B 218 -23.09 24.56 -60.32
CA GLY B 218 -23.17 25.98 -60.62
C GLY B 218 -21.80 26.57 -60.92
N ALA B 219 -21.49 26.69 -62.21
CA ALA B 219 -20.21 27.22 -62.70
C ALA B 219 -19.60 28.31 -61.82
N ASN B 220 -20.42 29.29 -61.46
CA ASN B 220 -19.98 30.40 -60.61
C ASN B 220 -19.79 29.93 -59.16
N ASP B 221 -18.87 28.99 -58.96
CA ASP B 221 -18.60 28.44 -57.64
C ASP B 221 -17.55 27.34 -57.75
N GLY B 222 -17.92 26.23 -58.38
CA GLY B 222 -16.99 25.12 -58.53
C GLY B 222 -17.43 23.89 -57.74
N GLU B 223 -18.50 24.05 -56.96
CA GLU B 223 -19.05 22.97 -56.16
C GLU B 223 -20.37 22.52 -56.77
N VAL B 224 -20.81 21.32 -56.43
CA VAL B 224 -22.07 20.79 -56.93
C VAL B 224 -23.22 21.21 -56.02
N TYR B 225 -24.40 21.38 -56.58
CA TYR B 225 -25.56 21.82 -55.82
C TYR B 225 -26.82 20.99 -56.06
N GLN B 226 -27.52 20.66 -54.99
CA GLN B 226 -28.76 19.90 -55.08
C GLN B 226 -29.88 20.91 -54.97
N LYS B 227 -30.92 20.76 -55.78
CA LYS B 227 -32.03 21.69 -55.73
C LYS B 227 -33.33 20.93 -55.88
N ILE B 228 -34.10 20.84 -54.81
CA ILE B 228 -35.39 20.17 -54.89
C ILE B 228 -36.38 21.30 -55.12
N PHE B 229 -36.81 21.45 -56.36
CA PHE B 229 -37.74 22.51 -56.74
C PHE B 229 -38.96 22.63 -55.83
N LYS B 230 -39.42 23.87 -55.66
CA LYS B 230 -40.58 24.17 -54.85
C LYS B 230 -41.78 24.25 -55.80
N PRO B 231 -43.00 24.22 -55.26
CA PRO B 231 -44.20 24.29 -56.10
C PRO B 231 -44.15 25.33 -57.22
N GLN B 232 -43.76 26.56 -56.89
CA GLN B 232 -43.72 27.62 -57.90
C GLN B 232 -42.63 27.35 -58.94
N GLU B 233 -41.48 26.88 -58.49
CA GLU B 233 -40.37 26.61 -59.38
C GLU B 233 -40.76 25.58 -60.45
N ILE B 234 -41.61 24.62 -60.06
CA ILE B 234 -42.08 23.58 -61.00
C ILE B 234 -43.13 24.18 -61.93
N LYS B 235 -43.97 25.06 -61.39
CA LYS B 235 -45.02 25.71 -62.15
C LYS B 235 -44.38 26.56 -63.25
N ASP B 236 -43.24 27.17 -62.95
CA ASP B 236 -42.52 28.01 -63.91
C ASP B 236 -41.96 27.15 -65.04
N ILE B 237 -41.03 26.27 -64.69
CA ILE B 237 -40.37 25.38 -65.65
C ILE B 237 -41.39 24.66 -66.53
N LEU B 238 -42.57 24.42 -65.98
CA LEU B 238 -43.62 23.73 -66.71
C LEU B 238 -44.16 24.59 -67.86
N VAL B 239 -44.28 25.90 -67.62
CA VAL B 239 -44.78 26.83 -68.64
C VAL B 239 -43.73 27.03 -69.74
N LYS B 240 -42.47 27.09 -69.31
CA LYS B 240 -41.35 27.28 -70.22
C LYS B 240 -41.21 26.16 -71.22
N THR B 241 -41.03 24.93 -70.74
CA THR B 241 -40.87 23.78 -71.64
C THR B 241 -42.04 23.65 -72.61
N GLY B 242 -43.08 24.45 -72.39
CA GLY B 242 -44.23 24.42 -73.28
C GLY B 242 -45.32 23.44 -72.90
N ILE B 243 -45.64 23.39 -71.62
CA ILE B 243 -46.67 22.49 -71.13
C ILE B 243 -47.64 23.34 -70.31
N THR B 244 -47.28 24.61 -70.14
CA THR B 244 -48.05 25.61 -69.39
C THR B 244 -48.70 24.98 -68.16
N GLY C 1 -34.33 -15.40 -34.83
CA GLY C 1 -35.49 -16.24 -34.40
C GLY C 1 -36.07 -17.11 -35.52
N TYR C 2 -36.08 -16.62 -36.75
CA TYR C 2 -36.62 -17.38 -37.88
C TYR C 2 -35.66 -18.52 -38.25
N ASP C 3 -36.12 -19.76 -38.15
CA ASP C 3 -35.26 -20.90 -38.45
C ASP C 3 -35.93 -22.02 -39.23
N ARG C 4 -37.04 -21.74 -39.91
CA ARG C 4 -37.75 -22.75 -40.69
C ARG C 4 -36.78 -23.44 -41.65
N ALA C 5 -36.89 -24.76 -41.78
CA ALA C 5 -36.04 -25.50 -42.69
C ALA C 5 -36.61 -25.31 -44.10
N LEU C 6 -35.96 -24.48 -44.90
CA LEU C 6 -36.44 -24.20 -46.25
C LEU C 6 -35.91 -25.19 -47.29
N SER C 7 -34.71 -25.71 -47.05
CA SER C 7 -34.15 -26.70 -47.96
C SER C 7 -34.28 -28.04 -47.27
N ILE C 8 -35.17 -28.88 -47.79
CA ILE C 8 -35.40 -30.21 -47.22
C ILE C 8 -35.57 -31.27 -48.31
N PHE C 9 -35.51 -32.53 -47.92
CA PHE C 9 -35.65 -33.63 -48.88
C PHE C 9 -37.11 -33.92 -49.21
N SER C 10 -37.38 -34.24 -50.48
CA SER C 10 -38.72 -34.59 -50.88
C SER C 10 -38.62 -36.08 -51.15
N PRO C 11 -39.76 -36.78 -51.24
CA PRO C 11 -39.88 -38.22 -51.48
C PRO C 11 -38.84 -38.91 -52.38
N ASP C 12 -38.57 -38.33 -53.54
CA ASP C 12 -37.60 -38.88 -54.48
C ASP C 12 -36.16 -38.55 -54.10
N GLY C 13 -35.96 -37.90 -52.97
CA GLY C 13 -34.63 -37.56 -52.51
C GLY C 13 -34.04 -36.29 -53.11
N HIS C 14 -34.88 -35.32 -53.44
CA HIS C 14 -34.40 -34.07 -54.03
C HIS C 14 -34.58 -32.90 -53.07
N ILE C 15 -33.73 -31.87 -53.20
CA ILE C 15 -33.88 -30.68 -52.37
C ILE C 15 -34.36 -29.64 -53.36
N PHE C 16 -35.66 -29.51 -53.49
CA PHE C 16 -36.19 -28.58 -54.46
C PHE C 16 -35.69 -27.15 -54.42
N GLN C 17 -35.50 -26.58 -53.23
CA GLN C 17 -35.01 -25.21 -53.18
C GLN C 17 -33.62 -25.06 -53.81
N VAL C 18 -32.79 -26.09 -53.68
CA VAL C 18 -31.45 -26.07 -54.26
C VAL C 18 -31.58 -26.19 -55.78
N GLU C 19 -32.45 -27.10 -56.21
CA GLU C 19 -32.70 -27.29 -57.63
C GLU C 19 -33.27 -26.02 -58.27
N TYR C 20 -34.24 -25.40 -57.62
CA TYR C 20 -34.83 -24.19 -58.15
C TYR C 20 -33.78 -23.09 -58.16
N ALA C 21 -32.76 -23.24 -57.33
CA ALA C 21 -31.68 -22.28 -57.26
C ALA C 21 -30.88 -22.36 -58.56
N LEU C 22 -30.80 -23.57 -59.13
CA LEU C 22 -30.08 -23.77 -60.39
C LEU C 22 -30.88 -23.14 -61.52
N GLU C 23 -32.21 -23.23 -61.41
CA GLU C 23 -33.07 -22.65 -62.42
C GLU C 23 -32.81 -21.16 -62.52
N ALA C 24 -32.47 -20.55 -61.38
CA ALA C 24 -32.19 -19.13 -61.37
C ALA C 24 -30.89 -18.90 -62.12
N VAL C 25 -29.96 -19.85 -62.00
CA VAL C 25 -28.68 -19.77 -62.69
C VAL C 25 -28.88 -19.93 -64.19
N LYS C 26 -29.74 -20.87 -64.58
CA LYS C 26 -30.02 -21.12 -65.99
C LYS C 26 -30.54 -19.87 -66.68
N ARG C 27 -31.32 -19.08 -65.94
CA ARG C 27 -31.90 -17.86 -66.47
C ARG C 27 -30.88 -16.72 -66.54
N GLY C 28 -29.76 -16.87 -65.85
CA GLY C 28 -28.76 -15.80 -65.85
C GLY C 28 -27.97 -15.65 -67.12
N THR C 29 -27.42 -14.45 -67.34
CA THR C 29 -26.62 -14.20 -68.53
C THR C 29 -25.48 -15.21 -68.54
N CYS C 30 -25.07 -15.59 -69.75
CA CYS C 30 -24.00 -16.57 -69.92
C CYS C 30 -22.62 -16.11 -69.44
N ALA C 31 -21.84 -17.08 -68.97
CA ALA C 31 -20.50 -16.82 -68.49
C ALA C 31 -19.64 -18.03 -68.87
N VAL C 32 -18.42 -17.76 -69.31
CA VAL C 32 -17.54 -18.85 -69.73
C VAL C 32 -16.10 -18.56 -69.38
N GLY C 33 -15.34 -19.63 -69.17
CA GLY C 33 -13.94 -19.49 -68.84
C GLY C 33 -13.14 -20.59 -69.52
N VAL C 34 -12.03 -20.22 -70.14
CA VAL C 34 -11.19 -21.20 -70.81
C VAL C 34 -9.76 -20.96 -70.39
N LYS C 35 -9.06 -22.03 -70.06
CA LYS C 35 -7.68 -21.88 -69.64
C LYS C 35 -6.71 -22.23 -70.77
N GLY C 36 -5.79 -21.31 -71.03
CA GLY C 36 -4.79 -21.52 -72.05
C GLY C 36 -3.62 -22.27 -71.45
N LYS C 37 -2.43 -22.06 -72.00
CA LYS C 37 -1.24 -22.74 -71.48
C LYS C 37 -0.49 -21.83 -70.53
N ASN C 38 -0.84 -20.56 -70.55
CA ASN C 38 -0.18 -19.58 -69.70
C ASN C 38 -1.14 -18.45 -69.33
N CYS C 39 -2.42 -18.76 -69.25
CA CYS C 39 -3.41 -17.76 -68.89
C CYS C 39 -4.78 -18.39 -68.79
N VAL C 40 -5.75 -17.60 -68.35
CA VAL C 40 -7.14 -18.04 -68.24
C VAL C 40 -7.96 -16.83 -68.64
N VAL C 41 -9.04 -17.06 -69.39
CA VAL C 41 -9.88 -15.95 -69.81
C VAL C 41 -11.32 -16.19 -69.40
N LEU C 42 -11.99 -15.09 -69.02
CA LEU C 42 -13.38 -15.16 -68.61
C LEU C 42 -14.20 -14.19 -69.45
N GLY C 43 -15.29 -14.69 -70.00
CA GLY C 43 -16.15 -13.86 -70.81
C GLY C 43 -17.58 -13.98 -70.31
N CYS C 44 -18.31 -12.88 -70.34
CA CYS C 44 -19.69 -12.85 -69.89
C CYS C 44 -20.53 -12.10 -70.91
N GLU C 45 -21.81 -12.45 -71.01
CA GLU C 45 -22.67 -11.77 -71.95
C GLU C 45 -23.47 -10.69 -71.20
N ARG C 46 -23.83 -9.64 -71.92
CA ARG C 46 -24.60 -8.55 -71.33
C ARG C 46 -26.02 -8.59 -71.88
N ARG C 47 -27.00 -8.63 -70.97
CA ARG C 47 -28.41 -8.68 -71.34
C ARG C 47 -28.74 -7.47 -72.24
N SER C 48 -29.98 -7.39 -72.71
CA SER C 48 -30.41 -6.28 -73.56
C SER C 48 -31.89 -5.92 -73.37
N THR C 49 -32.48 -6.39 -72.27
CA THR C 49 -33.89 -6.14 -71.94
C THR C 49 -34.17 -4.63 -71.85
N LEU C 50 -33.12 -3.88 -71.56
CA LEU C 50 -33.16 -2.41 -71.46
C LEU C 50 -31.75 -1.96 -71.80
N LYS C 51 -31.63 -0.95 -72.66
CA LYS C 51 -30.32 -0.44 -73.01
C LYS C 51 -30.37 1.08 -72.97
N LEU C 52 -29.56 1.66 -72.08
CA LEU C 52 -29.47 3.10 -71.91
C LEU C 52 -28.75 3.30 -70.59
N GLN C 53 -28.00 2.27 -70.22
CA GLN C 53 -27.24 2.24 -68.99
C GLN C 53 -25.93 3.00 -69.11
N ASP C 54 -25.33 3.28 -67.96
CA ASP C 54 -24.04 3.95 -67.92
C ASP C 54 -23.05 2.86 -67.58
N THR C 55 -22.48 2.26 -68.62
CA THR C 55 -21.52 1.18 -68.46
C THR C 55 -20.31 1.48 -67.59
N ARG C 56 -20.06 2.75 -67.29
CA ARG C 56 -18.92 3.13 -66.45
C ARG C 56 -19.15 2.67 -65.01
N ILE C 57 -20.33 3.04 -64.50
CA ILE C 57 -20.71 2.75 -63.12
C ILE C 57 -21.43 1.42 -62.87
N THR C 58 -22.20 0.93 -63.84
CA THR C 58 -22.92 -0.33 -63.66
C THR C 58 -21.92 -1.44 -63.32
N PRO C 59 -22.14 -2.12 -62.19
CA PRO C 59 -21.26 -3.21 -61.74
C PRO C 59 -20.97 -4.26 -62.82
N SER C 60 -19.69 -4.59 -63.00
CA SER C 60 -19.27 -5.56 -64.01
C SER C 60 -19.57 -6.99 -63.55
N LYS C 61 -19.31 -7.97 -64.43
CA LYS C 61 -19.59 -9.37 -64.11
C LYS C 61 -18.37 -10.16 -63.64
N VAL C 62 -17.19 -9.62 -63.86
CA VAL C 62 -15.97 -10.30 -63.43
C VAL C 62 -15.41 -9.57 -62.22
N SER C 63 -15.36 -10.25 -61.07
CA SER C 63 -14.84 -9.61 -59.86
C SER C 63 -13.49 -10.15 -59.40
N LYS C 64 -12.64 -9.25 -58.91
CA LYS C 64 -11.34 -9.63 -58.38
C LYS C 64 -11.54 -9.95 -56.89
N ILE C 65 -11.13 -11.15 -56.48
CA ILE C 65 -11.26 -11.54 -55.10
C ILE C 65 -9.97 -11.06 -54.44
N ASP C 66 -8.87 -11.21 -55.17
CA ASP C 66 -7.56 -10.75 -54.72
C ASP C 66 -6.90 -10.30 -56.02
N SER C 67 -5.63 -9.93 -55.95
CA SER C 67 -4.93 -9.47 -57.15
C SER C 67 -4.57 -10.57 -58.16
N HIS C 68 -4.69 -11.83 -57.77
CA HIS C 68 -4.34 -12.92 -58.66
C HIS C 68 -5.48 -13.87 -58.90
N VAL C 69 -6.68 -13.52 -58.46
CA VAL C 69 -7.83 -14.39 -58.62
C VAL C 69 -9.10 -13.61 -58.92
N VAL C 70 -9.89 -14.11 -59.86
CA VAL C 70 -11.13 -13.44 -60.21
C VAL C 70 -12.28 -14.43 -60.16
N LEU C 71 -13.48 -13.87 -60.09
CA LEU C 71 -14.68 -14.68 -60.03
C LEU C 71 -15.78 -14.06 -60.88
N SER C 72 -16.44 -14.90 -61.68
CA SER C 72 -17.56 -14.47 -62.50
C SER C 72 -18.69 -15.39 -62.09
N PHE C 73 -19.91 -15.07 -62.50
CA PHE C 73 -21.05 -15.87 -62.11
C PHE C 73 -22.25 -15.74 -63.06
N SER C 74 -23.25 -16.57 -62.80
CA SER C 74 -24.51 -16.58 -63.54
C SER C 74 -25.59 -16.83 -62.49
N GLY C 75 -26.66 -16.02 -62.54
CA GLY C 75 -27.73 -16.15 -61.59
C GLY C 75 -28.11 -14.80 -61.03
N LEU C 76 -28.68 -14.80 -59.82
CA LEU C 76 -29.09 -13.56 -59.16
C LEU C 76 -27.90 -12.67 -58.85
N ASN C 77 -27.95 -11.42 -59.33
CA ASN C 77 -26.87 -10.47 -59.09
C ASN C 77 -26.71 -10.13 -57.63
N ALA C 78 -27.83 -9.81 -56.97
CA ALA C 78 -27.80 -9.47 -55.56
C ALA C 78 -27.11 -10.57 -54.76
N ASP C 79 -27.45 -11.83 -55.04
CA ASP C 79 -26.84 -12.93 -54.32
C ASP C 79 -25.33 -13.02 -54.51
N SER C 80 -24.85 -12.75 -55.72
CA SER C 80 -23.42 -12.82 -55.99
C SER C 80 -22.59 -11.85 -55.16
N ARG C 81 -23.12 -10.65 -54.90
CA ARG C 81 -22.38 -9.68 -54.10
C ARG C 81 -21.96 -10.27 -52.76
N ILE C 82 -22.89 -10.96 -52.12
CA ILE C 82 -22.64 -11.58 -50.82
C ILE C 82 -21.49 -12.58 -50.88
N LEU C 83 -21.52 -13.46 -51.88
CA LEU C 83 -20.46 -14.45 -52.03
C LEU C 83 -19.11 -13.80 -52.30
N ILE C 84 -19.12 -12.75 -53.14
CA ILE C 84 -17.89 -12.06 -53.50
C ILE C 84 -17.28 -11.32 -52.32
N GLU C 85 -18.12 -10.71 -51.49
CA GLU C 85 -17.64 -9.98 -50.33
C GLU C 85 -16.99 -10.96 -49.36
N LYS C 86 -17.67 -12.06 -49.09
CA LYS C 86 -17.13 -13.06 -48.18
C LYS C 86 -15.80 -13.59 -48.66
N ALA C 87 -15.72 -13.88 -49.96
CA ALA C 87 -14.49 -14.41 -50.51
C ALA C 87 -13.37 -13.41 -50.37
N ARG C 88 -13.65 -12.14 -50.63
CA ARG C 88 -12.62 -11.10 -50.52
C ARG C 88 -12.11 -11.01 -49.09
N VAL C 89 -13.05 -11.04 -48.15
CA VAL C 89 -12.72 -10.97 -46.74
C VAL C 89 -11.81 -12.15 -46.36
N GLU C 90 -12.19 -13.35 -46.80
CA GLU C 90 -11.40 -14.54 -46.52
C GLU C 90 -10.01 -14.47 -47.15
N ALA C 91 -9.91 -13.88 -48.31
CA ALA C 91 -8.63 -13.74 -49.00
C ALA C 91 -7.66 -12.91 -48.16
N GLN C 92 -8.17 -11.83 -47.56
CA GLN C 92 -7.33 -10.97 -46.74
C GLN C 92 -6.94 -11.66 -45.46
N SER C 93 -7.88 -12.38 -44.88
CA SER C 93 -7.64 -13.11 -43.65
C SER C 93 -6.58 -14.20 -43.87
N HIS C 94 -6.70 -14.94 -44.96
CA HIS C 94 -5.75 -16.00 -45.26
C HIS C 94 -4.34 -15.42 -45.39
N ARG C 95 -4.23 -14.26 -46.03
CA ARG C 95 -2.93 -13.60 -46.20
C ARG C 95 -2.34 -13.27 -44.84
N LEU C 96 -3.22 -12.92 -43.91
CA LEU C 96 -2.82 -12.55 -42.56
C LEU C 96 -2.36 -13.74 -41.71
N THR C 97 -3.15 -14.80 -41.68
CA THR C 97 -2.79 -15.95 -40.87
C THR C 97 -1.75 -16.89 -41.49
N LEU C 98 -1.86 -17.20 -42.78
CA LEU C 98 -0.89 -18.09 -43.41
C LEU C 98 0.30 -17.33 -44.01
N GLU C 99 0.22 -16.00 -44.04
CA GLU C 99 1.28 -15.18 -44.62
C GLU C 99 1.57 -15.62 -46.05
N ASP C 100 0.49 -15.82 -46.81
CA ASP C 100 0.57 -16.24 -48.21
C ASP C 100 -0.84 -16.11 -48.76
N PRO C 101 -0.98 -15.57 -49.99
CA PRO C 101 -2.33 -15.44 -50.57
C PRO C 101 -2.94 -16.80 -50.86
N VAL C 102 -4.27 -16.84 -50.93
CA VAL C 102 -5.01 -18.07 -51.19
C VAL C 102 -4.69 -18.68 -52.55
N THR C 103 -4.84 -19.99 -52.63
CA THR C 103 -4.64 -20.71 -53.88
C THR C 103 -6.03 -20.67 -54.49
N VAL C 104 -6.13 -20.78 -55.81
CA VAL C 104 -7.44 -20.73 -56.43
C VAL C 104 -8.36 -21.86 -55.94
N GLU C 105 -7.79 -23.03 -55.69
CA GLU C 105 -8.56 -24.17 -55.21
C GLU C 105 -9.08 -23.93 -53.79
N TYR C 106 -8.26 -23.27 -52.97
CA TYR C 106 -8.66 -22.97 -51.60
C TYR C 106 -9.80 -21.95 -51.58
N LEU C 107 -9.62 -20.86 -52.32
CA LEU C 107 -10.63 -19.82 -52.39
C LEU C 107 -11.94 -20.42 -52.93
N THR C 108 -11.80 -21.38 -53.85
CA THR C 108 -12.95 -22.03 -54.44
C THR C 108 -13.66 -22.88 -53.40
N ARG C 109 -12.88 -23.66 -52.67
CA ARG C 109 -13.43 -24.52 -51.63
C ARG C 109 -14.17 -23.67 -50.59
N TYR C 110 -13.65 -22.49 -50.29
CA TYR C 110 -14.31 -21.63 -49.31
C TYR C 110 -15.68 -21.18 -49.83
N VAL C 111 -15.72 -20.61 -51.03
CA VAL C 111 -16.97 -20.16 -51.61
C VAL C 111 -17.98 -21.29 -51.69
N ALA C 112 -17.54 -22.45 -52.13
CA ALA C 112 -18.46 -23.58 -52.25
C ALA C 112 -19.03 -23.98 -50.89
N GLY C 113 -18.21 -23.89 -49.85
CA GLY C 113 -18.67 -24.24 -48.52
C GLY C 113 -19.78 -23.31 -48.07
N VAL C 114 -19.61 -22.02 -48.34
CA VAL C 114 -20.61 -21.04 -47.97
C VAL C 114 -21.92 -21.41 -48.65
N GLN C 115 -21.87 -21.80 -49.92
CA GLN C 115 -23.08 -22.18 -50.59
C GLN C 115 -23.71 -23.44 -50.00
N GLN C 116 -22.88 -24.44 -49.70
CA GLN C 116 -23.39 -25.67 -49.13
C GLN C 116 -24.07 -25.39 -47.80
N ARG C 117 -23.42 -24.60 -46.97
CA ARG C 117 -23.94 -24.25 -45.66
C ARG C 117 -25.36 -23.65 -45.81
N TYR C 118 -25.57 -22.84 -46.85
CA TYR C 118 -26.88 -22.25 -47.06
C TYR C 118 -27.90 -23.22 -47.61
N THR C 119 -27.54 -24.50 -47.69
CA THR C 119 -28.48 -25.49 -48.18
C THR C 119 -28.95 -26.36 -47.02
N GLN C 120 -28.34 -26.20 -45.86
CA GLN C 120 -28.76 -26.96 -44.70
C GLN C 120 -28.68 -26.18 -43.39
N SER C 121 -29.13 -24.93 -43.46
CA SER C 121 -29.18 -24.01 -42.34
C SER C 121 -30.60 -23.45 -42.30
N GLY C 122 -31.18 -23.39 -41.10
CA GLY C 122 -32.53 -22.88 -40.98
C GLY C 122 -32.71 -21.40 -41.26
N GLY C 123 -33.87 -21.05 -41.81
CA GLY C 123 -34.19 -19.66 -42.08
C GLY C 123 -33.56 -18.97 -43.26
N VAL C 124 -32.87 -19.71 -44.12
CA VAL C 124 -32.24 -19.12 -45.30
C VAL C 124 -32.44 -19.96 -46.56
N ARG C 125 -32.39 -19.30 -47.72
CA ARG C 125 -32.51 -20.02 -48.98
C ARG C 125 -31.12 -20.12 -49.63
N PRO C 126 -30.92 -21.10 -50.52
CA PRO C 126 -29.64 -21.27 -51.20
C PRO C 126 -29.34 -20.10 -52.13
N PHE C 127 -28.08 -19.92 -52.48
CA PHE C 127 -27.69 -18.84 -53.39
C PHE C 127 -28.07 -19.23 -54.82
N GLY C 128 -28.77 -18.32 -55.51
CA GLY C 128 -29.14 -18.58 -56.90
C GLY C 128 -27.94 -18.18 -57.75
N VAL C 129 -26.81 -18.80 -57.46
CA VAL C 129 -25.59 -18.46 -58.16
C VAL C 129 -24.65 -19.62 -58.38
N SER C 130 -24.01 -19.62 -59.55
CA SER C 130 -22.99 -20.60 -59.88
C SER C 130 -21.83 -19.70 -60.24
N THR C 131 -20.63 -20.06 -59.82
CA THR C 131 -19.49 -19.20 -60.11
C THR C 131 -18.41 -19.90 -60.90
N LEU C 132 -17.51 -19.07 -61.41
CA LEU C 132 -16.34 -19.50 -62.16
C LEU C 132 -15.22 -18.74 -61.49
N ILE C 133 -14.28 -19.46 -60.90
CA ILE C 133 -13.17 -18.82 -60.21
C ILE C 133 -11.88 -19.20 -60.94
N ALA C 134 -11.06 -18.21 -61.26
CA ALA C 134 -9.82 -18.47 -61.98
C ALA C 134 -8.67 -17.55 -61.60
N GLY C 135 -7.45 -18.07 -61.77
CA GLY C 135 -6.26 -17.31 -61.47
C GLY C 135 -5.02 -18.19 -61.41
N PHE C 136 -3.98 -17.72 -60.76
CA PHE C 136 -2.74 -18.48 -60.62
C PHE C 136 -2.31 -18.52 -59.16
N ASP C 137 -2.11 -19.71 -58.63
CA ASP C 137 -1.67 -19.82 -57.24
C ASP C 137 -0.42 -18.97 -57.08
N PRO C 138 -0.09 -18.59 -55.85
CA PRO C 138 1.10 -17.77 -55.60
C PRO C 138 2.38 -18.46 -56.12
N ARG C 139 3.18 -17.72 -56.87
CA ARG C 139 4.43 -18.25 -57.40
C ARG C 139 4.23 -19.51 -58.25
N ASP C 140 3.11 -19.58 -58.96
CA ASP C 140 2.83 -20.73 -59.83
C ASP C 140 2.35 -20.16 -61.16
N ASP C 141 2.66 -20.86 -62.24
CA ASP C 141 2.28 -20.41 -63.57
C ASP C 141 1.21 -21.28 -64.25
N GLU C 142 0.82 -22.36 -63.59
CA GLU C 142 -0.20 -23.25 -64.12
C GLU C 142 -1.58 -22.61 -63.93
N PRO C 143 -2.30 -22.35 -65.04
CA PRO C 143 -3.63 -21.74 -64.92
C PRO C 143 -4.65 -22.58 -64.16
N LYS C 144 -5.51 -21.89 -63.40
CA LYS C 144 -6.54 -22.54 -62.60
C LYS C 144 -7.95 -22.03 -62.93
N LEU C 145 -8.87 -22.97 -63.08
CA LEU C 145 -10.26 -22.66 -63.39
C LEU C 145 -11.17 -23.64 -62.66
N TYR C 146 -12.10 -23.09 -61.89
CA TYR C 146 -13.04 -23.89 -61.12
C TYR C 146 -14.45 -23.35 -61.25
N GLN C 147 -15.42 -24.20 -60.94
CA GLN C 147 -16.82 -23.82 -60.99
C GLN C 147 -17.56 -24.32 -59.76
N THR C 148 -18.46 -23.50 -59.24
CA THR C 148 -19.24 -23.86 -58.06
C THR C 148 -20.71 -23.64 -58.37
N GLU C 149 -21.57 -24.40 -57.73
CA GLU C 149 -23.00 -24.26 -57.91
C GLU C 149 -23.75 -24.25 -56.58
N PRO C 150 -25.03 -23.86 -56.60
CA PRO C 150 -25.84 -23.81 -55.39
C PRO C 150 -25.67 -24.96 -54.40
N SER C 151 -25.62 -26.19 -54.90
CA SER C 151 -25.47 -27.36 -54.04
C SER C 151 -24.27 -27.27 -53.11
N GLY C 152 -23.20 -26.62 -53.57
CA GLY C 152 -22.00 -26.51 -52.77
C GLY C 152 -20.87 -27.33 -53.37
N ILE C 153 -21.16 -27.94 -54.52
CA ILE C 153 -20.19 -28.77 -55.23
C ILE C 153 -19.33 -27.93 -56.15
N TYR C 154 -18.07 -28.31 -56.31
CA TYR C 154 -17.17 -27.58 -57.18
C TYR C 154 -16.21 -28.56 -57.83
N SER C 155 -15.50 -28.09 -58.85
CA SER C 155 -14.53 -28.90 -59.58
C SER C 155 -13.80 -28.03 -60.59
N SER C 156 -12.68 -28.53 -61.12
CA SER C 156 -11.91 -27.77 -62.10
C SER C 156 -12.20 -28.19 -63.52
N TRP C 157 -12.07 -27.25 -64.44
CA TRP C 157 -12.34 -27.49 -65.85
C TRP C 157 -11.25 -26.89 -66.72
N SER C 158 -11.05 -27.48 -67.89
CA SER C 158 -10.08 -26.96 -68.84
C SER C 158 -10.79 -25.74 -69.42
N ALA C 159 -12.11 -25.84 -69.48
CA ALA C 159 -12.97 -24.77 -69.98
C ALA C 159 -14.39 -25.12 -69.57
N GLN C 160 -15.16 -24.09 -69.25
CA GLN C 160 -16.54 -24.30 -68.84
C GLN C 160 -17.39 -23.05 -69.01
N THR C 161 -18.69 -23.25 -69.01
CA THR C 161 -19.65 -22.16 -69.18
C THR C 161 -20.88 -22.43 -68.33
N ILE C 162 -21.55 -21.36 -67.90
CA ILE C 162 -22.75 -21.46 -67.08
C ILE C 162 -23.69 -20.35 -67.52
N GLY C 163 -24.97 -20.46 -67.16
CA GLY C 163 -25.92 -19.44 -67.54
C GLY C 163 -26.80 -19.88 -68.69
N ARG C 164 -27.53 -18.95 -69.27
CA ARG C 164 -28.42 -19.29 -70.38
C ARG C 164 -27.67 -19.74 -71.62
N ASN C 165 -28.21 -20.77 -72.27
CA ASN C 165 -27.62 -21.31 -73.50
C ASN C 165 -26.23 -21.86 -73.23
N SER C 166 -25.95 -22.14 -71.96
CA SER C 166 -24.64 -22.68 -71.60
C SER C 166 -24.53 -24.08 -72.20
N LYS C 167 -25.67 -24.69 -72.51
CA LYS C 167 -25.69 -26.02 -73.09
C LYS C 167 -25.04 -25.92 -74.46
N THR C 168 -25.46 -24.90 -75.20
CA THR C 168 -24.94 -24.65 -76.53
C THR C 168 -23.45 -24.38 -76.52
N VAL C 169 -23.05 -23.31 -75.85
CA VAL C 169 -21.65 -22.92 -75.78
C VAL C 169 -20.72 -24.03 -75.26
N ARG C 170 -21.24 -24.96 -74.45
CA ARG C 170 -20.39 -26.03 -73.95
C ARG C 170 -20.06 -26.95 -75.11
N GLU C 171 -21.08 -27.29 -75.90
CA GLU C 171 -20.89 -28.16 -77.06
C GLU C 171 -19.80 -27.56 -77.91
N PHE C 172 -19.93 -26.28 -78.20
CA PHE C 172 -18.95 -25.56 -79.00
C PHE C 172 -17.56 -25.81 -78.45
N LEU C 173 -17.41 -25.66 -77.14
CA LEU C 173 -16.13 -25.86 -76.48
C LEU C 173 -15.63 -27.30 -76.44
N GLU C 174 -16.56 -28.24 -76.28
CA GLU C 174 -16.17 -29.65 -76.23
C GLU C 174 -15.60 -30.10 -77.57
N LYS C 175 -16.08 -29.49 -78.65
CA LYS C 175 -15.63 -29.84 -79.99
C LYS C 175 -14.83 -28.69 -80.60
N ASN C 176 -14.08 -27.97 -79.76
CA ASN C 176 -13.26 -26.85 -80.21
C ASN C 176 -12.10 -26.61 -79.26
N TYR C 177 -12.05 -27.38 -78.18
CA TYR C 177 -10.97 -27.27 -77.20
C TYR C 177 -10.23 -28.58 -77.09
N ASP C 178 -8.92 -28.52 -77.27
CA ASP C 178 -8.08 -29.72 -77.20
C ASP C 178 -7.16 -29.63 -75.98
N ARG C 179 -7.35 -30.53 -75.02
CA ARG C 179 -6.51 -30.54 -73.83
C ARG C 179 -5.06 -30.80 -74.24
N LYS C 180 -4.89 -31.60 -75.29
CA LYS C 180 -3.58 -31.94 -75.81
C LYS C 180 -2.82 -30.63 -76.10
N GLU C 181 -3.46 -29.74 -76.83
CA GLU C 181 -2.85 -28.46 -77.16
C GLU C 181 -3.79 -27.30 -76.82
N PRO C 182 -3.72 -26.81 -75.58
CA PRO C 182 -4.57 -25.70 -75.13
C PRO C 182 -4.09 -24.40 -75.77
N PRO C 183 -5.02 -23.45 -76.01
CA PRO C 183 -4.68 -22.15 -76.63
C PRO C 183 -3.38 -21.58 -76.09
N ALA C 184 -2.27 -21.99 -76.70
CA ALA C 184 -0.94 -21.56 -76.28
C ALA C 184 -0.70 -20.05 -76.28
N THR C 185 -1.69 -19.28 -76.72
CA THR C 185 -1.54 -17.82 -76.74
C THR C 185 -2.69 -17.07 -76.11
N VAL C 186 -2.37 -15.95 -75.47
CA VAL C 186 -3.38 -15.12 -74.84
C VAL C 186 -4.38 -14.72 -75.90
N GLU C 187 -3.89 -14.37 -77.09
CA GLU C 187 -4.74 -13.96 -78.19
C GLU C 187 -5.63 -15.09 -78.69
N GLU C 188 -5.04 -16.25 -78.99
CA GLU C 188 -5.87 -17.35 -79.47
C GLU C 188 -6.76 -17.89 -78.37
N CYS C 189 -6.45 -17.56 -77.13
CA CYS C 189 -7.25 -18.01 -76.00
C CYS C 189 -8.50 -17.15 -75.91
N VAL C 190 -8.31 -15.85 -76.14
CA VAL C 190 -9.42 -14.89 -76.10
C VAL C 190 -10.33 -15.06 -77.31
N LYS C 191 -9.77 -15.57 -78.41
CA LYS C 191 -10.53 -15.78 -79.62
C LYS C 191 -11.52 -16.92 -79.39
N LEU C 192 -11.01 -18.05 -78.92
CA LEU C 192 -11.85 -19.21 -78.65
C LEU C 192 -12.99 -18.82 -77.70
N THR C 193 -12.70 -17.91 -76.78
CA THR C 193 -13.71 -17.46 -75.81
C THR C 193 -14.78 -16.60 -76.48
N VAL C 194 -14.35 -15.66 -77.32
CA VAL C 194 -15.31 -14.80 -78.00
C VAL C 194 -16.12 -15.63 -78.99
N ARG C 195 -15.49 -16.65 -79.57
CA ARG C 195 -16.19 -17.52 -80.52
C ARG C 195 -17.31 -18.25 -79.81
N SER C 196 -16.97 -18.86 -78.67
CA SER C 196 -17.93 -19.62 -77.87
C SER C 196 -19.11 -18.78 -77.41
N LEU C 197 -18.90 -17.47 -77.23
CA LEU C 197 -19.98 -16.59 -76.80
C LEU C 197 -20.86 -16.15 -77.96
N LEU C 198 -20.25 -15.98 -79.14
CA LEU C 198 -20.99 -15.56 -80.32
C LEU C 198 -22.02 -16.60 -80.72
N GLU C 199 -21.80 -17.84 -80.33
CA GLU C 199 -22.72 -18.93 -80.62
C GLU C 199 -24.07 -18.63 -80.00
N VAL C 200 -24.07 -17.77 -78.98
CA VAL C 200 -25.29 -17.44 -78.28
C VAL C 200 -25.59 -15.96 -78.13
N VAL C 201 -24.56 -15.12 -78.15
CA VAL C 201 -24.75 -13.68 -77.99
C VAL C 201 -25.49 -13.03 -79.16
N GLN C 202 -25.33 -13.60 -80.35
CA GLN C 202 -25.98 -13.07 -81.54
C GLN C 202 -25.58 -11.61 -81.75
N THR C 203 -24.44 -11.41 -82.41
CA THR C 203 -23.90 -10.08 -82.70
C THR C 203 -24.12 -9.09 -81.55
N GLY C 204 -23.14 -9.03 -80.65
CA GLY C 204 -23.22 -8.14 -79.52
C GLY C 204 -21.83 -7.71 -79.09
N ALA C 205 -21.26 -6.76 -79.82
CA ALA C 205 -19.92 -6.26 -79.50
C ALA C 205 -19.95 -5.62 -78.12
N LYS C 206 -21.01 -4.86 -77.84
CA LYS C 206 -21.15 -4.18 -76.56
C LYS C 206 -21.84 -5.11 -75.56
N ASN C 207 -22.12 -6.33 -75.98
CA ASN C 207 -22.78 -7.31 -75.12
C ASN C 207 -21.77 -8.39 -74.71
N ILE C 208 -20.51 -8.18 -75.03
CA ILE C 208 -19.46 -9.14 -74.70
C ILE C 208 -18.27 -8.50 -74.02
N GLU C 209 -17.99 -8.90 -72.78
CA GLU C 209 -16.85 -8.37 -72.04
C GLU C 209 -15.90 -9.50 -71.66
N ILE C 210 -14.62 -9.33 -71.98
CA ILE C 210 -13.58 -10.32 -71.67
C ILE C 210 -12.58 -9.78 -70.67
N THR C 211 -12.04 -10.66 -69.85
CA THR C 211 -11.03 -10.29 -68.87
C THR C 211 -9.94 -11.35 -68.91
N VAL C 212 -8.69 -10.92 -69.03
CA VAL C 212 -7.55 -11.85 -69.10
C VAL C 212 -6.72 -11.89 -67.83
N VAL C 213 -6.40 -13.09 -67.37
CA VAL C 213 -5.59 -13.26 -66.17
C VAL C 213 -4.30 -14.01 -66.50
N LYS C 214 -3.17 -13.40 -66.14
CA LYS C 214 -1.87 -14.00 -66.37
C LYS C 214 -1.20 -14.24 -65.02
N PRO C 215 -0.15 -15.08 -64.98
CA PRO C 215 0.55 -15.38 -63.74
C PRO C 215 1.14 -14.13 -63.07
N ASP C 216 1.20 -14.17 -61.74
CA ASP C 216 1.73 -13.07 -60.94
C ASP C 216 0.87 -11.82 -60.91
N SER C 217 -0.40 -11.99 -60.54
CA SER C 217 -1.34 -10.88 -60.43
C SER C 217 -1.40 -9.93 -61.63
N ASP C 218 -1.52 -10.50 -62.83
CA ASP C 218 -1.63 -9.71 -64.05
C ASP C 218 -3.04 -9.87 -64.57
N ILE C 219 -3.92 -8.95 -64.19
CA ILE C 219 -5.32 -9.01 -64.59
C ILE C 219 -5.77 -7.73 -65.27
N VAL C 220 -6.46 -7.90 -66.39
CA VAL C 220 -6.96 -6.76 -67.14
C VAL C 220 -8.15 -7.15 -68.01
N ALA C 221 -9.10 -6.22 -68.12
CA ALA C 221 -10.31 -6.44 -68.92
C ALA C 221 -10.21 -5.64 -70.21
N LEU C 222 -10.42 -6.30 -71.33
CA LEU C 222 -10.35 -5.67 -72.64
C LEU C 222 -11.46 -4.67 -72.83
N SER C 223 -11.26 -3.74 -73.76
CA SER C 223 -12.26 -2.71 -74.05
C SER C 223 -13.07 -3.13 -75.27
N SER C 224 -14.19 -2.47 -75.49
CA SER C 224 -15.07 -2.80 -76.61
C SER C 224 -14.31 -2.97 -77.93
N GLU C 225 -13.33 -2.11 -78.17
CA GLU C 225 -12.54 -2.17 -79.40
C GLU C 225 -11.73 -3.45 -79.50
N GLU C 226 -10.86 -3.68 -78.52
CA GLU C 226 -10.04 -4.87 -78.51
C GLU C 226 -10.90 -6.09 -78.77
N ILE C 227 -12.10 -6.07 -78.20
CA ILE C 227 -13.05 -7.16 -78.35
C ILE C 227 -13.68 -7.13 -79.73
N ASN C 228 -14.23 -5.98 -80.10
CA ASN C 228 -14.87 -5.79 -81.40
C ASN C 228 -13.95 -6.34 -82.49
N GLN C 229 -12.65 -6.12 -82.32
CA GLN C 229 -11.66 -6.59 -83.28
C GLN C 229 -11.69 -8.11 -83.41
N TYR C 230 -11.74 -8.80 -82.27
CA TYR C 230 -11.81 -10.26 -82.29
C TYR C 230 -13.05 -10.72 -83.02
N VAL C 231 -14.17 -10.08 -82.71
CA VAL C 231 -15.44 -10.40 -83.35
C VAL C 231 -15.29 -10.28 -84.87
N THR C 232 -14.65 -9.19 -85.30
CA THR C 232 -14.41 -8.91 -86.71
C THR C 232 -13.61 -10.01 -87.41
N GLN C 233 -12.42 -10.28 -86.91
CA GLN C 233 -11.56 -11.29 -87.49
C GLN C 233 -12.20 -12.68 -87.53
N ILE C 234 -13.26 -12.87 -86.73
CA ILE C 234 -13.94 -14.16 -86.67
C ILE C 234 -15.10 -14.31 -87.67
N GLU C 235 -15.80 -13.21 -87.95
CA GLU C 235 -16.91 -13.26 -88.91
C GLU C 235 -16.36 -13.45 -90.31
N GLN C 236 -15.08 -13.19 -90.46
CA GLN C 236 -14.40 -13.36 -91.74
C GLN C 236 -14.04 -14.83 -91.90
N GLU C 237 -13.66 -15.45 -90.80
CA GLU C 237 -13.30 -16.86 -90.80
C GLU C 237 -14.45 -17.64 -91.45
N LYS C 238 -15.67 -17.26 -91.09
CA LYS C 238 -16.88 -17.88 -91.62
C LYS C 238 -17.08 -17.59 -93.10
N GLN C 239 -17.14 -16.30 -93.42
CA GLN C 239 -17.34 -15.84 -94.79
C GLN C 239 -16.27 -16.33 -95.75
N GLU C 240 -15.03 -16.43 -95.28
CA GLU C 240 -13.95 -16.91 -96.13
C GLU C 240 -14.14 -18.41 -96.36
N GLN C 241 -15.38 -18.78 -96.63
CA GLN C 241 -15.75 -20.17 -96.87
C GLN C 241 -17.21 -20.24 -97.31
N ASP D 1 -46.83 -27.10 -43.32
CA ASP D 1 -46.34 -28.33 -44.03
C ASP D 1 -46.27 -29.53 -43.06
N ARG D 2 -45.06 -29.91 -42.66
CA ARG D 2 -44.85 -31.03 -41.75
C ARG D 2 -43.42 -30.97 -41.19
N GLY D 3 -43.29 -31.09 -39.87
CA GLY D 3 -41.99 -31.02 -39.22
C GLY D 3 -40.90 -31.88 -39.84
N VAL D 4 -39.68 -31.34 -39.89
CA VAL D 4 -38.57 -32.08 -40.48
C VAL D 4 -38.19 -33.29 -39.64
N SER D 5 -38.74 -33.39 -38.44
CA SER D 5 -38.43 -34.51 -37.58
C SER D 5 -39.70 -35.30 -37.25
N THR D 6 -40.58 -35.43 -38.24
CA THR D 6 -41.84 -36.14 -38.08
C THR D 6 -41.70 -37.63 -38.37
N PHE D 7 -42.49 -38.43 -37.65
CA PHE D 7 -42.50 -39.87 -37.84
C PHE D 7 -43.60 -40.24 -38.83
N SER D 8 -43.36 -41.28 -39.61
CA SER D 8 -44.35 -41.75 -40.56
C SER D 8 -45.20 -42.73 -39.76
N PRO D 9 -46.35 -43.14 -40.30
CA PRO D 9 -47.18 -44.09 -39.56
C PRO D 9 -46.48 -45.44 -39.34
N GLU D 10 -45.42 -45.70 -40.10
CA GLU D 10 -44.69 -46.95 -39.97
C GLU D 10 -43.54 -46.88 -38.98
N GLY D 11 -43.35 -45.73 -38.36
CA GLY D 11 -42.28 -45.60 -37.38
C GLY D 11 -40.93 -45.16 -37.89
N ARG D 12 -40.92 -44.52 -39.06
CA ARG D 12 -39.67 -44.04 -39.64
C ARG D 12 -39.70 -42.51 -39.73
N LEU D 13 -38.54 -41.91 -39.91
CA LEU D 13 -38.44 -40.46 -40.05
C LEU D 13 -38.37 -40.09 -41.51
N PHE D 14 -39.41 -39.42 -41.99
CA PHE D 14 -39.50 -38.98 -43.38
C PHE D 14 -38.22 -38.42 -43.95
N GLN D 15 -37.72 -37.33 -43.40
CA GLN D 15 -36.49 -36.74 -43.91
C GLN D 15 -35.33 -37.74 -44.03
N VAL D 16 -35.17 -38.61 -43.05
CA VAL D 16 -34.09 -39.59 -43.10
C VAL D 16 -34.30 -40.54 -44.26
N GLU D 17 -35.53 -41.05 -44.39
CA GLU D 17 -35.85 -41.96 -45.47
C GLU D 17 -35.60 -41.31 -46.84
N TYR D 18 -36.12 -40.10 -47.04
CA TYR D 18 -35.92 -39.41 -48.30
C TYR D 18 -34.44 -39.19 -48.52
N SER D 19 -33.71 -39.01 -47.43
CA SER D 19 -32.27 -38.80 -47.52
C SER D 19 -31.62 -40.02 -48.19
N LEU D 20 -31.99 -41.21 -47.73
CA LEU D 20 -31.46 -42.45 -48.29
C LEU D 20 -31.69 -42.52 -49.80
N GLU D 21 -32.83 -42.00 -50.25
CA GLU D 21 -33.14 -42.00 -51.68
C GLU D 21 -32.11 -41.22 -52.47
N ALA D 22 -31.74 -40.03 -51.99
CA ALA D 22 -30.75 -39.23 -52.70
C ALA D 22 -29.44 -39.99 -52.77
N ILE D 23 -29.17 -40.83 -51.78
CA ILE D 23 -27.95 -41.61 -51.76
C ILE D 23 -27.93 -42.68 -52.87
N LYS D 24 -29.09 -43.26 -53.15
CA LYS D 24 -29.20 -44.27 -54.19
C LYS D 24 -28.81 -43.67 -55.54
N LEU D 25 -29.06 -42.37 -55.72
CA LEU D 25 -28.74 -41.69 -56.97
C LEU D 25 -27.27 -41.29 -57.08
N GLY D 26 -26.49 -41.63 -56.05
CA GLY D 26 -25.08 -41.25 -56.05
C GLY D 26 -24.15 -42.14 -56.84
N SER D 27 -22.90 -41.69 -57.00
CA SER D 27 -21.86 -42.45 -57.71
C SER D 27 -21.55 -43.69 -56.91
N THR D 28 -21.27 -44.80 -57.60
CA THR D 28 -20.97 -46.03 -56.90
C THR D 28 -19.71 -45.93 -56.05
N ALA D 29 -19.73 -46.64 -54.94
CA ALA D 29 -18.63 -46.69 -54.00
C ALA D 29 -18.59 -48.11 -53.46
N ILE D 30 -17.40 -48.67 -53.36
CA ILE D 30 -17.24 -50.04 -52.88
C ILE D 30 -16.04 -50.17 -51.95
N GLY D 31 -16.21 -50.97 -50.89
CA GLY D 31 -15.15 -51.21 -49.94
C GLY D 31 -15.01 -52.70 -49.68
N ILE D 32 -13.76 -53.18 -49.65
CA ILE D 32 -13.49 -54.59 -49.40
C ILE D 32 -12.38 -54.75 -48.36
N ALA D 33 -12.70 -55.43 -47.27
CA ALA D 33 -11.73 -55.67 -46.20
C ALA D 33 -11.09 -57.05 -46.31
N THR D 34 -9.77 -57.10 -46.13
CA THR D 34 -9.03 -58.36 -46.20
C THR D 34 -8.01 -58.34 -45.07
N LYS D 35 -7.54 -59.52 -44.63
CA LYS D 35 -6.56 -59.59 -43.56
C LYS D 35 -5.26 -58.87 -43.93
N GLU D 36 -5.20 -58.33 -45.13
CA GLU D 36 -4.02 -57.60 -45.62
C GLU D 36 -4.30 -56.11 -45.76
N GLY D 37 -5.53 -55.71 -45.48
CA GLY D 37 -5.87 -54.31 -45.59
C GLY D 37 -7.26 -54.12 -46.18
N VAL D 38 -7.67 -52.87 -46.35
CA VAL D 38 -8.97 -52.59 -46.90
C VAL D 38 -8.82 -51.78 -48.16
N VAL D 39 -9.66 -52.09 -49.16
CA VAL D 39 -9.63 -51.37 -50.43
C VAL D 39 -10.91 -50.54 -50.57
N LEU D 40 -10.75 -49.33 -51.06
CA LEU D 40 -11.86 -48.42 -51.24
C LEU D 40 -11.83 -47.91 -52.68
N GLY D 41 -12.88 -48.20 -53.44
CA GLY D 41 -12.96 -47.76 -54.82
C GLY D 41 -14.24 -47.00 -55.07
N VAL D 42 -14.19 -46.04 -55.98
CA VAL D 42 -15.34 -45.21 -56.29
C VAL D 42 -15.46 -44.82 -57.77
N GLU D 43 -16.68 -44.55 -58.20
CA GLU D 43 -16.93 -44.10 -59.57
C GLU D 43 -16.81 -42.57 -59.62
N LYS D 44 -15.90 -42.05 -60.43
CA LYS D 44 -15.73 -40.60 -60.55
C LYS D 44 -17.01 -39.98 -61.10
N ARG D 45 -17.35 -40.37 -62.33
CA ARG D 45 -18.54 -39.87 -63.01
C ARG D 45 -18.49 -38.38 -63.36
N ALA D 46 -17.78 -38.06 -64.43
CA ALA D 46 -17.66 -36.68 -64.90
C ALA D 46 -18.90 -36.34 -65.76
N THR D 47 -19.49 -35.18 -65.50
CA THR D 47 -20.67 -34.76 -66.25
C THR D 47 -20.33 -34.14 -67.60
N SER D 48 -19.05 -34.16 -67.96
CA SER D 48 -18.59 -33.58 -69.23
C SER D 48 -17.10 -33.88 -69.43
N PRO D 49 -16.64 -33.91 -70.68
CA PRO D 49 -15.24 -34.20 -70.98
C PRO D 49 -14.28 -33.06 -70.61
N LEU D 50 -14.83 -31.85 -70.46
CA LEU D 50 -14.00 -30.71 -70.11
C LEU D 50 -13.63 -30.67 -68.63
N LEU D 51 -14.37 -31.44 -67.83
CA LEU D 51 -14.15 -31.52 -66.38
C LEU D 51 -12.91 -32.34 -66.07
N GLU D 52 -11.89 -31.70 -65.51
CA GLU D 52 -10.66 -32.38 -65.16
C GLU D 52 -10.94 -33.45 -64.09
N SER D 53 -11.22 -34.66 -64.55
CA SER D 53 -11.56 -35.79 -63.69
C SER D 53 -10.76 -35.98 -62.41
N ASP D 54 -9.53 -35.46 -62.35
CA ASP D 54 -8.76 -35.65 -61.13
C ASP D 54 -9.04 -34.61 -60.05
N SER D 55 -10.05 -33.77 -60.28
CA SER D 55 -10.44 -32.77 -59.30
C SER D 55 -11.69 -33.32 -58.60
N ILE D 56 -12.00 -34.58 -58.89
CA ILE D 56 -13.14 -35.26 -58.28
C ILE D 56 -12.59 -36.02 -57.10
N GLU D 57 -12.92 -35.54 -55.90
CA GLU D 57 -12.44 -36.13 -54.66
C GLU D 57 -13.52 -36.83 -53.85
N LYS D 58 -13.72 -38.11 -54.12
CA LYS D 58 -14.74 -38.86 -53.40
C LYS D 58 -14.14 -39.86 -52.44
N ILE D 59 -12.82 -39.83 -52.33
CA ILE D 59 -12.08 -40.67 -51.41
C ILE D 59 -11.15 -39.72 -50.66
N VAL D 60 -11.26 -39.67 -49.34
CA VAL D 60 -10.43 -38.76 -48.57
C VAL D 60 -9.87 -39.42 -47.32
N GLU D 61 -8.78 -38.82 -46.82
CA GLU D 61 -8.11 -39.30 -45.62
C GLU D 61 -8.64 -38.61 -44.35
N ILE D 62 -8.96 -39.42 -43.34
CA ILE D 62 -9.41 -38.93 -42.05
C ILE D 62 -8.17 -38.78 -41.20
N ASP D 63 -7.38 -39.86 -41.16
CA ASP D 63 -6.10 -39.90 -40.45
C ASP D 63 -5.21 -40.89 -41.21
N ARG D 64 -3.95 -41.07 -40.77
CA ARG D 64 -3.04 -41.97 -41.46
C ARG D 64 -3.48 -43.44 -41.46
N HIS D 65 -4.37 -43.80 -40.55
CA HIS D 65 -4.86 -45.17 -40.46
C HIS D 65 -6.35 -45.24 -40.76
N ILE D 66 -6.91 -44.16 -41.30
CA ILE D 66 -8.34 -44.11 -41.60
C ILE D 66 -8.65 -43.26 -42.84
N GLY D 67 -9.41 -43.83 -43.77
CA GLY D 67 -9.82 -43.13 -44.98
C GLY D 67 -11.28 -43.42 -45.22
N CYS D 68 -11.94 -42.68 -46.09
CA CYS D 68 -13.35 -42.98 -46.34
C CYS D 68 -13.82 -42.59 -47.73
N ALA D 69 -14.86 -43.28 -48.18
CA ALA D 69 -15.47 -43.06 -49.48
C ALA D 69 -16.90 -42.55 -49.24
N MET D 70 -17.33 -41.65 -50.10
CA MET D 70 -18.66 -41.06 -49.98
C MET D 70 -19.53 -41.26 -51.20
N SER D 71 -20.84 -41.27 -50.99
CA SER D 71 -21.81 -41.43 -52.08
C SER D 71 -23.09 -40.64 -51.77
N GLY D 72 -23.54 -39.84 -52.73
CA GLY D 72 -24.74 -39.04 -52.52
C GLY D 72 -24.42 -37.58 -52.77
N LEU D 73 -25.07 -36.69 -52.02
CA LEU D 73 -24.79 -35.26 -52.20
C LEU D 73 -23.44 -35.01 -51.54
N THR D 74 -22.38 -35.25 -52.29
CA THR D 74 -21.01 -35.11 -51.80
C THR D 74 -20.61 -33.80 -51.11
N ALA D 75 -21.27 -32.69 -51.46
CA ALA D 75 -20.94 -31.42 -50.81
C ALA D 75 -21.29 -31.48 -49.32
N ASP D 76 -22.25 -32.34 -48.96
CA ASP D 76 -22.69 -32.50 -47.57
C ASP D 76 -21.63 -33.18 -46.71
N ALA D 77 -20.71 -33.90 -47.34
CA ALA D 77 -19.69 -34.63 -46.60
C ALA D 77 -18.53 -33.78 -46.10
N ARG D 78 -18.41 -32.55 -46.58
CA ARG D 78 -17.30 -31.72 -46.14
C ARG D 78 -17.27 -31.49 -44.63
N SER D 79 -18.38 -31.05 -44.05
CA SER D 79 -18.41 -30.82 -42.61
C SER D 79 -18.25 -32.14 -41.84
N MET D 80 -18.69 -33.24 -42.43
CA MET D 80 -18.56 -34.54 -41.79
C MET D 80 -17.09 -34.95 -41.69
N ILE D 81 -16.33 -34.65 -42.74
CA ILE D 81 -14.91 -34.99 -42.80
C ILE D 81 -14.10 -34.12 -41.84
N GLU D 82 -14.43 -32.83 -41.81
CA GLU D 82 -13.77 -31.88 -40.92
C GLU D 82 -13.95 -32.39 -39.50
N HIS D 83 -15.17 -32.78 -39.18
CA HIS D 83 -15.47 -33.28 -37.86
C HIS D 83 -14.69 -34.57 -37.59
N ALA D 84 -14.67 -35.48 -38.56
CA ALA D 84 -13.95 -36.75 -38.38
C ALA D 84 -12.46 -36.52 -38.18
N ARG D 85 -11.86 -35.64 -38.96
CA ARG D 85 -10.44 -35.36 -38.84
C ARG D 85 -10.13 -34.71 -37.49
N THR D 86 -10.97 -33.76 -37.10
CA THR D 86 -10.78 -33.07 -35.84
C THR D 86 -10.87 -34.05 -34.69
N ALA D 87 -11.81 -34.99 -34.77
CA ALA D 87 -11.97 -35.98 -33.71
C ALA D 87 -10.76 -36.89 -33.67
N ALA D 88 -10.26 -37.31 -34.83
CA ALA D 88 -9.11 -38.19 -34.88
C ALA D 88 -7.86 -37.52 -34.31
N VAL D 89 -7.62 -36.26 -34.70
CA VAL D 89 -6.46 -35.52 -34.21
C VAL D 89 -6.60 -35.13 -32.74
N THR D 90 -7.81 -34.79 -32.33
CA THR D 90 -8.06 -34.41 -30.95
C THR D 90 -7.87 -35.58 -29.99
N HIS D 91 -8.28 -36.78 -30.41
CA HIS D 91 -8.11 -37.94 -29.54
C HIS D 91 -6.62 -38.16 -29.29
N ASN D 92 -5.83 -37.89 -30.31
CA ASN D 92 -4.40 -38.08 -30.22
C ASN D 92 -3.80 -37.05 -29.26
N LEU D 93 -4.30 -35.82 -29.35
CA LEU D 93 -3.84 -34.74 -28.50
C LEU D 93 -4.13 -35.00 -27.02
N TYR D 94 -5.32 -35.53 -26.73
CA TYR D 94 -5.74 -35.82 -25.36
C TYR D 94 -5.32 -37.17 -24.80
N TYR D 95 -5.16 -38.18 -25.65
CA TYR D 95 -4.80 -39.50 -25.14
C TYR D 95 -3.46 -40.05 -25.57
N ASP D 96 -2.76 -39.30 -26.41
CA ASP D 96 -1.46 -39.74 -26.87
C ASP D 96 -1.54 -41.12 -27.52
N GLU D 97 -2.54 -41.32 -28.38
CA GLU D 97 -2.73 -42.58 -29.08
C GLU D 97 -3.64 -42.32 -30.26
N ASP D 98 -3.70 -43.26 -31.21
CA ASP D 98 -4.57 -43.09 -32.37
C ASP D 98 -5.99 -43.42 -31.95
N ILE D 99 -6.96 -42.91 -32.70
CA ILE D 99 -8.35 -43.17 -32.39
C ILE D 99 -8.78 -44.49 -33.02
N ASN D 100 -9.59 -45.28 -32.31
CA ASN D 100 -10.06 -46.55 -32.86
C ASN D 100 -11.04 -46.27 -33.98
N VAL D 101 -10.93 -47.02 -35.06
CA VAL D 101 -11.79 -46.84 -36.22
C VAL D 101 -13.26 -46.83 -35.85
N GLU D 102 -13.64 -47.70 -34.93
CA GLU D 102 -15.04 -47.79 -34.51
C GLU D 102 -15.52 -46.50 -33.85
N SER D 103 -14.70 -45.93 -32.97
CA SER D 103 -15.05 -44.70 -32.27
C SER D 103 -15.18 -43.55 -33.26
N LEU D 104 -14.20 -43.43 -34.17
CA LEU D 104 -14.23 -42.39 -35.18
C LEU D 104 -15.55 -42.47 -35.95
N THR D 105 -15.98 -43.69 -36.26
CA THR D 105 -17.22 -43.87 -36.98
C THR D 105 -18.41 -43.44 -36.13
N GLN D 106 -18.41 -43.86 -34.87
CA GLN D 106 -19.48 -43.52 -33.93
C GLN D 106 -19.58 -42.00 -33.79
N SER D 107 -18.44 -41.33 -33.80
CA SER D 107 -18.37 -39.88 -33.69
C SER D 107 -19.06 -39.22 -34.87
N VAL D 108 -18.77 -39.71 -36.07
CA VAL D 108 -19.38 -39.15 -37.28
C VAL D 108 -20.89 -39.34 -37.25
N CYS D 109 -21.31 -40.51 -36.82
CA CYS D 109 -22.74 -40.83 -36.74
C CYS D 109 -23.49 -39.99 -35.73
N ASP D 110 -22.81 -39.48 -34.72
CA ASP D 110 -23.46 -38.65 -33.73
C ASP D 110 -23.98 -37.31 -34.28
N LEU D 111 -23.40 -36.84 -35.37
CA LEU D 111 -23.85 -35.61 -35.99
C LEU D 111 -25.12 -35.87 -36.76
N ALA D 112 -25.23 -37.09 -37.26
CA ALA D 112 -26.37 -37.51 -38.06
C ALA D 112 -27.70 -36.90 -37.70
N LEU D 113 -28.28 -37.32 -36.56
CA LEU D 113 -29.60 -36.81 -36.18
C LEU D 113 -29.64 -35.39 -35.58
N ARG D 114 -28.51 -34.67 -35.66
CA ARG D 114 -28.45 -33.31 -35.13
C ARG D 114 -29.15 -32.30 -36.03
N PHE D 115 -30.34 -32.62 -36.49
CA PHE D 115 -31.09 -31.70 -37.33
C PHE D 115 -32.47 -31.43 -36.74
N GLY D 116 -33.19 -30.51 -37.36
CA GLY D 116 -34.53 -30.16 -36.89
C GLY D 116 -34.77 -28.67 -36.81
N GLU D 117 -36.00 -28.29 -36.46
CA GLU D 117 -36.38 -26.88 -36.32
C GLU D 117 -36.57 -26.52 -34.84
N GLY D 118 -36.07 -27.39 -33.95
CA GLY D 118 -36.19 -27.18 -32.52
C GLY D 118 -36.48 -28.43 -31.71
N ALA D 119 -35.69 -29.49 -31.94
CA ALA D 119 -35.87 -30.76 -31.23
C ALA D 119 -35.36 -30.69 -29.79
N SER D 120 -36.28 -30.86 -28.84
CA SER D 120 -35.99 -30.81 -27.40
C SER D 120 -35.08 -31.93 -26.87
N GLY D 121 -33.78 -31.67 -26.81
CA GLY D 121 -32.83 -32.67 -26.32
C GLY D 121 -31.43 -32.11 -26.17
N GLU D 122 -31.21 -30.97 -26.81
CA GLU D 122 -29.93 -30.28 -26.80
C GLU D 122 -30.11 -29.05 -27.71
N GLU D 123 -29.20 -28.86 -28.66
CA GLU D 123 -29.33 -27.74 -29.58
C GLU D 123 -28.96 -28.16 -30.99
N ARG D 124 -29.80 -29.03 -31.57
CA ARG D 124 -29.57 -29.52 -32.92
C ARG D 124 -29.86 -28.50 -34.00
N LEU D 125 -28.83 -27.77 -34.41
CA LEU D 125 -28.99 -26.77 -35.45
C LEU D 125 -28.39 -27.31 -36.76
N MET D 126 -29.30 -27.65 -37.67
CA MET D 126 -29.01 -28.18 -39.00
C MET D 126 -30.44 -28.36 -39.47
N SER D 127 -30.79 -27.75 -40.61
CA SER D 127 -32.16 -27.79 -41.09
C SER D 127 -32.63 -29.11 -41.70
N ARG D 128 -31.70 -29.98 -42.03
CA ARG D 128 -32.05 -31.27 -42.64
C ARG D 128 -30.96 -32.27 -42.40
N PRO D 129 -31.25 -33.56 -42.64
CA PRO D 129 -30.25 -34.62 -42.43
C PRO D 129 -29.22 -34.49 -43.55
N PHE D 130 -28.12 -35.23 -43.43
CA PHE D 130 -27.08 -35.22 -44.45
C PHE D 130 -27.58 -36.05 -45.63
N GLY D 131 -27.15 -35.70 -46.83
CA GLY D 131 -27.56 -36.45 -48.01
C GLY D 131 -26.44 -37.27 -48.63
N VAL D 132 -25.59 -37.84 -47.77
CA VAL D 132 -24.46 -38.62 -48.25
C VAL D 132 -24.14 -39.74 -47.28
N ALA D 133 -23.73 -40.90 -47.80
CA ALA D 133 -23.37 -42.02 -46.95
C ALA D 133 -21.85 -42.14 -47.02
N LEU D 134 -21.27 -42.88 -46.09
CA LEU D 134 -19.83 -43.02 -46.07
C LEU D 134 -19.38 -44.44 -45.76
N LEU D 135 -18.24 -44.80 -46.33
CA LEU D 135 -17.62 -46.08 -46.06
C LEU D 135 -16.33 -45.67 -45.39
N ILE D 136 -16.23 -45.98 -44.11
CA ILE D 136 -15.04 -45.62 -43.38
C ILE D 136 -14.19 -46.85 -43.24
N ALA D 137 -12.98 -46.77 -43.77
CA ALA D 137 -12.03 -47.87 -43.73
C ALA D 137 -10.74 -47.50 -42.98
N GLY D 138 -10.23 -48.44 -42.19
CA GLY D 138 -9.01 -48.19 -41.47
C GLY D 138 -8.46 -49.37 -40.71
N HIS D 139 -7.49 -49.09 -39.85
CA HIS D 139 -6.85 -50.10 -39.03
C HIS D 139 -6.47 -49.56 -37.65
N ASP D 140 -6.61 -50.39 -36.64
CA ASP D 140 -6.21 -50.02 -35.29
C ASP D 140 -5.79 -51.30 -34.58
N ALA D 141 -4.88 -51.16 -33.62
CA ALA D 141 -4.35 -52.31 -32.89
C ALA D 141 -5.37 -53.18 -32.15
N ASP D 142 -6.59 -52.69 -31.96
CA ASP D 142 -7.57 -53.50 -31.23
C ASP D 142 -8.39 -54.46 -32.08
N ASP D 143 -8.86 -54.02 -33.24
CA ASP D 143 -9.67 -54.88 -34.10
C ASP D 143 -9.14 -55.01 -35.53
N GLY D 144 -7.90 -54.63 -35.74
CA GLY D 144 -7.31 -54.71 -37.07
C GLY D 144 -8.03 -53.93 -38.14
N TYR D 145 -8.06 -54.49 -39.35
CA TYR D 145 -8.70 -53.84 -40.48
C TYR D 145 -10.21 -53.86 -40.33
N GLN D 146 -10.81 -52.69 -40.54
CA GLN D 146 -12.25 -52.54 -40.42
C GLN D 146 -12.86 -51.68 -41.51
N LEU D 147 -14.08 -52.04 -41.89
CA LEU D 147 -14.84 -51.32 -42.90
C LEU D 147 -16.18 -51.01 -42.28
N PHE D 148 -16.57 -49.73 -42.33
CA PHE D 148 -17.84 -49.31 -41.75
C PHE D 148 -18.69 -48.56 -42.75
N HIS D 149 -20.00 -48.71 -42.60
CA HIS D 149 -20.96 -48.02 -43.43
C HIS D 149 -21.74 -47.10 -42.49
N ALA D 150 -21.64 -45.80 -42.73
CA ALA D 150 -22.33 -44.81 -41.90
C ALA D 150 -23.39 -44.08 -42.71
N GLU D 151 -24.63 -44.13 -42.24
CA GLU D 151 -25.74 -43.49 -42.95
C GLU D 151 -26.29 -42.30 -42.18
N PRO D 152 -26.98 -41.38 -42.88
CA PRO D 152 -27.57 -40.17 -42.29
C PRO D 152 -28.60 -40.48 -41.22
N SER D 153 -28.79 -41.77 -40.94
CA SER D 153 -29.74 -42.20 -39.93
C SER D 153 -29.09 -42.15 -38.56
N GLY D 154 -27.76 -42.19 -38.55
CA GLY D 154 -27.05 -42.15 -37.28
C GLY D 154 -26.56 -43.53 -36.91
N THR D 155 -26.98 -44.51 -37.70
CA THR D 155 -26.57 -45.89 -37.46
C THR D 155 -25.39 -46.23 -38.38
N PHE D 156 -24.63 -47.25 -37.98
CA PHE D 156 -23.51 -47.67 -38.79
C PHE D 156 -23.28 -49.15 -38.56
N TYR D 157 -22.88 -49.82 -39.63
CA TYR D 157 -22.63 -51.26 -39.60
C TYR D 157 -21.21 -51.55 -40.03
N ARG D 158 -20.69 -52.69 -39.60
CA ARG D 158 -19.36 -53.12 -39.99
C ARG D 158 -19.59 -54.14 -41.10
N TYR D 159 -18.83 -54.03 -42.19
CA TYR D 159 -18.97 -54.94 -43.32
C TYR D 159 -17.63 -55.53 -43.77
N ASN D 160 -17.67 -56.77 -44.26
CA ASN D 160 -16.47 -57.42 -44.79
C ASN D 160 -16.28 -56.84 -46.19
N ALA D 161 -17.41 -56.46 -46.79
CA ALA D 161 -17.44 -55.86 -48.11
C ALA D 161 -18.79 -55.15 -48.21
N LYS D 162 -18.80 -53.98 -48.84
CA LYS D 162 -20.04 -53.22 -48.96
C LYS D 162 -19.99 -52.25 -50.12
N ALA D 163 -21.12 -52.13 -50.82
CA ALA D 163 -21.23 -51.22 -51.95
C ALA D 163 -22.42 -50.28 -51.72
N ILE D 164 -22.21 -49.00 -52.03
CA ILE D 164 -23.26 -48.01 -51.86
C ILE D 164 -23.31 -47.14 -53.11
N GLY D 165 -24.50 -46.60 -53.39
CA GLY D 165 -24.66 -45.77 -54.56
C GLY D 165 -25.57 -46.35 -55.63
N SER D 166 -25.48 -45.83 -56.84
CA SER D 166 -26.31 -46.27 -57.95
C SER D 166 -26.42 -47.78 -58.16
N GLY D 167 -25.32 -48.44 -58.50
CA GLY D 167 -25.41 -49.86 -58.75
C GLY D 167 -25.22 -50.79 -57.55
N SER D 168 -25.45 -50.26 -56.35
CA SER D 168 -25.24 -51.05 -55.13
C SER D 168 -25.97 -52.37 -54.97
N GLU D 169 -27.29 -52.40 -55.14
CA GLU D 169 -28.04 -53.64 -54.95
C GLU D 169 -27.44 -54.78 -55.76
N GLY D 170 -26.98 -54.48 -56.97
CA GLY D 170 -26.37 -55.50 -57.79
C GLY D 170 -24.98 -55.81 -57.27
N ALA D 171 -24.17 -54.77 -57.09
CA ALA D 171 -22.81 -54.95 -56.62
C ALA D 171 -22.73 -55.69 -55.29
N GLN D 172 -23.68 -55.43 -54.41
CA GLN D 172 -23.69 -56.08 -53.10
C GLN D 172 -23.98 -57.55 -53.28
N ALA D 173 -24.84 -57.87 -54.24
CA ALA D 173 -25.20 -59.25 -54.53
C ALA D 173 -23.95 -59.96 -55.01
N GLU D 174 -23.17 -59.27 -55.84
CA GLU D 174 -21.93 -59.81 -56.36
C GLU D 174 -21.02 -60.10 -55.17
N LEU D 175 -20.76 -59.08 -54.35
CA LEU D 175 -19.90 -59.20 -53.18
C LEU D 175 -20.30 -60.34 -52.28
N LEU D 176 -21.61 -60.58 -52.21
CA LEU D 176 -22.11 -61.67 -51.38
C LEU D 176 -21.49 -63.00 -51.81
N ASN D 177 -21.15 -63.11 -53.10
CA ASN D 177 -20.58 -64.34 -53.64
C ASN D 177 -19.05 -64.33 -53.69
N GLU D 178 -18.50 -63.29 -54.29
CA GLU D 178 -17.05 -63.16 -54.44
C GLU D 178 -16.22 -63.12 -53.16
N TRP D 179 -16.72 -62.47 -52.12
CA TRP D 179 -15.98 -62.33 -50.86
C TRP D 179 -15.82 -63.59 -50.02
N HIS D 180 -14.64 -63.71 -49.44
CA HIS D 180 -14.31 -64.83 -48.56
C HIS D 180 -13.15 -64.40 -47.63
N SER D 181 -13.17 -64.94 -46.42
CA SER D 181 -12.19 -64.62 -45.38
C SER D 181 -10.71 -64.81 -45.68
N SER D 182 -10.34 -65.10 -46.91
CA SER D 182 -8.93 -65.29 -47.22
C SER D 182 -8.43 -64.47 -48.41
N LEU D 183 -9.28 -63.58 -48.90
CA LEU D 183 -8.89 -62.72 -50.02
C LEU D 183 -7.57 -62.02 -49.73
N THR D 184 -6.84 -61.68 -50.78
CA THR D 184 -5.59 -60.97 -50.61
C THR D 184 -5.90 -59.54 -51.01
N LEU D 185 -5.01 -58.61 -50.68
CA LEU D 185 -5.25 -57.23 -51.04
C LEU D 185 -5.42 -57.11 -52.54
N LYS D 186 -4.53 -57.77 -53.27
CA LYS D 186 -4.59 -57.75 -54.73
C LYS D 186 -5.91 -58.31 -55.23
N GLU D 187 -6.36 -59.41 -54.63
CA GLU D 187 -7.63 -60.03 -55.02
C GLU D 187 -8.77 -59.06 -54.80
N ALA D 188 -8.76 -58.35 -53.68
CA ALA D 188 -9.80 -57.37 -53.37
C ALA D 188 -9.76 -56.22 -54.36
N GLU D 189 -8.57 -55.83 -54.78
CA GLU D 189 -8.40 -54.74 -55.74
C GLU D 189 -9.11 -55.05 -57.06
N LEU D 190 -8.77 -56.20 -57.65
CA LEU D 190 -9.38 -56.60 -58.92
C LEU D 190 -10.88 -56.77 -58.77
N LEU D 191 -11.31 -57.29 -57.62
CA LEU D 191 -12.73 -57.50 -57.37
C LEU D 191 -13.47 -56.15 -57.38
N VAL D 192 -12.90 -55.15 -56.71
CA VAL D 192 -13.49 -53.82 -56.66
C VAL D 192 -13.60 -53.26 -58.07
N LEU D 193 -12.49 -53.31 -58.78
CA LEU D 193 -12.40 -52.83 -60.16
C LEU D 193 -13.38 -53.57 -61.08
N LYS D 194 -13.54 -54.87 -60.86
CA LYS D 194 -14.45 -55.66 -61.67
C LYS D 194 -15.90 -55.25 -61.42
N ILE D 195 -16.32 -55.18 -60.16
CA ILE D 195 -17.70 -54.79 -59.84
C ILE D 195 -18.02 -53.38 -60.33
N LEU D 196 -17.07 -52.47 -60.18
CA LEU D 196 -17.26 -51.10 -60.63
C LEU D 196 -17.50 -51.12 -62.12
N LYS D 197 -16.67 -51.87 -62.83
CA LYS D 197 -16.76 -52.01 -64.27
C LYS D 197 -18.16 -52.45 -64.70
N GLN D 198 -18.70 -53.44 -64.00
CA GLN D 198 -20.04 -53.95 -64.30
C GLN D 198 -21.15 -52.91 -64.17
N VAL D 199 -21.25 -52.28 -62.99
CA VAL D 199 -22.30 -51.29 -62.74
C VAL D 199 -22.12 -49.92 -63.36
N MET D 200 -20.90 -49.54 -63.67
CA MET D 200 -20.68 -48.22 -64.27
C MET D 200 -21.20 -48.12 -65.69
N GLU D 201 -21.95 -47.05 -65.95
CA GLU D 201 -22.48 -46.80 -67.27
C GLU D 201 -21.30 -46.60 -68.21
N GLU D 202 -20.25 -45.98 -67.71
CA GLU D 202 -19.06 -45.72 -68.50
C GLU D 202 -18.07 -46.87 -68.54
N LYS D 203 -17.22 -46.87 -69.56
CA LYS D 203 -16.21 -47.90 -69.68
C LYS D 203 -15.14 -47.56 -68.66
N LEU D 204 -15.08 -48.34 -67.59
CA LEU D 204 -14.12 -48.11 -66.51
C LEU D 204 -12.68 -47.98 -66.98
N ASP D 205 -12.07 -46.84 -66.71
CA ASP D 205 -10.67 -46.58 -67.05
C ASP D 205 -10.04 -45.89 -65.84
N GLU D 206 -8.75 -45.62 -65.89
CA GLU D 206 -8.11 -44.99 -64.74
C GLU D 206 -8.48 -43.53 -64.56
N ASN D 207 -9.52 -43.07 -65.25
CA ASN D 207 -9.95 -41.68 -65.13
C ASN D 207 -11.35 -41.47 -64.62
N ASN D 208 -12.20 -42.49 -64.70
CA ASN D 208 -13.56 -42.35 -64.20
C ASN D 208 -13.76 -43.29 -63.01
N ALA D 209 -12.65 -43.79 -62.50
CA ALA D 209 -12.66 -44.69 -61.34
C ALA D 209 -11.36 -44.47 -60.57
N GLN D 210 -11.42 -44.65 -59.25
CA GLN D 210 -10.25 -44.43 -58.42
C GLN D 210 -10.17 -45.46 -57.31
N LEU D 211 -8.96 -45.96 -57.09
CA LEU D 211 -8.71 -46.95 -56.05
C LEU D 211 -7.79 -46.40 -54.98
N SER D 212 -7.89 -47.01 -53.80
CA SER D 212 -7.08 -46.63 -52.66
C SER D 212 -7.18 -47.78 -51.67
N CYS D 213 -6.33 -47.75 -50.66
CA CYS D 213 -6.34 -48.79 -49.63
C CYS D 213 -5.71 -48.27 -48.35
N ILE D 214 -5.87 -49.06 -47.29
CA ILE D 214 -5.28 -48.72 -46.03
C ILE D 214 -4.64 -49.99 -45.48
N THR D 215 -3.35 -49.91 -45.18
CA THR D 215 -2.60 -51.03 -44.63
C THR D 215 -1.88 -50.55 -43.38
N LYS D 216 -1.70 -51.46 -42.43
CA LYS D 216 -1.03 -51.13 -41.17
C LYS D 216 0.36 -50.57 -41.42
N GLN D 217 1.01 -51.03 -42.48
CA GLN D 217 2.35 -50.56 -42.77
C GLN D 217 2.45 -49.18 -43.39
N ASP D 218 1.66 -48.88 -44.40
CA ASP D 218 1.77 -47.57 -45.04
C ASP D 218 0.57 -46.65 -44.86
N GLY D 219 -0.39 -47.09 -44.06
CA GLY D 219 -1.57 -46.29 -43.81
C GLY D 219 -2.47 -46.13 -45.02
N PHE D 220 -3.23 -45.05 -45.03
CA PHE D 220 -4.16 -44.77 -46.12
C PHE D 220 -3.45 -44.11 -47.30
N LYS D 221 -3.63 -44.67 -48.49
CA LYS D 221 -3.02 -44.17 -49.71
C LYS D 221 -3.99 -44.24 -50.87
N ILE D 222 -3.98 -43.23 -51.73
CA ILE D 222 -4.85 -43.23 -52.89
C ILE D 222 -3.99 -43.55 -54.11
N TYR D 223 -4.25 -44.68 -54.76
CA TYR D 223 -3.48 -45.10 -55.93
C TYR D 223 -3.51 -44.04 -57.04
N ASP D 224 -2.36 -43.74 -57.62
CA ASP D 224 -2.32 -42.77 -58.70
C ASP D 224 -2.78 -43.47 -59.99
N ASN D 225 -3.23 -42.68 -60.95
CA ASN D 225 -3.73 -43.22 -62.21
C ASN D 225 -2.87 -44.29 -62.86
N GLU D 226 -1.55 -44.08 -62.87
CA GLU D 226 -0.65 -45.04 -63.48
C GLU D 226 -0.78 -46.40 -62.79
N LYS D 227 -0.76 -46.40 -61.46
CA LYS D 227 -0.90 -47.65 -60.71
C LYS D 227 -2.22 -48.34 -60.99
N THR D 228 -3.30 -47.56 -61.04
CA THR D 228 -4.63 -48.11 -61.28
C THR D 228 -4.82 -48.61 -62.71
N ALA D 229 -4.26 -47.89 -63.67
CA ALA D 229 -4.39 -48.28 -65.07
C ALA D 229 -3.85 -49.70 -65.27
N GLU D 230 -2.73 -50.01 -64.61
CA GLU D 230 -2.11 -51.32 -64.71
C GLU D 230 -2.95 -52.40 -64.05
N LEU D 231 -3.67 -52.04 -62.99
CA LEU D 231 -4.53 -53.01 -62.31
C LEU D 231 -5.75 -53.29 -63.18
N ILE D 232 -6.12 -52.29 -63.97
CA ILE D 232 -7.27 -52.41 -64.85
C ILE D 232 -6.89 -53.39 -65.97
N LYS D 233 -5.74 -53.15 -66.59
CA LYS D 233 -5.22 -54.01 -67.66
C LYS D 233 -5.11 -55.44 -67.16
N GLU D 234 -4.56 -55.59 -65.95
CA GLU D 234 -4.38 -56.89 -65.33
C GLU D 234 -5.72 -57.61 -65.18
N LEU D 235 -6.79 -56.83 -65.06
CA LEU D 235 -8.15 -57.38 -64.88
C LEU D 235 -8.68 -57.91 -66.20
N LYS D 236 -8.66 -57.06 -67.22
CA LYS D 236 -9.12 -57.38 -68.55
C LYS D 236 -8.52 -58.69 -69.05
N GLU D 237 -7.27 -58.91 -68.69
CA GLU D 237 -6.55 -60.12 -69.09
C GLU D 237 -7.07 -61.35 -68.38
N LYS D 238 -7.15 -61.29 -67.05
CA LYS D 238 -7.63 -62.43 -66.31
C LYS D 238 -9.08 -62.76 -66.68
N GLU D 239 -9.85 -61.73 -67.04
CA GLU D 239 -11.25 -61.94 -67.42
C GLU D 239 -11.32 -62.65 -68.76
N ALA D 240 -10.62 -62.12 -69.75
CA ALA D 240 -10.60 -62.72 -71.08
C ALA D 240 -9.93 -64.09 -71.06
N ALA D 241 -9.34 -64.44 -69.92
CA ALA D 241 -8.65 -65.71 -69.77
C ALA D 241 -9.62 -66.88 -69.65
N GLU D 242 -10.89 -66.55 -69.47
CA GLU D 242 -11.93 -67.58 -69.35
C GLU D 242 -13.29 -66.92 -69.15
N PHE E 1 -59.16 -38.11 -41.40
CA PHE E 1 -59.14 -38.11 -39.90
C PHE E 1 -57.71 -38.00 -39.38
N ARG E 2 -57.14 -39.14 -39.00
CA ARG E 2 -55.79 -39.24 -38.44
C ARG E 2 -54.79 -38.30 -39.13
N ASN E 3 -54.87 -38.21 -40.44
CA ASN E 3 -53.96 -37.37 -41.22
C ASN E 3 -53.97 -35.90 -40.81
N ASN E 4 -55.04 -35.46 -40.16
CA ASN E 4 -55.17 -34.08 -39.73
C ASN E 4 -54.66 -33.84 -38.31
N TYR E 5 -54.35 -34.90 -37.59
CA TYR E 5 -53.89 -34.76 -36.21
C TYR E 5 -52.56 -35.43 -35.90
N ASP E 6 -51.87 -35.94 -36.91
CA ASP E 6 -50.59 -36.61 -36.68
C ASP E 6 -49.36 -35.87 -37.22
N GLY E 7 -49.50 -34.58 -37.50
CA GLY E 7 -48.40 -33.81 -38.03
C GLY E 7 -47.32 -33.39 -37.05
N ASP E 8 -47.59 -33.58 -35.75
CA ASP E 8 -46.64 -33.23 -34.71
C ASP E 8 -47.14 -33.72 -33.35
N THR E 9 -46.31 -33.59 -32.32
CA THR E 9 -46.67 -34.07 -31.00
C THR E 9 -47.42 -33.09 -30.14
N VAL E 10 -47.68 -31.90 -30.67
CA VAL E 10 -48.39 -30.92 -29.88
C VAL E 10 -49.89 -30.89 -30.23
N THR E 11 -50.37 -31.94 -30.91
CA THR E 11 -51.76 -32.03 -31.32
C THR E 11 -52.48 -33.29 -30.83
N PHE E 12 -53.64 -33.09 -30.23
CA PHE E 12 -54.46 -34.18 -29.73
C PHE E 12 -55.46 -34.58 -30.82
N SER E 13 -55.74 -35.88 -30.97
CA SER E 13 -56.72 -36.31 -31.96
C SER E 13 -58.07 -36.11 -31.27
N PRO E 14 -59.16 -36.05 -32.04
CA PRO E 14 -60.47 -35.86 -31.43
C PRO E 14 -60.84 -36.88 -30.34
N THR E 15 -60.09 -37.98 -30.24
CA THR E 15 -60.39 -38.98 -29.22
C THR E 15 -59.39 -38.95 -28.08
N GLY E 16 -58.47 -37.99 -28.09
CA GLY E 16 -57.49 -37.88 -27.02
C GLY E 16 -56.18 -38.59 -27.27
N ARG E 17 -55.91 -38.94 -28.51
CA ARG E 17 -54.68 -39.65 -28.84
C ARG E 17 -53.57 -38.75 -29.33
N LEU E 18 -52.35 -39.26 -29.23
CA LEU E 18 -51.15 -38.56 -29.68
C LEU E 18 -50.47 -39.50 -30.69
N PHE E 19 -50.80 -39.29 -31.96
CA PHE E 19 -50.28 -40.13 -33.04
C PHE E 19 -48.78 -40.12 -33.23
N GLN E 20 -48.15 -38.96 -33.15
CA GLN E 20 -46.71 -38.94 -33.31
C GLN E 20 -46.08 -39.88 -32.29
N VAL E 21 -46.66 -39.94 -31.09
CA VAL E 21 -46.15 -40.83 -30.05
C VAL E 21 -46.45 -42.26 -30.46
N GLU E 22 -47.63 -42.47 -31.01
CA GLU E 22 -48.05 -43.78 -31.43
C GLU E 22 -47.18 -44.28 -32.59
N TYR E 23 -46.86 -43.40 -33.54
CA TYR E 23 -46.02 -43.80 -34.66
C TYR E 23 -44.65 -44.17 -34.10
N ALA E 24 -44.21 -43.43 -33.09
CA ALA E 24 -42.94 -43.71 -32.47
C ALA E 24 -43.02 -45.11 -31.88
N LEU E 25 -44.09 -45.38 -31.14
CA LEU E 25 -44.29 -46.69 -30.52
C LEU E 25 -44.21 -47.81 -31.56
N GLU E 26 -44.54 -47.49 -32.80
CA GLU E 26 -44.51 -48.48 -33.85
C GLU E 26 -43.07 -48.92 -34.15
N ALA E 27 -42.15 -47.97 -34.16
CA ALA E 27 -40.77 -48.28 -34.44
C ALA E 27 -40.28 -49.43 -33.55
N ILE E 28 -40.78 -49.49 -32.33
CA ILE E 28 -40.37 -50.53 -31.41
C ILE E 28 -40.86 -51.89 -31.88
N LYS E 29 -42.13 -51.93 -32.29
CA LYS E 29 -42.72 -53.18 -32.76
C LYS E 29 -42.00 -53.75 -33.98
N GLN E 30 -41.36 -52.88 -34.74
CA GLN E 30 -40.62 -53.28 -35.93
C GLN E 30 -39.21 -53.71 -35.56
N GLY E 31 -38.83 -53.49 -34.30
CA GLY E 31 -37.50 -53.85 -33.85
C GLY E 31 -37.35 -55.31 -33.43
N SER E 32 -36.10 -55.76 -33.38
CA SER E 32 -35.78 -57.13 -33.00
C SER E 32 -36.19 -57.40 -31.57
N VAL E 33 -36.63 -58.64 -31.30
CA VAL E 33 -37.08 -58.99 -29.96
C VAL E 33 -36.00 -59.04 -28.89
N THR E 34 -36.39 -58.67 -27.67
CA THR E 34 -35.49 -58.69 -26.52
C THR E 34 -36.33 -59.04 -25.29
N VAL E 35 -35.78 -59.87 -24.41
CA VAL E 35 -36.47 -60.31 -23.21
C VAL E 35 -35.77 -59.86 -21.93
N GLY E 36 -36.55 -59.71 -20.87
CA GLY E 36 -36.01 -59.31 -19.59
C GLY E 36 -36.79 -60.06 -18.52
N LEU E 37 -36.09 -60.58 -17.53
CA LEU E 37 -36.74 -61.32 -16.44
C LEU E 37 -35.82 -61.26 -15.23
N ARG E 38 -36.35 -61.57 -14.07
CA ARG E 38 -35.53 -61.52 -12.87
C ARG E 38 -36.02 -62.44 -11.75
N SER E 39 -35.12 -62.76 -10.83
CA SER E 39 -35.45 -63.56 -9.68
C SER E 39 -35.27 -62.57 -8.52
N ASN E 40 -34.93 -63.05 -7.33
CA ASN E 40 -34.73 -62.13 -6.22
C ASN E 40 -33.25 -61.86 -6.06
N THR E 41 -32.42 -62.59 -6.78
CA THR E 41 -30.98 -62.42 -6.70
C THR E 41 -30.33 -61.93 -7.97
N HIS E 42 -30.99 -62.11 -9.11
CA HIS E 42 -30.43 -61.66 -10.38
C HIS E 42 -31.50 -61.13 -11.32
N ALA E 43 -31.05 -60.38 -12.31
CA ALA E 43 -31.92 -59.82 -13.35
C ALA E 43 -31.19 -60.10 -14.66
N VAL E 44 -31.94 -60.56 -15.66
CA VAL E 44 -31.32 -60.91 -16.93
C VAL E 44 -31.99 -60.31 -18.15
N LEU E 45 -31.18 -60.08 -19.17
CA LEU E 45 -31.64 -59.55 -20.43
C LEU E 45 -31.16 -60.53 -21.51
N VAL E 46 -32.02 -60.81 -22.47
CA VAL E 46 -31.65 -61.66 -23.59
C VAL E 46 -32.16 -60.92 -24.82
N ALA E 47 -31.30 -60.79 -25.83
CA ALA E 47 -31.69 -60.07 -27.03
C ALA E 47 -31.29 -60.76 -28.32
N LEU E 48 -32.12 -60.61 -29.34
CA LEU E 48 -31.85 -61.18 -30.64
C LEU E 48 -31.21 -60.07 -31.48
N LYS E 49 -29.95 -60.26 -31.86
CA LYS E 49 -29.27 -59.25 -32.66
C LYS E 49 -29.56 -59.47 -34.13
N ARG E 50 -29.95 -58.40 -34.81
CA ARG E 50 -30.29 -58.45 -36.22
C ARG E 50 -29.10 -57.95 -37.04
N ASN E 51 -28.95 -58.47 -38.25
CA ASN E 51 -27.84 -58.06 -39.13
C ASN E 51 -28.43 -57.59 -40.45
N ALA E 52 -27.65 -56.82 -41.21
CA ALA E 52 -28.14 -56.32 -42.49
C ALA E 52 -27.96 -57.36 -43.59
N ASP E 53 -26.71 -57.64 -43.91
CA ASP E 53 -26.33 -58.64 -44.92
C ASP E 53 -25.70 -59.76 -44.12
N GLU E 54 -25.12 -60.73 -44.81
CA GLU E 54 -24.43 -61.80 -44.13
C GLU E 54 -22.97 -61.40 -44.21
N LEU E 55 -22.75 -60.18 -44.69
CA LEU E 55 -21.43 -59.59 -44.81
C LEU E 55 -21.29 -58.51 -43.73
N SER E 56 -22.41 -58.15 -43.12
CA SER E 56 -22.44 -57.12 -42.08
C SER E 56 -22.36 -57.73 -40.69
N SER E 57 -22.28 -56.86 -39.69
CA SER E 57 -22.21 -57.29 -38.31
C SER E 57 -23.62 -57.29 -37.72
N TYR E 58 -23.74 -57.84 -36.52
CA TYR E 58 -25.01 -57.85 -35.83
C TYR E 58 -24.96 -56.67 -34.86
N GLN E 59 -25.88 -55.72 -35.05
CA GLN E 59 -25.91 -54.52 -34.22
C GLN E 59 -26.21 -54.82 -32.76
N LYS E 60 -25.39 -54.25 -31.87
CA LYS E 60 -25.53 -54.46 -30.44
C LYS E 60 -26.89 -54.00 -29.93
N LYS E 61 -27.46 -54.79 -29.02
CA LYS E 61 -28.77 -54.50 -28.46
C LYS E 61 -28.70 -54.19 -26.97
N ILE E 62 -27.55 -54.48 -26.36
CA ILE E 62 -27.39 -54.23 -24.92
C ILE E 62 -26.33 -53.18 -24.61
N ILE E 63 -26.66 -52.30 -23.66
CA ILE E 63 -25.78 -51.21 -23.25
C ILE E 63 -25.66 -51.16 -21.72
N LYS E 64 -24.41 -51.08 -21.23
CA LYS E 64 -24.14 -51.00 -19.80
C LYS E 64 -24.24 -49.53 -19.37
N CYS E 65 -24.93 -49.27 -18.26
CA CYS E 65 -25.09 -47.89 -17.81
C CYS E 65 -24.27 -47.57 -16.57
N ASP E 66 -24.00 -48.60 -15.78
CA ASP E 66 -23.22 -48.48 -14.56
C ASP E 66 -22.92 -49.89 -14.07
N GLU E 67 -22.10 -50.04 -13.05
CA GLU E 67 -21.76 -51.37 -12.56
C GLU E 67 -22.96 -52.18 -12.09
N HIS E 68 -24.03 -51.51 -11.69
CA HIS E 68 -25.23 -52.19 -11.20
C HIS E 68 -26.44 -52.00 -12.12
N MET E 69 -26.25 -51.38 -13.28
CA MET E 69 -27.38 -51.14 -14.17
C MET E 69 -27.07 -51.18 -15.66
N GLY E 70 -28.06 -51.55 -16.44
CA GLY E 70 -27.89 -51.63 -17.88
C GLY E 70 -29.23 -51.87 -18.55
N LEU E 71 -29.25 -51.87 -19.87
CA LEU E 71 -30.51 -52.08 -20.56
C LEU E 71 -30.34 -52.70 -21.95
N SER E 72 -31.47 -53.09 -22.54
CA SER E 72 -31.51 -53.65 -23.88
C SER E 72 -32.50 -52.76 -24.62
N LEU E 73 -32.31 -52.61 -25.92
CA LEU E 73 -33.15 -51.72 -26.73
C LEU E 73 -33.86 -52.40 -27.90
N ALA E 74 -34.90 -51.74 -28.37
CA ALA E 74 -35.69 -52.20 -29.52
C ALA E 74 -36.17 -50.94 -30.19
N GLY E 75 -35.73 -50.71 -31.42
CA GLY E 75 -36.14 -49.50 -32.13
C GLY E 75 -34.95 -48.74 -32.67
N LEU E 76 -35.05 -47.42 -32.71
CA LEU E 76 -33.97 -46.57 -33.22
C LEU E 76 -32.71 -46.65 -32.37
N ALA E 77 -31.66 -47.28 -32.91
CA ALA E 77 -30.42 -47.40 -32.14
C ALA E 77 -29.89 -46.06 -31.62
N PRO E 78 -29.87 -45.01 -32.47
CA PRO E 78 -29.37 -43.71 -32.00
C PRO E 78 -30.08 -43.21 -30.74
N ASP E 79 -31.39 -43.28 -30.73
CA ASP E 79 -32.13 -42.83 -29.56
C ASP E 79 -31.77 -43.59 -28.30
N ALA E 80 -31.37 -44.86 -28.44
CA ALA E 80 -30.97 -45.67 -27.29
C ALA E 80 -29.63 -45.16 -26.76
N ARG E 81 -28.77 -44.73 -27.68
CA ARG E 81 -27.46 -44.22 -27.32
C ARG E 81 -27.65 -42.92 -26.53
N VAL E 82 -28.60 -42.11 -26.98
CA VAL E 82 -28.88 -40.84 -26.32
C VAL E 82 -29.45 -41.09 -24.91
N LEU E 83 -30.43 -41.98 -24.82
CA LEU E 83 -31.06 -42.30 -23.55
C LEU E 83 -30.16 -43.05 -22.57
N SER E 84 -29.33 -43.96 -23.08
CA SER E 84 -28.46 -44.72 -22.18
C SER E 84 -27.33 -43.82 -21.69
N ASN E 85 -26.91 -42.91 -22.55
CA ASN E 85 -25.85 -41.99 -22.19
C ASN E 85 -26.35 -41.05 -21.10
N TYR E 86 -27.64 -40.71 -21.15
CA TYR E 86 -28.25 -39.85 -20.15
C TYR E 86 -28.43 -40.63 -18.85
N LEU E 87 -28.68 -41.93 -18.98
CA LEU E 87 -28.85 -42.77 -17.81
C LEU E 87 -27.49 -42.92 -17.15
N ARG E 88 -26.44 -42.95 -17.96
CA ARG E 88 -25.09 -43.06 -17.42
C ARG E 88 -24.75 -41.80 -16.64
N GLN E 89 -25.11 -40.64 -17.18
CA GLN E 89 -24.83 -39.38 -16.49
C GLN E 89 -25.54 -39.31 -15.17
N GLN E 90 -26.80 -39.75 -15.14
CA GLN E 90 -27.57 -39.73 -13.90
C GLN E 90 -27.00 -40.68 -12.86
N CYS E 91 -26.47 -41.83 -13.30
CA CYS E 91 -25.88 -42.79 -12.37
C CYS E 91 -24.62 -42.19 -11.80
N ASN E 92 -23.85 -41.58 -12.68
CA ASN E 92 -22.61 -40.93 -12.36
C ASN E 92 -22.81 -39.81 -11.34
N TYR E 93 -23.79 -38.95 -11.60
CA TYR E 93 -24.10 -37.83 -10.73
C TYR E 93 -24.50 -38.30 -9.35
N SER E 94 -25.29 -39.36 -9.28
CA SER E 94 -25.71 -39.89 -7.99
C SER E 94 -24.50 -40.29 -7.16
N SER E 95 -23.50 -40.90 -7.81
CA SER E 95 -22.30 -41.33 -7.11
C SER E 95 -21.43 -40.15 -6.70
N LEU E 96 -21.05 -39.34 -7.67
CA LEU E 96 -20.19 -38.20 -7.40
C LEU E 96 -20.74 -37.28 -6.32
N VAL E 97 -22.01 -36.89 -6.44
CA VAL E 97 -22.56 -35.98 -5.46
C VAL E 97 -23.02 -36.57 -4.15
N PHE E 98 -23.63 -37.75 -4.19
CA PHE E 98 -24.13 -38.37 -2.97
C PHE E 98 -23.45 -39.63 -2.52
N ASN E 99 -22.50 -40.13 -3.30
CA ASN E 99 -21.82 -41.39 -2.97
C ASN E 99 -22.94 -42.42 -2.77
N ARG E 100 -23.86 -42.43 -3.73
CA ARG E 100 -25.04 -43.28 -3.71
C ARG E 100 -25.29 -43.92 -5.07
N LYS E 101 -25.57 -45.22 -5.10
CA LYS E 101 -25.87 -45.87 -6.38
C LYS E 101 -27.30 -45.54 -6.72
N LEU E 102 -27.53 -45.06 -7.94
CA LEU E 102 -28.87 -44.69 -8.38
C LEU E 102 -29.82 -45.88 -8.37
N ALA E 103 -30.91 -45.76 -7.64
CA ALA E 103 -31.89 -46.84 -7.57
C ALA E 103 -32.57 -47.01 -8.93
N VAL E 104 -32.85 -48.26 -9.30
CA VAL E 104 -33.49 -48.55 -10.58
C VAL E 104 -34.82 -47.82 -10.69
N GLU E 105 -35.57 -47.76 -9.60
CA GLU E 105 -36.85 -47.08 -9.62
C GLU E 105 -36.72 -45.59 -9.94
N ARG E 106 -35.62 -44.99 -9.51
CA ARG E 106 -35.39 -43.59 -9.76
C ARG E 106 -34.98 -43.39 -11.23
N ALA E 107 -34.10 -44.28 -11.71
CA ALA E 107 -33.65 -44.22 -13.11
C ALA E 107 -34.89 -44.23 -14.00
N GLY E 108 -35.88 -45.03 -13.58
CA GLY E 108 -37.11 -45.14 -14.33
C GLY E 108 -37.86 -43.83 -14.36
N HIS E 109 -37.95 -43.16 -13.21
CA HIS E 109 -38.66 -41.89 -13.14
C HIS E 109 -37.95 -40.83 -13.98
N LEU E 110 -36.63 -40.82 -13.92
CA LEU E 110 -35.85 -39.85 -14.68
C LEU E 110 -36.06 -40.07 -16.16
N LEU E 111 -36.05 -41.34 -16.57
CA LEU E 111 -36.25 -41.65 -17.98
C LEU E 111 -37.64 -41.21 -18.41
N CYS E 112 -38.63 -41.50 -17.59
CA CYS E 112 -39.99 -41.10 -17.93
C CYS E 112 -40.10 -39.60 -18.17
N ASP E 113 -39.54 -38.82 -17.26
CA ASP E 113 -39.63 -37.38 -17.39
C ASP E 113 -38.89 -36.85 -18.60
N LYS E 114 -37.79 -37.50 -18.98
CA LYS E 114 -37.02 -37.04 -20.14
C LYS E 114 -37.84 -37.29 -21.40
N ALA E 115 -38.41 -38.48 -21.50
CA ALA E 115 -39.23 -38.82 -22.64
C ALA E 115 -40.43 -37.88 -22.74
N GLN E 116 -41.07 -37.62 -21.61
CA GLN E 116 -42.26 -36.77 -21.57
C GLN E 116 -42.05 -35.40 -22.20
N LYS E 117 -40.93 -34.76 -21.88
CA LYS E 117 -40.63 -33.43 -22.40
C LYS E 117 -40.66 -33.32 -23.92
N ASN E 118 -40.54 -34.46 -24.59
CA ASN E 118 -40.55 -34.47 -26.03
C ASN E 118 -41.89 -34.84 -26.63
N THR E 119 -42.95 -34.67 -25.85
CA THR E 119 -44.30 -34.99 -26.30
C THR E 119 -45.28 -33.86 -26.01
N GLN E 120 -44.79 -32.74 -25.52
CA GLN E 120 -45.66 -31.62 -25.17
C GLN E 120 -45.23 -30.27 -25.72
N SER E 121 -44.04 -30.22 -26.31
CA SER E 121 -43.48 -28.98 -26.87
C SER E 121 -43.30 -29.07 -28.38
N TYR E 122 -43.48 -27.95 -29.06
CA TYR E 122 -43.34 -27.90 -30.51
C TYR E 122 -41.90 -28.16 -30.94
N GLY E 123 -41.73 -28.73 -32.13
CA GLY E 123 -40.41 -28.99 -32.64
C GLY E 123 -39.71 -30.26 -32.22
N GLY E 124 -40.01 -30.77 -31.03
CA GLY E 124 -39.36 -31.99 -30.60
C GLY E 124 -40.08 -33.23 -31.11
N ARG E 125 -39.39 -34.36 -31.14
CA ARG E 125 -40.02 -35.59 -31.59
C ARG E 125 -39.89 -36.61 -30.47
N PRO E 126 -40.84 -37.54 -30.37
CA PRO E 126 -40.70 -38.52 -29.29
C PRO E 126 -39.53 -39.41 -29.63
N TYR E 127 -39.05 -40.16 -28.63
CA TYR E 127 -37.95 -41.09 -28.88
C TYR E 127 -38.57 -42.30 -29.57
N GLY E 128 -37.84 -42.91 -30.49
CA GLY E 128 -38.38 -44.08 -31.17
C GLY E 128 -37.70 -45.37 -30.75
N VAL E 129 -37.66 -45.62 -29.45
CA VAL E 129 -37.02 -46.82 -28.97
C VAL E 129 -37.58 -47.27 -27.63
N GLY E 130 -37.64 -48.59 -27.45
CA GLY E 130 -38.12 -49.15 -26.21
C GLY E 130 -36.91 -49.62 -25.43
N LEU E 131 -36.99 -49.62 -24.11
CA LEU E 131 -35.87 -50.03 -23.31
C LEU E 131 -36.27 -50.93 -22.17
N LEU E 132 -35.48 -51.95 -21.95
CA LEU E 132 -35.69 -52.87 -20.84
C LEU E 132 -34.49 -52.62 -19.96
N ILE E 133 -34.75 -52.25 -18.71
CA ILE E 133 -33.68 -51.95 -17.78
C ILE E 133 -33.65 -52.90 -16.60
N ILE E 134 -32.47 -53.50 -16.36
CA ILE E 134 -32.27 -54.41 -15.25
C ILE E 134 -31.20 -53.81 -14.36
N GLY E 135 -31.28 -54.08 -13.07
CA GLY E 135 -30.30 -53.55 -12.16
C GLY E 135 -30.43 -54.13 -10.77
N TYR E 136 -29.38 -54.00 -9.98
CA TYR E 136 -29.40 -54.51 -8.62
C TYR E 136 -29.00 -53.39 -7.67
N ASP E 137 -29.96 -52.95 -6.86
CA ASP E 137 -29.69 -51.88 -5.90
C ASP E 137 -30.03 -52.28 -4.46
N LYS E 138 -30.18 -51.30 -3.58
CA LYS E 138 -30.46 -51.59 -2.17
C LYS E 138 -31.78 -52.28 -1.88
N SER E 139 -32.59 -52.50 -2.90
CA SER E 139 -33.86 -53.19 -2.69
C SER E 139 -33.91 -54.49 -3.49
N GLY E 140 -32.75 -54.89 -4.01
CA GLY E 140 -32.67 -56.13 -4.77
C GLY E 140 -32.59 -56.03 -6.28
N ALA E 141 -33.13 -57.05 -6.93
CA ALA E 141 -33.11 -57.12 -8.40
C ALA E 141 -34.33 -56.40 -8.97
N HIS E 142 -34.15 -55.81 -10.15
CA HIS E 142 -35.24 -55.07 -10.79
C HIS E 142 -35.24 -55.16 -12.30
N LEU E 143 -36.44 -55.01 -12.86
CA LEU E 143 -36.64 -54.99 -14.30
C LEU E 143 -37.67 -53.89 -14.62
N LEU E 144 -37.31 -53.00 -15.53
CA LEU E 144 -38.18 -51.91 -15.93
C LEU E 144 -38.46 -51.95 -17.43
N GLU E 145 -39.66 -51.55 -17.83
CA GLU E 145 -40.00 -51.49 -19.24
C GLU E 145 -40.25 -50.02 -19.59
N PHE E 146 -39.46 -49.50 -20.53
CA PHE E 146 -39.58 -48.12 -20.93
C PHE E 146 -40.18 -47.94 -22.31
N GLN E 147 -41.27 -47.17 -22.39
CA GLN E 147 -41.90 -46.87 -23.68
C GLN E 147 -41.73 -45.37 -23.96
N PRO E 148 -41.54 -45.00 -25.23
CA PRO E 148 -41.35 -43.62 -25.71
C PRO E 148 -42.47 -42.67 -25.30
N SER E 149 -43.58 -43.23 -24.84
CA SER E 149 -44.70 -42.42 -24.39
C SER E 149 -44.33 -41.84 -23.04
N GLY E 150 -43.27 -42.39 -22.45
CA GLY E 150 -42.83 -41.95 -21.15
C GLY E 150 -43.25 -42.93 -20.06
N ASN E 151 -44.10 -43.89 -20.41
CA ASN E 151 -44.53 -44.86 -19.43
C ASN E 151 -43.43 -45.87 -19.11
N VAL E 152 -43.04 -45.93 -17.85
CA VAL E 152 -42.01 -46.86 -17.39
C VAL E 152 -42.68 -47.78 -16.38
N THR E 153 -42.42 -49.08 -16.47
CA THR E 153 -43.07 -50.02 -15.57
C THR E 153 -42.17 -51.10 -15.00
N GLU E 154 -42.32 -51.38 -13.71
CA GLU E 154 -41.52 -52.43 -13.10
C GLU E 154 -42.28 -53.76 -13.21
N LEU E 155 -41.57 -54.79 -13.67
CA LEU E 155 -42.14 -56.11 -13.88
C LEU E 155 -41.22 -57.23 -13.42
N TYR E 156 -41.73 -58.46 -13.46
CA TYR E 156 -40.94 -59.62 -13.09
C TYR E 156 -40.22 -60.02 -14.37
N GLY E 157 -40.88 -59.77 -15.49
CA GLY E 157 -40.31 -60.08 -16.79
C GLY E 157 -41.18 -59.49 -17.87
N THR E 158 -40.64 -59.41 -19.09
CA THR E 158 -41.37 -58.87 -20.22
C THR E 158 -40.52 -58.99 -21.49
N ALA E 159 -41.10 -58.57 -22.61
CA ALA E 159 -40.39 -58.62 -23.88
C ALA E 159 -40.99 -57.57 -24.81
N ILE E 160 -40.15 -56.97 -25.64
CA ILE E 160 -40.58 -55.96 -26.60
C ILE E 160 -39.95 -56.30 -27.93
N GLY E 161 -40.52 -55.75 -29.01
CA GLY E 161 -40.01 -56.03 -30.34
C GLY E 161 -40.97 -56.90 -31.14
N ALA E 162 -40.59 -57.22 -32.37
CA ALA E 162 -41.43 -58.05 -33.22
C ALA E 162 -41.61 -59.46 -32.68
N ARG E 163 -42.87 -59.92 -32.67
CA ARG E 163 -43.21 -61.27 -32.21
C ARG E 163 -42.93 -61.43 -30.73
N SER E 164 -42.82 -60.30 -30.03
CA SER E 164 -42.55 -60.32 -28.60
C SER E 164 -43.65 -60.98 -27.78
N GLN E 165 -44.88 -60.95 -28.28
CA GLN E 165 -46.01 -61.55 -27.57
C GLN E 165 -45.73 -63.00 -27.20
N GLY E 166 -44.92 -63.67 -28.02
CA GLY E 166 -44.60 -65.06 -27.74
C GLY E 166 -43.90 -65.20 -26.41
N ALA E 167 -42.71 -64.63 -26.30
CA ALA E 167 -41.93 -64.69 -25.07
C ALA E 167 -42.72 -64.20 -23.87
N LYS E 168 -43.49 -63.13 -24.08
CA LYS E 168 -44.28 -62.55 -23.00
C LYS E 168 -45.28 -63.54 -22.40
N THR E 169 -46.02 -64.24 -23.26
CA THR E 169 -46.98 -65.23 -22.78
C THR E 169 -46.24 -66.31 -22.01
N TYR E 170 -45.13 -66.79 -22.57
CA TYR E 170 -44.31 -67.81 -21.94
C TYR E 170 -43.84 -67.37 -20.55
N LEU E 171 -43.38 -66.12 -20.44
CA LEU E 171 -42.93 -65.59 -19.15
C LEU E 171 -44.10 -65.42 -18.20
N GLU E 172 -45.24 -65.06 -18.76
CA GLU E 172 -46.45 -64.85 -17.97
C GLU E 172 -46.96 -66.21 -17.48
N ARG E 173 -46.41 -67.26 -18.09
CA ARG E 173 -46.79 -68.64 -17.76
C ARG E 173 -45.76 -69.26 -16.81
N THR E 174 -44.50 -68.91 -17.02
CA THR E 174 -43.39 -69.44 -16.22
C THR E 174 -43.18 -68.66 -14.91
N LEU E 175 -43.83 -67.50 -14.81
CA LEU E 175 -43.69 -66.62 -13.65
C LEU E 175 -43.30 -67.23 -12.30
N ASP E 176 -44.17 -68.04 -11.72
CA ASP E 176 -43.92 -68.66 -10.41
C ASP E 176 -42.64 -69.46 -10.35
N THR E 177 -42.11 -69.81 -11.51
CA THR E 177 -40.90 -70.60 -11.60
C THR E 177 -39.60 -69.80 -11.65
N PHE E 178 -39.43 -68.99 -12.69
CA PHE E 178 -38.21 -68.21 -12.83
C PHE E 178 -37.95 -67.19 -11.72
N ILE E 179 -39.02 -66.66 -11.14
CA ILE E 179 -38.89 -65.65 -10.08
C ILE E 179 -38.21 -66.23 -8.83
N LYS E 180 -38.22 -67.56 -8.71
CA LYS E 180 -37.59 -68.23 -7.57
C LYS E 180 -36.20 -68.76 -7.87
N ILE E 181 -35.70 -68.50 -9.08
CA ILE E 181 -34.38 -68.96 -9.46
C ILE E 181 -33.28 -68.08 -8.86
N ASP E 182 -33.09 -68.21 -7.56
CA ASP E 182 -32.11 -67.43 -6.82
C ASP E 182 -30.81 -68.21 -6.61
N GLY E 183 -29.69 -67.50 -6.68
CA GLY E 183 -28.40 -68.15 -6.48
C GLY E 183 -27.96 -69.06 -7.61
N ASN E 184 -28.57 -68.91 -8.78
CA ASN E 184 -28.20 -69.74 -9.91
C ASN E 184 -28.43 -68.99 -11.21
N PRO E 185 -27.50 -68.09 -11.57
CA PRO E 185 -27.61 -67.30 -12.79
C PRO E 185 -27.82 -68.11 -14.06
N ASP E 186 -27.08 -69.20 -14.20
CA ASP E 186 -27.19 -70.04 -15.39
C ASP E 186 -28.63 -70.51 -15.65
N GLU E 187 -29.35 -70.81 -14.59
CA GLU E 187 -30.73 -71.25 -14.73
C GLU E 187 -31.62 -70.10 -15.18
N LEU E 188 -31.42 -68.93 -14.59
CA LEU E 188 -32.23 -67.76 -14.93
C LEU E 188 -32.00 -67.39 -16.40
N ILE E 189 -30.76 -67.49 -16.85
CA ILE E 189 -30.45 -67.17 -18.25
C ILE E 189 -31.13 -68.15 -19.20
N LYS E 190 -31.10 -69.44 -18.86
CA LYS E 190 -31.72 -70.47 -19.70
C LYS E 190 -33.22 -70.24 -19.81
N ALA E 191 -33.81 -69.71 -18.74
CA ALA E 191 -35.24 -69.41 -18.74
C ALA E 191 -35.45 -68.23 -19.68
N GLY E 192 -34.45 -67.37 -19.75
CA GLY E 192 -34.52 -66.21 -20.61
C GLY E 192 -34.38 -66.61 -22.06
N VAL E 193 -33.48 -67.55 -22.34
CA VAL E 193 -33.27 -68.02 -23.71
C VAL E 193 -34.50 -68.80 -24.19
N GLU E 194 -35.17 -69.48 -23.26
CA GLU E 194 -36.35 -70.23 -23.62
C GLU E 194 -37.49 -69.26 -23.89
N ALA E 195 -37.51 -68.15 -23.17
CA ALA E 195 -38.54 -67.15 -23.35
C ALA E 195 -38.39 -66.48 -24.72
N ILE E 196 -37.17 -66.07 -25.05
CA ILE E 196 -36.90 -65.39 -26.31
C ILE E 196 -37.19 -66.28 -27.51
N SER E 197 -36.76 -67.54 -27.45
CA SER E 197 -36.98 -68.48 -28.55
C SER E 197 -38.45 -68.68 -28.86
N GLN E 198 -39.31 -68.25 -27.94
CA GLN E 198 -40.75 -68.35 -28.13
C GLN E 198 -41.21 -67.28 -29.11
N SER E 199 -40.28 -66.40 -29.50
CA SER E 199 -40.58 -65.32 -30.43
C SER E 199 -39.80 -65.46 -31.73
N LEU E 200 -39.20 -66.63 -31.92
CA LEU E 200 -38.44 -66.91 -33.13
C LEU E 200 -39.40 -67.30 -34.26
N ARG E 201 -38.88 -67.35 -35.48
CA ARG E 201 -39.71 -67.67 -36.64
C ARG E 201 -38.77 -67.83 -37.82
N ASP E 202 -38.16 -66.71 -38.17
CA ASP E 202 -37.20 -66.63 -39.26
C ASP E 202 -36.16 -67.76 -39.11
N GLU E 203 -35.38 -67.70 -38.04
CA GLU E 203 -34.32 -68.67 -37.81
C GLU E 203 -34.26 -69.19 -36.39
N SER E 204 -33.06 -69.57 -35.98
CA SER E 204 -32.77 -70.08 -34.65
C SER E 204 -31.57 -69.32 -34.12
N LEU E 205 -31.57 -69.01 -32.83
CA LEU E 205 -30.49 -68.25 -32.22
C LEU E 205 -29.11 -68.91 -32.29
N THR E 206 -28.20 -68.22 -32.97
CA THR E 206 -26.83 -68.69 -33.16
C THR E 206 -25.88 -67.99 -32.19
N VAL E 207 -24.59 -68.27 -32.34
CA VAL E 207 -23.57 -67.70 -31.47
C VAL E 207 -23.26 -66.23 -31.70
N ASP E 208 -23.29 -65.78 -32.96
CA ASP E 208 -23.01 -64.38 -33.25
C ASP E 208 -24.32 -63.62 -33.51
N ASN E 209 -25.39 -64.21 -33.03
CA ASN E 209 -26.73 -63.68 -33.21
C ASN E 209 -27.43 -63.48 -31.86
N LEU E 210 -26.91 -64.13 -30.82
CA LEU E 210 -27.49 -64.03 -29.48
C LEU E 210 -26.70 -63.09 -28.59
N SER E 211 -27.43 -62.36 -27.74
CA SER E 211 -26.84 -61.40 -26.82
C SER E 211 -27.51 -61.56 -25.45
N ILE E 212 -26.70 -61.70 -24.41
CA ILE E 212 -27.22 -61.88 -23.04
C ILE E 212 -26.49 -61.00 -22.03
N ALA E 213 -27.22 -60.51 -21.04
CA ALA E 213 -26.62 -59.68 -20.02
C ALA E 213 -27.22 -60.07 -18.69
N ILE E 214 -26.44 -59.92 -17.62
CA ILE E 214 -26.90 -60.26 -16.27
C ILE E 214 -26.32 -59.30 -15.22
N VAL E 215 -27.05 -59.13 -14.13
CA VAL E 215 -26.62 -58.27 -13.02
C VAL E 215 -27.25 -58.84 -11.75
N GLY E 216 -26.58 -58.71 -10.62
CA GLY E 216 -27.13 -59.26 -9.40
C GLY E 216 -26.31 -59.05 -8.15
N LYS E 217 -26.77 -59.68 -7.07
CA LYS E 217 -26.17 -59.64 -5.73
C LYS E 217 -24.67 -59.34 -5.73
N ASP E 218 -23.87 -60.25 -6.28
CA ASP E 218 -22.44 -60.03 -6.32
C ASP E 218 -21.95 -60.09 -7.75
N THR E 219 -22.83 -59.69 -8.66
CA THR E 219 -22.53 -59.72 -10.09
C THR E 219 -22.67 -58.38 -10.78
N PRO E 220 -21.54 -57.73 -11.12
CA PRO E 220 -21.65 -56.44 -11.80
C PRO E 220 -22.23 -56.68 -13.19
N PHE E 221 -23.10 -55.78 -13.63
CA PHE E 221 -23.72 -55.88 -14.93
C PHE E 221 -22.68 -56.27 -15.96
N THR E 222 -22.87 -57.42 -16.59
CA THR E 222 -21.94 -57.92 -17.60
C THR E 222 -22.64 -58.47 -18.86
N ILE E 223 -22.09 -58.15 -20.01
CA ILE E 223 -22.65 -58.59 -21.29
C ILE E 223 -21.94 -59.84 -21.82
N TYR E 224 -22.68 -60.70 -22.49
CA TYR E 224 -22.12 -61.91 -23.08
C TYR E 224 -22.51 -61.98 -24.55
N ASP E 225 -21.51 -62.18 -25.40
CA ASP E 225 -21.73 -62.28 -26.84
C ASP E 225 -20.82 -63.34 -27.44
N GLY E 226 -21.21 -63.82 -28.61
CA GLY E 226 -20.44 -64.85 -29.29
C GLY E 226 -20.19 -66.07 -28.44
N GLU E 227 -18.97 -66.59 -28.56
CA GLU E 227 -18.52 -67.77 -27.83
C GLU E 227 -19.03 -67.78 -26.40
N ALA E 228 -19.15 -66.60 -25.81
CA ALA E 228 -19.60 -66.44 -24.44
C ALA E 228 -21.03 -66.95 -24.21
N VAL E 229 -21.85 -66.96 -25.26
CA VAL E 229 -23.22 -67.43 -25.14
C VAL E 229 -23.39 -68.83 -25.70
N ALA E 230 -22.31 -69.39 -26.22
CA ALA E 230 -22.34 -70.73 -26.79
C ALA E 230 -22.97 -71.76 -25.85
N LYS E 231 -22.52 -71.78 -24.60
CA LYS E 231 -23.03 -72.73 -23.64
C LYS E 231 -24.52 -72.58 -23.34
N TYR E 232 -25.23 -71.78 -24.12
CA TYR E 232 -26.65 -71.60 -23.88
C TYR E 232 -27.52 -71.94 -25.09
N ILE E 233 -26.89 -72.12 -26.25
CA ILE E 233 -27.64 -72.46 -27.46
C ILE E 233 -27.76 -73.97 -27.57
N GLY F 1 -65.69 -21.35 -41.03
CA GLY F 1 -65.29 -22.64 -41.68
C GLY F 1 -65.05 -23.75 -40.65
N THR F 2 -63.94 -24.47 -40.81
CA THR F 2 -63.57 -25.55 -39.87
C THR F 2 -62.07 -25.50 -39.61
N GLY F 3 -61.57 -26.52 -38.91
CA GLY F 3 -60.16 -26.54 -38.60
C GLY F 3 -59.83 -25.77 -37.34
N TYR F 4 -60.86 -25.47 -36.54
CA TYR F 4 -60.66 -24.74 -35.29
C TYR F 4 -60.15 -25.69 -34.20
N ASP F 5 -59.99 -26.96 -34.54
CA ASP F 5 -59.54 -27.95 -33.57
C ASP F 5 -58.15 -28.53 -33.89
N LEU F 6 -57.42 -27.88 -34.79
CA LEU F 6 -56.10 -28.37 -35.17
C LEU F 6 -54.96 -27.66 -34.43
N SER F 7 -55.25 -26.49 -33.87
CA SER F 7 -54.28 -25.70 -33.15
C SER F 7 -54.82 -25.40 -31.75
N ASN F 8 -53.95 -25.48 -30.74
CA ASN F 8 -54.34 -25.27 -29.35
C ASN F 8 -55.02 -23.97 -28.91
N SER F 9 -54.29 -22.87 -28.85
CA SER F 9 -54.92 -21.64 -28.37
C SER F 9 -56.07 -21.04 -29.19
N VAL F 10 -56.58 -21.77 -30.18
CA VAL F 10 -57.66 -21.24 -31.04
C VAL F 10 -59.09 -21.34 -30.50
N PHE F 11 -59.83 -20.25 -30.67
CA PHE F 11 -61.23 -20.18 -30.27
C PHE F 11 -62.09 -20.61 -31.45
N SER F 12 -63.07 -21.47 -31.19
CA SER F 12 -63.98 -21.91 -32.25
C SER F 12 -65.05 -20.80 -32.34
N PRO F 13 -65.90 -20.84 -33.37
CA PRO F 13 -66.92 -19.79 -33.45
C PRO F 13 -67.83 -19.72 -32.23
N ASP F 14 -67.97 -20.84 -31.50
CA ASP F 14 -68.81 -20.85 -30.31
C ASP F 14 -68.01 -20.62 -29.02
N GLY F 15 -66.79 -20.09 -29.15
CA GLY F 15 -65.95 -19.79 -28.00
C GLY F 15 -65.28 -20.94 -27.26
N ARG F 16 -65.07 -22.07 -27.93
CA ARG F 16 -64.43 -23.22 -27.30
C ARG F 16 -62.99 -23.44 -27.76
N ASN F 17 -62.29 -24.29 -27.03
CA ASN F 17 -60.90 -24.66 -27.31
C ASN F 17 -60.93 -26.17 -27.43
N PHE F 18 -61.16 -26.65 -28.64
CA PHE F 18 -61.24 -28.08 -28.86
C PHE F 18 -60.04 -28.91 -28.40
N GLN F 19 -58.84 -28.40 -28.56
CA GLN F 19 -57.66 -29.15 -28.15
C GLN F 19 -57.74 -29.49 -26.67
N VAL F 20 -58.33 -28.59 -25.88
CA VAL F 20 -58.47 -28.83 -24.46
C VAL F 20 -59.50 -29.94 -24.26
N GLU F 21 -60.60 -29.83 -24.99
CA GLU F 21 -61.66 -30.82 -24.90
C GLU F 21 -61.14 -32.20 -25.31
N TYR F 22 -60.23 -32.23 -26.29
CA TYR F 22 -59.68 -33.50 -26.72
C TYR F 22 -58.79 -34.05 -25.63
N ALA F 23 -58.17 -33.16 -24.86
CA ALA F 23 -57.31 -33.61 -23.79
C ALA F 23 -58.18 -34.34 -22.77
N VAL F 24 -59.37 -33.80 -22.54
CA VAL F 24 -60.30 -34.40 -21.60
C VAL F 24 -60.62 -35.83 -22.01
N LYS F 25 -60.61 -36.10 -23.31
CA LYS F 25 -60.89 -37.44 -23.78
C LYS F 25 -59.81 -38.40 -23.28
N ALA F 26 -58.57 -37.94 -23.27
CA ALA F 26 -57.49 -38.79 -22.79
C ALA F 26 -57.68 -39.04 -21.30
N VAL F 27 -58.23 -38.05 -20.60
CA VAL F 27 -58.45 -38.20 -19.18
C VAL F 27 -59.59 -39.18 -18.86
N GLU F 28 -60.69 -39.08 -19.58
CA GLU F 28 -61.84 -39.94 -19.34
C GLU F 28 -61.51 -41.38 -19.67
N ASN F 29 -60.51 -41.55 -20.50
CA ASN F 29 -60.09 -42.88 -20.92
C ASN F 29 -59.18 -43.51 -19.88
N GLY F 30 -58.79 -42.72 -18.88
CA GLY F 30 -57.90 -43.23 -17.87
C GLY F 30 -58.52 -43.95 -16.68
N THR F 31 -57.64 -44.45 -15.82
CA THR F 31 -58.00 -45.15 -14.60
C THR F 31 -58.83 -44.23 -13.71
N THR F 32 -59.70 -44.80 -12.89
CA THR F 32 -60.51 -43.98 -12.01
C THR F 32 -59.74 -43.68 -10.72
N SER F 33 -59.83 -42.44 -10.27
CA SER F 33 -59.16 -42.01 -9.04
C SER F 33 -60.06 -41.04 -8.30
N ILE F 34 -59.93 -40.99 -6.98
CA ILE F 34 -60.80 -40.15 -6.16
C ILE F 34 -60.14 -39.44 -4.98
N GLY F 35 -60.93 -38.55 -4.38
CA GLY F 35 -60.48 -37.80 -3.23
C GLY F 35 -61.67 -37.58 -2.31
N ILE F 36 -61.47 -37.84 -1.02
CA ILE F 36 -62.52 -37.67 -0.04
C ILE F 36 -61.99 -36.77 1.06
N LYS F 37 -62.73 -35.70 1.34
CA LYS F 37 -62.33 -34.77 2.39
C LYS F 37 -63.02 -35.14 3.70
N CYS F 38 -62.25 -35.56 4.70
CA CYS F 38 -62.83 -35.89 5.98
C CYS F 38 -62.76 -34.68 6.90
N ASN F 39 -63.20 -34.85 8.14
CA ASN F 39 -63.25 -33.74 9.10
C ASN F 39 -61.93 -33.11 9.58
N ASP F 40 -60.79 -33.75 9.31
CA ASP F 40 -59.49 -33.19 9.71
C ASP F 40 -58.38 -33.58 8.73
N GLY F 41 -58.75 -33.88 7.49
CA GLY F 41 -57.76 -34.28 6.52
C GLY F 41 -58.40 -34.69 5.22
N VAL F 42 -57.65 -35.39 4.39
CA VAL F 42 -58.15 -35.83 3.10
C VAL F 42 -57.62 -37.23 2.81
N VAL F 43 -58.39 -38.00 2.05
CA VAL F 43 -57.99 -39.36 1.68
C VAL F 43 -57.95 -39.47 0.17
N PHE F 44 -56.89 -40.08 -0.34
CA PHE F 44 -56.73 -40.27 -1.78
C PHE F 44 -56.70 -41.76 -2.10
N ALA F 45 -57.34 -42.15 -3.21
CA ALA F 45 -57.37 -43.55 -3.64
C ALA F 45 -57.42 -43.62 -5.16
N VAL F 46 -56.84 -44.69 -5.70
CA VAL F 46 -56.80 -44.88 -7.15
C VAL F 46 -56.81 -46.35 -7.57
N GLU F 47 -57.28 -46.57 -8.80
CA GLU F 47 -57.39 -47.88 -9.43
C GLU F 47 -56.11 -48.17 -10.19
N LYS F 48 -55.52 -49.33 -9.96
CA LYS F 48 -54.29 -49.71 -10.68
C LYS F 48 -54.56 -50.99 -11.47
N LEU F 49 -54.90 -50.85 -12.75
CA LEU F 49 -55.18 -52.02 -13.56
C LEU F 49 -53.99 -52.95 -13.67
N ILE F 50 -54.26 -54.24 -13.55
CA ILE F 50 -53.22 -55.24 -13.64
C ILE F 50 -53.20 -55.77 -15.06
N THR F 51 -52.47 -55.09 -15.92
CA THR F 51 -52.36 -55.48 -17.32
C THR F 51 -51.94 -56.93 -17.45
N SER F 52 -51.18 -57.42 -16.48
CA SER F 52 -50.71 -58.80 -16.52
C SER F 52 -50.06 -59.18 -15.21
N LYS F 53 -49.92 -60.49 -14.98
CA LYS F 53 -49.32 -61.00 -13.76
C LYS F 53 -47.88 -60.52 -13.63
N LEU F 54 -47.30 -60.11 -14.76
CA LEU F 54 -45.93 -59.64 -14.79
C LEU F 54 -45.63 -58.37 -13.98
N LEU F 55 -46.63 -57.52 -13.76
CA LEU F 55 -46.41 -56.31 -12.98
C LEU F 55 -46.18 -56.68 -11.51
N VAL F 56 -45.04 -56.27 -10.97
CA VAL F 56 -44.73 -56.57 -9.57
C VAL F 56 -45.78 -55.87 -8.72
N PRO F 57 -46.49 -56.64 -7.89
CA PRO F 57 -47.54 -56.10 -7.01
C PRO F 57 -47.00 -55.06 -6.04
N GLN F 58 -47.76 -53.98 -5.85
CA GLN F 58 -47.40 -52.92 -4.93
C GLN F 58 -46.20 -52.10 -5.41
N LYS F 59 -45.76 -52.29 -6.64
CA LYS F 59 -44.59 -51.56 -7.11
C LYS F 59 -44.71 -50.31 -7.97
N ASN F 60 -45.76 -50.16 -8.76
CA ASN F 60 -45.81 -48.97 -9.59
C ASN F 60 -46.71 -47.89 -9.00
N VAL F 61 -46.28 -47.35 -7.87
CA VAL F 61 -47.01 -46.35 -7.13
C VAL F 61 -47.49 -45.14 -7.95
N LYS F 62 -48.79 -44.87 -7.89
CA LYS F 62 -49.36 -43.76 -8.64
C LYS F 62 -49.43 -42.46 -7.85
N ILE F 63 -49.97 -42.50 -6.64
CA ILE F 63 -50.09 -41.30 -5.82
C ILE F 63 -48.73 -40.67 -5.53
N GLN F 64 -48.68 -39.34 -5.61
CA GLN F 64 -47.43 -38.63 -5.37
C GLN F 64 -47.57 -37.56 -4.31
N VAL F 65 -46.51 -37.36 -3.55
CA VAL F 65 -46.50 -36.35 -2.51
C VAL F 65 -45.75 -35.10 -2.99
N VAL F 66 -46.24 -33.94 -2.57
CA VAL F 66 -45.62 -32.67 -2.89
C VAL F 66 -45.27 -32.11 -1.51
N ASP F 67 -44.02 -31.69 -1.34
CA ASP F 67 -43.52 -31.23 -0.05
C ASP F 67 -43.74 -32.39 0.92
N ARG F 68 -44.30 -32.12 2.10
CA ARG F 68 -44.53 -33.19 3.06
C ARG F 68 -45.99 -33.31 3.49
N HIS F 69 -46.79 -32.31 3.14
CA HIS F 69 -48.20 -32.28 3.54
C HIS F 69 -49.24 -32.37 2.41
N ILE F 70 -48.78 -32.55 1.17
CA ILE F 70 -49.70 -32.56 0.04
C ILE F 70 -49.70 -33.86 -0.77
N GLY F 71 -50.90 -34.32 -1.10
CA GLY F 71 -51.04 -35.53 -1.88
C GLY F 71 -51.61 -35.26 -3.25
N CYS F 72 -51.12 -35.99 -4.25
CA CYS F 72 -51.56 -35.83 -5.63
C CYS F 72 -51.82 -37.14 -6.34
N VAL F 73 -52.97 -37.22 -6.99
CA VAL F 73 -53.34 -38.39 -7.77
C VAL F 73 -54.05 -37.82 -9.01
N TYR F 74 -53.88 -38.52 -10.14
CA TYR F 74 -54.46 -38.07 -11.40
C TYR F 74 -54.80 -39.22 -12.35
N SER F 75 -55.64 -38.91 -13.33
CA SER F 75 -56.05 -39.89 -14.32
C SER F 75 -55.78 -39.34 -15.71
N GLY F 76 -55.31 -40.23 -16.59
CA GLY F 76 -55.01 -39.83 -17.96
C GLY F 76 -53.59 -40.22 -18.31
N LEU F 77 -52.87 -39.31 -18.99
CA LEU F 77 -51.48 -39.54 -19.36
C LEU F 77 -50.57 -39.45 -18.14
N ILE F 78 -50.20 -40.58 -17.56
CA ILE F 78 -49.36 -40.59 -16.37
C ILE F 78 -48.16 -39.67 -16.51
N PRO F 79 -47.39 -39.80 -17.61
CA PRO F 79 -46.24 -38.92 -17.77
C PRO F 79 -46.62 -37.45 -17.64
N ASP F 80 -47.77 -37.04 -18.18
CA ASP F 80 -48.18 -35.63 -18.04
C ASP F 80 -48.40 -35.30 -16.56
N GLY F 81 -48.93 -36.28 -15.82
CA GLY F 81 -49.18 -36.09 -14.41
C GLY F 81 -47.91 -35.88 -13.62
N ARG F 82 -46.89 -36.71 -13.85
CA ARG F 82 -45.63 -36.54 -13.15
C ARG F 82 -45.06 -35.15 -13.46
N HIS F 83 -45.12 -34.77 -14.73
CA HIS F 83 -44.63 -33.47 -15.15
C HIS F 83 -45.26 -32.36 -14.30
N LEU F 84 -46.58 -32.41 -14.13
CA LEU F 84 -47.28 -31.41 -13.32
C LEU F 84 -46.85 -31.44 -11.85
N VAL F 85 -46.58 -32.63 -11.31
CA VAL F 85 -46.16 -32.73 -9.91
C VAL F 85 -44.75 -32.17 -9.73
N ASN F 86 -43.91 -32.35 -10.74
CA ASN F 86 -42.57 -31.80 -10.68
C ASN F 86 -42.68 -30.27 -10.58
N ARG F 87 -43.60 -29.69 -11.34
CA ARG F 87 -43.78 -28.26 -11.29
C ARG F 87 -44.32 -27.85 -9.91
N GLY F 88 -45.20 -28.69 -9.37
CA GLY F 88 -45.76 -28.41 -8.06
C GLY F 88 -44.68 -28.40 -6.99
N ARG F 89 -43.78 -29.38 -7.04
CA ARG F 89 -42.70 -29.47 -6.07
C ARG F 89 -41.78 -28.24 -6.12
N GLU F 90 -41.45 -27.80 -7.33
CA GLU F 90 -40.61 -26.60 -7.49
C GLU F 90 -41.39 -25.42 -6.95
N GLU F 91 -42.66 -25.38 -7.32
CA GLU F 91 -43.58 -24.33 -6.92
C GLU F 91 -43.66 -24.25 -5.39
N ALA F 92 -43.79 -25.41 -4.74
CA ALA F 92 -43.87 -25.46 -3.28
C ALA F 92 -42.55 -25.09 -2.64
N ALA F 93 -41.45 -25.52 -3.25
CA ALA F 93 -40.11 -25.21 -2.73
C ALA F 93 -39.82 -23.70 -2.78
N SER F 94 -40.21 -23.07 -3.88
CA SER F 94 -40.00 -21.64 -4.05
C SER F 94 -40.80 -20.86 -3.04
N PHE F 95 -42.02 -21.30 -2.77
CA PHE F 95 -42.88 -20.62 -1.79
C PHE F 95 -42.28 -20.72 -0.38
N LYS F 96 -41.83 -21.90 0.00
CA LYS F 96 -41.29 -22.10 1.34
C LYS F 96 -40.00 -21.33 1.56
N LYS F 97 -39.13 -21.37 0.56
CA LYS F 97 -37.86 -20.68 0.64
C LYS F 97 -38.00 -19.20 1.00
N LEU F 98 -39.01 -18.53 0.44
CA LEU F 98 -39.21 -17.11 0.69
C LEU F 98 -40.10 -16.77 1.87
N TYR F 99 -41.18 -17.53 2.04
CA TYR F 99 -42.15 -17.28 3.11
C TYR F 99 -41.99 -18.18 4.33
N LYS F 100 -41.03 -19.09 4.25
CA LYS F 100 -40.71 -20.01 5.34
C LYS F 100 -41.75 -21.10 5.59
N THR F 101 -43.01 -20.69 5.66
CA THR F 101 -44.12 -21.60 5.91
C THR F 101 -44.42 -22.55 4.75
N PRO F 102 -44.65 -23.85 5.03
CA PRO F 102 -44.96 -24.76 3.92
C PRO F 102 -46.18 -24.20 3.18
N ILE F 103 -46.24 -24.38 1.87
CA ILE F 103 -47.32 -23.81 1.10
C ILE F 103 -48.76 -24.21 1.44
N PRO F 104 -49.63 -23.23 1.72
CA PRO F 104 -51.03 -23.48 2.06
C PRO F 104 -51.70 -24.19 0.87
N ILE F 105 -52.59 -25.14 1.13
CA ILE F 105 -53.18 -25.88 0.02
C ILE F 105 -53.83 -24.98 -1.01
N PRO F 106 -54.58 -23.96 -0.56
CA PRO F 106 -55.22 -23.08 -1.53
C PRO F 106 -54.21 -22.38 -2.45
N ALA F 107 -53.08 -21.96 -1.90
CA ALA F 107 -52.06 -21.29 -2.70
C ALA F 107 -51.44 -22.29 -3.65
N PHE F 108 -51.28 -23.52 -3.18
CA PHE F 108 -50.70 -24.54 -4.04
C PHE F 108 -51.62 -24.78 -5.22
N ALA F 109 -52.91 -24.84 -4.95
CA ALA F 109 -53.88 -25.09 -6.00
C ALA F 109 -53.76 -24.08 -7.12
N ASP F 110 -53.74 -22.80 -6.77
CA ASP F 110 -53.62 -21.78 -7.81
C ASP F 110 -52.28 -21.86 -8.53
N ARG F 111 -51.25 -22.34 -7.85
CA ARG F 111 -49.96 -22.46 -8.52
C ARG F 111 -50.10 -23.48 -9.64
N LEU F 112 -50.72 -24.63 -9.35
CA LEU F 112 -50.92 -25.65 -10.39
C LEU F 112 -51.86 -25.11 -11.45
N GLY F 113 -52.88 -24.39 -11.00
CA GLY F 113 -53.88 -23.84 -11.89
C GLY F 113 -53.35 -22.90 -12.95
N GLN F 114 -52.53 -21.92 -12.55
CA GLN F 114 -52.00 -20.94 -13.48
C GLN F 114 -51.10 -21.63 -14.51
N TYR F 115 -50.37 -22.64 -14.04
CA TYR F 115 -49.45 -23.39 -14.88
C TYR F 115 -50.22 -24.17 -15.94
N VAL F 116 -51.26 -24.87 -15.50
CA VAL F 116 -52.06 -25.65 -16.44
C VAL F 116 -52.80 -24.73 -17.39
N GLN F 117 -53.25 -23.58 -16.88
CA GLN F 117 -53.97 -22.63 -17.73
C GLN F 117 -52.99 -22.08 -18.78
N ALA F 118 -51.74 -21.92 -18.37
CA ALA F 118 -50.73 -21.40 -19.30
C ALA F 118 -50.61 -22.27 -20.54
N HIS F 119 -50.86 -23.58 -20.40
CA HIS F 119 -50.76 -24.51 -21.52
C HIS F 119 -51.98 -24.53 -22.44
N THR F 120 -52.78 -23.48 -22.39
CA THR F 120 -53.96 -23.37 -23.23
C THR F 120 -53.88 -22.01 -23.91
N LEU F 121 -52.75 -21.33 -23.71
CA LEU F 121 -52.54 -20.00 -24.26
C LEU F 121 -51.72 -19.90 -25.56
N TYR F 122 -51.04 -20.99 -25.92
CA TYR F 122 -50.18 -20.96 -27.11
C TYR F 122 -50.33 -22.22 -27.96
N ASN F 123 -50.07 -22.10 -29.25
CA ASN F 123 -50.16 -23.26 -30.12
C ASN F 123 -48.85 -24.05 -30.11
N SER F 124 -47.83 -23.51 -29.43
CA SER F 124 -46.54 -24.17 -29.36
C SER F 124 -46.49 -25.21 -28.25
N VAL F 125 -47.56 -25.31 -27.46
CA VAL F 125 -47.64 -26.32 -26.40
C VAL F 125 -48.95 -27.05 -26.48
N ARG F 126 -49.00 -28.18 -25.81
CA ARG F 126 -50.17 -29.03 -25.77
C ARG F 126 -50.74 -28.98 -24.36
N PRO F 127 -52.08 -28.99 -24.22
CA PRO F 127 -52.70 -28.97 -22.88
C PRO F 127 -52.36 -30.25 -22.11
N PHE F 128 -52.46 -30.21 -20.79
CA PHE F 128 -52.18 -31.39 -20.01
C PHE F 128 -53.25 -32.46 -20.20
N GLY F 129 -52.80 -33.71 -20.35
CA GLY F 129 -53.74 -34.79 -20.54
C GLY F 129 -54.10 -35.51 -19.26
N VAL F 130 -54.35 -34.75 -18.20
CA VAL F 130 -54.72 -35.33 -16.92
C VAL F 130 -55.61 -34.41 -16.11
N SER F 131 -56.39 -35.01 -15.21
CA SER F 131 -57.22 -34.24 -14.30
C SER F 131 -56.58 -34.67 -13.00
N THR F 132 -56.33 -33.73 -12.11
CA THR F 132 -55.66 -34.07 -10.87
C THR F 132 -56.42 -33.75 -9.61
N ILE F 133 -56.40 -34.71 -8.69
CA ILE F 133 -57.04 -34.59 -7.40
C ILE F 133 -55.89 -34.48 -6.38
N PHE F 134 -55.91 -33.41 -5.59
CA PHE F 134 -54.84 -33.19 -4.63
C PHE F 134 -55.33 -32.35 -3.45
N GLY F 135 -54.54 -32.35 -2.38
CA GLY F 135 -54.88 -31.58 -1.20
C GLY F 135 -54.07 -31.96 0.01
N GLY F 136 -54.39 -31.34 1.14
CA GLY F 136 -53.67 -31.65 2.36
C GLY F 136 -54.23 -30.84 3.49
N VAL F 137 -53.49 -30.79 4.59
CA VAL F 137 -53.90 -30.06 5.77
C VAL F 137 -52.95 -28.88 5.94
N ASP F 138 -53.50 -27.72 6.27
CA ASP F 138 -52.66 -26.56 6.50
C ASP F 138 -53.16 -25.77 7.71
N LYS F 139 -52.67 -24.54 7.83
CA LYS F 139 -53.03 -23.66 8.95
C LYS F 139 -54.53 -23.65 9.23
N ASN F 140 -55.36 -23.70 8.18
CA ASN F 140 -56.80 -23.65 8.39
C ASN F 140 -57.59 -24.90 8.02
N GLY F 141 -57.05 -26.08 8.33
CA GLY F 141 -57.81 -27.27 8.03
C GLY F 141 -57.39 -28.06 6.82
N ALA F 142 -58.29 -28.91 6.37
CA ALA F 142 -58.06 -29.77 5.23
C ALA F 142 -58.66 -29.15 4.00
N HIS F 143 -58.10 -29.48 2.84
CA HIS F 143 -58.60 -28.97 1.56
C HIS F 143 -58.42 -30.02 0.47
N LEU F 144 -59.46 -30.21 -0.34
CA LEU F 144 -59.42 -31.17 -1.44
C LEU F 144 -59.73 -30.41 -2.73
N TYR F 145 -58.93 -30.65 -3.77
CA TYR F 145 -59.12 -29.98 -5.06
C TYR F 145 -58.99 -30.92 -6.23
N MET F 146 -59.58 -30.53 -7.35
CA MET F 146 -59.49 -31.26 -8.59
C MET F 146 -59.23 -30.23 -9.68
N LEU F 147 -58.25 -30.51 -10.53
CA LEU F 147 -57.83 -29.61 -11.60
C LEU F 147 -58.01 -30.27 -12.97
N GLU F 148 -58.66 -29.56 -13.89
CA GLU F 148 -58.92 -30.07 -15.25
C GLU F 148 -57.88 -29.55 -16.27
N PRO F 149 -57.81 -30.19 -17.45
CA PRO F 149 -56.88 -29.78 -18.50
C PRO F 149 -57.08 -28.33 -18.92
N SER F 150 -58.25 -27.77 -18.64
CA SER F 150 -58.50 -26.39 -19.03
C SER F 150 -57.82 -25.44 -18.06
N GLY F 151 -57.49 -25.96 -16.88
CA GLY F 151 -56.88 -25.15 -15.86
C GLY F 151 -57.90 -24.88 -14.78
N SER F 152 -59.13 -25.34 -15.00
CA SER F 152 -60.19 -25.13 -14.04
C SER F 152 -60.02 -26.00 -12.80
N TYR F 153 -60.35 -25.42 -11.65
CA TYR F 153 -60.25 -26.15 -10.39
C TYR F 153 -61.14 -25.48 -9.33
N TRP F 154 -61.66 -26.28 -8.41
CA TRP F 154 -62.49 -25.78 -7.32
C TRP F 154 -62.23 -26.70 -6.13
N GLY F 155 -62.72 -26.28 -4.96
CA GLY F 155 -62.58 -27.09 -3.77
C GLY F 155 -63.72 -28.08 -3.75
N TYR F 156 -63.46 -29.30 -3.27
CA TYR F 156 -64.49 -30.33 -3.24
C TYR F 156 -64.65 -31.03 -1.91
N LYS F 157 -65.82 -31.65 -1.73
CA LYS F 157 -66.13 -32.44 -0.54
C LYS F 157 -65.67 -33.84 -0.93
N GLY F 158 -65.93 -34.18 -2.19
CA GLY F 158 -65.53 -35.47 -2.72
C GLY F 158 -65.24 -35.23 -4.19
N ALA F 159 -64.29 -35.96 -4.76
CA ALA F 159 -63.98 -35.77 -6.16
C ALA F 159 -63.54 -37.06 -6.84
N ALA F 160 -63.88 -37.16 -8.11
CA ALA F 160 -63.54 -38.34 -8.89
C ALA F 160 -63.28 -37.99 -10.33
N THR F 161 -62.49 -38.81 -11.01
CA THR F 161 -62.16 -38.59 -12.40
C THR F 161 -61.76 -39.93 -13.01
N GLY F 162 -61.85 -40.03 -14.34
CA GLY F 162 -61.49 -41.26 -15.03
C GLY F 162 -62.67 -42.11 -15.49
N LYS F 163 -62.35 -43.32 -15.95
CA LYS F 163 -63.33 -44.28 -16.46
C LYS F 163 -64.62 -44.41 -15.66
N GLY F 164 -64.50 -44.68 -14.35
CA GLY F 164 -65.68 -44.84 -13.52
C GLY F 164 -66.05 -43.61 -12.73
N ARG F 165 -65.77 -42.43 -13.27
CA ARG F 165 -66.06 -41.20 -12.57
C ARG F 165 -67.53 -41.06 -12.15
N GLN F 166 -68.44 -41.60 -12.96
CA GLN F 166 -69.87 -41.52 -12.67
C GLN F 166 -70.29 -42.37 -11.47
N SER F 167 -69.82 -43.61 -11.39
CA SER F 167 -70.13 -44.48 -10.26
C SER F 167 -69.66 -43.76 -9.01
N ALA F 168 -68.38 -43.40 -9.03
CA ALA F 168 -67.77 -42.71 -7.92
C ALA F 168 -68.56 -41.50 -7.49
N LYS F 169 -68.80 -40.56 -8.40
CA LYS F 169 -69.55 -39.37 -8.04
C LYS F 169 -70.89 -39.74 -7.40
N ALA F 170 -71.53 -40.77 -7.94
CA ALA F 170 -72.80 -41.20 -7.39
C ALA F 170 -72.57 -41.58 -5.94
N GLU F 171 -71.58 -42.45 -5.71
CA GLU F 171 -71.25 -42.91 -4.36
C GLU F 171 -70.84 -41.79 -3.40
N LEU F 172 -69.99 -40.87 -3.89
CA LEU F 172 -69.53 -39.75 -3.09
C LEU F 172 -70.70 -38.85 -2.67
N GLU F 173 -71.64 -38.64 -3.59
CA GLU F 173 -72.79 -37.80 -3.27
C GLU F 173 -73.61 -38.46 -2.16
N LYS F 174 -73.68 -39.79 -2.21
CA LYS F 174 -74.40 -40.54 -1.19
C LYS F 174 -73.78 -40.27 0.18
N LEU F 175 -72.46 -40.42 0.26
CA LEU F 175 -71.75 -40.16 1.51
C LEU F 175 -72.06 -38.78 2.03
N VAL F 176 -71.99 -37.77 1.16
CA VAL F 176 -72.25 -36.40 1.54
C VAL F 176 -73.61 -36.25 2.24
N ASP F 177 -74.65 -36.83 1.65
CA ASP F 177 -75.99 -36.73 2.20
C ASP F 177 -76.17 -37.49 3.51
N HIS F 178 -75.45 -38.59 3.66
CA HIS F 178 -75.54 -39.41 4.86
C HIS F 178 -74.50 -39.07 5.92
N HIS F 179 -73.84 -37.93 5.77
CA HIS F 179 -72.82 -37.52 6.74
C HIS F 179 -72.66 -36.01 6.75
N PRO F 180 -73.72 -35.29 7.12
CA PRO F 180 -73.68 -33.82 7.18
C PRO F 180 -72.78 -33.35 8.31
N GLU F 181 -72.53 -34.23 9.26
CA GLU F 181 -71.68 -33.91 10.40
C GLU F 181 -70.20 -34.16 10.11
N GLY F 182 -69.91 -34.87 9.01
CA GLY F 182 -68.53 -35.15 8.65
C GLY F 182 -68.14 -36.61 8.72
N LEU F 183 -67.06 -36.94 8.01
CA LEU F 183 -66.57 -38.31 7.97
C LEU F 183 -65.19 -38.28 8.61
N SER F 184 -64.78 -39.37 9.24
CA SER F 184 -63.47 -39.39 9.88
C SER F 184 -62.43 -39.93 8.91
N ALA F 185 -61.16 -39.66 9.20
CA ALA F 185 -60.09 -40.15 8.34
C ALA F 185 -60.17 -41.67 8.20
N ARG F 186 -60.39 -42.36 9.32
CA ARG F 186 -60.49 -43.83 9.33
C ARG F 186 -61.63 -44.29 8.41
N GLU F 187 -62.78 -43.64 8.54
CA GLU F 187 -63.95 -43.97 7.73
C GLU F 187 -63.76 -43.63 6.26
N ALA F 188 -63.17 -42.46 6.00
CA ALA F 188 -62.93 -42.02 4.63
C ALA F 188 -62.05 -43.04 3.91
N VAL F 189 -61.09 -43.62 4.62
CA VAL F 189 -60.22 -44.64 4.04
C VAL F 189 -61.02 -45.87 3.60
N LYS F 190 -61.87 -46.40 4.47
CA LYS F 190 -62.68 -47.58 4.12
C LYS F 190 -63.63 -47.28 2.96
N GLN F 191 -64.33 -46.16 3.09
CA GLN F 191 -65.30 -45.73 2.09
C GLN F 191 -64.60 -45.53 0.74
N ALA F 192 -63.37 -45.05 0.78
CA ALA F 192 -62.60 -44.83 -0.43
C ALA F 192 -62.34 -46.17 -1.12
N ALA F 193 -61.95 -47.17 -0.33
CA ALA F 193 -61.67 -48.50 -0.88
C ALA F 193 -62.92 -49.06 -1.55
N LYS F 194 -64.08 -48.80 -0.95
CA LYS F 194 -65.33 -49.27 -1.51
C LYS F 194 -65.64 -48.58 -2.84
N ILE F 195 -65.63 -47.25 -2.83
CA ILE F 195 -65.92 -46.46 -4.04
C ILE F 195 -65.06 -46.92 -5.21
N ILE F 196 -63.80 -47.22 -4.95
CA ILE F 196 -62.91 -47.69 -6.02
C ILE F 196 -63.37 -49.05 -6.51
N TYR F 197 -63.67 -49.95 -5.58
CA TYR F 197 -64.13 -51.29 -5.95
C TYR F 197 -65.39 -51.21 -6.81
N LEU F 198 -66.34 -50.36 -6.40
CA LEU F 198 -67.58 -50.18 -7.14
C LEU F 198 -67.31 -49.61 -8.53
N ALA F 199 -66.58 -48.51 -8.57
CA ALA F 199 -66.26 -47.87 -9.84
C ALA F 199 -65.44 -48.78 -10.75
N HIS F 200 -64.94 -49.88 -10.23
CA HIS F 200 -64.13 -50.78 -11.04
C HIS F 200 -64.98 -51.61 -12.01
N GLU F 201 -66.30 -51.53 -11.88
CA GLU F 201 -67.20 -52.28 -12.76
C GLU F 201 -67.15 -51.78 -14.22
N ASP F 202 -66.87 -50.49 -14.40
CA ASP F 202 -66.77 -49.90 -15.72
C ASP F 202 -65.43 -50.28 -16.35
N ASN F 203 -64.84 -51.36 -15.82
CA ASN F 203 -63.54 -51.84 -16.29
C ASN F 203 -63.34 -53.25 -15.71
N LYS F 204 -64.45 -53.85 -15.29
CA LYS F 204 -64.49 -55.18 -14.69
C LYS F 204 -63.77 -56.26 -15.49
N GLU F 205 -63.28 -55.90 -16.67
CA GLU F 205 -62.58 -56.85 -17.53
C GLU F 205 -61.19 -57.21 -17.02
N LYS F 206 -60.44 -56.20 -16.61
CA LYS F 206 -59.09 -56.41 -16.10
C LYS F 206 -59.10 -56.37 -14.58
N ASP F 207 -58.20 -57.12 -13.94
CA ASP F 207 -58.12 -57.14 -12.49
C ASP F 207 -57.32 -55.93 -12.05
N PHE F 208 -57.58 -55.43 -10.85
CA PHE F 208 -56.86 -54.24 -10.38
C PHE F 208 -56.24 -54.34 -9.00
N GLU F 209 -55.48 -53.30 -8.65
CA GLU F 209 -54.80 -53.19 -7.37
C GLU F 209 -55.20 -51.84 -6.75
N LEU F 210 -55.56 -51.86 -5.48
CA LEU F 210 -55.97 -50.64 -4.82
C LEU F 210 -54.79 -49.92 -4.17
N GLU F 211 -54.87 -48.59 -4.11
CA GLU F 211 -53.83 -47.78 -3.51
C GLU F 211 -54.51 -46.59 -2.83
N ILE F 212 -54.15 -46.38 -1.57
CA ILE F 212 -54.73 -45.31 -0.79
C ILE F 212 -53.66 -44.56 0.00
N SER F 213 -53.83 -43.26 0.14
CA SER F 213 -52.90 -42.44 0.89
C SER F 213 -53.80 -41.49 1.64
N TRP F 214 -53.28 -40.86 2.67
CA TRP F 214 -54.10 -39.93 3.44
C TRP F 214 -53.26 -38.91 4.18
N CYS F 215 -53.91 -37.80 4.50
CA CYS F 215 -53.27 -36.71 5.19
C CYS F 215 -54.32 -36.30 6.22
N SER F 216 -54.06 -36.60 7.49
CA SER F 216 -55.00 -36.26 8.56
C SER F 216 -54.30 -35.66 9.75
N LEU F 217 -54.90 -34.60 10.29
CA LEU F 217 -54.33 -33.91 11.42
C LEU F 217 -54.16 -34.83 12.62
N SER F 218 -55.16 -35.68 12.87
CA SER F 218 -55.09 -36.59 14.01
C SER F 218 -54.46 -37.96 13.71
N GLU F 219 -54.50 -38.39 12.46
CA GLU F 219 -53.95 -39.70 12.10
C GLU F 219 -52.53 -39.70 11.57
N THR F 220 -52.12 -38.62 10.90
CA THR F 220 -50.77 -38.56 10.33
C THR F 220 -49.99 -37.33 10.74
N ASN F 221 -50.60 -36.50 11.58
CA ASN F 221 -49.95 -35.29 12.05
C ASN F 221 -49.83 -34.27 10.94
N GLY F 222 -50.82 -34.24 10.04
CA GLY F 222 -50.78 -33.29 8.95
C GLY F 222 -49.84 -33.67 7.83
N LEU F 223 -49.12 -34.78 7.98
CA LEU F 223 -48.21 -35.21 6.92
C LEU F 223 -48.88 -36.21 5.99
N HIS F 224 -48.48 -36.20 4.72
CA HIS F 224 -49.05 -37.13 3.75
C HIS F 224 -48.38 -38.50 3.87
N LYS F 225 -49.19 -39.55 3.93
CA LYS F 225 -48.65 -40.91 4.06
C LYS F 225 -49.53 -41.96 3.38
N PHE F 226 -48.90 -43.03 2.92
CA PHE F 226 -49.64 -44.10 2.27
C PHE F 226 -50.26 -45.05 3.28
N VAL F 227 -51.48 -45.50 3.01
CA VAL F 227 -52.16 -46.45 3.87
C VAL F 227 -51.66 -47.83 3.47
N LYS F 228 -50.86 -48.45 4.32
CA LYS F 228 -50.29 -49.77 4.03
C LYS F 228 -50.67 -50.82 5.09
N GLY F 229 -50.15 -52.03 4.92
CA GLY F 229 -50.39 -53.12 5.85
C GLY F 229 -51.81 -53.48 6.26
N ASP F 230 -52.02 -53.55 7.58
CA ASP F 230 -53.31 -53.91 8.15
C ASP F 230 -54.47 -52.94 7.88
N LEU F 231 -54.22 -51.64 8.01
CA LEU F 231 -55.27 -50.67 7.78
C LEU F 231 -55.74 -50.75 6.33
N LEU F 232 -54.83 -51.12 5.44
CA LEU F 232 -55.12 -51.27 4.03
C LEU F 232 -55.97 -52.52 3.77
N GLN F 233 -55.46 -53.66 4.22
CA GLN F 233 -56.17 -54.93 4.05
C GLN F 233 -57.54 -54.86 4.67
N GLU F 234 -57.62 -54.17 5.80
CA GLU F 234 -58.87 -53.99 6.50
C GLU F 234 -59.87 -53.26 5.60
N ALA F 235 -59.39 -52.24 4.90
CA ALA F 235 -60.22 -51.46 3.98
C ALA F 235 -60.62 -52.30 2.78
N ILE F 236 -59.72 -53.16 2.34
CA ILE F 236 -59.99 -54.02 1.21
C ILE F 236 -61.12 -55.00 1.59
N ASP F 237 -61.04 -55.53 2.81
CA ASP F 237 -62.06 -56.45 3.27
C ASP F 237 -63.41 -55.74 3.36
N PHE F 238 -63.42 -54.52 3.89
CA PHE F 238 -64.66 -53.75 3.99
C PHE F 238 -65.30 -53.51 2.63
N ALA F 239 -64.49 -53.40 1.59
CA ALA F 239 -64.98 -53.17 0.23
C ALA F 239 -65.45 -54.50 -0.38
N GLN F 240 -64.58 -55.51 -0.32
CA GLN F 240 -64.89 -56.82 -0.86
C GLN F 240 -66.18 -57.38 -0.29
N LYS F 241 -66.52 -56.94 0.91
CA LYS F 241 -67.73 -57.39 1.58
C LYS F 241 -68.96 -56.68 1.03
N GLU F 242 -68.88 -55.36 0.92
CA GLU F 242 -70.01 -54.58 0.42
C GLU F 242 -70.17 -54.64 -1.09
N ILE F 243 -69.25 -55.34 -1.76
CA ILE F 243 -69.32 -55.48 -3.20
C ILE F 243 -70.23 -56.67 -3.48
N ASN F 244 -70.56 -57.41 -2.43
CA ASN F 244 -71.43 -58.58 -2.54
C ASN F 244 -72.61 -58.49 -1.58
N ALA G 1 -55.08 -18.85 -46.30
CA ALA G 1 -55.98 -17.69 -46.56
C ALA G 1 -57.17 -17.70 -45.60
N GLY G 2 -57.72 -18.90 -45.37
CA GLY G 2 -58.84 -19.05 -44.46
C GLY G 2 -58.40 -19.18 -43.01
N TYR G 3 -57.19 -18.69 -42.75
CA TYR G 3 -56.62 -18.73 -41.42
C TYR G 3 -56.76 -17.40 -40.72
N ASP G 4 -57.44 -16.46 -41.36
CA ASP G 4 -57.65 -15.16 -40.75
C ASP G 4 -58.71 -15.35 -39.67
N ARG G 5 -59.02 -16.61 -39.41
CA ARG G 5 -60.01 -16.95 -38.40
C ARG G 5 -59.44 -17.80 -37.28
N HIS G 6 -58.12 -18.02 -37.29
CA HIS G 6 -57.47 -18.82 -36.25
C HIS G 6 -56.52 -18.02 -35.39
N ILE G 7 -56.01 -16.92 -35.93
CA ILE G 7 -55.12 -16.05 -35.17
C ILE G 7 -55.55 -14.60 -35.38
N THR G 8 -54.99 -13.70 -34.58
CA THR G 8 -55.39 -12.31 -34.66
C THR G 8 -54.89 -11.42 -35.79
N ILE G 9 -55.24 -11.75 -37.03
CA ILE G 9 -54.88 -10.87 -38.16
C ILE G 9 -56.22 -10.49 -38.77
N PHE G 10 -56.22 -9.47 -39.60
CA PHE G 10 -57.44 -9.00 -40.23
C PHE G 10 -58.10 -9.92 -41.25
N SER G 11 -59.43 -9.87 -41.28
CA SER G 11 -60.24 -10.61 -42.25
C SER G 11 -60.45 -9.56 -43.35
N PRO G 12 -60.86 -9.96 -44.55
CA PRO G 12 -61.07 -8.94 -45.58
C PRO G 12 -62.01 -7.81 -45.15
N GLU G 13 -62.87 -8.08 -44.17
CA GLU G 13 -63.81 -7.06 -43.70
C GLU G 13 -63.20 -6.16 -42.64
N GLY G 14 -61.94 -6.42 -42.28
CA GLY G 14 -61.26 -5.61 -41.28
C GLY G 14 -61.64 -6.06 -39.89
N ARG G 15 -62.11 -7.30 -39.77
CA ARG G 15 -62.52 -7.86 -38.51
C ARG G 15 -61.51 -8.85 -37.94
N LEU G 16 -61.64 -9.12 -36.65
CA LEU G 16 -60.77 -10.05 -35.95
C LEU G 16 -61.64 -11.12 -35.30
N TYR G 17 -61.92 -12.18 -36.05
CA TYR G 17 -62.76 -13.26 -35.56
C TYR G 17 -62.35 -13.86 -34.24
N GLN G 18 -61.06 -14.05 -34.02
CA GLN G 18 -60.63 -14.63 -32.75
C GLN G 18 -61.05 -13.77 -31.59
N VAL G 19 -61.09 -12.46 -31.80
CA VAL G 19 -61.52 -11.54 -30.75
C VAL G 19 -63.02 -11.71 -30.54
N GLU G 20 -63.74 -11.85 -31.64
CA GLU G 20 -65.18 -12.03 -31.55
C GLU G 20 -65.53 -13.33 -30.85
N TYR G 21 -64.80 -14.39 -31.17
CA TYR G 21 -65.05 -15.69 -30.56
C TYR G 21 -64.67 -15.65 -29.10
N ALA G 22 -63.74 -14.77 -28.75
CA ALA G 22 -63.33 -14.66 -27.36
C ALA G 22 -64.52 -14.11 -26.58
N PHE G 23 -65.12 -13.05 -27.11
CA PHE G 23 -66.30 -12.44 -26.50
C PHE G 23 -67.33 -13.52 -26.26
N LYS G 24 -67.46 -14.42 -27.23
CA LYS G 24 -68.42 -15.51 -27.13
C LYS G 24 -68.15 -16.39 -25.91
N ALA G 25 -66.87 -16.60 -25.61
CA ALA G 25 -66.51 -17.45 -24.49
C ALA G 25 -66.87 -16.84 -23.16
N THR G 26 -66.97 -15.51 -23.13
CA THR G 26 -67.31 -14.83 -21.87
C THR G 26 -68.66 -15.27 -21.28
N ASN G 27 -69.59 -15.74 -22.10
CA ASN G 27 -70.88 -16.15 -21.56
C ASN G 27 -70.95 -17.60 -21.14
N GLN G 28 -69.86 -18.32 -21.38
CA GLN G 28 -69.76 -19.75 -21.06
C GLN G 28 -70.28 -20.13 -19.68
N THR G 29 -70.06 -19.27 -18.69
CA THR G 29 -70.47 -19.53 -17.32
C THR G 29 -71.96 -19.30 -17.05
N ASN G 30 -72.65 -18.68 -18.00
CA ASN G 30 -74.09 -18.42 -17.85
C ASN G 30 -74.42 -17.68 -16.55
N ILE G 31 -73.70 -16.59 -16.30
CA ILE G 31 -73.89 -15.82 -15.09
C ILE G 31 -73.87 -14.33 -15.38
N ASN G 32 -74.78 -13.60 -14.77
CA ASN G 32 -74.83 -12.17 -14.99
C ASN G 32 -74.30 -11.43 -13.79
N SER G 33 -73.74 -10.25 -14.05
CA SER G 33 -73.22 -9.42 -13.00
C SER G 33 -73.60 -7.98 -13.30
N LEU G 34 -73.62 -7.14 -12.27
CA LEU G 34 -73.94 -5.74 -12.47
C LEU G 34 -73.32 -4.93 -11.34
N ALA G 35 -72.99 -3.68 -11.65
CA ALA G 35 -72.38 -2.80 -10.69
C ALA G 35 -73.08 -1.47 -10.72
N VAL G 36 -73.18 -0.84 -9.56
CA VAL G 36 -73.82 0.46 -9.48
C VAL G 36 -73.01 1.29 -8.51
N ARG G 37 -73.14 2.61 -8.66
CA ARG G 37 -72.42 3.53 -7.78
C ARG G 37 -73.33 4.17 -6.75
N GLY G 38 -72.88 4.16 -5.50
CA GLY G 38 -73.62 4.77 -4.41
C GLY G 38 -73.18 6.21 -4.26
N LYS G 39 -73.52 6.81 -3.14
CA LYS G 39 -73.14 8.19 -2.89
C LYS G 39 -71.64 8.21 -2.66
N ASP G 40 -71.15 7.17 -1.99
CA ASP G 40 -69.73 7.05 -1.73
C ASP G 40 -69.32 5.60 -1.50
N CYS G 41 -69.88 4.71 -2.30
CA CYS G 41 -69.56 3.28 -2.24
C CYS G 41 -69.83 2.73 -3.63
N THR G 42 -69.40 1.50 -3.87
CA THR G 42 -69.63 0.88 -5.15
C THR G 42 -69.96 -0.57 -4.88
N VAL G 43 -70.98 -1.07 -5.56
CA VAL G 43 -71.44 -2.44 -5.37
C VAL G 43 -71.48 -3.24 -6.66
N VAL G 44 -71.07 -4.51 -6.54
CA VAL G 44 -71.10 -5.44 -7.66
C VAL G 44 -71.81 -6.69 -7.20
N ILE G 45 -72.77 -7.12 -7.99
CA ILE G 45 -73.53 -8.32 -7.71
C ILE G 45 -73.30 -9.26 -8.87
N SER G 46 -73.21 -10.54 -8.55
CA SER G 46 -73.02 -11.54 -9.57
C SER G 46 -73.75 -12.80 -9.16
N GLN G 47 -74.38 -13.46 -10.13
CA GLN G 47 -75.09 -14.68 -9.86
C GLN G 47 -74.06 -15.73 -9.47
N LYS G 48 -74.48 -16.70 -8.67
CA LYS G 48 -73.60 -17.76 -8.25
C LYS G 48 -74.39 -19.05 -8.45
N LYS G 49 -73.86 -19.95 -9.27
CA LYS G 49 -74.54 -21.20 -9.54
C LYS G 49 -73.65 -22.40 -9.31
N VAL G 50 -73.74 -22.98 -8.12
CA VAL G 50 -72.96 -24.17 -7.81
C VAL G 50 -73.87 -25.38 -7.85
N PRO G 51 -73.95 -26.04 -9.02
CA PRO G 51 -74.76 -27.22 -9.30
C PRO G 51 -74.32 -28.49 -8.58
N ASP G 52 -73.07 -28.91 -8.81
CA ASP G 52 -72.55 -30.13 -8.19
C ASP G 52 -72.66 -30.05 -6.66
N LYS G 53 -73.04 -31.17 -6.04
CA LYS G 53 -73.18 -31.22 -4.58
C LYS G 53 -71.85 -31.56 -3.94
N LEU G 54 -70.94 -32.08 -4.75
CA LEU G 54 -69.61 -32.47 -4.28
C LEU G 54 -68.65 -31.30 -4.15
N LEU G 55 -69.06 -30.12 -4.64
CA LEU G 55 -68.22 -28.95 -4.58
C LEU G 55 -68.33 -28.24 -3.24
N ASP G 56 -67.29 -27.50 -2.89
CA ASP G 56 -67.30 -26.72 -1.68
C ASP G 56 -67.66 -25.32 -2.17
N PRO G 57 -68.93 -24.93 -2.00
CA PRO G 57 -69.47 -23.63 -2.40
C PRO G 57 -68.62 -22.44 -2.02
N THR G 58 -67.90 -22.56 -0.92
CA THR G 58 -67.05 -21.47 -0.44
C THR G 58 -65.83 -21.21 -1.30
N THR G 59 -65.48 -22.17 -2.16
CA THR G 59 -64.32 -21.99 -3.03
C THR G 59 -64.69 -21.55 -4.44
N VAL G 60 -65.97 -21.31 -4.68
CA VAL G 60 -66.44 -20.90 -5.99
C VAL G 60 -66.74 -19.40 -5.99
N SER G 61 -66.06 -18.64 -6.83
CA SER G 61 -66.29 -17.21 -6.89
C SER G 61 -65.70 -16.58 -8.15
N TYR G 62 -66.34 -15.51 -8.62
CA TYR G 62 -65.86 -14.81 -9.79
C TYR G 62 -65.63 -13.35 -9.42
N ILE G 63 -65.46 -13.14 -8.12
CA ILE G 63 -65.18 -11.82 -7.60
C ILE G 63 -63.79 -11.90 -6.97
N PHE G 64 -62.98 -10.86 -7.18
CA PHE G 64 -61.61 -10.85 -6.67
C PHE G 64 -61.20 -9.56 -6.01
N CYS G 65 -60.41 -9.68 -4.95
CA CYS G 65 -59.87 -8.54 -4.23
C CYS G 65 -58.48 -8.32 -4.81
N ILE G 66 -58.35 -7.35 -5.69
CA ILE G 66 -57.08 -7.08 -6.33
C ILE G 66 -56.12 -6.31 -5.46
N SER G 67 -56.67 -5.45 -4.61
CA SER G 67 -55.89 -4.64 -3.69
C SER G 67 -56.82 -4.20 -2.58
N ARG G 68 -56.28 -3.55 -1.55
CA ARG G 68 -57.10 -3.08 -0.44
C ARG G 68 -58.32 -2.30 -0.93
N THR G 69 -58.16 -1.54 -2.02
CA THR G 69 -59.25 -0.73 -2.55
C THR G 69 -59.91 -1.18 -3.85
N ILE G 70 -59.24 -2.03 -4.64
CA ILE G 70 -59.83 -2.47 -5.89
C ILE G 70 -60.43 -3.87 -5.89
N GLY G 71 -61.65 -3.95 -6.39
CA GLY G 71 -62.33 -5.21 -6.50
C GLY G 71 -62.55 -5.50 -7.98
N MET G 72 -62.56 -6.76 -8.35
CA MET G 72 -62.77 -7.14 -9.74
C MET G 72 -63.75 -8.31 -9.88
N VAL G 73 -64.74 -8.15 -10.75
CA VAL G 73 -65.70 -9.23 -10.99
C VAL G 73 -65.41 -9.64 -12.44
N VAL G 74 -65.41 -10.95 -12.68
CA VAL G 74 -65.10 -11.48 -13.99
C VAL G 74 -66.20 -12.28 -14.63
N ASN G 75 -66.55 -11.94 -15.86
CA ASN G 75 -67.53 -12.69 -16.62
C ASN G 75 -66.77 -13.52 -17.63
N GLY G 76 -66.68 -14.84 -17.39
CA GLY G 76 -65.97 -15.72 -18.29
C GLY G 76 -65.44 -16.94 -17.55
N PRO G 77 -64.84 -17.91 -18.27
CA PRO G 77 -64.30 -19.13 -17.66
C PRO G 77 -63.38 -18.80 -16.49
N ILE G 78 -63.35 -19.65 -15.47
CA ILE G 78 -62.51 -19.37 -14.31
C ILE G 78 -60.98 -19.41 -14.56
N PRO G 79 -60.49 -20.32 -15.41
CA PRO G 79 -59.03 -20.26 -15.57
C PRO G 79 -58.54 -18.93 -16.18
N ASP G 80 -59.20 -18.44 -17.22
CA ASP G 80 -58.79 -17.15 -17.79
C ASP G 80 -59.07 -16.08 -16.73
N ALA G 81 -60.16 -16.27 -15.99
CA ALA G 81 -60.53 -15.32 -14.95
C ALA G 81 -59.40 -15.15 -13.93
N ARG G 82 -58.86 -16.26 -13.46
CA ARG G 82 -57.77 -16.25 -12.48
C ARG G 82 -56.45 -15.74 -13.02
N ASN G 83 -56.19 -16.00 -14.30
CA ASN G 83 -54.99 -15.51 -14.95
C ASN G 83 -55.08 -13.98 -14.89
N ALA G 84 -56.24 -13.43 -15.21
CA ALA G 84 -56.45 -11.98 -15.20
C ALA G 84 -56.32 -11.39 -13.80
N ALA G 85 -56.87 -12.09 -12.82
CA ALA G 85 -56.82 -11.63 -11.44
C ALA G 85 -55.38 -11.59 -10.95
N LEU G 86 -54.62 -12.66 -11.15
CA LEU G 86 -53.24 -12.69 -10.69
C LEU G 86 -52.46 -11.54 -11.33
N ARG G 87 -52.65 -11.34 -12.63
CA ARG G 87 -51.94 -10.26 -13.30
C ARG G 87 -52.27 -8.90 -12.71
N ALA G 88 -53.56 -8.62 -12.52
CA ALA G 88 -54.00 -7.34 -11.96
C ALA G 88 -53.44 -7.11 -10.55
N LYS G 89 -53.35 -8.18 -9.75
CA LYS G 89 -52.81 -8.05 -8.41
C LYS G 89 -51.35 -7.66 -8.50
N ALA G 90 -50.64 -8.33 -9.39
CA ALA G 90 -49.23 -8.06 -9.63
C ALA G 90 -49.08 -6.61 -10.09
N GLU G 91 -49.86 -6.21 -11.08
CA GLU G 91 -49.79 -4.83 -11.58
C GLU G 91 -50.06 -3.83 -10.46
N ALA G 92 -51.04 -4.14 -9.62
CA ALA G 92 -51.42 -3.27 -8.49
C ALA G 92 -50.33 -3.11 -7.45
N ALA G 93 -49.67 -4.20 -7.09
CA ALA G 93 -48.60 -4.16 -6.09
C ALA G 93 -47.37 -3.41 -6.62
N GLU G 94 -47.04 -3.67 -7.89
CA GLU G 94 -45.89 -3.04 -8.49
C GLU G 94 -46.11 -1.53 -8.61
N PHE G 95 -47.26 -1.13 -9.11
CA PHE G 95 -47.58 0.29 -9.25
C PHE G 95 -47.35 1.01 -7.91
N ARG G 96 -47.88 0.43 -6.83
CA ARG G 96 -47.75 1.02 -5.52
C ARG G 96 -46.29 1.19 -5.10
N TYR G 97 -45.51 0.17 -5.40
CA TYR G 97 -44.09 0.18 -5.05
C TYR G 97 -43.30 1.22 -5.86
N LYS G 98 -43.64 1.36 -7.13
CA LYS G 98 -42.94 2.29 -7.98
C LYS G 98 -43.36 3.74 -7.87
N TYR G 99 -44.66 3.99 -7.77
CA TYR G 99 -45.14 5.36 -7.75
C TYR G 99 -45.51 5.91 -6.39
N GLY G 100 -45.41 5.07 -5.37
CA GLY G 100 -45.68 5.53 -4.03
C GLY G 100 -47.10 5.71 -3.56
N TYR G 101 -48.08 5.39 -4.40
CA TYR G 101 -49.48 5.51 -4.00
C TYR G 101 -50.27 4.37 -4.63
N ASP G 102 -51.46 4.10 -4.09
CA ASP G 102 -52.31 3.01 -4.59
C ASP G 102 -52.80 3.19 -6.01
N MET G 103 -52.71 2.14 -6.83
CA MET G 103 -53.14 2.26 -8.21
C MET G 103 -54.64 2.55 -8.30
N PRO G 104 -55.01 3.62 -9.04
CA PRO G 104 -56.42 3.96 -9.19
C PRO G 104 -57.12 2.91 -10.03
N CYS G 105 -58.40 2.68 -9.73
CA CYS G 105 -59.21 1.71 -10.46
C CYS G 105 -59.15 1.91 -11.98
N ASP G 106 -59.31 3.15 -12.45
CA ASP G 106 -59.29 3.43 -13.88
C ASP G 106 -57.93 3.16 -14.51
N VAL G 107 -56.85 3.41 -13.76
CA VAL G 107 -55.52 3.17 -14.29
C VAL G 107 -55.29 1.66 -14.45
N LEU G 108 -55.70 0.86 -13.47
CA LEU G 108 -55.53 -0.58 -13.57
C LEU G 108 -56.32 -1.10 -14.76
N ALA G 109 -57.49 -0.52 -14.97
CA ALA G 109 -58.35 -0.93 -16.09
C ALA G 109 -57.63 -0.66 -17.41
N LYS G 110 -57.11 0.55 -17.57
CA LYS G 110 -56.38 0.90 -18.79
C LYS G 110 -55.22 -0.05 -19.01
N ARG G 111 -54.48 -0.35 -17.94
CA ARG G 111 -53.33 -1.23 -18.04
C ARG G 111 -53.76 -2.64 -18.49
N MET G 112 -54.82 -3.17 -17.90
CA MET G 112 -55.28 -4.50 -18.28
C MET G 112 -55.84 -4.44 -19.72
N ALA G 113 -56.48 -3.33 -20.04
CA ALA G 113 -57.03 -3.15 -21.37
C ALA G 113 -55.89 -3.13 -22.39
N ASN G 114 -54.81 -2.41 -22.08
CA ASN G 114 -53.69 -2.36 -23.00
C ASN G 114 -53.10 -3.76 -23.19
N LEU G 115 -53.02 -4.52 -22.10
CA LEU G 115 -52.48 -5.88 -22.16
C LEU G 115 -53.33 -6.68 -23.15
N SER G 116 -54.64 -6.55 -23.05
CA SER G 116 -55.53 -7.28 -23.94
C SER G 116 -55.36 -6.82 -25.39
N GLN G 117 -55.19 -5.52 -25.58
CA GLN G 117 -54.99 -4.99 -26.91
C GLN G 117 -53.83 -5.75 -27.58
N ILE G 118 -52.79 -6.04 -26.82
CA ILE G 118 -51.64 -6.77 -27.34
C ILE G 118 -51.98 -8.18 -27.86
N TYR G 119 -52.82 -8.92 -27.13
CA TYR G 119 -53.18 -10.28 -27.55
C TYR G 119 -54.00 -10.19 -28.84
N THR G 120 -54.38 -8.96 -29.17
CA THR G 120 -55.18 -8.65 -30.34
C THR G 120 -54.30 -8.36 -31.56
N GLN G 121 -53.04 -7.98 -31.28
CA GLN G 121 -52.10 -7.65 -32.34
C GLN G 121 -50.99 -8.67 -32.53
N ARG G 122 -50.59 -9.36 -31.46
CA ARG G 122 -49.55 -10.38 -31.58
C ARG G 122 -50.22 -11.73 -31.78
N ALA G 123 -49.70 -12.48 -32.74
CA ALA G 123 -50.24 -13.78 -33.11
C ALA G 123 -50.11 -14.91 -32.11
N TYR G 124 -48.99 -14.99 -31.40
CA TYR G 124 -48.81 -16.11 -30.49
C TYR G 124 -49.59 -16.04 -29.18
N MET G 125 -50.18 -14.87 -28.89
CA MET G 125 -50.97 -14.69 -27.68
C MET G 125 -52.45 -14.73 -28.05
N ARG G 126 -53.23 -15.52 -27.32
CA ARG G 126 -54.67 -15.59 -27.57
C ARG G 126 -55.36 -14.64 -26.59
N PRO G 127 -56.50 -14.06 -26.99
CA PRO G 127 -57.18 -13.16 -26.07
C PRO G 127 -57.72 -14.00 -24.91
N LEU G 128 -58.03 -13.35 -23.79
CA LEU G 128 -58.61 -14.08 -22.68
C LEU G 128 -60.12 -13.95 -22.86
N GLY G 129 -60.85 -15.05 -22.72
CA GLY G 129 -62.29 -15.00 -22.92
C GLY G 129 -63.00 -14.46 -21.69
N VAL G 130 -62.66 -13.25 -21.29
CA VAL G 130 -63.27 -12.68 -20.11
C VAL G 130 -63.52 -11.19 -20.20
N ILE G 131 -64.50 -10.74 -19.44
CA ILE G 131 -64.81 -9.32 -19.36
C ILE G 131 -64.56 -9.00 -17.89
N LEU G 132 -63.76 -7.95 -17.65
CA LEU G 132 -63.39 -7.56 -16.30
C LEU G 132 -64.05 -6.27 -15.86
N THR G 133 -64.71 -6.31 -14.71
CA THR G 133 -65.34 -5.11 -14.17
C THR G 133 -64.59 -4.76 -12.89
N PHE G 134 -63.93 -3.61 -12.90
CA PHE G 134 -63.16 -3.15 -11.74
C PHE G 134 -63.94 -2.07 -11.02
N VAL G 135 -63.90 -2.11 -9.69
CA VAL G 135 -64.63 -1.14 -8.89
C VAL G 135 -63.85 -0.69 -7.66
N SER G 136 -64.14 0.53 -7.20
CA SER G 136 -63.48 1.09 -6.04
C SER G 136 -64.10 2.44 -5.76
N VAL G 137 -63.61 3.07 -4.70
CA VAL G 137 -64.02 4.41 -4.35
C VAL G 137 -62.67 5.12 -4.43
N ASP G 138 -62.34 5.60 -5.62
CA ASP G 138 -61.08 6.28 -5.86
C ASP G 138 -60.89 7.49 -4.97
N GLU G 139 -59.65 7.72 -4.50
CA GLU G 139 -59.40 8.87 -3.65
C GLU G 139 -59.56 10.16 -4.40
N GLU G 140 -59.45 10.12 -5.73
CA GLU G 140 -59.63 11.32 -6.51
C GLU G 140 -60.94 11.39 -7.28
N LEU G 141 -61.42 10.24 -7.74
CA LEU G 141 -62.65 10.18 -8.51
C LEU G 141 -63.92 9.70 -7.82
N GLY G 142 -63.81 9.17 -6.62
CA GLY G 142 -65.00 8.68 -5.93
C GLY G 142 -65.39 7.33 -6.50
N PRO G 143 -66.63 6.87 -6.27
CA PRO G 143 -67.09 5.57 -6.78
C PRO G 143 -66.73 5.40 -8.25
N SER G 144 -66.17 4.24 -8.59
CA SER G 144 -65.74 3.98 -9.96
C SER G 144 -66.05 2.60 -10.49
N ILE G 145 -66.52 2.56 -11.74
CA ILE G 145 -66.82 1.31 -12.44
C ILE G 145 -66.08 1.39 -13.77
N TYR G 146 -65.15 0.48 -14.01
CA TYR G 146 -64.41 0.45 -15.28
C TYR G 146 -64.37 -1.00 -15.75
N LYS G 147 -64.82 -1.21 -16.99
CA LYS G 147 -64.89 -2.56 -17.55
C LYS G 147 -64.08 -2.73 -18.84
N THR G 148 -63.40 -3.88 -18.94
CA THR G 148 -62.57 -4.19 -20.10
C THR G 148 -62.97 -5.51 -20.74
N ASP G 149 -62.87 -5.57 -22.07
CA ASP G 149 -63.23 -6.76 -22.85
C ASP G 149 -62.04 -7.34 -23.60
N PRO G 150 -62.23 -8.51 -24.24
CA PRO G 150 -61.15 -9.17 -25.00
C PRO G 150 -60.64 -8.36 -26.18
N ALA G 151 -61.26 -7.21 -26.45
CA ALA G 151 -60.82 -6.39 -27.57
C ALA G 151 -59.88 -5.28 -27.13
N GLY G 152 -59.65 -5.18 -25.83
CA GLY G 152 -58.75 -4.15 -25.33
C GLY G 152 -59.47 -2.84 -25.17
N TYR G 153 -60.79 -2.91 -25.11
CA TYR G 153 -61.61 -1.74 -24.93
C TYR G 153 -62.01 -1.56 -23.48
N TYR G 154 -62.17 -0.31 -23.06
CA TYR G 154 -62.60 -0.05 -21.69
C TYR G 154 -63.18 1.35 -21.57
N VAL G 155 -64.09 1.52 -20.62
CA VAL G 155 -64.69 2.82 -20.39
C VAL G 155 -65.27 2.84 -18.97
N GLY G 156 -65.52 4.04 -18.48
CA GLY G 156 -66.10 4.20 -17.16
C GLY G 156 -67.61 4.19 -17.28
N TYR G 157 -68.29 3.68 -16.26
CA TYR G 157 -69.75 3.61 -16.29
C TYR G 157 -70.42 4.21 -15.05
N LYS G 158 -71.69 4.59 -15.19
CA LYS G 158 -72.50 5.11 -14.08
C LYS G 158 -72.91 3.84 -13.34
N ALA G 159 -73.14 2.80 -14.13
CA ALA G 159 -73.52 1.46 -13.67
C ALA G 159 -73.36 0.58 -14.91
N THR G 160 -73.33 -0.74 -14.72
CA THR G 160 -73.16 -1.64 -15.86
C THR G 160 -73.55 -3.07 -15.51
N ALA G 161 -73.74 -3.88 -16.55
CA ALA G 161 -74.11 -5.29 -16.38
C ALA G 161 -73.39 -6.11 -17.45
N THR G 162 -73.15 -7.38 -17.13
CA THR G 162 -72.45 -8.26 -18.04
C THR G 162 -72.93 -9.70 -17.89
N GLY G 163 -73.02 -10.42 -19.01
CA GLY G 163 -73.45 -11.80 -19.01
C GLY G 163 -74.47 -12.08 -20.09
N PRO G 164 -75.04 -13.29 -20.12
CA PRO G 164 -76.05 -13.67 -21.12
C PRO G 164 -77.26 -12.74 -21.19
N LYS G 165 -77.73 -12.24 -20.06
CA LYS G 165 -78.90 -11.36 -20.04
C LYS G 165 -78.54 -9.93 -19.72
N GLN G 166 -77.40 -9.51 -20.26
CA GLN G 166 -76.86 -8.18 -20.08
C GLN G 166 -77.86 -7.11 -20.48
N GLN G 167 -78.46 -7.28 -21.65
CA GLN G 167 -79.40 -6.28 -22.18
C GLN G 167 -80.60 -5.98 -21.27
N GLU G 168 -81.14 -7.02 -20.66
CA GLU G 168 -82.28 -6.89 -19.78
C GLU G 168 -81.93 -5.99 -18.60
N ILE G 169 -80.80 -6.32 -17.97
CA ILE G 169 -80.35 -5.57 -16.82
C ILE G 169 -79.94 -4.15 -17.19
N THR G 170 -79.34 -3.97 -18.36
CA THR G 170 -78.91 -2.65 -18.78
C THR G 170 -80.08 -1.69 -18.98
N THR G 171 -81.06 -2.10 -19.78
CA THR G 171 -82.22 -1.25 -20.04
C THR G 171 -82.95 -0.93 -18.72
N ASN G 172 -83.05 -1.92 -17.84
CA ASN G 172 -83.68 -1.70 -16.55
C ASN G 172 -82.99 -0.53 -15.85
N LEU G 173 -81.67 -0.63 -15.74
CA LEU G 173 -80.88 0.42 -15.11
C LEU G 173 -81.01 1.74 -15.86
N GLU G 174 -80.95 1.69 -17.18
CA GLU G 174 -81.08 2.89 -18.00
C GLU G 174 -82.33 3.65 -17.59
N ASN G 175 -83.43 2.91 -17.53
CA ASN G 175 -84.71 3.48 -17.17
C ASN G 175 -84.67 4.14 -15.81
N HIS G 176 -84.14 3.44 -14.83
CA HIS G 176 -84.07 4.00 -13.49
C HIS G 176 -83.34 5.34 -13.49
N PHE G 177 -82.29 5.45 -14.30
CA PHE G 177 -81.54 6.69 -14.34
C PHE G 177 -82.25 7.76 -15.14
N LYS G 178 -82.92 7.37 -16.23
CA LYS G 178 -83.67 8.34 -17.03
C LYS G 178 -84.68 9.02 -16.10
N LYS G 179 -85.07 8.27 -15.07
CA LYS G 179 -86.04 8.71 -14.07
C LYS G 179 -85.37 9.58 -13.00
N SER G 180 -84.46 8.99 -12.24
CA SER G 180 -83.77 9.71 -11.16
C SER G 180 -82.99 10.94 -11.61
N LYS G 181 -82.58 10.98 -12.87
CA LYS G 181 -81.83 12.11 -13.41
C LYS G 181 -80.42 12.28 -12.84
N ILE G 182 -80.03 11.40 -11.92
CA ILE G 182 -78.69 11.46 -11.34
C ILE G 182 -77.93 10.21 -11.77
N ASP G 183 -76.61 10.30 -11.82
CA ASP G 183 -75.77 9.18 -12.26
C ASP G 183 -75.32 8.23 -11.15
N HIS G 184 -76.10 8.14 -10.08
CA HIS G 184 -75.75 7.24 -8.99
C HIS G 184 -76.93 7.00 -8.08
N ILE G 185 -76.79 6.06 -7.16
CA ILE G 185 -77.85 5.72 -6.22
C ILE G 185 -77.71 6.64 -5.02
N ASN G 186 -78.60 7.62 -4.91
CA ASN G 186 -78.54 8.56 -3.78
C ASN G 186 -78.83 7.87 -2.45
N GLU G 187 -77.92 7.00 -2.03
CA GLU G 187 -78.06 6.28 -0.77
C GLU G 187 -76.75 6.42 0.01
N GLU G 188 -76.87 6.65 1.31
CA GLU G 188 -75.69 6.84 2.15
C GLU G 188 -75.03 5.52 2.54
N SER G 189 -75.82 4.53 2.96
CA SER G 189 -75.24 3.25 3.36
C SER G 189 -75.08 2.30 2.18
N TRP G 190 -74.07 1.46 2.24
CA TRP G 190 -73.84 0.51 1.17
C TRP G 190 -74.85 -0.64 1.19
N GLU G 191 -75.38 -0.95 2.38
CA GLU G 191 -76.37 -2.02 2.51
C GLU G 191 -77.58 -1.70 1.63
N LYS G 192 -78.04 -0.45 1.71
CA LYS G 192 -79.17 0.00 0.92
C LYS G 192 -78.84 -0.01 -0.57
N VAL G 193 -77.58 0.26 -0.92
CA VAL G 193 -77.16 0.24 -2.32
C VAL G 193 -77.07 -1.22 -2.80
N VAL G 194 -76.65 -2.12 -1.91
CA VAL G 194 -76.58 -3.53 -2.26
C VAL G 194 -78.02 -3.98 -2.52
N GLU G 195 -78.93 -3.51 -1.68
CA GLU G 195 -80.33 -3.87 -1.80
C GLU G 195 -80.92 -3.34 -3.11
N PHE G 196 -80.49 -2.15 -3.51
CA PHE G 196 -80.98 -1.56 -4.75
C PHE G 196 -80.53 -2.44 -5.90
N ALA G 197 -79.27 -2.84 -5.86
CA ALA G 197 -78.68 -3.68 -6.89
C ALA G 197 -79.39 -5.01 -7.02
N ILE G 198 -79.58 -5.72 -5.92
CA ILE G 198 -80.26 -7.02 -5.97
C ILE G 198 -81.71 -6.86 -6.40
N THR G 199 -82.36 -5.79 -5.94
CA THR G 199 -83.74 -5.53 -6.28
C THR G 199 -83.89 -5.44 -7.80
N HIS G 200 -83.13 -4.54 -8.42
CA HIS G 200 -83.19 -4.39 -9.87
C HIS G 200 -82.69 -5.61 -10.63
N MET G 201 -81.86 -6.41 -10.00
CA MET G 201 -81.36 -7.62 -10.63
C MET G 201 -82.57 -8.57 -10.77
N ILE G 202 -83.34 -8.66 -9.70
CA ILE G 202 -84.53 -9.50 -9.66
C ILE G 202 -85.56 -9.01 -10.68
N ASP G 203 -85.83 -7.71 -10.66
CA ASP G 203 -86.79 -7.12 -11.60
C ASP G 203 -86.41 -7.42 -13.05
N ALA G 204 -85.19 -7.07 -13.43
CA ALA G 204 -84.76 -7.28 -14.81
C ALA G 204 -84.72 -8.74 -15.27
N LEU G 205 -84.33 -9.64 -14.38
CA LEU G 205 -84.26 -11.05 -14.77
C LEU G 205 -85.55 -11.79 -14.49
N GLY G 206 -86.42 -11.18 -13.70
CA GLY G 206 -87.68 -11.82 -13.35
C GLY G 206 -87.43 -13.07 -12.52
N THR G 207 -86.48 -12.99 -11.60
CA THR G 207 -86.16 -14.13 -10.76
C THR G 207 -85.84 -13.77 -9.32
N GLU G 208 -86.23 -14.69 -8.43
CA GLU G 208 -86.01 -14.55 -7.01
C GLU G 208 -84.66 -15.20 -6.68
N PHE G 209 -84.03 -14.76 -5.59
CA PHE G 209 -82.74 -15.32 -5.18
C PHE G 209 -82.71 -15.77 -3.73
N SER G 210 -81.85 -16.74 -3.43
CA SER G 210 -81.66 -17.24 -2.07
C SER G 210 -80.24 -16.78 -1.74
N LYS G 211 -79.85 -16.82 -0.47
CA LYS G 211 -78.51 -16.39 -0.08
C LYS G 211 -77.38 -17.07 -0.84
N ASN G 212 -77.64 -18.22 -1.46
CA ASN G 212 -76.60 -18.92 -2.18
C ASN G 212 -76.63 -18.72 -3.70
N ASP G 213 -77.53 -17.85 -4.16
CA ASP G 213 -77.67 -17.57 -5.60
C ASP G 213 -76.88 -16.33 -6.03
N LEU G 214 -76.39 -15.58 -5.06
CA LEU G 214 -75.64 -14.37 -5.38
C LEU G 214 -74.27 -14.35 -4.75
N GLU G 215 -73.50 -13.37 -5.22
CA GLU G 215 -72.13 -13.10 -4.78
C GLU G 215 -72.13 -11.58 -4.75
N VAL G 216 -71.65 -11.00 -3.65
CA VAL G 216 -71.65 -9.55 -3.55
C VAL G 216 -70.31 -8.97 -3.11
N GLY G 217 -69.96 -7.83 -3.71
CA GLY G 217 -68.72 -7.17 -3.37
C GLY G 217 -69.05 -5.71 -3.17
N VAL G 218 -68.37 -5.09 -2.22
CA VAL G 218 -68.59 -3.69 -1.91
C VAL G 218 -67.26 -2.96 -1.79
N ALA G 219 -67.25 -1.75 -2.33
CA ALA G 219 -66.06 -0.92 -2.27
C ALA G 219 -66.41 0.39 -1.55
N THR G 220 -65.70 0.67 -0.47
CA THR G 220 -65.90 1.90 0.28
C THR G 220 -64.57 2.61 0.34
N LYS G 221 -64.57 3.80 0.92
CA LYS G 221 -63.36 4.58 1.08
C LYS G 221 -62.33 3.68 1.79
N ASP G 222 -61.21 3.45 1.13
CA ASP G 222 -60.13 2.63 1.68
C ASP G 222 -60.41 1.15 2.02
N LYS G 223 -61.33 0.51 1.32
CA LYS G 223 -61.59 -0.91 1.51
C LYS G 223 -62.66 -1.53 0.63
N PHE G 224 -62.31 -2.67 0.06
CA PHE G 224 -63.21 -3.44 -0.79
C PHE G 224 -63.32 -4.81 -0.13
N PHE G 225 -64.55 -5.29 0.03
CA PHE G 225 -64.80 -6.56 0.68
C PHE G 225 -65.99 -7.28 0.06
N THR G 226 -66.07 -8.58 0.27
CA THR G 226 -67.19 -9.35 -0.25
C THR G 226 -68.12 -9.70 0.92
N LEU G 227 -69.40 -9.91 0.62
CA LEU G 227 -70.36 -10.26 1.67
C LEU G 227 -70.41 -11.76 1.86
N SER G 228 -70.86 -12.20 3.02
CA SER G 228 -70.98 -13.62 3.30
C SER G 228 -72.43 -14.03 3.04
N ALA G 229 -72.66 -15.34 2.93
CA ALA G 229 -74.00 -15.84 2.69
C ALA G 229 -74.98 -15.16 3.66
N GLU G 230 -74.56 -15.05 4.91
CA GLU G 230 -75.38 -14.41 5.93
C GLU G 230 -75.57 -12.92 5.72
N ASN G 231 -74.49 -12.20 5.40
CA ASN G 231 -74.59 -10.77 5.16
C ASN G 231 -75.64 -10.56 4.07
N ILE G 232 -75.61 -11.45 3.09
CA ILE G 232 -76.52 -11.40 1.95
C ILE G 232 -77.94 -11.70 2.41
N GLU G 233 -78.10 -12.79 3.16
CA GLU G 233 -79.40 -13.18 3.68
C GLU G 233 -80.06 -11.98 4.34
N GLU G 234 -79.33 -11.33 5.23
CA GLU G 234 -79.82 -10.16 5.93
C GLU G 234 -80.23 -9.08 4.92
N ARG G 235 -79.56 -9.05 3.78
CA ARG G 235 -79.84 -8.08 2.74
C ARG G 235 -81.13 -8.48 1.99
N LEU G 236 -81.29 -9.78 1.77
CA LEU G 236 -82.44 -10.36 1.08
C LEU G 236 -83.70 -10.20 1.94
N VAL G 237 -83.57 -10.44 3.23
CA VAL G 237 -84.70 -10.31 4.13
C VAL G 237 -85.21 -8.88 4.07
N ALA G 238 -84.29 -7.93 4.02
CA ALA G 238 -84.65 -6.52 3.96
C ALA G 238 -85.47 -6.16 2.71
N ILE G 239 -85.06 -6.64 1.54
CA ILE G 239 -85.83 -6.32 0.34
C ILE G 239 -87.19 -7.00 0.41
N ALA G 240 -87.29 -8.08 1.16
CA ALA G 240 -88.54 -8.82 1.31
C ALA G 240 -89.57 -8.02 2.09
N GLU G 241 -89.10 -7.19 3.01
CA GLU G 241 -89.99 -6.37 3.81
C GLU G 241 -90.15 -4.99 3.19
N GLN G 242 -90.53 -4.99 1.91
CA GLN G 242 -90.74 -3.76 1.15
C GLN G 242 -91.67 -4.12 0.00
N ASP G 243 -91.68 -5.43 -0.32
CA ASP G 243 -92.51 -6.02 -1.38
C ASP G 243 -93.61 -6.86 -0.71
N THR H 1 -22.84 25.11 -2.08
CA THR H 1 -24.29 25.14 -2.32
C THR H 1 -25.06 25.17 -1.02
N THR H 2 -26.12 25.97 -1.01
CA THR H 2 -26.98 26.02 0.15
C THR H 2 -28.42 25.93 -0.39
N ILE H 3 -29.11 24.83 -0.11
CA ILE H 3 -30.51 24.74 -0.52
C ILE H 3 -31.34 24.42 0.72
N VAL H 4 -32.58 24.92 0.78
CA VAL H 4 -33.45 24.71 1.93
C VAL H 4 -34.89 24.46 1.50
N GLY H 5 -35.68 23.98 2.44
CA GLY H 5 -37.09 23.72 2.21
C GLY H 5 -37.81 24.16 3.48
N VAL H 6 -38.98 24.79 3.33
CA VAL H 6 -39.74 25.26 4.49
C VAL H 6 -41.23 25.21 4.23
N LYS H 7 -41.95 24.48 5.08
CA LYS H 7 -43.39 24.37 4.96
C LYS H 7 -44.04 25.54 5.70
N PHE H 8 -45.16 26.02 5.17
CA PHE H 8 -45.90 27.08 5.84
C PHE H 8 -47.36 26.63 5.89
N ASN H 9 -48.22 27.38 6.57
CA ASN H 9 -49.63 27.01 6.73
C ASN H 9 -50.40 26.45 5.53
N ASN H 10 -50.11 26.92 4.33
CA ASN H 10 -50.86 26.44 3.16
C ASN H 10 -49.99 25.98 1.98
N GLY H 11 -48.74 25.63 2.26
CA GLY H 11 -47.86 25.19 1.19
C GLY H 11 -46.43 24.90 1.61
N VAL H 12 -45.53 25.01 0.64
CA VAL H 12 -44.13 24.74 0.88
C VAL H 12 -43.31 25.65 -0.01
N VAL H 13 -42.16 26.09 0.49
CA VAL H 13 -41.29 26.95 -0.30
C VAL H 13 -39.85 26.42 -0.24
N ILE H 14 -39.12 26.55 -1.34
CA ILE H 14 -37.74 26.10 -1.37
C ILE H 14 -36.85 27.23 -1.89
N ALA H 15 -35.59 27.24 -1.48
CA ALA H 15 -34.65 28.26 -1.93
C ALA H 15 -33.26 27.67 -2.13
N ALA H 16 -32.40 28.44 -2.80
CA ALA H 16 -31.03 28.02 -3.09
C ALA H 16 -30.13 29.18 -3.46
N ASP H 17 -28.83 29.01 -3.29
CA ASP H 17 -27.87 30.05 -3.64
C ASP H 17 -27.60 29.79 -5.12
N THR H 18 -26.70 30.56 -5.72
CA THR H 18 -26.44 30.37 -7.15
C THR H 18 -24.99 30.17 -7.55
N ARG H 19 -24.16 29.69 -6.61
CA ARG H 19 -22.74 29.46 -6.90
C ARG H 19 -22.39 28.02 -7.30
N SER H 20 -21.53 27.92 -8.29
CA SER H 20 -21.06 26.65 -8.83
C SER H 20 -19.53 26.70 -8.68
N THR H 21 -18.91 25.59 -8.29
CA THR H 21 -17.44 25.58 -8.13
C THR H 21 -16.69 24.37 -8.67
N GLN H 22 -15.41 24.58 -8.96
CA GLN H 22 -14.49 23.54 -9.44
C GLN H 22 -13.30 23.87 -8.56
N GLY H 23 -13.16 23.14 -7.47
CA GLY H 23 -12.07 23.42 -6.56
C GLY H 23 -12.35 24.76 -5.91
N PRO H 24 -11.38 25.69 -5.90
CA PRO H 24 -11.60 27.00 -5.28
C PRO H 24 -12.06 28.08 -6.28
N ILE H 25 -12.34 27.66 -7.50
CA ILE H 25 -12.79 28.61 -8.51
C ILE H 25 -14.30 28.58 -8.74
N VAL H 26 -14.91 29.76 -8.80
CA VAL H 26 -16.33 29.85 -9.07
C VAL H 26 -16.50 29.56 -10.56
N ALA H 27 -17.22 28.47 -10.86
CA ALA H 27 -17.45 28.08 -12.24
C ALA H 27 -18.58 28.90 -12.85
N ASP H 28 -19.63 29.10 -12.05
CA ASP H 28 -20.79 29.85 -12.48
C ASP H 28 -21.25 30.67 -11.28
N LYS H 29 -21.34 31.98 -11.46
CA LYS H 29 -21.75 32.88 -10.39
C LYS H 29 -23.26 32.96 -10.26
N ASN H 30 -23.97 32.39 -11.24
CA ASN H 30 -25.42 32.44 -11.20
C ASN H 30 -26.11 31.28 -11.89
N CYS H 31 -25.89 30.06 -11.40
CA CYS H 31 -26.58 28.94 -12.01
C CYS H 31 -27.90 28.79 -11.25
N ALA H 32 -28.83 28.01 -11.81
CA ALA H 32 -30.13 27.79 -11.18
C ALA H 32 -30.19 26.40 -10.55
N LYS H 33 -30.25 26.34 -9.24
CA LYS H 33 -30.29 25.05 -8.56
C LYS H 33 -31.70 24.57 -8.30
N LEU H 34 -32.67 25.31 -8.83
CA LEU H 34 -34.09 24.97 -8.68
C LEU H 34 -34.60 24.38 -9.99
N HIS H 35 -35.06 23.13 -9.91
CA HIS H 35 -35.55 22.41 -11.09
C HIS H 35 -37.02 22.05 -10.98
N ARG H 36 -37.72 22.08 -12.10
CA ARG H 36 -39.14 21.76 -12.15
C ARG H 36 -39.33 20.31 -12.57
N ILE H 37 -39.89 19.48 -11.70
CA ILE H 37 -40.12 18.09 -12.07
C ILE H 37 -41.48 18.02 -12.77
N SER H 38 -42.40 18.88 -12.36
CA SER H 38 -43.73 19.02 -12.95
C SER H 38 -44.14 20.44 -12.59
N PRO H 39 -45.23 20.95 -13.17
CA PRO H 39 -45.66 22.32 -12.86
C PRO H 39 -45.66 22.71 -11.38
N LYS H 40 -46.08 21.80 -10.51
CA LYS H 40 -46.15 22.12 -9.09
C LYS H 40 -45.30 21.25 -8.18
N ILE H 41 -44.27 20.63 -8.75
CA ILE H 41 -43.34 19.81 -8.00
C ILE H 41 -41.97 20.37 -8.36
N TRP H 42 -41.33 21.06 -7.42
CA TRP H 42 -40.01 21.61 -7.71
C TRP H 42 -38.93 20.95 -6.86
N CYS H 43 -37.72 21.00 -7.37
CA CYS H 43 -36.59 20.37 -6.71
C CYS H 43 -35.35 21.24 -6.60
N ALA H 44 -34.79 21.30 -5.40
CA ALA H 44 -33.57 22.06 -5.14
C ALA H 44 -32.44 21.02 -5.12
N GLY H 45 -31.44 21.22 -5.97
CA GLY H 45 -30.35 20.25 -6.04
C GLY H 45 -28.96 20.69 -5.63
N ALA H 46 -28.27 19.81 -4.90
CA ALA H 46 -26.92 20.05 -4.43
C ALA H 46 -26.04 18.84 -4.77
N GLY H 47 -24.73 19.03 -4.72
CA GLY H 47 -23.83 17.93 -5.04
C GLY H 47 -23.21 18.10 -6.41
N THR H 48 -23.14 17.00 -7.17
CA THR H 48 -22.55 17.07 -8.50
C THR H 48 -23.55 17.66 -9.47
N ALA H 49 -23.29 18.89 -9.87
CA ALA H 49 -24.16 19.62 -10.79
C ALA H 49 -24.83 18.77 -11.88
N ALA H 50 -24.04 18.23 -12.79
CA ALA H 50 -24.61 17.43 -13.87
C ALA H 50 -25.51 16.29 -13.39
N ASP H 51 -25.16 15.69 -12.25
CA ASP H 51 -25.97 14.60 -11.70
C ASP H 51 -27.34 15.08 -11.21
N THR H 52 -27.38 16.20 -10.50
CA THR H 52 -28.67 16.69 -10.03
C THR H 52 -29.52 17.03 -11.24
N GLU H 53 -28.93 17.68 -12.23
CA GLU H 53 -29.64 18.04 -13.45
C GLU H 53 -30.21 16.85 -14.22
N ALA H 54 -29.34 15.89 -14.53
CA ALA H 54 -29.75 14.70 -15.27
C ALA H 54 -30.81 13.86 -14.57
N VAL H 55 -30.62 13.60 -13.28
CA VAL H 55 -31.58 12.80 -12.56
C VAL H 55 -32.89 13.56 -12.44
N THR H 56 -32.80 14.88 -12.34
CA THR H 56 -33.98 15.72 -12.25
C THR H 56 -34.78 15.73 -13.56
N GLN H 57 -34.09 15.74 -14.69
CA GLN H 57 -34.79 15.72 -15.96
C GLN H 57 -35.39 14.33 -16.23
N LEU H 58 -34.63 13.28 -15.95
CA LEU H 58 -35.12 11.93 -16.16
C LEU H 58 -36.41 11.66 -15.40
N ILE H 59 -36.42 11.91 -14.09
CA ILE H 59 -37.63 11.65 -13.33
C ILE H 59 -38.74 12.62 -13.75
N GLY H 60 -38.37 13.87 -14.05
CA GLY H 60 -39.37 14.84 -14.50
C GLY H 60 -40.06 14.32 -15.75
N SER H 61 -39.26 13.84 -16.70
CA SER H 61 -39.77 13.29 -17.94
C SER H 61 -40.71 12.11 -17.66
N ASN H 62 -40.30 11.21 -16.78
CA ASN H 62 -41.16 10.08 -16.47
C ASN H 62 -42.42 10.47 -15.75
N ILE H 63 -42.34 11.54 -14.96
CA ILE H 63 -43.50 12.02 -14.23
C ILE H 63 -44.52 12.54 -15.25
N GLU H 64 -44.04 13.27 -16.24
CA GLU H 64 -44.92 13.81 -17.28
C GLU H 64 -45.62 12.67 -18.00
N LEU H 65 -44.86 11.66 -18.43
CA LEU H 65 -45.44 10.52 -19.10
C LEU H 65 -46.47 9.81 -18.20
N HIS H 66 -46.14 9.64 -16.92
CA HIS H 66 -47.04 8.97 -15.97
C HIS H 66 -48.32 9.79 -15.82
N SER H 67 -48.16 11.10 -15.70
CA SER H 67 -49.28 12.01 -15.55
C SER H 67 -50.24 11.86 -16.74
N LEU H 68 -49.68 11.90 -17.94
CA LEU H 68 -50.47 11.77 -19.14
C LEU H 68 -51.18 10.42 -19.20
N TYR H 69 -50.49 9.37 -18.78
CA TYR H 69 -51.03 8.03 -18.78
C TYR H 69 -52.16 7.82 -17.77
N THR H 70 -52.05 8.45 -16.60
CA THR H 70 -53.07 8.30 -15.55
C THR H 70 -54.13 9.43 -15.52
N SER H 71 -53.91 10.48 -16.30
CA SER H 71 -54.82 11.62 -16.34
C SER H 71 -54.96 12.22 -14.96
N ARG H 72 -53.87 12.17 -14.20
CA ARG H 72 -53.85 12.73 -12.85
C ARG H 72 -52.69 13.67 -12.65
N GLU H 73 -52.81 14.56 -11.67
CA GLU H 73 -51.75 15.49 -11.34
C GLU H 73 -50.65 14.66 -10.68
N PRO H 74 -49.37 14.94 -10.98
CA PRO H 74 -48.29 14.18 -10.38
C PRO H 74 -48.27 14.38 -8.87
N ARG H 75 -47.82 13.37 -8.12
CA ARG H 75 -47.72 13.51 -6.68
C ARG H 75 -46.26 13.58 -6.26
N VAL H 76 -45.98 14.37 -5.23
CA VAL H 76 -44.61 14.50 -4.77
C VAL H 76 -44.02 13.14 -4.38
N VAL H 77 -44.83 12.27 -3.77
CA VAL H 77 -44.33 10.96 -3.38
C VAL H 77 -43.85 10.16 -4.59
N SER H 78 -44.50 10.31 -5.73
CA SER H 78 -44.07 9.56 -6.92
C SER H 78 -42.65 9.98 -7.33
N ALA H 79 -42.39 11.30 -7.32
CA ALA H 79 -41.08 11.80 -7.68
C ALA H 79 -40.06 11.27 -6.67
N LEU H 80 -40.46 11.28 -5.39
CA LEU H 80 -39.61 10.82 -4.30
C LEU H 80 -39.20 9.35 -4.45
N GLN H 81 -40.15 8.53 -4.84
CA GLN H 81 -39.90 7.10 -5.00
C GLN H 81 -39.07 6.79 -6.23
N MET H 82 -39.38 7.45 -7.33
CA MET H 82 -38.66 7.25 -8.58
C MET H 82 -37.21 7.69 -8.43
N LEU H 83 -37.00 8.82 -7.75
CA LEU H 83 -35.66 9.33 -7.53
C LEU H 83 -34.86 8.40 -6.63
N LYS H 84 -35.40 8.11 -5.45
CA LYS H 84 -34.67 7.27 -4.51
C LYS H 84 -34.30 5.89 -5.07
N GLN H 85 -35.23 5.24 -5.75
CA GLN H 85 -34.93 3.93 -6.29
C GLN H 85 -33.85 4.00 -7.36
N HIS H 86 -33.82 5.11 -8.09
CA HIS H 86 -32.82 5.34 -9.13
C HIS H 86 -31.47 5.54 -8.46
N LEU H 87 -31.42 6.47 -7.50
CA LEU H 87 -30.20 6.76 -6.78
C LEU H 87 -29.67 5.53 -6.05
N PHE H 88 -30.57 4.69 -5.53
CA PHE H 88 -30.14 3.50 -4.82
C PHE H 88 -29.55 2.49 -5.80
N LYS H 89 -30.17 2.36 -6.96
CA LYS H 89 -29.72 1.44 -8.00
C LYS H 89 -28.25 1.75 -8.33
N TYR H 90 -27.85 3.00 -8.14
CA TYR H 90 -26.49 3.43 -8.45
C TYR H 90 -25.52 3.51 -7.26
N GLN H 91 -25.90 2.89 -6.14
CA GLN H 91 -25.05 2.83 -4.97
C GLN H 91 -24.33 4.12 -4.61
N GLY H 92 -25.00 5.24 -4.81
CA GLY H 92 -24.41 6.54 -4.49
C GLY H 92 -23.44 7.09 -5.50
N HIS H 93 -23.26 6.43 -6.63
CA HIS H 93 -22.32 6.96 -7.61
C HIS H 93 -22.85 8.21 -8.29
N ILE H 94 -24.16 8.39 -8.26
CA ILE H 94 -24.76 9.59 -8.84
C ILE H 94 -24.83 10.60 -7.70
N GLY H 95 -23.86 11.50 -7.66
CA GLY H 95 -23.77 12.49 -6.61
C GLY H 95 -24.86 13.53 -6.47
N ALA H 96 -26.09 13.07 -6.33
CA ALA H 96 -27.19 14.00 -6.19
C ALA H 96 -27.72 14.01 -4.77
N TYR H 97 -27.97 15.21 -4.26
CA TYR H 97 -28.54 15.40 -2.93
C TYR H 97 -29.64 16.41 -3.21
N LEU H 98 -30.89 16.03 -2.93
CA LEU H 98 -31.98 16.94 -3.26
C LEU H 98 -33.06 17.13 -2.22
N ILE H 99 -33.72 18.27 -2.36
CA ILE H 99 -34.84 18.63 -1.51
C ILE H 99 -35.98 18.70 -2.53
N VAL H 100 -36.96 17.83 -2.39
CA VAL H 100 -38.06 17.83 -3.32
C VAL H 100 -39.32 18.26 -2.59
N ALA H 101 -40.01 19.25 -3.16
CA ALA H 101 -41.22 19.77 -2.57
C ALA H 101 -42.30 19.98 -3.62
N GLY H 102 -43.51 20.27 -3.14
CA GLY H 102 -44.61 20.50 -4.06
C GLY H 102 -45.98 20.29 -3.44
N VAL H 103 -47.00 20.62 -4.23
CA VAL H 103 -48.39 20.45 -3.83
C VAL H 103 -49.07 19.57 -4.86
N ASP H 104 -49.93 18.68 -4.39
CA ASP H 104 -50.65 17.80 -5.29
C ASP H 104 -52.01 17.50 -4.68
N PRO H 105 -52.82 16.66 -5.34
CA PRO H 105 -54.13 16.35 -4.77
C PRO H 105 -54.15 15.90 -3.30
N THR H 106 -53.02 15.46 -2.76
CA THR H 106 -53.04 15.02 -1.36
C THR H 106 -52.54 16.07 -0.37
N GLY H 107 -52.11 17.23 -0.87
CA GLY H 107 -51.62 18.28 0.01
C GLY H 107 -50.26 18.84 -0.37
N SER H 108 -49.56 19.40 0.62
CA SER H 108 -48.23 19.97 0.40
C SER H 108 -47.18 19.00 0.97
N HIS H 109 -46.01 18.91 0.33
CA HIS H 109 -44.99 17.99 0.81
C HIS H 109 -43.56 18.51 0.80
N LEU H 110 -42.78 18.07 1.79
CA LEU H 110 -41.38 18.47 1.91
C LEU H 110 -40.49 17.27 2.22
N PHE H 111 -39.63 16.91 1.28
CA PHE H 111 -38.72 15.77 1.46
C PHE H 111 -37.29 16.13 1.09
N SER H 112 -36.37 15.21 1.39
CA SER H 112 -34.97 15.36 1.03
C SER H 112 -34.51 13.97 0.61
N ILE H 113 -33.57 13.92 -0.33
CA ILE H 113 -33.03 12.66 -0.81
C ILE H 113 -31.51 12.75 -0.83
N HIS H 114 -30.86 11.69 -0.38
CA HIS H 114 -29.40 11.66 -0.37
C HIS H 114 -28.90 10.77 -1.49
N ALA H 115 -27.68 11.03 -1.95
CA ALA H 115 -27.06 10.26 -3.03
C ALA H 115 -27.23 8.75 -2.91
N HIS H 116 -27.14 8.19 -1.72
CA HIS H 116 -27.31 6.76 -1.59
C HIS H 116 -28.74 6.26 -1.70
N GLY H 117 -29.71 7.18 -1.61
CA GLY H 117 -31.08 6.76 -1.74
C GLY H 117 -32.01 6.87 -0.54
N SER H 118 -31.54 7.38 0.58
CA SER H 118 -32.42 7.52 1.73
C SER H 118 -33.20 8.84 1.61
N THR H 119 -34.42 8.82 2.10
CA THR H 119 -35.26 10.00 2.07
C THR H 119 -35.65 10.38 3.48
N ASP H 120 -35.99 11.65 3.68
CA ASP H 120 -36.41 12.16 4.98
C ASP H 120 -37.61 13.07 4.76
N VAL H 121 -38.39 13.29 5.81
CA VAL H 121 -39.54 14.17 5.71
C VAL H 121 -39.46 15.18 6.85
N GLY H 122 -39.89 16.41 6.60
CA GLY H 122 -39.83 17.40 7.65
C GLY H 122 -40.53 18.71 7.30
N TYR H 123 -40.50 19.65 8.24
CA TYR H 123 -41.12 20.95 8.01
C TYR H 123 -40.09 21.95 7.53
N TYR H 124 -38.82 21.63 7.74
CA TYR H 124 -37.70 22.47 7.31
C TYR H 124 -36.46 21.60 7.10
N LEU H 125 -35.82 21.79 5.94
CA LEU H 125 -34.63 21.01 5.59
C LEU H 125 -33.57 21.81 4.85
N SER H 126 -32.32 21.37 4.96
CA SER H 126 -31.22 22.03 4.25
C SER H 126 -30.16 20.99 3.82
N LEU H 127 -29.57 21.21 2.64
CA LEU H 127 -28.52 20.33 2.13
C LEU H 127 -27.43 21.17 1.47
N GLY H 128 -26.28 20.55 1.22
CA GLY H 128 -25.17 21.25 0.59
C GLY H 128 -24.10 21.65 1.59
N SER H 129 -23.02 22.23 1.09
CA SER H 129 -21.94 22.65 1.97
C SER H 129 -22.39 23.75 2.95
N GLY H 130 -23.42 24.53 2.57
CA GLY H 130 -23.93 25.59 3.44
C GLY H 130 -25.01 25.06 4.37
N SER H 131 -25.19 23.75 4.30
CA SER H 131 -26.16 23.04 5.09
C SER H 131 -26.26 23.50 6.55
N LEU H 132 -25.13 23.59 7.23
CA LEU H 132 -25.10 23.96 8.64
C LEU H 132 -25.40 25.43 8.91
N ALA H 133 -24.87 26.33 8.09
CA ALA H 133 -25.14 27.74 8.30
C ALA H 133 -26.65 27.96 8.20
N ALA H 134 -27.24 27.37 7.16
CA ALA H 134 -28.68 27.49 6.93
C ALA H 134 -29.50 26.89 8.06
N MET H 135 -29.19 25.64 8.42
CA MET H 135 -29.90 24.93 9.46
C MET H 135 -29.88 25.67 10.81
N ALA H 136 -28.79 26.37 11.10
CA ALA H 136 -28.70 27.09 12.36
C ALA H 136 -29.76 28.19 12.40
N VAL H 137 -30.01 28.79 11.24
CA VAL H 137 -31.02 29.85 11.17
C VAL H 137 -32.40 29.19 11.34
N LEU H 138 -32.64 28.13 10.57
CA LEU H 138 -33.89 27.40 10.64
C LEU H 138 -34.14 26.91 12.06
N GLU H 139 -33.15 26.29 12.68
CA GLU H 139 -33.33 25.81 14.06
C GLU H 139 -33.56 26.98 15.01
N SER H 140 -33.21 28.18 14.56
CA SER H 140 -33.37 29.37 15.41
C SER H 140 -34.66 30.15 15.23
N HIS H 141 -35.24 30.12 14.02
CA HIS H 141 -36.44 30.87 13.75
C HIS H 141 -37.66 30.14 13.21
N TRP H 142 -37.59 28.83 13.02
CA TRP H 142 -38.76 28.13 12.51
C TRP H 142 -39.77 27.90 13.63
N LYS H 143 -41.04 28.04 13.29
CA LYS H 143 -42.13 27.84 14.23
C LYS H 143 -43.24 27.18 13.43
N GLN H 144 -44.14 26.48 14.10
CA GLN H 144 -45.24 25.83 13.42
C GLN H 144 -46.25 26.89 12.96
N ASP H 145 -46.84 26.70 11.79
CA ASP H 145 -47.82 27.64 11.25
C ASP H 145 -47.27 28.99 10.84
N LEU H 146 -46.47 28.99 9.77
CA LEU H 146 -45.89 30.21 9.25
C LEU H 146 -46.73 30.67 8.07
N THR H 147 -46.70 31.95 7.77
CA THR H 147 -47.45 32.46 6.64
C THR H 147 -46.54 32.40 5.43
N LYS H 148 -47.13 32.40 4.25
CA LYS H 148 -46.35 32.37 3.03
C LYS H 148 -45.21 33.37 3.09
N GLU H 149 -45.50 34.57 3.61
CA GLU H 149 -44.49 35.62 3.70
C GLU H 149 -43.39 35.30 4.72
N GLU H 150 -43.78 34.74 5.85
CA GLU H 150 -42.83 34.38 6.89
C GLU H 150 -41.91 33.28 6.37
N ALA H 151 -42.50 32.26 5.74
CA ALA H 151 -41.74 31.15 5.20
C ALA H 151 -40.68 31.62 4.22
N ILE H 152 -41.07 32.50 3.30
CA ILE H 152 -40.13 33.02 2.32
C ILE H 152 -38.95 33.76 2.97
N LYS H 153 -39.25 34.50 4.03
CA LYS H 153 -38.23 35.26 4.73
C LYS H 153 -37.28 34.28 5.42
N LEU H 154 -37.83 33.31 6.13
CA LEU H 154 -37.02 32.32 6.81
C LEU H 154 -36.11 31.56 5.84
N ALA H 155 -36.71 31.00 4.78
CA ALA H 155 -35.95 30.28 3.77
C ALA H 155 -34.85 31.16 3.21
N SER H 156 -35.23 32.36 2.77
CA SER H 156 -34.30 33.32 2.19
C SER H 156 -33.17 33.70 3.16
N ASP H 157 -33.49 33.81 4.45
CA ASP H 157 -32.49 34.15 5.44
C ASP H 157 -31.51 33.00 5.59
N ALA H 158 -32.04 31.77 5.55
CA ALA H 158 -31.23 30.57 5.68
C ALA H 158 -30.20 30.50 4.54
N ILE H 159 -30.68 30.75 3.32
CA ILE H 159 -29.79 30.75 2.16
C ILE H 159 -28.68 31.78 2.34
N GLN H 160 -29.04 32.96 2.83
CA GLN H 160 -28.04 34.00 3.04
C GLN H 160 -26.99 33.55 4.05
N ALA H 161 -27.42 32.79 5.07
CA ALA H 161 -26.49 32.32 6.07
C ALA H 161 -25.38 31.54 5.37
N GLY H 162 -25.75 30.77 4.36
CA GLY H 162 -24.76 30.00 3.62
C GLY H 162 -23.95 30.89 2.68
N ILE H 163 -24.63 31.78 1.97
CA ILE H 163 -23.95 32.66 1.03
C ILE H 163 -22.83 33.45 1.72
N TRP H 164 -23.10 33.91 2.94
CA TRP H 164 -22.13 34.71 3.69
C TRP H 164 -21.08 33.93 4.47
N ASN H 165 -21.43 32.74 4.96
CA ASN H 165 -20.47 31.98 5.76
C ASN H 165 -19.86 30.73 5.12
N ASP H 166 -20.40 30.30 3.99
CA ASP H 166 -19.87 29.12 3.31
C ASP H 166 -19.18 29.47 1.99
N LEU H 167 -17.89 29.19 1.93
CA LEU H 167 -17.10 29.47 0.73
C LEU H 167 -17.65 28.73 -0.49
N GLY H 168 -18.38 27.63 -0.25
CA GLY H 168 -18.94 26.86 -1.35
C GLY H 168 -20.24 27.48 -1.83
N SER H 169 -20.68 28.51 -1.13
CA SER H 169 -21.93 29.19 -1.47
C SER H 169 -21.76 30.69 -1.69
N GLY H 170 -22.72 31.28 -2.40
CA GLY H 170 -22.68 32.71 -2.66
C GLY H 170 -23.63 33.24 -3.73
N SER H 171 -23.42 34.50 -4.08
CA SER H 171 -24.18 35.21 -5.10
C SER H 171 -25.64 35.56 -4.76
N ASN H 172 -26.58 34.95 -5.49
CA ASN H 172 -27.98 35.25 -5.31
C ASN H 172 -28.81 34.21 -4.61
N VAL H 173 -30.08 34.56 -4.36
CA VAL H 173 -31.03 33.67 -3.71
C VAL H 173 -32.19 33.43 -4.65
N ASP H 174 -32.44 32.15 -4.98
CA ASP H 174 -33.56 31.77 -5.84
C ASP H 174 -34.62 31.17 -4.93
N VAL H 175 -35.88 31.38 -5.29
CA VAL H 175 -36.97 30.87 -4.48
C VAL H 175 -38.09 30.36 -5.39
N CYS H 176 -38.88 29.44 -4.86
CA CYS H 176 -40.04 28.93 -5.57
C CYS H 176 -41.11 28.70 -4.51
N VAL H 177 -42.29 29.24 -4.74
CA VAL H 177 -43.39 29.08 -3.79
C VAL H 177 -44.44 28.14 -4.34
N MET H 178 -44.81 27.15 -3.55
CA MET H 178 -45.83 26.21 -3.96
C MET H 178 -46.96 26.25 -2.93
N GLU H 179 -48.04 26.92 -3.30
CA GLU H 179 -49.20 27.03 -2.41
C GLU H 179 -50.33 26.12 -2.88
N ILE H 180 -50.87 25.36 -1.94
CA ILE H 180 -51.94 24.41 -2.20
C ILE H 180 -53.00 24.71 -3.27
N GLY H 181 -53.43 25.96 -3.39
CA GLY H 181 -54.45 26.19 -4.39
C GLY H 181 -54.08 27.03 -5.60
N LYS H 182 -52.83 27.45 -5.70
CA LYS H 182 -52.45 28.31 -6.81
C LYS H 182 -51.36 27.72 -7.67
N ASP H 183 -50.96 28.46 -8.69
CA ASP H 183 -49.88 28.05 -9.58
C ASP H 183 -48.61 28.25 -8.77
N ALA H 184 -47.59 27.43 -9.03
CA ALA H 184 -46.34 27.57 -8.31
C ALA H 184 -45.67 28.85 -8.81
N GLU H 185 -45.04 29.61 -7.92
CA GLU H 185 -44.33 30.79 -8.41
C GLU H 185 -42.83 30.68 -8.17
N TYR H 186 -42.12 30.65 -9.29
CA TYR H 186 -40.68 30.55 -9.32
C TYR H 186 -40.12 31.98 -9.36
N LEU H 187 -39.35 32.32 -8.33
CA LEU H 187 -38.76 33.65 -8.21
C LEU H 187 -37.24 33.59 -8.44
N ARG H 188 -36.85 33.57 -9.70
CA ARG H 188 -35.44 33.52 -10.08
C ARG H 188 -34.74 34.80 -9.61
N ASN H 189 -33.63 34.63 -8.89
CA ASN H 189 -32.89 35.78 -8.39
C ASN H 189 -33.77 36.69 -7.54
N TYR H 190 -34.50 36.08 -6.61
CA TYR H 190 -35.37 36.81 -5.69
C TYR H 190 -34.54 37.84 -4.95
N LEU H 191 -33.28 37.50 -4.67
CA LEU H 191 -32.35 38.40 -3.99
C LEU H 191 -31.02 38.46 -4.72
N THR H 192 -30.50 39.67 -4.90
CA THR H 192 -29.22 39.84 -5.57
C THR H 192 -28.33 40.78 -4.73
N PRO H 193 -27.88 40.28 -3.56
CA PRO H 193 -27.04 41.02 -2.60
C PRO H 193 -25.53 41.00 -2.88
N ASN H 194 -25.14 40.62 -4.08
CA ASN H 194 -23.71 40.57 -4.41
C ASN H 194 -23.36 41.17 -5.76
N VAL H 195 -23.97 42.30 -6.09
CA VAL H 195 -23.69 42.98 -7.35
C VAL H 195 -22.28 43.53 -7.28
N ARG H 196 -21.48 43.29 -8.32
CA ARG H 196 -20.09 43.78 -8.32
C ARG H 196 -20.09 45.29 -8.44
N GLU H 197 -19.26 45.94 -7.62
CA GLU H 197 -19.15 47.39 -7.64
C GLU H 197 -18.56 47.83 -8.97
N GLU H 198 -18.78 49.09 -9.31
CA GLU H 198 -18.28 49.64 -10.56
C GLU H 198 -16.77 49.52 -10.57
N LYS H 199 -16.22 49.07 -11.69
CA LYS H 199 -14.78 48.92 -11.82
C LYS H 199 -14.14 50.30 -11.77
N GLN H 200 -12.87 50.32 -11.39
CA GLN H 200 -12.10 51.55 -11.23
C GLN H 200 -11.71 52.20 -12.56
N LYS H 201 -11.57 51.40 -13.60
CA LYS H 201 -11.13 51.90 -14.90
C LYS H 201 -11.76 51.04 -15.99
N SER H 202 -11.69 51.51 -17.23
CA SER H 202 -12.20 50.74 -18.35
C SER H 202 -10.94 50.22 -19.03
N TYR H 203 -10.92 48.95 -19.39
CA TYR H 203 -9.71 48.41 -20.01
C TYR H 203 -9.83 48.27 -21.51
N LYS H 204 -10.86 48.91 -22.05
CA LYS H 204 -11.12 48.94 -23.48
C LYS H 204 -9.78 49.36 -24.11
N PHE H 205 -9.25 48.55 -25.01
CA PHE H 205 -7.97 48.82 -25.66
C PHE H 205 -8.11 49.64 -26.94
N PRO H 206 -7.09 50.44 -27.28
CA PRO H 206 -7.14 51.24 -28.50
C PRO H 206 -7.02 50.26 -29.66
N ARG H 207 -7.88 50.37 -30.66
CA ARG H 207 -7.84 49.45 -31.79
C ARG H 207 -6.46 49.44 -32.42
N GLY H 208 -6.00 48.24 -32.77
CA GLY H 208 -4.69 48.09 -33.37
C GLY H 208 -3.65 47.60 -32.36
N THR H 209 -4.06 47.55 -31.09
CA THR H 209 -3.18 47.10 -30.02
C THR H 209 -2.67 45.67 -30.22
N THR H 210 -3.51 44.80 -30.78
CA THR H 210 -3.15 43.40 -30.99
C THR H 210 -2.52 43.13 -32.35
N ALA H 211 -1.38 42.45 -32.34
CA ALA H 211 -0.66 42.13 -33.56
C ALA H 211 -1.27 40.93 -34.28
N VAL H 212 -1.76 41.16 -35.49
CA VAL H 212 -2.38 40.11 -36.30
C VAL H 212 -1.44 39.60 -37.38
N LEU H 213 -1.46 38.29 -37.62
CA LEU H 213 -0.59 37.66 -38.63
C LEU H 213 -1.24 37.47 -39.98
N LYS H 214 -2.51 37.11 -39.97
CA LYS H 214 -3.25 36.85 -41.19
C LYS H 214 -4.75 37.00 -40.91
N GLU H 215 -5.52 37.22 -41.97
CA GLU H 215 -6.95 37.43 -41.80
C GLU H 215 -7.75 36.82 -42.93
N SER H 216 -9.05 36.61 -42.69
CA SER H 216 -9.94 36.04 -43.70
C SER H 216 -11.38 35.97 -43.25
N ILE H 217 -12.28 35.75 -44.21
CA ILE H 217 -13.71 35.64 -43.97
C ILE H 217 -14.04 34.16 -43.86
N VAL H 218 -15.09 33.82 -43.12
CA VAL H 218 -15.48 32.43 -43.00
C VAL H 218 -16.83 32.20 -43.67
N ASN H 219 -16.94 31.10 -44.40
CA ASN H 219 -18.17 30.75 -45.09
C ASN H 219 -19.11 29.99 -44.16
N ILE H 220 -20.30 30.53 -43.95
CA ILE H 220 -21.30 29.91 -43.09
C ILE H 220 -22.41 29.30 -43.95
N CYS H 221 -22.73 29.99 -45.05
CA CYS H 221 -23.78 29.57 -45.97
C CYS H 221 -23.40 28.27 -46.71
N ASP H 222 -24.37 27.38 -46.88
CA ASP H 222 -24.13 26.10 -47.55
C ASP H 222 -24.35 26.18 -49.07
N SER I 1 -0.51 11.59 -16.53
CA SER I 1 -1.55 11.23 -15.52
C SER I 1 -2.88 11.91 -15.81
N ASP I 2 -2.99 13.19 -15.42
CA ASP I 2 -4.21 13.95 -15.65
C ASP I 2 -4.44 14.13 -17.15
N PRO I 3 -5.43 13.42 -17.71
CA PRO I 3 -5.75 13.48 -19.13
C PRO I 3 -5.97 14.89 -19.65
N SER I 4 -6.40 15.79 -18.76
CA SER I 4 -6.65 17.16 -19.17
C SER I 4 -5.42 18.04 -19.21
N SER I 5 -4.25 17.45 -18.97
CA SER I 5 -3.00 18.22 -18.98
C SER I 5 -1.92 17.60 -19.85
N ILE I 6 -2.29 16.57 -20.62
CA ILE I 6 -1.35 15.89 -21.49
C ILE I 6 -0.97 16.73 -22.72
N ASN I 7 -1.99 17.25 -23.39
CA ASN I 7 -1.82 18.04 -24.61
C ASN I 7 -1.76 19.54 -24.44
N GLY I 8 -2.55 20.06 -23.50
CA GLY I 8 -2.57 21.49 -23.24
C GLY I 8 -3.45 22.24 -24.22
N GLY I 9 -3.67 23.52 -23.94
CA GLY I 9 -4.49 24.32 -24.82
C GLY I 9 -5.59 25.07 -24.10
N ILE I 10 -6.02 26.18 -24.68
CA ILE I 10 -7.09 26.97 -24.10
C ILE I 10 -8.08 27.53 -25.12
N VAL I 11 -9.29 27.84 -24.65
CA VAL I 11 -10.35 28.40 -25.47
C VAL I 11 -11.08 29.44 -24.61
N VAL I 12 -11.56 30.51 -25.24
CA VAL I 12 -12.28 31.55 -24.52
C VAL I 12 -13.33 32.17 -25.47
N ALA I 13 -14.50 32.50 -24.93
CA ALA I 13 -15.57 33.08 -25.71
C ALA I 13 -16.11 34.30 -24.98
N MET I 14 -16.51 35.29 -25.76
CA MET I 14 -17.02 36.55 -25.24
C MET I 14 -18.21 37.08 -26.03
N THR I 15 -19.10 37.77 -25.36
CA THR I 15 -20.26 38.35 -26.02
C THR I 15 -19.96 39.84 -26.17
N GLY I 16 -20.49 40.42 -27.24
CA GLY I 16 -20.31 41.85 -27.50
C GLY I 16 -21.63 42.38 -28.01
N LYS I 17 -21.61 43.56 -28.64
CA LYS I 17 -22.83 44.16 -29.18
C LYS I 17 -23.23 43.46 -30.47
N ASP I 18 -24.31 42.70 -30.40
CA ASP I 18 -24.81 41.96 -31.57
C ASP I 18 -23.70 41.12 -32.19
N CYS I 19 -22.81 40.58 -31.36
CA CYS I 19 -21.71 39.77 -31.84
C CYS I 19 -21.16 38.87 -30.73
N VAL I 20 -20.40 37.85 -31.13
CA VAL I 20 -19.77 36.94 -30.19
C VAL I 20 -18.38 36.59 -30.73
N ALA I 21 -17.43 36.39 -29.83
CA ALA I 21 -16.08 36.05 -30.21
C ALA I 21 -15.62 34.78 -29.49
N ILE I 22 -14.88 33.94 -30.19
CA ILE I 22 -14.37 32.73 -29.57
C ILE I 22 -12.95 32.58 -30.11
N ALA I 23 -12.01 32.27 -29.23
CA ALA I 23 -10.61 32.13 -29.61
C ALA I 23 -9.91 30.94 -28.96
N CYS I 24 -8.79 30.55 -29.54
CA CYS I 24 -8.03 29.43 -29.01
C CYS I 24 -6.55 29.51 -29.38
N ASP I 25 -5.73 28.76 -28.66
CA ASP I 25 -4.30 28.71 -28.96
C ASP I 25 -4.10 27.62 -30.02
N LEU I 26 -2.87 27.39 -30.46
CA LEU I 26 -2.65 26.39 -31.48
C LEU I 26 -1.75 25.25 -31.03
N ARG I 27 -1.34 25.27 -29.77
CA ARG I 27 -0.46 24.24 -29.27
C ARG I 27 -1.07 22.86 -29.07
N LEU I 28 -0.24 21.86 -29.31
CA LEU I 28 -0.59 20.46 -29.12
C LEU I 28 0.75 19.85 -28.73
N GLY I 29 0.88 19.53 -27.45
CA GLY I 29 2.13 18.95 -27.00
C GLY I 29 1.90 17.63 -26.31
N SER I 30 2.98 17.08 -25.78
CA SER I 30 2.92 15.82 -25.05
C SER I 30 3.79 16.14 -23.85
N GLN I 31 3.14 16.50 -22.74
CA GLN I 31 3.87 16.87 -21.55
C GLN I 31 4.66 18.12 -21.93
N SER I 32 5.97 18.05 -21.77
CA SER I 32 6.82 19.19 -22.09
C SER I 32 7.07 19.38 -23.58
N LEU I 33 7.07 18.27 -24.31
CA LEU I 33 7.33 18.31 -25.75
C LEU I 33 6.27 18.93 -26.63
N GLY I 34 6.54 20.11 -27.15
CA GLY I 34 5.59 20.74 -28.05
C GLY I 34 5.68 19.96 -29.36
N VAL I 35 4.54 19.57 -29.92
CA VAL I 35 4.52 18.76 -31.14
C VAL I 35 3.98 19.46 -32.39
N SER I 36 2.84 20.12 -32.26
CA SER I 36 2.24 20.83 -33.40
C SER I 36 1.83 22.23 -33.01
N ASN I 37 2.05 23.18 -33.89
CA ASN I 37 1.67 24.57 -33.63
C ASN I 37 0.57 24.98 -34.59
N LYS I 38 -0.20 24.00 -35.05
CA LYS I 38 -1.30 24.23 -35.97
C LYS I 38 -2.56 23.49 -35.51
N PHE I 39 -2.61 23.10 -34.24
CA PHE I 39 -3.77 22.37 -33.73
C PHE I 39 -4.86 23.32 -33.27
N GLU I 40 -5.80 23.62 -34.16
CA GLU I 40 -6.89 24.52 -33.84
C GLU I 40 -7.93 23.76 -33.04
N LYS I 41 -8.55 24.45 -32.10
CA LYS I 41 -9.53 23.84 -31.23
C LYS I 41 -10.95 24.33 -31.44
N ILE I 42 -11.16 25.18 -32.43
CA ILE I 42 -12.48 25.72 -32.75
C ILE I 42 -13.05 25.08 -33.99
N PHE I 43 -14.34 24.77 -33.95
CA PHE I 43 -15.02 24.17 -35.09
C PHE I 43 -16.39 24.82 -35.24
N HIS I 44 -17.08 24.52 -36.33
CA HIS I 44 -18.41 25.07 -36.49
C HIS I 44 -19.29 24.19 -37.35
N TYR I 45 -20.56 24.22 -37.02
CA TYR I 45 -21.59 23.45 -37.72
C TYR I 45 -22.60 24.54 -38.05
N GLY I 46 -22.69 24.88 -39.34
CA GLY I 46 -23.60 25.92 -39.76
C GLY I 46 -23.06 27.21 -39.16
N HIS I 47 -23.92 27.97 -38.49
CA HIS I 47 -23.47 29.21 -37.86
C HIS I 47 -23.16 29.01 -36.37
N VAL I 48 -23.13 27.77 -35.89
CA VAL I 48 -22.83 27.54 -34.48
C VAL I 48 -21.38 27.08 -34.34
N PHE I 49 -20.65 27.75 -33.45
CA PHE I 49 -19.24 27.44 -33.20
C PHE I 49 -18.99 26.66 -31.93
N LEU I 50 -18.01 25.76 -31.99
CA LEU I 50 -17.63 24.93 -30.86
C LEU I 50 -16.12 24.84 -30.67
N GLY I 51 -15.64 25.27 -29.50
CA GLY I 51 -14.23 25.17 -29.17
C GLY I 51 -14.12 24.04 -28.17
N ILE I 52 -13.03 23.26 -28.22
CA ILE I 52 -12.88 22.15 -27.28
C ILE I 52 -11.44 22.02 -26.78
N THR I 53 -11.24 22.11 -25.46
CA THR I 53 -9.91 21.98 -24.86
C THR I 53 -9.87 20.60 -24.22
N GLY I 54 -8.68 20.15 -23.82
CA GLY I 54 -8.56 18.84 -23.21
C GLY I 54 -7.72 17.87 -24.00
N LEU I 55 -8.00 16.58 -23.85
CA LEU I 55 -7.26 15.51 -24.53
C LEU I 55 -7.55 15.60 -26.03
N ALA I 56 -6.51 15.86 -26.82
CA ALA I 56 -6.63 16.03 -28.27
C ALA I 56 -7.48 14.97 -28.96
N THR I 57 -7.22 13.70 -28.64
CA THR I 57 -7.98 12.61 -29.24
C THR I 57 -9.48 12.79 -29.01
N ASP I 58 -9.86 13.22 -27.82
CA ASP I 58 -11.27 13.43 -27.53
C ASP I 58 -11.75 14.71 -28.21
N VAL I 59 -10.86 15.67 -28.39
CA VAL I 59 -11.22 16.90 -29.08
C VAL I 59 -11.60 16.56 -30.52
N THR I 60 -10.76 15.75 -31.17
CA THR I 60 -11.04 15.36 -32.54
C THR I 60 -12.34 14.56 -32.61
N THR I 61 -12.44 13.53 -31.77
CA THR I 61 -13.63 12.68 -31.72
C THR I 61 -14.93 13.47 -31.54
N LEU I 62 -15.00 14.35 -30.55
CA LEU I 62 -16.23 15.10 -30.34
C LEU I 62 -16.56 15.92 -31.58
N ASN I 63 -15.55 16.48 -32.23
CA ASN I 63 -15.82 17.27 -33.42
C ASN I 63 -16.49 16.41 -34.47
N GLU I 64 -15.90 15.25 -34.75
CA GLU I 64 -16.46 14.33 -35.73
C GLU I 64 -17.85 13.87 -35.33
N MET I 65 -18.08 13.73 -34.03
CA MET I 65 -19.39 13.31 -33.57
C MET I 65 -20.42 14.41 -33.82
N PHE I 66 -20.09 15.64 -33.47
CA PHE I 66 -21.03 16.74 -33.66
C PHE I 66 -21.27 17.09 -35.11
N ARG I 67 -20.32 16.80 -35.98
CA ARG I 67 -20.54 17.08 -37.38
C ARG I 67 -21.61 16.09 -37.81
N TYR I 68 -21.37 14.82 -37.48
CA TYR I 68 -22.28 13.71 -37.77
C TYR I 68 -23.71 14.01 -37.30
N LYS I 69 -23.84 14.43 -36.05
CA LYS I 69 -25.15 14.73 -35.49
C LYS I 69 -25.79 15.98 -36.10
N THR I 70 -25.03 17.05 -36.23
CA THR I 70 -25.59 18.26 -36.83
C THR I 70 -26.02 18.06 -38.29
N ASN I 71 -25.31 17.18 -39.03
CA ASN I 71 -25.68 16.93 -40.41
C ASN I 71 -27.04 16.23 -40.51
N LEU I 72 -27.25 15.20 -39.69
CA LEU I 72 -28.53 14.50 -39.70
C LEU I 72 -29.61 15.46 -39.19
N TYR I 73 -29.28 16.26 -38.20
CA TYR I 73 -30.24 17.21 -37.66
C TYR I 73 -30.77 18.10 -38.77
N LYS I 74 -29.88 18.54 -39.66
CA LYS I 74 -30.26 19.41 -40.76
C LYS I 74 -31.11 18.65 -41.78
N LEU I 75 -30.75 17.40 -42.04
CA LEU I 75 -31.51 16.59 -42.99
C LEU I 75 -32.94 16.37 -42.53
N LYS I 76 -33.10 16.00 -41.26
CA LYS I 76 -34.44 15.74 -40.71
C LYS I 76 -35.21 17.00 -40.34
N GLU I 77 -34.53 17.99 -39.78
CA GLU I 77 -35.19 19.23 -39.37
C GLU I 77 -35.35 20.23 -40.51
N GLU I 78 -34.51 20.10 -41.53
CA GLU I 78 -34.54 21.01 -42.67
C GLU I 78 -34.29 22.45 -42.23
N ARG I 79 -33.18 22.62 -41.53
CA ARG I 79 -32.73 23.92 -41.04
C ARG I 79 -31.50 23.63 -40.19
N ALA I 80 -30.58 24.59 -40.13
CA ALA I 80 -29.38 24.40 -39.34
C ALA I 80 -29.74 24.52 -37.86
N ILE I 81 -28.99 23.83 -37.02
CA ILE I 81 -29.24 23.85 -35.59
C ILE I 81 -28.86 25.19 -34.98
N GLU I 82 -29.57 25.59 -33.93
CA GLU I 82 -29.30 26.85 -33.23
C GLU I 82 -28.36 26.64 -32.04
N PRO I 83 -27.75 27.72 -31.53
CA PRO I 83 -26.82 27.65 -30.40
C PRO I 83 -27.43 27.04 -29.13
N GLU I 84 -28.63 27.48 -28.78
CA GLU I 84 -29.30 26.97 -27.59
C GLU I 84 -29.54 25.48 -27.67
N THR I 85 -30.00 25.02 -28.82
CA THR I 85 -30.29 23.61 -29.07
C THR I 85 -29.02 22.79 -29.04
N PHE I 86 -28.01 23.28 -29.76
CA PHE I 86 -26.73 22.60 -29.85
C PHE I 86 -26.13 22.40 -28.46
N THR I 87 -26.29 23.40 -27.60
CA THR I 87 -25.80 23.35 -26.23
C THR I 87 -26.39 22.13 -25.51
N GLN I 88 -27.69 21.89 -25.72
CA GLN I 88 -28.35 20.75 -25.10
C GLN I 88 -27.82 19.47 -25.71
N LEU I 89 -27.57 19.48 -27.01
CA LEU I 89 -27.07 18.29 -27.68
C LEU I 89 -25.71 17.95 -27.12
N VAL I 90 -24.90 18.98 -26.89
CA VAL I 90 -23.57 18.79 -26.35
C VAL I 90 -23.64 18.25 -24.94
N SER I 91 -24.54 18.83 -24.15
CA SER I 91 -24.72 18.42 -22.76
C SER I 91 -25.16 16.97 -22.62
N SER I 92 -26.14 16.54 -23.41
CA SER I 92 -26.61 15.17 -23.26
C SER I 92 -25.60 14.19 -23.86
N SER I 93 -24.89 14.60 -24.91
CA SER I 93 -23.89 13.75 -25.51
C SER I 93 -22.77 13.46 -24.51
N LEU I 94 -22.41 14.46 -23.71
CA LEU I 94 -21.36 14.28 -22.72
C LEU I 94 -21.80 13.41 -21.55
N TYR I 95 -23.00 13.68 -21.03
CA TYR I 95 -23.50 12.94 -19.89
C TYR I 95 -23.81 11.49 -20.21
N GLU I 96 -23.86 11.19 -21.50
CA GLU I 96 -24.13 9.83 -21.94
C GLU I 96 -22.93 8.96 -21.58
N ARG I 97 -21.81 9.61 -21.30
CA ARG I 97 -20.57 8.94 -20.92
C ARG I 97 -20.19 9.33 -19.50
N ARG I 98 -21.19 9.60 -18.67
CA ARG I 98 -21.01 9.99 -17.28
C ARG I 98 -19.93 9.27 -16.48
N PHE I 99 -19.81 7.96 -16.66
CA PHE I 99 -18.81 7.21 -15.89
C PHE I 99 -17.53 6.81 -16.61
N GLY I 100 -17.33 7.36 -17.80
CA GLY I 100 -16.14 7.11 -18.59
C GLY I 100 -16.14 8.26 -19.57
N PRO I 101 -16.15 9.49 -19.05
CA PRO I 101 -16.18 10.74 -19.81
C PRO I 101 -15.04 11.07 -20.74
N TYR I 102 -15.38 11.93 -21.71
CA TYR I 102 -14.40 12.45 -22.65
C TYR I 102 -13.73 13.54 -21.83
N PHE I 103 -12.41 13.64 -21.89
CA PHE I 103 -11.71 14.63 -21.11
C PHE I 103 -11.60 15.92 -21.91
N VAL I 104 -12.69 16.68 -21.92
CA VAL I 104 -12.75 17.92 -22.67
C VAL I 104 -13.44 19.03 -21.92
N GLY I 105 -13.29 20.24 -22.45
CA GLY I 105 -13.91 21.41 -21.86
C GLY I 105 -14.54 22.23 -22.96
N PRO I 106 -15.67 21.76 -23.53
CA PRO I 106 -16.40 22.43 -24.61
C PRO I 106 -16.88 23.84 -24.32
N VAL I 107 -16.98 24.61 -25.39
CA VAL I 107 -17.41 26.00 -25.35
C VAL I 107 -18.20 26.26 -26.63
N VAL I 108 -19.44 26.71 -26.48
CA VAL I 108 -20.30 27.01 -27.62
C VAL I 108 -20.49 28.52 -27.80
N ALA I 109 -20.44 28.99 -29.03
CA ALA I 109 -20.62 30.41 -29.32
C ALA I 109 -21.40 30.59 -30.62
N GLY I 110 -22.24 31.62 -30.66
CA GLY I 110 -23.02 31.87 -31.86
C GLY I 110 -24.15 32.87 -31.68
N ILE I 111 -24.77 33.26 -32.79
CA ILE I 111 -25.89 34.20 -32.79
C ILE I 111 -27.13 33.40 -33.19
N ASN I 112 -28.21 33.50 -32.42
CA ASN I 112 -29.43 32.79 -32.79
C ASN I 112 -29.91 33.47 -34.07
N SER I 113 -30.03 32.71 -35.14
CA SER I 113 -30.44 33.25 -36.43
C SER I 113 -31.85 33.83 -36.45
N LYS I 114 -32.69 33.42 -35.51
CA LYS I 114 -34.05 33.92 -35.48
C LYS I 114 -34.18 35.15 -34.57
N SER I 115 -33.59 35.09 -33.38
CA SER I 115 -33.68 36.20 -32.45
C SER I 115 -32.56 37.21 -32.63
N GLY I 116 -31.48 36.80 -33.31
CA GLY I 116 -30.35 37.69 -33.51
C GLY I 116 -29.52 37.81 -32.23
N LYS I 117 -30.02 37.21 -31.16
CA LYS I 117 -29.36 37.21 -29.85
C LYS I 117 -28.04 36.42 -29.80
N PRO I 118 -26.98 37.02 -29.22
CA PRO I 118 -25.67 36.37 -29.11
C PRO I 118 -25.71 35.32 -28.00
N PHE I 119 -25.01 34.21 -28.21
CA PHE I 119 -25.03 33.12 -27.23
C PHE I 119 -23.70 32.42 -27.01
N ILE I 120 -23.36 32.20 -25.74
CA ILE I 120 -22.14 31.48 -25.37
C ILE I 120 -22.43 30.55 -24.19
N ALA I 121 -21.80 29.38 -24.18
CA ALA I 121 -22.00 28.43 -23.10
C ALA I 121 -20.78 27.54 -22.84
N GLY I 122 -20.59 27.17 -21.57
CA GLY I 122 -19.50 26.31 -21.18
C GLY I 122 -20.02 25.03 -20.56
N PHE I 123 -19.18 23.99 -20.53
CA PHE I 123 -19.56 22.70 -19.97
C PHE I 123 -18.42 22.06 -19.19
N ASP I 124 -18.74 21.28 -18.17
CA ASP I 124 -17.70 20.56 -17.46
C ASP I 124 -17.62 19.24 -18.24
N LEU I 125 -16.69 18.35 -17.91
CA LEU I 125 -16.56 17.14 -18.71
C LEU I 125 -17.76 16.20 -18.77
N ILE I 126 -18.66 16.26 -17.79
CA ILE I 126 -19.81 15.36 -17.89
C ILE I 126 -21.10 16.07 -18.28
N GLY I 127 -20.97 17.28 -18.83
CA GLY I 127 -22.14 17.98 -19.32
C GLY I 127 -22.79 19.15 -18.60
N CYS I 128 -22.33 19.47 -17.40
CA CYS I 128 -22.95 20.59 -16.74
C CYS I 128 -22.84 21.85 -17.60
N ILE I 129 -23.98 22.46 -17.87
CA ILE I 129 -24.04 23.66 -18.68
C ILE I 129 -23.89 24.94 -17.91
N ASP I 130 -22.99 25.80 -18.40
CA ASP I 130 -22.78 27.09 -17.79
C ASP I 130 -23.06 28.07 -18.92
N GLU I 131 -24.17 28.78 -18.81
CA GLU I 131 -24.55 29.73 -19.84
C GLU I 131 -24.32 31.15 -19.35
N ALA I 132 -23.19 31.73 -19.74
CA ALA I 132 -22.85 33.08 -19.32
C ALA I 132 -23.31 34.15 -20.31
N LYS I 133 -23.50 35.36 -19.81
CA LYS I 133 -23.90 36.46 -20.66
C LYS I 133 -22.70 37.27 -21.10
N ASP I 134 -21.56 37.07 -20.43
CA ASP I 134 -20.33 37.80 -20.72
C ASP I 134 -19.20 37.00 -21.33
N PHE I 135 -18.73 35.97 -20.64
CA PHE I 135 -17.64 35.18 -21.17
C PHE I 135 -17.57 33.76 -20.63
N ILE I 136 -16.79 32.94 -21.31
CA ILE I 136 -16.60 31.52 -20.95
C ILE I 136 -15.15 31.15 -21.24
N VAL I 137 -14.49 30.56 -20.25
CA VAL I 137 -13.09 30.17 -20.39
C VAL I 137 -12.95 28.66 -20.23
N SER I 138 -11.85 28.11 -20.75
CA SER I 138 -11.62 26.68 -20.68
C SER I 138 -10.18 26.31 -21.04
N GLY I 139 -9.66 25.26 -20.41
CA GLY I 139 -8.29 24.83 -20.69
C GLY I 139 -7.31 24.88 -19.54
N THR I 140 -6.07 24.50 -19.83
CA THR I 140 -5.01 24.46 -18.84
C THR I 140 -4.63 25.82 -18.25
N ALA I 141 -5.10 26.91 -18.86
CA ALA I 141 -4.81 28.25 -18.36
C ALA I 141 -6.11 28.94 -18.03
N SER I 142 -7.11 28.15 -17.64
CA SER I 142 -8.42 28.69 -17.31
C SER I 142 -8.38 29.67 -16.12
N ASP I 143 -7.47 29.47 -15.17
CA ASP I 143 -7.36 30.39 -14.03
C ASP I 143 -6.94 31.76 -14.55
N GLN I 144 -5.87 31.77 -15.35
CA GLN I 144 -5.36 33.01 -15.91
C GLN I 144 -6.46 33.68 -16.74
N LEU I 145 -7.21 32.89 -17.51
CA LEU I 145 -8.29 33.43 -18.33
C LEU I 145 -9.39 34.05 -17.48
N PHE I 146 -9.69 33.43 -16.34
CA PHE I 146 -10.72 34.01 -15.48
C PHE I 146 -10.22 35.36 -14.97
N GLY I 147 -8.93 35.45 -14.68
CA GLY I 147 -8.38 36.69 -14.20
C GLY I 147 -8.41 37.79 -15.24
N MET I 148 -8.01 37.43 -16.46
CA MET I 148 -7.99 38.38 -17.57
C MET I 148 -9.39 38.88 -17.91
N CYS I 149 -10.31 37.95 -18.06
CA CYS I 149 -11.69 38.28 -18.42
C CYS I 149 -12.42 39.11 -17.37
N GLU I 150 -12.37 38.69 -16.13
CA GLU I 150 -13.06 39.41 -15.07
C GLU I 150 -12.58 40.86 -14.98
N SER I 151 -11.37 41.10 -15.46
CA SER I 151 -10.77 42.44 -15.44
C SER I 151 -10.99 43.22 -16.73
N LEU I 152 -10.47 42.70 -17.83
CA LEU I 152 -10.57 43.35 -19.12
C LEU I 152 -11.97 43.63 -19.64
N TYR I 153 -12.86 42.66 -19.43
CA TYR I 153 -14.23 42.72 -19.94
C TYR I 153 -15.17 43.84 -19.50
N GLU I 154 -16.09 44.15 -20.40
CA GLU I 154 -17.15 45.14 -20.20
C GLU I 154 -18.20 44.80 -21.25
N PRO I 155 -19.48 45.01 -20.93
CA PRO I 155 -20.63 44.73 -21.82
C PRO I 155 -20.70 45.54 -23.10
N ASN I 156 -21.40 44.98 -24.07
CA ASN I 156 -21.65 45.60 -25.38
C ASN I 156 -20.49 46.22 -26.13
N LEU I 157 -19.37 45.53 -26.18
CA LEU I 157 -18.23 46.04 -26.92
C LEU I 157 -18.54 45.86 -28.39
N GLU I 158 -18.07 46.78 -29.22
CA GLU I 158 -18.27 46.69 -30.65
C GLU I 158 -17.33 45.61 -31.16
N PRO I 159 -17.70 44.93 -32.24
CA PRO I 159 -16.88 43.86 -32.82
C PRO I 159 -15.37 44.16 -32.90
N GLU I 160 -15.02 45.41 -33.22
CA GLU I 160 -13.62 45.82 -33.34
C GLU I 160 -12.94 45.92 -31.97
N ASP I 161 -13.71 46.29 -30.96
CA ASP I 161 -13.20 46.42 -29.60
C ASP I 161 -13.15 45.03 -28.94
N LEU I 162 -14.24 44.27 -29.09
CA LEU I 162 -14.31 42.93 -28.53
C LEU I 162 -13.11 42.12 -29.02
N PHE I 163 -12.70 42.34 -30.27
CA PHE I 163 -11.58 41.60 -30.79
C PHE I 163 -10.32 41.89 -29.98
N GLU I 164 -10.10 43.16 -29.65
CA GLU I 164 -8.92 43.55 -28.89
C GLU I 164 -8.95 42.93 -27.51
N THR I 165 -10.10 43.05 -26.85
CA THR I 165 -10.29 42.53 -25.51
C THR I 165 -10.15 41.00 -25.42
N ILE I 166 -10.84 40.26 -26.29
CA ILE I 166 -10.71 38.82 -26.21
C ILE I 166 -9.29 38.36 -26.54
N SER I 167 -8.58 39.10 -27.39
CA SER I 167 -7.21 38.72 -27.76
C SER I 167 -6.21 38.95 -26.64
N GLN I 168 -6.41 40.04 -25.90
CA GLN I 168 -5.52 40.37 -24.81
C GLN I 168 -5.71 39.40 -23.66
N ALA I 169 -6.94 38.96 -23.47
CA ALA I 169 -7.25 38.01 -22.41
C ALA I 169 -6.54 36.69 -22.71
N LEU I 170 -6.71 36.21 -23.94
CA LEU I 170 -6.09 34.95 -24.39
C LEU I 170 -4.57 34.95 -24.34
N LEU I 171 -3.98 35.96 -24.99
CA LEU I 171 -2.53 36.12 -25.09
C LEU I 171 -1.80 36.16 -23.75
N ASN I 172 -2.27 37.03 -22.86
CA ASN I 172 -1.62 37.16 -21.56
C ASN I 172 -1.87 35.96 -20.64
N ALA I 173 -2.97 35.27 -20.87
CA ALA I 173 -3.28 34.10 -20.07
C ALA I 173 -2.33 32.97 -20.50
N ALA I 174 -2.20 32.77 -21.80
CA ALA I 174 -1.34 31.72 -22.35
C ALA I 174 0.14 31.88 -22.00
N ASP I 175 0.57 33.12 -21.81
CA ASP I 175 1.97 33.38 -21.50
C ASP I 175 2.34 33.08 -20.05
N ARG I 176 1.35 32.74 -19.24
CA ARG I 176 1.62 32.38 -17.85
C ARG I 176 1.40 30.88 -17.72
N ASP I 177 1.17 30.22 -18.86
CA ASP I 177 0.95 28.78 -18.89
C ASP I 177 1.91 28.07 -19.83
N ALA I 178 2.68 27.15 -19.27
CA ALA I 178 3.65 26.39 -20.04
C ALA I 178 3.03 25.50 -21.10
N LEU I 179 1.76 25.10 -20.88
CA LEU I 179 1.09 24.21 -21.82
C LEU I 179 0.17 24.86 -22.84
N SER I 180 0.07 26.18 -22.83
CA SER I 180 -0.76 26.89 -23.79
C SER I 180 0.07 27.89 -24.59
N GLY I 181 -0.48 28.34 -25.72
CA GLY I 181 0.21 29.30 -26.57
C GLY I 181 0.63 28.72 -27.90
N TRP I 182 1.81 29.12 -28.37
CA TRP I 182 2.33 28.62 -29.63
C TRP I 182 1.49 29.05 -30.85
N GLY I 183 0.80 30.17 -30.71
CA GLY I 183 -0.03 30.67 -31.79
C GLY I 183 -1.46 30.79 -31.30
N ALA I 184 -2.31 31.46 -32.06
CA ALA I 184 -3.71 31.60 -31.65
C ALA I 184 -4.57 32.12 -32.79
N VAL I 185 -5.85 31.81 -32.73
CA VAL I 185 -6.78 32.25 -33.74
C VAL I 185 -7.99 32.83 -33.01
N VAL I 186 -8.57 33.89 -33.57
CA VAL I 186 -9.72 34.55 -32.96
C VAL I 186 -10.82 34.66 -34.01
N TYR I 187 -12.06 34.46 -33.58
CA TYR I 187 -13.20 34.54 -34.48
C TYR I 187 -14.14 35.65 -34.03
N ILE I 188 -14.49 36.54 -34.95
CA ILE I 188 -15.43 37.60 -34.63
C ILE I 188 -16.67 37.28 -35.42
N ILE I 189 -17.74 36.98 -34.71
CA ILE I 189 -18.99 36.58 -35.33
C ILE I 189 -20.14 37.58 -35.23
N LYS I 190 -20.68 37.93 -36.40
CA LYS I 190 -21.82 38.85 -36.52
C LYS I 190 -22.89 38.09 -37.31
N LYS I 191 -24.11 38.60 -37.32
CA LYS I 191 -25.22 37.94 -38.03
C LYS I 191 -24.90 37.64 -39.49
N ASP I 192 -24.29 38.62 -40.15
CA ASP I 192 -23.97 38.53 -41.57
C ASP I 192 -22.56 38.04 -41.93
N GLU I 193 -21.56 38.35 -41.11
CA GLU I 193 -20.20 37.92 -41.43
C GLU I 193 -19.40 37.38 -40.25
N VAL I 194 -18.37 36.61 -40.59
CA VAL I 194 -17.48 36.00 -39.62
C VAL I 194 -16.04 36.20 -40.07
N VAL I 195 -15.26 36.86 -39.23
CA VAL I 195 -13.85 37.13 -39.54
C VAL I 195 -12.94 36.27 -38.67
N LYS I 196 -11.91 35.69 -39.29
CA LYS I 196 -10.95 34.85 -38.59
C LYS I 196 -9.58 35.52 -38.63
N ARG I 197 -8.89 35.58 -37.48
CA ARG I 197 -7.58 36.20 -37.44
C ARG I 197 -6.57 35.40 -36.64
N TYR I 198 -5.37 35.26 -37.17
CA TYR I 198 -4.30 34.55 -36.49
C TYR I 198 -3.45 35.60 -35.81
N LEU I 199 -3.35 35.53 -34.47
CA LEU I 199 -2.59 36.48 -33.70
C LEU I 199 -1.10 36.17 -33.66
N LYS I 200 -0.30 37.21 -33.43
CA LYS I 200 1.16 37.07 -33.33
C LYS I 200 1.43 37.00 -31.83
N MET I 201 2.15 35.96 -31.40
CA MET I 201 2.44 35.83 -29.99
C MET I 201 3.76 35.11 -29.77
N ARG I 202 4.25 35.18 -28.54
CA ARG I 202 5.51 34.53 -28.17
C ARG I 202 5.50 33.08 -28.64
N GLN I 203 6.67 32.55 -28.92
CA GLN I 203 6.78 31.17 -29.39
C GLN I 203 7.60 30.27 -28.46
N ASP I 204 7.62 30.62 -27.17
CA ASP I 204 8.37 29.84 -26.20
C ASP I 204 7.49 29.05 -25.21
N MET J 1 12.70 3.74 -26.34
CA MET J 1 11.84 3.12 -27.39
C MET J 1 12.64 2.98 -28.70
N ASP J 2 11.95 2.55 -29.75
CA ASP J 2 12.55 2.40 -31.06
C ASP J 2 12.47 3.76 -31.73
N ILE J 3 13.26 3.99 -32.78
CA ILE J 3 13.21 5.27 -33.47
C ILE J 3 12.27 5.21 -34.67
N ILE J 4 11.35 6.16 -34.71
CA ILE J 4 10.37 6.26 -35.78
C ILE J 4 10.38 7.71 -36.23
N LEU J 5 10.95 7.94 -37.41
CA LEU J 5 11.07 9.29 -37.95
C LEU J 5 10.37 9.42 -39.29
N GLY J 6 9.88 10.60 -39.56
CA GLY J 6 9.21 10.86 -40.82
C GLY J 6 9.42 12.30 -41.21
N ILE J 7 9.71 12.53 -42.48
CA ILE J 7 9.89 13.88 -42.97
C ILE J 7 9.35 14.01 -44.38
N ARG J 8 8.51 15.02 -44.56
CA ARG J 8 7.88 15.28 -45.84
C ARG J 8 8.57 16.44 -46.55
N VAL J 9 9.15 16.15 -47.72
CA VAL J 9 9.83 17.17 -48.49
C VAL J 9 8.95 17.60 -49.65
N GLN J 10 9.55 18.22 -50.65
CA GLN J 10 8.82 18.72 -51.81
C GLN J 10 7.83 17.77 -52.46
N ASP J 11 8.32 16.61 -52.89
CA ASP J 11 7.47 15.66 -53.59
C ASP J 11 7.49 14.24 -53.04
N SER J 12 7.80 14.09 -51.77
CA SER J 12 7.82 12.75 -51.18
C SER J 12 7.91 12.78 -49.67
N VAL J 13 7.67 11.62 -49.08
CA VAL J 13 7.73 11.46 -47.64
C VAL J 13 8.76 10.39 -47.39
N ILE J 14 9.65 10.65 -46.44
CA ILE J 14 10.68 9.68 -46.11
C ILE J 14 10.52 9.23 -44.67
N LEU J 15 10.51 7.91 -44.48
CA LEU J 15 10.38 7.30 -43.17
C LEU J 15 11.63 6.52 -42.82
N ALA J 16 12.11 6.69 -41.60
CA ALA J 16 13.30 6.01 -41.09
C ALA J 16 12.90 5.29 -39.80
N SER J 17 13.23 4.02 -39.67
CA SER J 17 12.85 3.25 -38.50
C SER J 17 13.99 2.36 -38.00
N SER J 18 14.31 2.44 -36.70
CA SER J 18 15.40 1.64 -36.14
C SER J 18 15.25 0.14 -36.43
N LYS J 19 16.40 -0.51 -36.58
CA LYS J 19 16.44 -1.92 -36.91
C LYS J 19 16.62 -2.85 -35.72
N ALA J 20 16.85 -2.30 -34.55
CA ALA J 20 17.06 -3.14 -33.37
C ALA J 20 15.76 -3.65 -32.78
N VAL J 21 15.86 -4.84 -32.19
CA VAL J 21 14.77 -5.50 -31.50
C VAL J 21 15.48 -6.09 -30.30
N THR J 22 15.36 -5.40 -29.18
CA THR J 22 16.00 -5.77 -27.93
C THR J 22 14.99 -6.27 -26.92
N ARG J 23 15.33 -7.35 -26.22
CA ARG J 23 14.44 -7.88 -25.22
C ARG J 23 15.26 -8.08 -23.97
N GLY J 24 15.00 -7.19 -23.01
CA GLY J 24 15.70 -7.24 -21.75
C GLY J 24 17.17 -6.92 -21.90
N ILE J 25 17.97 -7.95 -21.68
CA ILE J 25 19.41 -7.83 -21.74
C ILE J 25 20.01 -8.13 -23.13
N SER J 26 19.23 -8.68 -24.06
CA SER J 26 19.77 -9.03 -25.37
C SER J 26 19.14 -8.37 -26.60
N VAL J 27 19.96 -7.98 -27.56
CA VAL J 27 19.46 -7.43 -28.83
C VAL J 27 19.28 -8.71 -29.67
N LEU J 28 18.03 -9.06 -29.96
CA LEU J 28 17.72 -10.28 -30.71
C LEU J 28 17.87 -10.19 -32.22
N LYS J 29 17.57 -9.03 -32.78
CA LYS J 29 17.66 -8.84 -34.22
C LYS J 29 18.18 -7.44 -34.49
N ASP J 30 18.85 -7.26 -35.62
CA ASP J 30 19.41 -5.95 -35.97
C ASP J 30 19.07 -5.54 -37.39
N SER J 31 17.99 -6.13 -37.92
CA SER J 31 17.57 -5.87 -39.29
C SER J 31 16.05 -5.87 -39.37
N ASP J 32 15.39 -5.61 -38.25
CA ASP J 32 13.95 -5.60 -38.21
C ASP J 32 13.36 -4.39 -38.94
N ASP J 33 12.38 -4.65 -39.80
CA ASP J 33 11.72 -3.62 -40.59
C ASP J 33 10.35 -3.30 -39.95
N LYS J 34 10.31 -2.18 -39.23
CA LYS J 34 9.10 -1.77 -38.51
C LYS J 34 8.12 -1.01 -39.41
N THR J 35 7.69 -1.69 -40.47
CA THR J 35 6.82 -1.06 -41.44
C THR J 35 5.86 -2.02 -42.17
N ARG J 36 4.74 -1.49 -42.64
CA ARG J 36 3.77 -2.26 -43.42
C ARG J 36 3.28 -1.33 -44.51
N GLN J 37 3.18 -1.84 -45.72
CA GLN J 37 2.66 -1.03 -46.82
C GLN J 37 1.16 -1.26 -46.82
N LEU J 38 0.41 -0.18 -46.70
CA LEU J 38 -1.05 -0.27 -46.66
C LEU J 38 -1.67 -0.28 -48.07
N SER J 39 -0.97 0.35 -49.00
CA SER J 39 -1.39 0.42 -50.40
C SER J 39 -0.15 0.90 -51.16
N PRO J 40 -0.16 0.79 -52.49
CA PRO J 40 0.98 1.22 -53.30
C PRO J 40 1.58 2.61 -53.02
N HIS J 41 0.78 3.54 -52.50
CA HIS J 41 1.30 4.89 -52.21
C HIS J 41 1.12 5.31 -50.75
N THR J 42 0.99 4.34 -49.85
CA THR J 42 0.84 4.63 -48.42
C THR J 42 1.61 3.65 -47.57
N LEU J 43 2.54 4.19 -46.79
CA LEU J 43 3.40 3.42 -45.91
C LEU J 43 3.22 3.82 -44.45
N MET J 44 3.18 2.82 -43.57
CA MET J 44 3.03 3.07 -42.14
C MET J 44 4.15 2.43 -41.30
N SER J 45 4.73 3.23 -40.42
CA SER J 45 5.79 2.78 -39.53
C SER J 45 5.17 2.68 -38.14
N PHE J 46 5.74 1.86 -37.27
CA PHE J 46 5.17 1.70 -35.94
C PHE J 46 6.15 1.30 -34.84
N ALA J 47 5.76 1.64 -33.61
CA ALA J 47 6.54 1.36 -32.41
C ALA J 47 5.58 1.22 -31.22
N GLY J 48 5.98 0.44 -30.23
CA GLY J 48 5.14 0.25 -29.07
C GLY J 48 5.28 -1.10 -28.41
N GLU J 49 4.19 -1.60 -27.83
CA GLU J 49 4.17 -2.89 -27.14
C GLU J 49 4.51 -4.09 -28.02
N ALA J 50 5.29 -5.01 -27.45
CA ALA J 50 5.76 -6.22 -28.11
C ALA J 50 4.81 -6.96 -29.06
N GLY J 51 3.56 -7.14 -28.69
CA GLY J 51 2.69 -7.86 -29.61
C GLY J 51 1.73 -7.00 -30.40
N ASP J 52 1.19 -5.98 -29.74
CA ASP J 52 0.22 -5.06 -30.34
C ASP J 52 0.70 -4.43 -31.64
N THR J 53 1.99 -4.10 -31.67
CA THR J 53 2.64 -3.47 -32.80
C THR J 53 2.29 -4.08 -34.16
N VAL J 54 2.70 -5.32 -34.39
CA VAL J 54 2.44 -6.00 -35.64
C VAL J 54 0.96 -6.38 -35.82
N GLN J 55 0.31 -6.85 -34.77
CA GLN J 55 -1.09 -7.23 -34.86
C GLN J 55 -1.91 -6.06 -35.37
N PHE J 56 -1.58 -4.86 -34.92
CA PHE J 56 -2.31 -3.69 -35.36
C PHE J 56 -1.96 -3.29 -36.78
N ALA J 57 -0.68 -3.25 -37.10
CA ALA J 57 -0.25 -2.86 -38.45
C ALA J 57 -0.86 -3.79 -39.49
N GLU J 58 -0.78 -5.09 -39.25
CA GLU J 58 -1.33 -6.08 -40.18
C GLU J 58 -2.84 -6.04 -40.25
N TYR J 59 -3.48 -5.79 -39.12
CA TYR J 59 -4.93 -5.69 -39.11
C TYR J 59 -5.36 -4.54 -40.01
N ILE J 60 -4.63 -3.43 -39.95
CA ILE J 60 -4.98 -2.30 -40.79
C ILE J 60 -4.65 -2.59 -42.23
N GLN J 61 -3.48 -3.17 -42.49
CA GLN J 61 -3.11 -3.49 -43.85
C GLN J 61 -4.24 -4.32 -44.48
N ALA J 62 -4.68 -5.36 -43.79
CA ALA J 62 -5.75 -6.20 -44.29
C ALA J 62 -6.98 -5.38 -44.66
N ASN J 63 -7.34 -4.42 -43.83
CA ASN J 63 -8.52 -3.62 -44.12
C ASN J 63 -8.36 -2.68 -45.30
N ILE J 64 -7.21 -2.05 -45.43
CA ILE J 64 -6.99 -1.15 -46.55
C ILE J 64 -6.92 -1.93 -47.86
N GLN J 65 -6.28 -3.10 -47.85
CA GLN J 65 -6.20 -3.90 -49.05
C GLN J 65 -7.60 -4.37 -49.43
N LEU J 66 -8.39 -4.73 -48.43
CA LEU J 66 -9.77 -5.16 -48.66
C LEU J 66 -10.54 -4.02 -49.32
N TYR J 67 -10.38 -2.81 -48.81
CA TYR J 67 -11.06 -1.65 -49.40
C TYR J 67 -10.61 -1.48 -50.85
N SER J 68 -9.31 -1.63 -51.10
CA SER J 68 -8.75 -1.49 -52.44
C SER J 68 -9.37 -2.46 -53.45
N ILE J 69 -9.45 -3.74 -53.06
CA ILE J 69 -10.03 -4.75 -53.93
C ILE J 69 -11.50 -4.45 -54.20
N ARG J 70 -12.28 -4.24 -53.14
CA ARG J 70 -13.70 -3.97 -53.26
C ARG J 70 -14.05 -2.75 -54.11
N GLU J 71 -13.29 -1.68 -53.94
CA GLU J 71 -13.55 -0.45 -54.66
C GLU J 71 -12.65 -0.26 -55.89
N ASP J 72 -11.68 -1.14 -56.07
CA ASP J 72 -10.75 -1.04 -57.19
C ASP J 72 -10.29 0.42 -57.26
N TYR J 73 -9.82 0.92 -56.13
CA TYR J 73 -9.37 2.29 -56.03
C TYR J 73 -8.47 2.36 -54.81
N GLU J 74 -7.62 3.37 -54.74
CA GLU J 74 -6.71 3.52 -53.61
C GLU J 74 -7.16 4.74 -52.80
N LEU J 75 -7.48 4.52 -51.54
CA LEU J 75 -7.91 5.60 -50.66
C LEU J 75 -6.81 6.62 -50.48
N SER J 76 -7.19 7.89 -50.38
CA SER J 76 -6.21 8.93 -50.18
C SER J 76 -5.50 8.71 -48.85
N PRO J 77 -4.31 9.28 -48.70
CA PRO J 77 -3.58 9.12 -47.45
C PRO J 77 -4.36 9.74 -46.28
N GLN J 78 -5.08 10.81 -46.57
CA GLN J 78 -5.88 11.48 -45.54
C GLN J 78 -6.96 10.52 -45.03
N ALA J 79 -7.60 9.81 -45.96
CA ALA J 79 -8.65 8.88 -45.62
C ALA J 79 -8.08 7.70 -44.81
N VAL J 80 -6.90 7.23 -45.21
CA VAL J 80 -6.31 6.10 -44.50
C VAL J 80 -5.96 6.49 -43.08
N SER J 81 -5.31 7.64 -42.93
CA SER J 81 -4.92 8.09 -41.61
C SER J 81 -6.17 8.27 -40.74
N SER J 82 -7.27 8.71 -41.34
CA SER J 82 -8.48 8.88 -40.54
C SER J 82 -9.01 7.53 -40.07
N PHE J 83 -8.93 6.54 -40.94
CA PHE J 83 -9.39 5.21 -40.57
C PHE J 83 -8.52 4.70 -39.42
N VAL J 84 -7.21 4.93 -39.51
CA VAL J 84 -6.28 4.50 -38.48
C VAL J 84 -6.55 5.19 -37.15
N ARG J 85 -6.78 6.50 -37.18
CA ARG J 85 -7.05 7.22 -35.93
C ARG J 85 -8.31 6.66 -35.28
N GLN J 86 -9.33 6.41 -36.09
CA GLN J 86 -10.58 5.88 -35.56
C GLN J 86 -10.33 4.56 -34.84
N GLU J 87 -9.60 3.65 -35.48
CA GLU J 87 -9.33 2.38 -34.88
C GLU J 87 -8.60 2.51 -33.55
N LEU J 88 -7.62 3.40 -33.47
CA LEU J 88 -6.89 3.59 -32.22
C LEU J 88 -7.78 4.25 -31.16
N ALA J 89 -8.61 5.20 -31.59
CA ALA J 89 -9.49 5.87 -30.64
C ALA J 89 -10.45 4.87 -30.01
N LYS J 90 -10.89 3.86 -30.76
CA LYS J 90 -11.78 2.84 -30.21
C LYS J 90 -10.96 2.08 -29.19
N SER J 91 -9.78 1.66 -29.62
CA SER J 91 -8.86 0.89 -28.80
C SER J 91 -8.58 1.47 -27.41
N ILE J 92 -8.30 2.76 -27.35
CA ILE J 92 -7.97 3.40 -26.09
C ILE J 92 -9.00 3.20 -24.97
N ARG J 93 -10.26 3.00 -25.31
CA ARG J 93 -11.28 2.79 -24.30
C ARG J 93 -11.80 1.35 -24.26
N SER J 94 -11.08 0.45 -24.92
CA SER J 94 -11.46 -0.97 -24.94
C SER J 94 -10.86 -1.68 -23.74
N ARG J 95 -11.14 -2.98 -23.62
CA ARG J 95 -10.62 -3.77 -22.50
C ARG J 95 -9.10 -3.74 -22.51
N ARG J 96 -8.49 -4.16 -23.61
CA ARG J 96 -7.03 -4.13 -23.70
C ARG J 96 -6.62 -3.31 -24.92
N PRO J 97 -6.35 -2.01 -24.72
CA PRO J 97 -5.93 -1.06 -25.76
C PRO J 97 -4.64 -1.43 -26.47
N TYR J 98 -4.57 -1.08 -27.76
CA TYR J 98 -3.36 -1.31 -28.55
C TYR J 98 -2.39 -0.25 -28.11
N GLN J 99 -1.19 -0.67 -27.74
CA GLN J 99 -0.19 0.29 -27.33
C GLN J 99 0.77 0.45 -28.48
N VAL J 100 0.31 1.19 -29.49
CA VAL J 100 1.09 1.40 -30.69
C VAL J 100 1.06 2.83 -31.20
N ASN J 101 2.20 3.34 -31.62
CA ASN J 101 2.30 4.69 -32.18
C ASN J 101 2.71 4.50 -33.62
N VAL J 102 2.22 5.36 -34.51
CA VAL J 102 2.55 5.20 -35.91
C VAL J 102 2.74 6.48 -36.68
N LEU J 103 3.45 6.36 -37.79
CA LEU J 103 3.67 7.47 -38.69
C LEU J 103 3.10 6.96 -39.99
N ILE J 104 2.32 7.80 -40.66
CA ILE J 104 1.77 7.37 -41.94
C ILE J 104 2.28 8.30 -43.04
N GLY J 105 3.05 7.72 -43.95
CA GLY J 105 3.58 8.48 -45.05
C GLY J 105 2.98 8.02 -46.38
N GLY J 106 2.30 8.94 -47.04
CA GLY J 106 1.70 8.59 -48.31
C GLY J 106 1.80 9.68 -49.36
N TYR J 107 1.61 9.29 -50.61
CA TYR J 107 1.64 10.23 -51.73
C TYR J 107 0.24 10.29 -52.31
N ASP J 108 -0.40 11.43 -52.18
CA ASP J 108 -1.77 11.61 -52.67
C ASP J 108 -1.75 11.88 -54.18
N LYS J 109 -1.98 10.82 -54.96
CA LYS J 109 -1.97 10.91 -56.41
C LYS J 109 -2.98 11.89 -57.01
N LYS J 110 -4.05 12.17 -56.29
CA LYS J 110 -5.04 13.11 -56.79
C LYS J 110 -4.59 14.56 -56.60
N LYS J 111 -4.07 14.88 -55.43
CA LYS J 111 -3.60 16.24 -55.15
C LYS J 111 -2.16 16.37 -55.61
N ASN J 112 -1.50 15.24 -55.83
CA ASN J 112 -0.10 15.20 -56.25
C ASN J 112 0.77 15.92 -55.25
N LYS J 113 0.70 15.46 -54.00
CA LYS J 113 1.47 16.01 -52.91
C LYS J 113 1.71 14.93 -51.87
N PRO J 114 2.90 14.95 -51.24
CA PRO J 114 3.23 13.95 -50.22
C PRO J 114 2.59 14.38 -48.90
N GLU J 115 2.25 13.40 -48.06
CA GLU J 115 1.64 13.70 -46.77
C GLU J 115 2.19 12.83 -45.65
N LEU J 116 2.36 13.44 -44.48
CA LEU J 116 2.88 12.73 -43.31
C LEU J 116 1.96 12.94 -42.11
N TYR J 117 1.49 11.83 -41.53
CA TYR J 117 0.61 11.88 -40.38
C TYR J 117 1.23 11.21 -39.16
N GLN J 118 1.10 11.86 -38.01
CA GLN J 118 1.62 11.30 -36.78
C GLN J 118 0.42 10.96 -35.92
N ILE J 119 0.38 9.72 -35.46
CA ILE J 119 -0.74 9.24 -34.66
C ILE J 119 -0.25 8.38 -33.50
N ASP J 120 -0.63 8.74 -32.28
CA ASP J 120 -0.21 7.96 -31.13
C ASP J 120 -1.30 6.96 -30.74
N TYR J 121 -1.02 6.12 -29.75
CA TYR J 121 -1.98 5.10 -29.32
C TYR J 121 -3.29 5.68 -28.77
N LEU J 122 -3.33 6.95 -28.45
CA LEU J 122 -4.56 7.56 -27.94
C LEU J 122 -5.50 7.95 -29.06
N GLY J 123 -4.99 7.95 -30.29
CA GLY J 123 -5.81 8.36 -31.39
C GLY J 123 -5.59 9.84 -31.66
N THR J 124 -4.42 10.34 -31.26
CA THR J 124 -4.08 11.75 -31.48
C THR J 124 -3.46 11.83 -32.88
N LYS J 125 -4.13 12.52 -33.78
CA LYS J 125 -3.61 12.64 -35.14
C LYS J 125 -3.25 14.07 -35.51
N VAL J 126 -2.10 14.23 -36.14
CA VAL J 126 -1.67 15.55 -36.58
C VAL J 126 -0.87 15.38 -37.87
N GLU J 127 -0.99 16.34 -38.80
CA GLU J 127 -0.25 16.29 -40.06
C GLU J 127 0.94 17.25 -39.92
N LEU J 128 2.13 16.79 -40.28
CA LEU J 128 3.34 17.60 -40.11
C LEU J 128 4.41 17.43 -41.19
N PRO J 129 5.30 18.43 -41.31
CA PRO J 129 6.41 18.44 -42.26
C PRO J 129 7.38 17.35 -41.83
N TYR J 130 7.41 17.09 -40.52
CA TYR J 130 8.27 16.05 -39.96
C TYR J 130 7.77 15.64 -38.59
N GLY J 131 7.92 14.35 -38.28
CA GLY J 131 7.46 13.85 -37.00
C GLY J 131 8.29 12.69 -36.49
N ALA J 132 8.04 12.34 -35.23
CA ALA J 132 8.75 11.26 -34.56
C ALA J 132 7.97 10.78 -33.34
N HIS J 133 8.12 9.51 -33.01
CA HIS J 133 7.47 8.95 -31.84
C HIS J 133 8.56 8.52 -30.90
N GLY J 134 8.28 8.59 -29.60
CA GLY J 134 9.30 8.17 -28.65
C GLY J 134 10.24 9.30 -28.29
N TYR J 135 11.41 8.92 -27.79
CA TYR J 135 12.40 9.90 -27.37
C TYR J 135 13.12 10.65 -28.47
N SER J 136 13.16 10.08 -29.67
CA SER J 136 13.83 10.71 -30.81
C SER J 136 13.37 12.15 -30.96
N GLY J 137 12.07 12.36 -30.86
CA GLY J 137 11.50 13.68 -31.02
C GLY J 137 12.19 14.73 -30.18
N PHE J 138 12.74 14.33 -29.05
CA PHE J 138 13.40 15.27 -28.17
C PHE J 138 14.69 15.84 -28.73
N TYR J 139 15.24 15.20 -29.77
CA TYR J 139 16.48 15.68 -30.40
C TYR J 139 16.20 16.15 -31.82
N THR J 140 15.34 15.43 -32.53
CA THR J 140 15.04 15.75 -33.92
C THR J 140 14.12 16.92 -34.23
N PHE J 141 13.18 17.25 -33.34
CA PHE J 141 12.28 18.36 -33.63
C PHE J 141 12.97 19.70 -33.75
N SER J 142 13.86 20.02 -32.82
CA SER J 142 14.56 21.29 -32.89
C SER J 142 15.60 21.27 -34.03
N LEU J 143 16.16 20.09 -34.30
CA LEU J 143 17.12 19.93 -35.39
C LEU J 143 16.43 20.37 -36.68
N LEU J 144 15.35 19.69 -37.03
CA LEU J 144 14.59 19.99 -38.23
C LEU J 144 13.97 21.40 -38.18
N ASP J 145 13.66 21.88 -36.97
CA ASP J 145 13.11 23.22 -36.81
C ASP J 145 14.15 24.21 -37.35
N HIS J 146 15.40 23.74 -37.39
CA HIS J 146 16.51 24.55 -37.84
C HIS J 146 16.85 24.31 -39.30
N HIS J 147 17.19 23.06 -39.62
CA HIS J 147 17.60 22.66 -40.97
C HIS J 147 16.50 22.26 -41.96
N TYR J 148 15.24 22.63 -41.72
CA TYR J 148 14.19 22.19 -42.66
C TYR J 148 13.57 23.27 -43.55
N ARG J 149 13.35 22.88 -44.81
CA ARG J 149 12.76 23.76 -45.82
C ARG J 149 11.69 22.95 -46.60
N PRO J 150 10.55 23.58 -46.89
CA PRO J 150 9.42 22.96 -47.61
C PRO J 150 9.71 22.43 -49.02
N ASP J 151 10.44 23.23 -49.79
CA ASP J 151 10.77 22.90 -51.18
C ASP J 151 12.00 22.01 -51.37
N MET J 152 12.47 21.37 -50.32
CA MET J 152 13.64 20.52 -50.44
C MET J 152 13.41 19.31 -51.35
N THR J 153 14.50 18.81 -51.92
CA THR J 153 14.43 17.65 -52.81
C THR J 153 14.49 16.41 -51.94
N THR J 154 14.20 15.26 -52.56
CA THR J 154 14.24 13.99 -51.84
C THR J 154 15.66 13.78 -51.35
N GLU J 155 16.63 14.12 -52.19
CA GLU J 155 18.03 13.95 -51.81
C GLU J 155 18.36 14.83 -50.61
N GLU J 156 17.82 16.05 -50.58
CA GLU J 156 18.06 16.95 -49.47
C GLU J 156 17.44 16.35 -48.20
N GLY J 157 16.27 15.75 -48.37
CA GLY J 157 15.60 15.13 -47.25
C GLY J 157 16.43 14.03 -46.65
N LEU J 158 16.99 13.16 -47.48
CA LEU J 158 17.81 12.07 -47.00
C LEU J 158 19.03 12.57 -46.21
N ASP J 159 19.53 13.76 -46.57
CA ASP J 159 20.68 14.32 -45.88
C ASP J 159 20.20 14.85 -44.53
N LEU J 160 18.97 15.38 -44.55
CA LEU J 160 18.33 15.91 -43.35
C LEU J 160 18.15 14.76 -42.34
N LEU J 161 17.86 13.57 -42.85
CA LEU J 161 17.68 12.39 -42.00
C LEU J 161 19.01 11.92 -41.46
N LYS J 162 20.00 11.88 -42.33
CA LYS J 162 21.34 11.46 -41.95
C LYS J 162 21.78 12.33 -40.78
N LEU J 163 21.40 13.60 -40.86
CA LEU J 163 21.74 14.55 -39.82
C LEU J 163 21.03 14.14 -38.51
N CYS J 164 19.76 13.74 -38.63
CA CYS J 164 18.98 13.32 -37.47
C CYS J 164 19.52 12.02 -36.89
N VAL J 165 19.79 11.04 -37.76
CA VAL J 165 20.30 9.75 -37.31
C VAL J 165 21.64 9.90 -36.60
N GLN J 166 22.51 10.77 -37.08
CA GLN J 166 23.80 10.96 -36.43
C GLN J 166 23.65 11.51 -35.03
N GLU J 167 22.78 12.51 -34.89
CA GLU J 167 22.53 13.11 -33.59
C GLU J 167 22.02 12.03 -32.63
N LEU J 168 21.15 11.17 -33.14
CA LEU J 168 20.60 10.09 -32.32
C LEU J 168 21.67 9.07 -31.93
N GLU J 169 22.58 8.76 -32.85
CA GLU J 169 23.62 7.80 -32.52
C GLU J 169 24.64 8.39 -31.56
N LYS J 170 24.67 9.72 -31.48
CA LYS J 170 25.60 10.39 -30.60
C LYS J 170 25.06 10.56 -29.17
N ARG J 171 23.81 11.02 -29.07
CA ARG J 171 23.18 11.30 -27.78
C ARG J 171 22.21 10.30 -27.14
N MET J 172 21.52 9.49 -27.93
CA MET J 172 20.59 8.50 -27.38
C MET J 172 21.31 7.40 -26.60
N PRO J 173 20.72 6.93 -25.50
CA PRO J 173 21.24 5.91 -24.60
C PRO J 173 21.41 4.52 -25.21
N MET J 174 20.41 4.07 -25.94
CA MET J 174 20.44 2.74 -26.53
C MET J 174 21.08 2.65 -27.90
N ASP J 175 21.48 1.43 -28.26
CA ASP J 175 22.08 1.15 -29.56
C ASP J 175 20.92 0.66 -30.41
N PHE J 176 20.35 1.54 -31.23
CA PHE J 176 19.22 1.12 -32.05
C PHE J 176 19.57 0.38 -33.33
N LYS J 177 20.86 0.14 -33.53
CA LYS J 177 21.36 -0.59 -34.70
C LYS J 177 21.05 0.04 -36.06
N GLY J 178 21.12 1.36 -36.14
CA GLY J 178 20.83 2.04 -37.39
C GLY J 178 19.37 2.00 -37.78
N VAL J 179 19.06 2.55 -38.95
CA VAL J 179 17.69 2.60 -39.45
C VAL J 179 17.53 2.04 -40.87
N ILE J 180 16.27 1.91 -41.28
CA ILE J 180 15.91 1.47 -42.61
C ILE J 180 15.12 2.66 -43.13
N VAL J 181 15.50 3.16 -44.29
CA VAL J 181 14.83 4.32 -44.86
C VAL J 181 13.99 3.95 -46.07
N LYS J 182 12.82 4.55 -46.16
CA LYS J 182 11.96 4.27 -47.30
C LYS J 182 11.39 5.57 -47.84
N ILE J 183 11.16 5.62 -49.14
CA ILE J 183 10.64 6.82 -49.77
C ILE J 183 9.29 6.54 -50.41
N VAL J 184 8.36 7.45 -50.20
CA VAL J 184 7.03 7.34 -50.77
C VAL J 184 6.86 8.57 -51.64
N ASP J 185 6.53 8.32 -52.91
CA ASP J 185 6.30 9.39 -53.88
C ASP J 185 5.40 8.90 -54.98
N LYS J 186 5.14 9.77 -55.95
CA LYS J 186 4.28 9.47 -57.10
C LYS J 186 4.50 8.11 -57.74
N ASP J 187 5.68 7.53 -57.58
CA ASP J 187 5.93 6.23 -58.20
C ASP J 187 5.82 5.07 -57.24
N GLY J 188 5.34 5.34 -56.03
CA GLY J 188 5.19 4.27 -55.06
C GLY J 188 6.14 4.34 -53.89
N ILE J 189 6.47 3.17 -53.36
CA ILE J 189 7.36 3.05 -52.21
C ILE J 189 8.62 2.27 -52.54
N ARG J 190 9.78 2.79 -52.13
CA ARG J 190 11.04 2.10 -52.35
C ARG J 190 11.95 2.26 -51.14
N GLN J 191 12.87 1.32 -50.97
CA GLN J 191 13.78 1.33 -49.84
C GLN J 191 15.20 1.74 -50.24
N VAL J 192 15.76 2.71 -49.52
CA VAL J 192 17.12 3.18 -49.79
C VAL J 192 18.07 2.18 -49.14
N ASP J 193 18.39 1.10 -49.86
CA ASP J 193 19.26 0.05 -49.33
C ASP J 193 20.66 0.51 -48.98
N ASP J 194 21.02 1.73 -49.36
CA ASP J 194 22.34 2.26 -49.06
C ASP J 194 22.30 3.52 -48.20
N PHE J 195 22.15 3.32 -46.89
CA PHE J 195 22.11 4.42 -45.95
C PHE J 195 23.08 4.12 -44.81
N GLN J 196 23.49 2.85 -44.74
CA GLN J 196 24.44 2.38 -43.72
C GLN J 196 25.78 3.11 -43.90
N ALA J 197 25.81 4.01 -44.88
CA ALA J 197 26.99 4.82 -45.21
C ALA J 197 26.69 5.60 -46.50
N GLN J 198 25.67 6.47 -46.43
CA GLN J 198 25.27 7.29 -47.58
C GLN J 198 25.83 8.71 -47.47
N THR K 1 17.17 -22.54 -18.25
CA THR K 1 17.04 -23.10 -19.63
C THR K 1 17.88 -22.34 -20.62
N THR K 2 18.45 -23.09 -21.57
CA THR K 2 19.20 -22.48 -22.64
C THR K 2 18.88 -23.25 -23.89
N THR K 3 18.54 -22.52 -24.94
CA THR K 3 18.21 -23.11 -26.22
C THR K 3 18.76 -22.18 -27.27
N LEU K 4 19.19 -22.75 -28.39
CA LEU K 4 19.70 -21.95 -29.49
C LEU K 4 19.44 -22.67 -30.82
N ALA K 5 19.44 -21.90 -31.89
CA ALA K 5 19.24 -22.44 -33.20
C ALA K 5 19.87 -21.44 -34.14
N PHE K 6 20.70 -21.93 -35.05
CA PHE K 6 21.33 -21.03 -36.00
C PHE K 6 21.36 -21.65 -37.39
N ARG K 7 21.28 -20.79 -38.39
CA ARG K 7 21.31 -21.19 -39.79
C ARG K 7 22.74 -21.04 -40.31
N PHE K 8 23.14 -21.98 -41.16
CA PHE K 8 24.48 -21.96 -41.76
C PHE K 8 24.47 -22.72 -43.08
N GLN K 9 25.63 -22.81 -43.70
CA GLN K 9 25.77 -23.49 -44.98
C GLN K 9 25.14 -24.89 -45.03
N GLY K 10 25.29 -25.67 -43.95
CA GLY K 10 24.74 -27.02 -43.95
C GLY K 10 23.32 -27.17 -43.42
N GLY K 11 22.58 -26.06 -43.35
CA GLY K 11 21.21 -26.11 -42.86
C GLY K 11 20.97 -25.37 -41.55
N ILE K 12 20.51 -26.09 -40.54
CA ILE K 12 20.25 -25.50 -39.23
C ILE K 12 20.68 -26.41 -38.10
N ILE K 13 21.21 -25.79 -37.05
CA ILE K 13 21.66 -26.51 -35.85
C ILE K 13 20.73 -26.11 -34.70
N VAL K 14 20.24 -27.09 -33.96
CA VAL K 14 19.35 -26.84 -32.84
C VAL K 14 19.90 -27.60 -31.63
N ALA K 15 20.14 -26.87 -30.54
CA ALA K 15 20.67 -27.44 -29.31
C ALA K 15 19.95 -26.87 -28.08
N VAL K 16 19.63 -27.73 -27.13
CA VAL K 16 18.92 -27.30 -25.93
C VAL K 16 19.50 -28.02 -24.72
N ASP K 17 19.20 -27.54 -23.51
CA ASP K 17 19.66 -28.21 -22.31
C ASP K 17 18.49 -29.06 -21.84
N SER K 18 18.53 -29.58 -20.63
CA SER K 18 17.41 -30.41 -20.20
C SER K 18 17.05 -30.18 -18.75
N ARG K 19 17.37 -29.01 -18.22
CA ARG K 19 17.07 -28.73 -16.84
C ARG K 19 15.73 -28.02 -16.60
N ALA K 20 15.08 -28.41 -15.51
CA ALA K 20 13.82 -27.83 -15.11
C ALA K 20 13.98 -27.44 -13.64
N THR K 21 13.55 -26.24 -13.30
CA THR K 21 13.66 -25.76 -11.92
C THR K 21 12.36 -25.13 -11.42
N ALA K 22 12.23 -25.06 -10.12
CA ALA K 22 11.09 -24.45 -9.46
C ALA K 22 11.81 -23.72 -8.33
N GLY K 23 12.08 -22.44 -8.54
CA GLY K 23 12.83 -21.70 -7.55
C GLY K 23 14.28 -22.16 -7.70
N ASN K 24 14.92 -22.49 -6.59
CA ASN K 24 16.31 -22.97 -6.62
C ASN K 24 16.33 -24.48 -6.68
N TRP K 25 15.14 -25.07 -6.60
CA TRP K 25 15.02 -26.52 -6.64
C TRP K 25 15.12 -27.03 -8.07
N VAL K 26 16.05 -27.96 -8.27
CA VAL K 26 16.23 -28.56 -9.59
C VAL K 26 15.20 -29.67 -9.63
N ALA K 27 14.12 -29.40 -10.36
CA ALA K 27 13.01 -30.33 -10.49
C ALA K 27 13.38 -31.54 -11.35
N SER K 28 14.19 -31.29 -12.37
CA SER K 28 14.58 -32.34 -13.28
C SER K 28 15.77 -31.97 -14.16
N GLN K 29 16.50 -32.98 -14.60
CA GLN K 29 17.66 -32.81 -15.48
C GLN K 29 17.40 -33.62 -16.75
N THR K 30 16.17 -34.10 -16.90
CA THR K 30 15.81 -34.94 -18.05
C THR K 30 14.58 -34.49 -18.83
N VAL K 31 14.45 -33.20 -19.07
CA VAL K 31 13.30 -32.69 -19.81
C VAL K 31 13.63 -32.61 -21.28
N LYS K 32 12.68 -33.00 -22.14
CA LYS K 32 12.87 -32.94 -23.59
C LYS K 32 12.37 -31.58 -24.06
N LYS K 33 13.28 -30.62 -24.25
CA LYS K 33 12.92 -29.29 -24.66
C LYS K 33 12.75 -29.06 -26.16
N VAL K 34 12.87 -30.13 -26.94
CA VAL K 34 12.68 -30.03 -28.37
C VAL K 34 11.50 -30.89 -28.72
N ILE K 35 10.58 -30.35 -29.51
CA ILE K 35 9.45 -31.15 -29.90
C ILE K 35 9.53 -31.36 -31.41
N GLU K 36 9.45 -32.62 -31.83
CA GLU K 36 9.49 -32.98 -33.23
C GLU K 36 8.08 -32.83 -33.77
N ILE K 37 7.72 -31.61 -34.15
CA ILE K 37 6.37 -31.34 -34.65
C ILE K 37 6.06 -32.30 -35.78
N ASN K 38 7.06 -32.55 -36.59
CA ASN K 38 6.92 -33.49 -37.70
C ASN K 38 8.29 -33.65 -38.36
N PRO K 39 8.46 -34.73 -39.14
CA PRO K 39 9.71 -35.04 -39.85
C PRO K 39 10.54 -33.88 -40.38
N PHE K 40 9.95 -32.69 -40.46
CA PHE K 40 10.67 -31.53 -40.98
C PHE K 40 10.51 -30.26 -40.15
N LEU K 41 9.82 -30.36 -39.02
CA LEU K 41 9.60 -29.20 -38.16
C LEU K 41 9.96 -29.46 -36.71
N LEU K 42 10.69 -28.53 -36.12
CA LEU K 42 11.06 -28.67 -34.72
C LEU K 42 10.62 -27.43 -33.92
N GLY K 43 10.35 -27.66 -32.64
CA GLY K 43 9.97 -26.58 -31.75
C GLY K 43 10.84 -26.68 -30.50
N THR K 44 11.39 -25.54 -30.06
CA THR K 44 12.23 -25.52 -28.85
C THR K 44 11.44 -24.87 -27.73
N MET K 45 11.76 -25.27 -26.50
CA MET K 45 11.04 -24.76 -25.36
C MET K 45 11.83 -24.10 -24.24
N ALA K 46 11.39 -22.89 -23.86
CA ALA K 46 12.01 -22.12 -22.77
C ALA K 46 10.89 -21.38 -22.06
N GLY K 47 11.04 -21.16 -20.76
CA GLY K 47 10.02 -20.47 -20.00
C GLY K 47 9.21 -21.41 -19.14
N GLY K 48 7.88 -21.30 -19.21
CA GLY K 48 7.03 -22.18 -18.43
C GLY K 48 6.93 -23.53 -19.09
N ALA K 49 7.34 -24.58 -18.36
CA ALA K 49 7.30 -25.93 -18.85
C ALA K 49 5.95 -26.32 -19.40
N ALA K 50 4.95 -26.35 -18.53
CA ALA K 50 3.60 -26.70 -18.95
C ALA K 50 3.12 -25.83 -20.11
N ASP K 51 3.40 -24.53 -20.06
CA ASP K 51 2.96 -23.63 -21.14
C ASP K 51 3.52 -23.99 -22.51
N CYS K 52 4.84 -24.19 -22.58
CA CYS K 52 5.47 -24.52 -23.87
C CYS K 52 5.01 -25.87 -24.35
N GLN K 53 5.25 -26.83 -23.49
CA GLN K 53 4.94 -28.22 -23.72
C GLN K 53 3.48 -28.48 -24.08
N PHE K 54 2.55 -27.78 -23.45
CA PHE K 54 1.13 -27.98 -23.76
C PHE K 54 0.79 -27.31 -25.08
N TRP K 55 1.07 -26.03 -25.18
CA TRP K 55 0.77 -25.28 -26.39
C TRP K 55 1.52 -25.71 -27.63
N GLU K 56 2.72 -26.26 -27.48
CA GLU K 56 3.44 -26.71 -28.67
C GLU K 56 2.88 -28.06 -29.12
N THR K 57 2.43 -28.88 -28.17
CA THR K 57 1.83 -30.16 -28.54
C THR K 57 0.58 -29.81 -29.34
N TRP K 58 -0.17 -28.83 -28.83
CA TRP K 58 -1.37 -28.37 -29.50
C TRP K 58 -1.00 -27.88 -30.90
N LEU K 59 0.12 -27.16 -31.02
CA LEU K 59 0.56 -26.65 -32.32
C LEU K 59 0.73 -27.81 -33.29
N GLY K 60 1.34 -28.91 -32.82
CA GLY K 60 1.53 -30.09 -33.64
C GLY K 60 0.20 -30.57 -34.19
N SER K 61 -0.83 -30.54 -33.35
CA SER K 61 -2.17 -30.95 -33.74
C SER K 61 -2.70 -30.04 -34.84
N GLN K 62 -2.50 -28.73 -34.67
CA GLN K 62 -2.97 -27.78 -35.66
C GLN K 62 -2.23 -27.96 -36.96
N CYS K 63 -0.94 -28.25 -36.88
CA CYS K 63 -0.12 -28.47 -38.06
C CYS K 63 -0.61 -29.67 -38.86
N ARG K 64 -0.81 -30.80 -38.17
CA ARG K 64 -1.29 -32.01 -38.81
C ARG K 64 -2.63 -31.77 -39.50
N LEU K 65 -3.51 -31.05 -38.81
CA LEU K 65 -4.82 -30.73 -39.37
C LEU K 65 -4.67 -29.96 -40.67
N HIS K 66 -3.71 -29.05 -40.71
CA HIS K 66 -3.47 -28.25 -41.90
C HIS K 66 -3.16 -29.14 -43.09
N GLU K 67 -2.27 -30.11 -42.89
CA GLU K 67 -1.89 -31.00 -43.96
C GLU K 67 -3.05 -31.87 -44.42
N LEU K 68 -3.86 -32.34 -43.48
CA LEU K 68 -5.01 -33.15 -43.87
C LEU K 68 -5.96 -32.31 -44.73
N ARG K 69 -6.09 -31.04 -44.37
CA ARG K 69 -6.97 -30.11 -45.05
C ARG K 69 -6.45 -29.63 -46.40
N GLU K 70 -5.17 -29.28 -46.46
CA GLU K 70 -4.56 -28.77 -47.69
C GLU K 70 -3.72 -29.76 -48.49
N LYS K 71 -3.66 -31.01 -48.02
CA LYS K 71 -2.88 -32.02 -48.71
C LYS K 71 -1.47 -31.50 -48.97
N GLU K 72 -0.94 -30.76 -48.01
CA GLU K 72 0.39 -30.18 -48.11
C GLU K 72 0.98 -29.83 -46.75
N ARG K 73 2.28 -29.99 -46.66
CA ARG K 73 3.05 -29.70 -45.46
C ARG K 73 2.90 -28.22 -45.09
N ILE K 74 2.71 -27.95 -43.81
CA ILE K 74 2.56 -26.58 -43.30
C ILE K 74 3.89 -25.85 -43.38
N SER K 75 3.87 -24.57 -43.73
CA SER K 75 5.12 -23.81 -43.81
C SER K 75 5.62 -23.42 -42.42
N VAL K 76 6.92 -23.18 -42.31
CA VAL K 76 7.52 -22.79 -41.04
C VAL K 76 6.91 -21.45 -40.61
N ALA K 77 6.80 -20.53 -41.57
CA ALA K 77 6.24 -19.22 -41.31
C ALA K 77 4.82 -19.31 -40.76
N ALA K 78 4.00 -20.15 -41.39
CA ALA K 78 2.61 -20.31 -40.95
C ALA K 78 2.51 -21.09 -39.64
N ALA K 79 3.40 -22.04 -39.41
CA ALA K 79 3.35 -22.80 -38.16
C ALA K 79 3.68 -21.87 -36.99
N SER K 80 4.67 -21.01 -37.21
CA SER K 80 5.09 -20.07 -36.18
C SER K 80 4.02 -19.00 -35.96
N LYS K 81 3.24 -18.68 -36.99
CA LYS K 81 2.22 -17.65 -36.81
C LYS K 81 0.98 -18.17 -36.10
N ILE K 82 0.79 -19.48 -36.13
CA ILE K 82 -0.34 -20.07 -35.44
C ILE K 82 -0.06 -19.98 -33.95
N LEU K 83 1.16 -20.29 -33.55
CA LEU K 83 1.53 -20.23 -32.15
C LEU K 83 1.53 -18.77 -31.70
N SER K 84 2.00 -17.91 -32.59
CA SER K 84 2.07 -16.50 -32.32
C SER K 84 0.69 -15.92 -32.03
N ASN K 85 -0.27 -16.21 -32.92
CA ASN K 85 -1.61 -15.70 -32.74
C ASN K 85 -2.32 -16.33 -31.53
N LEU K 86 -2.02 -17.59 -31.23
CA LEU K 86 -2.65 -18.26 -30.08
C LEU K 86 -2.23 -17.53 -28.83
N VAL K 87 -0.92 -17.45 -28.67
CA VAL K 87 -0.30 -16.81 -27.54
C VAL K 87 -0.74 -15.34 -27.40
N TYR K 88 -1.00 -14.67 -28.51
CA TYR K 88 -1.42 -13.28 -28.42
C TYR K 88 -2.85 -13.16 -27.88
N GLN K 89 -3.66 -14.19 -28.11
CA GLN K 89 -5.03 -14.16 -27.61
C GLN K 89 -5.00 -14.21 -26.09
N TYR K 90 -3.88 -14.69 -25.54
CA TYR K 90 -3.71 -14.83 -24.11
C TYR K 90 -2.89 -13.71 -23.47
N LYS K 91 -2.52 -12.71 -24.26
CA LYS K 91 -1.69 -11.61 -23.76
C LYS K 91 -2.27 -10.96 -22.51
N GLY K 92 -1.45 -10.89 -21.47
CA GLY K 92 -1.86 -10.32 -20.21
C GLY K 92 -2.26 -11.40 -19.19
N ALA K 93 -2.52 -12.61 -19.65
CA ALA K 93 -2.92 -13.71 -18.76
C ALA K 93 -1.79 -14.39 -18.01
N GLY K 94 -0.56 -14.11 -18.40
CA GLY K 94 0.55 -14.73 -17.71
C GLY K 94 1.19 -15.97 -18.34
N LEU K 95 0.94 -16.23 -19.61
CA LEU K 95 1.61 -17.38 -20.23
C LEU K 95 3.09 -17.02 -20.28
N SER K 96 3.95 -18.01 -20.12
CA SER K 96 5.38 -17.75 -20.19
C SER K 96 6.06 -18.71 -21.14
N MET K 97 6.51 -18.18 -22.26
CA MET K 97 7.19 -19.02 -23.23
C MET K 97 8.05 -18.27 -24.25
N GLY K 98 9.30 -18.69 -24.31
CA GLY K 98 10.26 -18.14 -25.26
C GLY K 98 10.46 -19.34 -26.16
N THR K 99 10.03 -19.22 -27.41
CA THR K 99 10.09 -20.37 -28.29
C THR K 99 10.72 -20.18 -29.67
N MET K 100 11.18 -21.29 -30.26
CA MET K 100 11.76 -21.25 -31.59
C MET K 100 11.16 -22.34 -32.45
N ILE K 101 10.65 -21.95 -33.61
CA ILE K 101 10.07 -22.87 -34.57
C ILE K 101 11.07 -22.94 -35.72
N CYS K 102 11.65 -24.10 -35.90
CA CYS K 102 12.68 -24.32 -36.91
C CYS K 102 12.33 -25.42 -37.89
N GLY K 103 12.48 -25.13 -39.17
CA GLY K 103 12.18 -26.14 -40.16
C GLY K 103 12.75 -25.93 -41.54
N TYR K 104 12.32 -26.80 -42.45
CA TYR K 104 12.76 -26.75 -43.83
C TYR K 104 11.56 -26.97 -44.73
N THR K 105 11.54 -26.27 -45.86
CA THR K 105 10.48 -26.44 -46.83
C THR K 105 11.16 -26.02 -48.13
N ARG K 106 10.83 -26.73 -49.20
CA ARG K 106 11.39 -26.44 -50.50
C ARG K 106 11.19 -24.95 -50.83
N LYS K 107 10.05 -24.42 -50.44
CA LYS K 107 9.66 -23.04 -50.72
C LYS K 107 10.35 -21.96 -49.88
N GLU K 108 10.72 -22.30 -48.64
CA GLU K 108 11.37 -21.32 -47.76
C GLU K 108 12.85 -21.63 -47.53
N GLY K 109 13.20 -22.92 -47.53
CA GLY K 109 14.57 -23.30 -47.27
C GLY K 109 14.75 -23.41 -45.78
N PRO K 110 15.98 -23.34 -45.27
CA PRO K 110 16.16 -23.45 -43.81
C PRO K 110 15.57 -22.19 -43.18
N THR K 111 14.69 -22.36 -42.21
CA THR K 111 14.05 -21.21 -41.59
C THR K 111 13.91 -21.31 -40.06
N ILE K 112 14.05 -20.17 -39.41
CA ILE K 112 13.93 -20.11 -37.96
C ILE K 112 13.11 -18.88 -37.51
N TYR K 113 12.11 -19.16 -36.67
CA TYR K 113 11.27 -18.11 -36.11
C TYR K 113 11.31 -18.15 -34.60
N TYR K 114 11.53 -16.97 -34.02
CA TYR K 114 11.54 -16.81 -32.57
C TYR K 114 10.11 -16.35 -32.21
N VAL K 115 9.51 -17.00 -31.23
CA VAL K 115 8.16 -16.66 -30.80
C VAL K 115 8.00 -16.68 -29.29
N ASP K 116 7.74 -15.52 -28.67
CA ASP K 116 7.54 -15.51 -27.21
C ASP K 116 6.11 -15.13 -26.81
N SER K 117 5.77 -15.43 -25.57
CA SER K 117 4.45 -15.15 -25.04
C SER K 117 4.09 -13.66 -25.01
N ASP K 118 5.03 -12.81 -25.41
CA ASP K 118 4.82 -11.36 -25.47
C ASP K 118 4.10 -10.99 -26.75
N GLY K 119 4.17 -11.89 -27.73
CA GLY K 119 3.53 -11.64 -29.02
C GLY K 119 4.59 -11.35 -30.07
N THR K 120 5.84 -11.34 -29.64
CA THR K 120 6.95 -11.10 -30.53
C THR K 120 7.21 -12.35 -31.38
N ARG K 121 7.31 -12.14 -32.69
CA ARG K 121 7.58 -13.20 -33.65
C ARG K 121 8.64 -12.64 -34.59
N LEU K 122 9.80 -13.29 -34.64
CA LEU K 122 10.90 -12.83 -35.47
C LEU K 122 11.58 -13.92 -36.27
N LYS K 123 11.91 -13.62 -37.53
CA LYS K 123 12.63 -14.56 -38.37
C LYS K 123 14.10 -14.16 -38.26
N GLY K 124 14.99 -15.14 -38.18
CA GLY K 124 16.40 -14.82 -38.05
C GLY K 124 17.30 -16.01 -38.36
N ASP K 125 18.61 -15.77 -38.28
CA ASP K 125 19.60 -16.81 -38.56
C ASP K 125 20.14 -17.38 -37.25
N ILE K 126 20.12 -16.55 -36.21
CA ILE K 126 20.59 -16.94 -34.89
C ILE K 126 19.68 -16.44 -33.77
N PHE K 127 19.38 -17.33 -32.82
CA PHE K 127 18.58 -16.99 -31.67
C PHE K 127 18.97 -17.90 -30.50
N CYS K 128 19.13 -17.28 -29.33
CA CYS K 128 19.44 -18.01 -28.10
C CYS K 128 18.30 -17.59 -27.17
N VAL K 129 17.61 -18.55 -26.59
CA VAL K 129 16.50 -18.21 -25.72
C VAL K 129 16.51 -18.93 -24.39
N GLY K 130 16.22 -18.18 -23.33
CA GLY K 130 16.17 -18.73 -21.99
C GLY K 130 17.06 -18.02 -20.99
N SER K 131 16.94 -18.42 -19.72
CA SER K 131 17.74 -17.82 -18.67
C SER K 131 19.23 -17.94 -18.94
N GLY K 132 19.60 -18.79 -19.90
CA GLY K 132 21.01 -18.96 -20.21
C GLY K 132 21.40 -18.38 -21.55
N GLN K 133 20.47 -17.75 -22.24
CA GLN K 133 20.75 -17.20 -23.56
C GLN K 133 22.06 -16.42 -23.73
N THR K 134 22.33 -15.48 -22.83
CA THR K 134 23.54 -14.66 -22.95
C THR K 134 24.82 -15.48 -22.95
N PHE K 135 24.84 -16.52 -22.12
CA PHE K 135 26.00 -17.38 -22.02
C PHE K 135 26.21 -18.14 -23.34
N ALA K 136 25.12 -18.56 -23.96
CA ALA K 136 25.19 -19.26 -25.23
C ALA K 136 25.64 -18.29 -26.31
N TYR K 137 25.06 -17.09 -26.32
CA TYR K 137 25.42 -16.05 -27.29
C TYR K 137 26.91 -15.76 -27.24
N GLY K 138 27.46 -15.66 -26.04
CA GLY K 138 28.88 -15.38 -25.90
C GLY K 138 29.78 -16.35 -26.65
N VAL K 139 29.51 -17.64 -26.52
CA VAL K 139 30.31 -18.65 -27.21
C VAL K 139 29.93 -18.74 -28.69
N LEU K 140 28.65 -18.86 -28.96
CA LEU K 140 28.16 -18.96 -30.34
C LEU K 140 28.54 -17.78 -31.22
N ASP K 141 28.23 -16.56 -30.79
CA ASP K 141 28.54 -15.38 -31.58
C ASP K 141 29.98 -15.27 -32.03
N SER K 142 30.91 -15.58 -31.12
CA SER K 142 32.32 -15.45 -31.44
C SER K 142 33.01 -16.56 -32.22
N ASN K 143 32.24 -17.55 -32.66
CA ASN K 143 32.79 -18.66 -33.44
C ASN K 143 31.86 -19.00 -34.60
N TYR K 144 30.88 -18.14 -34.85
CA TYR K 144 29.95 -18.42 -35.94
C TYR K 144 30.39 -17.87 -37.29
N LYS K 145 30.25 -18.71 -38.31
CA LYS K 145 30.56 -18.39 -39.70
C LYS K 145 29.46 -19.08 -40.49
N TRP K 146 29.12 -18.55 -41.67
CA TRP K 146 28.10 -19.22 -42.47
C TRP K 146 28.72 -20.50 -43.04
N ASP K 147 30.04 -20.58 -42.97
CA ASP K 147 30.76 -21.72 -43.52
C ASP K 147 31.29 -22.79 -42.60
N LEU K 148 30.54 -23.15 -41.56
CA LEU K 148 31.00 -24.19 -40.68
C LEU K 148 30.62 -25.51 -41.31
N SER K 149 31.39 -26.54 -41.03
CA SER K 149 31.07 -27.85 -41.55
C SER K 149 29.97 -28.37 -40.65
N VAL K 150 29.06 -29.16 -41.21
CA VAL K 150 27.98 -29.72 -40.42
C VAL K 150 28.52 -30.28 -39.10
N GLU K 151 29.75 -30.79 -39.15
CA GLU K 151 30.39 -31.37 -37.98
C GLU K 151 30.88 -30.31 -37.00
N ASP K 152 31.31 -29.18 -37.53
CA ASP K 152 31.79 -28.09 -36.69
C ASP K 152 30.65 -27.27 -36.11
N ALA K 153 29.61 -27.08 -36.90
CA ALA K 153 28.44 -26.34 -36.46
C ALA K 153 27.80 -27.14 -35.34
N LEU K 154 27.80 -28.46 -35.49
CA LEU K 154 27.23 -29.32 -34.47
C LEU K 154 27.96 -29.15 -33.16
N TYR K 155 29.28 -29.08 -33.23
CA TYR K 155 30.05 -28.92 -32.01
C TYR K 155 29.87 -27.54 -31.41
N LEU K 156 29.95 -26.49 -32.24
CA LEU K 156 29.78 -25.13 -31.74
C LEU K 156 28.47 -25.06 -30.92
N GLY K 157 27.39 -25.55 -31.51
CA GLY K 157 26.12 -25.54 -30.81
C GLY K 157 26.23 -26.28 -29.49
N LYS K 158 26.65 -27.53 -29.55
CA LYS K 158 26.79 -28.32 -28.33
C LYS K 158 27.62 -27.58 -27.28
N ARG K 159 28.75 -27.05 -27.72
CA ARG K 159 29.65 -26.35 -26.82
C ARG K 159 28.98 -25.11 -26.23
N SER K 160 28.15 -24.44 -27.04
CA SER K 160 27.45 -23.24 -26.60
C SER K 160 26.47 -23.56 -25.45
N ILE K 161 25.73 -24.64 -25.58
CA ILE K 161 24.81 -25.05 -24.53
C ILE K 161 25.64 -25.48 -23.31
N LEU K 162 26.79 -26.10 -23.54
CA LEU K 162 27.64 -26.53 -22.43
C LEU K 162 28.05 -25.30 -21.62
N ALA K 163 28.42 -24.24 -22.33
CA ALA K 163 28.83 -22.99 -21.71
C ALA K 163 27.74 -22.46 -20.76
N ALA K 164 26.49 -22.45 -21.24
CA ALA K 164 25.35 -21.97 -20.46
C ALA K 164 25.07 -22.90 -19.29
N ALA K 165 25.12 -24.21 -19.53
CA ALA K 165 24.87 -25.19 -18.47
C ALA K 165 25.80 -24.93 -17.29
N HIS K 166 27.02 -24.54 -17.63
CA HIS K 166 28.05 -24.27 -16.62
C HIS K 166 27.87 -22.99 -15.83
N ARG K 167 27.66 -21.88 -16.54
CA ARG K 167 27.50 -20.57 -15.91
C ARG K 167 26.11 -20.21 -15.38
N ASP K 168 25.06 -20.78 -15.97
CA ASP K 168 23.69 -20.50 -15.53
C ASP K 168 23.24 -21.57 -14.57
N ALA K 169 22.88 -21.13 -13.36
CA ALA K 169 22.43 -22.05 -12.33
C ALA K 169 21.14 -22.73 -12.77
N TYR K 170 20.39 -22.06 -13.64
CA TYR K 170 19.13 -22.61 -14.09
C TYR K 170 19.16 -23.44 -15.36
N SER K 171 20.37 -23.72 -15.84
CA SER K 171 20.56 -24.55 -17.03
C SER K 171 21.45 -25.73 -16.66
N GLY K 172 21.36 -26.80 -17.42
CA GLY K 172 22.17 -27.97 -17.13
C GLY K 172 21.54 -29.27 -17.56
N GLY K 173 22.04 -30.36 -16.98
CA GLY K 173 21.53 -31.70 -17.29
C GLY K 173 22.28 -32.35 -18.45
N SER K 174 21.72 -32.25 -19.65
CA SER K 174 22.34 -32.84 -20.83
C SER K 174 22.05 -31.97 -22.03
N VAL K 175 22.75 -32.24 -23.13
CA VAL K 175 22.52 -31.48 -24.35
C VAL K 175 21.81 -32.37 -25.38
N ASN K 176 20.88 -31.77 -26.12
CA ASN K 176 20.16 -32.49 -27.14
C ASN K 176 20.43 -31.74 -28.42
N LEU K 177 21.03 -32.45 -29.37
CA LEU K 177 21.39 -31.88 -30.65
C LEU K 177 20.53 -32.33 -31.82
N TYR K 178 20.30 -31.42 -32.75
CA TYR K 178 19.53 -31.69 -33.95
C TYR K 178 20.16 -30.95 -35.13
N HIS K 179 20.05 -31.54 -36.30
CA HIS K 179 20.56 -30.93 -37.51
C HIS K 179 19.37 -30.94 -38.45
N VAL K 180 19.11 -29.81 -39.10
CA VAL K 180 17.99 -29.74 -40.03
C VAL K 180 18.45 -29.51 -41.46
N THR K 181 18.07 -30.45 -42.33
CA THR K 181 18.40 -30.41 -43.76
C THR K 181 17.10 -30.61 -44.51
N GLU K 182 17.12 -30.55 -45.84
CA GLU K 182 15.86 -30.71 -46.56
C GLU K 182 15.17 -32.06 -46.42
N ASP K 183 15.85 -33.05 -45.86
CA ASP K 183 15.22 -34.35 -45.66
C ASP K 183 14.74 -34.49 -44.23
N GLY K 184 14.50 -33.33 -43.60
CA GLY K 184 14.02 -33.30 -42.24
C GLY K 184 15.17 -33.12 -41.27
N TRP K 185 14.88 -33.33 -40.00
CA TRP K 185 15.87 -33.19 -38.96
C TRP K 185 16.59 -34.52 -38.73
N ILE K 186 17.78 -34.42 -38.15
CA ILE K 186 18.57 -35.59 -37.82
C ILE K 186 18.96 -35.43 -36.37
N TYR K 187 18.56 -36.40 -35.56
CA TYR K 187 18.91 -36.35 -34.15
C TYR K 187 20.40 -36.61 -34.03
N HIS K 188 21.07 -35.86 -33.17
CA HIS K 188 22.50 -36.04 -32.96
C HIS K 188 22.88 -36.31 -31.53
N GLY K 189 22.00 -37.01 -30.81
CA GLY K 189 22.28 -37.41 -29.45
C GLY K 189 22.04 -36.54 -28.24
N ASN K 190 22.09 -37.23 -27.10
CA ASN K 190 21.90 -36.68 -25.77
C ASN K 190 23.25 -36.73 -25.07
N HIS K 191 23.81 -35.57 -24.76
CA HIS K 191 25.11 -35.51 -24.12
C HIS K 191 25.05 -34.99 -22.69
N ASP K 192 25.12 -35.91 -21.74
CA ASP K 192 25.08 -35.55 -20.34
C ASP K 192 26.28 -34.68 -19.98
N VAL K 193 26.00 -33.50 -19.41
CA VAL K 193 27.05 -32.56 -19.02
C VAL K 193 28.00 -33.17 -17.99
N GLY K 194 27.49 -34.13 -17.24
CA GLY K 194 28.29 -34.79 -16.24
C GLY K 194 29.58 -35.39 -16.79
N GLU K 195 29.56 -35.77 -18.07
CA GLU K 195 30.74 -36.32 -18.71
C GLU K 195 31.21 -35.43 -19.84
N LEU K 196 30.28 -34.71 -20.47
CA LEU K 196 30.63 -33.82 -21.56
C LEU K 196 31.58 -32.72 -21.14
N PHE K 197 31.35 -32.15 -19.96
CA PHE K 197 32.20 -31.08 -19.45
C PHE K 197 33.67 -31.48 -19.34
N TRP K 198 33.92 -32.54 -18.58
CA TRP K 198 35.28 -33.01 -18.38
C TRP K 198 35.91 -33.43 -19.71
N LYS K 199 35.14 -34.10 -20.55
CA LYS K 199 35.65 -34.49 -21.84
C LYS K 199 36.12 -33.24 -22.58
N VAL K 200 35.23 -32.26 -22.73
CA VAL K 200 35.59 -31.02 -23.42
C VAL K 200 36.76 -30.30 -22.75
N LYS K 201 36.75 -30.28 -21.43
CA LYS K 201 37.82 -29.60 -20.72
C LYS K 201 39.18 -30.15 -21.12
N GLU K 202 39.32 -31.46 -21.01
CA GLU K 202 40.58 -32.12 -21.36
C GLU K 202 40.93 -31.94 -22.83
N GLU K 203 40.05 -32.39 -23.70
CA GLU K 203 40.29 -32.31 -25.14
C GLU K 203 40.52 -30.92 -25.69
N GLU K 204 39.70 -29.96 -25.28
CA GLU K 204 39.81 -28.60 -25.77
C GLU K 204 40.75 -27.72 -24.96
N GLY K 205 40.89 -28.04 -23.67
CA GLY K 205 41.77 -27.27 -22.81
C GLY K 205 41.15 -25.97 -22.33
N SER K 206 39.83 -25.86 -22.48
CA SER K 206 39.11 -24.67 -22.06
C SER K 206 38.62 -24.91 -20.64
N PHE K 207 37.77 -24.02 -20.13
CA PHE K 207 37.27 -24.15 -18.76
C PHE K 207 38.50 -24.25 -17.88
N ASN K 208 39.50 -23.48 -18.27
CA ASN K 208 40.76 -23.47 -17.56
C ASN K 208 40.63 -23.10 -16.07
N ASN K 209 39.58 -22.39 -15.70
CA ASN K 209 39.43 -22.03 -14.29
C ASN K 209 39.16 -23.26 -13.43
N VAL K 210 37.96 -23.83 -13.53
CA VAL K 210 37.61 -25.03 -12.77
C VAL K 210 38.82 -25.96 -12.62
N ILE K 211 39.13 -26.40 -11.41
CA ILE K 211 40.27 -27.31 -11.29
C ILE K 211 39.82 -28.77 -11.31
N GLY K 212 40.55 -29.57 -12.10
CA GLY K 212 40.24 -30.98 -12.23
C GLY K 212 41.38 -31.88 -11.82
N GLN L 1 -8.77 -11.29 3.63
CA GLN L 1 -9.52 -11.66 2.38
C GLN L 1 -9.52 -13.19 2.24
N PHE L 2 -10.50 -13.73 1.51
CA PHE L 2 -10.59 -15.18 1.34
C PHE L 2 -9.49 -15.84 0.51
N ASN L 3 -8.77 -16.77 1.15
CA ASN L 3 -7.72 -17.53 0.49
C ASN L 3 -8.34 -18.89 0.23
N PRO L 4 -8.55 -19.22 -1.05
CA PRO L 4 -9.14 -20.49 -1.50
C PRO L 4 -8.25 -21.71 -1.39
N TYR L 5 -7.00 -21.52 -0.98
CA TYR L 5 -6.05 -22.63 -0.87
C TYR L 5 -5.58 -22.94 0.54
N GLY L 6 -5.25 -24.21 0.77
CA GLY L 6 -4.73 -24.65 2.05
C GLY L 6 -3.58 -25.60 1.76
N ASP L 7 -2.92 -26.10 2.81
CA ASP L 7 -1.82 -27.03 2.67
C ASP L 7 -2.06 -28.14 3.69
N ASN L 8 -2.09 -29.38 3.23
CA ASN L 8 -2.37 -30.48 4.15
C ASN L 8 -1.18 -31.38 4.41
N GLY L 9 0.00 -30.95 3.96
CA GLY L 9 1.20 -31.73 4.19
C GLY L 9 1.32 -33.07 3.47
N GLY L 10 1.95 -34.03 4.16
CA GLY L 10 2.15 -35.34 3.59
C GLY L 10 3.22 -35.34 2.53
N THR L 11 3.59 -36.53 2.09
CA THR L 11 4.61 -36.70 1.07
C THR L 11 4.36 -38.03 0.37
N ILE L 12 4.75 -38.10 -0.90
CA ILE L 12 4.55 -39.31 -1.66
C ILE L 12 5.79 -39.64 -2.48
N LEU L 13 5.88 -40.89 -2.93
CA LEU L 13 7.05 -41.34 -3.67
C LEU L 13 6.73 -42.54 -4.57
N GLY L 14 7.31 -42.55 -5.77
CA GLY L 14 7.08 -43.64 -6.70
C GLY L 14 8.38 -44.22 -7.26
N ILE L 15 8.51 -45.54 -7.17
CA ILE L 15 9.69 -46.24 -7.70
C ILE L 15 9.22 -47.25 -8.74
N ALA L 16 9.93 -47.32 -9.85
CA ALA L 16 9.58 -48.25 -10.91
C ALA L 16 10.55 -49.42 -10.98
N GLY L 17 10.02 -50.64 -10.97
CA GLY L 17 10.84 -51.84 -11.06
C GLY L 17 10.76 -52.37 -12.49
N GLU L 18 11.42 -53.49 -12.75
CA GLU L 18 11.44 -54.07 -14.10
C GLU L 18 10.08 -54.61 -14.54
N ASP L 19 9.33 -55.18 -13.61
CA ASP L 19 8.02 -55.73 -13.95
C ASP L 19 6.98 -55.31 -12.90
N PHE L 20 7.25 -54.22 -12.20
CA PHE L 20 6.34 -53.69 -11.19
C PHE L 20 6.66 -52.22 -10.92
N ALA L 21 5.86 -51.60 -10.07
CA ALA L 21 6.06 -50.20 -9.68
C ALA L 21 5.36 -49.99 -8.36
N VAL L 22 5.83 -49.02 -7.59
CA VAL L 22 5.21 -48.73 -6.31
C VAL L 22 4.92 -47.24 -6.19
N LEU L 23 3.88 -46.92 -5.42
CA LEU L 23 3.50 -45.54 -5.16
C LEU L 23 3.15 -45.52 -3.69
N ALA L 24 3.95 -44.80 -2.92
CA ALA L 24 3.73 -44.73 -1.49
C ALA L 24 3.51 -43.30 -0.98
N GLY L 25 2.89 -43.20 0.19
CA GLY L 25 2.64 -41.91 0.79
C GLY L 25 2.35 -42.08 2.25
N ASP L 26 2.66 -41.07 3.06
CA ASP L 26 2.35 -41.19 4.47
C ASP L 26 0.85 -40.97 4.59
N THR L 27 0.30 -41.21 5.75
CA THR L 27 -1.12 -41.08 5.92
C THR L 27 -1.54 -39.95 6.83
N ARG L 28 -0.60 -39.05 7.11
CA ARG L 28 -0.87 -37.91 7.96
C ARG L 28 -1.47 -36.78 7.13
N ASN L 29 -2.51 -36.15 7.68
CA ASN L 29 -3.18 -35.03 7.04
C ASN L 29 -3.18 -33.93 8.09
N ILE L 30 -2.60 -32.79 7.74
CA ILE L 30 -2.50 -31.67 8.69
C ILE L 30 -3.03 -30.35 8.19
N THR L 31 -3.16 -29.41 9.14
CA THR L 31 -3.57 -28.03 8.89
C THR L 31 -2.75 -27.20 9.88
N ASP L 32 -1.84 -26.38 9.35
CA ASP L 32 -0.98 -25.57 10.18
C ASP L 32 -0.21 -26.49 11.12
N TYR L 33 -0.37 -26.31 12.43
CA TYR L 33 0.35 -27.14 13.40
C TYR L 33 -0.50 -28.22 14.07
N SER L 34 -1.63 -28.54 13.47
CA SER L 34 -2.52 -29.56 14.01
C SER L 34 -2.62 -30.74 13.06
N ILE L 35 -2.93 -31.90 13.64
CA ILE L 35 -3.10 -33.11 12.86
C ILE L 35 -4.61 -33.27 12.69
N ASN L 36 -5.06 -33.42 11.44
CA ASN L 36 -6.46 -33.61 11.15
C ASN L 36 -6.76 -35.09 11.24
N SER L 37 -5.79 -35.89 10.79
CA SER L 37 -5.94 -37.33 10.83
C SER L 37 -4.60 -38.00 10.71
N ARG L 38 -4.46 -39.13 11.43
CA ARG L 38 -3.23 -39.91 11.41
C ARG L 38 -3.35 -40.93 10.29
N TYR L 39 -4.58 -41.16 9.83
CA TYR L 39 -4.82 -42.12 8.75
C TYR L 39 -5.89 -41.66 7.77
N GLU L 40 -5.46 -41.03 6.69
CA GLU L 40 -6.35 -40.58 5.63
C GLU L 40 -5.63 -40.94 4.35
N PRO L 41 -5.92 -42.13 3.79
CA PRO L 41 -5.31 -42.64 2.57
C PRO L 41 -5.12 -41.53 1.53
N LYS L 42 -4.02 -41.59 0.82
CA LYS L 42 -3.68 -40.56 -0.13
C LYS L 42 -3.30 -41.11 -1.51
N VAL L 43 -3.10 -42.42 -1.58
CA VAL L 43 -2.75 -43.10 -2.84
C VAL L 43 -3.92 -44.01 -3.23
N PHE L 44 -4.37 -43.92 -4.49
CA PHE L 44 -5.52 -44.70 -4.95
C PHE L 44 -5.38 -45.59 -6.18
N ASP L 45 -6.17 -46.66 -6.18
CA ASP L 45 -6.23 -47.61 -7.28
C ASP L 45 -7.32 -47.06 -8.17
N CYS L 46 -6.94 -46.57 -9.34
CA CYS L 46 -7.90 -45.98 -10.27
C CYS L 46 -8.45 -46.97 -11.29
N GLY L 47 -7.94 -48.20 -11.24
CA GLY L 47 -8.36 -49.21 -12.19
C GLY L 47 -7.31 -49.33 -13.27
N ASP L 48 -7.45 -50.34 -14.13
CA ASP L 48 -6.52 -50.60 -15.22
C ASP L 48 -5.06 -50.67 -14.75
N ASN L 49 -4.87 -51.07 -13.51
CA ASN L 49 -3.55 -51.18 -12.91
C ASN L 49 -2.83 -49.85 -12.85
N ILE L 50 -3.58 -48.81 -12.52
CA ILE L 50 -3.00 -47.48 -12.41
C ILE L 50 -3.30 -46.93 -11.03
N VAL L 51 -2.24 -46.54 -10.34
CA VAL L 51 -2.36 -45.96 -9.01
C VAL L 51 -1.97 -44.49 -9.14
N MET L 52 -2.66 -43.64 -8.37
CA MET L 52 -2.41 -42.21 -8.45
C MET L 52 -2.51 -41.51 -7.11
N SER L 53 -1.82 -40.38 -7.00
CA SER L 53 -1.85 -39.58 -5.80
C SER L 53 -1.54 -38.14 -6.17
N ALA L 54 -2.44 -37.23 -5.78
CA ALA L 54 -2.27 -35.80 -6.04
C ALA L 54 -2.14 -35.17 -4.67
N ASN L 55 -0.91 -34.89 -4.27
CA ASN L 55 -0.60 -34.36 -2.95
C ASN L 55 -0.39 -32.84 -2.88
N GLY L 56 -0.92 -32.23 -1.82
CA GLY L 56 -0.81 -30.81 -1.60
C GLY L 56 -2.05 -30.31 -0.89
N PHE L 57 -2.88 -29.53 -1.58
CA PHE L 57 -4.11 -29.06 -0.99
C PHE L 57 -5.04 -30.26 -1.22
N ALA L 58 -5.38 -30.97 -0.15
CA ALA L 58 -6.21 -32.17 -0.25
C ALA L 58 -7.52 -32.02 -1.00
N ALA L 59 -8.19 -30.88 -0.85
CA ALA L 59 -9.46 -30.68 -1.54
C ALA L 59 -9.22 -30.73 -3.03
N ASP L 60 -8.14 -30.11 -3.49
CA ASP L 60 -7.80 -30.13 -4.90
C ASP L 60 -7.34 -31.52 -5.31
N GLY L 61 -6.56 -32.16 -4.44
CA GLY L 61 -6.08 -33.49 -4.71
C GLY L 61 -7.21 -34.49 -4.96
N ASP L 62 -8.22 -34.43 -4.12
CA ASP L 62 -9.35 -35.35 -4.27
C ASP L 62 -10.13 -35.06 -5.54
N ALA L 63 -10.29 -33.78 -5.85
CA ALA L 63 -11.03 -33.39 -7.05
C ALA L 63 -10.34 -33.98 -8.28
N LEU L 64 -9.01 -33.92 -8.28
CA LEU L 64 -8.26 -34.45 -9.41
C LEU L 64 -8.45 -35.96 -9.57
N VAL L 65 -8.14 -36.72 -8.51
CA VAL L 65 -8.28 -38.17 -8.57
C VAL L 65 -9.68 -38.56 -9.00
N LYS L 66 -10.66 -37.85 -8.47
CA LYS L 66 -12.06 -38.10 -8.78
C LYS L 66 -12.35 -37.85 -10.27
N ARG L 67 -11.81 -36.76 -10.80
CA ARG L 67 -12.04 -36.41 -12.19
C ARG L 67 -11.32 -37.38 -13.13
N PHE L 68 -10.17 -37.88 -12.68
CA PHE L 68 -9.41 -38.83 -13.50
C PHE L 68 -10.11 -40.19 -13.53
N LYS L 69 -10.53 -40.66 -12.36
CA LYS L 69 -11.21 -41.95 -12.28
C LYS L 69 -12.46 -41.91 -13.15
N ASN L 70 -13.11 -40.75 -13.17
CA ASN L 70 -14.30 -40.60 -13.96
C ASN L 70 -13.94 -40.67 -15.43
N SER L 71 -12.73 -40.23 -15.75
CA SER L 71 -12.27 -40.27 -17.13
C SER L 71 -12.04 -41.72 -17.54
N VAL L 72 -11.51 -42.51 -16.62
CA VAL L 72 -11.27 -43.93 -16.87
C VAL L 72 -12.60 -44.61 -17.13
N LYS L 73 -13.59 -44.29 -16.31
CA LYS L 73 -14.93 -44.87 -16.43
C LYS L 73 -15.49 -44.61 -17.82
N TRP L 74 -15.39 -43.38 -18.29
CA TRP L 74 -15.91 -43.07 -19.61
C TRP L 74 -15.07 -43.68 -20.70
N TYR L 75 -13.77 -43.81 -20.46
CA TYR L 75 -12.91 -44.42 -21.47
C TYR L 75 -13.46 -45.83 -21.73
N HIS L 76 -13.79 -46.56 -20.67
CA HIS L 76 -14.33 -47.90 -20.81
C HIS L 76 -15.67 -47.91 -21.57
N PHE L 77 -16.52 -46.92 -21.29
CA PHE L 77 -17.80 -46.85 -22.00
C PHE L 77 -17.52 -46.57 -23.47
N ASP L 78 -16.86 -45.45 -23.73
CA ASP L 78 -16.55 -45.05 -25.10
C ASP L 78 -15.70 -45.99 -25.95
N HIS L 79 -14.80 -46.75 -25.34
CA HIS L 79 -13.96 -47.62 -26.13
C HIS L 79 -14.04 -49.10 -25.83
N ASN L 80 -15.25 -49.57 -25.60
CA ASN L 80 -15.50 -50.98 -25.35
C ASN L 80 -14.68 -51.60 -24.22
N ASP L 81 -14.61 -50.92 -23.08
CA ASP L 81 -13.86 -51.41 -21.93
C ASP L 81 -12.36 -51.56 -22.17
N LYS L 82 -11.85 -50.93 -23.23
CA LYS L 82 -10.43 -50.99 -23.53
C LYS L 82 -9.62 -50.42 -22.36
N LYS L 83 -8.58 -51.15 -21.98
CA LYS L 83 -7.72 -50.72 -20.90
C LYS L 83 -7.03 -49.39 -21.29
N LEU L 84 -6.90 -48.50 -20.31
CA LEU L 84 -6.27 -47.21 -20.55
C LEU L 84 -4.79 -47.34 -20.22
N SER L 85 -3.93 -47.15 -21.21
CA SER L 85 -2.50 -47.28 -20.97
C SER L 85 -2.00 -46.14 -20.08
N ILE L 86 -0.92 -46.40 -19.34
CA ILE L 86 -0.40 -45.41 -18.45
C ILE L 86 0.08 -44.15 -19.15
N ASN L 87 0.67 -44.30 -20.33
CA ASN L 87 1.13 -43.13 -21.07
C ASN L 87 -0.09 -42.32 -21.49
N SER L 88 -1.20 -43.01 -21.74
CA SER L 88 -2.42 -42.33 -22.14
C SER L 88 -3.04 -41.60 -20.95
N ALA L 89 -3.01 -42.23 -19.79
CA ALA L 89 -3.54 -41.65 -18.57
C ALA L 89 -2.78 -40.36 -18.27
N ALA L 90 -1.47 -40.39 -18.52
CA ALA L 90 -0.62 -39.24 -18.29
C ALA L 90 -1.01 -38.07 -19.17
N ARG L 91 -1.26 -38.33 -20.44
CA ARG L 91 -1.63 -37.24 -21.33
C ARG L 91 -3.00 -36.68 -20.89
N ASN L 92 -3.84 -37.57 -20.38
CA ASN L 92 -5.15 -37.14 -19.95
C ASN L 92 -5.07 -36.26 -18.72
N ILE L 93 -4.25 -36.67 -17.76
CA ILE L 93 -4.08 -35.91 -16.53
C ILE L 93 -3.48 -34.54 -16.82
N GLN L 94 -2.67 -34.44 -17.87
CA GLN L 94 -2.08 -33.17 -18.21
C GLN L 94 -3.18 -32.22 -18.61
N HIS L 95 -4.15 -32.72 -19.37
CA HIS L 95 -5.23 -31.87 -19.79
C HIS L 95 -6.14 -31.49 -18.62
N LEU L 96 -6.28 -32.40 -17.66
CA LEU L 96 -7.09 -32.13 -16.49
C LEU L 96 -6.46 -30.96 -15.73
N LEU L 97 -5.14 -31.04 -15.53
CA LEU L 97 -4.42 -30.00 -14.81
C LEU L 97 -4.28 -28.68 -15.58
N TYR L 98 -3.89 -28.75 -16.85
CA TYR L 98 -3.71 -27.53 -17.60
C TYR L 98 -5.04 -26.87 -17.87
N GLY L 99 -6.11 -27.64 -17.72
CA GLY L 99 -7.43 -27.10 -17.92
C GLY L 99 -7.71 -26.02 -16.89
N LYS L 100 -7.03 -26.11 -15.74
CA LYS L 100 -7.19 -25.13 -14.68
C LYS L 100 -5.91 -24.31 -14.56
N ARG L 101 -5.29 -24.05 -15.72
CA ARG L 101 -4.05 -23.28 -15.78
C ARG L 101 -4.12 -21.93 -15.11
N PHE L 102 -5.28 -21.30 -15.11
CA PHE L 102 -5.39 -20.00 -14.48
C PHE L 102 -6.06 -19.96 -13.11
N PHE L 103 -6.20 -21.14 -12.53
CA PHE L 103 -6.77 -21.32 -11.20
C PHE L 103 -6.47 -22.77 -10.89
N PRO L 104 -5.18 -23.11 -10.84
CA PRO L 104 -4.58 -24.43 -10.60
C PRO L 104 -4.98 -25.24 -9.39
N TYR L 105 -4.81 -26.55 -9.55
CA TYR L 105 -5.03 -27.52 -8.49
C TYR L 105 -3.70 -27.44 -7.75
N TYR L 106 -3.70 -27.09 -6.48
CA TYR L 106 -2.45 -27.01 -5.73
C TYR L 106 -1.96 -28.39 -5.35
N VAL L 107 -1.59 -29.18 -6.35
CA VAL L 107 -1.09 -30.51 -6.10
C VAL L 107 0.09 -30.92 -6.96
N HIS L 108 0.88 -31.83 -6.42
CA HIS L 108 2.02 -32.43 -7.09
C HIS L 108 1.53 -33.87 -7.22
N THR L 109 1.31 -34.32 -8.45
CA THR L 109 0.78 -35.67 -8.62
C THR L 109 1.70 -36.70 -9.29
N ILE L 110 1.53 -37.95 -8.88
CA ILE L 110 2.31 -39.05 -9.41
C ILE L 110 1.39 -40.24 -9.67
N ILE L 111 1.69 -40.99 -10.73
CA ILE L 111 0.93 -42.21 -11.03
C ILE L 111 1.94 -43.30 -11.36
N ALA L 112 1.57 -44.53 -11.04
CA ALA L 112 2.44 -45.67 -11.30
C ALA L 112 1.64 -46.78 -11.95
N GLY L 113 2.34 -47.62 -12.70
CA GLY L 113 1.70 -48.74 -13.37
C GLY L 113 2.71 -49.48 -14.22
N LEU L 114 2.24 -50.05 -15.34
CA LEU L 114 3.11 -50.79 -16.24
C LEU L 114 2.91 -50.28 -17.65
N ASP L 115 4.00 -50.14 -18.40
CA ASP L 115 3.88 -49.68 -19.78
C ASP L 115 3.33 -50.83 -20.64
N GLU L 116 3.15 -50.56 -21.93
CA GLU L 116 2.60 -51.56 -22.83
C GLU L 116 3.53 -52.75 -23.11
N ASP L 117 4.70 -52.77 -22.47
CA ASP L 117 5.65 -53.87 -22.62
C ASP L 117 5.82 -54.61 -21.31
N GLY L 118 4.93 -54.32 -20.36
CA GLY L 118 4.97 -54.96 -19.06
C GLY L 118 5.96 -54.37 -18.05
N LYS L 119 6.79 -53.42 -18.47
CA LYS L 119 7.78 -52.80 -17.60
C LYS L 119 7.17 -51.82 -16.59
N GLY L 120 7.80 -51.68 -15.42
CA GLY L 120 7.31 -50.75 -14.42
C GLY L 120 7.40 -49.30 -14.91
N ALA L 121 6.40 -48.50 -14.56
CA ALA L 121 6.40 -47.11 -15.00
C ALA L 121 5.89 -46.10 -13.98
N VAL L 122 6.60 -44.98 -13.88
CA VAL L 122 6.22 -43.91 -12.97
C VAL L 122 6.19 -42.59 -13.71
N TYR L 123 5.10 -41.84 -13.52
CA TYR L 123 4.90 -40.54 -14.15
C TYR L 123 4.58 -39.55 -13.04
N SER L 124 5.10 -38.34 -13.15
CA SER L 124 4.85 -37.31 -12.16
C SER L 124 4.46 -36.04 -12.89
N PHE L 125 3.76 -35.14 -12.20
CA PHE L 125 3.30 -33.90 -12.82
C PHE L 125 3.55 -32.60 -12.09
N ASP L 126 3.43 -31.54 -12.88
CA ASP L 126 3.55 -30.14 -12.47
C ASP L 126 2.18 -29.80 -11.93
N PRO L 127 2.08 -28.73 -11.12
CA PRO L 127 0.74 -28.38 -10.64
C PRO L 127 -0.06 -27.96 -11.87
N VAL L 128 0.61 -27.52 -12.93
CA VAL L 128 -0.11 -27.15 -14.14
C VAL L 128 0.01 -28.12 -15.32
N GLY L 129 0.44 -29.36 -15.06
CA GLY L 129 0.51 -30.32 -16.14
C GLY L 129 1.82 -30.78 -16.77
N SER L 130 2.94 -30.13 -16.52
CA SER L 130 4.18 -30.61 -17.13
C SER L 130 4.52 -31.97 -16.54
N TYR L 131 4.68 -32.98 -17.39
CA TYR L 131 5.01 -34.33 -16.91
C TYR L 131 6.17 -35.02 -17.64
N GLU L 132 6.76 -36.00 -16.96
CA GLU L 132 7.89 -36.75 -17.49
C GLU L 132 7.76 -38.17 -16.94
N ARG L 133 8.26 -39.15 -17.66
CA ARG L 133 8.23 -40.53 -17.15
C ARG L 133 9.60 -40.74 -16.55
N GLU L 134 9.66 -41.35 -15.38
CA GLU L 134 10.94 -41.56 -14.70
C GLU L 134 11.01 -42.87 -13.98
N GLN L 135 12.19 -43.19 -13.46
CA GLN L 135 12.39 -44.44 -12.74
C GLN L 135 11.95 -44.30 -11.28
N CYS L 136 11.98 -43.06 -10.78
CA CYS L 136 11.60 -42.78 -9.41
C CYS L 136 11.26 -41.29 -9.26
N ARG L 137 10.52 -40.95 -8.20
CA ARG L 137 10.16 -39.57 -7.97
C ARG L 137 9.43 -39.37 -6.66
N ALA L 138 9.86 -38.36 -5.91
CA ALA L 138 9.25 -38.01 -4.64
C ALA L 138 8.47 -36.72 -4.85
N GLY L 139 7.34 -36.61 -4.17
CA GLY L 139 6.53 -35.42 -4.29
C GLY L 139 5.93 -35.02 -2.95
N GLY L 140 5.57 -33.75 -2.83
CA GLY L 140 4.98 -33.29 -1.58
C GLY L 140 5.96 -32.61 -0.65
N ALA L 141 5.54 -32.44 0.59
CA ALA L 141 6.33 -31.75 1.61
C ALA L 141 7.81 -32.14 1.77
N ALA L 142 8.10 -33.43 1.88
CA ALA L 142 9.47 -33.85 2.06
C ALA L 142 10.20 -34.25 0.78
N ALA L 143 9.64 -33.86 -0.36
CA ALA L 143 10.23 -34.20 -1.65
C ALA L 143 11.70 -33.81 -1.72
N SER L 144 12.03 -32.64 -1.22
CA SER L 144 13.41 -32.16 -1.27
C SER L 144 14.33 -32.97 -0.36
N LEU L 145 13.76 -33.74 0.54
CA LEU L 145 14.55 -34.58 1.43
C LEU L 145 14.80 -35.94 0.81
N ILE L 146 13.74 -36.46 0.18
CA ILE L 146 13.76 -37.77 -0.43
C ILE L 146 14.39 -37.89 -1.82
N MET L 147 14.04 -37.00 -2.74
CA MET L 147 14.58 -37.07 -4.10
C MET L 147 16.08 -37.29 -4.18
N PRO L 148 16.87 -36.49 -3.45
CA PRO L 148 18.32 -36.67 -3.52
C PRO L 148 18.71 -38.12 -3.19
N PHE L 149 18.10 -38.65 -2.13
CA PHE L 149 18.35 -40.02 -1.69
C PHE L 149 18.04 -41.02 -2.80
N LEU L 150 16.92 -40.79 -3.48
CA LEU L 150 16.49 -41.65 -4.57
C LEU L 150 17.45 -41.52 -5.75
N ASP L 151 17.91 -40.29 -6.05
CA ASP L 151 18.84 -40.11 -7.16
C ASP L 151 20.05 -40.99 -6.95
N ASN L 152 20.48 -41.08 -5.70
CA ASN L 152 21.66 -41.84 -5.32
C ASN L 152 21.46 -43.36 -5.27
N GLN L 153 20.45 -43.81 -4.54
CA GLN L 153 20.17 -45.23 -4.36
C GLN L 153 19.36 -45.96 -5.43
N VAL L 154 18.74 -45.22 -6.34
CA VAL L 154 17.94 -45.86 -7.39
C VAL L 154 18.57 -45.68 -8.77
N ASN L 155 19.30 -44.58 -8.94
CA ASN L 155 19.95 -44.32 -10.22
C ASN L 155 21.47 -44.18 -10.05
N PHE L 156 21.95 -44.63 -8.90
CA PHE L 156 23.37 -44.62 -8.57
C PHE L 156 24.15 -43.36 -8.94
N LYS L 157 23.52 -42.21 -8.79
CA LYS L 157 24.19 -40.95 -9.10
C LYS L 157 25.39 -40.70 -8.20
N ASN L 158 26.47 -40.19 -8.81
CA ASN L 158 27.72 -39.88 -8.12
C ASN L 158 28.39 -41.12 -7.52
N GLN L 159 28.04 -42.28 -8.07
CA GLN L 159 28.62 -43.51 -7.62
C GLN L 159 29.48 -44.12 -8.72
N TYR L 160 30.70 -44.54 -8.37
CA TYR L 160 31.60 -45.16 -9.34
C TYR L 160 32.09 -46.52 -8.90
N GLU L 161 32.79 -47.18 -9.82
CA GLU L 161 33.36 -48.48 -9.56
C GLU L 161 34.64 -48.21 -8.80
N PRO L 162 34.80 -48.83 -7.61
CA PRO L 162 36.01 -48.61 -6.82
C PRO L 162 37.28 -48.89 -7.61
N GLY L 163 38.39 -48.32 -7.15
CA GLY L 163 39.67 -48.53 -7.79
C GLY L 163 39.84 -48.03 -9.22
N THR L 164 38.75 -47.91 -9.96
CA THR L 164 38.84 -47.45 -11.35
C THR L 164 39.08 -45.95 -11.50
N ASN L 165 39.57 -45.33 -10.42
CA ASN L 165 39.85 -43.90 -10.40
C ASN L 165 38.68 -43.04 -10.86
N GLY L 166 37.51 -43.27 -10.27
CA GLY L 166 36.33 -42.50 -10.64
C GLY L 166 36.15 -42.33 -12.14
N LYS L 167 36.47 -43.36 -12.90
CA LYS L 167 36.32 -43.31 -14.34
C LYS L 167 35.14 -44.16 -14.80
N VAL L 168 34.89 -45.26 -14.08
CA VAL L 168 33.80 -46.16 -14.42
C VAL L 168 32.58 -45.91 -13.52
N LYS L 169 31.47 -45.55 -14.13
CA LYS L 169 30.24 -45.29 -13.39
C LYS L 169 29.63 -46.56 -12.88
N LYS L 170 28.94 -46.49 -11.75
CA LYS L 170 28.32 -47.69 -11.22
C LYS L 170 27.24 -48.12 -12.23
N PRO L 171 27.29 -49.38 -12.66
CA PRO L 171 26.31 -49.89 -13.62
C PRO L 171 24.88 -49.69 -13.10
N LEU L 172 23.91 -49.66 -14.01
CA LEU L 172 22.51 -49.47 -13.63
C LEU L 172 21.70 -50.73 -13.42
N LYS L 173 22.18 -51.64 -12.58
CA LYS L 173 21.45 -52.89 -12.31
C LYS L 173 20.03 -52.47 -11.90
N TYR L 174 19.09 -53.40 -11.85
CA TYR L 174 17.77 -53.00 -11.42
C TYR L 174 17.21 -53.62 -10.16
N LEU L 175 16.50 -52.79 -9.41
CA LEU L 175 15.94 -53.16 -8.12
C LEU L 175 14.76 -54.09 -8.08
N SER L 176 14.78 -54.98 -7.10
CA SER L 176 13.70 -55.94 -6.91
C SER L 176 12.71 -55.32 -5.94
N VAL L 177 11.48 -55.80 -5.99
CA VAL L 177 10.44 -55.27 -5.12
C VAL L 177 10.88 -55.25 -3.65
N GLU L 178 11.62 -56.25 -3.23
CA GLU L 178 12.07 -56.31 -1.84
C GLU L 178 13.03 -55.17 -1.51
N GLU L 179 13.94 -54.88 -2.44
CA GLU L 179 14.90 -53.81 -2.25
C GLU L 179 14.21 -52.44 -2.38
N VAL L 180 13.21 -52.35 -3.26
CA VAL L 180 12.48 -51.11 -3.46
C VAL L 180 11.71 -50.76 -2.19
N ILE L 181 11.07 -51.75 -1.58
CA ILE L 181 10.32 -51.51 -0.36
C ILE L 181 11.23 -51.03 0.78
N LYS L 182 12.48 -51.46 0.77
CA LYS L 182 13.42 -51.05 1.82
C LYS L 182 13.71 -49.56 1.68
N LEU L 183 13.95 -49.12 0.45
CA LEU L 183 14.23 -47.70 0.20
C LEU L 183 13.02 -46.84 0.58
N VAL L 184 11.83 -47.31 0.23
CA VAL L 184 10.62 -46.59 0.54
C VAL L 184 10.49 -46.40 2.05
N ARG L 185 10.72 -47.47 2.80
CA ARG L 185 10.61 -47.37 4.25
C ARG L 185 11.69 -46.49 4.83
N ASP L 186 12.91 -46.62 4.34
CA ASP L 186 14.00 -45.81 4.85
C ASP L 186 13.82 -44.35 4.41
N SER L 187 13.22 -44.15 3.24
CA SER L 187 12.97 -42.80 2.73
C SER L 187 11.98 -42.09 3.66
N PHE L 188 10.95 -42.80 4.06
CA PHE L 188 9.94 -42.21 4.93
C PHE L 188 10.33 -42.05 6.39
N THR L 189 11.07 -43.00 6.95
CA THR L 189 11.47 -42.86 8.34
C THR L 189 12.42 -41.67 8.43
N SER L 190 13.19 -41.45 7.37
CA SER L 190 14.11 -40.32 7.36
C SER L 190 13.34 -39.01 7.24
N ALA L 191 12.40 -38.96 6.30
CA ALA L 191 11.60 -37.76 6.11
C ALA L 191 10.85 -37.48 7.41
N THR L 192 10.36 -38.53 8.05
CA THR L 192 9.61 -38.40 9.30
C THR L 192 10.45 -37.81 10.43
N GLU L 193 11.76 -38.03 10.39
CA GLU L 193 12.65 -37.50 11.43
C GLU L 193 12.88 -35.99 11.35
N ARG L 194 12.95 -35.44 10.14
CA ARG L 194 13.22 -34.01 9.99
C ARG L 194 12.10 -33.12 9.51
N HIS L 195 10.98 -33.71 9.08
CA HIS L 195 9.87 -32.90 8.60
C HIS L 195 8.62 -33.14 9.44
N ILE L 196 8.14 -32.08 10.08
CA ILE L 196 6.99 -32.12 10.96
C ILE L 196 5.64 -32.49 10.34
N GLN L 197 5.53 -32.37 9.02
CA GLN L 197 4.27 -32.71 8.38
C GLN L 197 4.24 -34.18 7.91
N VAL L 198 5.34 -34.89 8.10
CA VAL L 198 5.40 -36.29 7.68
C VAL L 198 5.45 -37.25 8.86
N GLY L 199 4.59 -38.27 8.83
CA GLY L 199 4.56 -39.25 9.91
C GLY L 199 3.31 -40.13 10.00
N ASP L 200 3.05 -40.62 11.20
CA ASP L 200 1.89 -41.47 11.51
C ASP L 200 1.82 -42.83 10.84
N GLY L 201 1.85 -42.87 9.51
CA GLY L 201 1.77 -44.14 8.82
C GLY L 201 2.23 -44.07 7.38
N LEU L 202 2.63 -45.23 6.85
CA LEU L 202 3.10 -45.37 5.47
C LEU L 202 2.27 -46.43 4.75
N GLU L 203 1.67 -46.04 3.64
CA GLU L 203 0.86 -46.96 2.86
C GLU L 203 1.45 -47.07 1.48
N ILE L 204 1.80 -48.29 1.10
CA ILE L 204 2.41 -48.53 -0.20
C ILE L 204 1.49 -49.36 -1.08
N LEU L 205 1.38 -48.96 -2.33
CA LEU L 205 0.58 -49.69 -3.30
C LEU L 205 1.56 -50.25 -4.35
N ILE L 206 1.60 -51.58 -4.47
CA ILE L 206 2.48 -52.24 -5.44
C ILE L 206 1.68 -52.72 -6.66
N VAL L 207 2.17 -52.38 -7.85
CA VAL L 207 1.47 -52.77 -9.07
C VAL L 207 2.27 -53.76 -9.92
N THR L 208 1.62 -54.88 -10.25
CA THR L 208 2.23 -55.90 -11.10
C THR L 208 1.18 -56.30 -12.12
N LYS L 209 1.53 -57.21 -13.03
CA LYS L 209 0.57 -57.65 -14.04
C LYS L 209 -0.65 -58.26 -13.36
N ASP L 210 -0.44 -58.87 -12.20
CA ASP L 210 -1.53 -59.49 -11.45
C ASP L 210 -2.45 -58.48 -10.76
N GLY L 211 -2.02 -57.22 -10.69
CA GLY L 211 -2.86 -56.22 -10.06
C GLY L 211 -2.20 -55.26 -9.10
N VAL L 212 -3.00 -54.80 -8.14
CA VAL L 212 -2.55 -53.85 -7.14
C VAL L 212 -2.63 -54.41 -5.72
N ARG L 213 -1.49 -54.44 -5.03
CA ARG L 213 -1.44 -54.94 -3.64
C ARG L 213 -1.05 -53.79 -2.69
N LYS L 214 -1.40 -53.91 -1.43
CA LYS L 214 -1.10 -52.87 -0.43
C LYS L 214 -0.31 -53.36 0.78
N GLU L 215 0.56 -52.50 1.31
CA GLU L 215 1.34 -52.81 2.49
C GLU L 215 1.27 -51.57 3.37
N PHE L 216 1.24 -51.76 4.68
CA PHE L 216 1.16 -50.63 5.60
C PHE L 216 2.16 -50.70 6.76
N TYR L 217 2.84 -49.59 7.02
CA TYR L 217 3.82 -49.53 8.10
C TYR L 217 3.58 -48.27 8.92
N GLU L 218 3.68 -48.38 10.23
CA GLU L 218 3.48 -47.22 11.08
C GLU L 218 4.71 -46.32 10.97
N LEU L 219 4.52 -45.04 11.30
CA LEU L 219 5.60 -44.06 11.30
C LEU L 219 5.47 -43.36 12.65
N LYS L 220 6.53 -42.67 13.07
CA LYS L 220 6.48 -41.96 14.33
C LYS L 220 5.32 -40.98 14.34
N ARG L 221 4.66 -40.84 15.49
CA ARG L 221 3.50 -39.97 15.63
C ARG L 221 3.71 -38.58 16.25
N ASP L 222 4.96 -38.20 16.48
CA ASP L 222 5.27 -36.90 17.08
C ASP L 222 5.40 -35.78 16.03
N THR M 1 -16.39 -13.83 -1.64
CA THR M 1 -15.49 -13.53 -0.50
C THR M 1 -16.28 -12.80 0.54
N GLN M 2 -16.19 -13.27 1.78
CA GLN M 2 -16.94 -12.68 2.83
C GLN M 2 -16.17 -12.76 4.14
N GLN M 3 -16.87 -12.44 5.23
CA GLN M 3 -16.31 -12.49 6.55
C GLN M 3 -17.43 -12.87 7.49
N PRO M 4 -17.18 -13.86 8.34
CA PRO M 4 -18.19 -14.34 9.30
C PRO M 4 -18.63 -13.22 10.24
N ILE M 5 -19.92 -13.17 10.58
CA ILE M 5 -20.41 -12.16 11.50
C ILE M 5 -20.77 -12.82 12.82
N VAL M 6 -21.90 -13.51 12.84
CA VAL M 6 -22.34 -14.22 14.03
C VAL M 6 -21.69 -15.60 13.93
N THR M 7 -21.01 -16.04 15.00
CA THR M 7 -20.33 -17.34 14.92
C THR M 7 -20.47 -18.34 16.06
N GLY M 8 -20.36 -19.62 15.69
CA GLY M 8 -20.44 -20.70 16.67
C GLY M 8 -19.01 -21.21 16.82
N THR M 9 -18.64 -21.58 18.03
CA THR M 9 -17.29 -22.07 18.27
C THR M 9 -17.19 -23.58 18.02
N SER M 10 -16.28 -24.25 18.72
CA SER M 10 -16.04 -25.68 18.56
C SER M 10 -17.20 -26.67 18.42
N VAL M 11 -16.90 -27.74 17.70
CA VAL M 11 -17.82 -28.87 17.52
C VAL M 11 -16.87 -30.03 17.75
N ILE M 12 -17.12 -30.84 18.76
CA ILE M 12 -16.25 -31.97 19.02
C ILE M 12 -17.00 -33.28 18.88
N SER M 13 -16.26 -34.36 18.64
CA SER M 13 -16.88 -35.65 18.43
C SER M 13 -15.88 -36.80 18.46
N MET M 14 -16.40 -38.00 18.66
CA MET M 14 -15.58 -39.22 18.69
C MET M 14 -16.48 -40.42 18.49
N LYS M 15 -15.89 -41.56 18.17
CA LYS M 15 -16.72 -42.74 18.02
C LYS M 15 -16.33 -43.74 19.09
N TYR M 16 -17.30 -44.55 19.52
CA TYR M 16 -17.04 -45.58 20.51
C TYR M 16 -17.42 -46.93 19.90
N ASP M 17 -17.57 -47.97 20.72
CA ASP M 17 -17.87 -49.29 20.19
C ASP M 17 -19.15 -49.44 19.36
N ASN M 18 -20.24 -48.81 19.79
CA ASN M 18 -21.52 -48.93 19.08
C ASN M 18 -22.03 -47.70 18.35
N GLY M 19 -21.26 -46.61 18.37
CA GLY M 19 -21.71 -45.40 17.69
C GLY M 19 -20.77 -44.22 17.76
N VAL M 20 -21.35 -43.03 17.70
CA VAL M 20 -20.58 -41.81 17.76
C VAL M 20 -21.29 -40.80 18.64
N ILE M 21 -20.52 -39.87 19.20
CA ILE M 21 -21.05 -38.82 20.04
C ILE M 21 -20.56 -37.50 19.45
N ILE M 22 -21.38 -36.47 19.56
CA ILE M 22 -21.03 -35.17 19.02
C ILE M 22 -21.66 -34.09 19.89
N ALA M 23 -20.92 -33.02 20.16
CA ALA M 23 -21.42 -31.92 21.01
C ALA M 23 -20.99 -30.53 20.52
N ALA M 24 -21.72 -29.50 20.97
CA ALA M 24 -21.44 -28.12 20.61
C ALA M 24 -22.23 -27.19 21.50
N ASP M 25 -21.61 -26.13 21.98
CA ASP M 25 -22.32 -25.22 22.87
C ASP M 25 -23.39 -24.40 22.14
N ASN M 26 -24.26 -23.76 22.91
CA ASN M 26 -25.38 -23.02 22.33
C ASN M 26 -25.17 -21.52 22.17
N LEU M 27 -23.94 -21.12 21.90
CA LEU M 27 -23.66 -19.70 21.76
C LEU M 27 -23.50 -19.23 20.31
N GLY M 28 -23.98 -18.02 20.07
CA GLY M 28 -23.89 -17.41 18.77
C GLY M 28 -23.20 -16.08 19.02
N SER M 29 -21.88 -16.08 18.89
CA SER M 29 -21.05 -14.90 19.12
C SER M 29 -21.11 -13.84 18.01
N TYR M 30 -20.81 -12.61 18.38
CA TYR M 30 -20.79 -11.49 17.46
C TYR M 30 -19.52 -10.74 17.82
N GLY M 31 -18.39 -11.25 17.33
CA GLY M 31 -17.12 -10.65 17.67
C GLY M 31 -16.84 -11.07 19.10
N SER M 32 -16.54 -10.13 19.98
CA SER M 32 -16.27 -10.48 21.37
C SER M 32 -17.54 -10.38 22.22
N LEU M 33 -18.66 -10.04 21.58
CA LEU M 33 -19.94 -9.97 22.27
C LEU M 33 -20.61 -11.35 22.23
N LEU M 34 -20.85 -11.96 23.39
CA LEU M 34 -21.51 -13.26 23.45
C LEU M 34 -23.00 -12.98 23.30
N ARG M 35 -23.37 -12.57 22.09
CA ARG M 35 -24.72 -12.15 21.75
C ARG M 35 -25.94 -13.06 21.85
N PHE M 36 -25.89 -14.26 21.27
CA PHE M 36 -27.05 -15.15 21.31
C PHE M 36 -26.79 -16.44 22.08
N ASN M 37 -27.76 -16.89 22.87
CA ASN M 37 -27.57 -18.08 23.68
C ASN M 37 -28.44 -19.32 23.46
N GLY M 38 -29.44 -19.25 22.60
CA GLY M 38 -30.24 -20.45 22.41
C GLY M 38 -30.03 -20.99 21.02
N VAL M 39 -28.77 -21.09 20.61
CA VAL M 39 -28.43 -21.54 19.27
C VAL M 39 -28.08 -23.02 19.20
N GLU M 40 -28.94 -23.79 18.57
CA GLU M 40 -28.68 -25.22 18.43
C GLU M 40 -27.78 -25.37 17.23
N ARG M 41 -26.59 -25.91 17.44
CA ARG M 41 -25.65 -26.07 16.36
C ARG M 41 -25.51 -27.51 15.93
N LEU M 42 -26.31 -28.39 16.53
CA LEU M 42 -26.31 -29.80 16.16
C LEU M 42 -27.61 -30.04 15.36
N ILE M 43 -27.49 -30.43 14.09
CA ILE M 43 -28.66 -30.67 13.26
C ILE M 43 -28.86 -32.14 12.90
N PRO M 44 -29.95 -32.74 13.41
CA PRO M 44 -30.24 -34.14 13.12
C PRO M 44 -30.92 -34.24 11.77
N VAL M 45 -30.52 -35.25 11.00
CA VAL M 45 -31.09 -35.52 9.69
C VAL M 45 -31.55 -36.97 9.82
N GLY M 46 -32.86 -37.17 9.81
CA GLY M 46 -33.35 -38.51 9.97
C GLY M 46 -33.07 -38.89 11.41
N ASP M 47 -32.78 -40.15 11.67
CA ASP M 47 -32.48 -40.59 13.03
C ASP M 47 -31.20 -41.40 13.08
N ASN M 48 -30.39 -41.26 12.05
CA ASN M 48 -29.13 -41.97 11.96
C ASN M 48 -27.98 -41.01 11.69
N THR M 49 -28.26 -39.71 11.70
CA THR M 49 -27.23 -38.70 11.41
C THR M 49 -27.42 -37.39 12.17
N VAL M 50 -26.31 -36.83 12.64
CA VAL M 50 -26.34 -35.53 13.32
C VAL M 50 -25.21 -34.71 12.72
N VAL M 51 -25.56 -33.52 12.22
CA VAL M 51 -24.57 -32.62 11.61
C VAL M 51 -24.27 -31.44 12.53
N GLY M 52 -23.02 -31.36 12.99
CA GLY M 52 -22.59 -30.27 13.86
C GLY M 52 -21.89 -29.20 13.04
N ILE M 53 -22.29 -27.95 13.26
CA ILE M 53 -21.73 -26.85 12.50
C ILE M 53 -21.13 -25.71 13.32
N SER M 54 -19.96 -25.25 12.90
CA SER M 54 -19.30 -24.13 13.56
C SER M 54 -19.05 -23.05 12.48
N GLY M 55 -18.75 -21.84 12.91
CA GLY M 55 -18.53 -20.78 11.95
C GLY M 55 -19.71 -19.82 11.84
N ASP M 56 -19.84 -19.19 10.67
CA ASP M 56 -20.90 -18.22 10.41
C ASP M 56 -22.28 -18.82 10.60
N ILE M 57 -23.05 -18.27 11.52
CA ILE M 57 -24.39 -18.76 11.80
C ILE M 57 -25.41 -18.57 10.67
N SER M 58 -25.36 -17.43 9.96
CA SER M 58 -26.31 -17.20 8.88
C SER M 58 -26.09 -18.28 7.83
N ASP M 59 -24.83 -18.67 7.66
CA ASP M 59 -24.50 -19.71 6.71
C ASP M 59 -24.97 -21.05 7.26
N MET M 60 -24.86 -21.22 8.57
CA MET M 60 -25.31 -22.47 9.20
C MET M 60 -26.81 -22.61 8.97
N GLN M 61 -27.57 -21.53 9.18
CA GLN M 61 -29.00 -21.59 8.99
C GLN M 61 -29.34 -21.96 7.56
N HIS M 62 -28.51 -21.52 6.63
CA HIS M 62 -28.70 -21.83 5.22
C HIS M 62 -28.52 -23.32 5.00
N ILE M 63 -27.49 -23.89 5.61
CA ILE M 63 -27.19 -25.30 5.47
C ILE M 63 -28.25 -26.17 6.14
N GLU M 64 -28.89 -25.61 7.14
CA GLU M 64 -29.94 -26.33 7.83
C GLU M 64 -31.10 -26.56 6.88
N ARG M 65 -31.45 -25.53 6.12
CA ARG M 65 -32.53 -25.61 5.16
C ARG M 65 -32.16 -26.62 4.09
N LEU M 66 -30.93 -26.55 3.60
CA LEU M 66 -30.49 -27.48 2.57
C LEU M 66 -30.69 -28.92 3.07
N LEU M 67 -30.36 -29.15 4.35
CA LEU M 67 -30.49 -30.47 4.93
C LEU M 67 -31.94 -30.92 5.00
N LYS M 68 -32.82 -30.04 5.46
CA LYS M 68 -34.23 -30.40 5.53
C LYS M 68 -34.83 -30.61 4.14
N ASP M 69 -34.39 -29.82 3.17
CA ASP M 69 -34.87 -29.94 1.80
C ASP M 69 -34.44 -31.30 1.25
N LEU M 70 -33.26 -31.74 1.67
CA LEU M 70 -32.74 -33.03 1.25
C LEU M 70 -33.67 -34.14 1.73
N VAL M 71 -34.08 -34.06 3.00
CA VAL M 71 -34.98 -35.05 3.56
C VAL M 71 -36.31 -35.08 2.82
N THR M 72 -36.80 -33.91 2.45
CA THR M 72 -38.06 -33.81 1.73
C THR M 72 -37.93 -34.40 0.33
N GLU M 73 -36.85 -34.01 -0.35
CA GLU M 73 -36.57 -34.46 -1.70
C GLU M 73 -36.41 -35.97 -1.78
N ASN M 74 -35.68 -36.54 -0.83
CA ASN M 74 -35.44 -37.98 -0.83
C ASN M 74 -36.72 -38.79 -0.68
N ALA M 75 -37.74 -38.19 -0.10
CA ALA M 75 -39.00 -38.89 0.11
C ALA M 75 -39.84 -38.93 -1.16
N TYR M 76 -39.62 -37.97 -2.04
CA TYR M 76 -40.37 -37.89 -3.29
C TYR M 76 -40.29 -39.17 -4.12
N ASP M 77 -41.45 -39.75 -4.42
CA ASP M 77 -41.53 -40.95 -5.24
C ASP M 77 -40.64 -42.08 -4.69
N ASN M 78 -40.42 -42.05 -3.37
CA ASN M 78 -39.60 -43.07 -2.73
C ASN M 78 -40.38 -43.89 -1.72
N PRO M 79 -40.89 -45.06 -2.14
CA PRO M 79 -41.66 -45.92 -1.24
C PRO M 79 -40.81 -46.45 -0.07
N LEU M 80 -39.49 -46.50 -0.26
CA LEU M 80 -38.58 -46.99 0.77
C LEU M 80 -37.84 -45.86 1.51
N ALA M 81 -38.44 -44.67 1.50
CA ALA M 81 -37.86 -43.49 2.14
C ALA M 81 -37.42 -43.68 3.59
N ASP M 82 -38.13 -44.53 4.31
CA ASP M 82 -37.75 -44.77 5.69
C ASP M 82 -37.30 -46.20 5.89
N ALA M 83 -36.70 -46.76 4.84
CA ALA M 83 -36.21 -48.13 4.87
C ALA M 83 -34.93 -48.23 4.07
N GLU M 84 -34.91 -49.08 3.05
CA GLU M 84 -33.72 -49.26 2.24
C GLU M 84 -33.20 -48.00 1.58
N GLU M 85 -34.12 -47.13 1.16
CA GLU M 85 -33.69 -45.90 0.49
C GLU M 85 -33.82 -44.65 1.35
N ALA M 86 -33.49 -44.77 2.62
CA ALA M 86 -33.51 -43.64 3.54
C ALA M 86 -32.13 -42.99 3.46
N LEU M 87 -32.03 -41.74 3.90
CA LEU M 87 -30.75 -41.04 3.86
C LEU M 87 -29.69 -41.69 4.76
N GLU M 88 -28.52 -41.92 4.21
CA GLU M 88 -27.40 -42.51 4.96
C GLU M 88 -26.49 -41.37 5.39
N PRO M 89 -25.79 -41.52 6.52
CA PRO M 89 -24.91 -40.44 6.93
C PRO M 89 -23.95 -40.11 5.79
N SER M 90 -23.41 -41.14 5.16
CA SER M 90 -22.48 -40.95 4.06
C SER M 90 -23.03 -40.13 2.88
N TYR M 91 -24.34 -40.22 2.63
CA TYR M 91 -24.93 -39.47 1.52
C TYR M 91 -24.96 -37.98 1.88
N ILE M 92 -25.39 -37.72 3.11
CA ILE M 92 -25.51 -36.37 3.62
C ILE M 92 -24.14 -35.69 3.58
N PHE M 93 -23.09 -36.42 3.95
CA PHE M 93 -21.76 -35.84 3.94
C PHE M 93 -21.30 -35.51 2.53
N GLU M 94 -21.31 -36.50 1.64
CA GLU M 94 -20.87 -36.26 0.28
C GLU M 94 -21.56 -35.03 -0.33
N TYR M 95 -22.85 -34.90 -0.06
CA TYR M 95 -23.62 -33.77 -0.57
C TYR M 95 -23.00 -32.48 -0.05
N LEU M 96 -22.94 -32.37 1.27
CA LEU M 96 -22.37 -31.18 1.89
C LEU M 96 -20.94 -30.92 1.42
N ALA M 97 -20.14 -31.98 1.32
CA ALA M 97 -18.76 -31.82 0.88
C ALA M 97 -18.77 -31.20 -0.52
N THR M 98 -19.65 -31.72 -1.36
CA THR M 98 -19.79 -31.22 -2.71
C THR M 98 -20.12 -29.73 -2.68
N VAL M 99 -21.16 -29.38 -1.95
CA VAL M 99 -21.55 -27.98 -1.87
C VAL M 99 -20.41 -27.11 -1.34
N MET M 100 -19.76 -27.57 -0.28
CA MET M 100 -18.68 -26.78 0.30
C MET M 100 -17.55 -26.51 -0.68
N TYR M 101 -17.11 -27.55 -1.39
CA TYR M 101 -16.03 -27.37 -2.36
C TYR M 101 -16.42 -26.51 -3.56
N GLN M 102 -17.67 -26.61 -4.00
CA GLN M 102 -18.12 -25.80 -5.13
C GLN M 102 -18.13 -24.32 -4.73
N ARG M 103 -18.65 -24.04 -3.54
CA ARG M 103 -18.73 -22.68 -3.07
C ARG M 103 -17.35 -22.03 -2.91
N ARG M 104 -16.35 -22.78 -2.41
CA ARG M 104 -15.02 -22.20 -2.26
C ARG M 104 -14.42 -22.00 -3.65
N SER M 105 -14.82 -22.85 -4.58
CA SER M 105 -14.30 -22.75 -5.93
C SER M 105 -14.89 -21.55 -6.68
N LYS M 106 -16.06 -21.07 -6.25
CA LYS M 106 -16.63 -19.90 -6.87
C LYS M 106 -16.24 -18.67 -6.08
N MET M 107 -15.33 -18.85 -5.12
CA MET M 107 -14.86 -17.73 -4.31
C MET M 107 -15.94 -17.08 -3.48
N ASN M 108 -16.92 -17.87 -3.05
CA ASN M 108 -18.02 -17.38 -2.21
C ASN M 108 -18.33 -18.55 -1.30
N PRO M 109 -17.45 -18.81 -0.34
CA PRO M 109 -17.63 -19.93 0.59
C PRO M 109 -18.70 -19.80 1.66
N LEU M 110 -19.11 -20.96 2.16
CA LEU M 110 -20.03 -21.05 3.27
C LEU M 110 -18.96 -21.09 4.38
N TRP M 111 -18.91 -20.04 5.19
CA TRP M 111 -17.89 -19.91 6.22
C TRP M 111 -18.10 -20.81 7.43
N ASN M 112 -17.97 -22.12 7.22
CA ASN M 112 -18.18 -23.07 8.29
C ASN M 112 -17.21 -24.24 8.27
N ALA M 113 -17.20 -24.96 9.40
CA ALA M 113 -16.42 -26.18 9.57
C ALA M 113 -17.55 -27.12 9.96
N ILE M 114 -17.61 -28.27 9.32
CA ILE M 114 -18.68 -29.22 9.60
C ILE M 114 -18.23 -30.64 9.92
N ILE M 115 -18.93 -31.27 10.85
CA ILE M 115 -18.66 -32.65 11.21
C ILE M 115 -19.96 -33.42 11.09
N VAL M 116 -19.95 -34.49 10.30
CA VAL M 116 -21.13 -35.32 10.14
C VAL M 116 -20.92 -36.58 10.96
N ALA M 117 -21.82 -36.82 11.91
CA ALA M 117 -21.74 -37.99 12.76
C ALA M 117 -22.97 -38.84 12.61
N GLY M 118 -22.78 -40.16 12.58
CA GLY M 118 -23.92 -41.05 12.46
C GLY M 118 -23.56 -42.51 12.32
N VAL M 119 -24.58 -43.33 12.08
CA VAL M 119 -24.40 -44.76 11.91
C VAL M 119 -24.97 -45.21 10.56
N GLN M 120 -24.14 -45.88 9.78
CA GLN M 120 -24.53 -46.39 8.48
C GLN M 120 -25.54 -47.52 8.68
N SER M 121 -26.26 -47.88 7.63
CA SER M 121 -27.27 -48.92 7.72
C SER M 121 -26.69 -50.29 8.11
N ASN M 122 -25.43 -50.52 7.75
CA ASN M 122 -24.81 -51.79 8.08
C ASN M 122 -24.23 -51.73 9.50
N GLY M 123 -24.55 -50.68 10.24
CA GLY M 123 -24.08 -50.55 11.60
C GLY M 123 -22.79 -49.77 11.80
N ASP M 124 -22.02 -49.61 10.73
CA ASP M 124 -20.76 -48.88 10.77
C ASP M 124 -20.88 -47.44 11.27
N GLN M 125 -19.90 -47.03 12.07
CA GLN M 125 -19.90 -45.66 12.59
C GLN M 125 -19.44 -44.74 11.47
N PHE M 126 -20.02 -43.54 11.44
CA PHE M 126 -19.63 -42.58 10.44
C PHE M 126 -19.26 -41.26 11.09
N LEU M 127 -18.07 -40.80 10.75
CA LEU M 127 -17.57 -39.55 11.29
C LEU M 127 -16.66 -38.92 10.26
N ARG M 128 -17.05 -37.77 9.73
CA ARG M 128 -16.19 -37.09 8.76
C ARG M 128 -16.35 -35.57 8.88
N TYR M 129 -15.31 -34.88 8.46
CA TYR M 129 -15.23 -33.43 8.51
C TYR M 129 -15.05 -32.77 7.14
N VAL M 130 -15.56 -31.56 7.02
CA VAL M 130 -15.39 -30.76 5.80
C VAL M 130 -15.50 -29.30 6.21
N ASN M 131 -14.62 -28.44 5.68
CA ASN M 131 -14.66 -27.04 6.03
C ASN M 131 -14.91 -26.14 4.83
N LEU M 132 -14.87 -24.82 5.05
CA LEU M 132 -15.14 -23.86 4.00
C LEU M 132 -14.25 -23.96 2.76
N LEU M 133 -13.15 -24.71 2.87
CA LEU M 133 -12.24 -24.89 1.74
C LEU M 133 -12.58 -26.19 0.97
N GLY M 134 -13.45 -27.01 1.54
CA GLY M 134 -13.82 -28.26 0.91
C GLY M 134 -12.90 -29.39 1.31
N VAL M 135 -11.98 -29.14 2.24
CA VAL M 135 -11.09 -30.18 2.71
C VAL M 135 -11.88 -31.18 3.57
N THR M 136 -11.55 -32.46 3.45
CA THR M 136 -12.27 -33.50 4.19
C THR M 136 -11.34 -34.56 4.75
N TYR M 137 -11.74 -35.12 5.89
CA TYR M 137 -10.96 -36.17 6.53
C TYR M 137 -11.72 -36.85 7.64
N SER M 138 -11.22 -38.03 8.03
CA SER M 138 -11.81 -38.82 9.10
C SER M 138 -10.74 -39.23 10.08
N SER M 139 -11.16 -39.44 11.33
CA SER M 139 -10.26 -39.83 12.39
C SER M 139 -11.18 -40.37 13.50
N PRO M 140 -10.63 -41.14 14.46
CA PRO M 140 -11.51 -41.66 15.52
C PRO M 140 -12.13 -40.51 16.33
N THR M 141 -11.49 -39.34 16.32
CA THR M 141 -12.01 -38.15 16.97
C THR M 141 -11.89 -37.00 15.96
N LEU M 142 -12.81 -36.05 16.04
CA LEU M 142 -12.81 -34.90 15.13
C LEU M 142 -13.38 -33.71 15.89
N ALA M 143 -12.79 -32.56 15.67
CA ALA M 143 -13.23 -31.34 16.32
C ALA M 143 -12.87 -30.15 15.46
N THR M 144 -13.69 -29.10 15.53
CA THR M 144 -13.45 -27.89 14.76
C THR M 144 -12.95 -26.75 15.65
N GLY M 145 -12.27 -25.80 15.02
CA GLY M 145 -11.76 -24.63 15.73
C GLY M 145 -10.96 -24.92 16.98
N PHE M 146 -11.33 -24.23 18.05
CA PHE M 146 -10.64 -24.39 19.31
C PHE M 146 -10.57 -25.83 19.80
N GLY M 147 -11.61 -26.60 19.49
CA GLY M 147 -11.66 -27.99 19.90
C GLY M 147 -10.62 -28.87 19.22
N ALA M 148 -10.14 -28.45 18.06
CA ALA M 148 -9.14 -29.24 17.39
C ALA M 148 -7.86 -29.20 18.19
N HIS M 149 -7.60 -28.05 18.80
CA HIS M 149 -6.40 -27.85 19.59
C HIS M 149 -6.47 -28.39 21.02
N MET M 150 -7.62 -28.28 21.67
CA MET M 150 -7.76 -28.76 23.04
C MET M 150 -8.59 -30.03 23.25
N ALA M 151 -9.59 -30.26 22.43
CA ALA M 151 -10.40 -31.45 22.61
C ALA M 151 -9.72 -32.72 22.09
N ASN M 152 -9.21 -32.68 20.85
CA ASN M 152 -8.57 -33.87 20.27
C ASN M 152 -7.51 -34.46 21.17
N PRO M 153 -6.59 -33.64 21.70
CA PRO M 153 -5.54 -34.18 22.57
C PRO M 153 -6.14 -35.04 23.69
N LEU M 154 -7.29 -34.61 24.23
CA LEU M 154 -7.96 -35.36 25.30
C LEU M 154 -8.64 -36.63 24.77
N LEU M 155 -9.53 -36.44 23.81
CA LEU M 155 -10.26 -37.54 23.21
C LEU M 155 -9.38 -38.63 22.61
N ARG M 156 -8.24 -38.23 22.04
CA ARG M 156 -7.34 -39.20 21.44
C ARG M 156 -6.71 -40.12 22.49
N LYS M 157 -6.75 -39.70 23.75
CA LYS M 157 -6.18 -40.52 24.81
C LYS M 157 -7.11 -41.71 25.06
N VAL M 158 -8.36 -41.58 24.66
CA VAL M 158 -9.35 -42.64 24.81
C VAL M 158 -9.32 -43.53 23.57
N VAL M 159 -9.40 -42.93 22.40
CA VAL M 159 -9.35 -43.68 21.14
C VAL M 159 -8.15 -43.18 20.33
N ASP M 160 -6.99 -43.74 20.64
CA ASP M 160 -5.74 -43.37 19.99
C ASP M 160 -5.56 -44.03 18.63
N ARG M 161 -6.27 -45.13 18.41
CA ARG M 161 -6.17 -45.82 17.13
C ARG M 161 -7.40 -46.65 16.90
N GLU M 162 -7.55 -47.14 15.69
CA GLU M 162 -8.72 -47.92 15.33
C GLU M 162 -9.06 -49.03 16.34
N SER M 163 -8.06 -49.77 16.80
CA SER M 163 -8.29 -50.87 17.73
C SER M 163 -8.83 -50.47 19.10
N ASP M 164 -8.90 -49.16 19.35
CA ASP M 164 -9.40 -48.67 20.63
C ASP M 164 -10.91 -48.48 20.60
N ILE M 165 -11.47 -48.32 19.41
CA ILE M 165 -12.91 -48.10 19.27
C ILE M 165 -13.76 -49.19 19.97
N PRO M 166 -13.58 -50.45 19.56
CA PRO M 166 -14.36 -51.52 20.19
C PRO M 166 -14.19 -51.65 21.70
N LYS M 167 -13.11 -51.11 22.24
CA LYS M 167 -12.86 -51.20 23.68
C LYS M 167 -13.45 -50.01 24.45
N THR M 168 -14.05 -49.06 23.74
CA THR M 168 -14.61 -47.88 24.37
C THR M 168 -16.13 -47.92 24.53
N THR M 169 -16.62 -47.72 25.74
CA THR M 169 -18.06 -47.75 25.92
C THR M 169 -18.65 -46.34 25.82
N VAL M 170 -19.97 -46.28 25.70
CA VAL M 170 -20.68 -45.03 25.60
C VAL M 170 -20.42 -44.17 26.83
N GLN M 171 -20.40 -44.84 27.98
CA GLN M 171 -20.17 -44.14 29.23
C GLN M 171 -18.83 -43.44 29.21
N VAL M 172 -17.77 -44.20 28.94
CA VAL M 172 -16.43 -43.65 28.88
C VAL M 172 -16.40 -42.47 27.90
N ALA M 173 -16.79 -42.74 26.66
CA ALA M 173 -16.81 -41.73 25.60
C ALA M 173 -17.59 -40.48 25.95
N GLU M 174 -18.82 -40.64 26.44
CA GLU M 174 -19.63 -39.48 26.79
C GLU M 174 -18.95 -38.68 27.88
N GLU M 175 -18.26 -39.38 28.77
CA GLU M 175 -17.58 -38.70 29.86
C GLU M 175 -16.39 -37.92 29.29
N ALA M 176 -15.66 -38.53 28.36
CA ALA M 176 -14.51 -37.87 27.77
C ALA M 176 -14.94 -36.59 27.07
N ILE M 177 -16.06 -36.69 26.35
CA ILE M 177 -16.58 -35.55 25.63
C ILE M 177 -17.12 -34.46 26.55
N VAL M 178 -17.79 -34.85 27.62
CA VAL M 178 -18.33 -33.87 28.55
C VAL M 178 -17.20 -33.11 29.25
N ASN M 179 -16.10 -33.82 29.49
CA ASN M 179 -14.95 -33.22 30.15
C ASN M 179 -14.26 -32.22 29.21
N ALA M 180 -14.16 -32.61 27.94
CA ALA M 180 -13.54 -31.74 26.94
C ALA M 180 -14.33 -30.44 26.87
N MET M 181 -15.66 -30.53 26.94
CA MET M 181 -16.51 -29.34 26.89
C MET M 181 -16.21 -28.43 28.08
N ARG M 182 -15.91 -29.02 29.23
CA ARG M 182 -15.60 -28.23 30.40
C ARG M 182 -14.28 -27.50 30.15
N VAL M 183 -13.27 -28.25 29.70
CA VAL M 183 -11.98 -27.66 29.39
C VAL M 183 -12.12 -26.48 28.42
N LEU M 184 -12.92 -26.64 27.38
CA LEU M 184 -13.12 -25.57 26.40
C LEU M 184 -13.79 -24.38 27.05
N TYR M 185 -14.58 -24.61 28.09
CA TYR M 185 -15.25 -23.51 28.76
C TYR M 185 -14.22 -22.76 29.59
N TYR M 186 -13.16 -23.47 29.98
CA TYR M 186 -12.09 -22.87 30.77
C TYR M 186 -11.20 -21.92 29.97
N ARG M 187 -10.78 -22.35 28.77
CA ARG M 187 -9.84 -21.55 27.98
C ARG M 187 -10.29 -20.88 26.69
N ASP M 188 -11.49 -21.17 26.18
CA ASP M 188 -11.98 -20.55 24.95
C ASP M 188 -12.90 -19.39 25.33
N ALA M 189 -12.46 -18.17 24.99
CA ALA M 189 -13.21 -16.96 25.32
C ALA M 189 -14.46 -16.73 24.50
N ARG M 190 -14.75 -17.64 23.58
CA ARG M 190 -15.93 -17.53 22.74
C ARG M 190 -16.87 -18.71 23.02
N SER M 191 -16.74 -19.32 24.20
CA SER M 191 -17.57 -20.46 24.56
C SER M 191 -18.69 -20.12 25.54
N SER M 192 -19.57 -21.09 25.73
CA SER M 192 -20.71 -20.97 26.62
C SER M 192 -20.74 -22.18 27.53
N ARG M 193 -21.39 -22.04 28.68
CA ARG M 193 -21.48 -23.12 29.65
C ARG M 193 -22.55 -24.13 29.20
N ASN M 194 -23.48 -23.66 28.37
CA ASN M 194 -24.57 -24.50 27.90
C ASN M 194 -24.29 -25.09 26.54
N PHE M 195 -24.63 -26.36 26.40
CA PHE M 195 -24.38 -27.06 25.16
C PHE M 195 -25.33 -28.22 24.94
N SER M 196 -25.28 -28.77 23.73
CA SER M 196 -26.11 -29.91 23.37
C SER M 196 -25.16 -31.05 23.08
N LEU M 197 -25.64 -32.27 23.29
CA LEU M 197 -24.83 -33.46 23.02
C LEU M 197 -25.73 -34.52 22.43
N ALA M 198 -25.26 -35.22 21.41
CA ALA M 198 -26.07 -36.25 20.78
C ALA M 198 -25.32 -37.56 20.61
N ILE M 199 -26.05 -38.66 20.77
CA ILE M 199 -25.48 -39.99 20.63
C ILE M 199 -26.20 -40.69 19.50
N ILE M 200 -25.44 -41.34 18.63
CA ILE M 200 -26.03 -42.09 17.52
C ILE M 200 -25.50 -43.52 17.73
N ASP M 201 -26.35 -44.37 18.30
CA ASP M 201 -25.98 -45.75 18.61
C ASP M 201 -26.70 -46.77 17.70
N LYS M 202 -25.93 -47.73 17.18
CA LYS M 202 -26.51 -48.73 16.29
C LYS M 202 -27.59 -49.59 16.94
N ASN M 203 -27.77 -49.46 18.26
CA ASN M 203 -28.79 -50.23 18.96
C ASN M 203 -29.86 -49.35 19.61
N THR M 204 -29.45 -48.25 20.24
CA THR M 204 -30.40 -47.36 20.90
C THR M 204 -30.88 -46.21 20.04
N GLY M 205 -30.31 -46.07 18.85
CA GLY M 205 -30.71 -45.00 17.96
C GLY M 205 -30.12 -43.65 18.30
N LEU M 206 -30.88 -42.60 18.06
CA LEU M 206 -30.42 -41.23 18.30
C LEU M 206 -30.93 -40.68 19.62
N THR M 207 -29.99 -40.23 20.46
CA THR M 207 -30.33 -39.64 21.74
C THR M 207 -29.82 -38.21 21.70
N PHE M 208 -30.75 -37.25 21.64
CA PHE M 208 -30.36 -35.86 21.57
C PHE M 208 -30.58 -35.19 22.92
N LYS M 209 -29.49 -34.81 23.58
CA LYS M 209 -29.59 -34.15 24.89
C LYS M 209 -29.40 -32.64 24.77
N LYS M 210 -30.40 -31.90 25.19
CA LYS M 210 -30.35 -30.44 25.15
C LYS M 210 -30.21 -29.82 26.54
N ASN M 211 -29.77 -28.57 26.56
CA ASN M 211 -29.60 -27.81 27.79
C ASN M 211 -28.65 -28.37 28.83
N LEU M 212 -27.57 -29.02 28.39
CA LEU M 212 -26.60 -29.52 29.35
C LEU M 212 -25.81 -28.32 29.85
N GLN M 213 -25.08 -28.53 30.94
CA GLN M 213 -24.27 -27.49 31.53
C GLN M 213 -22.97 -28.05 32.03
N VAL M 214 -21.93 -27.22 31.96
CA VAL M 214 -20.63 -27.64 32.46
C VAL M 214 -20.76 -27.58 33.98
N GLU M 215 -20.40 -28.68 34.64
CA GLU M 215 -20.47 -28.76 36.09
C GLU M 215 -19.15 -29.30 36.60
N ASN M 216 -19.00 -29.27 37.93
CA ASN M 216 -17.80 -29.78 38.59
C ASN M 216 -16.54 -29.05 38.20
N MET M 217 -16.62 -27.73 38.15
CA MET M 217 -15.46 -26.93 37.79
C MET M 217 -14.59 -26.62 39.01
N LYS M 218 -13.29 -26.48 38.78
CA LYS M 218 -12.37 -26.14 39.86
C LYS M 218 -12.06 -24.63 39.78
N TRP M 219 -12.37 -23.93 40.86
CA TRP M 219 -12.12 -22.49 40.93
C TRP M 219 -11.56 -22.07 42.29
N ASP M 220 -11.71 -22.94 43.28
CA ASP M 220 -11.28 -22.65 44.64
C ASP M 220 -9.84 -22.14 44.77
N PHE M 221 -8.91 -22.77 44.05
CA PHE M 221 -7.50 -22.34 44.11
C PHE M 221 -7.32 -20.87 43.70
N ALA M 222 -8.33 -20.29 43.04
CA ALA M 222 -8.24 -18.93 42.59
C ALA M 222 -8.06 -17.96 43.76
N LYS M 223 -8.60 -18.31 44.93
CA LYS M 223 -8.50 -17.44 46.11
C LYS M 223 -7.07 -17.29 46.60
N ASP M 224 -6.23 -18.28 46.31
CA ASP M 224 -4.83 -18.28 46.73
C ASP M 224 -3.92 -17.53 45.77
N ILE M 225 -4.47 -17.14 44.63
CA ILE M 225 -3.72 -16.42 43.62
C ILE M 225 -3.83 -14.92 43.83
N LYS M 226 -2.75 -14.28 44.25
CA LYS M 226 -2.78 -12.84 44.43
C LYS M 226 -1.57 -12.21 43.78
N GLY M 227 -1.77 -11.00 43.23
CA GLY M 227 -0.70 -10.31 42.55
C GLY M 227 -0.28 -11.04 41.29
N TYR M 228 0.89 -10.65 40.76
CA TYR M 228 1.41 -11.27 39.55
C TYR M 228 2.89 -11.57 39.70
N GLY M 229 3.31 -11.69 40.96
CA GLY M 229 4.71 -11.97 41.25
C GLY M 229 5.18 -11.70 42.67
N THR M 230 5.22 -10.43 43.06
CA THR M 230 5.71 -10.06 44.38
C THR M 230 4.66 -9.63 45.39
N GLN M 231 3.47 -9.23 44.91
CA GLN M 231 2.43 -8.81 45.83
C GLN M 231 2.13 -9.95 46.79
N LYS M 232 1.95 -9.62 48.06
CA LYS M 232 1.68 -10.64 49.05
C LYS M 232 0.25 -10.70 49.56
N ILE M 233 -0.51 -9.61 49.39
CA ILE M 233 -1.89 -9.57 49.86
C ILE M 233 -2.92 -9.41 48.74
N THR N 1 -27.85 4.82 16.56
CA THR N 1 -29.24 4.33 16.62
C THR N 1 -29.49 3.40 17.81
N SER N 2 -30.65 3.56 18.44
CA SER N 2 -31.04 2.67 19.54
C SER N 2 -32.45 2.16 19.23
N ILE N 3 -32.56 0.85 18.99
CA ILE N 3 -33.85 0.26 18.68
C ILE N 3 -34.06 -1.03 19.45
N MET N 4 -35.32 -1.35 19.72
CA MET N 4 -35.67 -2.56 20.43
C MET N 4 -37.14 -2.90 20.23
N ALA N 5 -37.46 -4.18 20.44
CA ALA N 5 -38.82 -4.67 20.31
C ALA N 5 -39.03 -5.63 21.48
N VAL N 6 -40.16 -5.47 22.18
CA VAL N 6 -40.45 -6.31 23.35
C VAL N 6 -41.83 -6.94 23.33
N THR N 7 -41.89 -8.26 23.51
CA THR N 7 -43.19 -8.94 23.55
C THR N 7 -43.71 -8.81 24.99
N PHE N 8 -45.02 -8.72 25.16
CA PHE N 8 -45.58 -8.64 26.50
C PHE N 8 -46.91 -9.37 26.50
N LYS N 9 -47.63 -9.31 27.61
CA LYS N 9 -48.90 -10.01 27.72
C LYS N 9 -49.92 -9.83 26.57
N ASP N 10 -50.11 -8.59 26.13
CA ASP N 10 -51.09 -8.30 25.08
C ASP N 10 -50.60 -8.20 23.64
N GLY N 11 -49.28 -8.38 23.45
CA GLY N 11 -48.75 -8.29 22.10
C GLY N 11 -47.28 -7.93 22.06
N VAL N 12 -46.95 -6.82 21.40
CA VAL N 12 -45.56 -6.39 21.29
C VAL N 12 -45.43 -4.89 21.09
N ILE N 13 -44.33 -4.34 21.58
CA ILE N 13 -44.06 -2.93 21.43
C ILE N 13 -42.67 -2.66 20.82
N LEU N 14 -42.62 -1.77 19.84
CA LEU N 14 -41.37 -1.41 19.19
C LEU N 14 -40.95 -0.03 19.68
N GLY N 15 -39.65 0.17 19.85
CA GLY N 15 -39.17 1.47 20.28
C GLY N 15 -37.90 1.89 19.54
N ALA N 16 -37.67 3.19 19.44
CA ALA N 16 -36.49 3.68 18.75
C ALA N 16 -36.24 5.15 19.07
N ASP N 17 -34.99 5.57 18.90
CA ASP N 17 -34.64 6.95 19.13
C ASP N 17 -34.94 7.59 17.79
N SER N 18 -34.59 8.86 17.59
CA SER N 18 -34.91 9.51 16.33
C SER N 18 -33.73 10.25 15.71
N ARG N 19 -32.54 9.73 15.91
CA ARG N 19 -31.35 10.38 15.36
C ARG N 19 -30.71 9.68 14.17
N THR N 20 -30.40 10.46 13.15
CA THR N 20 -29.70 9.96 11.98
C THR N 20 -28.53 10.92 11.82
N THR N 21 -27.34 10.35 11.70
CA THR N 21 -26.14 11.14 11.59
C THR N 21 -25.33 10.84 10.35
N THR N 22 -24.50 11.82 9.99
CA THR N 22 -23.55 11.72 8.89
C THR N 22 -22.32 12.22 9.63
N GLY N 23 -21.60 11.29 10.24
CA GLY N 23 -20.44 11.67 11.02
C GLY N 23 -20.94 12.12 12.37
N ALA N 24 -20.54 13.31 12.79
CA ALA N 24 -20.96 13.86 14.07
C ALA N 24 -22.13 14.82 13.87
N TYR N 25 -22.57 14.97 12.61
CA TYR N 25 -23.68 15.85 12.34
C TYR N 25 -24.98 15.09 12.35
N ILE N 26 -25.99 15.69 12.96
CA ILE N 26 -27.28 15.08 13.04
C ILE N 26 -28.09 15.58 11.84
N ALA N 27 -28.13 14.73 10.82
CA ALA N 27 -28.81 15.01 9.57
C ALA N 27 -30.30 15.14 9.82
N ASN N 28 -30.79 14.38 10.80
CA ASN N 28 -32.20 14.40 11.17
C ASN N 28 -32.33 14.09 12.67
N ARG N 29 -33.02 14.97 13.39
CA ARG N 29 -33.21 14.76 14.82
C ARG N 29 -34.58 14.20 15.17
N VAL N 30 -35.43 14.07 14.18
CA VAL N 30 -36.78 13.57 14.41
C VAL N 30 -37.13 12.42 13.45
N THR N 31 -36.17 11.54 13.23
CA THR N 31 -36.34 10.40 12.32
C THR N 31 -37.34 9.39 12.89
N ASP N 32 -38.10 8.75 12.01
CA ASP N 32 -39.05 7.70 12.39
C ASP N 32 -38.47 6.36 11.93
N LYS N 33 -37.82 5.67 12.85
CA LYS N 33 -37.17 4.40 12.55
C LYS N 33 -38.11 3.22 12.68
N LEU N 34 -39.36 3.49 13.04
CA LEU N 34 -40.36 2.43 13.18
C LEU N 34 -41.17 2.42 11.88
N THR N 35 -40.94 1.39 11.07
CA THR N 35 -41.58 1.26 9.76
C THR N 35 -42.56 0.11 9.61
N ARG N 36 -43.69 0.42 8.97
CA ARG N 36 -44.77 -0.53 8.76
C ARG N 36 -44.65 -1.33 7.47
N VAL N 37 -44.68 -2.66 7.56
CA VAL N 37 -44.60 -3.47 6.35
C VAL N 37 -45.92 -4.18 6.13
N HIS N 38 -46.76 -4.16 7.16
CA HIS N 38 -48.10 -4.72 7.10
C HIS N 38 -48.91 -4.21 8.29
N ASP N 39 -50.23 -4.34 8.20
CA ASP N 39 -51.13 -3.87 9.25
C ASP N 39 -50.62 -4.11 10.65
N LYS N 40 -50.22 -5.34 10.95
CA LYS N 40 -49.69 -5.59 12.27
C LYS N 40 -48.31 -6.23 12.32
N ILE N 41 -47.50 -5.91 11.31
CA ILE N 41 -46.12 -6.36 11.27
C ILE N 41 -45.28 -5.14 10.98
N TRP N 42 -44.50 -4.71 11.97
CA TRP N 42 -43.64 -3.55 11.80
C TRP N 42 -42.17 -3.95 12.01
N CYS N 43 -41.26 -3.02 11.75
CA CYS N 43 -39.85 -3.30 11.97
C CYS N 43 -39.13 -2.07 12.49
N CYS N 44 -37.99 -2.30 13.13
CA CYS N 44 -37.14 -1.23 13.65
C CYS N 44 -35.92 -1.30 12.77
N ARG N 45 -35.52 -0.15 12.22
CA ARG N 45 -34.37 -0.09 11.33
C ARG N 45 -33.14 0.50 11.99
N SER N 46 -31.99 -0.08 11.67
CA SER N 46 -30.69 0.43 12.17
C SER N 46 -29.65 0.13 11.07
N GLY N 47 -28.57 0.90 11.10
CA GLY N 47 -27.53 0.74 10.09
C GLY N 47 -27.65 1.83 9.04
N SER N 48 -27.63 1.43 7.77
CA SER N 48 -27.75 2.39 6.69
C SER N 48 -29.21 2.78 6.43
N ALA N 49 -29.48 4.07 6.47
CA ALA N 49 -30.84 4.57 6.24
C ALA N 49 -31.25 4.16 4.85
N ALA N 50 -30.37 4.42 3.88
CA ALA N 50 -30.65 4.06 2.49
C ALA N 50 -30.89 2.55 2.35
N ASP N 51 -30.04 1.74 2.95
CA ASP N 51 -30.22 0.28 2.84
C ASP N 51 -31.49 -0.24 3.50
N THR N 52 -31.76 0.17 4.74
CA THR N 52 -32.94 -0.32 5.42
C THR N 52 -34.24 0.19 4.80
N GLN N 53 -34.23 1.42 4.29
CA GLN N 53 -35.40 1.97 3.63
C GLN N 53 -35.70 1.12 2.39
N ALA N 54 -34.68 0.90 1.56
CA ALA N 54 -34.83 0.11 0.33
C ALA N 54 -35.30 -1.33 0.61
N ILE N 55 -34.82 -1.90 1.71
CA ILE N 55 -35.23 -3.25 2.05
C ILE N 55 -36.69 -3.24 2.56
N ALA N 56 -37.00 -2.33 3.47
CA ALA N 56 -38.35 -2.26 4.01
C ALA N 56 -39.34 -2.03 2.86
N ASP N 57 -39.02 -1.08 1.97
CA ASP N 57 -39.90 -0.79 0.84
C ASP N 57 -40.16 -2.06 0.03
N ILE N 58 -39.13 -2.88 -0.16
CA ILE N 58 -39.32 -4.10 -0.93
C ILE N 58 -40.13 -5.15 -0.15
N VAL N 59 -39.86 -5.29 1.14
CA VAL N 59 -40.60 -6.26 1.94
C VAL N 59 -42.08 -5.89 1.91
N GLN N 60 -42.39 -4.60 2.06
CA GLN N 60 -43.76 -4.14 2.04
C GLN N 60 -44.42 -4.53 0.73
N TYR N 61 -43.71 -4.34 -0.37
CA TYR N 61 -44.22 -4.71 -1.67
C TYR N 61 -44.51 -6.23 -1.74
N HIS N 62 -43.60 -7.05 -1.20
CA HIS N 62 -43.78 -8.49 -1.20
C HIS N 62 -44.95 -8.96 -0.36
N LEU N 63 -45.13 -8.32 0.79
CA LEU N 63 -46.22 -8.70 1.66
C LEU N 63 -47.56 -8.24 1.06
N GLU N 64 -47.57 -7.11 0.38
CA GLU N 64 -48.80 -6.63 -0.24
C GLU N 64 -49.25 -7.64 -1.31
N LEU N 65 -48.31 -8.08 -2.14
CA LEU N 65 -48.62 -9.06 -3.18
C LEU N 65 -49.01 -10.40 -2.55
N TYR N 66 -48.36 -10.75 -1.45
CA TYR N 66 -48.65 -12.00 -0.73
C TYR N 66 -50.11 -11.96 -0.28
N THR N 67 -50.48 -10.86 0.36
CA THR N 67 -51.83 -10.67 0.86
C THR N 67 -52.87 -10.78 -0.28
N SER N 68 -52.60 -10.15 -1.41
CA SER N 68 -53.51 -10.21 -2.56
C SER N 68 -53.78 -11.65 -2.94
N GLN N 69 -52.76 -12.49 -2.85
CA GLN N 69 -52.88 -13.88 -3.24
C GLN N 69 -53.25 -14.91 -2.18
N TYR N 70 -52.68 -14.81 -0.99
CA TYR N 70 -52.96 -15.82 0.02
C TYR N 70 -53.42 -15.32 1.37
N GLY N 71 -53.95 -14.11 1.41
CA GLY N 71 -54.41 -13.57 2.68
C GLY N 71 -53.29 -13.06 3.55
N THR N 72 -53.64 -12.78 4.80
CA THR N 72 -52.70 -12.25 5.78
C THR N 72 -51.44 -13.08 6.02
N PRO N 73 -50.27 -12.42 5.96
CA PRO N 73 -49.00 -13.11 6.19
C PRO N 73 -48.67 -13.12 7.69
N SER N 74 -47.99 -14.18 8.13
CA SER N 74 -47.61 -14.29 9.52
C SER N 74 -46.41 -13.39 9.78
N THR N 75 -46.10 -13.18 11.05
CA THR N 75 -44.97 -12.34 11.40
C THR N 75 -43.71 -13.08 10.98
N GLU N 76 -43.76 -14.41 11.09
CA GLU N 76 -42.63 -15.25 10.71
C GLU N 76 -42.31 -15.05 9.24
N THR N 77 -43.34 -15.09 8.42
CA THR N 77 -43.18 -14.92 6.98
C THR N 77 -42.51 -13.58 6.64
N ALA N 78 -42.88 -12.51 7.35
CA ALA N 78 -42.31 -11.19 7.10
C ALA N 78 -40.83 -11.21 7.50
N ALA N 79 -40.53 -11.86 8.61
CA ALA N 79 -39.16 -11.94 9.08
C ALA N 79 -38.34 -12.75 8.08
N SER N 80 -39.00 -13.61 7.33
CA SER N 80 -38.33 -14.46 6.35
C SER N 80 -37.97 -13.70 5.07
N VAL N 81 -38.84 -12.80 4.65
CA VAL N 81 -38.58 -12.01 3.47
C VAL N 81 -37.42 -11.06 3.76
N PHE N 82 -37.42 -10.46 4.94
CA PHE N 82 -36.35 -9.56 5.34
C PHE N 82 -35.05 -10.35 5.32
N LYS N 83 -35.07 -11.49 5.99
CA LYS N 83 -33.91 -12.36 6.09
C LYS N 83 -33.36 -12.78 4.72
N GLU N 84 -34.25 -13.11 3.81
CA GLU N 84 -33.83 -13.54 2.49
C GLU N 84 -33.09 -12.38 1.81
N LEU N 85 -33.66 -11.18 1.90
CA LEU N 85 -33.03 -10.01 1.30
C LEU N 85 -31.69 -9.70 1.97
N CYS N 86 -31.66 -9.78 3.30
CA CYS N 86 -30.42 -9.47 4.00
C CYS N 86 -29.30 -10.48 3.82
N TYR N 87 -29.63 -11.77 3.76
CA TYR N 87 -28.62 -12.79 3.60
C TYR N 87 -28.05 -12.82 2.19
N GLU N 88 -28.93 -12.93 1.21
CA GLU N 88 -28.57 -12.97 -0.19
C GLU N 88 -27.76 -11.75 -0.66
N ASN N 89 -27.93 -10.61 0.01
CA ASN N 89 -27.20 -9.40 -0.37
C ASN N 89 -26.27 -8.91 0.75
N LYS N 90 -25.84 -9.82 1.61
CA LYS N 90 -24.99 -9.46 2.74
C LYS N 90 -23.74 -8.64 2.39
N ASP N 91 -23.19 -8.84 1.19
CA ASP N 91 -21.98 -8.11 0.78
C ASP N 91 -22.22 -6.65 0.42
N ASN N 92 -23.47 -6.27 0.22
CA ASN N 92 -23.75 -4.88 -0.14
C ASN N 92 -24.78 -4.21 0.74
N LEU N 93 -24.99 -4.74 1.94
CA LEU N 93 -25.95 -4.15 2.84
C LEU N 93 -25.38 -3.98 4.24
N THR N 94 -25.90 -2.98 4.93
CA THR N 94 -25.53 -2.69 6.30
C THR N 94 -26.88 -2.38 6.92
N ALA N 95 -27.63 -3.44 7.21
CA ALA N 95 -28.95 -3.31 7.81
C ALA N 95 -29.15 -4.25 9.00
N GLY N 96 -29.32 -3.67 10.18
CA GLY N 96 -29.58 -4.46 11.38
C GLY N 96 -31.06 -4.21 11.60
N ILE N 97 -31.87 -5.22 11.36
CA ILE N 97 -33.31 -5.06 11.48
C ILE N 97 -34.05 -5.94 12.48
N ILE N 98 -34.99 -5.32 13.21
CA ILE N 98 -35.81 -6.05 14.17
C ILE N 98 -37.23 -6.15 13.61
N VAL N 99 -37.77 -7.36 13.55
CA VAL N 99 -39.13 -7.56 13.03
C VAL N 99 -40.07 -7.92 14.19
N ALA N 100 -41.16 -7.18 14.29
CA ALA N 100 -42.14 -7.40 15.36
C ALA N 100 -43.56 -7.36 14.81
N GLY N 101 -44.37 -8.31 15.24
CA GLY N 101 -45.74 -8.34 14.76
C GLY N 101 -46.70 -8.91 15.78
N TYR N 102 -47.98 -8.54 15.65
CA TYR N 102 -49.00 -9.07 16.53
C TYR N 102 -49.93 -9.99 15.77
N ASP N 103 -50.09 -11.16 16.33
CA ASP N 103 -50.92 -12.20 15.74
C ASP N 103 -51.93 -12.62 16.80
N ASP N 104 -53.13 -12.99 16.37
CA ASP N 104 -54.17 -13.40 17.31
C ASP N 104 -53.87 -14.73 18.01
N LYS N 105 -53.22 -15.66 17.29
CA LYS N 105 -52.89 -16.96 17.85
C LYS N 105 -51.55 -16.97 18.56
N ASN N 106 -50.56 -16.26 18.00
CA ASN N 106 -49.23 -16.22 18.60
C ASN N 106 -49.01 -15.01 19.50
N LYS N 107 -49.94 -14.08 19.46
CA LYS N 107 -49.83 -12.87 20.27
C LYS N 107 -48.66 -12.05 19.70
N GLY N 108 -47.64 -11.78 20.51
CA GLY N 108 -46.51 -10.99 20.04
C GLY N 108 -45.30 -11.81 19.64
N GLU N 109 -44.62 -11.39 18.57
CA GLU N 109 -43.43 -12.08 18.13
C GLU N 109 -42.33 -11.11 17.73
N VAL N 110 -41.10 -11.49 18.03
CA VAL N 110 -39.95 -10.66 17.68
C VAL N 110 -38.84 -11.47 17.02
N TYR N 111 -38.38 -10.97 15.88
CA TYR N 111 -37.31 -11.62 15.10
C TYR N 111 -36.22 -10.60 14.84
N THR N 112 -34.99 -10.91 15.26
CA THR N 112 -33.89 -10.01 15.01
C THR N 112 -33.03 -10.54 13.88
N ILE N 113 -32.72 -9.65 12.95
CA ILE N 113 -31.91 -9.99 11.80
C ILE N 113 -30.68 -9.09 11.81
N PRO N 114 -29.58 -9.60 12.39
CA PRO N 114 -28.30 -8.90 12.49
C PRO N 114 -27.61 -8.82 11.15
N LEU N 115 -26.45 -8.16 11.14
CA LEU N 115 -25.65 -7.97 9.94
C LEU N 115 -25.43 -9.18 9.02
N GLY N 116 -25.01 -10.31 9.54
CA GLY N 116 -24.79 -11.40 8.60
C GLY N 116 -25.98 -11.85 7.75
N GLY N 117 -27.19 -11.71 8.29
CA GLY N 117 -28.35 -12.17 7.56
C GLY N 117 -29.02 -13.35 8.23
N SER N 118 -28.59 -13.68 9.46
CA SER N 118 -29.22 -14.78 10.19
C SER N 118 -30.49 -14.23 10.86
N VAL N 119 -31.35 -15.13 11.31
CA VAL N 119 -32.58 -14.74 11.97
C VAL N 119 -32.62 -15.32 13.36
N HIS N 120 -33.19 -14.55 14.28
CA HIS N 120 -33.27 -15.00 15.66
C HIS N 120 -34.61 -14.57 16.26
N LYS N 121 -35.40 -15.54 16.68
CA LYS N 121 -36.70 -15.26 17.29
C LYS N 121 -36.45 -15.19 18.79
N LEU N 122 -36.83 -14.08 19.41
CA LEU N 122 -36.58 -13.89 20.83
C LEU N 122 -37.77 -13.21 21.51
N PRO N 123 -37.78 -13.17 22.86
CA PRO N 123 -38.81 -12.55 23.71
C PRO N 123 -38.76 -11.05 23.53
N TYR N 124 -37.55 -10.56 23.24
CA TYR N 124 -37.29 -9.14 23.00
C TYR N 124 -35.90 -9.07 22.40
N ALA N 125 -35.59 -7.95 21.77
CA ALA N 125 -34.27 -7.79 21.17
C ALA N 125 -33.95 -6.32 21.14
N ILE N 126 -32.64 -6.04 21.21
CA ILE N 126 -32.13 -4.69 21.16
C ILE N 126 -31.12 -4.63 20.02
N ALA N 127 -30.97 -3.46 19.41
CA ALA N 127 -30.00 -3.33 18.33
C ALA N 127 -29.62 -1.87 18.12
N GLY N 128 -28.61 -1.65 17.27
CA GLY N 128 -28.17 -0.29 17.02
C GLY N 128 -26.92 0.01 17.81
N SER N 129 -26.19 1.04 17.41
CA SER N 129 -24.97 1.43 18.09
C SER N 129 -25.22 1.65 19.59
N GLY N 130 -26.43 2.11 19.94
CA GLY N 130 -26.74 2.37 21.33
C GLY N 130 -27.04 1.12 22.13
N SER N 131 -27.39 0.04 21.46
CA SER N 131 -27.73 -1.18 22.18
C SER N 131 -26.65 -1.74 23.11
N THR N 132 -25.38 -1.62 22.72
CA THR N 132 -24.30 -2.16 23.54
C THR N 132 -24.33 -1.74 24.98
N PHE N 133 -24.66 -0.46 25.20
CA PHE N 133 -24.72 0.11 26.53
C PHE N 133 -25.84 -0.35 27.46
N ILE N 134 -26.86 -1.00 26.90
CA ILE N 134 -27.97 -1.47 27.70
C ILE N 134 -28.14 -2.99 27.72
N TYR N 135 -27.07 -3.73 27.43
CA TYR N 135 -27.19 -5.19 27.44
C TYR N 135 -27.44 -5.66 28.88
N GLY N 136 -26.64 -5.16 29.81
CA GLY N 136 -26.82 -5.52 31.20
C GLY N 136 -28.15 -5.02 31.76
N TYR N 137 -28.47 -3.76 31.52
CA TYR N 137 -29.71 -3.19 32.01
C TYR N 137 -30.91 -4.00 31.56
N CYS N 138 -31.02 -4.23 30.26
CA CYS N 138 -32.13 -4.98 29.71
C CYS N 138 -32.17 -6.43 30.17
N ASP N 139 -31.02 -7.05 30.33
CA ASP N 139 -31.02 -8.43 30.75
C ASP N 139 -31.52 -8.52 32.20
N LYS N 140 -31.24 -7.50 32.99
CA LYS N 140 -31.63 -7.47 34.39
C LYS N 140 -33.04 -6.95 34.63
N ASN N 141 -33.63 -6.28 33.66
CA ASN N 141 -34.97 -5.73 33.85
C ASN N 141 -36.08 -6.30 32.98
N PHE N 142 -35.76 -7.22 32.09
CA PHE N 142 -36.81 -7.78 31.26
C PHE N 142 -37.47 -8.96 31.98
N ARG N 143 -38.78 -9.07 31.79
CA ARG N 143 -39.60 -10.13 32.34
C ARG N 143 -40.60 -10.44 31.26
N GLU N 144 -40.97 -11.71 31.14
CA GLU N 144 -41.95 -12.07 30.14
C GLU N 144 -43.38 -11.71 30.58
N ASN N 145 -44.25 -11.52 29.61
CA ASN N 145 -45.64 -11.16 29.84
C ASN N 145 -45.90 -10.01 30.78
N MET N 146 -45.14 -8.93 30.62
CA MET N 146 -45.35 -7.75 31.44
C MET N 146 -46.63 -7.13 30.89
N SER N 147 -47.09 -6.05 31.52
CA SER N 147 -48.29 -5.40 31.04
C SER N 147 -47.90 -4.28 30.11
N LYS N 148 -48.87 -3.76 29.36
CA LYS N 148 -48.58 -2.67 28.45
C LYS N 148 -47.80 -1.55 29.15
N GLU N 149 -48.22 -1.19 30.35
CA GLU N 149 -47.55 -0.12 31.09
C GLU N 149 -46.12 -0.47 31.49
N GLU N 150 -45.92 -1.69 32.00
CA GLU N 150 -44.59 -2.13 32.41
C GLU N 150 -43.62 -2.18 31.24
N THR N 151 -44.12 -2.58 30.07
CA THR N 151 -43.33 -2.68 28.86
C THR N 151 -42.95 -1.30 28.36
N VAL N 152 -43.92 -0.38 28.29
CA VAL N 152 -43.63 0.98 27.85
C VAL N 152 -42.55 1.59 28.73
N ASP N 153 -42.59 1.27 30.03
CA ASP N 153 -41.60 1.79 30.98
C ASP N 153 -40.23 1.17 30.79
N PHE N 154 -40.21 -0.13 30.52
CA PHE N 154 -38.97 -0.86 30.29
C PHE N 154 -38.26 -0.26 29.07
N ILE N 155 -39.02 -0.07 28.00
CA ILE N 155 -38.49 0.49 26.77
C ILE N 155 -38.09 1.95 26.95
N LYS N 156 -38.87 2.71 27.71
CA LYS N 156 -38.57 4.12 27.93
C LYS N 156 -37.28 4.25 28.73
N HIS N 157 -37.12 3.42 29.74
CA HIS N 157 -35.91 3.44 30.57
C HIS N 157 -34.70 2.97 29.79
N SER N 158 -34.82 1.81 29.15
CA SER N 158 -33.73 1.22 28.38
C SER N 158 -33.20 2.18 27.32
N LEU N 159 -34.10 2.72 26.52
CA LEU N 159 -33.70 3.64 25.47
C LEU N 159 -33.20 4.98 25.98
N SER N 160 -33.64 5.42 27.15
CA SER N 160 -33.13 6.69 27.63
C SER N 160 -31.66 6.50 28.00
N GLN N 161 -31.33 5.33 28.53
CA GLN N 161 -29.94 5.04 28.88
C GLN N 161 -29.09 4.92 27.59
N ALA N 162 -29.64 4.24 26.58
CA ALA N 162 -28.94 4.08 25.31
C ALA N 162 -28.65 5.45 24.72
N ILE N 163 -29.65 6.33 24.73
CA ILE N 163 -29.52 7.67 24.21
C ILE N 163 -28.50 8.46 25.04
N LYS N 164 -28.47 8.19 26.34
CA LYS N 164 -27.57 8.89 27.24
C LYS N 164 -26.09 8.64 26.93
N TRP N 165 -25.75 7.41 26.61
CA TRP N 165 -24.36 7.08 26.36
C TRP N 165 -23.88 7.07 24.92
N ASP N 166 -24.80 6.84 23.98
CA ASP N 166 -24.45 6.79 22.57
C ASP N 166 -24.69 8.10 21.81
N GLY N 167 -23.62 8.68 21.29
CA GLY N 167 -23.74 9.91 20.54
C GLY N 167 -24.52 9.72 19.25
N SER N 168 -24.65 8.48 18.79
CA SER N 168 -25.39 8.25 17.56
C SER N 168 -26.87 8.09 17.83
N SER N 169 -27.27 8.18 19.09
CA SER N 169 -28.67 8.06 19.47
C SER N 169 -29.15 9.33 20.14
N GLY N 170 -30.45 9.60 20.07
CA GLY N 170 -30.99 10.81 20.68
C GLY N 170 -32.28 11.32 20.08
N GLY N 171 -32.69 12.52 20.49
CA GLY N 171 -33.92 13.12 19.99
C GLY N 171 -35.09 12.64 20.84
N VAL N 172 -36.19 12.25 20.19
CA VAL N 172 -37.34 11.75 20.94
C VAL N 172 -37.33 10.22 20.89
N ILE N 173 -38.10 9.59 21.77
CA ILE N 173 -38.23 8.14 21.78
C ILE N 173 -39.59 7.83 21.17
N ARG N 174 -39.60 7.01 20.11
CA ARG N 174 -40.84 6.64 19.47
C ARG N 174 -41.20 5.19 19.81
N MET N 175 -42.49 4.91 19.93
CA MET N 175 -42.95 3.56 20.22
C MET N 175 -44.16 3.26 19.39
N VAL N 176 -44.37 1.98 19.13
CA VAL N 176 -45.51 1.51 18.37
C VAL N 176 -46.02 0.29 19.11
N VAL N 177 -47.27 0.37 19.57
CA VAL N 177 -47.86 -0.75 20.29
C VAL N 177 -48.71 -1.56 19.33
N LEU N 178 -48.52 -2.88 19.36
CA LEU N 178 -49.25 -3.77 18.50
C LEU N 178 -49.97 -4.80 19.35
N THR N 179 -51.30 -4.75 19.30
CA THR N 179 -52.14 -5.68 20.07
C THR N 179 -53.40 -5.96 19.29
N ALA N 180 -54.26 -6.80 19.86
CA ALA N 180 -55.51 -7.12 19.20
C ALA N 180 -56.34 -5.83 19.09
N ALA N 181 -56.05 -4.87 19.96
CA ALA N 181 -56.77 -3.60 19.96
C ALA N 181 -56.41 -2.68 18.80
N GLY N 182 -55.33 -2.95 18.11
CA GLY N 182 -54.95 -2.08 17.01
C GLY N 182 -53.51 -1.61 17.06
N VAL N 183 -53.29 -0.40 16.54
CA VAL N 183 -51.95 0.17 16.47
C VAL N 183 -51.88 1.54 17.14
N GLU N 184 -51.07 1.65 18.18
CA GLU N 184 -50.91 2.90 18.89
C GLU N 184 -49.48 3.46 18.79
N ARG N 185 -49.39 4.71 18.37
CA ARG N 185 -48.11 5.41 18.24
C ARG N 185 -47.88 6.18 19.52
N LEU N 186 -46.65 6.11 20.05
CA LEU N 186 -46.30 6.83 21.25
C LEU N 186 -45.04 7.64 20.98
N ILE N 187 -44.92 8.78 21.65
CA ILE N 187 -43.77 9.63 21.48
C ILE N 187 -43.45 10.18 22.87
N PHE N 188 -42.17 10.22 23.22
CA PHE N 188 -41.75 10.75 24.51
C PHE N 188 -40.66 11.77 24.25
N TYR N 189 -40.65 12.87 24.99
CA TYR N 189 -39.66 13.91 24.76
C TYR N 189 -38.51 13.93 25.76
N PRO N 190 -37.39 14.57 25.39
CA PRO N 190 -36.21 14.65 26.25
C PRO N 190 -36.52 15.04 27.69
N ASP N 191 -37.28 16.12 27.87
CA ASP N 191 -37.61 16.57 29.21
C ASP N 191 -38.22 15.45 30.04
N GLU N 192 -38.91 14.54 29.40
CA GLU N 192 -39.51 13.46 30.16
C GLU N 192 -38.57 12.30 30.46
N TYR N 193 -37.95 11.72 29.44
CA TYR N 193 -37.09 10.57 29.65
C TYR N 193 -35.67 10.82 30.17
N GLU N 194 -35.11 12.00 29.90
CA GLU N 194 -33.76 12.30 30.37
C GLU N 194 -33.64 12.19 31.88
N GLN N 195 -34.68 12.60 32.58
CA GLN N 195 -34.67 12.56 34.03
C GLN N 195 -35.31 11.31 34.64
N LEU N 196 -35.08 10.16 34.02
CA LEU N 196 -35.64 8.91 34.52
C LEU N 196 -34.58 8.20 35.34
N MET O 1 30.84 21.28 40.81
CA MET O 1 30.84 19.79 40.83
C MET O 1 31.75 19.30 39.71
N THR O 2 31.40 18.13 39.16
CA THR O 2 32.15 17.49 38.09
C THR O 2 33.61 17.34 38.47
N ASP O 3 34.01 16.08 38.60
CA ASP O 3 35.37 15.73 38.95
C ASP O 3 36.32 16.52 38.04
N ARG O 4 37.05 17.45 38.62
CA ARG O 4 38.00 18.26 37.85
C ARG O 4 39.41 17.75 38.13
N TYR O 5 39.48 16.54 38.68
CA TYR O 5 40.74 15.88 38.98
C TYR O 5 41.00 14.89 37.86
N SER O 6 41.22 15.43 36.67
CA SER O 6 41.48 14.62 35.49
C SER O 6 42.96 14.33 35.29
N PHE O 7 43.78 14.74 36.26
CA PHE O 7 45.21 14.52 36.20
C PHE O 7 45.64 13.43 37.19
N SER O 8 46.81 12.84 36.96
CA SER O 8 47.29 11.78 37.82
C SER O 8 47.65 12.23 39.24
N LEU O 9 47.29 11.41 40.21
CA LEU O 9 47.61 11.73 41.60
C LEU O 9 48.87 10.96 42.02
N THR O 10 49.33 10.10 41.11
CA THR O 10 50.54 9.32 41.34
C THR O 10 51.49 9.73 40.21
N THR O 11 52.63 10.31 40.55
CA THR O 11 53.58 10.71 39.53
C THR O 11 54.98 10.27 39.93
N PHE O 12 55.95 10.44 39.04
CA PHE O 12 57.33 10.04 39.33
C PHE O 12 58.05 11.13 40.10
N SER O 13 58.82 10.74 41.11
CA SER O 13 59.59 11.70 41.88
C SER O 13 60.95 11.75 41.21
N PRO O 14 61.77 12.75 41.53
CA PRO O 14 63.09 12.80 40.89
C PRO O 14 63.89 11.52 41.08
N SER O 15 63.69 10.83 42.19
CA SER O 15 64.44 9.60 42.42
C SER O 15 63.93 8.44 41.56
N GLY O 16 62.79 8.65 40.90
CA GLY O 16 62.22 7.62 40.05
C GLY O 16 61.18 6.78 40.76
N LYS O 17 60.82 7.18 41.98
CA LYS O 17 59.83 6.45 42.75
C LYS O 17 58.41 6.97 42.47
N LEU O 18 57.44 6.11 42.71
CA LEU O 18 56.03 6.47 42.57
C LEU O 18 55.53 6.39 44.02
N GLY O 19 55.61 7.54 44.69
CA GLY O 19 55.23 7.65 46.09
C GLY O 19 53.94 6.99 46.52
N GLN O 20 52.84 7.36 45.88
CA GLN O 20 51.55 6.83 46.23
C GLN O 20 51.54 5.32 46.30
N ILE O 21 52.25 4.66 45.38
CA ILE O 21 52.28 3.22 45.38
C ILE O 21 53.15 2.69 46.53
N ASP O 22 54.26 3.37 46.80
CA ASP O 22 55.12 2.96 47.90
C ASP O 22 54.30 3.05 49.18
N TYR O 23 53.61 4.19 49.36
CA TYR O 23 52.79 4.41 50.53
C TYR O 23 51.71 3.34 50.66
N ALA O 24 51.12 2.99 49.52
CA ALA O 24 50.09 1.95 49.53
C ALA O 24 50.73 0.67 50.06
N LEU O 25 51.93 0.37 49.58
CA LEU O 25 52.66 -0.81 50.02
C LEU O 25 52.87 -0.76 51.53
N THR O 26 53.18 0.43 52.03
CA THR O 26 53.39 0.64 53.46
C THR O 26 52.13 0.27 54.23
N ALA O 27 50.98 0.72 53.74
CA ALA O 27 49.71 0.41 54.38
C ALA O 27 49.51 -1.10 54.40
N VAL O 28 49.97 -1.78 53.35
CA VAL O 28 49.82 -3.24 53.28
C VAL O 28 50.65 -3.89 54.39
N LYS O 29 51.85 -3.37 54.59
CA LYS O 29 52.76 -3.89 55.62
C LYS O 29 52.11 -3.84 57.00
N GLN O 30 51.37 -2.78 57.28
CA GLN O 30 50.70 -2.60 58.57
C GLN O 30 49.49 -3.53 58.74
N GLY O 31 49.00 -4.09 57.65
CA GLY O 31 47.84 -4.95 57.73
C GLY O 31 48.06 -6.31 58.38
N VAL O 32 46.98 -6.94 58.80
CA VAL O 32 47.06 -8.26 59.42
C VAL O 32 47.62 -9.28 58.45
N THR O 33 48.47 -10.16 58.96
CA THR O 33 49.10 -11.20 58.16
C THR O 33 48.10 -12.11 57.45
N SER O 34 48.44 -12.51 56.23
CA SER O 34 47.64 -13.45 55.44
C SER O 34 48.68 -14.25 54.63
N LEU O 35 48.38 -15.51 54.35
CA LEU O 35 49.33 -16.35 53.63
C LEU O 35 48.71 -17.35 52.69
N GLY O 36 49.54 -17.91 51.81
CA GLY O 36 49.07 -18.90 50.85
C GLY O 36 50.08 -20.01 50.66
N ILE O 37 49.57 -21.24 50.60
CA ILE O 37 50.44 -22.40 50.43
C ILE O 37 49.85 -23.35 49.40
N LYS O 38 50.65 -23.65 48.37
CA LYS O 38 50.22 -24.54 47.31
C LYS O 38 50.74 -25.96 47.56
N ALA O 39 49.83 -26.94 47.52
CA ALA O 39 50.19 -28.35 47.71
C ALA O 39 50.10 -29.02 46.34
N THR O 40 50.35 -30.34 46.27
CA THR O 40 50.29 -31.04 45.00
C THR O 40 48.85 -31.27 44.57
N ASN O 41 47.93 -31.29 45.54
CA ASN O 41 46.54 -31.52 45.23
C ASN O 41 45.63 -30.47 45.86
N GLY O 42 46.09 -29.23 45.86
CA GLY O 42 45.29 -28.16 46.42
C GLY O 42 46.07 -26.93 46.81
N VAL O 43 45.36 -25.90 47.26
CA VAL O 43 45.99 -24.68 47.71
C VAL O 43 45.26 -24.23 48.96
N VAL O 44 45.94 -23.54 49.84
CA VAL O 44 45.30 -23.06 51.06
C VAL O 44 45.69 -21.60 51.28
N ILE O 45 44.71 -20.80 51.64
CA ILE O 45 44.93 -19.38 51.92
C ILE O 45 44.27 -19.12 53.27
N ALA O 46 44.94 -18.38 54.13
CA ALA O 46 44.38 -18.09 55.44
C ALA O 46 44.84 -16.76 55.98
N THR O 47 44.15 -16.31 57.01
CA THR O 47 44.45 -15.03 57.65
C THR O 47 43.80 -15.01 59.01
N GLU O 48 44.15 -14.01 59.81
CA GLU O 48 43.60 -13.86 61.14
C GLU O 48 42.42 -12.90 61.09
N LYS O 49 41.34 -13.22 61.79
CA LYS O 49 40.17 -12.35 61.83
C LYS O 49 40.32 -11.42 63.03
N LYS O 50 41.04 -10.32 62.81
CA LYS O 50 41.31 -9.30 63.82
C LYS O 50 40.05 -8.50 64.21
N SER O 51 39.20 -9.11 65.03
CA SER O 51 37.97 -8.46 65.48
C SER O 51 38.27 -7.08 66.09
N SER O 52 37.60 -6.04 65.61
CA SER O 52 37.83 -4.68 66.12
C SER O 52 36.84 -4.20 67.19
N SER O 53 36.37 -5.16 68.00
CA SER O 53 35.43 -4.91 69.09
C SER O 53 34.81 -6.27 69.41
N PRO O 54 34.77 -6.63 70.69
CA PRO O 54 34.20 -7.92 71.10
C PRO O 54 32.70 -7.97 70.84
N LEU O 55 32.12 -6.79 70.60
CA LEU O 55 30.69 -6.69 70.33
C LEU O 55 30.42 -6.97 68.86
N ALA O 56 31.47 -6.90 68.04
CA ALA O 56 31.35 -7.15 66.61
C ALA O 56 31.32 -8.65 66.35
N MET O 57 30.49 -9.07 65.43
CA MET O 57 30.39 -10.49 65.08
C MET O 57 31.25 -10.73 63.85
N SER O 58 32.45 -11.25 64.09
CA SER O 58 33.43 -11.51 63.04
C SER O 58 32.96 -12.38 61.88
N GLU O 59 31.90 -13.15 62.07
CA GLU O 59 31.41 -14.00 61.00
C GLU O 59 30.76 -13.14 59.92
N THR O 60 30.19 -12.00 60.31
CA THR O 60 29.55 -11.10 59.36
C THR O 60 30.54 -10.52 58.37
N LEU O 61 31.82 -10.76 58.60
CA LEU O 61 32.84 -10.23 57.71
C LEU O 61 33.74 -11.36 57.23
N SER O 62 34.05 -11.37 55.93
CA SER O 62 34.91 -12.40 55.38
C SER O 62 36.10 -11.84 54.63
N LYS O 63 37.30 -12.18 55.11
CA LYS O 63 38.54 -11.73 54.51
C LYS O 63 38.93 -12.67 53.38
N VAL O 64 38.36 -13.87 53.41
CA VAL O 64 38.60 -14.89 52.39
C VAL O 64 37.34 -14.94 51.53
N SER O 65 37.47 -14.54 50.27
CA SER O 65 36.32 -14.49 49.38
C SER O 65 36.38 -15.39 48.16
N LEU O 66 35.22 -15.93 47.77
CA LEU O 66 35.14 -16.78 46.59
C LEU O 66 34.95 -15.85 45.38
N LEU O 67 35.81 -15.98 44.36
CA LEU O 67 35.68 -15.17 43.16
C LEU O 67 34.92 -15.99 42.10
N THR O 68 35.33 -17.24 41.91
CA THR O 68 34.66 -18.15 40.99
C THR O 68 34.61 -19.46 41.77
N PRO O 69 33.81 -20.43 41.33
CA PRO O 69 33.81 -21.67 42.12
C PRO O 69 35.16 -22.40 42.29
N ASP O 70 36.19 -21.95 41.56
CA ASP O 70 37.51 -22.57 41.69
C ASP O 70 38.59 -21.54 42.03
N ILE O 71 38.19 -20.33 42.43
CA ILE O 71 39.16 -19.30 42.76
C ILE O 71 38.75 -18.50 44.00
N GLY O 72 39.71 -18.32 44.90
CA GLY O 72 39.45 -17.58 46.13
C GLY O 72 40.50 -16.51 46.34
N ALA O 73 40.19 -15.54 47.20
CA ALA O 73 41.11 -14.46 47.50
C ALA O 73 41.13 -14.10 48.98
N VAL O 74 42.27 -13.55 49.41
CA VAL O 74 42.47 -13.12 50.78
C VAL O 74 43.38 -11.91 50.61
N TYR O 75 43.56 -11.10 51.66
CA TYR O 75 44.37 -9.89 51.50
C TYR O 75 45.04 -9.42 52.79
N SER O 76 45.71 -8.28 52.66
CA SER O 76 46.38 -7.62 53.76
C SER O 76 46.43 -6.14 53.39
N GLY O 77 45.95 -5.29 54.29
CA GLY O 77 45.93 -3.87 54.02
C GLY O 77 44.56 -3.30 54.36
N MET O 78 44.06 -2.42 53.50
CA MET O 78 42.77 -1.79 53.72
C MET O 78 41.56 -2.62 53.32
N GLY O 79 40.89 -3.20 54.31
CA GLY O 79 39.71 -4.03 54.07
C GLY O 79 38.66 -3.41 53.15
N PRO O 80 38.31 -2.14 53.33
CA PRO O 80 37.30 -1.59 52.43
C PRO O 80 37.71 -1.62 50.96
N ASP O 81 39.00 -1.37 50.69
CA ASP O 81 39.46 -1.40 49.29
C ASP O 81 39.29 -2.83 48.76
N TYR O 82 39.71 -3.80 49.56
CA TYR O 82 39.60 -5.21 49.20
C TYR O 82 38.17 -5.61 48.87
N ARG O 83 37.24 -5.17 49.72
CA ARG O 83 35.84 -5.48 49.53
C ARG O 83 35.37 -5.06 48.14
N VAL O 84 35.58 -3.80 47.76
CA VAL O 84 35.13 -3.39 46.44
C VAL O 84 35.92 -4.13 45.35
N LEU O 85 37.18 -4.45 45.62
CA LEU O 85 37.99 -5.18 44.63
C LEU O 85 37.38 -6.56 44.40
N VAL O 86 36.77 -7.14 45.42
CA VAL O 86 36.14 -8.45 45.28
C VAL O 86 34.92 -8.37 44.39
N ASP O 87 34.10 -7.33 44.59
CA ASP O 87 32.91 -7.15 43.78
C ASP O 87 33.30 -6.95 42.31
N LYS O 88 34.32 -6.14 42.05
CA LYS O 88 34.75 -5.92 40.68
C LYS O 88 35.31 -7.21 40.08
N SER O 89 36.05 -7.97 40.87
CA SER O 89 36.65 -9.20 40.38
C SER O 89 35.63 -10.25 40.02
N ARG O 90 34.56 -10.34 40.80
CA ARG O 90 33.52 -11.32 40.53
C ARG O 90 32.79 -10.93 39.25
N LYS O 91 32.60 -9.62 39.09
CA LYS O 91 31.90 -9.12 37.94
C LYS O 91 32.71 -9.28 36.66
N VAL O 92 34.00 -8.91 36.72
CA VAL O 92 34.85 -9.01 35.54
C VAL O 92 35.04 -10.45 35.06
N ALA O 93 34.95 -11.40 35.98
CA ALA O 93 35.12 -12.80 35.59
C ALA O 93 33.95 -13.14 34.68
N HIS O 94 32.84 -12.44 34.88
CA HIS O 94 31.63 -12.65 34.08
C HIS O 94 31.65 -11.83 32.79
N THR O 95 31.66 -10.51 32.93
CA THR O 95 31.63 -9.61 31.77
C THR O 95 32.75 -9.82 30.77
N SER O 96 33.90 -10.26 31.24
CA SER O 96 35.02 -10.43 30.34
C SER O 96 35.41 -11.87 30.06
N TYR O 97 34.61 -12.82 30.50
CA TYR O 97 34.97 -14.20 30.24
C TYR O 97 33.80 -15.17 30.19
N LYS O 98 33.08 -15.36 31.30
CA LYS O 98 31.98 -16.30 31.26
C LYS O 98 30.95 -15.96 30.21
N ARG O 99 30.67 -14.67 30.03
CA ARG O 99 29.68 -14.25 29.03
C ARG O 99 30.18 -14.44 27.60
N ILE O 100 31.48 -14.65 27.43
CA ILE O 100 32.02 -14.86 26.10
C ILE O 100 32.19 -16.34 25.77
N TYR O 101 32.87 -17.08 26.64
CA TYR O 101 33.14 -18.49 26.40
C TYR O 101 32.28 -19.46 27.17
N GLY O 102 31.38 -18.94 27.99
CA GLY O 102 30.51 -19.81 28.74
C GLY O 102 31.22 -20.70 29.75
N GLU O 103 32.34 -20.22 30.27
CA GLU O 103 33.08 -20.97 31.27
C GLU O 103 33.87 -19.94 32.08
N TYR O 104 34.15 -20.28 33.34
CA TYR O 104 34.88 -19.36 34.21
C TYR O 104 36.31 -19.23 33.73
N PRO O 105 36.93 -18.07 33.96
CA PRO O 105 38.32 -17.84 33.53
C PRO O 105 39.34 -18.63 34.34
N PRO O 106 40.49 -18.94 33.73
CA PRO O 106 41.54 -19.68 34.43
C PRO O 106 42.14 -18.71 35.45
N THR O 107 42.70 -19.25 36.53
CA THR O 107 43.28 -18.42 37.59
C THR O 107 44.17 -17.25 37.15
N LYS O 108 45.18 -17.53 36.32
CA LYS O 108 46.07 -16.47 35.87
C LYS O 108 45.40 -15.30 35.17
N LEU O 109 44.38 -15.59 34.37
CA LEU O 109 43.69 -14.52 33.65
C LEU O 109 42.85 -13.61 34.52
N LEU O 110 42.09 -14.18 35.46
CA LEU O 110 41.27 -13.37 36.36
C LEU O 110 42.24 -12.51 37.14
N VAL O 111 43.33 -13.12 37.60
CA VAL O 111 44.34 -12.38 38.34
C VAL O 111 44.84 -11.24 37.49
N SER O 112 44.93 -11.52 36.19
CA SER O 112 45.39 -10.54 35.23
C SER O 112 44.39 -9.36 35.15
N GLU O 113 43.10 -9.68 35.18
CA GLU O 113 42.07 -8.65 35.12
C GLU O 113 42.10 -7.77 36.38
N VAL O 114 42.15 -8.42 37.56
CA VAL O 114 42.22 -7.72 38.84
C VAL O 114 43.40 -6.78 38.84
N ALA O 115 44.55 -7.35 38.47
CA ALA O 115 45.80 -6.61 38.41
C ALA O 115 45.66 -5.38 37.54
N LYS O 116 44.96 -5.52 36.42
CA LYS O 116 44.78 -4.38 35.54
C LYS O 116 43.99 -3.28 36.24
N ILE O 117 42.94 -3.69 36.96
CA ILE O 117 42.10 -2.75 37.69
C ILE O 117 42.95 -1.92 38.64
N MET O 118 43.90 -2.59 39.29
CA MET O 118 44.77 -1.91 40.22
C MET O 118 45.75 -1.00 39.51
N GLN O 119 46.26 -1.42 38.36
CA GLN O 119 47.21 -0.59 37.64
C GLN O 119 46.55 0.72 37.22
N GLU O 120 45.30 0.64 36.82
CA GLU O 120 44.59 1.84 36.40
C GLU O 120 44.45 2.88 37.52
N ALA O 121 44.28 2.41 38.75
CA ALA O 121 44.15 3.29 39.91
C ALA O 121 45.49 3.91 40.26
N THR O 122 46.49 3.57 39.46
CA THR O 122 47.86 4.05 39.64
C THR O 122 48.21 5.13 38.62
N GLN O 123 47.35 5.28 37.61
CA GLN O 123 47.63 6.21 36.53
C GLN O 123 46.44 7.09 36.13
N SER O 124 45.23 6.56 36.26
CA SER O 124 44.04 7.33 35.91
C SER O 124 43.97 8.62 36.69
N GLY O 125 43.19 9.57 36.20
CA GLY O 125 43.07 10.84 36.90
C GLY O 125 42.20 10.77 38.14
N GLY O 126 42.52 11.64 39.10
CA GLY O 126 41.74 11.74 40.33
C GLY O 126 41.63 10.60 41.34
N VAL O 127 42.48 9.59 41.25
CA VAL O 127 42.39 8.50 42.22
C VAL O 127 43.70 8.15 42.88
N ARG O 128 43.62 7.37 43.94
CA ARG O 128 44.79 6.90 44.67
C ARG O 128 44.82 5.41 44.41
N PRO O 129 45.98 4.77 44.60
CA PRO O 129 46.10 3.33 44.36
C PRO O 129 45.36 2.61 45.48
N PHE O 130 45.01 1.36 45.24
CA PHE O 130 44.34 0.55 46.26
C PHE O 130 45.39 0.20 47.32
N GLY O 131 45.01 0.31 48.59
CA GLY O 131 45.94 -0.01 49.67
C GLY O 131 45.90 -1.48 50.08
N VAL O 132 45.99 -2.39 49.12
CA VAL O 132 45.97 -3.80 49.47
C VAL O 132 46.82 -4.68 48.55
N SER O 133 47.15 -5.86 49.06
CA SER O 133 47.89 -6.87 48.30
C SER O 133 46.98 -8.07 48.41
N LEU O 134 46.86 -8.79 47.32
CA LEU O 134 45.98 -9.95 47.32
C LEU O 134 46.72 -11.25 47.11
N LEU O 135 46.12 -12.31 47.62
CA LEU O 135 46.63 -13.65 47.45
C LEU O 135 45.46 -14.40 46.85
N ILE O 136 45.61 -14.80 45.59
CA ILE O 136 44.55 -15.50 44.88
C ILE O 136 44.99 -16.92 44.55
N ALA O 137 44.17 -17.88 44.94
CA ALA O 137 44.46 -19.28 44.69
C ALA O 137 43.30 -19.91 43.95
N GLY O 138 43.63 -20.74 42.96
CA GLY O 138 42.59 -21.39 42.20
C GLY O 138 43.07 -22.60 41.42
N HIS O 139 42.16 -23.17 40.65
CA HIS O 139 42.43 -24.33 39.82
C HIS O 139 41.66 -24.20 38.51
N ASP O 140 42.24 -24.71 37.44
CA ASP O 140 41.59 -24.71 36.15
C ASP O 140 42.16 -25.89 35.40
N GLU O 141 41.31 -26.54 34.61
CA GLU O 141 41.68 -27.73 33.87
C GLU O 141 43.06 -27.80 33.22
N PHE O 142 43.44 -26.76 32.49
CA PHE O 142 44.72 -26.80 31.80
C PHE O 142 45.92 -26.22 32.55
N ASN O 143 45.73 -25.80 33.79
CA ASN O 143 46.82 -25.22 34.56
C ASN O 143 46.93 -25.79 35.96
N GLY O 144 45.96 -26.60 36.37
CA GLY O 144 45.99 -27.18 37.70
C GLY O 144 45.83 -26.13 38.79
N PHE O 145 46.59 -26.26 39.86
CA PHE O 145 46.50 -25.33 40.97
C PHE O 145 47.52 -24.23 40.81
N SER O 146 47.19 -23.05 41.30
CA SER O 146 48.09 -21.92 41.24
C SER O 146 47.83 -20.94 42.39
N LEU O 147 48.83 -20.13 42.71
CA LEU O 147 48.74 -19.15 43.77
C LEU O 147 49.42 -17.88 43.28
N TYR O 148 48.73 -16.74 43.42
CA TYR O 148 49.27 -15.47 42.95
C TYR O 148 49.18 -14.37 43.97
N GLN O 149 50.07 -13.40 43.82
CA GLN O 149 50.09 -12.24 44.69
C GLN O 149 49.95 -11.03 43.80
N VAL O 150 49.09 -10.08 44.20
CA VAL O 150 48.88 -8.87 43.43
C VAL O 150 49.09 -7.66 44.33
N ASP O 151 50.02 -6.81 43.96
CA ASP O 151 50.36 -5.62 44.74
C ASP O 151 49.68 -4.37 44.20
N PRO O 152 49.65 -3.31 45.01
CA PRO O 152 49.03 -2.02 44.66
C PRO O 152 49.51 -1.43 43.34
N SER O 153 50.67 -1.88 42.88
CA SER O 153 51.22 -1.36 41.63
C SER O 153 50.53 -2.00 40.45
N GLY O 154 49.97 -3.18 40.69
CA GLY O 154 49.29 -3.89 39.62
C GLY O 154 50.13 -5.09 39.24
N SER O 155 51.29 -5.22 39.85
CA SER O 155 52.20 -6.33 39.58
C SER O 155 51.69 -7.57 40.27
N TYR O 156 51.94 -8.74 39.66
CA TYR O 156 51.54 -9.99 40.27
C TYR O 156 52.57 -11.07 39.96
N PHE O 157 52.70 -12.04 40.86
CA PHE O 157 53.66 -13.11 40.69
C PHE O 157 53.10 -14.41 41.22
N PRO O 158 53.56 -15.54 40.66
CA PRO O 158 53.13 -16.88 41.06
C PRO O 158 54.00 -17.36 42.22
N TRP O 159 53.39 -18.04 43.19
CA TRP O 159 54.12 -18.54 44.36
C TRP O 159 53.86 -20.01 44.69
N LYS O 160 54.80 -20.61 45.40
CA LYS O 160 54.64 -21.98 45.86
C LYS O 160 54.00 -21.80 47.23
N ALA O 161 54.47 -20.75 47.92
CA ALA O 161 53.97 -20.38 49.25
C ALA O 161 54.48 -18.97 49.56
N THR O 162 53.74 -18.24 50.39
CA THR O 162 54.15 -16.90 50.77
C THR O 162 53.20 -16.27 51.77
N ALA O 163 53.58 -15.09 52.25
CA ALA O 163 52.75 -14.35 53.21
C ALA O 163 52.97 -12.87 52.98
N ILE O 164 51.97 -12.07 53.34
CA ILE O 164 52.04 -10.62 53.20
C ILE O 164 51.47 -10.02 54.46
N GLY O 165 51.76 -8.73 54.66
CA GLY O 165 51.26 -8.05 55.85
C GLY O 165 52.26 -7.96 56.99
N LYS O 166 51.72 -7.67 58.18
CA LYS O 166 52.47 -7.51 59.42
C LYS O 166 53.75 -8.36 59.60
N GLY O 167 53.59 -9.66 59.80
CA GLY O 167 54.75 -10.50 60.02
C GLY O 167 55.12 -11.38 58.84
N SER O 168 55.12 -10.78 57.65
CA SER O 168 55.44 -11.51 56.44
C SER O 168 56.88 -12.02 56.38
N VAL O 169 57.83 -11.19 56.80
CA VAL O 169 59.23 -11.60 56.76
C VAL O 169 59.43 -12.91 57.54
N ALA O 170 59.00 -12.91 58.79
CA ALA O 170 59.12 -14.09 59.64
C ALA O 170 58.35 -15.26 59.06
N ALA O 171 57.11 -15.01 58.68
CA ALA O 171 56.26 -16.05 58.11
C ALA O 171 56.87 -16.66 56.85
N LYS O 172 57.39 -15.82 55.96
CA LYS O 172 57.99 -16.33 54.73
C LYS O 172 59.17 -17.24 55.06
N THR O 173 60.04 -16.79 55.94
CA THR O 173 61.19 -17.57 56.34
C THR O 173 60.74 -18.94 56.86
N PHE O 174 59.66 -18.94 57.64
CA PHE O 174 59.17 -20.20 58.18
C PHE O 174 58.60 -21.13 57.11
N LEU O 175 57.94 -20.54 56.11
CA LEU O 175 57.37 -21.34 55.03
C LEU O 175 58.46 -21.95 54.16
N GLU O 176 59.54 -21.21 53.95
CA GLU O 176 60.64 -21.71 53.14
C GLU O 176 61.22 -22.99 53.74
N LYS O 177 61.27 -23.05 55.08
CA LYS O 177 61.81 -24.21 55.75
C LYS O 177 60.90 -25.44 55.70
N ARG O 178 59.60 -25.22 55.71
CA ARG O 178 58.66 -26.34 55.71
C ARG O 178 58.10 -26.77 54.35
N TRP O 179 58.18 -25.91 53.35
CA TRP O 179 57.63 -26.25 52.03
C TRP O 179 58.50 -27.16 51.18
N ASN O 180 57.84 -28.05 50.43
CA ASN O 180 58.52 -28.95 49.52
C ASN O 180 57.50 -29.31 48.44
N ASP O 181 57.98 -29.70 47.27
CA ASP O 181 57.11 -30.03 46.16
C ASP O 181 56.37 -31.38 46.29
N GLU O 182 56.20 -31.85 47.51
CA GLU O 182 55.49 -33.12 47.73
C GLU O 182 54.38 -33.02 48.77
N LEU O 183 54.12 -31.81 49.24
CA LEU O 183 53.07 -31.59 50.23
C LEU O 183 51.69 -31.94 49.72
N GLU O 184 50.90 -32.58 50.58
CA GLU O 184 49.54 -32.93 50.25
C GLU O 184 48.75 -31.74 50.81
N LEU O 185 47.48 -31.60 50.46
CA LEU O 185 46.71 -30.46 50.96
C LEU O 185 46.69 -30.40 52.49
N GLU O 186 46.37 -31.52 53.13
CA GLU O 186 46.31 -31.56 54.60
C GLU O 186 47.61 -31.09 55.21
N ASP O 187 48.72 -31.39 54.54
CA ASP O 187 50.04 -30.98 55.02
C ASP O 187 50.12 -29.46 54.95
N ALA O 188 49.77 -28.91 53.79
CA ALA O 188 49.80 -27.47 53.58
C ALA O 188 48.91 -26.75 54.60
N ILE O 189 47.74 -27.33 54.87
CA ILE O 189 46.81 -26.75 55.84
C ILE O 189 47.45 -26.72 57.23
N HIS O 190 48.04 -27.84 57.62
CA HIS O 190 48.72 -27.96 58.90
C HIS O 190 49.81 -26.90 58.97
N ILE O 191 50.67 -26.86 57.94
CA ILE O 191 51.77 -25.89 57.87
C ILE O 191 51.22 -24.47 57.98
N ALA O 192 50.09 -24.23 57.32
CA ALA O 192 49.45 -22.91 57.32
C ALA O 192 49.07 -22.52 58.75
N LEU O 193 48.40 -23.43 59.45
CA LEU O 193 47.99 -23.14 60.83
C LEU O 193 49.19 -22.86 61.72
N LEU O 194 50.27 -23.60 61.51
CA LEU O 194 51.48 -23.41 62.30
C LEU O 194 52.04 -22.03 62.02
N THR O 195 52.16 -21.69 60.75
CA THR O 195 52.71 -20.39 60.35
C THR O 195 51.93 -19.22 60.91
N LEU O 196 50.61 -19.39 60.95
CA LEU O 196 49.75 -18.33 61.44
C LEU O 196 49.84 -18.15 62.95
N LYS O 197 50.11 -19.24 63.67
CA LYS O 197 50.21 -19.19 65.12
C LYS O 197 51.26 -18.18 65.60
N GLU O 198 52.40 -18.13 64.92
CA GLU O 198 53.46 -17.20 65.30
C GLU O 198 52.99 -15.75 65.19
N SER O 199 52.21 -15.46 64.15
CA SER O 199 51.70 -14.11 63.90
C SER O 199 50.48 -13.71 64.74
N VAL O 200 49.91 -14.63 65.50
CA VAL O 200 48.74 -14.33 66.31
C VAL O 200 49.10 -14.06 67.77
N GLU O 201 48.69 -12.89 68.26
CA GLU O 201 48.96 -12.48 69.63
C GLU O 201 48.06 -13.17 70.65
N GLY O 202 46.77 -12.84 70.61
CA GLY O 202 45.83 -13.40 71.56
C GLY O 202 45.28 -14.79 71.26
N GLU O 203 43.95 -14.89 71.22
CA GLU O 203 43.29 -16.14 70.94
C GLU O 203 43.63 -16.66 69.56
N PHE O 204 43.63 -17.99 69.43
CA PHE O 204 43.93 -18.66 68.16
C PHE O 204 43.01 -19.85 68.07
N ASN O 205 41.86 -19.67 67.44
CA ASN O 205 40.89 -20.74 67.28
C ASN O 205 40.09 -20.54 66.01
N GLY O 206 39.18 -21.48 65.72
CA GLY O 206 38.37 -21.38 64.53
C GLY O 206 37.50 -20.15 64.40
N ASP O 207 37.46 -19.30 65.43
CA ASP O 207 36.65 -18.09 65.41
C ASP O 207 37.48 -16.83 65.17
N THR O 208 38.78 -16.95 65.32
CA THR O 208 39.67 -15.81 65.11
C THR O 208 40.53 -16.03 63.87
N ILE O 209 40.37 -17.21 63.26
CA ILE O 209 41.12 -17.59 62.07
C ILE O 209 40.13 -17.80 60.91
N GLU O 210 40.59 -17.48 59.71
CA GLU O 210 39.75 -17.66 58.53
C GLU O 210 40.60 -18.37 57.49
N LEU O 211 40.14 -19.53 57.06
CA LEU O 211 40.89 -20.33 56.09
C LEU O 211 40.02 -21.05 55.07
N ALA O 212 40.44 -21.01 53.82
CA ALA O 212 39.71 -21.68 52.74
C ALA O 212 40.70 -22.46 51.89
N ILE O 213 40.19 -23.40 51.10
CA ILE O 213 41.04 -24.21 50.25
C ILE O 213 40.48 -24.34 48.84
N ILE O 214 41.36 -24.70 47.90
CA ILE O 214 40.99 -24.96 46.52
C ILE O 214 41.48 -26.39 46.36
N GLY O 215 40.55 -27.34 46.47
CA GLY O 215 40.92 -28.75 46.36
C GLY O 215 40.08 -29.52 45.37
N ASP O 216 39.59 -30.68 45.79
CA ASP O 216 38.77 -31.48 44.89
C ASP O 216 37.43 -30.81 44.66
N GLU O 217 36.69 -31.32 43.68
CA GLU O 217 35.38 -30.81 43.34
C GLU O 217 34.38 -31.26 44.42
N ASN O 218 33.51 -30.34 44.85
CA ASN O 218 32.51 -30.63 45.87
C ASN O 218 31.12 -30.74 45.28
N PRO O 219 30.79 -31.90 44.69
CA PRO O 219 29.46 -32.08 44.09
C PRO O 219 28.35 -31.83 45.10
N ASP O 220 28.66 -32.06 46.36
CA ASP O 220 27.72 -31.87 47.45
C ASP O 220 27.38 -30.42 47.71
N LEU O 221 28.18 -29.51 47.13
CA LEU O 221 27.96 -28.06 47.31
C LEU O 221 27.37 -27.41 46.06
N LEU O 222 27.04 -28.23 45.07
CA LEU O 222 26.49 -27.74 43.82
C LEU O 222 25.07 -27.16 43.96
N GLY O 223 24.20 -27.88 44.66
CA GLY O 223 22.83 -27.42 44.85
C GLY O 223 21.83 -28.08 43.90
N TYR O 224 22.35 -28.93 43.01
CA TYR O 224 21.52 -29.64 42.04
C TYR O 224 22.24 -30.85 41.44
N THR O 225 21.50 -31.74 40.82
CA THR O 225 22.09 -32.91 40.20
C THR O 225 21.54 -33.03 38.79
N GLY O 226 22.17 -33.88 37.98
CA GLY O 226 21.68 -34.09 36.63
C GLY O 226 22.62 -33.81 35.49
N ILE O 227 23.63 -33.01 35.70
CA ILE O 227 24.58 -32.70 34.63
C ILE O 227 25.95 -33.29 34.95
N PRO O 228 26.28 -34.44 34.33
CA PRO O 228 27.55 -35.14 34.54
C PRO O 228 28.79 -34.25 34.56
N THR O 229 28.92 -33.35 33.59
CA THR O 229 30.07 -32.46 33.51
C THR O 229 30.19 -31.46 34.66
N ASP O 230 29.08 -31.15 35.31
CA ASP O 230 29.09 -30.21 36.44
C ASP O 230 29.34 -31.02 37.72
N LYS O 231 30.57 -30.97 38.21
CA LYS O 231 30.95 -31.74 39.39
C LYS O 231 31.02 -31.02 40.74
N GLY O 232 30.87 -29.69 40.74
CA GLY O 232 30.93 -28.96 42.00
C GLY O 232 32.14 -28.05 42.13
N PRO O 233 32.05 -27.02 42.97
CA PRO O 233 33.13 -26.06 43.17
C PRO O 233 34.35 -26.65 43.90
N ARG O 234 35.53 -26.17 43.54
CA ARG O 234 36.76 -26.63 44.15
C ARG O 234 37.07 -25.78 45.38
N PHE O 235 36.47 -24.60 45.43
CA PHE O 235 36.66 -23.67 46.53
C PHE O 235 35.82 -24.06 47.73
N ARG O 236 36.42 -24.04 48.92
CA ARG O 236 35.68 -24.34 50.13
C ARG O 236 36.27 -23.69 51.35
N LYS O 237 35.42 -22.97 52.07
CA LYS O 237 35.85 -22.29 53.28
C LYS O 237 35.69 -23.29 54.43
N LEU O 238 36.71 -23.41 55.27
CA LEU O 238 36.60 -24.33 56.38
C LEU O 238 35.76 -23.71 57.47
N THR O 239 35.06 -24.56 58.23
CA THR O 239 34.19 -24.11 59.31
C THR O 239 35.00 -23.95 60.59
N SER O 240 34.48 -23.13 61.51
CA SER O 240 35.13 -22.91 62.78
C SER O 240 35.48 -24.26 63.41
N GLN O 241 34.49 -25.15 63.44
CA GLN O 241 34.66 -26.48 64.00
C GLN O 241 35.79 -27.22 63.29
N GLU O 242 35.77 -27.21 61.96
CA GLU O 242 36.79 -27.89 61.17
C GLU O 242 38.19 -27.42 61.52
N ILE O 243 38.29 -26.14 61.90
CA ILE O 243 39.57 -25.55 62.26
C ILE O 243 40.07 -26.00 63.62
N ASN O 244 39.18 -25.99 64.61
CA ASN O 244 39.57 -26.42 65.96
C ASN O 244 40.03 -27.89 65.97
N ASP O 245 39.36 -28.74 65.20
CA ASP O 245 39.73 -30.14 65.13
C ASP O 245 41.20 -30.27 64.70
N ARG O 246 41.59 -29.49 63.71
CA ARG O 246 42.95 -29.54 63.23
C ARG O 246 43.92 -28.89 64.20
N LEU O 247 43.42 -27.96 65.01
CA LEU O 247 44.28 -27.29 65.98
C LEU O 247 44.71 -28.22 67.10
N GLU O 248 43.99 -29.32 67.28
CA GLU O 248 44.31 -30.28 68.32
C GLU O 248 45.45 -31.19 67.90
N ALA O 249 45.71 -31.27 66.60
CA ALA O 249 46.80 -32.08 66.08
C ALA O 249 47.93 -31.13 65.67
N LEU O 250 47.94 -29.95 66.30
CA LEU O 250 48.93 -28.92 66.02
C LEU O 250 50.27 -29.23 66.68
N GLY P 1 40.12 25.60 43.31
CA GLY P 1 39.65 24.25 42.86
C GLY P 1 40.71 23.17 42.93
N SER P 2 40.80 22.38 41.85
CA SER P 2 41.76 21.26 41.75
C SER P 2 43.19 21.66 41.38
N ARG P 3 43.33 22.69 40.56
CA ARG P 3 44.63 23.18 40.10
C ARG P 3 45.73 23.09 41.16
N ARG P 4 45.33 23.22 42.42
CA ARG P 4 46.24 23.19 43.55
C ARG P 4 47.04 21.89 43.66
N TYR P 5 46.43 20.77 43.28
CA TYR P 5 47.10 19.48 43.38
C TYR P 5 47.60 18.91 42.04
N ASP P 6 47.54 19.71 40.99
CA ASP P 6 47.99 19.27 39.67
C ASP P 6 49.52 19.28 39.56
N SER P 7 50.09 18.10 39.36
CA SER P 7 51.54 17.94 39.25
C SER P 7 52.06 18.42 37.89
N ARG P 8 51.18 18.49 36.89
CA ARG P 8 51.56 18.94 35.55
C ARG P 8 52.63 18.03 34.95
N THR P 9 52.26 16.77 34.76
CA THR P 9 53.15 15.76 34.22
C THR P 9 53.62 15.99 32.80
N THR P 10 53.06 16.98 32.10
CA THR P 10 53.49 17.20 30.73
C THR P 10 54.06 18.57 30.41
N ILE P 11 55.10 18.97 31.12
CA ILE P 11 55.70 20.26 30.84
C ILE P 11 57.21 20.20 30.68
N PHE P 12 57.74 21.25 30.07
CA PHE P 12 59.16 21.37 29.82
C PHE P 12 59.86 21.96 31.04
N SER P 13 61.14 21.62 31.20
CA SER P 13 61.95 22.17 32.28
C SER P 13 62.57 23.42 31.62
N PRO P 14 63.19 24.30 32.41
CA PRO P 14 63.78 25.46 31.74
C PRO P 14 64.88 25.06 30.74
N GLU P 15 65.34 23.82 30.86
CA GLU P 15 66.37 23.29 29.96
C GLU P 15 65.74 22.57 28.78
N GLY P 16 64.41 22.61 28.70
CA GLY P 16 63.72 21.96 27.60
C GLY P 16 63.69 20.45 27.74
N ARG P 17 63.55 19.95 28.97
CA ARG P 17 63.49 18.52 29.22
C ARG P 17 62.12 18.18 29.80
N LEU P 18 61.71 16.93 29.61
CA LEU P 18 60.41 16.48 30.11
C LEU P 18 60.59 15.74 31.42
N TYR P 19 60.40 16.48 32.50
CA TYR P 19 60.53 15.95 33.86
C TYR P 19 60.13 14.50 34.04
N GLN P 20 58.82 14.23 33.94
CA GLN P 20 58.30 12.87 34.13
C GLN P 20 59.01 11.80 33.33
N VAL P 21 59.37 12.11 32.09
CA VAL P 21 60.07 11.15 31.25
C VAL P 21 61.42 10.83 31.88
N GLU P 22 62.11 11.89 32.29
CA GLU P 22 63.41 11.75 32.93
C GLU P 22 63.25 10.88 34.15
N TYR P 23 62.31 11.23 35.01
CA TYR P 23 62.09 10.48 36.24
C TYR P 23 61.65 9.05 35.99
N ALA P 24 60.92 8.82 34.91
CA ALA P 24 60.48 7.47 34.60
C ALA P 24 61.72 6.63 34.23
N LEU P 25 62.57 7.22 33.40
CA LEU P 25 63.80 6.56 33.00
C LEU P 25 64.60 6.25 34.26
N GLU P 26 64.58 7.18 35.20
CA GLU P 26 65.28 6.98 36.46
C GLU P 26 64.73 5.74 37.15
N SER P 27 63.44 5.49 36.96
CA SER P 27 62.81 4.34 37.57
C SER P 27 63.23 3.06 36.86
N ILE P 28 63.32 3.15 35.53
CA ILE P 28 63.70 2.01 34.71
C ILE P 28 65.11 1.51 35.05
N SER P 29 66.00 2.46 35.29
CA SER P 29 67.40 2.17 35.61
C SER P 29 67.58 1.23 36.80
N HIS P 30 66.55 1.04 37.62
CA HIS P 30 66.67 0.15 38.76
C HIS P 30 65.99 -1.18 38.49
N ALA P 31 65.45 -1.34 37.29
CA ALA P 31 64.76 -2.56 36.91
C ALA P 31 65.71 -3.65 36.38
N GLY P 32 65.31 -4.90 36.55
CA GLY P 32 66.11 -6.01 36.07
C GLY P 32 66.60 -5.78 34.65
N THR P 33 67.86 -6.07 34.41
CA THR P 33 68.47 -5.87 33.10
C THR P 33 67.88 -6.77 32.02
N ALA P 34 67.69 -6.19 30.82
CA ALA P 34 67.17 -6.93 29.69
C ALA P 34 68.08 -6.65 28.49
N ILE P 35 68.49 -7.71 27.82
CA ILE P 35 69.40 -7.60 26.68
C ILE P 35 68.86 -8.18 25.38
N GLY P 36 69.15 -7.49 24.29
CA GLY P 36 68.73 -7.94 22.98
C GLY P 36 69.91 -7.93 22.02
N ILE P 37 70.23 -9.09 21.46
CA ILE P 37 71.34 -9.22 20.53
C ILE P 37 70.84 -9.84 19.24
N MET P 38 71.11 -9.18 18.13
CA MET P 38 70.67 -9.66 16.84
C MET P 38 71.82 -10.23 16.00
N ALA P 39 71.64 -11.48 15.57
CA ALA P 39 72.63 -12.18 14.76
C ALA P 39 72.18 -12.22 13.31
N SER P 40 72.96 -12.88 12.46
CA SER P 40 72.61 -12.97 11.03
C SER P 40 71.47 -13.96 10.83
N ASP P 41 71.46 -15.03 11.62
CA ASP P 41 70.43 -16.05 11.51
C ASP P 41 69.42 -16.04 12.67
N GLY P 42 69.26 -14.91 13.34
CA GLY P 42 68.31 -14.86 14.44
C GLY P 42 68.51 -13.75 15.43
N ILE P 43 67.67 -13.74 16.46
CA ILE P 43 67.75 -12.72 17.49
C ILE P 43 67.64 -13.37 18.86
N VAL P 44 68.25 -12.75 19.86
CA VAL P 44 68.20 -13.28 21.20
C VAL P 44 67.73 -12.26 22.22
N LEU P 45 66.86 -12.71 23.13
CA LEU P 45 66.36 -11.87 24.21
C LEU P 45 66.68 -12.57 25.51
N ALA P 46 67.23 -11.81 26.45
CA ALA P 46 67.60 -12.33 27.76
C ALA P 46 67.38 -11.25 28.81
N ALA P 47 66.69 -11.60 29.88
CA ALA P 47 66.43 -10.64 30.95
C ALA P 47 66.69 -11.25 32.32
N GLU P 48 67.05 -10.40 33.27
CA GLU P 48 67.34 -10.84 34.62
C GLU P 48 66.09 -10.57 35.46
N ARG P 49 65.59 -11.61 36.13
CA ARG P 49 64.40 -11.50 36.98
C ARG P 49 64.75 -10.70 38.22
N LYS P 50 64.10 -9.55 38.40
CA LYS P 50 64.36 -8.76 39.58
C LYS P 50 63.55 -9.37 40.72
N VAL P 51 64.16 -9.44 41.91
CA VAL P 51 63.52 -10.01 43.10
C VAL P 51 62.95 -11.42 42.87
N THR P 52 63.56 -12.40 43.54
CA THR P 52 63.17 -13.79 43.43
C THR P 52 63.24 -14.49 44.79
N SER P 53 62.66 -15.67 44.87
CA SER P 53 62.64 -16.43 46.11
C SER P 53 62.60 -17.93 45.83
N THR P 54 62.78 -18.69 46.90
CA THR P 54 62.75 -20.14 46.83
C THR P 54 61.34 -20.55 46.44
N LEU P 55 60.37 -19.85 47.03
CA LEU P 55 58.96 -20.12 46.82
C LEU P 55 58.35 -19.63 45.51
N LEU P 56 59.01 -18.72 44.82
CA LEU P 56 58.47 -18.20 43.57
C LEU P 56 58.31 -19.34 42.56
N GLU P 57 57.11 -19.50 42.02
CA GLU P 57 56.81 -20.53 41.03
C GLU P 57 57.35 -20.01 39.70
N GLN P 58 58.51 -20.51 39.28
CA GLN P 58 59.10 -20.03 38.04
C GLN P 58 58.49 -20.57 36.74
N ASP P 59 58.00 -21.80 36.78
CA ASP P 59 57.40 -22.40 35.58
C ASP P 59 56.22 -21.61 35.04
N THR P 60 55.46 -21.01 35.94
CA THR P 60 54.28 -20.24 35.58
C THR P 60 54.56 -18.74 35.51
N SER P 61 55.80 -18.35 35.78
CA SER P 61 56.16 -16.94 35.78
C SER P 61 56.69 -16.34 34.48
N THR P 62 56.38 -15.06 34.31
CA THR P 62 56.77 -14.26 33.17
C THR P 62 56.66 -12.81 33.64
N GLU P 63 57.78 -12.11 33.72
CA GLU P 63 57.76 -10.72 34.17
C GLU P 63 58.61 -9.87 33.25
N LYS P 64 59.16 -10.47 32.21
CA LYS P 64 60.01 -9.69 31.31
C LYS P 64 59.90 -10.03 29.82
N LEU P 65 59.51 -11.27 29.51
CA LEU P 65 59.38 -11.68 28.12
C LEU P 65 57.96 -12.00 27.71
N TYR P 66 57.45 -11.23 26.76
CA TYR P 66 56.08 -11.41 26.29
C TYR P 66 56.00 -11.59 24.78
N LYS P 67 55.15 -12.52 24.37
CA LYS P 67 54.93 -12.78 22.96
C LYS P 67 53.89 -11.77 22.49
N LEU P 68 54.17 -11.08 21.40
CA LEU P 68 53.22 -10.10 20.88
C LEU P 68 52.51 -10.64 19.64
N ASN P 69 53.30 -11.34 18.84
CA ASN P 69 52.86 -11.89 17.57
C ASN P 69 53.52 -13.25 17.47
N ASP P 70 53.45 -13.88 16.31
CA ASP P 70 54.11 -15.15 16.13
C ASP P 70 55.54 -14.84 15.68
N LYS P 71 55.75 -13.60 15.24
CA LYS P 71 57.06 -13.18 14.77
C LYS P 71 57.68 -12.04 15.56
N ILE P 72 56.97 -11.56 16.58
CA ILE P 72 57.46 -10.44 17.37
C ILE P 72 57.32 -10.73 18.85
N ALA P 73 58.31 -10.27 19.63
CA ALA P 73 58.28 -10.45 21.08
C ALA P 73 58.97 -9.24 21.70
N VAL P 74 58.78 -9.06 23.01
CA VAL P 74 59.40 -7.93 23.69
C VAL P 74 59.98 -8.33 25.04
N ALA P 75 60.97 -7.56 25.44
CA ALA P 75 61.61 -7.72 26.74
C ALA P 75 61.25 -6.41 27.45
N VAL P 76 60.87 -6.53 28.71
CA VAL P 76 60.44 -5.38 29.49
C VAL P 76 61.37 -4.95 30.63
N ALA P 77 61.46 -3.64 30.85
CA ALA P 77 62.26 -3.11 31.94
C ALA P 77 61.45 -1.96 32.52
N GLY P 78 60.95 -2.14 33.74
CA GLY P 78 60.17 -1.09 34.39
C GLY P 78 58.95 -1.68 35.08
N LEU P 79 57.86 -0.91 35.16
CA LEU P 79 56.63 -1.38 35.82
C LEU P 79 55.96 -2.48 34.98
N THR P 80 55.90 -3.70 35.50
CA THR P 80 55.28 -4.81 34.77
C THR P 80 53.83 -4.52 34.43
N ALA P 81 53.10 -3.96 35.40
CA ALA P 81 51.70 -3.63 35.20
C ALA P 81 51.53 -2.63 34.07
N ASP P 82 52.38 -1.60 34.03
CA ASP P 82 52.32 -0.60 32.96
C ASP P 82 52.60 -1.25 31.60
N ALA P 83 53.54 -2.20 31.59
CA ALA P 83 53.90 -2.89 30.36
C ALA P 83 52.73 -3.71 29.83
N GLU P 84 52.06 -4.46 30.71
CA GLU P 84 50.93 -5.27 30.27
C GLU P 84 49.87 -4.42 29.59
N ILE P 85 49.64 -3.21 30.06
CA ILE P 85 48.67 -2.34 29.43
C ILE P 85 49.09 -2.14 27.97
N LEU P 86 50.35 -1.74 27.76
CA LEU P 86 50.86 -1.51 26.41
C LEU P 86 50.92 -2.78 25.55
N ILE P 87 51.38 -3.86 26.17
CA ILE P 87 51.49 -5.16 25.52
C ILE P 87 50.16 -5.54 24.88
N ASN P 88 49.10 -5.55 25.69
CA ASN P 88 47.78 -5.91 25.19
C ASN P 88 47.33 -5.04 24.04
N THR P 89 47.63 -3.75 24.04
CA THR P 89 47.20 -2.94 22.90
C THR P 89 48.06 -3.28 21.68
N ALA P 90 49.31 -3.68 21.91
CA ALA P 90 50.17 -4.06 20.79
C ALA P 90 49.62 -5.33 20.16
N ARG P 91 49.16 -6.27 21.00
CA ARG P 91 48.61 -7.52 20.46
C ARG P 91 47.38 -7.24 19.59
N ILE P 92 46.53 -6.33 20.05
CA ILE P 92 45.33 -5.97 19.30
C ILE P 92 45.75 -5.29 17.99
N HIS P 93 46.72 -4.39 18.07
CA HIS P 93 47.18 -3.68 16.89
C HIS P 93 47.64 -4.63 15.78
N ALA P 94 48.40 -5.66 16.16
CA ALA P 94 48.90 -6.63 15.19
C ALA P 94 47.75 -7.39 14.52
N GLN P 95 46.75 -7.77 15.30
CA GLN P 95 45.59 -8.47 14.74
C GLN P 95 44.76 -7.54 13.86
N ASN P 96 44.71 -6.25 14.20
CA ASN P 96 43.96 -5.32 13.37
C ASN P 96 44.62 -5.18 12.02
N TYR P 97 45.96 -5.12 12.03
CA TYR P 97 46.71 -4.99 10.79
C TYR P 97 46.42 -6.21 9.92
N LEU P 98 46.51 -7.38 10.53
CA LEU P 98 46.27 -8.63 9.83
C LEU P 98 44.87 -8.68 9.26
N LYS P 99 43.88 -8.33 10.07
CA LYS P 99 42.50 -8.34 9.61
C LYS P 99 42.30 -7.39 8.44
N THR P 100 42.94 -6.23 8.49
CA THR P 100 42.79 -5.24 7.42
C THR P 100 43.50 -5.58 6.11
N TYR P 101 44.74 -6.02 6.20
CA TYR P 101 45.55 -6.29 5.01
C TYR P 101 45.81 -7.75 4.67
N ASN P 102 45.41 -8.65 5.55
CA ASN P 102 45.64 -10.08 5.36
C ASN P 102 47.13 -10.37 5.23
N GLU P 103 47.92 -9.66 6.01
CA GLU P 103 49.36 -9.83 6.03
C GLU P 103 49.84 -9.51 7.44
N ASP P 104 50.82 -10.27 7.94
CA ASP P 104 51.35 -10.02 9.28
C ASP P 104 51.91 -8.60 9.35
N ILE P 105 51.80 -7.97 10.51
CA ILE P 105 52.26 -6.60 10.68
C ILE P 105 53.79 -6.46 10.66
N PRO P 106 54.30 -5.54 9.82
CA PRO P 106 55.74 -5.29 9.72
C PRO P 106 56.20 -4.84 11.10
N VAL P 107 57.32 -5.38 11.57
CA VAL P 107 57.84 -5.07 12.89
C VAL P 107 57.89 -3.58 13.26
N GLU P 108 58.42 -2.75 12.37
CA GLU P 108 58.52 -1.34 12.70
C GLU P 108 57.18 -0.67 12.92
N ILE P 109 56.19 -1.07 12.12
CA ILE P 109 54.85 -0.51 12.24
C ILE P 109 54.28 -0.75 13.63
N LEU P 110 54.49 -1.94 14.18
CA LEU P 110 54.00 -2.24 15.52
C LEU P 110 54.74 -1.39 16.54
N VAL P 111 56.04 -1.23 16.36
CA VAL P 111 56.86 -0.45 17.27
C VAL P 111 56.54 1.05 17.24
N ARG P 112 56.24 1.58 16.06
CA ARG P 112 55.93 3.00 15.95
C ARG P 112 54.62 3.35 16.63
N ARG P 113 53.64 2.47 16.50
CA ARG P 113 52.35 2.71 17.11
C ARG P 113 52.47 2.76 18.63
N LEU P 114 53.12 1.74 19.19
CA LEU P 114 53.31 1.65 20.61
C LEU P 114 54.07 2.86 21.13
N SER P 115 55.02 3.33 20.33
CA SER P 115 55.81 4.49 20.71
C SER P 115 54.97 5.75 20.68
N ASP P 116 54.05 5.81 19.72
CA ASP P 116 53.16 6.95 19.58
C ASP P 116 52.25 7.07 20.80
N ILE P 117 51.85 5.92 21.32
CA ILE P 117 50.98 5.90 22.49
C ILE P 117 51.73 6.53 23.68
N LYS P 118 52.97 6.10 23.87
CA LYS P 118 53.79 6.64 24.96
C LYS P 118 53.96 8.14 24.75
N GLN P 119 54.28 8.54 23.52
CA GLN P 119 54.49 9.95 23.23
C GLN P 119 53.30 10.80 23.66
N GLY P 120 52.09 10.27 23.43
CA GLY P 120 50.89 10.99 23.80
C GLY P 120 50.81 11.37 25.27
N TYR P 121 51.05 10.41 26.17
CA TYR P 121 51.02 10.67 27.60
C TYR P 121 52.08 11.70 27.97
N THR P 122 52.86 12.09 26.98
CA THR P 122 53.94 13.07 27.17
C THR P 122 53.53 14.47 26.74
N GLN P 123 52.52 14.57 25.88
CA GLN P 123 52.12 15.88 25.40
C GLN P 123 50.75 16.37 25.81
N HIS P 124 49.92 15.48 26.35
CA HIS P 124 48.59 15.89 26.76
C HIS P 124 47.89 14.90 27.67
N GLY P 125 46.91 15.39 28.43
CA GLY P 125 46.16 14.52 29.31
C GLY P 125 46.45 14.63 30.79
N GLY P 126 47.56 15.25 31.14
CA GLY P 126 47.90 15.40 32.54
C GLY P 126 48.06 14.08 33.32
N LEU P 127 48.34 12.99 32.61
CA LEU P 127 48.53 11.70 33.26
C LEU P 127 50.02 11.36 33.26
N ARG P 128 50.45 10.54 34.19
CA ARG P 128 51.85 10.14 34.24
C ARG P 128 52.17 9.23 33.06
N PRO P 129 53.44 9.15 32.66
CA PRO P 129 53.81 8.29 31.53
C PRO P 129 53.95 6.85 32.00
N PHE P 130 54.06 5.91 31.07
CA PHE P 130 54.24 4.52 31.48
C PHE P 130 55.71 4.37 31.84
N GLY P 131 55.98 3.75 32.98
CA GLY P 131 57.36 3.56 33.41
C GLY P 131 57.91 2.29 32.80
N VAL P 132 58.06 2.31 31.48
CA VAL P 132 58.53 1.12 30.78
C VAL P 132 59.44 1.38 29.60
N SER P 133 60.35 0.44 29.37
CA SER P 133 61.25 0.47 28.23
C SER P 133 61.12 -0.92 27.61
N PHE P 134 61.05 -0.97 26.30
CA PHE P 134 60.93 -2.24 25.59
C PHE P 134 62.07 -2.50 24.63
N ILE P 135 62.41 -3.79 24.48
CA ILE P 135 63.38 -4.20 23.51
C ILE P 135 62.50 -5.07 22.63
N TYR P 136 62.38 -4.71 21.36
CA TYR P 136 61.55 -5.48 20.45
C TYR P 136 62.40 -6.38 19.57
N ALA P 137 62.04 -7.66 19.51
CA ALA P 137 62.75 -8.61 18.67
C ALA P 137 61.74 -9.20 17.70
N GLY P 138 61.92 -8.95 16.41
CA GLY P 138 60.97 -9.50 15.47
C GLY P 138 61.53 -9.72 14.08
N TYR P 139 60.77 -10.43 13.27
CA TYR P 139 61.17 -10.72 11.91
C TYR P 139 60.04 -10.54 10.92
N ASP P 140 60.33 -9.92 9.79
CA ASP P 140 59.35 -9.76 8.74
C ASP P 140 60.10 -9.87 7.42
N ASP P 141 59.38 -10.05 6.33
CA ASP P 141 60.00 -10.22 5.03
C ASP P 141 60.58 -8.97 4.38
N ARG P 142 60.37 -7.81 4.98
CA ARG P 142 60.91 -6.59 4.39
C ARG P 142 62.25 -6.14 4.96
N TYR P 143 62.53 -6.49 6.21
CA TYR P 143 63.78 -6.10 6.83
C TYR P 143 64.44 -7.24 7.60
N GLY P 144 63.86 -8.44 7.46
CA GLY P 144 64.39 -9.59 8.17
C GLY P 144 64.37 -9.40 9.68
N TYR P 145 65.43 -9.86 10.33
CA TYR P 145 65.55 -9.76 11.76
C TYR P 145 65.79 -8.32 12.17
N GLN P 146 65.01 -7.85 13.14
CA GLN P 146 65.13 -6.48 13.61
C GLN P 146 65.11 -6.42 15.13
N LEU P 147 65.80 -5.42 15.66
CA LEU P 147 65.87 -5.21 17.09
C LEU P 147 65.61 -3.74 17.35
N TYR P 148 64.57 -3.45 18.12
CA TYR P 148 64.20 -2.07 18.44
C TYR P 148 64.13 -1.82 19.93
N THR P 149 64.08 -0.54 20.27
CA THR P 149 64.00 -0.17 21.66
C THR P 149 63.16 1.08 21.78
N SER P 150 62.26 1.08 22.77
CA SER P 150 61.41 2.25 23.01
C SER P 150 61.42 2.49 24.51
N ASN P 151 61.36 3.76 24.89
CA ASN P 151 61.38 4.15 26.30
C ASN P 151 60.21 5.09 26.55
N PRO P 152 60.00 5.50 27.82
CA PRO P 152 58.91 6.39 28.21
C PRO P 152 58.66 7.64 27.36
N SER P 153 59.70 8.19 26.74
CA SER P 153 59.53 9.39 25.93
C SER P 153 58.68 9.14 24.68
N GLY P 154 58.74 7.92 24.16
CA GLY P 154 57.97 7.61 22.97
C GLY P 154 58.89 7.59 21.75
N ASN P 155 60.19 7.65 22.01
CA ASN P 155 61.17 7.62 20.94
C ASN P 155 61.65 6.18 20.80
N TYR P 156 61.99 5.77 19.59
CA TYR P 156 62.49 4.41 19.38
C TYR P 156 63.63 4.42 18.36
N THR P 157 64.49 3.41 18.47
CA THR P 157 65.65 3.28 17.59
C THR P 157 66.00 1.81 17.42
N GLY P 158 66.71 1.50 16.32
CA GLY P 158 67.11 0.13 16.04
C GLY P 158 68.52 -0.18 16.52
N TRP P 159 68.78 -1.43 16.88
CA TRP P 159 70.09 -1.83 17.37
C TRP P 159 70.59 -3.17 16.86
N LYS P 160 71.90 -3.38 16.99
CA LYS P 160 72.52 -4.63 16.59
C LYS P 160 72.54 -5.44 17.89
N ALA P 161 72.77 -4.72 18.98
CA ALA P 161 72.79 -5.29 20.32
C ALA P 161 72.49 -4.15 21.30
N ILE P 162 71.73 -4.45 22.35
CA ILE P 162 71.39 -3.41 23.30
C ILE P 162 70.80 -3.94 24.60
N SER P 163 70.79 -3.08 25.61
CA SER P 163 70.25 -3.45 26.90
C SER P 163 69.43 -2.28 27.46
N VAL P 164 68.52 -2.62 28.36
CA VAL P 164 67.68 -1.66 29.04
C VAL P 164 67.57 -2.11 30.50
N GLY P 165 67.29 -1.16 31.38
CA GLY P 165 67.19 -1.49 32.79
C GLY P 165 68.40 -1.01 33.56
N ALA P 166 68.85 -1.81 34.52
CA ALA P 166 69.98 -1.45 35.35
C ALA P 166 71.32 -1.84 34.75
N ASN P 167 72.37 -1.09 35.14
CA ASN P 167 73.73 -1.34 34.68
C ASN P 167 73.83 -1.43 33.16
N THR P 168 73.08 -0.59 32.47
CA THR P 168 73.11 -0.61 31.01
C THR P 168 74.46 -0.10 30.49
N SER P 169 75.02 0.88 31.18
CA SER P 169 76.31 1.44 30.79
C SER P 169 77.39 0.34 30.78
N ALA P 170 77.50 -0.37 31.89
CA ALA P 170 78.45 -1.46 31.98
C ALA P 170 78.15 -2.50 30.90
N ALA P 171 76.87 -2.87 30.78
CA ALA P 171 76.43 -3.86 29.80
C ALA P 171 76.68 -3.45 28.36
N GLN P 172 76.46 -2.17 28.05
CA GLN P 172 76.66 -1.67 26.70
C GLN P 172 78.15 -1.73 26.34
N THR P 173 79.00 -1.36 27.29
CA THR P 173 80.44 -1.39 27.09
C THR P 173 80.89 -2.82 26.79
N LEU P 174 80.39 -3.79 27.56
CA LEU P 174 80.75 -5.18 27.34
C LEU P 174 80.27 -5.72 26.00
N LEU P 175 79.13 -5.23 25.52
CA LEU P 175 78.58 -5.69 24.24
C LEU P 175 79.32 -5.05 23.08
N GLN P 176 79.54 -3.74 23.19
CA GLN P 176 80.25 -2.97 22.17
C GLN P 176 81.69 -3.44 22.10
N MET P 177 82.05 -4.37 22.95
CA MET P 177 83.40 -4.88 23.03
C MET P 177 83.56 -6.23 22.34
N ASP P 178 82.53 -7.06 22.36
CA ASP P 178 82.61 -8.39 21.75
C ASP P 178 81.59 -8.71 20.66
N TYR P 179 80.84 -7.72 20.21
CA TYR P 179 79.86 -7.98 19.16
C TYR P 179 80.50 -7.93 17.79
N LYS P 180 80.13 -8.86 16.91
CA LYS P 180 80.66 -8.87 15.56
C LYS P 180 79.53 -9.13 14.55
N ASP P 181 79.40 -8.24 13.57
CA ASP P 181 78.36 -8.32 12.55
C ASP P 181 78.05 -9.71 12.01
N ASP P 182 79.07 -10.57 11.96
CA ASP P 182 78.87 -11.92 11.44
C ASP P 182 78.60 -12.98 12.50
N MET P 183 78.05 -12.56 13.64
CA MET P 183 77.75 -13.50 14.71
C MET P 183 76.68 -14.49 14.31
N LYS P 184 76.65 -15.62 15.01
CA LYS P 184 75.67 -16.66 14.76
C LYS P 184 74.77 -16.65 15.99
N VAL P 185 73.51 -17.03 15.84
CA VAL P 185 72.58 -17.05 16.97
C VAL P 185 73.22 -17.56 18.25
N ASP P 186 73.78 -18.76 18.22
CA ASP P 186 74.41 -19.36 19.39
C ASP P 186 75.53 -18.50 19.96
N ASP P 187 76.18 -17.73 19.09
CA ASP P 187 77.25 -16.84 19.53
C ASP P 187 76.60 -15.74 20.36
N ALA P 188 75.52 -15.17 19.82
CA ALA P 188 74.77 -14.11 20.48
C ALA P 188 74.23 -14.63 21.80
N ILE P 189 73.73 -15.87 21.80
CA ILE P 189 73.18 -16.47 23.01
C ILE P 189 74.21 -16.47 24.12
N GLU P 190 75.46 -16.72 23.76
CA GLU P 190 76.53 -16.75 24.74
C GLU P 190 76.95 -15.33 25.16
N LEU P 191 77.06 -14.42 24.20
CA LEU P 191 77.43 -13.05 24.50
C LEU P 191 76.39 -12.44 25.45
N ALA P 192 75.13 -12.81 25.25
CA ALA P 192 74.05 -12.30 26.07
C ALA P 192 74.22 -12.71 27.52
N LEU P 193 74.33 -14.02 27.74
CA LEU P 193 74.50 -14.57 29.08
C LEU P 193 75.77 -14.10 29.79
N LYS P 194 76.83 -13.87 29.03
CA LYS P 194 78.09 -13.42 29.63
C LYS P 194 77.92 -12.01 30.14
N THR P 195 77.28 -11.16 29.36
CA THR P 195 77.06 -9.76 29.74
C THR P 195 76.25 -9.68 31.02
N LEU P 196 75.11 -10.35 31.05
CA LEU P 196 74.27 -10.34 32.23
C LEU P 196 75.12 -10.77 33.42
N SER P 197 75.86 -11.86 33.22
CA SER P 197 76.72 -12.40 34.26
C SER P 197 77.69 -11.36 34.87
N LYS P 198 78.24 -10.48 34.03
CA LYS P 198 79.17 -9.48 34.53
C LYS P 198 78.51 -8.22 35.07
N THR P 199 77.24 -8.01 34.72
CA THR P 199 76.52 -6.83 35.20
C THR P 199 75.67 -7.13 36.43
N THR P 200 75.22 -8.38 36.55
CA THR P 200 74.39 -8.82 37.67
C THR P 200 74.82 -8.29 39.03
N ASP P 201 73.85 -7.75 39.78
CA ASP P 201 74.13 -7.23 41.12
C ASP P 201 74.13 -8.41 42.07
N SER P 202 73.71 -9.57 41.57
CA SER P 202 73.63 -10.79 42.37
C SER P 202 74.92 -11.56 42.49
N SER P 203 74.90 -12.53 43.39
CA SER P 203 76.04 -13.40 43.66
C SER P 203 76.41 -14.14 42.39
N ALA P 204 75.57 -15.09 42.00
CA ALA P 204 75.78 -15.87 40.79
C ALA P 204 74.60 -15.72 39.85
N LEU P 205 74.81 -16.05 38.59
CA LEU P 205 73.76 -15.97 37.59
C LEU P 205 73.18 -17.36 37.38
N THR P 206 72.14 -17.67 38.14
CA THR P 206 71.47 -18.96 38.04
C THR P 206 70.23 -18.87 37.16
N TYR P 207 69.78 -20.01 36.64
CA TYR P 207 68.63 -20.08 35.74
C TYR P 207 67.33 -19.49 36.33
N ASP P 208 67.13 -19.71 37.63
CA ASP P 208 65.94 -19.23 38.31
C ASP P 208 65.78 -17.70 38.31
N ARG P 209 66.79 -16.99 37.83
CA ARG P 209 66.72 -15.54 37.80
C ARG P 209 66.78 -15.02 36.36
N LEU P 210 66.40 -15.88 35.42
CA LEU P 210 66.45 -15.48 34.02
C LEU P 210 65.27 -15.91 33.17
N GLU P 211 65.08 -15.18 32.09
CA GLU P 211 64.04 -15.47 31.11
C GLU P 211 64.80 -15.37 29.81
N PHE P 212 64.55 -16.32 28.91
CA PHE P 212 65.27 -16.33 27.66
C PHE P 212 64.35 -16.56 26.47
N ALA P 213 64.73 -16.03 25.32
CA ALA P 213 63.93 -16.18 24.11
C ALA P 213 64.78 -15.98 22.86
N THR P 214 64.44 -16.69 21.79
CA THR P 214 65.17 -16.60 20.53
C THR P 214 64.18 -16.60 19.36
N ILE P 215 64.56 -15.97 18.26
CA ILE P 215 63.72 -15.94 17.08
C ILE P 215 64.61 -16.43 15.95
N ARG P 216 64.52 -17.72 15.66
CA ARG P 216 65.33 -18.34 14.62
C ARG P 216 64.52 -18.96 13.51
N LYS P 217 65.11 -18.98 12.32
CA LYS P 217 64.44 -19.58 11.16
C LYS P 217 64.92 -21.02 11.02
N GLY P 218 64.37 -21.91 11.83
CA GLY P 218 64.75 -23.32 11.77
C GLY P 218 64.87 -23.81 10.35
N ALA P 219 66.10 -23.85 9.84
CA ALA P 219 66.42 -24.27 8.47
C ALA P 219 65.50 -25.36 7.92
N ASN P 220 65.31 -26.42 8.71
CA ASN P 220 64.45 -27.53 8.32
C ASN P 220 62.98 -27.13 8.39
N ASP P 221 62.61 -26.16 7.56
CA ASP P 221 61.24 -25.66 7.52
C ASP P 221 61.14 -24.50 6.55
N GLY P 222 61.76 -23.37 6.89
CA GLY P 222 61.73 -22.20 6.03
C GLY P 222 60.96 -21.06 6.66
N GLU P 223 60.36 -21.31 7.82
CA GLU P 223 59.59 -20.31 8.54
C GLU P 223 60.37 -19.91 9.80
N VAL P 224 60.04 -18.76 10.36
CA VAL P 224 60.70 -18.27 11.57
C VAL P 224 59.99 -18.82 12.79
N TYR P 225 60.73 -19.03 13.88
CA TYR P 225 60.16 -19.58 15.09
C TYR P 225 60.54 -18.81 16.35
N GLN P 226 59.57 -18.59 17.23
CA GLN P 226 59.80 -17.90 18.50
C GLN P 226 59.91 -18.99 19.55
N LYS P 227 60.86 -18.85 20.46
CA LYS P 227 61.02 -19.84 21.50
C LYS P 227 61.32 -19.15 22.81
N ILE P 228 60.37 -19.18 23.74
CA ILE P 228 60.60 -18.57 25.05
C ILE P 228 61.02 -19.76 25.92
N PHE P 229 62.32 -19.85 26.16
CA PHE P 229 62.89 -20.95 26.95
C PHE P 229 62.18 -21.19 28.27
N LYS P 230 62.14 -22.46 28.66
CA LYS P 230 61.51 -22.88 29.91
C LYS P 230 62.63 -22.98 30.95
N PRO P 231 62.27 -23.05 32.24
CA PRO P 231 63.28 -23.15 33.29
C PRO P 231 64.43 -24.13 33.02
N GLN P 232 64.11 -25.35 32.60
CA GLN P 232 65.16 -26.33 32.35
C GLN P 232 66.01 -25.95 31.14
N GLU P 233 65.37 -25.43 30.10
CA GLU P 233 66.08 -25.05 28.90
C GLU P 233 67.15 -23.98 29.19
N ILE P 234 66.85 -23.11 30.14
CA ILE P 234 67.79 -22.05 30.55
C ILE P 234 68.89 -22.66 31.40
N LYS P 235 68.50 -23.61 32.24
CA LYS P 235 69.44 -24.28 33.14
C LYS P 235 70.48 -25.03 32.30
N ASP P 236 70.04 -25.59 31.17
CA ASP P 236 70.93 -26.33 30.27
C ASP P 236 71.92 -25.37 29.60
N ILE P 237 71.39 -24.47 28.78
CA ILE P 237 72.20 -23.49 28.07
C ILE P 237 73.20 -22.78 29.00
N LEU P 238 72.82 -22.64 30.26
CA LEU P 238 73.66 -21.98 31.24
C LEU P 238 74.91 -22.81 31.55
N VAL P 239 74.76 -24.13 31.62
CA VAL P 239 75.87 -25.03 31.89
C VAL P 239 76.81 -25.10 30.69
N LYS P 240 76.21 -25.11 29.51
CA LYS P 240 76.95 -25.19 28.26
C LYS P 240 77.88 -24.00 28.05
N THR P 241 77.33 -22.80 28.01
CA THR P 241 78.14 -21.60 27.81
C THR P 241 79.26 -21.48 28.84
N GLY P 242 79.24 -22.36 29.84
CA GLY P 242 80.28 -22.35 30.86
C GLY P 242 80.03 -21.45 32.05
N ILE P 243 78.81 -21.49 32.56
CA ILE P 243 78.44 -20.68 33.71
C ILE P 243 77.80 -21.63 34.72
N THR P 244 77.64 -22.88 34.30
CA THR P 244 77.04 -23.96 35.11
C THR P 244 75.88 -23.46 35.97
N GLY Q 1 38.99 15.56 29.38
CA GLY Q 1 38.70 16.31 30.62
C GLY Q 1 39.83 17.23 31.09
N TYR Q 2 41.09 16.82 30.89
CA TYR Q 2 42.22 17.64 31.31
C TYR Q 2 42.37 18.85 30.39
N ASP Q 3 42.26 20.04 30.95
CA ASP Q 3 42.35 21.26 30.15
C ASP Q 3 43.16 22.40 30.76
N ARG Q 4 44.02 22.09 31.73
CA ARG Q 4 44.83 23.13 32.38
C ARG Q 4 45.58 23.93 31.32
N ALA Q 5 45.62 25.25 31.51
CA ALA Q 5 46.34 26.12 30.59
C ALA Q 5 47.83 25.99 30.92
N LEU Q 6 48.58 25.27 30.09
CA LEU Q 6 50.00 25.07 30.35
C LEU Q 6 50.87 26.16 29.74
N SER Q 7 50.42 26.72 28.62
CA SER Q 7 51.15 27.81 28.00
C SER Q 7 50.42 29.10 28.33
N ILE Q 8 51.00 29.91 29.22
CA ILE Q 8 50.39 31.17 29.61
C ILE Q 8 51.43 32.30 29.68
N PHE Q 9 50.96 33.54 29.78
CA PHE Q 9 51.84 34.70 29.86
C PHE Q 9 52.38 34.92 31.25
N SER Q 10 53.64 35.31 31.34
CA SER Q 10 54.24 35.62 32.63
C SER Q 10 54.40 37.15 32.60
N PRO Q 11 54.60 37.77 33.77
CA PRO Q 11 54.77 39.22 33.95
C PRO Q 11 55.43 40.02 32.83
N ASP Q 12 56.57 39.55 32.36
CA ASP Q 12 57.32 40.22 31.29
C ASP Q 12 56.75 39.95 29.90
N GLY Q 13 55.64 39.23 29.84
CA GLY Q 13 55.01 38.94 28.57
C GLY Q 13 55.59 37.77 27.80
N HIS Q 14 56.11 36.76 28.51
CA HIS Q 14 56.68 35.59 27.85
C HIS Q 14 55.85 34.35 28.10
N ILE Q 15 55.92 33.39 27.17
CA ILE Q 15 55.20 32.13 27.35
C ILE Q 15 56.30 31.15 27.58
N PHE Q 16 56.66 30.96 28.85
CA PHE Q 16 57.76 30.07 29.15
C PHE Q 16 57.73 28.67 28.56
N GLN Q 17 56.57 28.01 28.53
CA GLN Q 17 56.52 26.68 27.96
C GLN Q 17 56.93 26.66 26.48
N VAL Q 18 56.62 27.73 25.76
CA VAL Q 18 56.97 27.84 24.34
C VAL Q 18 58.48 28.06 24.25
N GLU Q 19 58.99 28.93 25.12
CA GLU Q 19 60.41 29.23 25.14
C GLU Q 19 61.22 27.99 25.50
N TYR Q 20 60.77 27.26 26.53
CA TYR Q 20 61.47 26.05 26.94
C TYR Q 20 61.38 25.02 25.82
N ALA Q 21 60.40 25.20 24.95
CA ALA Q 21 60.23 24.28 23.83
C ALA Q 21 61.39 24.51 22.85
N LEU Q 22 61.85 25.75 22.77
CA LEU Q 22 62.95 26.10 21.87
C LEU Q 22 64.23 25.52 22.45
N GLU Q 23 64.33 25.51 23.78
CA GLU Q 23 65.50 24.95 24.44
C GLU Q 23 65.65 23.49 24.06
N ALA Q 24 64.52 22.82 23.87
CA ALA Q 24 64.55 21.41 23.49
C ALA Q 24 65.11 21.32 22.07
N VAL Q 25 64.79 22.33 21.25
CA VAL Q 25 65.27 22.37 19.86
C VAL Q 25 66.76 22.64 19.84
N LYS Q 26 67.22 23.55 20.70
CA LYS Q 26 68.63 23.90 20.77
C LYS Q 26 69.47 22.66 21.10
N ARG Q 27 68.92 21.78 21.92
CA ARG Q 27 69.61 20.57 22.32
C ARG Q 27 69.60 19.49 21.22
N GLY Q 28 68.73 19.65 20.24
CA GLY Q 28 68.64 18.65 19.18
C GLY Q 28 69.78 18.66 18.18
N THR Q 29 70.00 17.52 17.53
CA THR Q 29 71.05 17.40 16.55
C THR Q 29 70.83 18.49 15.50
N CYS Q 30 71.92 18.98 14.92
CA CYS Q 30 71.86 20.03 13.92
C CYS Q 30 71.19 19.62 12.61
N ALA Q 31 70.55 20.60 11.98
CA ALA Q 31 69.86 20.39 10.70
C ALA Q 31 70.04 21.66 9.89
N VAL Q 32 70.29 21.51 8.60
CA VAL Q 32 70.50 22.67 7.74
C VAL Q 32 69.94 22.46 6.36
N GLY Q 33 69.57 23.55 5.72
CA GLY Q 33 69.03 23.49 4.39
C GLY Q 33 69.48 24.68 3.58
N VAL Q 34 69.94 24.43 2.35
CA VAL Q 34 70.40 25.50 1.49
C VAL Q 34 69.79 25.30 0.12
N LYS Q 35 69.29 26.38 -0.46
CA LYS Q 35 68.67 26.28 -1.75
C LYS Q 35 69.60 26.79 -2.85
N GLY Q 36 69.79 25.94 -3.86
CA GLY Q 36 70.62 26.30 -4.99
C GLY Q 36 69.79 27.08 -5.99
N LYS Q 37 70.15 26.99 -7.27
CA LYS Q 37 69.41 27.70 -8.30
C LYS Q 37 68.40 26.76 -8.96
N ASN Q 38 68.56 25.47 -8.72
CA ASN Q 38 67.68 24.47 -9.31
C ASN Q 38 67.52 23.26 -8.39
N CYS Q 39 67.65 23.49 -7.08
CA CYS Q 39 67.50 22.41 -6.12
C CYS Q 39 67.59 22.95 -4.71
N VAL Q 40 67.38 22.07 -3.75
CA VAL Q 40 67.47 22.41 -2.34
C VAL Q 40 68.06 21.19 -1.67
N VAL Q 41 68.95 21.39 -0.71
CA VAL Q 41 69.57 20.28 -0.03
C VAL Q 41 69.36 20.38 1.47
N LEU Q 42 69.18 19.22 2.11
CA LEU Q 42 68.98 19.18 3.54
C LEU Q 42 70.01 18.23 4.15
N GLY Q 43 70.70 18.71 5.18
CA GLY Q 43 71.69 17.89 5.86
C GLY Q 43 71.40 17.88 7.34
N CYS Q 44 71.63 16.73 7.97
CA CYS Q 44 71.40 16.60 9.41
C CYS Q 44 72.58 15.88 10.02
N GLU Q 45 72.85 16.15 11.28
CA GLU Q 45 73.97 15.49 11.95
C GLU Q 45 73.44 14.31 12.76
N ARG Q 46 74.27 13.29 12.94
CA ARG Q 46 73.89 12.12 13.71
C ARG Q 46 74.64 12.12 15.03
N ARG Q 47 73.90 12.03 16.13
CA ARG Q 47 74.47 12.02 17.48
C ARG Q 47 75.48 10.86 17.58
N SER Q 48 76.15 10.75 18.72
CA SER Q 48 77.12 9.67 18.95
C SER Q 48 77.21 9.23 20.41
N THR Q 49 76.19 9.57 21.19
CA THR Q 49 76.10 9.20 22.62
C THR Q 49 76.15 7.67 22.81
N LEU Q 50 75.76 6.97 21.75
CA LEU Q 50 75.75 5.51 21.70
C LEU Q 50 75.89 5.16 20.22
N LYS Q 51 76.79 4.23 19.90
CA LYS Q 51 76.97 3.83 18.51
C LYS Q 51 77.05 2.31 18.46
N LEU Q 52 76.07 1.71 17.77
CA LEU Q 52 75.97 0.26 17.60
C LEU Q 52 74.56 0.01 17.08
N GLN Q 53 74.00 1.05 16.46
CA GLN Q 53 72.67 1.01 15.91
C GLN Q 53 72.65 0.36 14.55
N ASP Q 54 71.44 0.04 14.10
CA ASP Q 54 71.26 -0.55 12.80
C ASP Q 54 70.69 0.57 11.95
N THR Q 55 71.58 1.28 11.26
CA THR Q 55 71.22 2.41 10.42
C THR Q 55 70.16 2.12 9.33
N ARG Q 56 69.92 0.85 9.04
CA ARG Q 56 68.94 0.48 8.03
C ARG Q 56 67.52 0.80 8.50
N ILE Q 57 67.21 0.32 9.71
CA ILE Q 57 65.90 0.49 10.32
C ILE Q 57 65.67 1.73 11.18
N THR Q 58 66.71 2.25 11.82
CA THR Q 58 66.57 3.45 12.64
C THR Q 58 66.02 4.59 11.79
N PRO Q 59 64.89 5.17 12.22
CA PRO Q 59 64.24 6.28 11.51
C PRO Q 59 65.20 7.42 11.12
N SER Q 60 65.15 7.84 9.86
CA SER Q 60 66.01 8.91 9.37
C SER Q 60 65.52 10.28 9.82
N LYS Q 61 66.28 11.33 9.51
CA LYS Q 61 65.92 12.68 9.93
C LYS Q 61 65.22 13.52 8.87
N VAL Q 62 65.28 13.08 7.62
CA VAL Q 62 64.61 13.80 6.54
C VAL Q 62 63.38 13.00 6.13
N SER Q 63 62.19 13.59 6.30
CA SER Q 63 60.96 12.89 5.93
C SER Q 63 60.26 13.47 4.71
N LYS Q 64 59.69 12.59 3.88
CA LYS Q 64 58.95 13.01 2.71
C LYS Q 64 57.49 13.20 3.16
N ILE Q 65 56.95 14.39 2.89
CA ILE Q 65 55.57 14.67 3.26
C ILE Q 65 54.74 14.22 2.06
N ASP Q 66 55.28 14.50 0.88
CA ASP Q 66 54.67 14.09 -0.38
C ASP Q 66 55.88 13.80 -1.27
N SER Q 67 55.65 13.49 -2.54
CA SER Q 67 56.76 13.16 -3.43
C SER Q 67 57.60 14.35 -3.88
N HIS Q 68 57.16 15.57 -3.58
CA HIS Q 68 57.90 16.74 -4.01
C HIS Q 68 58.26 17.66 -2.84
N VAL Q 69 58.04 17.18 -1.62
CA VAL Q 69 58.31 17.98 -0.44
C VAL Q 69 58.85 17.15 0.71
N VAL Q 70 59.88 17.65 1.36
CA VAL Q 70 60.48 16.96 2.50
C VAL Q 70 60.54 17.86 3.71
N LEU Q 71 60.71 17.24 4.87
CA LEU Q 71 60.77 17.96 6.11
C LEU Q 71 61.82 17.35 7.03
N SER Q 72 62.66 18.21 7.60
CA SER Q 72 63.67 17.78 8.55
C SER Q 72 63.40 18.60 9.79
N PHE Q 73 63.99 18.20 10.91
CA PHE Q 73 63.73 18.91 12.16
C PHE Q 73 64.85 18.78 13.19
N SER Q 74 64.71 19.53 14.28
CA SER Q 74 65.64 19.51 15.41
C SER Q 74 64.77 19.61 16.64
N GLY Q 75 65.03 18.75 17.60
CA GLY Q 75 64.25 18.75 18.83
C GLY Q 75 63.84 17.34 19.19
N LEU Q 76 62.76 17.20 19.95
CA LEU Q 76 62.25 15.91 20.37
C LEU Q 76 61.82 15.07 19.18
N ASN Q 77 62.36 13.86 19.07
CA ASN Q 77 62.04 12.96 17.97
C ASN Q 77 60.58 12.53 18.01
N ALA Q 78 60.14 12.09 19.18
CA ALA Q 78 58.78 11.63 19.34
C ALA Q 78 57.80 12.71 18.88
N ASP Q 79 58.05 13.97 19.25
CA ASP Q 79 57.18 15.05 18.83
C ASP Q 79 57.12 15.23 17.32
N SER Q 80 58.26 15.11 16.64
CA SER Q 80 58.29 15.29 15.20
C SER Q 80 57.41 14.31 14.43
N ARG Q 81 57.29 13.07 14.93
CA ARG Q 81 56.48 12.08 14.24
C ARG Q 81 55.05 12.58 14.07
N ILE Q 82 54.50 13.16 15.14
CA ILE Q 82 53.15 13.68 15.14
C ILE Q 82 52.98 14.76 14.06
N LEU Q 83 53.90 15.72 14.00
CA LEU Q 83 53.82 16.77 12.99
C LEU Q 83 53.94 16.22 11.59
N ILE Q 84 54.82 15.25 11.41
CA ILE Q 84 55.01 14.66 10.08
C ILE Q 84 53.80 13.87 9.60
N GLU Q 85 53.17 13.15 10.51
CA GLU Q 85 51.99 12.37 10.16
C GLU Q 85 50.87 13.30 9.73
N LYS Q 86 50.63 14.34 10.53
CA LYS Q 86 49.58 15.30 10.22
C LYS Q 86 49.82 15.96 8.86
N ALA Q 87 51.06 16.37 8.62
CA ALA Q 87 51.38 17.01 7.36
C ALA Q 87 51.13 16.07 6.17
N ARG Q 88 51.50 14.80 6.33
CA ARG Q 88 51.31 13.82 5.27
C ARG Q 88 49.83 13.64 4.97
N VAL Q 89 49.05 13.53 6.04
CA VAL Q 89 47.62 13.38 5.93
C VAL Q 89 47.04 14.57 5.17
N GLU Q 90 47.44 15.77 5.56
CA GLU Q 90 46.96 17.00 4.92
C GLU Q 90 47.36 17.05 3.46
N ALA Q 91 48.54 16.53 3.14
CA ALA Q 91 49.01 16.55 1.76
C ALA Q 91 48.10 15.72 0.87
N GLN Q 92 47.66 14.58 1.39
CA GLN Q 92 46.77 13.71 0.62
C GLN Q 92 45.39 14.32 0.48
N SER Q 93 44.91 14.94 1.56
CA SER Q 93 43.61 15.58 1.54
C SER Q 93 43.59 16.75 0.57
N HIS Q 94 44.65 17.56 0.56
CA HIS Q 94 44.72 18.70 -0.34
C HIS Q 94 44.67 18.21 -1.80
N ARG Q 95 45.35 17.11 -2.07
CA ARG Q 95 45.36 16.56 -3.43
C ARG Q 95 43.94 16.16 -3.83
N LEU Q 96 43.20 15.68 -2.84
CA LEU Q 96 41.83 15.24 -3.05
C LEU Q 96 40.85 16.37 -3.31
N THR Q 97 40.87 17.39 -2.45
CA THR Q 97 39.95 18.50 -2.59
C THR Q 97 40.31 19.54 -3.64
N LEU Q 98 41.58 19.93 -3.72
CA LEU Q 98 42.01 20.92 -4.70
C LEU Q 98 42.45 20.30 -6.02
N GLU Q 99 42.58 18.97 -6.04
CA GLU Q 99 43.04 18.26 -7.23
C GLU Q 99 44.39 18.83 -7.70
N ASP Q 100 45.29 19.01 -6.75
CA ASP Q 100 46.61 19.54 -7.02
C ASP Q 100 47.39 19.36 -5.72
N PRO Q 101 48.66 18.93 -5.80
CA PRO Q 101 49.44 18.76 -4.57
C PRO Q 101 49.74 20.10 -3.90
N VAL Q 102 50.01 20.05 -2.61
CA VAL Q 102 50.30 21.25 -1.83
C VAL Q 102 51.55 22.00 -2.32
N THR Q 103 51.57 23.30 -2.09
CA THR Q 103 52.73 24.13 -2.42
C THR Q 103 53.54 24.05 -1.14
N VAL Q 104 54.85 24.24 -1.23
CA VAL Q 104 55.68 24.16 -0.03
C VAL Q 104 55.26 25.18 1.03
N GLU Q 105 54.86 26.38 0.58
CA GLU Q 105 54.44 27.42 1.50
C GLU Q 105 53.13 27.03 2.20
N TYR Q 106 52.25 26.37 1.48
CA TYR Q 106 50.97 25.94 2.06
C TYR Q 106 51.21 24.86 3.11
N LEU Q 107 51.97 23.85 2.75
CA LEU Q 107 52.27 22.75 3.66
C LEU Q 107 52.96 23.32 4.90
N THR Q 108 53.79 24.33 4.69
CA THR Q 108 54.51 24.96 5.78
C THR Q 108 53.54 25.67 6.71
N ARG Q 109 52.65 26.47 6.10
CA ARG Q 109 51.64 27.21 6.86
C ARG Q 109 50.79 26.24 7.69
N TYR Q 110 50.49 25.08 7.14
CA TYR Q 110 49.69 24.10 7.87
C TYR Q 110 50.44 23.62 9.11
N VAL Q 111 51.67 23.16 8.92
CA VAL Q 111 52.48 22.65 10.03
C VAL Q 111 52.65 23.71 11.11
N ALA Q 112 52.95 24.93 10.69
CA ALA Q 112 53.12 26.02 11.64
C ALA Q 112 51.85 26.28 12.45
N GLY Q 113 50.69 26.15 11.80
CA GLY Q 113 49.43 26.37 12.49
C GLY Q 113 49.23 25.34 13.59
N VAL Q 114 49.54 24.08 13.28
CA VAL Q 114 49.41 23.01 14.24
C VAL Q 114 50.24 23.36 15.47
N GLN Q 115 51.46 23.85 15.25
CA GLN Q 115 52.31 24.20 16.37
C GLN Q 115 51.73 25.38 17.17
N GLN Q 116 51.24 26.39 16.47
CA GLN Q 116 50.68 27.55 17.12
C GLN Q 116 49.50 27.12 17.99
N ARG Q 117 48.63 26.32 17.41
CA ARG Q 117 47.45 25.82 18.12
C ARG Q 117 47.84 25.15 19.43
N TYR Q 118 48.96 24.44 19.44
CA TYR Q 118 49.42 23.77 20.65
C TYR Q 118 50.05 24.71 21.64
N THR Q 119 50.01 26.01 21.37
CA THR Q 119 50.57 26.99 22.30
C THR Q 119 49.44 27.74 23.00
N GLN Q 120 48.21 27.51 22.56
CA GLN Q 120 47.08 28.16 23.21
C GLN Q 120 45.83 27.28 23.27
N SER Q 121 46.06 26.02 23.63
CA SER Q 121 45.00 25.02 23.78
C SER Q 121 45.22 24.37 25.14
N GLY Q 122 44.15 24.19 25.88
CA GLY Q 122 44.29 23.60 27.20
C GLY Q 122 44.68 22.13 27.23
N GLY Q 123 45.41 21.75 28.27
CA GLY Q 123 45.82 20.36 28.45
C GLY Q 123 46.94 19.80 27.60
N VAL Q 124 47.63 20.65 26.84
CA VAL Q 124 48.74 20.19 25.99
C VAL Q 124 49.95 21.11 26.03
N ARG Q 125 51.13 20.55 25.76
CA ARG Q 125 52.34 21.36 25.75
C ARG Q 125 52.76 21.58 24.29
N PRO Q 126 53.53 22.64 24.03
CA PRO Q 126 53.99 22.94 22.67
C PRO Q 126 54.94 21.85 22.15
N PHE Q 127 55.11 21.79 20.84
CA PHE Q 127 56.01 20.81 20.25
C PHE Q 127 57.45 21.27 20.42
N GLY Q 128 58.30 20.37 20.94
CA GLY Q 128 59.70 20.71 21.12
C GLY Q 128 60.37 20.45 19.78
N VAL Q 129 59.88 21.13 18.75
CA VAL Q 129 60.40 20.92 17.41
C VAL Q 129 60.39 22.14 16.52
N SER Q 130 61.44 22.28 15.73
CA SER Q 130 61.55 23.35 14.75
C SER Q 130 61.77 22.55 13.48
N THR Q 131 61.15 22.96 12.38
CA THR Q 131 61.31 22.19 11.15
C THR Q 131 61.86 23.02 10.02
N LEU Q 132 62.29 22.28 9.00
CA LEU Q 132 62.81 22.84 7.76
C LEU Q 132 62.02 22.09 6.72
N ILE Q 133 61.27 22.82 5.91
CA ILE Q 133 60.45 22.20 4.88
C ILE Q 133 60.93 22.72 3.52
N ALA Q 134 61.19 21.81 2.60
CA ALA Q 134 61.68 22.20 1.28
C ALA Q 134 61.19 21.32 0.15
N GLY Q 135 61.13 21.91 -1.04
CA GLY Q 135 60.70 21.20 -2.22
C GLY Q 135 60.40 22.15 -3.37
N PHE Q 136 59.60 21.69 -4.34
CA PHE Q 136 59.23 22.52 -5.47
C PHE Q 136 57.71 22.47 -5.66
N ASP Q 137 57.08 23.64 -5.74
CA ASP Q 137 55.64 23.68 -5.93
C ASP Q 137 55.34 22.89 -7.19
N PRO Q 138 54.09 22.44 -7.37
CA PRO Q 138 53.71 21.68 -8.56
C PRO Q 138 53.97 22.47 -9.83
N ARG Q 139 54.63 21.84 -10.79
CA ARG Q 139 54.93 22.49 -12.07
C ARG Q 139 55.72 23.80 -11.92
N ASP Q 140 56.59 23.87 -10.92
CA ASP Q 140 57.42 25.05 -10.69
C ASP Q 140 58.83 24.56 -10.45
N ASP Q 141 59.81 25.36 -10.87
CA ASP Q 141 61.21 24.98 -10.73
C ASP Q 141 61.99 25.83 -9.72
N GLU Q 142 61.33 26.83 -9.15
CA GLU Q 142 61.96 27.70 -8.17
C GLU Q 142 62.02 26.97 -6.83
N PRO Q 143 63.25 26.74 -6.30
CA PRO Q 143 63.38 26.05 -5.02
C PRO Q 143 62.74 26.76 -3.83
N LYS Q 144 62.18 25.97 -2.92
CA LYS Q 144 61.51 26.48 -1.73
C LYS Q 144 62.09 25.92 -0.44
N LEU Q 145 62.34 26.82 0.51
CA LEU Q 145 62.87 26.45 1.81
C LEU Q 145 62.22 27.31 2.88
N TYR Q 146 61.66 26.64 3.89
CA TYR Q 146 60.97 27.31 4.99
C TYR Q 146 61.36 26.70 6.32
N GLN Q 147 61.14 27.46 7.38
CA GLN Q 147 61.46 27.00 8.72
C GLN Q 147 60.32 27.36 9.67
N THR Q 148 60.00 26.45 10.57
CA THR Q 148 58.94 26.68 11.56
C THR Q 148 59.48 26.40 12.94
N GLU Q 149 58.93 27.08 13.95
CA GLU Q 149 59.37 26.84 15.31
C GLU Q 149 58.17 26.67 16.26
N PRO Q 150 58.44 26.24 17.50
CA PRO Q 150 57.36 26.03 18.47
C PRO Q 150 56.28 27.10 18.54
N SER Q 151 56.68 28.37 18.49
CA SER Q 151 55.72 29.47 18.57
C SER Q 151 54.61 29.37 17.52
N GLY Q 152 54.96 28.85 16.35
CA GLY Q 152 53.99 28.73 15.28
C GLY Q 152 54.36 29.67 14.14
N ILE Q 153 55.49 30.35 14.30
CA ILE Q 153 55.98 31.29 13.29
C ILE Q 153 56.80 30.57 12.24
N TYR Q 154 56.73 31.05 11.01
CA TYR Q 154 57.49 30.45 9.92
C TYR Q 154 57.93 31.53 8.94
N SER Q 155 58.87 31.18 8.06
CA SER Q 155 59.37 32.10 7.04
C SER Q 155 60.31 31.35 6.11
N SER Q 156 60.61 31.96 4.96
CA SER Q 156 61.51 31.33 4.00
C SER Q 156 62.93 31.83 4.12
N TRP Q 157 63.88 30.97 3.77
CA TRP Q 157 65.29 31.32 3.84
C TRP Q 157 66.02 30.83 2.60
N SER Q 158 67.10 31.53 2.26
CA SER Q 158 67.94 31.15 1.12
C SER Q 158 68.70 29.93 1.64
N ALA Q 159 68.97 29.97 2.94
CA ALA Q 159 69.66 28.88 3.62
C ALA Q 159 69.45 29.09 5.11
N GLN Q 160 69.32 28.00 5.85
CA GLN Q 160 69.10 28.09 7.28
C GLN Q 160 69.50 26.81 8.00
N THR Q 161 69.68 26.92 9.32
CA THR Q 161 70.07 25.80 10.15
C THR Q 161 69.41 25.92 11.52
N ILE Q 162 69.18 24.79 12.16
CA ILE Q 162 68.54 24.74 13.48
C ILE Q 162 69.19 23.62 14.26
N GLY Q 163 69.01 23.62 15.57
CA GLY Q 163 69.62 22.57 16.38
C GLY Q 163 70.86 23.06 17.10
N ARG Q 164 71.63 22.13 17.68
CA ARG Q 164 72.83 22.51 18.40
C ARG Q 164 73.91 23.10 17.50
N ASN Q 165 74.57 24.13 18.01
CA ASN Q 165 75.64 24.79 17.28
C ASN Q 165 75.12 25.40 15.99
N SER Q 166 73.82 25.60 15.93
CA SER Q 166 73.22 26.19 14.74
C SER Q 166 73.70 27.65 14.63
N LYS Q 167 74.14 28.21 15.76
CA LYS Q 167 74.63 29.58 15.79
C LYS Q 167 75.89 29.63 14.92
N THR Q 168 76.75 28.64 15.13
CA THR Q 168 78.00 28.52 14.41
C THR Q 168 77.76 28.35 12.92
N VAL Q 169 77.11 27.25 12.57
CA VAL Q 169 76.83 26.94 11.18
C VAL Q 169 76.10 28.06 10.41
N ARG Q 170 75.34 28.90 11.12
CA ARG Q 170 74.63 29.98 10.43
C ARG Q 170 75.66 31.02 9.99
N GLU Q 171 76.57 31.35 10.90
CA GLU Q 171 77.64 32.31 10.61
C GLU Q 171 78.34 31.84 9.34
N PHE Q 172 78.74 30.58 9.35
CA PHE Q 172 79.41 29.99 8.21
C PHE Q 172 78.64 30.29 6.93
N LEU Q 173 77.33 30.05 6.98
CA LEU Q 173 76.47 30.26 5.83
C LEU Q 173 76.26 31.73 5.47
N GLU Q 174 76.20 32.60 6.47
CA GLU Q 174 76.00 34.02 6.19
C GLU Q 174 77.18 34.61 5.45
N LYS Q 175 78.37 34.05 5.73
CA LYS Q 175 79.58 34.53 5.09
C LYS Q 175 80.13 33.48 4.12
N ASN Q 176 79.24 32.74 3.47
CA ASN Q 176 79.63 31.71 2.51
C ASN Q 176 78.53 31.49 1.48
N TYR Q 177 77.40 32.16 1.66
CA TYR Q 177 76.28 32.03 0.75
C TYR Q 177 75.97 33.39 0.13
N ASP Q 178 75.93 33.42 -1.20
CA ASP Q 178 75.65 34.66 -1.92
C ASP Q 178 74.32 34.52 -2.65
N ARG Q 179 73.34 35.34 -2.27
CA ARG Q 179 72.04 35.31 -2.91
C ARG Q 179 72.19 35.70 -4.37
N LYS Q 180 73.15 36.58 -4.64
CA LYS Q 180 73.43 37.03 -6.00
C LYS Q 180 73.68 35.81 -6.88
N GLU Q 181 74.57 34.93 -6.43
CA GLU Q 181 74.89 33.71 -7.17
C GLU Q 181 74.77 32.48 -6.28
N PRO Q 182 73.57 31.90 -6.19
CA PRO Q 182 73.34 30.70 -5.37
C PRO Q 182 73.99 29.49 -6.03
N PRO Q 183 74.43 28.50 -5.23
CA PRO Q 183 75.07 27.28 -5.74
C PRO Q 183 74.38 26.74 -6.99
N ALA Q 184 74.76 27.28 -8.15
CA ALA Q 184 74.18 26.90 -9.43
C ALA Q 184 74.25 25.42 -9.77
N THR Q 185 74.88 24.61 -8.91
CA THR Q 185 74.98 23.17 -9.16
C THR Q 185 74.57 22.32 -7.98
N VAL Q 186 73.97 21.18 -8.29
CA VAL Q 186 73.56 20.24 -7.27
C VAL Q 186 74.80 19.86 -6.45
N GLU Q 187 75.91 19.63 -7.16
CA GLU Q 187 77.15 19.26 -6.51
C GLU Q 187 77.71 20.36 -5.62
N GLU Q 188 77.83 21.57 -6.16
CA GLU Q 188 78.37 22.65 -5.36
C GLU Q 188 77.40 23.06 -4.26
N CYS Q 189 76.14 22.66 -4.40
CA CYS Q 189 75.12 22.98 -3.40
C CYS Q 189 75.29 22.01 -2.24
N VAL Q 190 75.56 20.75 -2.54
CA VAL Q 190 75.76 19.72 -1.53
C VAL Q 190 77.10 19.93 -0.80
N LYS Q 191 78.04 20.56 -1.48
CA LYS Q 191 79.36 20.83 -0.90
C LYS Q 191 79.21 21.87 0.21
N LEU Q 192 78.60 23.00 -0.15
CA LEU Q 192 78.38 24.07 0.81
C LEU Q 192 77.65 23.55 2.04
N THR Q 193 76.75 22.58 1.84
CA THR Q 193 75.99 22.00 2.94
C THR Q 193 76.87 21.14 3.83
N VAL Q 194 77.70 20.29 3.22
CA VAL Q 194 78.58 19.43 3.99
C VAL Q 194 79.63 20.28 4.70
N ARG Q 195 80.04 21.38 4.06
CA ARG Q 195 81.03 22.27 4.67
C ARG Q 195 80.44 22.87 5.94
N SER Q 196 79.24 23.42 5.82
CA SER Q 196 78.55 24.04 6.95
C SER Q 196 78.34 23.10 8.12
N LEU Q 197 78.21 21.81 7.84
CA LEU Q 197 78.00 20.82 8.90
C LEU Q 197 79.33 20.42 9.56
N LEU Q 198 80.40 20.38 8.77
CA LEU Q 198 81.70 20.00 9.29
C LEU Q 198 82.19 21.01 10.33
N GLU Q 199 81.69 22.23 10.24
CA GLU Q 199 82.05 23.28 11.19
C GLU Q 199 81.66 22.85 12.60
N VAL Q 200 80.72 21.92 12.69
CA VAL Q 200 80.24 21.46 13.97
C VAL Q 200 80.24 19.95 14.19
N VAL Q 201 80.14 19.18 13.11
CA VAL Q 201 80.11 17.73 13.23
C VAL Q 201 81.43 17.12 13.72
N GLN Q 202 82.54 17.79 13.43
CA GLN Q 202 83.85 17.32 13.85
C GLN Q 202 84.09 15.90 13.31
N THR Q 203 84.58 15.83 12.07
CA THR Q 203 84.85 14.56 11.39
C THR Q 203 83.83 13.48 11.72
N GLY Q 204 82.80 13.42 10.88
CA GLY Q 204 81.75 12.44 11.07
C GLY Q 204 81.13 12.06 9.75
N ALA Q 205 81.82 11.20 9.00
CA ALA Q 205 81.34 10.75 7.69
C ALA Q 205 80.02 10.00 7.88
N LYS Q 206 79.96 9.17 8.92
CA LYS Q 206 78.76 8.39 9.21
C LYS Q 206 77.83 9.18 10.12
N ASN Q 207 78.21 10.42 10.41
CA ASN Q 207 77.40 11.30 11.25
C ASN Q 207 76.76 12.40 10.42
N ILE Q 208 76.90 12.29 9.10
CA ILE Q 208 76.35 13.28 8.19
C ILE Q 208 75.53 12.67 7.05
N GLU Q 209 74.24 12.98 7.00
CA GLU Q 209 73.37 12.47 5.95
C GLU Q 209 72.77 13.62 5.14
N ILE Q 210 72.91 13.56 3.82
CA ILE Q 210 72.37 14.58 2.93
C ILE Q 210 71.26 14.03 2.05
N THR Q 211 70.30 14.89 1.70
CA THR Q 211 69.19 14.51 0.84
C THR Q 211 68.99 15.64 -0.16
N VAL Q 212 68.94 15.28 -1.44
CA VAL Q 212 68.78 16.28 -2.52
C VAL Q 212 67.40 16.27 -3.15
N VAL Q 213 66.82 17.46 -3.30
CA VAL Q 213 65.50 17.58 -3.90
C VAL Q 213 65.56 18.43 -5.17
N LYS Q 214 65.07 17.86 -6.27
CA LYS Q 214 65.06 18.56 -7.54
C LYS Q 214 63.61 18.74 -7.98
N PRO Q 215 63.35 19.64 -8.94
CA PRO Q 215 61.98 19.88 -9.42
C PRO Q 215 61.32 18.62 -9.98
N ASP Q 216 60.00 18.56 -9.85
CA ASP Q 216 59.20 17.44 -10.33
C ASP Q 216 59.39 16.13 -9.56
N SER Q 217 59.21 16.20 -8.24
CA SER Q 217 59.32 15.03 -7.37
C SER Q 217 60.57 14.18 -7.58
N ASP Q 218 61.72 14.83 -7.59
CA ASP Q 218 63.00 14.12 -7.73
C ASP Q 218 63.72 14.25 -6.41
N ILE Q 219 63.56 13.23 -5.56
CA ILE Q 219 64.17 13.25 -4.23
C ILE Q 219 64.98 12.01 -3.97
N VAL Q 220 66.20 12.21 -3.48
CA VAL Q 220 67.10 11.10 -3.17
C VAL Q 220 68.12 11.48 -2.10
N ALA Q 221 68.42 10.52 -1.23
CA ALA Q 221 69.38 10.72 -0.16
C ALA Q 221 70.69 10.02 -0.52
N LEU Q 222 71.79 10.76 -0.44
CA LEU Q 222 73.12 10.24 -0.75
C LEU Q 222 73.53 9.17 0.26
N SER Q 223 74.49 8.33 -0.15
CA SER Q 223 74.99 7.27 0.72
C SER Q 223 76.30 7.75 1.36
N SER Q 224 76.74 7.03 2.39
CA SER Q 224 77.96 7.39 3.10
C SER Q 224 79.12 7.72 2.16
N GLU Q 225 79.27 6.93 1.10
CA GLU Q 225 80.35 7.13 0.13
C GLU Q 225 80.24 8.46 -0.59
N GLU Q 226 79.12 8.67 -1.27
CA GLU Q 226 78.90 9.92 -2.00
C GLU Q 226 79.20 11.10 -1.10
N ILE Q 227 78.84 10.95 0.18
CA ILE Q 227 79.06 11.99 1.16
C ILE Q 227 80.53 12.02 1.58
N ASN Q 228 81.05 10.86 1.98
CA ASN Q 228 82.44 10.75 2.39
C ASN Q 228 83.34 11.42 1.36
N GLN Q 229 82.97 11.29 0.08
CA GLN Q 229 83.73 11.88 -1.00
C GLN Q 229 83.77 13.40 -0.88
N TYR Q 230 82.61 14.00 -0.61
CA TYR Q 230 82.53 15.45 -0.44
C TYR Q 230 83.43 15.89 0.71
N VAL Q 231 83.35 15.16 1.81
CA VAL Q 231 84.16 15.45 3.00
C VAL Q 231 85.64 15.45 2.60
N THR Q 232 86.04 14.44 1.83
CA THR Q 232 87.41 14.29 1.36
C THR Q 232 87.90 15.48 0.54
N GLN Q 233 87.19 15.78 -0.54
CA GLN Q 233 87.57 16.89 -1.41
C GLN Q 233 87.61 18.23 -0.67
N ILE Q 234 86.99 18.29 0.49
CA ILE Q 234 86.94 19.54 1.27
C ILE Q 234 88.11 19.68 2.27
N GLU Q 235 88.56 18.57 2.85
CA GLU Q 235 89.67 18.62 3.79
C GLU Q 235 90.95 18.96 3.06
N GLN Q 236 90.92 18.79 1.74
CA GLN Q 236 92.07 19.09 0.91
C GLN Q 236 92.06 20.58 0.62
N GLU Q 237 90.87 21.14 0.46
CA GLU Q 237 90.73 22.58 0.21
C GLU Q 237 91.50 23.34 1.29
N LYS Q 238 91.37 22.86 2.53
CA LYS Q 238 92.03 23.44 3.69
C LYS Q 238 93.55 23.24 3.63
N GLN Q 239 93.96 21.98 3.57
CA GLN Q 239 95.37 21.61 3.52
C GLN Q 239 96.12 22.25 2.36
N GLU Q 240 95.46 22.38 1.22
CA GLU Q 240 96.08 23.00 0.04
C GLU Q 240 96.23 24.49 0.30
N GLN Q 241 96.67 24.81 1.51
CA GLN Q 241 96.87 26.18 1.93
C GLN Q 241 97.53 26.19 3.32
N ASP R 1 48.57 27.05 41.18
CA ASP R 1 49.10 28.37 40.70
C ASP R 1 48.07 29.49 40.87
N ARG R 2 47.47 29.92 39.76
CA ARG R 2 46.46 30.99 39.78
C ARG R 2 45.70 30.98 38.45
N GLY R 3 44.37 31.00 38.53
CA GLY R 3 43.53 30.97 37.35
C GLY R 3 43.91 31.94 36.24
N VAL R 4 43.79 31.49 34.99
CA VAL R 4 44.14 32.33 33.87
C VAL R 4 43.19 33.50 33.70
N SER R 5 42.09 33.47 34.44
CA SER R 5 41.12 34.57 34.35
C SER R 5 40.94 35.24 35.72
N THR R 6 42.05 35.38 36.43
CA THR R 6 42.06 36.00 37.76
C THR R 6 42.23 37.52 37.70
N PHE R 7 41.60 38.21 38.63
CA PHE R 7 41.69 39.65 38.73
C PHE R 7 42.81 40.02 39.69
N SER R 8 43.50 41.13 39.40
CA SER R 8 44.56 41.60 40.28
C SER R 8 43.84 42.48 41.30
N PRO R 9 44.53 42.84 42.39
CA PRO R 9 43.87 43.69 43.38
C PRO R 9 43.47 45.06 42.82
N GLU R 10 44.02 45.43 41.67
CA GLU R 10 43.70 46.71 41.07
C GLU R 10 42.56 46.66 40.07
N GLY R 11 41.96 45.48 39.91
CA GLY R 11 40.84 45.36 39.00
C GLY R 11 41.18 45.05 37.55
N ARG R 12 42.36 44.47 37.32
CA ARG R 12 42.76 44.12 35.97
C ARG R 12 42.96 42.61 35.87
N LEU R 13 42.98 42.10 34.64
CA LEU R 13 43.18 40.68 34.43
C LEU R 13 44.65 40.41 34.10
N PHE R 14 45.32 39.71 35.01
CA PHE R 14 46.74 39.37 34.85
C PHE R 14 47.12 38.95 33.44
N GLN R 15 46.56 37.84 32.96
CA GLN R 15 46.90 37.37 31.63
C GLN R 15 46.79 38.43 30.55
N VAL R 16 45.74 39.24 30.61
CA VAL R 16 45.57 40.28 29.61
C VAL R 16 46.69 41.30 29.71
N GLU R 17 46.98 41.73 30.94
CA GLU R 17 48.04 42.70 31.15
C GLU R 17 49.38 42.18 30.64
N TYR R 18 49.74 40.96 31.04
CA TYR R 18 50.99 40.36 30.61
C TYR R 18 51.00 40.26 29.09
N SER R 19 49.82 40.04 28.53
CA SER R 19 49.69 39.95 27.08
C SER R 19 50.16 41.25 26.44
N LEU R 20 49.70 42.38 26.95
CA LEU R 20 50.09 43.68 26.43
C LEU R 20 51.61 43.85 26.44
N GLU R 21 52.27 43.28 27.44
CA GLU R 21 53.72 43.38 27.53
C GLU R 21 54.39 42.73 26.33
N ALA R 22 53.94 41.54 25.96
CA ALA R 22 54.53 40.85 24.83
C ALA R 22 54.35 41.70 23.56
N ILE R 23 53.27 42.48 23.52
CA ILE R 23 53.01 43.33 22.37
C ILE R 23 54.02 44.46 22.28
N LYS R 24 54.43 44.99 23.42
CA LYS R 24 55.43 46.06 23.43
C LYS R 24 56.74 45.58 22.80
N LEU R 25 57.02 44.29 22.93
CA LEU R 25 58.25 43.71 22.37
C LEU R 25 58.14 43.42 20.87
N GLY R 26 56.99 43.72 20.27
CA GLY R 26 56.82 43.43 18.86
C GLY R 26 57.39 44.44 17.89
N SER R 27 57.36 44.09 16.60
CA SER R 27 57.84 44.97 15.54
C SER R 27 56.93 46.17 15.44
N THR R 28 57.50 47.33 15.14
CA THR R 28 56.69 48.54 15.04
C THR R 28 55.65 48.46 13.93
N ALA R 29 54.51 49.07 14.19
CA ALA R 29 53.42 49.14 13.24
C ALA R 29 52.79 50.51 13.39
N ILE R 30 52.46 51.14 12.27
CA ILE R 30 51.87 52.48 12.29
C ILE R 30 50.76 52.62 11.27
N GLY R 31 49.71 53.35 11.64
CA GLY R 31 48.61 53.57 10.73
C GLY R 31 48.24 55.04 10.75
N ILE R 32 47.95 55.59 9.57
CA ILE R 32 47.58 56.99 9.47
C ILE R 32 46.37 57.15 8.54
N ALA R 33 45.29 57.73 9.08
CA ALA R 33 44.09 57.94 8.30
C ALA R 33 44.02 59.38 7.75
N THR R 34 43.61 59.51 6.49
CA THR R 34 43.49 60.81 5.84
C THR R 34 42.21 60.78 5.01
N LYS R 35 41.65 61.95 4.69
CA LYS R 35 40.43 61.99 3.90
C LYS R 35 40.62 61.39 2.51
N GLU R 36 41.84 60.93 2.23
CA GLU R 36 42.18 60.34 0.94
C GLU R 36 42.44 58.85 1.08
N GLY R 37 42.40 58.35 2.30
CA GLY R 37 42.65 56.94 2.53
C GLY R 37 43.46 56.71 3.79
N VAL R 38 43.77 55.46 4.07
CA VAL R 38 44.53 55.12 5.26
C VAL R 38 45.82 54.41 4.85
N VAL R 39 46.90 54.73 5.54
CA VAL R 39 48.19 54.12 5.26
C VAL R 39 48.58 53.22 6.45
N LEU R 40 49.13 52.06 6.12
CA LEU R 40 49.54 51.10 7.13
C LEU R 40 50.98 50.68 6.84
N GLY R 41 51.87 50.97 7.77
CA GLY R 41 53.26 50.62 7.59
C GLY R 41 53.76 49.79 8.75
N VAL R 42 54.71 48.90 8.49
CA VAL R 42 55.25 48.03 9.53
C VAL R 42 56.74 47.74 9.38
N GLU R 43 57.38 47.42 10.50
CA GLU R 43 58.80 47.06 10.51
C GLU R 43 58.92 45.56 10.27
N LYS R 44 59.60 45.16 9.20
CA LYS R 44 59.78 43.74 8.92
C LYS R 44 60.55 43.08 10.05
N ARG R 45 61.80 43.51 10.22
CA ARG R 45 62.70 43.00 11.26
C ARG R 45 63.14 41.56 11.04
N ALA R 46 64.10 41.37 10.15
CA ALA R 46 64.63 40.04 9.87
C ALA R 46 65.68 39.68 10.92
N THR R 47 65.60 38.46 11.46
CA THR R 47 66.55 38.02 12.48
C THR R 47 67.87 37.53 11.89
N SER R 48 68.01 37.66 10.58
CA SER R 48 69.22 37.21 9.88
C SER R 48 69.16 37.62 8.41
N PRO R 49 70.34 37.77 7.76
CA PRO R 49 70.38 38.17 6.36
C PRO R 49 69.94 37.06 5.38
N LEU R 50 69.95 35.82 5.85
CA LEU R 50 69.55 34.70 5.02
C LEU R 50 68.03 34.56 4.88
N LEU R 51 67.31 35.23 5.78
CA LEU R 51 65.85 35.22 5.80
C LEU R 51 65.29 36.11 4.68
N GLU R 52 64.61 35.49 3.72
CA GLU R 52 64.03 36.22 2.61
C GLU R 52 62.97 37.19 3.12
N SER R 53 63.40 38.41 3.42
CA SER R 53 62.54 39.45 3.96
C SER R 53 61.13 39.60 3.39
N ASP R 54 60.90 39.16 2.15
CA ASP R 54 59.57 39.31 1.59
C ASP R 54 58.61 38.17 1.96
N SER R 55 59.05 37.29 2.85
CA SER R 55 58.21 36.20 3.32
C SER R 55 57.69 36.61 4.70
N ILE R 56 57.94 37.87 5.05
CA ILE R 56 57.49 38.44 6.31
C ILE R 56 56.17 39.13 6.00
N GLU R 57 55.08 38.55 6.48
CA GLU R 57 53.74 39.08 6.24
C GLU R 57 53.07 39.64 7.49
N LYS R 58 53.27 40.93 7.74
CA LYS R 58 52.69 41.55 8.92
C LYS R 58 51.57 42.51 8.54
N ILE R 59 51.26 42.55 7.26
CA ILE R 59 50.19 43.38 6.75
C ILE R 59 49.36 42.44 5.86
N VAL R 60 48.09 42.28 6.19
CA VAL R 60 47.26 41.37 5.41
C VAL R 60 45.90 41.97 5.08
N GLU R 61 45.28 41.41 4.04
CA GLU R 61 43.95 41.84 3.59
C GLU R 61 42.82 41.04 4.25
N ILE R 62 41.83 41.75 4.79
CA ILE R 62 40.66 41.14 5.41
C ILE R 62 39.64 41.00 4.28
N ASP R 63 39.42 42.11 3.58
CA ASP R 63 38.52 42.19 2.44
C ASP R 63 39.04 43.30 1.52
N ARG R 64 38.40 43.52 0.37
CA ARG R 64 38.88 44.53 -0.56
C ARG R 64 38.87 45.96 -0.01
N HIS R 65 38.09 46.19 1.04
CA HIS R 65 37.99 47.53 1.63
C HIS R 65 38.53 47.52 3.07
N ILE R 66 39.20 46.44 3.45
CA ILE R 66 39.73 46.32 4.81
C ILE R 66 41.06 45.55 4.86
N GLY R 67 42.05 46.13 5.50
CA GLY R 67 43.34 45.50 5.66
C GLY R 67 43.79 45.71 7.10
N CYS R 68 44.81 45.00 7.55
CA CYS R 68 45.26 45.23 8.92
C CYS R 68 46.73 44.91 9.14
N ALA R 69 47.31 45.58 10.15
CA ALA R 69 48.70 45.40 10.53
C ALA R 69 48.73 44.80 11.93
N MET R 70 49.69 43.92 12.17
CA MET R 70 49.80 43.24 13.45
C MET R 70 51.15 43.48 14.15
N SER R 71 51.15 43.37 15.47
CA SER R 71 52.36 43.54 16.26
C SER R 71 52.30 42.66 17.50
N GLY R 72 53.36 41.90 17.75
CA GLY R 72 53.39 41.02 18.91
C GLY R 72 53.69 39.61 18.45
N LEU R 73 53.14 38.61 19.14
CA LEU R 73 53.34 37.22 18.73
C LEU R 73 52.49 37.00 17.47
N THR R 74 53.03 37.40 16.33
CA THR R 74 52.33 37.30 15.04
C THR R 74 51.67 35.98 14.67
N ALA R 75 52.18 34.86 15.17
CA ALA R 75 51.57 33.56 14.86
C ALA R 75 50.16 33.50 15.45
N ASP R 76 49.91 34.27 16.51
CA ASP R 76 48.60 34.30 17.16
C ASP R 76 47.54 34.97 16.30
N ALA R 77 47.97 35.82 15.36
CA ALA R 77 47.03 36.53 14.51
C ALA R 77 46.40 35.72 13.38
N ARG R 78 46.93 34.54 13.10
CA ARG R 78 46.40 33.75 12.01
C ARG R 78 44.91 33.42 12.20
N SER R 79 44.54 32.87 13.34
CA SER R 79 43.13 32.54 13.57
C SER R 79 42.27 33.80 13.64
N MET R 80 42.87 34.90 14.06
CA MET R 80 42.13 36.16 14.13
C MET R 80 41.78 36.65 12.73
N ILE R 81 42.71 36.48 11.80
CA ILE R 81 42.51 36.92 10.41
C ILE R 81 41.48 36.03 9.70
N GLU R 82 41.60 34.72 9.94
CA GLU R 82 40.68 33.77 9.35
C GLU R 82 39.27 34.17 9.77
N HIS R 83 39.11 34.42 11.05
CA HIS R 83 37.83 34.83 11.59
C HIS R 83 37.37 36.13 10.97
N ALA R 84 38.27 37.10 10.87
CA ALA R 84 37.89 38.39 10.29
C ALA R 84 37.47 38.27 8.83
N ARG R 85 38.19 37.46 8.05
CA ARG R 85 37.87 37.29 6.64
C ARG R 85 36.55 36.55 6.48
N THR R 86 36.35 35.51 7.30
CA THR R 86 35.11 34.76 7.26
C THR R 86 33.93 35.66 7.59
N ALA R 87 34.11 36.52 8.58
CA ALA R 87 33.04 37.42 8.97
C ALA R 87 32.75 38.41 7.85
N ALA R 88 33.80 38.94 7.22
CA ALA R 88 33.60 39.90 6.15
C ALA R 88 32.88 39.28 4.96
N VAL R 89 33.30 38.06 4.58
CA VAL R 89 32.69 37.36 3.45
C VAL R 89 31.29 36.86 3.79
N THR R 90 31.10 36.40 5.02
CA THR R 90 29.80 35.91 5.44
C THR R 90 28.74 37.02 5.48
N HIS R 91 29.13 38.21 5.91
CA HIS R 91 28.18 39.31 5.96
C HIS R 91 27.70 39.61 4.56
N ASN R 92 28.61 39.49 3.60
CA ASN R 92 28.27 39.74 2.22
C ASN R 92 27.30 38.70 1.69
N LEU R 93 27.53 37.44 2.09
CA LEU R 93 26.68 36.33 1.68
C LEU R 93 25.26 36.47 2.22
N TYR R 94 25.14 36.89 3.48
CA TYR R 94 23.82 37.06 4.13
C TYR R 94 23.11 38.39 3.89
N TYR R 95 23.86 39.47 3.69
CA TYR R 95 23.23 40.77 3.51
C TYR R 95 23.42 41.43 2.16
N ASP R 96 24.18 40.80 1.29
CA ASP R 96 24.41 41.34 -0.04
C ASP R 96 24.98 42.76 0.02
N GLU R 97 25.96 42.96 0.91
CA GLU R 97 26.60 44.25 1.08
C GLU R 97 27.94 44.02 1.78
N ASP R 98 28.80 45.02 1.76
CA ASP R 98 30.10 44.90 2.42
C ASP R 98 29.89 45.11 3.92
N ILE R 99 30.81 44.58 4.71
CA ILE R 99 30.71 44.72 6.16
C ILE R 99 31.33 46.06 6.59
N ASN R 100 30.71 46.74 7.55
CA ASN R 100 31.24 48.01 8.03
C ASN R 100 32.52 47.74 8.79
N VAL R 101 33.52 48.59 8.58
CA VAL R 101 34.81 48.42 9.23
C VAL R 101 34.68 48.30 10.75
N GLU R 102 33.77 49.08 11.33
CA GLU R 102 33.58 49.04 12.77
C GLU R 102 33.08 47.68 13.25
N SER R 103 32.11 47.11 12.53
CA SER R 103 31.56 45.81 12.88
C SER R 103 32.65 44.72 12.78
N LEU R 104 33.38 44.74 11.68
CA LEU R 104 34.44 43.77 11.46
C LEU R 104 35.39 43.83 12.66
N THR R 105 35.68 45.03 13.13
CA THR R 105 36.58 45.19 14.25
C THR R 105 35.97 44.62 15.52
N GLN R 106 34.70 44.95 15.75
CA GLN R 106 33.98 44.46 16.92
C GLN R 106 33.95 42.94 16.91
N SER R 107 33.83 42.37 15.72
CA SER R 107 33.79 40.92 15.56
C SER R 107 35.11 40.28 16.03
N VAL R 108 36.22 40.85 15.60
CA VAL R 108 37.53 40.36 15.97
C VAL R 108 37.73 40.46 17.48
N CYS R 109 37.31 41.58 18.05
CA CYS R 109 37.44 41.78 19.49
C CYS R 109 36.61 40.82 20.32
N ASP R 110 35.52 40.29 19.77
CA ASP R 110 34.69 39.35 20.51
C ASP R 110 35.39 38.03 20.83
N LEU R 111 36.43 37.69 20.05
CA LEU R 111 37.18 36.47 20.31
C LEU R 111 38.13 36.69 21.46
N ALA R 112 38.57 37.94 21.59
CA ALA R 112 39.52 38.34 22.61
C ALA R 112 39.40 37.61 23.94
N LEU R 113 38.35 37.92 24.72
CA LEU R 113 38.20 37.30 26.03
C LEU R 113 37.71 35.84 26.05
N ARG R 114 37.65 35.22 24.88
CA ARG R 114 37.21 33.83 24.80
C ARG R 114 38.25 32.84 25.28
N PHE R 115 38.88 33.12 26.41
CA PHE R 115 39.90 32.21 26.94
C PHE R 115 39.54 31.81 28.37
N GLY R 116 40.32 30.89 28.93
CA GLY R 116 40.09 30.43 30.28
C GLY R 116 40.14 28.92 30.42
N GLU R 117 40.01 28.44 31.66
CA GLU R 117 40.02 27.00 31.95
C GLU R 117 38.61 26.53 32.35
N GLY R 118 37.61 27.36 32.05
CA GLY R 118 36.22 27.03 32.38
C GLY R 118 35.40 28.20 32.88
N ALA R 119 35.44 29.31 32.15
CA ALA R 119 34.70 30.52 32.53
C ALA R 119 33.20 30.39 32.22
N SER R 120 32.39 30.43 33.30
CA SER R 120 30.93 30.29 33.24
C SER R 120 30.20 31.43 32.50
N GLY R 121 29.95 31.25 31.20
CA GLY R 121 29.25 32.27 30.43
C GLY R 121 28.91 31.78 29.03
N GLU R 122 29.58 30.71 28.62
CA GLU R 122 29.40 30.10 27.31
C GLU R 122 30.40 28.94 27.26
N GLU R 123 31.21 28.87 26.20
CA GLU R 123 32.20 27.82 26.11
C GLU R 123 33.52 28.37 25.56
N ARG R 124 34.16 29.21 26.36
CA ARG R 124 35.44 29.82 25.96
C ARG R 124 36.62 28.86 26.01
N LEU R 125 36.90 28.23 24.88
CA LEU R 125 38.02 27.30 24.80
C LEU R 125 39.18 27.98 24.05
N MET R 126 40.20 28.32 24.83
CA MET R 126 41.41 28.96 24.38
C MET R 126 42.10 29.07 25.74
N SER R 127 43.30 28.53 25.86
CA SER R 127 44.00 28.52 27.14
C SER R 127 44.60 29.84 27.59
N ARG R 128 44.73 30.80 26.68
CA ARG R 128 45.29 32.09 27.04
C ARG R 128 44.81 33.16 26.07
N PRO R 129 45.02 34.43 26.42
CA PRO R 129 44.60 35.54 25.55
C PRO R 129 45.55 35.56 24.37
N PHE R 130 45.22 36.36 23.36
CA PHE R 130 46.05 36.50 22.17
C PHE R 130 47.24 37.37 22.54
N GLY R 131 48.38 37.14 21.89
CA GLY R 131 49.56 37.94 22.19
C GLY R 131 49.94 38.87 21.06
N VAL R 132 48.93 39.43 20.39
CA VAL R 132 49.18 40.32 19.26
C VAL R 132 48.09 41.38 19.19
N ALA R 133 48.46 42.59 18.77
CA ALA R 133 47.49 43.67 18.64
C ALA R 133 47.32 43.89 17.14
N LEU R 134 46.26 44.61 16.76
CA LEU R 134 46.03 44.84 15.35
C LEU R 134 45.56 46.25 15.07
N LEU R 135 45.91 46.72 13.88
CA LEU R 135 45.48 48.02 13.41
C LEU R 135 44.64 47.65 12.21
N ILE R 136 43.33 47.86 12.33
CA ILE R 136 42.45 47.52 11.24
C ILE R 136 42.10 48.81 10.51
N ALA R 137 42.44 48.84 9.24
CA ALA R 137 42.19 50.00 8.39
C ALA R 137 41.27 49.66 7.22
N GLY R 138 40.36 50.57 6.89
CA GLY R 138 39.45 50.33 5.79
C GLY R 138 38.54 51.49 5.46
N HIS R 139 37.55 51.21 4.63
CA HIS R 139 36.59 52.20 4.20
C HIS R 139 35.21 51.59 3.98
N ASP R 140 34.18 52.35 4.33
CA ASP R 140 32.82 51.90 4.12
C ASP R 140 31.97 53.15 3.90
N ALA R 141 30.89 52.99 3.15
CA ALA R 141 30.02 54.12 2.82
C ALA R 141 29.41 54.86 4.00
N ASP R 142 29.42 54.28 5.19
CA ASP R 142 28.82 54.96 6.33
C ASP R 142 29.72 55.93 7.09
N ASP R 143 30.97 55.55 7.35
CA ASP R 143 31.89 56.42 8.08
C ASP R 143 33.21 56.69 7.34
N GLY R 144 33.24 56.41 6.04
CA GLY R 144 34.44 56.64 5.27
C GLY R 144 35.66 55.89 5.75
N TYR R 145 36.83 56.54 5.65
CA TYR R 145 38.08 55.92 6.06
C TYR R 145 38.17 55.82 7.57
N GLN R 146 38.56 54.64 8.04
CA GLN R 146 38.66 54.41 9.47
C GLN R 146 39.87 53.58 9.84
N LEU R 147 40.43 53.87 11.01
CA LEU R 147 41.59 53.18 11.54
C LEU R 147 41.22 52.73 12.94
N PHE R 148 41.40 51.45 13.22
CA PHE R 148 41.06 50.92 14.53
C PHE R 148 42.22 50.19 15.17
N HIS R 149 42.26 50.23 16.50
CA HIS R 149 43.29 49.54 17.26
C HIS R 149 42.54 48.49 18.09
N ALA R 150 42.84 47.23 17.86
CA ALA R 150 42.20 46.14 18.59
C ALA R 150 43.21 45.40 19.45
N GLU R 151 42.96 45.35 20.75
CA GLU R 151 43.87 44.69 21.68
C GLU R 151 43.27 43.42 22.26
N PRO R 152 44.12 42.51 22.76
CA PRO R 152 43.70 41.23 23.35
C PRO R 152 42.76 41.40 24.56
N SER R 153 42.44 42.64 24.90
CA SER R 153 41.57 42.94 26.02
C SER R 153 40.12 42.81 25.58
N GLY R 154 39.89 42.95 24.28
CA GLY R 154 38.55 42.86 23.76
C GLY R 154 38.04 44.24 23.43
N THR R 155 38.81 45.26 23.81
CA THR R 155 38.42 46.63 23.53
C THR R 155 39.11 47.10 22.25
N PHE R 156 38.56 48.14 21.64
CA PHE R 156 39.14 48.70 20.43
C PHE R 156 38.79 50.18 20.36
N TYR R 157 39.72 50.95 19.84
CA TYR R 157 39.55 52.39 19.71
C TYR R 157 39.76 52.79 18.28
N ARG R 158 39.18 53.93 17.92
CA ARG R 158 39.34 54.47 16.58
C ARG R 158 40.40 55.54 16.72
N TYR R 159 41.37 55.57 15.80
CA TYR R 159 42.45 56.56 15.82
C TYR R 159 42.66 57.26 14.48
N ASN R 160 43.07 58.52 14.54
CA ASN R 160 43.34 59.28 13.33
C ASN R 160 44.74 58.82 12.88
N ALA R 161 45.51 58.41 13.88
CA ALA R 161 46.86 57.90 13.65
C ALA R 161 47.20 57.11 14.90
N LYS R 162 47.91 56.00 14.74
CA LYS R 162 48.27 55.18 15.87
C LYS R 162 49.47 54.28 15.60
N ALA R 163 50.34 54.15 16.59
CA ALA R 163 51.52 53.32 16.44
C ALA R 163 51.54 52.30 17.58
N ILE R 164 51.89 51.07 17.24
CA ILE R 164 51.96 49.99 18.23
C ILE R 164 53.25 49.22 18.04
N GLY R 165 53.75 48.62 19.11
CA GLY R 165 54.99 47.87 19.02
C GLY R 165 56.14 48.48 19.80
N SER R 166 57.35 48.04 19.48
CA SER R 166 58.54 48.51 20.17
C SER R 166 58.67 50.03 20.35
N GLY R 167 58.80 50.77 19.26
CA GLY R 167 58.97 52.21 19.42
C GLY R 167 57.71 53.06 19.47
N SER R 168 56.60 52.44 19.85
CA SER R 168 55.32 53.13 19.89
C SER R 168 55.19 54.41 20.75
N GLU R 169 55.55 54.35 22.01
CA GLU R 169 55.42 55.52 22.88
C GLU R 169 56.04 56.76 22.24
N GLY R 170 57.19 56.56 21.60
CA GLY R 170 57.84 57.68 20.94
C GLY R 170 57.11 58.05 19.66
N ALA R 171 56.84 57.06 18.83
CA ALA R 171 56.15 57.28 17.57
C ALA R 171 54.78 57.92 17.75
N GLN R 172 54.08 57.54 18.81
CA GLN R 172 52.75 58.08 19.06
C GLN R 172 52.88 59.55 19.43
N ALA R 173 53.95 59.88 20.16
CA ALA R 173 54.22 61.24 20.57
C ALA R 173 54.43 62.07 19.31
N GLU R 174 55.17 61.50 18.37
CA GLU R 174 55.45 62.14 17.12
C GLU R 174 54.12 62.42 16.42
N LEU R 175 53.35 61.36 16.22
CA LEU R 175 52.06 61.44 15.55
C LEU R 175 51.17 62.50 16.17
N LEU R 176 51.27 62.65 17.49
CA LEU R 176 50.47 63.64 18.20
C LEU R 176 50.72 65.03 17.62
N ASN R 177 51.93 65.25 17.10
CA ASN R 177 52.29 66.54 16.53
C ASN R 177 52.08 66.63 15.02
N GLU R 178 52.66 65.67 14.30
CA GLU R 178 52.59 65.65 12.84
C GLU R 178 51.20 65.57 12.22
N TRP R 179 50.29 64.82 12.84
CA TRP R 179 48.94 64.64 12.29
C TRP R 179 48.00 65.84 12.33
N HIS R 180 47.22 66.00 11.26
CA HIS R 180 46.24 67.06 11.17
C HIS R 180 45.19 66.66 10.14
N SER R 181 43.96 67.10 10.37
CA SER R 181 42.80 66.78 9.54
C SER R 181 42.84 67.08 8.05
N SER R 182 43.99 67.48 7.52
CA SER R 182 44.06 67.79 6.10
C SER R 182 45.19 67.09 5.37
N LEU R 183 45.87 66.17 6.06
CA LEU R 183 46.97 65.42 5.44
C LEU R 183 46.52 64.80 4.14
N THR R 184 47.46 64.58 3.23
CA THR R 184 47.14 63.95 1.96
C THR R 184 47.67 62.53 2.11
N LEU R 185 47.25 61.64 1.23
CA LEU R 185 47.73 60.27 1.30
C LEU R 185 49.25 60.26 1.22
N LYS R 186 49.80 61.01 0.27
CA LYS R 186 51.24 61.10 0.11
C LYS R 186 51.91 61.61 1.39
N GLU R 187 51.32 62.63 2.01
CA GLU R 187 51.86 63.19 3.23
C GLU R 187 51.90 62.14 4.33
N ALA R 188 50.83 61.36 4.43
CA ALA R 188 50.75 60.29 5.43
C ALA R 188 51.79 59.22 5.16
N GLU R 189 52.03 58.94 3.89
CA GLU R 189 53.02 57.93 3.49
C GLU R 189 54.41 58.29 4.00
N LEU R 190 54.87 59.50 3.66
CA LEU R 190 56.19 59.95 4.10
C LEU R 190 56.27 60.01 5.61
N LEU R 191 55.17 60.42 6.25
CA LEU R 191 55.13 60.51 7.70
C LEU R 191 55.34 59.14 8.34
N VAL R 192 54.66 58.14 7.80
CA VAL R 192 54.78 56.77 8.30
C VAL R 192 56.23 56.31 8.17
N LEU R 193 56.76 56.49 6.96
CA LEU R 193 58.12 56.10 6.62
C LEU R 193 59.14 56.84 7.50
N LYS R 194 58.87 58.11 7.78
CA LYS R 194 59.75 58.90 8.62
C LYS R 194 59.78 58.37 10.05
N ILE R 195 58.61 58.18 10.64
CA ILE R 195 58.53 57.68 12.03
C ILE R 195 59.15 56.30 12.16
N LEU R 196 58.90 55.44 11.16
CA LEU R 196 59.46 54.09 11.19
C LEU R 196 60.97 54.20 11.21
N LYS R 197 61.48 55.07 10.34
CA LYS R 197 62.91 55.30 10.22
C LYS R 197 63.52 55.67 11.57
N GLN R 198 62.86 56.58 12.28
CA GLN R 198 63.33 57.02 13.60
C GLN R 198 63.44 55.91 14.64
N VAL R 199 62.35 55.18 14.86
CA VAL R 199 62.32 54.12 15.86
C VAL R 199 62.97 52.79 15.49
N MET R 200 63.13 52.52 14.21
CA MET R 200 63.76 51.28 13.80
C MET R 200 65.25 51.24 14.08
N GLU R 201 65.69 50.15 14.70
CA GLU R 201 67.09 49.97 15.00
C GLU R 201 67.85 49.91 13.68
N GLU R 202 67.22 49.33 12.67
CA GLU R 202 67.83 49.20 11.36
C GLU R 202 67.64 50.40 10.45
N LYS R 203 68.51 50.54 9.47
CA LYS R 203 68.40 51.65 8.54
C LYS R 203 67.26 51.31 7.61
N LEU R 204 66.14 52.02 7.78
CA LEU R 204 64.95 51.77 6.97
C LEU R 204 65.19 51.77 5.47
N ASP R 205 64.90 50.63 4.83
CA ASP R 205 65.03 50.49 3.38
C ASP R 205 63.77 49.76 2.90
N GLU R 206 63.62 49.58 1.60
CA GLU R 206 62.44 48.91 1.09
C GLU R 206 62.42 47.41 1.38
N ASN R 207 63.29 46.95 2.26
CA ASN R 207 63.33 45.54 2.59
C ASN R 207 63.06 45.19 4.05
N ASN R 208 63.22 46.15 4.95
CA ASN R 208 62.94 45.89 6.35
C ASN R 208 61.73 46.72 6.79
N ALA R 209 61.02 47.26 5.81
CA ALA R 209 59.83 48.06 6.06
C ALA R 209 58.88 47.86 4.89
N GLN R 210 57.59 47.94 5.16
CA GLN R 210 56.60 47.75 4.12
C GLN R 210 55.44 48.71 4.28
N LEU R 211 54.99 49.27 3.16
CA LEU R 211 53.87 50.19 3.16
C LEU R 211 52.68 49.62 2.39
N SER R 212 51.51 50.14 2.70
CA SER R 212 50.28 49.72 2.06
C SER R 212 49.25 50.78 2.39
N CYS R 213 48.11 50.74 1.71
CA CYS R 213 47.05 51.70 1.95
C CYS R 213 45.72 51.14 1.49
N ILE R 214 44.65 51.84 1.85
CA ILE R 214 43.32 51.44 1.45
C ILE R 214 42.61 52.70 0.99
N THR R 215 42.10 52.67 -0.24
CA THR R 215 41.38 53.81 -0.80
C THR R 215 40.06 53.28 -1.34
N LYS R 216 39.04 54.14 -1.33
CA LYS R 216 37.73 53.75 -1.81
C LYS R 216 37.78 53.29 -3.25
N GLN R 217 38.70 53.87 -4.02
CA GLN R 217 38.80 53.52 -5.42
C GLN R 217 39.47 52.19 -5.73
N ASP R 218 40.61 51.92 -5.12
CA ASP R 218 41.29 50.66 -5.43
C ASP R 218 41.36 49.68 -4.29
N GLY R 219 40.71 50.00 -3.18
CA GLY R 219 40.70 49.10 -2.04
C GLY R 219 42.05 48.97 -1.36
N PHE R 220 42.25 47.85 -0.68
CA PHE R 220 43.49 47.59 0.04
C PHE R 220 44.57 47.06 -0.89
N LYS R 221 45.74 47.70 -0.85
CA LYS R 221 46.88 47.32 -1.69
C LYS R 221 48.18 47.41 -0.90
N ILE R 222 49.08 46.47 -1.12
CA ILE R 222 50.37 46.51 -0.44
C ILE R 222 51.41 46.96 -1.44
N TYR R 223 52.02 48.12 -1.22
CA TYR R 223 53.02 48.66 -2.11
C TYR R 223 54.18 47.68 -2.32
N ASP R 224 54.60 47.52 -3.57
CA ASP R 224 55.73 46.63 -3.85
C ASP R 224 57.02 47.39 -3.55
N ASN R 225 58.08 46.64 -3.29
CA ASN R 225 59.36 47.24 -2.96
C ASN R 225 59.81 48.40 -3.84
N GLU R 226 59.63 48.28 -5.14
CA GLU R 226 60.02 49.34 -6.06
C GLU R 226 59.28 50.63 -5.71
N LYS R 227 57.96 50.54 -5.54
CA LYS R 227 57.17 51.71 -5.21
C LYS R 227 57.61 52.35 -3.89
N THR R 228 57.85 51.51 -2.88
CA THR R 228 58.28 52.00 -1.56
C THR R 228 59.69 52.57 -1.57
N ALA R 229 60.61 51.95 -2.31
CA ALA R 229 61.98 52.45 -2.36
C ALA R 229 62.00 53.90 -2.83
N GLU R 230 61.14 54.22 -3.81
CA GLU R 230 61.06 55.58 -4.34
C GLU R 230 60.49 56.56 -3.33
N LEU R 231 59.58 56.08 -2.48
CA LEU R 231 58.98 56.95 -1.46
C LEU R 231 60.02 57.21 -0.38
N ILE R 232 60.91 56.23 -0.18
CA ILE R 232 61.97 56.35 0.82
C ILE R 232 62.95 57.42 0.34
N LYS R 233 63.38 57.30 -0.92
CA LYS R 233 64.30 58.27 -1.52
C LYS R 233 63.70 59.68 -1.46
N GLU R 234 62.42 59.77 -1.81
CA GLU R 234 61.69 61.03 -1.79
C GLU R 234 61.71 61.66 -0.39
N LEU R 235 61.80 60.80 0.62
CA LEU R 235 61.82 61.25 2.02
C LEU R 235 63.17 61.85 2.38
N LYS R 236 64.22 61.06 2.15
CA LYS R 236 65.60 61.46 2.44
C LYS R 236 65.92 62.83 1.86
N GLU R 237 65.34 63.10 0.69
CA GLU R 237 65.55 64.38 0.02
C GLU R 237 64.85 65.53 0.72
N LYS R 238 63.57 65.36 1.01
CA LYS R 238 62.83 66.42 1.69
C LYS R 238 63.40 66.66 3.09
N GLU R 239 63.95 65.62 3.71
CA GLU R 239 64.53 65.76 5.04
C GLU R 239 65.82 66.56 4.97
N ALA R 240 66.73 66.15 4.08
CA ALA R 240 67.99 66.84 3.91
C ALA R 240 67.77 68.26 3.36
N ALA R 241 66.54 68.55 2.96
CA ALA R 241 66.19 69.86 2.39
C ALA R 241 66.16 70.94 3.46
N GLU R 242 66.21 70.54 4.72
CA GLU R 242 66.18 71.47 5.84
C GLU R 242 66.25 70.72 7.16
N PHE S 1 47.99 37.30 54.46
CA PHE S 1 46.50 37.22 54.66
C PHE S 1 45.77 37.15 53.33
N ARG S 2 45.24 38.29 52.91
CA ARG S 2 44.48 38.43 51.67
C ARG S 2 45.04 37.61 50.51
N ASN S 3 46.36 37.58 50.38
CA ASN S 3 47.03 36.86 49.31
C ASN S 3 46.70 35.36 49.28
N ASN S 4 46.27 34.83 50.41
CA ASN S 4 45.94 33.42 50.50
C ASN S 4 44.49 33.10 50.19
N TYR S 5 43.66 34.14 50.08
CA TYR S 5 42.24 33.93 49.84
C TYR S 5 41.69 34.64 48.61
N ASP S 6 42.54 35.26 47.81
CA ASP S 6 42.07 35.99 46.63
C ASP S 6 42.45 35.38 45.28
N GLY S 7 42.82 34.11 45.29
CA GLY S 7 43.22 33.44 44.07
C GLY S 7 42.09 33.02 43.13
N ASP S 8 40.85 33.09 43.61
CA ASP S 8 39.68 32.71 42.81
C ASP S 8 38.40 33.07 43.55
N THR S 9 37.26 32.93 42.88
CA THR S 9 35.99 33.30 43.48
C THR S 9 35.31 32.22 44.29
N VAL S 10 35.93 31.06 44.39
CA VAL S 10 35.32 29.99 45.14
C VAL S 10 35.91 29.91 46.55
N THR S 11 36.61 30.98 46.97
CA THR S 11 37.23 31.01 48.29
C THR S 11 36.81 32.18 49.16
N PHE S 12 36.40 31.88 50.40
CA PHE S 12 35.98 32.90 51.36
C PHE S 12 37.20 33.31 52.19
N SER S 13 37.30 34.59 52.53
CA SER S 13 38.41 35.03 53.38
C SER S 13 37.95 34.71 54.79
N PRO S 14 38.89 34.64 55.75
CA PRO S 14 38.50 34.33 57.13
C PRO S 14 37.44 35.23 57.74
N THR S 15 37.16 36.36 57.10
CA THR S 15 36.13 37.28 57.61
C THR S 15 34.84 37.25 56.79
N GLY S 16 34.76 36.33 55.82
CA GLY S 16 33.56 36.21 55.01
C GLY S 16 33.56 37.01 53.72
N ARG S 17 34.73 37.48 53.30
CA ARG S 17 34.81 38.27 52.08
C ARG S 17 35.18 37.46 50.86
N LEU S 18 34.86 38.03 49.69
CA LEU S 18 35.15 37.44 48.40
C LEU S 18 35.98 38.48 47.63
N PHE S 19 37.30 38.36 47.75
CA PHE S 19 38.23 39.29 47.13
C PHE S 19 38.18 39.38 45.62
N GLN S 20 38.05 38.25 44.94
CA GLN S 20 37.99 38.31 43.50
C GLN S 20 36.84 39.21 43.08
N VAL S 21 35.75 39.16 43.84
CA VAL S 21 34.59 40.01 43.56
C VAL S 21 34.95 41.46 43.89
N GLU S 22 35.67 41.62 44.99
CA GLU S 22 36.08 42.94 45.42
C GLU S 22 37.05 43.56 44.43
N TYR S 23 37.98 42.76 43.90
CA TYR S 23 38.93 43.28 42.93
C TYR S 23 38.14 43.69 41.71
N ALA S 24 37.12 42.90 41.37
CA ALA S 24 36.29 43.21 40.23
C ALA S 24 35.64 44.59 40.49
N LEU S 25 35.06 44.74 41.68
CA LEU S 25 34.41 46.00 42.06
C LEU S 25 35.35 47.17 41.89
N GLU S 26 36.64 46.92 42.01
CA GLU S 26 37.62 47.99 41.88
C GLU S 26 37.67 48.52 40.44
N ALA S 27 37.59 47.62 39.47
CA ALA S 27 37.63 48.03 38.09
C ALA S 27 36.62 49.15 37.81
N ILE S 28 35.47 49.10 38.50
CA ILE S 28 34.44 50.09 38.32
C ILE S 28 34.91 51.45 38.83
N LYS S 29 35.51 51.44 40.01
CA LYS S 29 36.01 52.68 40.61
C LYS S 29 37.05 53.38 39.74
N GLN S 30 37.74 52.59 38.93
CA GLN S 30 38.78 53.12 38.04
C GLN S 30 38.17 53.61 36.74
N GLY S 31 36.87 53.33 36.56
CA GLY S 31 36.19 53.74 35.35
C GLY S 31 35.68 55.16 35.35
N SER S 32 35.40 55.68 34.16
CA SER S 32 34.90 57.04 33.99
C SER S 32 33.53 57.21 34.65
N VAL S 33 33.26 58.37 35.20
CA VAL S 33 32.00 58.63 35.87
C VAL S 33 30.76 58.65 34.98
N THR S 34 29.65 58.19 35.52
CA THR S 34 28.37 58.17 34.82
C THR S 34 27.28 58.38 35.88
N VAL S 35 26.28 59.17 35.52
CA VAL S 35 25.18 59.51 36.43
C VAL S 35 23.84 59.01 35.90
N GLY S 36 22.92 58.74 36.81
CA GLY S 36 21.59 58.30 36.45
C GLY S 36 20.62 58.92 37.45
N LEU S 37 19.49 59.41 36.94
CA LEU S 37 18.48 60.03 37.79
C LEU S 37 17.15 59.95 37.07
N ARG S 38 16.05 60.14 37.80
CA ARG S 38 14.76 60.06 37.16
C ARG S 38 13.68 60.86 37.88
N SER S 39 12.62 61.17 37.16
CA SER S 39 11.48 61.88 37.72
C SER S 39 10.36 60.82 37.65
N ASN S 40 9.12 61.25 37.52
CA ASN S 40 8.04 60.28 37.44
C ASN S 40 7.65 60.07 35.99
N THR S 41 8.20 60.91 35.11
CA THR S 41 7.89 60.80 33.69
C THR S 41 9.08 60.42 32.82
N HIS S 42 10.30 60.64 33.31
CA HIS S 42 11.49 60.31 32.53
C HIS S 42 12.63 59.79 33.40
N ALA S 43 13.58 59.13 32.75
CA ALA S 43 14.76 58.59 33.42
C ALA S 43 15.92 59.00 32.51
N VAL S 44 16.99 59.49 33.11
CA VAL S 44 18.13 59.96 32.34
C VAL S 44 19.48 59.41 32.78
N LEU S 45 20.36 59.30 31.80
CA LEU S 45 21.71 58.84 32.02
C LEU S 45 22.65 59.90 31.44
N VAL S 46 23.72 60.19 32.16
CA VAL S 46 24.71 61.15 31.68
C VAL S 46 26.04 60.45 31.94
N ALA S 47 26.90 60.44 30.94
CA ALA S 47 28.19 59.78 31.10
C ALA S 47 29.34 60.61 30.55
N LEU S 48 30.50 60.46 31.18
CA LEU S 48 31.71 61.15 30.76
C LEU S 48 32.50 60.14 29.92
N LYS S 49 32.65 60.41 28.64
CA LYS S 49 33.40 59.50 27.77
C LYS S 49 34.89 59.79 27.84
N ARG S 50 35.67 58.75 28.06
CA ARG S 50 37.12 58.88 28.17
C ARG S 50 37.76 58.52 26.84
N ASN S 51 38.90 59.13 26.54
CA ASN S 51 39.61 58.84 25.29
C ASN S 51 41.04 58.42 25.63
N ALA S 52 41.71 57.75 24.71
CA ALA S 52 43.08 57.31 24.96
C ALA S 52 44.09 58.43 24.67
N ASP S 53 44.17 58.82 23.40
CA ASP S 53 45.04 59.91 22.94
C ASP S 53 44.10 60.99 22.52
N GLU S 54 44.64 62.05 21.91
CA GLU S 54 43.80 63.10 21.40
C GLU S 54 43.67 62.78 19.91
N LEU S 55 44.17 61.61 19.55
CA LEU S 55 44.11 61.11 18.19
C LEU S 55 43.10 59.98 18.15
N SER S 56 42.68 59.51 19.33
CA SER S 56 41.72 58.43 19.44
C SER S 56 40.30 58.94 19.62
N SER S 57 39.36 58.02 19.64
CA SER S 57 37.96 58.35 19.82
C SER S 57 37.61 58.22 21.29
N TYR S 58 36.41 58.67 21.64
CA TYR S 58 35.93 58.57 23.01
C TYR S 58 35.05 57.33 23.03
N GLN S 59 35.43 56.34 23.84
CA GLN S 59 34.68 55.10 23.91
C GLN S 59 33.27 55.28 24.44
N LYS S 60 32.30 54.70 23.72
CA LYS S 60 30.90 54.79 24.10
C LYS S 60 30.63 54.22 25.49
N LYS S 61 29.79 54.91 26.25
CA LYS S 61 29.45 54.51 27.60
C LYS S 61 28.00 54.10 27.74
N ILE S 62 27.20 54.42 26.73
CA ILE S 62 25.78 54.08 26.78
C ILE S 62 25.35 53.08 25.71
N ILE S 63 24.53 52.11 26.13
CA ILE S 63 24.04 51.05 25.26
C ILE S 63 22.51 50.89 25.36
N LYS S 64 21.84 50.86 24.21
CA LYS S 64 20.39 50.70 24.15
C LYS S 64 20.07 49.20 24.21
N CYS S 65 19.11 48.82 25.05
CA CYS S 65 18.75 47.42 25.19
C CYS S 65 17.41 47.06 24.58
N ASP S 66 16.53 48.05 24.49
CA ASP S 66 15.22 47.89 23.90
C ASP S 66 14.62 49.28 23.78
N GLU S 67 13.46 49.40 23.13
CA GLU S 67 12.84 50.71 22.96
C GLU S 67 12.54 51.43 24.27
N HIS S 68 12.35 50.66 25.33
CA HIS S 68 12.02 51.22 26.64
C HIS S 68 13.12 51.04 27.69
N MET S 69 14.27 50.51 27.27
CA MET S 69 15.34 50.27 28.24
C MET S 69 16.76 50.44 27.68
N GLY S 70 17.67 50.81 28.57
CA GLY S 70 19.05 51.02 28.18
C GLY S 70 19.91 51.21 29.42
N LEU S 71 21.22 51.29 29.24
CA LEU S 71 22.10 51.46 30.39
C LEU S 71 23.39 52.18 30.05
N SER S 72 24.13 52.56 31.10
CA SER S 72 25.43 53.21 30.95
C SER S 72 26.36 52.32 31.76
N LEU S 73 27.63 52.26 31.35
CA LEU S 73 28.61 51.39 31.99
C LEU S 73 29.82 52.10 32.58
N ALA S 74 30.50 51.41 33.49
CA ALA S 74 31.73 51.89 34.12
C ALA S 74 32.55 50.65 34.40
N GLY S 75 33.71 50.54 33.77
CA GLY S 75 34.55 49.37 33.99
C GLY S 75 34.93 48.71 32.67
N LEU S 76 35.07 47.39 32.68
CA LEU S 76 35.43 46.65 31.47
C LEU S 76 34.38 46.74 30.36
N ALA S 77 34.70 47.45 29.29
CA ALA S 77 33.77 47.60 28.19
C ALA S 77 33.24 46.26 27.66
N PRO S 78 34.14 45.27 27.43
CA PRO S 78 33.67 43.97 26.92
C PRO S 78 32.57 43.35 27.78
N ASP S 79 32.76 43.35 29.10
CA ASP S 79 31.76 42.78 29.98
C ASP S 79 30.40 43.47 29.86
N ALA S 80 30.41 44.75 29.51
CA ALA S 80 29.16 45.49 29.36
C ALA S 80 28.46 45.04 28.10
N ARG S 81 29.26 44.73 27.08
CA ARG S 81 28.72 44.28 25.81
C ARG S 81 28.05 42.91 26.04
N VAL S 82 28.70 42.07 26.84
CA VAL S 82 28.16 40.77 27.14
C VAL S 82 26.85 40.89 27.91
N LEU S 83 26.88 41.70 28.97
CA LEU S 83 25.70 41.89 29.80
C LEU S 83 24.54 42.63 29.11
N SER S 84 24.85 43.63 28.30
CA SER S 84 23.79 44.38 27.61
C SER S 84 23.17 43.51 26.52
N ASN S 85 24.00 42.67 25.92
CA ASN S 85 23.54 41.80 24.87
C ASN S 85 22.60 40.76 25.46
N TYR S 86 22.88 40.35 26.70
CA TYR S 86 22.04 39.39 27.40
C TYR S 86 20.75 40.07 27.83
N LEU S 87 20.83 41.35 28.14
CA LEU S 87 19.65 42.11 28.54
C LEU S 87 18.78 42.29 27.32
N ARG S 88 19.41 42.44 26.16
CA ARG S 88 18.66 42.59 24.91
C ARG S 88 17.89 41.29 24.61
N GLN S 89 18.55 40.15 24.80
CA GLN S 89 17.92 38.86 24.55
C GLN S 89 16.73 38.66 25.48
N GLN S 90 16.87 39.03 26.75
CA GLN S 90 15.78 38.89 27.69
C GLN S 90 14.59 39.80 27.33
N CYS S 91 14.89 41.00 26.85
CA CYS S 91 13.83 41.94 26.46
C CYS S 91 13.09 41.36 25.27
N ASN S 92 13.88 40.86 24.34
CA ASN S 92 13.40 40.27 23.11
C ASN S 92 12.49 39.07 23.40
N TYR S 93 12.95 38.18 24.27
CA TYR S 93 12.20 36.98 24.63
C TYR S 93 10.87 37.33 25.27
N SER S 94 10.87 38.33 26.13
CA SER S 94 9.63 38.74 26.79
C SER S 94 8.60 39.16 25.75
N SER S 95 9.05 39.88 24.72
CA SER S 95 8.16 40.34 23.64
C SER S 95 7.68 39.18 22.79
N LEU S 96 8.62 38.46 22.19
CA LEU S 96 8.29 37.35 21.31
C LEU S 96 7.36 36.32 21.96
N VAL S 97 7.70 35.88 23.17
CA VAL S 97 6.89 34.86 23.82
C VAL S 97 5.62 35.35 24.51
N PHE S 98 5.69 36.50 25.18
CA PHE S 98 4.52 36.98 25.90
C PHE S 98 3.90 38.26 25.39
N ASN S 99 4.49 38.87 24.37
CA ASN S 99 3.99 40.13 23.84
C ASN S 99 3.91 41.06 25.04
N ARG S 100 5.00 41.10 25.80
CA ARG S 100 5.11 41.87 27.02
C ARG S 100 6.46 42.59 27.10
N LYS S 101 6.46 43.87 27.46
CA LYS S 101 7.72 44.58 27.58
C LYS S 101 8.31 44.18 28.93
N LEU S 102 9.58 43.78 28.94
CA LEU S 102 10.25 43.37 30.16
C LEU S 102 10.33 44.50 31.17
N ALA S 103 9.81 44.26 32.38
CA ALA S 103 9.83 45.27 33.42
C ALA S 103 11.26 45.51 33.89
N VAL S 104 11.59 46.76 34.18
CA VAL S 104 12.94 47.10 34.64
C VAL S 104 13.31 46.30 35.87
N GLU S 105 12.35 46.14 36.79
CA GLU S 105 12.62 45.38 37.99
C GLU S 105 13.00 43.93 37.70
N ARG S 106 12.43 43.38 36.64
CA ARG S 106 12.72 42.00 36.28
C ARG S 106 14.11 41.93 35.63
N ALA S 107 14.40 42.88 34.76
CA ALA S 107 15.68 42.94 34.10
C ALA S 107 16.76 42.94 35.18
N GLY S 108 16.46 43.63 36.27
CA GLY S 108 17.39 43.73 37.37
C GLY S 108 17.63 42.39 38.02
N HIS S 109 16.55 41.64 38.25
CA HIS S 109 16.65 40.34 38.88
C HIS S 109 17.45 39.38 37.98
N LEU S 110 17.18 39.46 36.68
CA LEU S 110 17.85 38.58 35.73
C LEU S 110 19.33 38.87 35.74
N LEU S 111 19.68 40.15 35.72
CA LEU S 111 21.08 40.56 35.73
C LEU S 111 21.75 40.08 37.01
N CYS S 112 21.08 40.26 38.14
CA CYS S 112 21.64 39.81 39.40
C CYS S 112 21.99 38.33 39.34
N ASP S 113 21.04 37.51 38.90
CA ASP S 113 21.28 36.09 38.87
C ASP S 113 22.38 35.68 37.91
N LYS S 114 22.55 36.44 36.83
CA LYS S 114 23.58 36.10 35.86
C LYS S 114 24.93 36.36 36.49
N ALA S 115 25.05 37.52 37.11
CA ALA S 115 26.30 37.89 37.77
C ALA S 115 26.64 36.91 38.88
N GLN S 116 25.64 36.52 39.66
CA GLN S 116 25.84 35.60 40.78
C GLN S 116 26.50 34.29 40.38
N LYS S 117 26.06 33.70 39.28
CA LYS S 117 26.59 32.43 38.81
C LYS S 117 28.10 32.43 38.61
N ASN S 118 28.66 33.61 38.44
CA ASN S 118 30.10 33.72 38.24
C ASN S 118 30.88 34.06 39.48
N THR S 119 30.30 33.78 40.65
CA THR S 119 30.95 34.04 41.93
C THR S 119 30.87 32.85 42.86
N GLN S 120 30.37 31.72 42.38
CA GLN S 120 30.23 30.54 43.23
C GLN S 120 30.78 29.25 42.62
N SER S 121 31.18 29.31 41.35
CA SER S 121 31.72 28.15 40.64
C SER S 121 33.17 28.35 40.22
N TYR S 122 33.93 27.28 40.23
CA TYR S 122 35.34 27.32 39.85
C TYR S 122 35.52 27.70 38.38
N GLY S 123 36.63 28.35 38.07
CA GLY S 123 36.91 28.72 36.70
C GLY S 123 36.30 30.00 36.17
N GLY S 124 35.15 30.39 36.71
CA GLY S 124 34.53 31.63 36.23
C GLY S 124 35.08 32.85 36.93
N ARG S 125 34.97 34.02 36.30
CA ARG S 125 35.43 35.25 36.94
C ARG S 125 34.25 36.19 37.04
N PRO S 126 34.25 37.06 38.06
CA PRO S 126 33.11 37.98 38.16
C PRO S 126 33.20 38.96 37.00
N TYR S 127 32.11 39.66 36.74
CA TYR S 127 32.11 40.66 35.68
C TYR S 127 32.80 41.88 36.27
N GLY S 128 33.57 42.59 35.45
CA GLY S 128 34.26 43.77 35.95
C GLY S 128 33.66 45.07 35.44
N VAL S 129 32.36 45.22 35.62
CA VAL S 129 31.72 46.42 35.14
C VAL S 129 30.47 46.74 35.94
N GLY S 130 30.21 48.03 36.12
CA GLY S 130 29.03 48.48 36.83
C GLY S 130 28.06 48.96 35.78
N LEU S 131 26.76 48.87 36.08
CA LEU S 131 25.77 49.29 35.11
C LEU S 131 24.67 50.09 35.75
N LEU S 132 24.25 51.14 35.06
CA LEU S 132 23.14 51.97 35.51
C LEU S 132 22.09 51.72 34.45
N ILE S 133 20.92 51.26 34.88
CA ILE S 133 19.86 50.96 33.94
C ILE S 133 18.62 51.83 34.15
N ILE S 134 18.19 52.48 33.07
CA ILE S 134 17.01 53.33 33.10
C ILE S 134 15.99 52.73 32.16
N GLY S 135 14.72 52.91 32.46
CA GLY S 135 13.69 52.37 31.58
C GLY S 135 12.30 52.86 31.96
N TYR S 136 11.36 52.73 31.04
CA TYR S 136 10.01 53.15 31.31
C TYR S 136 9.08 51.99 30.99
N ASP S 137 8.44 51.43 32.02
CA ASP S 137 7.53 50.31 31.83
C ASP S 137 6.14 50.61 32.42
N LYS S 138 5.35 49.56 32.63
CA LYS S 138 3.99 49.73 33.16
C LYS S 138 3.88 50.32 34.55
N SER S 139 5.00 50.58 35.21
CA SER S 139 4.94 51.17 36.53
C SER S 139 5.67 52.51 36.54
N GLY S 140 5.97 53.01 35.34
CA GLY S 140 6.62 54.30 35.22
C GLY S 140 8.11 54.32 34.89
N ALA S 141 8.79 55.35 35.40
CA ALA S 141 10.22 55.51 35.18
C ALA S 141 11.02 54.76 36.25
N HIS S 142 12.18 54.25 35.85
CA HIS S 142 13.03 53.51 36.76
C HIS S 142 14.53 53.69 36.53
N LEU S 143 15.28 53.52 37.61
CA LEU S 143 16.73 53.58 37.59
C LEU S 143 17.26 52.46 38.49
N LEU S 144 18.16 51.66 37.93
CA LEU S 144 18.76 50.54 38.65
C LEU S 144 20.26 50.68 38.70
N GLU S 145 20.88 50.21 39.78
CA GLU S 145 22.33 50.23 39.88
C GLU S 145 22.80 48.78 39.99
N PHE S 146 23.61 48.37 39.03
CA PHE S 146 24.12 47.02 39.00
C PHE S 146 25.59 46.89 39.37
N GLN S 147 25.89 46.06 40.36
CA GLN S 147 27.27 45.83 40.78
C GLN S 147 27.61 44.37 40.46
N PRO S 148 28.87 44.10 40.07
CA PRO S 148 29.39 42.77 39.72
C PRO S 148 29.21 41.73 40.82
N SER S 149 28.89 42.19 42.02
CA SER S 149 28.68 41.29 43.13
C SER S 149 27.32 40.64 42.91
N GLY S 150 26.56 41.23 42.01
CA GLY S 150 25.23 40.71 41.73
C GLY S 150 24.17 41.57 42.39
N ASN S 151 24.58 42.51 43.24
CA ASN S 151 23.62 43.40 43.90
C ASN S 151 23.08 44.45 42.94
N VAL S 152 21.76 44.45 42.75
CA VAL S 152 21.10 45.40 41.87
C VAL S 152 20.15 46.21 42.76
N THR S 153 20.13 47.53 42.58
CA THR S 153 19.29 48.36 43.41
C THR S 153 18.52 49.45 42.68
N GLU S 154 17.26 49.63 43.05
CA GLU S 154 16.46 50.68 42.42
C GLU S 154 16.61 51.96 43.24
N LEU S 155 16.88 53.06 42.54
CA LEU S 155 17.11 54.35 43.16
C LEU S 155 16.44 55.50 42.40
N TYR S 156 16.51 56.70 42.99
CA TYR S 156 15.95 57.88 42.34
C TYR S 156 17.06 58.42 41.46
N GLY S 157 18.29 58.19 41.90
CA GLY S 157 19.47 58.63 41.16
C GLY S 157 20.72 58.05 41.81
N THR S 158 21.83 58.10 41.08
CA THR S 158 23.09 57.58 41.60
C THR S 158 24.19 57.85 40.58
N ALA S 159 25.41 57.47 40.93
CA ALA S 159 26.55 57.63 40.05
C ALA S 159 27.62 56.61 40.42
N ILE S 160 28.33 56.14 39.41
CA ILE S 160 29.41 55.16 39.63
C ILE S 160 30.62 55.64 38.82
N GLY S 161 31.79 55.12 39.18
CA GLY S 161 33.01 55.53 38.49
C GLY S 161 33.90 56.39 39.38
N ALA S 162 35.03 56.81 38.84
CA ALA S 162 35.96 57.64 39.60
C ALA S 162 35.38 59.00 39.96
N ARG S 163 35.54 59.40 41.22
CA ARG S 163 35.06 60.68 41.72
C ARG S 163 33.54 60.76 41.69
N SER S 164 32.90 59.59 41.63
CA SER S 164 31.45 59.52 41.57
C SER S 164 30.78 60.07 42.83
N GLN S 165 31.47 60.00 43.96
CA GLN S 165 30.91 60.48 45.21
C GLN S 165 30.41 61.92 45.10
N GLY S 166 31.05 62.69 44.23
CA GLY S 166 30.64 64.07 44.04
C GLY S 166 29.21 64.17 43.57
N ALA S 167 28.96 63.66 42.37
CA ALA S 167 27.62 63.68 41.79
C ALA S 167 26.59 63.06 42.73
N LYS S 168 26.98 61.97 43.38
CA LYS S 168 26.08 61.27 44.29
C LYS S 168 25.59 62.16 45.43
N THR S 169 26.50 62.87 46.07
CA THR S 169 26.13 63.77 47.16
C THR S 169 25.20 64.84 46.62
N TYR S 170 25.55 65.41 45.47
CA TYR S 170 24.73 66.42 44.83
C TYR S 170 23.32 65.93 44.56
N LEU S 171 23.20 64.70 44.05
CA LEU S 171 21.89 64.12 43.76
C LEU S 171 21.14 63.81 45.04
N GLU S 172 21.90 63.44 46.06
CA GLU S 172 21.34 63.10 47.36
C GLU S 172 20.85 64.38 48.03
N ARG S 173 21.29 65.50 47.47
CA ARG S 173 20.96 66.84 47.97
C ARG S 173 19.83 67.45 47.15
N THR S 174 19.85 67.19 45.85
CA THR S 174 18.85 67.71 44.92
C THR S 174 17.58 66.87 44.87
N LEU S 175 17.65 65.67 45.45
CA LEU S 175 16.54 64.72 45.44
C LEU S 175 15.10 65.25 45.31
N ASP S 176 14.62 65.97 46.31
CA ASP S 176 13.26 66.50 46.30
C ASP S 176 12.95 67.38 45.10
N THR S 177 13.99 67.84 44.42
CA THR S 177 13.83 68.71 43.26
C THR S 177 13.72 67.99 41.92
N PHE S 178 14.76 67.25 41.54
CA PHE S 178 14.75 66.56 40.26
C PHE S 178 13.68 65.47 40.12
N ILE S 179 13.30 64.85 41.23
CA ILE S 179 12.29 63.79 41.20
C ILE S 179 10.93 64.32 40.75
N LYS S 180 10.73 65.64 40.84
CA LYS S 180 9.47 66.26 40.47
C LYS S 180 9.52 66.89 39.08
N ILE S 181 10.64 66.75 38.39
CA ILE S 181 10.79 67.32 37.06
C ILE S 181 10.07 66.46 36.01
N ASP S 182 8.74 66.51 36.04
CA ASP S 182 7.91 65.74 35.12
C ASP S 182 7.45 66.57 33.92
N GLY S 183 7.39 65.94 32.77
CA GLY S 183 6.94 66.64 31.58
C GLY S 183 7.93 67.64 31.03
N ASN S 184 9.19 67.54 31.45
CA ASN S 184 10.20 68.46 30.96
C ASN S 184 11.56 67.78 30.93
N PRO S 185 11.82 66.96 29.90
CA PRO S 185 13.09 66.25 29.75
C PRO S 185 14.34 67.14 29.81
N ASP S 186 14.30 68.29 29.14
CA ASP S 186 15.44 69.20 29.13
C ASP S 186 15.88 69.60 30.52
N GLU S 187 14.94 69.78 31.43
CA GLU S 187 15.28 70.15 32.80
C GLU S 187 15.93 68.98 33.54
N LEU S 188 15.37 67.79 33.37
CA LEU S 188 15.91 66.60 34.03
C LEU S 188 17.34 66.35 33.55
N ILE S 189 17.59 66.54 32.25
CA ILE S 189 18.92 66.34 31.71
C ILE S 189 19.91 67.35 32.30
N LYS S 190 19.51 68.62 32.39
CA LYS S 190 20.36 69.65 32.95
C LYS S 190 20.72 69.35 34.38
N ALA S 191 19.80 68.71 35.10
CA ALA S 191 20.03 68.34 36.49
C ALA S 191 21.07 67.21 36.48
N GLY S 192 21.03 66.42 35.42
CA GLY S 192 21.95 65.32 35.28
C GLY S 192 23.34 65.83 34.95
N VAL S 193 23.41 66.83 34.09
CA VAL S 193 24.70 67.40 33.70
C VAL S 193 25.32 68.13 34.90
N GLU S 194 24.48 68.72 35.73
CA GLU S 194 24.97 69.43 36.90
C GLU S 194 25.47 68.41 37.92
N ALA S 195 24.82 67.25 37.97
CA ALA S 195 25.23 66.19 38.89
C ALA S 195 26.59 65.62 38.48
N ILE S 196 26.75 65.32 37.20
CA ILE S 196 28.00 64.75 36.70
C ILE S 196 29.17 65.70 36.86
N SER S 197 28.97 66.98 36.52
CA SER S 197 30.04 67.97 36.63
C SER S 197 30.57 68.10 38.05
N GLN S 198 29.82 67.56 39.00
CA GLN S 198 30.23 67.60 40.41
C GLN S 198 31.34 66.57 40.63
N SER S 199 31.63 65.78 39.60
CA SER S 199 32.66 64.75 39.69
C SER S 199 33.80 65.02 38.73
N LEU S 200 33.83 66.23 38.17
CA LEU S 200 34.87 66.64 37.25
C LEU S 200 36.12 67.03 38.04
N ARG S 201 37.24 67.21 37.35
CA ARG S 201 38.49 67.57 38.02
C ARG S 201 39.49 67.85 36.91
N ASP S 202 39.80 66.80 36.18
CA ASP S 202 40.73 66.85 35.07
C ASP S 202 40.37 68.02 34.14
N GLU S 203 39.18 67.93 33.54
CA GLU S 203 38.73 68.94 32.60
C GLU S 203 37.29 69.36 32.80
N SER S 204 36.67 69.78 31.70
CA SER S 204 35.29 70.21 31.67
C SER S 204 34.62 69.49 30.50
N LEU S 205 33.36 69.10 30.69
CA LEU S 205 32.64 68.37 29.65
C LEU S 205 32.44 69.10 28.33
N THR S 206 33.01 68.52 27.28
CA THR S 206 32.95 69.08 25.94
C THR S 206 31.89 68.37 25.09
N VAL S 207 31.83 68.72 23.82
CA VAL S 207 30.84 68.17 22.90
C VAL S 207 31.10 66.73 22.47
N ASP S 208 32.36 66.37 22.28
CA ASP S 208 32.70 65.01 21.87
C ASP S 208 33.20 64.21 23.05
N ASN S 209 32.86 64.69 24.24
CA ASN S 209 33.28 64.09 25.49
C ASN S 209 32.07 63.76 26.38
N LEU S 210 30.92 64.36 26.06
CA LEU S 210 29.70 64.15 26.83
C LEU S 210 28.75 63.19 26.14
N SER S 211 28.09 62.36 26.93
CA SER S 211 27.13 61.38 26.43
C SER S 211 25.89 61.40 27.31
N ILE S 212 24.72 61.53 26.69
CA ILE S 212 23.45 61.59 27.43
C ILE S 212 22.39 60.69 26.79
N ALA S 213 21.56 60.09 27.63
CA ALA S 213 20.50 59.22 27.16
C ALA S 213 19.25 59.51 27.97
N ILE S 214 18.08 59.32 27.35
CA ILE S 214 16.82 59.53 28.05
C ILE S 214 15.75 58.54 27.58
N VAL S 215 14.79 58.27 28.46
CA VAL S 215 13.69 57.36 28.15
C VAL S 215 12.50 57.80 28.99
N GLY S 216 11.28 57.63 28.48
CA GLY S 216 10.13 58.03 29.27
C GLY S 216 8.77 57.79 28.63
N LYS S 217 7.76 58.33 29.30
CA LYS S 217 6.35 58.23 28.91
C LYS S 217 6.13 58.03 27.41
N ASP S 218 6.50 59.02 26.61
CA ASP S 218 6.31 58.88 25.17
C ASP S 218 7.65 59.07 24.48
N THR S 219 8.71 58.67 25.18
CA THR S 219 10.05 58.82 24.65
C THR S 219 10.83 57.52 24.60
N PRO S 220 11.02 56.97 23.39
CA PRO S 220 11.79 55.72 23.31
C PRO S 220 13.23 56.01 23.68
N PHE S 221 13.85 55.10 24.41
CA PHE S 221 15.24 55.26 24.83
C PHE S 221 16.07 55.77 23.67
N THR S 222 16.66 56.95 23.85
CA THR S 222 17.47 57.58 22.80
C THR S 222 18.77 58.17 23.34
N ILE S 223 19.86 57.97 22.59
CA ILE S 223 21.18 58.45 22.97
C ILE S 223 21.51 59.77 22.27
N TYR S 224 22.24 60.64 22.97
CA TYR S 224 22.66 61.91 22.39
C TYR S 224 24.17 62.07 22.55
N ASP S 225 24.84 62.37 21.44
CA ASP S 225 26.27 62.56 21.45
C ASP S 225 26.67 63.70 20.54
N GLY S 226 27.86 64.24 20.78
CA GLY S 226 28.35 65.35 19.97
C GLY S 226 27.40 66.53 19.93
N GLU S 227 27.29 67.12 18.75
CA GLU S 227 26.44 68.28 18.50
C GLU S 227 25.10 68.15 19.23
N ALA S 228 24.61 66.92 19.35
CA ALA S 228 23.34 66.66 20.01
C ALA S 228 23.31 67.06 21.48
N VAL S 229 24.48 67.11 22.12
CA VAL S 229 24.56 67.48 23.53
C VAL S 229 25.07 68.91 23.70
N ALA S 230 25.38 69.56 22.59
CA ALA S 230 25.87 70.94 22.62
C ALA S 230 24.97 71.85 23.45
N LYS S 231 23.66 71.81 23.20
CA LYS S 231 22.74 72.68 23.93
C LYS S 231 22.68 72.41 25.44
N TYR S 232 23.61 71.63 25.97
CA TYR S 232 23.62 71.35 27.40
C TYR S 232 24.93 71.72 28.08
N ILE S 233 25.95 72.03 27.30
CA ILE S 233 27.25 72.40 27.85
C ILE S 233 27.30 73.92 28.07
N GLY T 1 49.69 20.30 59.80
CA GLY T 1 50.19 21.65 59.38
C GLY T 1 49.07 22.69 59.37
N THR T 2 49.02 23.49 58.29
CA THR T 2 47.98 24.51 58.15
C THR T 2 47.45 24.53 56.72
N GLY T 3 46.64 25.52 56.40
CA GLY T 3 46.10 25.62 55.06
C GLY T 3 44.85 24.78 54.88
N TYR T 4 44.25 24.35 55.98
CA TYR T 4 43.02 23.55 55.92
C TYR T 4 41.82 24.44 55.66
N ASP T 5 42.05 25.75 55.53
CA ASP T 5 40.97 26.70 55.30
C ASP T 5 41.03 27.38 53.93
N LEU T 6 41.83 26.84 53.03
CA LEU T 6 41.97 27.43 51.70
C LEU T 6 41.10 26.74 50.66
N SER T 7 40.66 25.52 50.96
CA SER T 7 39.84 24.74 50.05
C SER T 7 38.57 24.30 50.77
N ASN T 8 37.44 24.37 50.08
CA ASN T 8 36.14 24.03 50.66
C ASN T 8 35.90 22.66 51.30
N SER T 9 35.80 21.59 50.52
CA SER T 9 35.48 20.30 51.14
C SER T 9 36.50 19.70 52.12
N VAL T 10 37.51 20.47 52.53
CA VAL T 10 38.57 19.96 53.41
C VAL T 10 38.28 19.93 54.92
N PHE T 11 38.61 18.80 55.54
CA PHE T 11 38.44 18.62 56.98
C PHE T 11 39.72 19.09 57.66
N SER T 12 39.57 19.87 58.74
CA SER T 12 40.73 20.33 59.49
C SER T 12 41.05 19.19 60.46
N PRO T 13 42.20 19.25 61.14
CA PRO T 13 42.50 18.15 62.07
C PRO T 13 41.46 17.96 63.16
N ASP T 14 40.70 19.01 63.46
CA ASP T 14 39.67 18.89 64.47
C ASP T 14 38.28 18.63 63.87
N GLY T 15 38.23 18.17 62.62
CA GLY T 15 36.99 17.84 61.96
C GLY T 15 36.08 18.96 61.47
N ARG T 16 36.64 20.13 61.23
CA ARG T 16 35.83 21.26 60.77
C ARG T 16 36.05 21.59 59.31
N ASN T 17 35.16 22.43 58.78
CA ASN T 17 35.21 22.88 57.40
C ASN T 17 35.25 24.40 57.49
N PHE T 18 36.45 24.95 57.57
CA PHE T 18 36.59 26.39 57.71
C PHE T 18 35.90 27.26 56.67
N GLN T 19 35.90 26.82 55.42
CA GLN T 19 35.25 27.61 54.38
C GLN T 19 33.78 27.84 54.71
N VAL T 20 33.15 26.85 55.34
CA VAL T 20 31.75 27.00 55.72
C VAL T 20 31.66 28.01 56.85
N GLU T 21 32.56 27.88 57.82
CA GLU T 21 32.58 28.81 58.93
C GLU T 21 32.84 30.24 58.45
N TYR T 22 33.65 30.40 57.42
CA TYR T 22 33.91 31.72 56.89
C TYR T 22 32.66 32.25 56.22
N ALA T 23 31.86 31.35 55.67
CA ALA T 23 30.62 31.77 55.02
C ALA T 23 29.72 32.38 56.09
N VAL T 24 29.68 31.73 57.26
CA VAL T 24 28.88 32.21 58.36
C VAL T 24 29.25 33.66 58.70
N LYS T 25 30.52 34.00 58.52
CA LYS T 25 30.95 35.36 58.82
C LYS T 25 30.24 36.34 57.90
N ALA T 26 30.04 35.96 56.64
CA ALA T 26 29.35 36.86 55.71
C ALA T 26 27.91 36.99 56.14
N VAL T 27 27.37 35.92 56.72
CA VAL T 27 25.99 35.94 57.18
C VAL T 27 25.80 36.84 58.40
N GLU T 28 26.69 36.72 59.38
CA GLU T 28 26.60 37.50 60.60
C GLU T 28 26.77 38.97 60.33
N ASN T 29 27.42 39.27 59.22
CA ASN T 29 27.69 40.62 58.84
C ASN T 29 26.47 41.24 58.16
N GLY T 30 25.48 40.41 57.89
CA GLY T 30 24.30 40.90 57.20
C GLY T 30 23.19 41.50 58.03
N THR T 31 22.16 41.98 57.32
CA THR T 31 20.97 42.57 57.92
C THR T 31 20.28 41.54 58.79
N THR T 32 19.60 42.00 59.83
CA THR T 32 18.91 41.08 60.70
C THR T 32 17.52 40.73 60.13
N SER T 33 17.16 39.46 60.21
CA SER T 33 15.87 38.98 59.72
C SER T 33 15.34 37.91 60.65
N ILE T 34 14.02 37.79 60.72
CA ILE T 34 13.41 36.84 61.63
C ILE T 34 12.20 36.08 61.13
N GLY T 35 11.78 35.12 61.94
CA GLY T 35 10.62 34.32 61.62
C GLY T 35 9.91 33.97 62.92
N ILE T 36 8.60 34.13 62.94
CA ILE T 36 7.81 33.83 64.12
C ILE T 36 6.69 32.88 63.71
N LYS T 37 6.59 31.76 64.41
CA LYS T 37 5.56 30.79 64.12
C LYS T 37 4.35 31.02 65.01
N CYS T 38 3.23 31.42 64.42
CA CYS T 38 2.03 31.62 65.22
C CYS T 38 1.18 30.35 65.22
N ASN T 39 0.02 30.41 65.86
CA ASN T 39 -0.85 29.23 65.98
C ASN T 39 -1.48 28.65 64.70
N ASP T 40 -1.44 29.38 63.59
CA ASP T 40 -2.00 28.86 62.34
C ASP T 40 -1.25 29.37 61.11
N GLY T 41 0.01 29.74 61.31
CA GLY T 41 0.80 30.26 60.20
C GLY T 41 2.16 30.70 60.65
N VAL T 42 2.81 31.52 59.84
CA VAL T 42 4.13 32.03 60.16
C VAL T 42 4.26 33.48 59.69
N VAL T 43 5.08 34.26 60.38
CA VAL T 43 5.29 35.66 60.03
C VAL T 43 6.77 35.87 59.76
N PHE T 44 7.09 36.59 58.69
CA PHE T 44 8.46 36.88 58.33
C PHE T 44 8.67 38.38 58.35
N ALA T 45 9.84 38.81 58.84
CA ALA T 45 10.17 40.23 58.89
C ALA T 45 11.67 40.43 58.69
N VAL T 46 12.04 41.56 58.11
CA VAL T 46 13.45 41.85 57.86
C VAL T 46 13.80 43.35 57.91
N GLU T 47 15.07 43.62 58.21
CA GLU T 47 15.61 44.97 58.30
C GLU T 47 16.15 45.39 56.94
N LYS T 48 15.77 46.56 56.46
CA LYS T 48 16.26 47.05 55.17
C LYS T 48 17.00 48.36 55.40
N LEU T 49 18.33 48.29 55.52
CA LEU T 49 19.09 49.51 55.75
C LEU T 49 18.94 50.51 54.63
N ILE T 50 18.80 51.76 55.00
CA ILE T 50 18.66 52.83 54.03
C ILE T 50 20.02 53.46 53.83
N THR T 51 20.80 52.88 52.93
CA THR T 51 22.14 53.36 52.63
C THR T 51 22.12 54.85 52.29
N SER T 52 21.01 55.31 51.72
CA SER T 52 20.89 56.71 51.36
C SER T 52 19.46 57.04 50.95
N LYS T 53 19.14 58.32 50.95
CA LYS T 53 17.80 58.80 50.57
C LYS T 53 17.48 58.39 49.14
N LEU T 54 18.52 58.08 48.37
CA LEU T 54 18.37 57.72 46.98
C LEU T 54 17.59 56.41 46.72
N LEU T 55 17.59 55.49 47.69
CA LEU T 55 16.85 54.25 47.51
C LEU T 55 15.35 54.53 47.52
N VAL T 56 14.67 54.14 46.45
CA VAL T 56 13.23 54.36 46.40
C VAL T 56 12.59 53.54 47.52
N PRO T 57 11.85 54.20 48.41
CA PRO T 57 11.19 53.53 49.53
C PRO T 57 10.21 52.46 49.08
N GLN T 58 10.21 51.33 49.79
CA GLN T 58 9.30 50.24 49.50
C GLN T 58 9.61 49.52 48.18
N LYS T 59 10.76 49.81 47.58
CA LYS T 59 11.08 49.19 46.30
C LYS T 59 12.02 48.00 46.19
N ASN T 60 12.97 47.86 47.09
CA ASN T 60 13.87 46.73 46.93
C ASN T 60 13.50 45.57 47.85
N VAL T 61 12.35 44.97 47.54
CA VAL T 61 11.79 43.87 48.33
C VAL T 61 12.75 42.72 48.60
N LYS T 62 12.90 42.35 49.87
CA LYS T 62 13.80 41.27 50.24
C LYS T 62 13.13 39.92 50.34
N ILE T 63 12.01 39.86 51.06
CA ILE T 63 11.31 38.58 51.23
C ILE T 63 10.85 38.01 49.89
N GLN T 64 11.00 36.70 49.74
CA GLN T 64 10.61 36.04 48.49
C GLN T 64 9.65 34.91 48.72
N VAL T 65 8.74 34.71 47.77
CA VAL T 65 7.78 33.63 47.85
C VAL T 65 8.21 32.47 46.95
N VAL T 66 7.95 31.25 47.41
CA VAL T 66 8.24 30.04 46.66
C VAL T 66 6.85 29.41 46.50
N ASP T 67 6.49 29.07 45.27
CA ASP T 67 5.19 28.52 44.94
C ASP T 67 4.19 29.59 45.38
N ARG T 68 3.14 29.22 46.10
CA ARG T 68 2.18 30.21 46.56
C ARG T 68 1.97 30.20 48.07
N HIS T 69 2.49 29.17 48.74
CA HIS T 69 2.33 29.03 50.18
C HIS T 69 3.60 29.15 51.03
N ILE T 70 4.74 29.44 50.41
CA ILE T 70 5.99 29.49 51.15
C ILE T 70 6.70 30.83 51.11
N GLY T 71 7.21 31.24 52.26
CA GLY T 71 7.92 32.50 52.35
C GLY T 71 9.39 32.28 52.68
N CYS T 72 10.24 33.12 52.11
CA CYS T 72 11.68 33.04 52.32
C CYS T 72 12.33 34.38 52.56
N VAL T 73 13.15 34.42 53.58
CA VAL T 73 13.92 35.62 53.91
C VAL T 73 15.29 35.11 54.36
N TYR T 74 16.33 35.88 54.07
CA TYR T 74 17.69 35.48 54.43
C TYR T 74 18.62 36.67 54.69
N SER T 75 19.73 36.40 55.36
CA SER T 75 20.71 37.43 55.67
C SER T 75 22.07 36.99 55.16
N GLY T 76 22.81 37.96 54.60
CA GLY T 76 24.12 37.67 54.08
C GLY T 76 24.23 38.17 52.66
N LEU T 77 24.82 37.36 51.79
CA LEU T 77 24.97 37.71 50.37
C LEU T 77 23.62 37.57 49.67
N ILE T 78 22.92 38.68 49.45
CA ILE T 78 21.61 38.66 48.80
C ILE T 78 21.61 37.83 47.53
N PRO T 79 22.58 38.06 46.64
CA PRO T 79 22.61 37.27 45.41
C PRO T 79 22.63 35.76 45.69
N ASP T 80 23.36 35.34 46.72
CA ASP T 80 23.38 33.90 47.04
C ASP T 80 21.98 33.47 47.46
N GLY T 81 21.28 34.37 48.15
CA GLY T 81 19.93 34.07 48.61
C GLY T 81 18.96 33.86 47.47
N ARG T 82 19.00 34.75 46.49
CA ARG T 82 18.11 34.62 45.35
C ARG T 82 18.41 33.30 44.65
N HIS T 83 19.68 32.99 44.48
CA HIS T 83 20.10 31.75 43.85
C HIS T 83 19.44 30.54 44.55
N LEU T 84 19.49 30.51 45.87
CA LEU T 84 18.86 29.42 46.61
C LEU T 84 17.33 29.36 46.42
N VAL T 85 16.67 30.51 46.30
CA VAL T 85 15.22 30.56 46.12
C VAL T 85 14.86 30.06 44.72
N ASN T 86 15.71 30.36 43.74
CA ASN T 86 15.48 29.90 42.39
C ASN T 86 15.51 28.38 42.41
N ARG T 87 16.43 27.80 43.16
CA ARG T 87 16.49 26.34 43.26
C ARG T 87 15.25 25.80 43.98
N GLY T 88 14.79 26.54 44.99
CA GLY T 88 13.60 26.14 45.73
C GLY T 88 12.38 26.12 44.83
N ARG T 89 12.23 27.16 44.00
CA ARG T 89 11.10 27.25 43.09
C ARG T 89 11.07 26.08 42.09
N GLU T 90 12.24 25.72 41.55
CA GLU T 90 12.33 24.61 40.61
C GLU T 90 11.99 23.34 41.39
N GLU T 91 12.56 23.26 42.57
CA GLU T 91 12.38 22.13 43.45
C GLU T 91 10.88 21.94 43.77
N ALA T 92 10.20 23.04 44.08
CA ALA T 92 8.77 22.99 44.39
C ALA T 92 7.95 22.64 43.15
N ALA T 93 8.34 23.20 42.01
CA ALA T 93 7.66 22.93 40.75
C ALA T 93 7.75 21.43 40.37
N SER T 94 8.94 20.86 40.52
CA SER T 94 9.15 19.46 40.19
C SER T 94 8.31 18.54 41.10
N PHE T 95 8.20 18.90 42.37
CA PHE T 95 7.42 18.12 43.32
C PHE T 95 5.94 18.13 42.98
N LYS T 96 5.41 19.32 42.68
CA LYS T 96 4.00 19.45 42.36
C LYS T 96 3.63 18.73 41.07
N LYS T 97 4.47 18.90 40.05
CA LYS T 97 4.23 18.29 38.75
C LYS T 97 4.00 16.78 38.85
N LEU T 98 4.75 16.11 39.70
CA LEU T 98 4.62 14.66 39.84
C LEU T 98 3.61 14.20 40.89
N TYR T 99 3.59 14.87 42.04
CA TYR T 99 2.69 14.48 43.13
C TYR T 99 1.40 15.29 43.22
N LYS T 100 1.28 16.28 42.33
CA LYS T 100 0.09 17.14 42.25
C LYS T 100 -0.05 18.14 43.38
N THR T 101 0.09 17.65 44.61
CA THR T 101 -0.02 18.48 45.81
C THR T 101 1.12 19.48 45.99
N PRO T 102 0.80 20.74 46.34
CA PRO T 102 1.89 21.71 46.53
C PRO T 102 2.85 21.15 47.59
N ILE T 103 4.14 21.42 47.46
CA ILE T 103 5.11 20.83 48.37
C ILE T 103 4.97 21.14 49.86
N PRO T 104 4.90 20.09 50.70
CA PRO T 104 4.76 20.23 52.15
C PRO T 104 6.00 20.98 52.68
N ILE T 105 5.82 21.84 53.66
CA ILE T 105 6.97 22.62 54.13
C ILE T 105 8.14 21.75 54.53
N PRO T 106 7.89 20.67 55.28
CA PRO T 106 9.00 19.82 55.68
C PRO T 106 9.80 19.25 54.50
N ALA T 107 9.11 18.84 53.44
CA ALA T 107 9.77 18.30 52.27
C ALA T 107 10.54 19.41 51.58
N PHE T 108 9.98 20.60 51.58
CA PHE T 108 10.66 21.71 50.95
C PHE T 108 11.96 21.98 51.69
N ALA T 109 11.89 21.95 53.01
CA ALA T 109 13.06 22.22 53.82
C ALA T 109 14.21 21.31 53.45
N ASP T 110 13.95 20.01 53.39
CA ASP T 110 15.00 19.07 53.05
C ASP T 110 15.51 19.25 51.62
N ARG T 111 14.65 19.77 50.74
CA ARG T 111 15.09 20.00 49.37
C ARG T 111 16.16 21.10 49.41
N LEU T 112 15.90 22.18 50.14
CA LEU T 112 16.88 23.25 50.24
C LEU T 112 18.11 22.73 50.98
N GLY T 113 17.86 21.92 52.00
CA GLY T 113 18.93 21.39 52.82
C GLY T 113 19.96 20.57 52.07
N GLN T 114 19.49 19.61 51.28
CA GLN T 114 20.39 18.75 50.52
C GLN T 114 21.21 19.56 49.53
N TYR T 115 20.58 20.57 48.94
CA TYR T 115 21.22 21.41 47.95
C TYR T 115 22.32 22.22 48.60
N VAL T 116 22.03 22.83 49.75
CA VAL T 116 23.02 23.63 50.44
C VAL T 116 24.15 22.74 50.95
N GLN T 117 23.80 21.54 51.42
CA GLN T 117 24.80 20.59 51.92
C GLN T 117 25.71 20.18 50.77
N ALA T 118 25.13 20.08 49.58
CA ALA T 118 25.90 19.68 48.41
C ALA T 118 27.04 20.65 48.14
N HIS T 119 26.86 21.92 48.51
CA HIS T 119 27.89 22.93 48.30
C HIS T 119 28.99 22.95 49.36
N THR T 120 29.12 21.85 50.09
CA THR T 120 30.15 21.72 51.11
C THR T 120 30.89 20.41 50.83
N LEU T 121 30.57 19.80 49.69
CA LEU T 121 31.16 18.52 49.30
C LEU T 121 32.32 18.56 48.29
N TYR T 122 32.49 19.70 47.62
CA TYR T 122 33.52 19.82 46.60
C TYR T 122 34.29 21.12 46.71
N ASN T 123 35.53 21.12 46.23
CA ASN T 123 36.34 22.32 46.27
C ASN T 123 36.08 23.19 45.05
N SER T 124 35.29 22.66 44.12
CA SER T 124 34.98 23.39 42.90
C SER T 124 33.80 24.36 43.10
N VAL T 125 33.20 24.33 44.29
CA VAL T 125 32.11 25.25 44.59
C VAL T 125 32.35 25.90 45.94
N ARG T 126 31.64 27.00 46.15
CA ARG T 126 31.73 27.77 47.38
C ARG T 126 30.42 27.59 48.15
N PRO T 127 30.49 27.52 49.49
CA PRO T 127 29.28 27.36 50.30
C PRO T 127 28.40 28.61 50.18
N PHE T 128 27.12 28.46 50.48
CA PHE T 128 26.22 29.60 50.40
C PHE T 128 26.52 30.62 51.50
N GLY T 129 26.49 31.89 51.12
CA GLY T 129 26.78 32.94 52.09
C GLY T 129 25.53 33.54 52.69
N VAL T 130 24.58 32.69 53.05
CA VAL T 130 23.33 33.16 53.66
C VAL T 130 22.74 32.13 54.59
N SER T 131 21.94 32.61 55.53
CA SER T 131 21.23 31.74 56.44
C SER T 131 19.82 32.11 56.03
N THR T 132 18.95 31.11 55.87
CA THR T 132 17.62 31.41 55.42
C THR T 132 16.50 30.95 56.35
N ILE T 133 15.53 31.86 56.53
CA ILE T 133 14.36 31.61 57.35
C ILE T 133 13.19 31.49 56.37
N PHE T 134 12.47 30.38 56.44
CA PHE T 134 11.37 30.14 55.53
C PHE T 134 10.34 29.22 56.14
N GLY T 135 9.17 29.18 55.52
CA GLY T 135 8.10 28.32 56.01
C GLY T 135 6.76 28.64 55.40
N GLY T 136 5.74 27.93 55.87
CA GLY T 136 4.41 28.16 55.35
C GLY T 136 3.42 27.25 56.04
N VAL T 137 2.23 27.17 55.46
CA VAL T 137 1.17 26.34 55.99
C VAL T 137 0.92 25.21 55.01
N ASP T 138 0.75 24.00 55.52
CA ASP T 138 0.46 22.88 54.65
C ASP T 138 -0.61 21.98 55.26
N LYS T 139 -0.72 20.77 54.73
CA LYS T 139 -1.71 19.81 55.20
C LYS T 139 -1.74 19.67 56.72
N ASN T 140 -0.58 19.77 57.37
CA ASN T 140 -0.54 19.61 58.83
C ASN T 140 -0.15 20.82 59.64
N GLY T 141 -0.60 22.00 59.25
CA GLY T 141 -0.27 23.18 60.02
C GLY T 141 0.80 24.09 59.45
N ALA T 142 1.35 24.91 60.33
CA ALA T 142 2.38 25.86 59.97
C ALA T 142 3.72 25.28 60.34
N HIS T 143 4.77 25.73 59.65
CA HIS T 143 6.12 25.27 59.90
C HIS T 143 7.11 26.42 59.62
N LEU T 144 8.06 26.60 60.53
CA LEU T 144 9.08 27.62 60.41
C LEU T 144 10.46 26.93 60.47
N TYR T 145 11.35 27.29 59.54
CA TYR T 145 12.69 26.71 59.47
C TYR T 145 13.76 27.75 59.21
N MET T 146 14.97 27.39 59.60
CA MET T 146 16.14 28.22 59.37
C MET T 146 17.23 27.27 58.87
N LEU T 147 17.90 27.68 57.80
CA LEU T 147 18.93 26.88 57.16
C LEU T 147 20.27 27.63 57.15
N GLU T 148 21.33 26.97 57.62
CA GLU T 148 22.67 27.55 57.69
C GLU T 148 23.54 27.18 56.47
N PRO T 149 24.66 27.91 56.27
CA PRO T 149 25.57 27.62 55.15
C PRO T 149 26.11 26.18 55.18
N SER T 150 26.06 25.55 56.34
CA SER T 150 26.56 24.18 56.43
C SER T 150 25.55 23.21 55.85
N GLY T 151 24.30 23.67 55.74
CA GLY T 151 23.24 22.84 55.23
C GLY T 151 22.37 22.39 56.40
N SER T 152 22.75 22.80 57.61
CA SER T 152 21.99 22.45 58.79
C SER T 152 20.69 23.24 58.88
N TYR T 153 19.63 22.57 59.33
CA TYR T 153 18.35 23.22 59.49
C TYR T 153 17.49 22.43 60.48
N TRP T 154 16.62 23.14 61.18
CA TRP T 154 15.70 22.52 62.13
C TRP T 154 14.43 23.36 62.14
N GLY T 155 13.38 22.82 62.76
CA GLY T 155 12.13 23.56 62.87
C GLY T 155 12.24 24.48 64.07
N TYR T 156 11.66 25.67 63.96
CA TYR T 156 11.73 26.65 65.05
C TYR T 156 10.39 27.23 65.46
N LYS T 157 10.36 27.77 66.69
CA LYS T 157 9.18 28.44 67.23
C LYS T 157 9.41 29.89 66.82
N GLY T 158 10.67 30.29 66.89
CA GLY T 158 11.06 31.64 66.50
C GLY T 158 12.49 31.53 65.99
N ALA T 159 12.84 32.35 65.00
CA ALA T 159 14.19 32.29 64.47
C ALA T 159 14.69 33.64 64.01
N ALA T 160 15.99 33.84 64.15
CA ALA T 160 16.63 35.08 63.77
C ALA T 160 18.05 34.83 63.27
N THR T 161 18.53 35.75 62.46
CA THR T 161 19.87 35.66 61.91
C THR T 161 20.33 37.05 61.51
N GLY T 162 21.65 37.24 61.41
CA GLY T 162 22.18 38.54 61.03
C GLY T 162 22.78 39.34 62.18
N LYS T 163 23.10 40.59 61.88
CA LYS T 163 23.71 41.53 62.81
C LYS T 163 23.11 41.52 64.22
N GLY T 164 21.80 41.71 64.31
CA GLY T 164 21.16 41.74 65.62
C GLY T 164 20.50 40.43 66.04
N ARG T 165 21.05 39.32 65.59
CA ARG T 165 20.48 38.02 65.90
C ARG T 165 20.32 37.78 67.41
N GLN T 166 21.23 38.32 68.21
CA GLN T 166 21.18 38.14 69.66
C GLN T 166 20.01 38.88 70.32
N SER T 167 19.79 40.13 69.93
CA SER T 167 18.68 40.90 70.48
C SER T 167 17.42 40.12 70.17
N ALA T 168 17.26 39.82 68.88
CA ALA T 168 16.10 39.10 68.39
C ALA T 168 15.87 37.81 69.16
N LYS T 169 16.87 36.94 69.21
CA LYS T 169 16.70 35.70 69.92
C LYS T 169 16.26 35.94 71.35
N ALA T 170 16.82 36.96 71.97
CA ALA T 170 16.45 37.27 73.34
C ALA T 170 14.96 37.55 73.36
N GLU T 171 14.53 38.46 72.49
CA GLU T 171 13.13 38.84 72.41
C GLU T 171 12.19 37.69 72.06
N LEU T 172 12.61 36.85 71.11
CA LEU T 172 11.81 35.71 70.69
C LEU T 172 11.64 34.72 71.84
N GLU T 173 12.69 34.52 72.63
CA GLU T 173 12.61 33.59 73.75
C GLU T 173 11.60 34.12 74.76
N LYS T 174 11.58 35.44 74.92
CA LYS T 174 10.65 36.07 75.85
C LYS T 174 9.24 35.73 75.43
N LEU T 175 8.93 35.96 74.15
CA LEU T 175 7.60 35.66 73.62
C LEU T 175 7.21 34.22 73.90
N VAL T 176 8.13 33.30 73.64
CA VAL T 176 7.87 31.89 73.86
C VAL T 176 7.42 31.61 75.30
N ASP T 177 8.13 32.16 76.27
CA ASP T 177 7.80 31.94 77.67
C ASP T 177 6.48 32.60 78.10
N HIS T 178 6.17 33.74 77.49
CA HIS T 178 4.95 34.46 77.83
C HIS T 178 3.76 34.11 76.94
N HIS T 179 3.86 33.01 76.19
CA HIS T 179 2.77 32.61 75.31
C HIS T 179 2.82 31.11 75.05
N PRO T 180 2.66 30.31 76.11
CA PRO T 180 2.70 28.85 75.97
C PRO T 180 1.48 28.34 75.21
N GLU T 181 0.44 29.17 75.19
CA GLU T 181 -0.80 28.83 74.50
C GLU T 181 -0.76 29.17 73.01
N GLY T 182 0.22 29.98 72.62
CA GLY T 182 0.34 30.35 71.21
C GLY T 182 0.14 31.83 70.93
N LEU T 183 0.64 32.27 69.80
CA LEU T 183 0.51 33.66 69.39
C LEU T 183 -0.34 33.66 68.14
N SER T 184 -1.07 34.74 67.89
CA SER T 184 -1.91 34.78 66.70
C SER T 184 -1.16 35.46 65.57
N ALA T 185 -1.62 35.25 64.34
CA ALA T 185 -0.98 35.86 63.19
C ALA T 185 -0.93 37.38 63.35
N ARG T 186 -2.04 37.97 63.79
CA ARG T 186 -2.11 39.42 63.99
C ARG T 186 -1.05 39.87 65.00
N GLU T 187 -0.98 39.16 66.12
CA GLU T 187 -0.02 39.47 67.16
C GLU T 187 1.43 39.25 66.72
N ALA T 188 1.67 38.13 66.04
CA ALA T 188 3.01 37.82 65.54
C ALA T 188 3.51 38.95 64.65
N VAL T 189 2.62 39.51 63.84
CA VAL T 189 2.99 40.62 62.95
C VAL T 189 3.50 41.82 63.75
N LYS T 190 2.74 42.25 64.76
CA LYS T 190 3.14 43.40 65.57
C LYS T 190 4.45 43.11 66.31
N GLN T 191 4.50 41.96 66.96
CA GLN T 191 5.66 41.55 67.73
C GLN T 191 6.89 41.48 66.83
N ALA T 192 6.69 41.06 65.58
CA ALA T 192 7.78 40.98 64.63
C ALA T 192 8.34 42.39 64.37
N ALA T 193 7.44 43.34 64.15
CA ALA T 193 7.86 44.72 63.89
C ALA T 193 8.67 45.24 65.06
N LYS T 194 8.28 44.87 66.27
CA LYS T 194 8.99 45.31 67.46
C LYS T 194 10.39 44.71 67.51
N ILE T 195 10.47 43.37 67.42
CA ILE T 195 11.75 42.66 67.46
C ILE T 195 12.73 43.27 66.46
N ILE T 196 12.26 43.61 65.26
CA ILE T 196 13.14 44.21 64.26
C ILE T 196 13.63 45.57 64.73
N TYR T 197 12.71 46.39 65.24
CA TYR T 197 13.06 47.71 65.73
C TYR T 197 14.11 47.62 66.84
N LEU T 198 13.91 46.71 67.77
CA LEU T 198 14.85 46.52 68.86
C LEU T 198 16.20 46.06 68.33
N ALA T 199 16.21 45.00 67.54
CA ALA T 199 17.45 44.48 67.00
C ALA T 199 18.15 45.48 66.11
N HIS T 200 17.49 46.57 65.76
CA HIS T 200 18.11 47.58 64.90
C HIS T 200 19.15 48.43 65.63
N GLU T 201 19.25 48.24 66.95
CA GLU T 201 20.21 49.00 67.75
C GLU T 201 21.66 48.62 67.44
N ASP T 202 21.87 47.36 67.05
CA ASP T 202 23.20 46.87 66.71
C ASP T 202 23.57 47.38 65.32
N ASN T 203 22.90 48.45 64.89
CA ASN T 203 23.13 49.03 63.58
C ASN T 203 22.44 50.40 63.57
N LYS T 204 22.16 50.90 64.76
CA LYS T 204 21.49 52.18 64.98
C LYS T 204 22.10 53.35 64.21
N GLU T 205 23.21 53.11 63.52
CA GLU T 205 23.89 54.15 62.77
C GLU T 205 23.14 54.56 61.51
N LYS T 206 22.67 53.57 60.76
CA LYS T 206 21.95 53.83 59.52
C LYS T 206 20.45 53.67 59.76
N ASP T 207 19.64 54.44 59.04
CA ASP T 207 18.20 54.36 59.18
C ASP T 207 17.69 53.16 58.37
N PHE T 208 16.59 52.57 58.78
CA PHE T 208 16.09 51.39 58.08
C PHE T 208 14.62 51.43 57.68
N GLU T 209 14.23 50.42 56.92
CA GLU T 209 12.86 50.25 56.44
C GLU T 209 12.39 48.85 56.82
N LEU T 210 11.19 48.75 57.38
CA LEU T 210 10.68 47.46 57.80
C LEU T 210 9.89 46.77 56.69
N GLU T 211 9.94 45.44 56.70
CA GLU T 211 9.24 44.65 55.71
C GLU T 211 8.74 43.38 56.40
N ILE T 212 7.46 43.10 56.23
CA ILE T 212 6.84 41.93 56.85
C ILE T 212 5.95 41.21 55.86
N SER T 213 5.92 39.88 55.98
CA SER T 213 5.08 39.07 55.11
C SER T 213 4.54 38.02 56.07
N TRP T 214 3.48 37.34 55.65
CA TRP T 214 2.91 36.31 56.50
C TRP T 214 2.12 35.29 55.72
N CYS T 215 1.96 34.14 56.35
CA CYS T 215 1.23 33.04 55.76
C CYS T 215 0.41 32.49 56.92
N SER T 216 -0.89 32.71 56.88
CA SER T 216 -1.79 32.25 57.94
C SER T 216 -3.04 31.61 57.39
N LEU T 217 -3.40 30.48 57.98
CA LEU T 217 -4.56 29.76 57.55
C LEU T 217 -5.83 30.61 57.64
N SER T 218 -5.97 31.38 58.71
CA SER T 218 -7.15 32.21 58.90
C SER T 218 -7.05 33.62 58.33
N GLU T 219 -5.83 34.15 58.20
CA GLU T 219 -5.66 35.49 57.70
C GLU T 219 -5.35 35.61 56.21
N THR T 220 -4.69 34.61 55.63
CA THR T 220 -4.34 34.66 54.21
C THR T 220 -4.78 33.45 53.42
N ASN T 221 -5.47 32.54 54.09
CA ASN T 221 -5.96 31.34 53.44
C ASN T 221 -4.81 30.41 53.08
N GLY T 222 -3.78 30.38 53.91
CA GLY T 222 -2.65 29.52 53.63
C GLY T 222 -1.73 30.04 52.56
N LEU T 223 -2.05 31.17 51.95
CA LEU T 223 -1.18 31.72 50.93
C LEU T 223 -0.22 32.75 51.51
N HIS T 224 0.97 32.85 50.93
CA HIS T 224 1.95 33.82 51.39
C HIS T 224 1.64 35.21 50.84
N LYS T 225 1.65 36.21 51.71
CA LYS T 225 1.35 37.57 51.31
C LYS T 225 2.09 38.61 52.15
N PHE T 226 2.40 39.75 51.52
CA PHE T 226 3.09 40.82 52.23
C PHE T 226 2.12 41.66 53.05
N VAL T 227 2.57 42.05 54.23
CA VAL T 227 1.76 42.89 55.11
C VAL T 227 1.99 44.33 54.66
N LYS T 228 0.99 44.93 54.03
CA LYS T 228 1.11 46.30 53.52
C LYS T 228 0.07 47.25 54.12
N GLY T 229 0.09 48.50 53.66
CA GLY T 229 -0.87 49.50 54.12
C GLY T 229 -1.06 49.74 55.61
N ASP T 230 -2.32 49.70 56.03
CA ASP T 230 -2.71 49.95 57.42
C ASP T 230 -2.21 48.94 58.44
N LEU T 231 -2.30 47.65 58.13
CA LEU T 231 -1.83 46.64 59.08
C LEU T 231 -0.34 46.79 59.32
N LEU T 232 0.36 47.29 58.30
CA LEU T 232 1.80 47.51 58.38
C LEU T 232 2.11 48.72 59.26
N GLN T 233 1.52 49.87 58.92
CA GLN T 233 1.72 51.10 59.67
C GLN T 233 1.32 50.89 61.11
N GLU T 234 0.27 50.13 61.31
CA GLU T 234 -0.22 49.83 62.64
C GLU T 234 0.88 49.10 63.43
N ALA T 235 1.56 48.17 62.78
CA ALA T 235 2.64 47.40 63.42
C ALA T 235 3.84 48.31 63.69
N ILE T 236 4.08 49.24 62.78
CA ILE T 236 5.19 50.18 62.94
C ILE T 236 4.93 51.05 64.17
N ASP T 237 3.69 51.50 64.33
CA ASP T 237 3.34 52.33 65.47
C ASP T 237 3.51 51.53 66.76
N PHE T 238 3.08 50.27 66.75
CA PHE T 238 3.21 49.44 67.94
C PHE T 238 4.66 49.25 68.36
N ALA T 239 5.55 49.27 67.38
CA ALA T 239 6.98 49.12 67.63
C ALA T 239 7.59 50.44 68.09
N GLN T 240 7.34 51.49 67.31
CA GLN T 240 7.84 52.83 67.62
C GLN T 240 7.45 53.27 69.03
N LYS T 241 6.34 52.72 69.53
CA LYS T 241 5.84 53.04 70.85
C LYS T 241 6.62 52.31 71.93
N GLU T 242 6.80 51.01 71.74
CA GLU T 242 7.52 50.20 72.72
C GLU T 242 9.04 50.36 72.64
N ILE T 243 9.50 51.15 71.68
CA ILE T 243 10.94 51.39 71.53
C ILE T 243 11.28 52.55 72.48
N ASN T 244 10.24 53.19 73.02
CA ASN T 244 10.43 54.31 73.93
C ASN T 244 9.67 54.09 75.24
N ALA U 1 53.32 18.70 48.28
CA ALA U 1 53.79 17.51 49.05
C ALA U 1 53.03 17.40 50.38
N GLY U 2 52.82 18.54 51.04
CA GLY U 2 52.10 18.57 52.29
C GLY U 2 50.60 18.62 52.08
N TYR U 3 50.17 18.18 50.91
CA TYR U 3 48.76 18.17 50.55
C TYR U 3 48.18 16.79 50.72
N ASP U 4 48.98 15.85 51.23
CA ASP U 4 48.48 14.51 51.44
C ASP U 4 47.56 14.55 52.67
N ARG U 5 47.29 15.77 53.11
CA ARG U 5 46.43 16.00 54.25
C ARG U 5 45.18 16.81 53.93
N HIS U 6 44.97 17.10 52.65
CA HIS U 6 43.80 17.86 52.24
C HIS U 6 42.85 17.06 51.37
N ILE U 7 43.36 16.02 50.71
CA ILE U 7 42.52 15.16 49.89
C ILE U 7 42.87 13.71 50.19
N THR U 8 42.05 12.78 49.70
CA THR U 8 42.26 11.39 50.00
C THR U 8 43.35 10.61 49.26
N ILE U 9 44.61 10.99 49.42
CA ILE U 9 45.72 10.23 48.84
C ILE U 9 46.56 9.82 50.04
N PHE U 10 47.44 8.85 49.84
CA PHE U 10 48.28 8.35 50.93
C PHE U 10 49.34 9.29 51.46
N SER U 11 49.58 9.17 52.78
CA SER U 11 50.62 9.94 53.46
C SER U 11 51.79 8.94 53.45
N PRO U 12 53.03 9.41 53.67
CA PRO U 12 54.13 8.44 53.67
C PRO U 12 53.94 7.23 54.58
N GLU U 13 53.09 7.37 55.59
CA GLU U 13 52.84 6.26 56.52
C GLU U 13 51.72 5.34 56.01
N GLY U 14 51.17 5.65 54.84
CA GLY U 14 50.12 4.83 54.28
C GLY U 14 48.77 5.16 54.90
N ARG U 15 48.67 6.36 55.44
CA ARG U 15 47.46 6.82 56.10
C ARG U 15 46.69 7.83 55.27
N LEU U 16 45.41 7.98 55.60
CA LEU U 16 44.53 8.93 54.92
C LEU U 16 43.97 9.89 55.97
N TYR U 17 44.68 10.99 56.19
CA TYR U 17 44.30 11.99 57.18
C TYR U 17 42.88 12.52 57.03
N GLN U 18 42.45 12.77 55.81
CA GLN U 18 41.10 13.28 55.61
C GLN U 18 40.06 12.32 56.17
N VAL U 19 40.34 11.03 56.07
CA VAL U 19 39.42 10.03 56.59
C VAL U 19 39.47 10.09 58.12
N GLU U 20 40.66 10.29 58.67
CA GLU U 20 40.81 10.35 60.11
C GLU U 20 40.09 11.58 60.66
N TYR U 21 40.24 12.70 59.96
CA TYR U 21 39.61 13.94 60.37
C TYR U 21 38.09 13.84 60.21
N ALA U 22 37.64 12.98 59.31
CA ALA U 22 36.21 12.81 59.12
C ALA U 22 35.69 12.13 60.38
N PHE U 23 36.37 11.08 60.82
CA PHE U 23 35.99 10.35 62.03
C PHE U 23 35.85 11.35 63.17
N LYS U 24 36.77 12.31 63.20
CA LYS U 24 36.76 13.32 64.24
C LYS U 24 35.48 14.12 64.20
N ALA U 25 34.98 14.42 63.02
CA ALA U 25 33.77 15.20 62.90
C ALA U 25 32.55 14.47 63.45
N THR U 26 32.62 13.15 63.48
CA THR U 26 31.48 12.36 63.96
C THR U 26 31.07 12.67 65.39
N ASN U 27 32.00 13.14 66.20
CA ASN U 27 31.64 13.44 67.58
C ASN U 27 31.17 14.88 67.80
N GLN U 28 31.18 15.67 66.74
CA GLN U 28 30.78 17.07 66.79
C GLN U 28 29.48 17.33 67.54
N THR U 29 28.52 16.41 67.43
CA THR U 29 27.22 16.55 68.08
C THR U 29 27.19 16.20 69.56
N ASN U 30 28.29 15.62 70.06
CA ASN U 30 28.40 15.28 71.47
C ASN U 30 27.21 14.44 71.95
N ILE U 31 26.92 13.38 71.21
CA ILE U 31 25.79 12.52 71.54
C ILE U 31 26.17 11.07 71.38
N ASN U 32 25.75 10.23 72.33
CA ASN U 32 26.06 8.82 72.25
C ASN U 32 24.83 8.03 71.86
N SER U 33 25.06 6.89 71.19
CA SER U 33 23.98 6.04 70.78
C SER U 33 24.42 4.61 71.00
N LEU U 34 23.46 3.70 71.12
CA LEU U 34 23.79 2.30 71.32
C LEU U 34 22.63 1.44 70.81
N ALA U 35 22.96 0.25 70.35
CA ALA U 35 21.94 -0.65 69.85
C ALA U 35 22.16 -2.01 70.47
N VAL U 36 21.07 -2.72 70.70
CA VAL U 36 21.16 -4.06 71.26
C VAL U 36 20.13 -4.93 70.57
N ARG U 37 20.36 -6.24 70.60
CA ARG U 37 19.44 -7.16 69.97
C ARG U 37 18.60 -7.91 70.99
N GLY U 38 17.31 -7.97 70.72
CA GLY U 38 16.39 -8.69 71.59
C GLY U 38 16.24 -10.10 71.08
N LYS U 39 15.22 -10.80 71.56
CA LYS U 39 15.00 -12.17 71.14
C LYS U 39 14.53 -12.11 69.69
N ASP U 40 13.74 -11.09 69.37
CA ASP U 40 13.24 -10.92 68.03
C ASP U 40 12.87 -9.46 67.75
N CYS U 41 13.71 -8.56 68.24
CA CYS U 41 13.51 -7.13 68.03
C CYS U 41 14.89 -6.49 68.11
N THR U 42 14.99 -5.23 67.73
CA THR U 42 16.25 -4.53 67.80
C THR U 42 15.95 -3.12 68.27
N VAL U 43 16.78 -2.64 69.20
CA VAL U 43 16.57 -1.32 69.76
C VAL U 43 17.81 -0.43 69.66
N VAL U 44 17.56 0.84 69.34
CA VAL U 44 18.62 1.83 69.26
C VAL U 44 18.19 3.00 70.13
N ILE U 45 19.12 3.44 70.96
CA ILE U 45 18.90 4.56 71.85
C ILE U 45 19.95 5.60 71.50
N SER U 46 19.55 6.86 71.55
CA SER U 46 20.46 7.93 71.26
C SER U 46 20.11 9.12 72.15
N GLN U 47 21.13 9.80 72.64
CA GLN U 47 20.89 10.96 73.47
C GLN U 47 20.29 12.03 72.58
N LYS U 48 19.52 12.93 73.19
CA LYS U 48 18.90 14.02 72.47
C LYS U 48 19.16 15.26 73.30
N LYS U 49 19.82 16.24 72.70
CA LYS U 49 20.14 17.47 73.42
C LYS U 49 19.70 18.71 72.66
N VAL U 50 18.51 19.20 72.99
CA VAL U 50 17.98 20.40 72.35
C VAL U 50 18.12 21.56 73.33
N PRO U 51 19.23 22.28 73.24
CA PRO U 51 19.58 23.43 74.09
C PRO U 51 18.71 24.68 73.84
N ASP U 52 18.72 25.19 72.60
CA ASP U 52 17.95 26.38 72.27
C ASP U 52 16.48 26.20 72.62
N LYS U 53 15.86 27.25 73.16
CA LYS U 53 14.44 27.18 73.53
C LYS U 53 13.57 27.54 72.33
N LEU U 54 14.18 28.19 71.35
CA LEU U 54 13.48 28.62 70.15
C LEU U 54 13.28 27.50 69.13
N LEU U 55 13.89 26.36 69.38
CA LEU U 55 13.76 25.22 68.48
C LEU U 55 12.51 24.42 68.76
N ASP U 56 12.04 23.72 67.74
CA ASP U 56 10.89 22.86 67.90
C ASP U 56 11.49 21.47 68.08
N PRO U 57 11.56 21.01 69.33
CA PRO U 57 12.12 19.71 69.72
C PRO U 57 11.68 18.54 68.86
N THR U 58 10.47 18.62 68.32
CA THR U 58 9.94 17.54 67.50
C THR U 58 10.60 17.42 66.14
N THR U 59 11.34 18.43 65.71
CA THR U 59 12.00 18.39 64.42
C THR U 59 13.48 18.04 64.53
N VAL U 60 13.94 17.75 65.75
CA VAL U 60 15.33 17.40 65.96
C VAL U 60 15.46 15.90 66.17
N SER U 61 16.22 15.23 65.29
CA SER U 61 16.40 13.79 65.43
C SER U 61 17.57 13.28 64.63
N TYR U 62 18.20 12.21 65.10
CA TYR U 62 19.32 11.62 64.40
C TYR U 62 18.99 10.16 64.12
N ILE U 63 17.70 9.86 64.14
CA ILE U 63 17.22 8.53 63.87
C ILE U 63 16.38 8.64 62.61
N PHE U 64 16.51 7.68 61.71
CA PHE U 64 15.79 7.72 60.44
C PHE U 64 15.14 6.41 60.04
N CYS U 65 13.97 6.51 59.43
CA CYS U 65 13.22 5.36 58.95
C CYS U 65 13.58 5.26 57.47
N ILE U 66 14.48 4.34 57.14
CA ILE U 66 14.93 4.20 55.77
C ILE U 66 13.97 3.42 54.92
N SER U 67 13.26 2.48 55.55
CA SER U 67 12.28 1.65 54.86
C SER U 67 11.35 1.08 55.93
N ARG U 68 10.29 0.41 55.51
CA ARG U 68 9.36 -0.18 56.47
C ARG U 68 10.08 -1.00 57.53
N THR U 69 11.17 -1.67 57.15
CA THR U 69 11.90 -2.51 58.09
C THR U 69 13.28 -2.01 58.56
N ILE U 70 13.88 -1.08 57.85
CA ILE U 70 15.20 -0.59 58.26
C ILE U 70 15.22 0.78 58.93
N GLY U 71 15.91 0.82 60.07
CA GLY U 71 16.07 2.05 60.81
C GLY U 71 17.55 2.42 60.80
N MET U 72 17.83 3.71 60.83
CA MET U 72 19.21 4.15 60.84
C MET U 72 19.44 5.28 61.87
N VAL U 73 20.45 5.13 62.72
CA VAL U 73 20.79 6.16 63.67
C VAL U 73 22.16 6.68 63.21
N VAL U 74 22.31 8.00 63.21
CA VAL U 74 23.52 8.63 62.74
C VAL U 74 24.28 9.41 63.79
N ASN U 75 25.57 9.13 63.91
CA ASN U 75 26.43 9.88 64.83
C ASN U 75 27.26 10.82 63.98
N GLY U 76 26.93 12.11 64.01
CA GLY U 76 27.66 13.09 63.24
C GLY U 76 26.78 14.29 62.91
N PRO U 77 27.34 15.34 62.29
CA PRO U 77 26.58 16.56 61.93
C PRO U 77 25.30 16.19 61.18
N ILE U 78 24.24 16.98 61.34
CA ILE U 78 22.97 16.66 60.68
C ILE U 78 22.96 16.80 59.15
N PRO U 79 23.68 17.78 58.58
CA PRO U 79 23.60 17.82 57.11
C PRO U 79 24.20 16.57 56.44
N ASP U 80 25.36 16.10 56.90
CA ASP U 80 25.92 14.89 56.34
C ASP U 80 24.99 13.74 56.70
N ALA U 81 24.43 13.80 57.91
CA ALA U 81 23.52 12.77 58.37
C ALA U 81 22.33 12.60 57.40
N ARG U 82 21.72 13.72 57.02
CA ARG U 82 20.58 13.71 56.11
C ARG U 82 20.93 13.31 54.68
N ASN U 83 22.14 13.66 54.25
CA ASN U 83 22.61 13.29 52.93
C ASN U 83 22.65 11.76 52.91
N ALA U 84 23.19 11.17 53.97
CA ALA U 84 23.29 9.72 54.07
C ALA U 84 21.93 9.05 54.12
N ALA U 85 21.02 9.63 54.88
CA ALA U 85 19.67 9.07 55.01
C ALA U 85 18.94 9.09 53.66
N LEU U 86 18.97 10.22 52.96
CA LEU U 86 18.30 10.29 51.68
C LEU U 86 18.84 9.22 50.74
N ARG U 87 20.16 9.09 50.69
CA ARG U 87 20.78 8.10 49.82
C ARG U 87 20.33 6.70 50.15
N ALA U 88 20.37 6.35 51.43
CA ALA U 88 19.97 5.00 51.85
C ALA U 88 18.50 4.70 51.53
N LYS U 89 17.63 5.72 51.64
CA LYS U 89 16.22 5.52 51.31
C LYS U 89 16.10 5.23 49.81
N ALA U 90 16.83 6.00 49.02
CA ALA U 90 16.85 5.84 47.57
C ALA U 90 17.37 4.43 47.26
N GLU U 91 18.49 4.05 47.86
CA GLU U 91 19.04 2.72 47.62
C GLU U 91 18.05 1.64 47.99
N ALA U 92 17.36 1.82 49.12
CA ALA U 92 16.37 0.85 49.61
C ALA U 92 15.16 0.69 48.70
N ALA U 93 14.65 1.80 48.17
CA ALA U 93 13.49 1.75 47.29
C ALA U 93 13.86 1.11 45.94
N GLU U 94 15.02 1.48 45.41
CA GLU U 94 15.49 0.94 44.14
C GLU U 94 15.71 -0.57 44.23
N PHE U 95 16.42 -1.00 45.26
CA PHE U 95 16.68 -2.41 45.46
C PHE U 95 15.37 -3.19 45.41
N ARG U 96 14.37 -2.72 46.13
CA ARG U 96 13.08 -3.42 46.17
C ARG U 96 12.44 -3.53 44.80
N TYR U 97 12.55 -2.45 44.03
CA TYR U 97 11.98 -2.39 42.69
C TYR U 97 12.69 -3.34 41.72
N LYS U 98 14.01 -3.41 41.84
CA LYS U 98 14.79 -4.24 40.94
C LYS U 98 14.83 -5.71 41.29
N TYR U 99 14.99 -6.03 42.57
CA TYR U 99 15.10 -7.43 42.96
C TYR U 99 13.86 -8.09 43.49
N GLY U 100 12.79 -7.32 43.60
CA GLY U 100 11.53 -7.89 44.05
C GLY U 100 11.32 -8.18 45.52
N TYR U 101 12.28 -7.86 46.38
CA TYR U 101 12.12 -8.09 47.81
C TYR U 101 12.80 -6.95 48.57
N ASP U 102 12.45 -6.76 49.83
CA ASP U 102 13.01 -5.68 50.66
C ASP U 102 14.51 -5.82 50.90
N MET U 103 15.23 -4.71 50.77
CA MET U 103 16.67 -4.76 50.96
C MET U 103 17.02 -5.15 52.41
N PRO U 104 17.89 -6.15 52.58
CA PRO U 104 18.26 -6.57 53.94
C PRO U 104 19.15 -5.51 54.58
N CYS U 105 19.05 -5.38 55.90
CA CYS U 105 19.85 -4.43 56.63
C CYS U 105 21.35 -4.51 56.32
N ASP U 106 21.89 -5.73 56.34
CA ASP U 106 23.32 -5.91 56.06
C ASP U 106 23.70 -5.51 54.64
N VAL U 107 22.82 -5.76 53.68
CA VAL U 107 23.10 -5.41 52.31
C VAL U 107 23.15 -3.89 52.14
N LEU U 108 22.20 -3.17 52.75
CA LEU U 108 22.19 -1.71 52.67
C LEU U 108 23.45 -1.15 53.30
N ALA U 109 23.88 -1.78 54.40
CA ALA U 109 25.09 -1.35 55.08
C ALA U 109 26.28 -1.48 54.13
N LYS U 110 26.44 -2.67 53.53
CA LYS U 110 27.53 -2.90 52.59
C LYS U 110 27.52 -1.87 51.45
N ARG U 111 26.34 -1.59 50.92
CA ARG U 111 26.20 -0.64 49.83
C ARG U 111 26.62 0.76 50.26
N MET U 112 26.18 1.18 51.45
CA MET U 112 26.55 2.52 51.93
C MET U 112 28.05 2.52 52.25
N ALA U 113 28.54 1.39 52.78
CA ALA U 113 29.96 1.27 53.08
C ALA U 113 30.79 1.39 51.79
N ASN U 114 30.36 0.72 50.73
CA ASN U 114 31.09 0.80 49.47
C ASN U 114 31.09 2.24 48.96
N LEU U 115 29.95 2.93 49.10
CA LEU U 115 29.85 4.31 48.66
C LEU U 115 30.89 5.15 49.39
N SER U 116 31.02 4.91 50.70
CA SER U 116 32.00 5.65 51.48
C SER U 116 33.42 5.31 51.05
N GLN U 117 33.66 4.03 50.75
CA GLN U 117 34.98 3.60 50.32
C GLN U 117 35.40 4.48 49.13
N ILE U 118 34.46 4.78 48.25
CA ILE U 118 34.76 5.61 47.09
C ILE U 118 35.24 7.03 47.42
N TYR U 119 34.64 7.65 48.44
CA TYR U 119 35.03 9.01 48.81
C TYR U 119 36.43 8.99 49.40
N THR U 120 36.87 7.77 49.66
CA THR U 120 38.18 7.48 50.23
C THR U 120 39.24 7.33 49.15
N GLN U 121 38.80 6.99 47.94
CA GLN U 121 39.71 6.78 46.79
C GLN U 121 39.68 7.88 45.74
N ARG U 122 38.52 8.51 45.54
CA ARG U 122 38.41 9.60 44.57
C ARG U 122 38.65 10.91 45.30
N ALA U 123 39.44 11.76 44.68
CA ALA U 123 39.82 13.04 45.25
C ALA U 123 38.76 14.12 45.36
N TYR U 124 37.88 14.22 44.36
CA TYR U 124 36.87 15.28 44.42
C TYR U 124 35.72 15.07 45.39
N MET U 125 35.59 13.86 45.94
CA MET U 125 34.53 13.56 46.90
C MET U 125 35.13 13.53 48.30
N ARG U 126 34.51 14.25 49.23
CA ARG U 126 34.99 14.24 50.61
C ARG U 126 34.20 13.18 51.39
N PRO U 127 34.80 12.57 52.41
CA PRO U 127 34.06 11.56 53.17
C PRO U 127 32.95 12.29 53.94
N LEU U 128 31.94 11.56 54.38
CA LEU U 128 30.88 12.18 55.19
C LEU U 128 31.32 11.96 56.64
N GLY U 129 31.25 13.01 57.44
CA GLY U 129 31.67 12.90 58.82
C GLY U 129 30.62 12.23 59.68
N VAL U 130 30.25 11.01 59.32
CA VAL U 130 29.21 10.34 60.06
C VAL U 130 29.41 8.84 60.19
N ILE U 131 28.84 8.28 61.24
CA ILE U 131 28.88 6.84 61.45
C ILE U 131 27.41 6.43 61.43
N LEU U 132 27.11 5.42 60.61
CA LEU U 132 25.74 4.98 60.45
C LEU U 132 25.49 3.63 61.08
N THR U 133 24.46 3.54 61.91
CA THR U 133 24.10 2.28 62.54
C THR U 133 22.74 1.89 61.99
N PHE U 134 22.71 0.77 61.24
CA PHE U 134 21.46 0.27 60.65
C PHE U 134 20.94 -0.91 61.46
N VAL U 135 19.63 -0.94 61.66
CA VAL U 135 19.02 -2.00 62.43
C VAL U 135 17.69 -2.46 61.81
N SER U 136 17.36 -3.72 62.09
CA SER U 136 16.13 -4.32 61.59
C SER U 136 16.03 -5.73 62.14
N VAL U 137 14.94 -6.39 61.79
CA VAL U 137 14.75 -7.78 62.15
C VAL U 137 14.65 -8.40 60.76
N ASP U 138 15.80 -8.79 60.22
CA ASP U 138 15.87 -9.38 58.89
C ASP U 138 15.02 -10.64 58.76
N GLU U 139 14.38 -10.82 57.60
CA GLU U 139 13.55 -12.00 57.42
C GLU U 139 14.39 -13.27 57.37
N GLU U 140 15.68 -13.13 57.07
CA GLU U 140 16.54 -14.29 57.03
C GLU U 140 17.51 -14.36 58.20
N LEU U 141 17.98 -13.21 58.67
CA LEU U 141 18.96 -13.17 59.76
C LEU U 141 18.46 -12.83 61.16
N GLY U 142 17.21 -12.37 61.27
CA GLY U 142 16.72 -11.99 62.58
C GLY U 142 17.25 -10.62 62.98
N PRO U 143 17.21 -10.26 64.26
CA PRO U 143 17.70 -8.95 64.72
C PRO U 143 19.07 -8.66 64.15
N SER U 144 19.26 -7.46 63.61
CA SER U 144 20.54 -7.09 63.00
C SER U 144 21.03 -5.69 63.30
N ILE U 145 22.32 -5.59 63.56
CA ILE U 145 22.99 -4.32 63.82
C ILE U 145 24.18 -4.27 62.88
N TYR U 146 24.24 -3.28 62.00
CA TYR U 146 25.37 -3.14 61.08
C TYR U 146 25.74 -1.66 61.06
N LYS U 147 27.01 -1.38 61.30
CA LYS U 147 27.48 0.00 61.37
C LYS U 147 28.60 0.30 60.40
N THR U 148 28.55 1.49 59.80
CA THR U 148 29.53 1.92 58.83
C THR U 148 30.17 3.25 59.21
N ASP U 149 31.46 3.39 58.89
CA ASP U 149 32.21 4.62 59.20
C ASP U 149 32.74 5.32 57.95
N PRO U 150 33.33 6.52 58.11
CA PRO U 150 33.85 7.28 56.97
C PRO U 150 35.00 6.59 56.25
N ALA U 151 35.40 5.42 56.73
CA ALA U 151 36.49 4.71 56.09
C ALA U 151 35.97 3.64 55.13
N GLY U 152 34.66 3.45 55.12
CA GLY U 152 34.09 2.46 54.24
C GLY U 152 34.10 1.10 54.89
N TYR U 153 34.26 1.09 56.20
CA TYR U 153 34.29 -0.16 56.94
C TYR U 153 32.92 -0.46 57.54
N TYR U 154 32.63 -1.74 57.70
CA TYR U 154 31.36 -2.10 58.31
C TYR U 154 31.39 -3.53 58.81
N VAL U 155 30.59 -3.82 59.83
CA VAL U 155 30.54 -5.17 60.36
C VAL U 155 29.25 -5.32 61.14
N GLY U 156 28.87 -6.55 61.41
CA GLY U 156 27.67 -6.82 62.17
C GLY U 156 28.06 -6.89 63.64
N TYR U 157 27.15 -6.51 64.52
CA TYR U 157 27.40 -6.52 65.97
C TYR U 157 26.33 -7.23 66.76
N LYS U 158 26.69 -7.68 67.97
CA LYS U 158 25.76 -8.32 68.90
C LYS U 158 25.01 -7.14 69.50
N ALA U 159 25.77 -6.05 69.69
CA ALA U 159 25.31 -4.78 70.22
C ALA U 159 26.44 -3.80 69.90
N THR U 160 26.19 -2.50 70.01
CA THR U 160 27.23 -1.52 69.71
C THR U 160 26.88 -0.16 70.28
N ALA U 161 27.88 0.73 70.35
CA ALA U 161 27.69 2.09 70.84
C ALA U 161 28.56 3.02 70.01
N THR U 162 28.16 4.29 69.92
CA THR U 162 28.90 5.26 69.14
C THR U 162 28.76 6.65 69.74
N GLY U 163 29.84 7.42 69.70
CA GLY U 163 29.80 8.78 70.24
C GLY U 163 31.01 9.06 71.11
N PRO U 164 31.07 10.25 71.73
CA PRO U 164 32.20 10.65 72.59
C PRO U 164 32.53 9.67 73.70
N LYS U 165 31.51 9.04 74.31
CA LYS U 165 31.76 8.10 75.40
C LYS U 165 31.46 6.67 74.99
N GLN U 166 31.83 6.36 73.76
CA GLN U 166 31.63 5.06 73.15
C GLN U 166 32.25 3.95 73.98
N GLN U 167 33.50 4.14 74.39
CA GLN U 167 34.21 3.14 75.18
C GLN U 167 33.52 2.71 76.47
N GLU U 168 32.97 3.69 77.19
CA GLU U 168 32.31 3.42 78.46
C GLU U 168 31.12 2.49 78.22
N ILE U 169 30.30 2.83 77.24
CA ILE U 169 29.13 2.04 76.92
C ILE U 169 29.49 0.66 76.37
N THR U 170 30.56 0.60 75.57
CA THR U 170 30.98 -0.66 75.00
C THR U 170 31.42 -1.67 76.06
N THR U 171 32.37 -1.28 76.92
CA THR U 171 32.84 -2.17 77.96
C THR U 171 31.67 -2.61 78.85
N ASN U 172 30.77 -1.69 79.17
CA ASN U 172 29.61 -2.02 79.99
C ASN U 172 28.86 -3.19 79.35
N LEU U 173 28.54 -3.03 78.07
CA LEU U 173 27.84 -4.06 77.32
C LEU U 173 28.66 -5.35 77.24
N GLU U 174 29.94 -5.20 76.95
CA GLU U 174 30.85 -6.35 76.88
C GLU U 174 30.68 -7.18 78.15
N ASN U 175 30.79 -6.52 79.29
CA ASN U 175 30.68 -7.19 80.57
C ASN U 175 29.36 -7.93 80.72
N HIS U 176 28.27 -7.27 80.38
CA HIS U 176 26.98 -7.91 80.50
C HIS U 176 26.93 -9.19 79.69
N PHE U 177 27.54 -9.19 78.52
CA PHE U 177 27.54 -10.38 77.68
C PHE U 177 28.50 -11.45 78.21
N LYS U 178 29.66 -11.03 78.71
CA LYS U 178 30.63 -11.99 79.25
C LYS U 178 29.91 -12.77 80.34
N LYS U 179 28.93 -12.11 80.94
CA LYS U 179 28.13 -12.67 82.02
C LYS U 179 27.01 -13.58 81.50
N SER U 180 26.08 -13.00 80.75
CA SER U 180 24.95 -13.74 80.20
C SER U 180 25.32 -14.91 79.29
N LYS U 181 26.50 -14.83 78.67
CA LYS U 181 26.98 -15.88 77.77
C LYS U 181 26.19 -16.01 76.47
N ILE U 182 25.19 -15.15 76.28
CA ILE U 182 24.40 -15.16 75.05
C ILE U 182 24.64 -13.83 74.32
N ASP U 183 24.48 -13.85 73.00
CA ASP U 183 24.72 -12.67 72.18
C ASP U 183 23.51 -11.76 71.97
N HIS U 184 22.57 -11.79 72.90
CA HIS U 184 21.38 -10.96 72.79
C HIS U 184 20.66 -10.85 74.14
N ILE U 185 19.68 -9.95 74.20
CA ILE U 185 18.90 -9.75 75.41
C ILE U 185 17.75 -10.74 75.40
N ASN U 186 17.83 -11.77 76.23
CA ASN U 186 16.78 -12.78 76.28
C ASN U 186 15.46 -12.21 76.82
N GLU U 187 14.85 -11.32 76.06
CA GLU U 187 13.60 -10.69 76.44
C GLU U 187 12.62 -10.80 75.27
N GLU U 188 11.36 -11.14 75.57
CA GLU U 188 10.36 -11.30 74.53
C GLU U 188 9.78 -9.97 74.02
N SER U 189 9.45 -9.06 74.94
CA SER U 189 8.89 -7.78 74.50
C SER U 189 9.97 -6.74 74.25
N TRP U 190 9.71 -5.86 73.29
CA TRP U 190 10.69 -4.83 72.97
C TRP U 190 10.75 -3.74 74.04
N GLU U 191 9.66 -3.55 74.78
CA GLU U 191 9.63 -2.55 75.85
C GLU U 191 10.72 -2.89 76.87
N LYS U 192 10.77 -4.15 77.26
CA LYS U 192 11.77 -4.61 78.21
C LYS U 192 13.19 -4.50 77.64
N VAL U 193 13.34 -4.65 76.34
CA VAL U 193 14.65 -4.52 75.71
C VAL U 193 15.02 -3.04 75.64
N VAL U 194 14.03 -2.18 75.44
CA VAL U 194 14.28 -0.73 75.40
C VAL U 194 14.74 -0.34 76.80
N GLU U 195 14.07 -0.91 77.81
CA GLU U 195 14.42 -0.63 79.19
C GLU U 195 15.84 -1.11 79.52
N PHE U 196 16.22 -2.26 78.97
CA PHE U 196 17.56 -2.78 79.20
C PHE U 196 18.57 -1.80 78.64
N ALA U 197 18.32 -1.35 77.42
CA ALA U 197 19.18 -0.40 76.75
C ALA U 197 19.35 0.89 77.51
N ILE U 198 18.24 1.51 77.93
CA ILE U 198 18.34 2.76 78.67
C ILE U 198 19.01 2.55 80.02
N THR U 199 18.70 1.44 80.66
CA THR U 199 19.29 1.12 81.96
C THR U 199 20.82 1.14 81.84
N HIS U 200 21.37 0.33 80.94
CA HIS U 200 22.80 0.27 80.76
C HIS U 200 23.41 1.55 80.22
N MET U 201 22.59 2.36 79.54
CA MET U 201 23.08 3.63 79.05
C MET U 201 23.34 4.50 80.27
N ILE U 202 22.41 4.48 81.21
CA ILE U 202 22.52 5.25 82.45
C ILE U 202 23.72 4.77 83.27
N ASP U 203 23.83 3.46 83.47
CA ASP U 203 24.93 2.89 84.22
C ASP U 203 26.29 3.31 83.65
N ALA U 204 26.50 3.06 82.36
CA ALA U 204 27.75 3.39 81.70
C ALA U 204 28.11 4.86 81.67
N LEU U 205 27.13 5.73 81.50
CA LEU U 205 27.42 7.16 81.45
C LEU U 205 27.31 7.81 82.84
N GLY U 206 26.70 7.10 83.77
CA GLY U 206 26.54 7.66 85.11
C GLY U 206 25.62 8.87 85.07
N THR U 207 24.55 8.76 84.30
CA THR U 207 23.61 9.87 84.18
C THR U 207 22.16 9.44 84.07
N GLU U 208 21.30 10.24 84.67
CA GLU U 208 19.86 10.02 84.67
C GLU U 208 19.29 10.74 83.45
N PHE U 209 18.13 10.27 82.98
CA PHE U 209 17.49 10.86 81.80
C PHE U 209 16.04 11.22 82.05
N SER U 210 15.55 12.21 81.30
CA SER U 210 14.15 12.62 81.35
C SER U 210 13.61 12.23 79.96
N LYS U 211 12.30 12.19 79.78
CA LYS U 211 11.72 11.81 78.50
C LYS U 211 12.25 12.62 77.31
N ASN U 212 12.84 13.78 77.57
CA ASN U 212 13.33 14.59 76.47
C ASN U 212 14.84 14.49 76.24
N ASP U 213 15.50 13.62 76.99
CA ASP U 213 16.96 13.42 76.88
C ASP U 213 17.33 12.26 75.97
N LEU U 214 16.34 11.47 75.56
CA LEU U 214 16.60 10.33 74.71
C LEU U 214 15.78 10.35 73.44
N GLU U 215 16.14 9.44 72.54
CA GLU U 215 15.50 9.23 71.25
C GLU U 215 15.55 7.70 71.16
N VAL U 216 14.43 7.08 70.82
CA VAL U 216 14.42 5.63 70.73
C VAL U 216 13.79 5.11 69.46
N GLY U 217 14.39 4.05 68.94
CA GLY U 217 13.91 3.42 67.72
C GLY U 217 13.83 1.93 67.98
N VAL U 218 12.81 1.29 67.42
CA VAL U 218 12.63 -0.14 67.59
C VAL U 218 12.35 -0.80 66.27
N ALA U 219 12.93 -1.97 66.08
CA ALA U 219 12.74 -2.73 64.86
C ALA U 219 12.15 -4.08 65.23
N THR U 220 10.98 -4.40 64.66
CA THR U 220 10.35 -5.69 64.91
C THR U 220 10.12 -6.33 63.55
N LYS U 221 9.62 -7.55 63.58
CA LYS U 221 9.30 -8.28 62.35
C LYS U 221 8.39 -7.38 61.51
N ASP U 222 8.85 -7.04 60.32
CA ASP U 222 8.09 -6.20 59.40
C ASP U 222 7.70 -4.76 59.82
N LYS U 223 8.51 -4.14 60.69
CA LYS U 223 8.28 -2.75 61.05
C LYS U 223 9.28 -2.13 62.02
N PHE U 224 9.74 -0.93 61.65
CA PHE U 224 10.67 -0.15 62.45
C PHE U 224 9.95 1.16 62.75
N PHE U 225 9.96 1.56 64.03
CA PHE U 225 9.29 2.76 64.46
C PHE U 225 10.06 3.44 65.57
N THR U 226 9.80 4.73 65.78
CA THR U 226 10.45 5.45 66.84
C THR U 226 9.44 5.66 67.97
N LEU U 227 9.92 5.83 69.19
CA LEU U 227 9.03 6.05 70.33
C LEU U 227 8.75 7.53 70.52
N SER U 228 7.66 7.86 71.19
CA SER U 228 7.32 9.26 71.45
C SER U 228 7.78 9.60 72.85
N ALA U 229 7.87 10.90 73.14
CA ALA U 229 8.29 11.34 74.46
C ALA U 229 7.52 10.55 75.53
N GLU U 230 6.23 10.36 75.30
CA GLU U 230 5.40 9.63 76.24
C GLU U 230 5.73 8.15 76.29
N ASN U 231 5.91 7.53 75.14
CA ASN U 231 6.23 6.10 75.09
C ASN U 231 7.49 5.90 75.95
N ILE U 232 8.41 6.86 75.82
CA ILE U 232 9.67 6.84 76.54
C ILE U 232 9.45 7.03 78.02
N GLU U 233 8.67 8.04 78.37
CA GLU U 233 8.35 8.32 79.77
C GLU U 233 7.88 7.05 80.43
N GLU U 234 6.90 6.40 79.81
CA GLU U 234 6.36 5.15 80.32
C GLU U 234 7.49 4.12 80.50
N ARG U 235 8.50 4.20 79.65
CA ARG U 235 9.64 3.29 79.70
C ARG U 235 10.56 3.66 80.88
N LEU U 236 10.73 4.97 81.07
CA LEU U 236 11.55 5.51 82.16
C LEU U 236 10.91 5.24 83.53
N VAL U 237 9.60 5.39 83.61
CA VAL U 237 8.90 5.12 84.85
C VAL U 237 9.13 3.67 85.26
N ALA U 238 9.10 2.79 84.28
CA ALA U 238 9.29 1.37 84.53
C ALA U 238 10.67 1.06 85.12
N ILE U 239 11.73 1.64 84.57
CA ILE U 239 13.06 1.36 85.11
C ILE U 239 13.18 1.95 86.51
N ALA U 240 12.39 2.97 86.78
CA ALA U 240 12.41 3.62 88.08
C ALA U 240 11.85 2.70 89.17
N GLU U 241 10.91 1.84 88.81
CA GLU U 241 10.30 0.92 89.76
C GLU U 241 11.04 -0.42 89.73
N GLN U 242 12.35 -0.36 89.91
CA GLN U 242 13.20 -1.54 89.91
C GLN U 242 14.47 -1.15 90.66
N ASP U 243 14.71 0.16 90.70
CA ASP U 243 15.85 0.77 91.40
C ASP U 243 15.33 1.51 92.64
N THR V 1 7.14 -26.22 20.51
CA THR V 1 7.60 -26.31 21.91
C THR V 1 6.45 -26.49 22.88
N THR V 2 6.65 -27.34 23.86
CA THR V 2 5.64 -27.51 24.89
C THR V 2 6.38 -27.47 26.22
N ILE V 3 6.17 -26.43 27.02
CA ILE V 3 6.80 -26.42 28.33
C ILE V 3 5.69 -26.22 29.37
N VAL V 4 5.86 -26.79 30.56
CA VAL V 4 4.86 -26.70 31.62
C VAL V 4 5.49 -26.52 32.99
N GLY V 5 4.65 -26.17 33.95
CA GLY V 5 5.10 -25.98 35.32
C GLY V 5 4.00 -26.54 36.19
N VAL V 6 4.37 -27.21 37.29
CA VAL V 6 3.37 -27.80 38.18
C VAL V 6 3.87 -27.80 39.61
N LYS V 7 3.11 -27.18 40.50
CA LYS V 7 3.46 -27.15 41.92
C LYS V 7 2.90 -28.39 42.59
N PHE V 8 3.60 -28.90 43.58
CA PHE V 8 3.12 -30.06 44.34
C PHE V 8 3.29 -29.68 45.82
N ASN V 9 2.79 -30.53 46.72
CA ASN V 9 2.85 -30.25 48.16
C ASN V 9 4.13 -29.66 48.76
N ASN V 10 5.29 -30.04 48.26
CA ASN V 10 6.53 -29.52 48.83
C ASN V 10 7.53 -28.94 47.83
N GLY V 11 7.04 -28.52 46.67
CA GLY V 11 7.93 -27.95 45.67
C GLY V 11 7.27 -27.62 44.34
N VAL V 12 8.08 -27.59 43.30
CA VAL V 12 7.59 -27.27 41.98
C VAL V 12 8.39 -28.08 40.98
N VAL V 13 7.75 -28.48 39.89
CA VAL V 13 8.45 -29.23 38.84
C VAL V 13 8.11 -28.62 37.48
N ILE V 14 9.09 -28.63 36.57
CA ILE V 14 8.87 -28.11 35.23
C ILE V 14 9.31 -29.15 34.20
N ALA V 15 8.72 -29.10 33.02
CA ALA V 15 9.06 -30.05 31.97
C ALA V 15 9.01 -29.38 30.59
N ALA V 16 9.57 -30.06 29.59
CA ALA V 16 9.61 -29.52 28.24
C ALA V 16 9.89 -30.62 27.20
N ASP V 17 9.50 -30.37 25.96
CA ASP V 17 9.76 -31.32 24.89
C ASP V 17 11.16 -30.95 24.41
N THR V 18 11.66 -31.61 23.37
CA THR V 18 13.01 -31.33 22.90
C THR V 18 13.16 -30.99 21.42
N ARG V 19 12.07 -30.56 20.79
CA ARG V 19 12.11 -30.23 19.37
C ARG V 19 12.38 -28.74 19.07
N SER V 20 13.22 -28.52 18.07
CA SER V 20 13.58 -27.18 17.61
C SER V 20 13.20 -27.14 16.13
N THR V 21 12.65 -26.04 15.63
CA THR V 21 12.25 -25.97 14.22
C THR V 21 12.62 -24.68 13.47
N GLN V 22 12.69 -24.80 12.15
CA GLN V 22 12.95 -23.68 11.24
C GLN V 22 11.91 -24.00 10.18
N GLY V 23 10.77 -23.33 10.26
CA GLY V 23 9.71 -23.61 9.30
C GLY V 23 9.21 -25.01 9.59
N PRO V 24 9.10 -25.87 8.59
CA PRO V 24 8.60 -27.23 8.80
C PRO V 24 9.70 -28.26 9.03
N ILE V 25 10.94 -27.80 9.14
CA ILE V 25 12.07 -28.70 9.35
C ILE V 25 12.53 -28.74 10.79
N VAL V 26 12.75 -29.95 11.30
CA VAL V 26 13.25 -30.08 12.67
C VAL V 26 14.72 -29.69 12.63
N ALA V 27 15.07 -28.63 13.35
CA ALA V 27 16.45 -28.15 13.40
C ALA V 27 17.29 -28.99 14.37
N ASP V 28 16.69 -29.33 15.50
CA ASP V 28 17.34 -30.13 16.53
C ASP V 28 16.28 -31.04 17.13
N LYS V 29 16.55 -32.33 17.10
CA LYS V 29 15.60 -33.31 17.62
C LYS V 29 15.73 -33.50 19.11
N ASN V 30 16.76 -32.90 19.70
CA ASN V 30 16.96 -33.04 21.14
C ASN V 30 17.66 -31.88 21.81
N CYS V 31 17.09 -30.69 21.73
CA CYS V 31 17.73 -29.56 22.40
C CYS V 31 17.19 -29.53 23.83
N ALA V 32 17.84 -28.78 24.69
CA ALA V 32 17.41 -28.68 26.09
C ALA V 32 16.73 -27.34 26.32
N LYS V 33 15.43 -27.38 26.60
CA LYS V 33 14.69 -26.14 26.83
C LYS V 33 14.65 -25.76 28.31
N LEU V 34 15.36 -26.52 29.14
CA LEU V 34 15.44 -26.28 30.57
C LEU V 34 16.76 -25.62 30.91
N HIS V 35 16.69 -24.40 31.46
CA HIS V 35 17.89 -23.64 31.80
C HIS V 35 18.00 -23.38 33.30
N ARG V 36 19.22 -23.38 33.81
CA ARG V 36 19.46 -23.13 35.21
C ARG V 36 19.82 -21.66 35.42
N ILE V 37 19.01 -20.93 36.19
CA ILE V 37 19.32 -19.53 36.46
C ILE V 37 20.24 -19.49 37.70
N SER V 38 20.03 -20.43 38.60
CA SER V 38 20.83 -20.59 39.81
C SER V 38 20.61 -22.06 40.18
N PRO V 39 21.40 -22.60 41.11
CA PRO V 39 21.24 -24.00 41.50
C PRO V 39 19.80 -24.49 41.70
N LYS V 40 18.96 -23.67 42.32
CA LYS V 40 17.59 -24.10 42.58
C LYS V 40 16.51 -23.23 41.95
N ILE V 41 16.87 -22.52 40.89
CA ILE V 41 15.93 -21.70 40.15
C ILE V 41 16.11 -22.15 38.69
N TRP V 42 15.12 -22.86 38.16
CA TRP V 42 15.22 -23.31 36.77
C TRP V 42 14.17 -22.67 35.90
N CYS V 43 14.47 -22.59 34.62
CA CYS V 43 13.60 -21.95 33.67
C CYS V 43 13.35 -22.77 32.39
N ALA V 44 12.09 -22.88 32.02
CA ALA V 44 11.69 -23.59 30.79
C ALA V 44 11.41 -22.50 29.77
N GLY V 45 12.11 -22.55 28.64
CA GLY V 45 11.94 -21.52 27.62
C GLY V 45 11.34 -21.91 26.28
N ALA V 46 10.47 -21.05 25.78
CA ALA V 46 9.80 -21.24 24.50
C ALA V 46 9.93 -19.98 23.67
N GLY V 47 9.67 -20.09 22.37
CA GLY V 47 9.78 -18.93 21.51
C GLY V 47 11.04 -18.96 20.68
N THR V 48 11.70 -17.81 20.53
CA THR V 48 12.93 -17.74 19.74
C THR V 48 14.09 -18.31 20.55
N ALA V 49 14.50 -19.51 20.16
CA ALA V 49 15.58 -20.23 20.81
C ALA V 49 16.72 -19.36 21.37
N ALA V 50 17.45 -18.68 20.50
CA ALA V 50 18.57 -17.85 20.92
C ALA V 50 18.17 -16.80 21.96
N ASP V 51 16.95 -16.26 21.84
CA ASP V 51 16.47 -15.26 22.79
C ASP V 51 16.23 -15.85 24.18
N THR V 52 15.60 -17.02 24.25
CA THR V 52 15.39 -17.61 25.56
C THR V 52 16.74 -17.92 26.20
N GLU V 53 17.67 -18.44 25.40
CA GLU V 53 19.01 -18.78 25.91
C GLU V 53 19.78 -17.56 26.42
N ALA V 54 19.89 -16.54 25.58
CA ALA V 54 20.61 -15.32 25.94
C ALA V 54 20.05 -14.60 27.17
N VAL V 55 18.75 -14.40 27.21
CA VAL V 55 18.15 -13.71 28.33
C VAL V 55 18.29 -14.56 29.58
N THR V 56 18.24 -15.88 29.41
CA THR V 56 18.38 -16.80 30.54
C THR V 56 19.79 -16.76 31.13
N GLN V 57 20.79 -16.65 30.27
CA GLN V 57 22.15 -16.59 30.76
C GLN V 57 22.43 -15.23 31.39
N LEU V 58 21.97 -14.15 30.76
CA LEU V 58 22.18 -12.82 31.30
C LEU V 58 21.63 -12.69 32.72
N ILE V 59 20.36 -13.01 32.91
CA ILE V 59 19.78 -12.89 34.23
C ILE V 59 20.43 -13.89 35.19
N GLY V 60 20.75 -15.09 34.71
CA GLY V 60 21.40 -16.07 35.57
C GLY V 60 22.73 -15.54 36.08
N SER V 61 23.50 -14.93 35.17
CA SER V 61 24.77 -14.33 35.50
C SER V 61 24.56 -13.23 36.57
N ASN V 62 23.57 -12.36 36.36
CA ASN V 62 23.34 -11.30 37.33
C ASN V 62 22.85 -11.82 38.67
N ILE V 63 22.14 -12.93 38.64
CA ILE V 63 21.63 -13.53 39.87
C ILE V 63 22.82 -14.03 40.68
N GLU V 64 23.77 -14.66 40.00
CA GLU V 64 24.96 -15.18 40.65
C GLU V 64 25.70 -14.03 41.30
N LEU V 65 25.94 -12.96 40.55
CA LEU V 65 26.64 -11.81 41.11
C LEU V 65 25.89 -11.21 42.31
N HIS V 66 24.57 -11.10 42.20
CA HIS V 66 23.74 -10.57 43.28
C HIS V 66 23.83 -11.47 44.51
N SER V 67 23.77 -12.77 44.27
CA SER V 67 23.85 -13.77 45.35
C SER V 67 25.17 -13.60 46.12
N LEU V 68 26.26 -13.50 45.37
CA LEU V 68 27.57 -13.33 45.98
C LEU V 68 27.66 -12.04 46.76
N TYR V 69 27.07 -10.98 46.22
CA TYR V 69 27.08 -9.66 46.84
C TYR V 69 26.25 -9.59 48.12
N THR V 70 25.12 -10.29 48.15
CA THR V 70 24.26 -10.28 49.33
C THR V 70 24.46 -11.45 50.30
N SER V 71 25.25 -12.43 49.89
CA SER V 71 25.50 -13.61 50.71
C SER V 71 24.20 -14.32 51.02
N ARG V 72 23.27 -14.27 50.07
CA ARG V 72 21.97 -14.90 50.22
C ARG V 72 21.64 -15.79 49.03
N GLU V 73 20.74 -16.76 49.26
CA GLU V 73 20.29 -17.65 48.21
C GLU V 73 19.42 -16.81 47.28
N PRO V 74 19.54 -17.00 45.96
CA PRO V 74 18.73 -16.22 45.03
C PRO V 74 17.25 -16.52 45.23
N ARG V 75 16.39 -15.55 44.97
CA ARG V 75 14.95 -15.79 45.10
C ARG V 75 14.31 -15.80 43.71
N VAL V 76 13.28 -16.63 43.56
CA VAL V 76 12.63 -16.72 42.27
C VAL V 76 12.07 -15.36 41.84
N VAL V 77 11.55 -14.57 42.77
CA VAL V 77 11.00 -13.26 42.43
C VAL V 77 12.06 -12.35 41.83
N SER V 78 13.32 -12.47 42.28
CA SER V 78 14.38 -11.62 41.72
C SER V 78 14.60 -11.93 40.23
N ALA V 79 14.61 -13.21 39.89
CA ALA V 79 14.78 -13.62 38.50
C ALA V 79 13.59 -13.11 37.70
N LEU V 80 12.40 -13.22 38.28
CA LEU V 80 11.16 -12.80 37.64
C LEU V 80 11.16 -11.30 37.32
N GLN V 81 11.63 -10.50 38.26
CA GLN V 81 11.66 -9.06 38.08
C GLN V 81 12.73 -8.62 37.09
N MET V 82 13.92 -9.22 37.19
CA MET V 82 15.01 -8.88 36.28
C MET V 82 14.65 -9.25 34.84
N LEU V 83 14.04 -10.42 34.67
CA LEU V 83 13.63 -10.87 33.35
C LEU V 83 12.54 -9.96 32.78
N LYS V 84 11.44 -9.79 33.49
CA LYS V 84 10.34 -8.96 32.99
C LYS V 84 10.76 -7.54 32.64
N GLN V 85 11.54 -6.90 33.50
CA GLN V 85 11.95 -5.54 33.21
C GLN V 85 12.83 -5.46 31.96
N HIS V 86 13.60 -6.53 31.73
CA HIS V 86 14.49 -6.61 30.57
C HIS V 86 13.62 -6.76 29.33
N LEU V 87 12.75 -7.78 29.37
CA LEU V 87 11.85 -8.04 28.26
C LEU V 87 10.98 -6.83 27.94
N PHE V 88 10.55 -6.09 28.96
CA PHE V 88 9.71 -4.92 28.73
C PHE V 88 10.52 -3.80 28.06
N LYS V 89 11.76 -3.64 28.49
CA LYS V 89 12.64 -2.63 27.94
C LYS V 89 12.74 -2.83 26.43
N TYR V 90 12.57 -4.07 25.99
CA TYR V 90 12.68 -4.40 24.58
C TYR V 90 11.37 -4.51 23.81
N GLN V 91 10.30 -3.99 24.40
CA GLN V 91 9.00 -3.96 23.76
C GLN V 91 8.61 -5.22 22.99
N GLY V 92 8.97 -6.37 23.56
CA GLY V 92 8.64 -7.64 22.95
C GLY V 92 9.51 -8.07 21.79
N HIS V 93 10.56 -7.33 21.47
CA HIS V 93 11.41 -7.73 20.35
C HIS V 93 12.24 -8.97 20.68
N ILE V 94 12.44 -9.24 21.96
CA ILE V 94 13.17 -10.42 22.40
C ILE V 94 12.12 -11.49 22.57
N GLY V 95 11.98 -12.34 21.55
CA GLY V 95 10.99 -13.40 21.56
C GLY V 95 11.09 -14.48 22.60
N ALA V 96 11.11 -14.10 23.87
CA ALA V 96 11.21 -15.12 24.90
C ALA V 96 9.91 -15.26 25.65
N TYR V 97 9.51 -16.50 25.89
CA TYR V 97 8.31 -16.81 26.65
C TYR V 97 8.82 -17.85 27.61
N LEU V 98 8.73 -17.58 28.91
CA LEU V 98 9.28 -18.52 29.88
C LEU V 98 8.44 -18.85 31.08
N ILE V 99 8.74 -20.03 31.63
CA ILE V 99 8.11 -20.50 32.85
C ILE V 99 9.29 -20.57 33.81
N VAL V 100 9.26 -19.77 34.86
CA VAL V 100 10.35 -19.77 35.82
C VAL V 100 9.86 -20.32 37.15
N ALA V 101 10.60 -21.28 37.67
CA ALA V 101 10.23 -21.91 38.92
C ALA V 101 11.45 -22.10 39.79
N GLY V 102 11.21 -22.48 41.05
CA GLY V 102 12.29 -22.72 41.97
C GLY V 102 11.90 -22.63 43.43
N VAL V 103 12.85 -22.97 44.29
CA VAL V 103 12.66 -22.92 45.73
C VAL V 103 13.75 -22.02 46.30
N ASP V 104 13.38 -21.21 47.28
CA ASP V 104 14.33 -20.31 47.91
C ASP V 104 13.93 -20.13 49.37
N PRO V 105 14.65 -19.29 50.11
CA PRO V 105 14.28 -19.11 51.52
C PRO V 105 12.81 -18.76 51.79
N THR V 106 12.07 -18.29 50.79
CA THR V 106 10.67 -17.94 51.04
C THR V 106 9.68 -19.03 50.64
N GLY V 107 10.18 -20.13 50.06
CA GLY V 107 9.28 -21.20 49.65
C GLY V 107 9.46 -21.66 48.22
N SER V 108 8.41 -22.25 47.64
CA SER V 108 8.45 -22.72 46.26
C SER V 108 7.65 -21.74 45.39
N HIS V 109 8.08 -21.55 44.15
CA HIS V 109 7.42 -20.59 43.27
C HIS V 109 7.23 -21.03 41.81
N LEU V 110 6.10 -20.64 41.23
CA LEU V 110 5.77 -20.96 39.84
C LEU V 110 5.25 -19.73 39.10
N PHE V 111 6.02 -19.25 38.12
CA PHE V 111 5.63 -18.07 37.34
C PHE V 111 5.80 -18.32 35.84
N SER V 112 5.30 -17.37 35.05
CA SER V 112 5.44 -17.41 33.60
C SER V 112 5.69 -15.98 33.17
N ILE V 113 6.46 -15.81 32.10
CA ILE V 113 6.77 -14.48 31.59
C ILE V 113 6.55 -14.49 30.09
N HIS V 114 5.95 -13.43 29.57
CA HIS V 114 5.70 -13.33 28.14
C HIS V 114 6.66 -12.33 27.54
N ALA V 115 6.92 -12.48 26.24
CA ALA V 115 7.84 -11.60 25.52
C ALA V 115 7.69 -10.12 25.81
N HIS V 116 6.47 -9.65 25.96
CA HIS V 116 6.26 -8.23 26.24
C HIS V 116 6.58 -7.82 27.66
N GLY V 117 6.68 -8.79 28.57
CA GLY V 117 7.01 -8.44 29.93
C GLY V 117 6.00 -8.70 31.02
N SER V 118 4.85 -9.24 30.69
CA SER V 118 3.86 -9.52 31.72
C SER V 118 4.17 -10.86 32.38
N THR V 119 3.89 -10.96 33.67
CA THR V 119 4.13 -12.17 34.41
C THR V 119 2.82 -12.67 35.00
N ASP V 120 2.77 -13.98 35.28
CA ASP V 120 1.58 -14.59 35.86
C ASP V 120 2.04 -15.55 36.94
N VAL V 121 1.14 -15.91 37.85
CA VAL V 121 1.48 -16.83 38.92
C VAL V 121 0.41 -17.91 38.93
N GLY V 122 0.80 -19.14 39.24
CA GLY V 122 -0.20 -20.20 39.29
C GLY V 122 0.32 -21.51 39.83
N TYR V 123 -0.55 -22.50 39.90
CA TYR V 123 -0.15 -23.82 40.38
C TYR V 123 0.22 -24.74 39.23
N TYR V 124 -0.21 -24.36 38.02
CA TYR V 124 0.09 -25.10 36.80
C TYR V 124 0.05 -24.15 35.60
N LEU V 125 1.08 -24.22 34.76
CA LEU V 125 1.20 -23.34 33.60
C LEU V 125 1.82 -24.03 32.39
N SER V 126 1.51 -23.53 31.20
CA SER V 126 2.06 -24.06 29.96
C SER V 126 2.26 -22.96 28.93
N LEU V 127 3.34 -23.06 28.15
CA LEU V 127 3.61 -22.09 27.10
C LEU V 127 4.12 -22.81 25.85
N GLY V 128 4.17 -22.09 24.73
CA GLY V 128 4.64 -22.68 23.49
C GLY V 128 3.52 -23.10 22.57
N SER V 129 3.87 -23.58 21.38
CA SER V 129 2.84 -24.02 20.43
C SER V 129 2.01 -25.21 20.96
N GLY V 130 2.58 -26.02 21.85
CA GLY V 130 1.86 -27.15 22.41
C GLY V 130 1.10 -26.75 23.64
N SER V 131 1.14 -25.45 23.91
CA SER V 131 0.48 -24.85 25.06
C SER V 131 -0.93 -25.42 25.33
N LEU V 132 -1.78 -25.47 24.31
CA LEU V 132 -3.15 -25.95 24.48
C LEU V 132 -3.29 -27.43 24.73
N ALA V 133 -2.51 -28.25 24.01
CA ALA V 133 -2.58 -29.69 24.23
C ALA V 133 -2.22 -29.98 25.69
N ALA V 134 -1.13 -29.35 26.15
CA ALA V 134 -0.67 -29.55 27.52
C ALA V 134 -1.69 -29.08 28.54
N MET V 135 -2.17 -27.85 28.37
CA MET V 135 -3.13 -27.25 29.28
C MET V 135 -4.42 -28.06 29.42
N ALA V 136 -4.84 -28.73 28.34
CA ALA V 136 -6.07 -29.52 28.40
C ALA V 136 -5.87 -30.70 29.37
N VAL V 137 -4.64 -31.22 29.43
CA VAL V 137 -4.36 -32.31 30.34
C VAL V 137 -4.33 -31.74 31.75
N LEU V 138 -3.60 -30.65 31.92
CA LEU V 138 -3.50 -30.01 33.21
C LEU V 138 -4.88 -29.65 33.73
N GLU V 139 -5.70 -29.00 32.91
CA GLU V 139 -7.05 -28.64 33.33
C GLU V 139 -7.87 -29.88 33.63
N SER V 140 -7.42 -31.03 33.13
CA SER V 140 -8.15 -32.27 33.34
C SER V 140 -7.72 -33.12 34.53
N HIS V 141 -6.46 -33.02 34.92
CA HIS V 141 -5.96 -33.83 36.01
C HIS V 141 -5.28 -33.14 37.17
N TRP V 142 -5.17 -31.81 37.15
CA TRP V 142 -4.52 -31.15 38.26
C TRP V 142 -5.47 -31.07 39.45
N LYS V 143 -4.92 -31.25 40.64
CA LYS V 143 -5.70 -31.17 41.88
C LYS V 143 -4.76 -30.54 42.89
N GLN V 144 -5.32 -29.92 43.93
CA GLN V 144 -4.50 -29.29 44.95
C GLN V 144 -3.84 -30.38 45.80
N ASP V 145 -2.60 -30.13 46.21
CA ASP V 145 -1.85 -31.09 47.03
C ASP V 145 -1.45 -32.37 46.32
N LEU V 146 -0.53 -32.25 45.38
CA LEU V 146 -0.04 -33.40 44.64
C LEU V 146 1.28 -33.82 45.26
N THR V 147 1.65 -35.08 45.09
CA THR V 147 2.92 -35.54 45.63
C THR V 147 3.95 -35.35 44.53
N LYS V 148 5.21 -35.30 44.94
CA LYS V 148 6.30 -35.15 43.99
C LYS V 148 6.11 -36.11 42.81
N GLU V 149 5.73 -37.34 43.09
CA GLU V 149 5.53 -38.34 42.02
C GLU V 149 4.34 -38.02 41.14
N GLU V 150 3.25 -37.56 41.75
CA GLU V 150 2.05 -37.21 40.99
C GLU V 150 2.35 -36.02 40.07
N ALA V 151 3.01 -35.01 40.63
CA ALA V 151 3.33 -33.82 39.86
C ALA V 151 4.16 -34.17 38.63
N ILE V 152 5.18 -35.01 38.80
CA ILE V 152 6.03 -35.38 37.68
C ILE V 152 5.24 -36.12 36.59
N LYS V 153 4.30 -36.94 37.00
CA LYS V 153 3.48 -37.69 36.04
C LYS V 153 2.61 -36.70 35.27
N LEU V 154 1.94 -35.82 36.00
CA LEU V 154 1.05 -34.83 35.37
C LEU V 154 1.83 -33.96 34.39
N ALA V 155 2.93 -33.37 34.85
CA ALA V 155 3.76 -32.53 33.99
C ALA V 155 4.20 -33.30 32.76
N SER V 156 4.74 -34.49 33.00
CA SER V 156 5.23 -35.36 31.92
C SER V 156 4.12 -35.72 30.92
N ASP V 157 2.90 -35.97 31.43
CA ASP V 157 1.78 -36.31 30.56
C ASP V 157 1.41 -35.10 29.71
N ALA V 158 1.46 -33.92 30.30
CA ALA V 158 1.14 -32.68 29.61
C ALA V 158 2.11 -32.47 28.45
N ILE V 159 3.40 -32.68 28.69
CA ILE V 159 4.40 -32.53 27.65
C ILE V 159 4.11 -33.51 26.50
N GLN V 160 3.76 -34.74 26.85
CA GLN V 160 3.45 -35.72 25.83
C GLN V 160 2.27 -35.28 24.98
N ALA V 161 1.27 -34.65 25.61
CA ALA V 161 0.10 -34.19 24.88
C ALA V 161 0.58 -33.29 23.73
N GLY V 162 1.58 -32.46 23.99
CA GLY V 162 2.12 -31.60 22.96
C GLY V 162 2.97 -32.37 21.95
N ILE V 163 3.82 -33.25 22.46
CA ILE V 163 4.69 -34.03 21.59
C ILE V 163 3.88 -34.79 20.53
N TRP V 164 2.74 -35.35 20.95
CA TRP V 164 1.89 -36.14 20.07
C TRP V 164 0.91 -35.36 19.18
N ASN V 165 0.41 -34.24 19.68
CA ASN V 165 -0.58 -33.48 18.92
C ASN V 165 -0.12 -32.16 18.31
N ASP V 166 1.06 -31.68 18.70
CA ASP V 166 1.57 -30.42 18.16
C ASP V 166 2.78 -30.63 17.24
N LEU V 167 2.62 -30.28 15.97
CA LEU V 167 3.69 -30.43 15.00
C LEU V 167 4.94 -29.62 15.39
N GLY V 168 4.76 -28.60 16.23
CA GLY V 168 5.90 -27.80 16.64
C GLY V 168 6.60 -28.45 17.82
N SER V 169 6.06 -29.56 18.29
CA SER V 169 6.62 -30.27 19.43
C SER V 169 6.90 -31.74 19.13
N GLY V 170 7.79 -32.33 19.93
CA GLY V 170 8.11 -33.73 19.76
C GLY V 170 9.35 -34.23 20.49
N SER V 171 9.74 -35.47 20.13
CA SER V 171 10.90 -36.15 20.68
C SER V 171 10.83 -36.59 22.14
N ASN V 172 11.66 -36.00 22.98
CA ASN V 172 11.72 -36.39 24.38
C ASN V 172 11.11 -35.43 25.39
N VAL V 173 11.07 -35.87 26.65
CA VAL V 173 10.54 -35.09 27.75
C VAL V 173 11.66 -34.85 28.77
N ASP V 174 11.95 -33.58 29.04
CA ASP V 174 12.95 -33.21 30.04
C ASP V 174 12.18 -32.73 31.26
N VAL V 175 12.74 -32.99 32.43
CA VAL V 175 12.10 -32.59 33.67
C VAL V 175 13.14 -32.09 34.65
N CYS V 176 12.70 -31.28 35.60
CA CYS V 176 13.53 -30.77 36.67
C CYS V 176 12.65 -30.69 37.90
N VAL V 177 13.10 -31.28 38.99
CA VAL V 177 12.32 -31.25 40.22
C VAL V 177 13.00 -30.34 41.24
N MET V 178 12.22 -29.42 41.79
CA MET V 178 12.73 -28.49 42.80
C MET V 178 11.90 -28.67 44.08
N GLU V 179 12.47 -29.38 45.03
CA GLU V 179 11.78 -29.62 46.29
C GLU V 179 12.37 -28.74 47.39
N ILE V 180 11.49 -28.10 48.15
CA ILE V 180 11.87 -27.18 49.21
C ILE V 180 13.10 -27.47 50.07
N GLY V 181 13.37 -28.73 50.40
CA GLY V 181 14.53 -28.96 51.24
C GLY V 181 15.71 -29.68 50.63
N LYS V 182 15.64 -30.03 49.35
CA LYS V 182 16.71 -30.77 48.74
C LYS V 182 17.37 -30.06 47.57
N ASP V 183 18.35 -30.72 46.96
CA ASP V 183 19.03 -30.18 45.78
C ASP V 183 18.04 -30.35 44.64
N ALA V 184 18.09 -29.46 43.66
CA ALA V 184 17.19 -29.59 42.53
C ALA V 184 17.65 -30.79 41.70
N GLU V 185 16.71 -31.57 41.15
CA GLU V 185 17.15 -32.68 40.30
C GLU V 185 16.66 -32.51 38.88
N TYR V 186 17.64 -32.34 38.00
CA TYR V 186 17.44 -32.15 36.58
C TYR V 186 17.46 -33.53 35.93
N LEU V 187 16.35 -33.90 35.31
CA LEU V 187 16.22 -35.20 34.65
C LEU V 187 16.20 -35.04 33.13
N ARG V 188 17.39 -34.91 32.55
CA ARG V 188 17.53 -34.76 31.11
C ARG V 188 17.03 -36.02 30.41
N ASN V 189 16.15 -35.84 29.44
CA ASN V 189 15.59 -36.97 28.70
C ASN V 189 14.95 -37.98 29.64
N TYR V 190 14.11 -37.50 30.55
CA TYR V 190 13.39 -38.33 31.50
C TYR V 190 12.58 -39.37 30.72
N LEU V 191 12.09 -38.99 29.55
CA LEU V 191 11.32 -39.87 28.68
C LEU V 191 11.83 -39.80 27.25
N THR V 192 11.99 -40.96 26.63
CA THR V 192 12.46 -41.02 25.25
C THR V 192 11.53 -41.96 24.47
N PRO V 193 10.29 -41.51 24.21
CA PRO V 193 9.27 -42.26 23.49
C PRO V 193 9.30 -42.16 21.98
N ASN V 194 10.38 -41.65 21.41
CA ASN V 194 10.48 -41.50 19.95
C ASN V 194 11.79 -41.98 19.37
N VAL V 195 12.28 -43.12 19.84
CA VAL V 195 13.52 -43.69 19.32
C VAL V 195 13.25 -44.16 17.89
N ARG V 196 14.13 -43.80 16.95
CA ARG V 196 13.95 -44.23 15.56
C ARG V 196 14.15 -45.73 15.44
N GLU V 197 13.25 -46.38 14.71
CA GLU V 197 13.33 -47.82 14.51
C GLU V 197 14.58 -48.13 13.68
N GLU V 198 15.03 -49.37 13.76
CA GLU V 198 16.20 -49.81 13.02
C GLU V 198 15.98 -49.60 11.54
N LYS V 199 16.97 -49.02 10.86
CA LYS V 199 16.86 -48.78 9.44
C LYS V 199 16.79 -50.12 8.71
N GLN V 200 16.20 -50.09 7.52
CA GLN V 200 16.00 -51.28 6.70
C GLN V 200 17.27 -51.84 6.07
N LYS V 201 18.22 -50.95 5.81
CA LYS V 201 19.46 -51.32 5.15
C LYS V 201 20.59 -50.45 5.66
N SER V 202 21.82 -50.82 5.36
CA SER V 202 22.96 -50.00 5.75
C SER V 202 23.40 -49.37 4.43
N TYR V 203 23.70 -48.08 4.44
CA TYR V 203 24.07 -47.43 3.20
C TYR V 203 25.55 -47.19 3.07
N LYS V 204 26.29 -47.84 3.97
CA LYS V 204 27.74 -47.81 4.00
C LYS V 204 28.19 -48.10 2.55
N PHE V 205 28.93 -47.18 1.95
CA PHE V 205 29.38 -47.34 0.56
C PHE V 205 30.71 -48.09 0.46
N PRO V 206 30.93 -48.79 -0.66
CA PRO V 206 32.20 -49.52 -0.85
C PRO V 206 33.25 -48.45 -1.10
N ARG V 207 34.39 -48.54 -0.40
CA ARG V 207 35.42 -47.54 -0.56
C ARG V 207 35.83 -47.40 -2.02
N GLY V 208 36.05 -46.16 -2.45
CA GLY V 208 36.41 -45.91 -3.82
C GLY V 208 35.23 -45.43 -4.65
N THR V 209 34.04 -45.50 -4.06
CA THR V 209 32.80 -45.06 -4.72
C THR V 209 32.83 -43.58 -5.15
N THR V 210 33.46 -42.72 -4.35
CA THR V 210 33.54 -41.30 -4.65
C THR V 210 34.76 -40.92 -5.48
N ALA V 211 34.52 -40.15 -6.54
CA ALA V 211 35.60 -39.71 -7.41
C ALA V 211 36.33 -38.51 -6.83
N VAL V 212 37.62 -38.68 -6.56
CA VAL V 212 38.45 -37.62 -6.01
C VAL V 212 39.33 -36.97 -7.08
N LEU V 213 39.50 -35.65 -7.01
CA LEU V 213 40.31 -34.92 -7.98
C LEU V 213 41.74 -34.65 -7.54
N LYS V 214 41.92 -34.39 -6.26
CA LYS V 214 43.22 -34.07 -5.70
C LYS V 214 43.18 -34.33 -4.20
N GLU V 215 44.36 -34.52 -3.60
CA GLU V 215 44.44 -34.83 -2.19
C GLU V 215 45.65 -34.18 -1.53
N SER V 216 45.62 -34.08 -0.20
CA SER V 216 46.72 -33.48 0.55
C SER V 216 46.49 -33.52 2.06
N ILE V 217 47.57 -33.29 2.80
CA ILE V 217 47.56 -33.28 4.25
C ILE V 217 47.42 -31.83 4.69
N VAL V 218 46.84 -31.61 5.86
CA VAL V 218 46.69 -30.25 6.36
C VAL V 218 47.54 -30.06 7.61
N ASN V 219 48.23 -28.91 7.66
CA ASN V 219 49.08 -28.59 8.79
C ASN V 219 48.27 -27.94 9.92
N ILE V 220 48.28 -28.58 11.09
CA ILE V 220 47.57 -28.07 12.26
C ILE V 220 48.56 -27.46 13.26
N CYS V 221 49.73 -28.10 13.36
CA CYS V 221 50.78 -27.66 14.28
C CYS V 221 51.37 -26.30 13.87
N ASP V 222 51.64 -25.45 14.87
CA ASP V 222 52.19 -24.12 14.61
C ASP V 222 53.72 -24.11 14.59
N SER W 1 17.00 -10.46 -2.86
CA SER W 1 16.16 -10.23 -1.65
C SER W 1 16.70 -10.98 -0.44
N ASP W 2 16.41 -12.28 -0.35
CA ASP W 2 16.88 -13.09 0.77
C ASP W 2 18.40 -13.18 0.74
N PRO W 3 19.07 -12.48 1.68
CA PRO W 3 20.53 -12.46 1.78
C PRO W 3 21.15 -13.85 1.82
N SER W 4 20.41 -14.82 2.34
CA SER W 4 20.93 -16.17 2.43
C SER W 4 20.83 -16.97 1.13
N SER W 5 20.37 -16.35 0.04
CA SER W 5 20.24 -17.06 -1.23
C SER W 5 20.87 -16.30 -2.39
N ILE W 6 21.62 -15.27 -2.08
CA ILE W 6 22.28 -14.46 -3.11
C ILE W 6 23.47 -15.19 -3.72
N ASN W 7 24.34 -15.72 -2.85
CA ASN W 7 25.57 -16.40 -3.26
C ASN W 7 25.46 -17.91 -3.37
N GLY W 8 24.70 -18.53 -2.48
CA GLY W 8 24.53 -19.96 -2.51
C GLY W 8 25.68 -20.71 -1.85
N GLY W 9 25.50 -22.01 -1.66
CA GLY W 9 26.56 -22.80 -1.06
C GLY W 9 26.06 -23.66 0.07
N ILE W 10 26.79 -24.74 0.35
CA ILE W 10 26.43 -25.64 1.44
C ILE W 10 27.65 -26.18 2.20
N VAL W 11 27.39 -26.62 3.43
CA VAL W 11 28.40 -27.17 4.31
C VAL W 11 27.72 -28.29 5.10
N VAL W 12 28.47 -29.34 5.42
CA VAL W 12 27.95 -30.47 6.18
C VAL W 12 29.08 -31.08 7.02
N ALA W 13 28.75 -31.52 8.21
CA ALA W 13 29.73 -32.10 9.11
C ALA W 13 29.17 -33.39 9.68
N MET W 14 30.08 -34.35 9.90
CA MET W 14 29.70 -35.67 10.40
C MET W 14 30.71 -36.21 11.40
N THR W 15 30.22 -36.98 12.35
CA THR W 15 31.08 -37.59 13.34
C THR W 15 31.27 -39.04 12.93
N GLY W 16 32.45 -39.58 13.25
CA GLY W 16 32.76 -40.97 12.93
C GLY W 16 33.50 -41.54 14.12
N LYS W 17 34.19 -42.66 13.92
CA LYS W 17 34.96 -43.30 14.99
C LYS W 17 36.25 -42.53 15.22
N ASP W 18 36.32 -41.84 16.36
CA ASP W 18 37.49 -41.06 16.72
C ASP W 18 37.88 -40.12 15.59
N CYS W 19 36.89 -39.58 14.89
CA CYS W 19 37.14 -38.67 13.77
C CYS W 19 35.91 -37.83 13.46
N VAL W 20 36.12 -36.75 12.71
CA VAL W 20 35.03 -35.87 12.29
C VAL W 20 35.33 -35.42 10.88
N ALA W 21 34.26 -35.22 10.10
CA ALA W 21 34.41 -34.78 8.72
C ALA W 21 33.55 -33.54 8.47
N ILE W 22 34.08 -32.61 7.69
CA ILE W 22 33.33 -31.41 7.36
C ILE W 22 33.62 -31.14 5.88
N ALA W 23 32.57 -30.84 5.12
CA ALA W 23 32.73 -30.60 3.69
C ALA W 23 31.92 -29.42 3.19
N CYS W 24 32.29 -28.92 2.01
CA CYS W 24 31.58 -27.80 1.43
C CYS W 24 31.71 -27.76 -0.10
N ASP W 25 30.82 -27.02 -0.75
CA ASP W 25 30.88 -26.89 -2.20
C ASP W 25 31.82 -25.71 -2.49
N LEU W 26 32.03 -25.37 -3.75
CA LEU W 26 32.95 -24.29 -4.05
C LEU W 26 32.30 -23.14 -4.81
N ARG W 27 31.00 -23.21 -5.00
CA ARG W 27 30.30 -22.18 -5.74
C ARG W 27 30.12 -20.85 -5.02
N LEU W 28 30.17 -19.79 -5.81
CA LEU W 28 29.95 -18.43 -5.34
C LEU W 28 29.32 -17.77 -6.54
N GLY W 29 28.01 -17.55 -6.47
CA GLY W 29 27.34 -16.93 -7.57
C GLY W 29 26.62 -15.67 -7.15
N SER W 30 25.90 -15.08 -8.10
CA SER W 30 25.12 -13.90 -7.85
C SER W 30 23.81 -14.25 -8.55
N GLN W 31 22.85 -14.73 -7.75
CA GLN W 31 21.57 -15.15 -8.30
C GLN W 31 21.89 -16.32 -9.23
N SER W 32 21.52 -16.19 -10.49
CA SER W 32 21.75 -17.25 -11.44
C SER W 32 23.21 -17.31 -11.93
N LEU W 33 23.86 -16.16 -12.00
CA LEU W 33 25.24 -16.08 -12.49
C LEU W 33 26.31 -16.70 -11.60
N GLY W 34 26.86 -17.83 -12.04
CA GLY W 34 27.95 -18.45 -11.29
C GLY W 34 29.16 -17.57 -11.50
N VAL W 35 29.88 -17.21 -10.43
CA VAL W 35 31.03 -16.31 -10.57
C VAL W 35 32.40 -16.95 -10.28
N SER W 36 32.50 -17.69 -9.18
CA SER W 36 33.74 -18.34 -8.81
C SER W 36 33.50 -19.80 -8.42
N ASN W 37 34.40 -20.67 -8.85
CA ASN W 37 34.28 -22.10 -8.53
C ASN W 37 35.42 -22.51 -7.62
N LYS W 38 35.94 -21.52 -6.89
CA LYS W 38 37.03 -21.75 -5.95
C LYS W 38 36.75 -21.13 -4.59
N PHE W 39 35.49 -20.83 -4.32
CA PHE W 39 35.12 -20.20 -3.04
C PHE W 39 34.90 -21.23 -1.95
N GLU W 40 35.96 -21.53 -1.20
CA GLU W 40 35.86 -22.51 -0.13
C GLU W 40 35.18 -21.85 1.08
N LYS W 41 34.42 -22.66 1.81
CA LYS W 41 33.66 -22.17 2.93
C LYS W 41 34.11 -22.72 4.27
N ILE W 42 35.17 -23.52 4.25
CA ILE W 42 35.73 -24.11 5.47
C ILE W 42 37.02 -23.41 5.89
N PHE W 43 37.17 -23.18 7.18
CA PHE W 43 38.37 -22.54 7.71
C PHE W 43 38.76 -23.26 8.99
N HIS W 44 39.92 -22.93 9.53
CA HIS W 44 40.33 -23.53 10.78
C HIS W 44 41.27 -22.64 11.57
N TYR W 45 41.14 -22.78 12.88
CA TYR W 45 41.95 -22.03 13.83
C TYR W 45 42.50 -23.14 14.70
N GLY W 46 43.80 -23.39 14.58
CA GLY W 46 44.42 -24.45 15.34
C GLY W 46 43.81 -25.73 14.83
N HIS W 47 43.33 -26.58 15.72
CA HIS W 47 42.73 -27.84 15.29
C HIS W 47 41.20 -27.73 15.21
N VAL W 48 40.65 -26.53 15.34
CA VAL W 48 39.20 -26.39 15.28
C VAL W 48 38.80 -25.88 13.90
N PHE W 49 37.83 -26.56 13.28
CA PHE W 49 37.35 -26.18 11.95
C PHE W 49 36.01 -25.48 11.95
N LEU W 50 35.88 -24.52 11.03
CA LEU W 50 34.65 -23.75 10.88
C LEU W 50 34.22 -23.57 9.44
N GLY W 51 33.02 -24.08 9.12
CA GLY W 51 32.45 -23.92 7.80
C GLY W 51 31.37 -22.83 7.91
N ILE W 52 31.20 -22.01 6.89
CA ILE W 52 30.20 -20.95 6.96
C ILE W 52 29.47 -20.76 5.63
N THR W 53 28.14 -20.97 5.63
CA THR W 53 27.33 -20.78 4.42
C THR W 53 26.62 -19.43 4.57
N GLY W 54 26.00 -18.96 3.50
CA GLY W 54 25.30 -17.69 3.57
C GLY W 54 25.88 -16.63 2.68
N LEU W 55 25.70 -15.35 3.07
CA LEU W 55 26.20 -14.21 2.30
C LEU W 55 27.73 -14.23 2.33
N ALA W 56 28.36 -14.35 1.17
CA ALA W 56 29.82 -14.43 1.05
C ALA W 56 30.58 -13.38 1.86
N THR W 57 30.17 -12.12 1.73
CA THR W 57 30.82 -11.03 2.46
C THR W 57 30.82 -11.31 3.97
N ASP W 58 29.74 -11.85 4.49
CA ASP W 58 29.69 -12.16 5.91
C ASP W 58 30.51 -13.40 6.21
N VAL W 59 30.60 -14.31 5.25
CA VAL W 59 31.40 -15.51 5.41
C VAL W 59 32.86 -15.10 5.57
N THR W 60 33.32 -14.21 4.70
CA THR W 60 34.69 -13.74 4.77
C THR W 60 34.91 -13.00 6.09
N THR W 61 34.03 -12.04 6.42
CA THR W 61 34.15 -11.26 7.64
C THR W 61 34.21 -12.14 8.90
N LEU W 62 33.29 -13.08 9.05
CA LEU W 62 33.34 -13.91 10.25
C LEU W 62 34.64 -14.67 10.34
N ASN W 63 35.15 -15.13 9.20
CA ASN W 63 36.42 -15.84 9.21
C ASN W 63 37.52 -14.96 9.78
N GLU W 64 37.65 -13.75 9.23
CA GLU W 64 38.65 -12.80 9.69
C GLU W 64 38.45 -12.44 11.16
N MET W 65 37.19 -12.42 11.60
CA MET W 65 36.92 -12.09 12.98
C MET W 65 37.38 -13.20 13.89
N PHE W 66 37.06 -14.44 13.53
CA PHE W 66 37.46 -15.58 14.36
C PHE W 66 38.95 -15.85 14.35
N ARG W 67 39.64 -15.43 13.29
CA ARG W 67 41.07 -15.62 13.26
C ARG W 67 41.60 -14.67 14.33
N TYR W 68 41.18 -13.41 14.21
CA TYR W 68 41.55 -12.33 15.14
C TYR W 68 41.32 -12.74 16.60
N LYS W 69 40.14 -13.28 16.89
CA LYS W 69 39.82 -13.68 18.26
C LYS W 69 40.59 -14.90 18.72
N THR W 70 40.67 -15.94 17.88
CA THR W 70 41.41 -17.14 18.27
C THR W 70 42.91 -16.87 18.47
N ASN W 71 43.46 -15.91 17.71
CA ASN W 71 44.89 -15.57 17.87
C ASN W 71 45.15 -14.97 19.24
N LEU W 72 44.33 -14.01 19.66
CA LEU W 72 44.49 -13.38 20.97
C LEU W 72 44.21 -14.42 22.04
N TYR W 73 43.23 -15.28 21.80
CA TYR W 73 42.89 -16.31 22.78
C TYR W 73 44.13 -17.15 23.07
N LYS W 74 44.88 -17.48 22.03
CA LYS W 74 46.08 -18.28 22.17
C LYS W 74 47.19 -17.50 22.90
N LEU W 75 47.32 -16.22 22.59
CA LEU W 75 48.33 -15.38 23.24
C LEU W 75 48.07 -15.28 24.74
N LYS W 76 46.83 -15.01 25.12
CA LYS W 76 46.49 -14.87 26.53
C LYS W 76 46.33 -16.19 27.27
N GLU W 77 45.73 -17.18 26.62
CA GLU W 77 45.51 -18.47 27.27
C GLU W 77 46.71 -19.41 27.17
N GLU W 78 47.57 -19.14 26.20
CA GLU W 78 48.75 -19.97 26.00
C GLU W 78 48.36 -21.43 25.71
N ARG W 79 47.51 -21.59 24.71
CA ARG W 79 47.03 -22.88 24.26
C ARG W 79 45.98 -22.59 23.20
N ALA W 80 45.83 -23.49 22.24
CA ALA W 80 44.85 -23.29 21.19
C ALA W 80 43.46 -23.54 21.76
N ILE W 81 42.47 -22.85 21.21
CA ILE W 81 41.10 -22.99 21.68
C ILE W 81 40.52 -24.36 21.32
N GLU W 82 39.61 -24.87 22.15
CA GLU W 82 38.97 -26.15 21.90
C GLU W 82 37.62 -25.98 21.17
N PRO W 83 37.11 -27.06 20.59
CA PRO W 83 35.83 -27.01 19.85
C PRO W 83 34.65 -26.52 20.69
N GLU W 84 34.51 -27.05 21.90
CA GLU W 84 33.41 -26.66 22.76
C GLU W 84 33.44 -25.17 23.09
N THR W 85 34.63 -24.68 23.40
CA THR W 85 34.82 -23.27 23.74
C THR W 85 34.55 -22.38 22.54
N PHE W 86 35.14 -22.74 21.40
CA PHE W 86 34.97 -21.99 20.17
C PHE W 86 33.49 -21.85 19.81
N THR W 87 32.73 -22.92 20.04
CA THR W 87 31.30 -22.93 19.76
C THR W 87 30.62 -21.81 20.56
N GLN W 88 31.01 -21.64 21.82
CA GLN W 88 30.44 -20.58 22.64
C GLN W 88 30.87 -19.24 22.11
N LEU W 89 32.13 -19.15 21.68
CA LEU W 89 32.63 -17.88 21.16
C LEU W 89 31.85 -17.50 19.90
N VAL W 90 31.54 -18.50 19.09
CA VAL W 90 30.81 -18.28 17.86
C VAL W 90 29.39 -17.84 18.19
N SER W 91 28.79 -18.53 19.15
CA SER W 91 27.42 -18.23 19.58
C SER W 91 27.26 -16.82 20.15
N SER W 92 28.15 -16.39 21.02
CA SER W 92 28.02 -15.05 21.58
C SER W 92 28.39 -13.99 20.55
N SER W 93 29.32 -14.30 19.66
CA SER W 93 29.73 -13.34 18.65
C SER W 93 28.55 -13.05 17.71
N LEU W 94 27.75 -14.08 17.44
CA LEU W 94 26.61 -13.90 16.56
C LEU W 94 25.47 -13.14 17.23
N TYR W 95 25.16 -13.52 18.48
CA TYR W 95 24.06 -12.90 19.20
C TYR W 95 24.34 -11.43 19.55
N GLU W 96 25.60 -11.05 19.44
CA GLU W 96 26.01 -9.69 19.72
C GLU W 96 25.40 -8.77 18.66
N ARG W 97 24.99 -9.39 17.55
CA ARG W 97 24.38 -8.67 16.43
C ARG W 97 22.94 -9.12 16.24
N ARG W 98 22.32 -9.52 17.34
CA ARG W 98 20.93 -9.99 17.35
C ARG W 98 19.93 -9.27 16.45
N PHE W 99 19.99 -7.94 16.39
CA PHE W 99 19.04 -7.19 15.58
C PHE W 99 19.53 -6.67 14.24
N GLY W 100 20.70 -7.12 13.83
CA GLY W 100 21.27 -6.74 12.54
C GLY W 100 22.31 -7.82 12.31
N PRO W 101 21.86 -9.09 12.32
CA PRO W 101 22.69 -10.29 12.14
C PRO W 101 23.46 -10.49 10.85
N TYR W 102 24.51 -11.29 10.96
CA TYR W 102 25.32 -11.69 9.82
C TYR W 102 24.45 -12.79 9.22
N PHE W 103 24.32 -12.81 7.90
CA PHE W 103 23.48 -13.83 7.28
C PHE W 103 24.32 -15.06 6.96
N VAL W 104 24.55 -15.87 7.98
CA VAL W 104 25.38 -17.04 7.84
C VAL W 104 24.82 -18.25 8.55
N GLY W 105 25.40 -19.41 8.25
CA GLY W 105 24.97 -20.65 8.88
C GLY W 105 26.20 -21.43 9.28
N PRO W 106 26.92 -20.98 10.31
CA PRO W 106 28.13 -21.61 10.83
C PRO W 106 28.02 -23.06 11.23
N VAL W 107 29.14 -23.77 11.11
CA VAL W 107 29.26 -25.17 11.46
C VAL W 107 30.65 -25.40 12.04
N VAL W 108 30.71 -25.93 13.25
CA VAL W 108 31.98 -26.20 13.90
C VAL W 108 32.28 -27.70 13.96
N ALA W 109 33.54 -28.06 13.67
CA ALA W 109 33.95 -29.46 13.72
C ALA W 109 35.35 -29.59 14.27
N GLY W 110 35.59 -30.67 15.02
CA GLY W 110 36.90 -30.90 15.58
C GLY W 110 36.96 -31.96 16.66
N ILE W 111 38.18 -32.30 17.08
CA ILE W 111 38.43 -33.29 18.12
C ILE W 111 38.98 -32.55 19.33
N ASN W 112 38.40 -32.79 20.50
CA ASN W 112 38.90 -32.12 21.70
C ASN W 112 40.27 -32.73 21.94
N SER W 113 41.31 -31.90 21.91
CA SER W 113 42.67 -32.36 22.09
C SER W 113 42.94 -33.02 23.44
N LYS W 114 42.12 -32.72 24.44
CA LYS W 114 42.34 -33.30 25.76
C LYS W 114 41.55 -34.60 25.96
N SER W 115 40.28 -34.59 25.57
CA SER W 115 39.43 -35.78 25.72
C SER W 115 39.48 -36.71 24.52
N GLY W 116 39.96 -36.19 23.39
CA GLY W 116 40.03 -36.99 22.18
C GLY W 116 38.66 -37.14 21.53
N LYS W 117 37.64 -36.66 22.24
CA LYS W 117 36.25 -36.71 21.79
C LYS W 117 35.96 -35.85 20.55
N PRO W 118 35.24 -36.43 19.55
CA PRO W 118 34.89 -35.71 18.33
C PRO W 118 33.74 -34.74 18.61
N PHE W 119 33.77 -33.58 17.96
CA PHE W 119 32.74 -32.57 18.20
C PHE W 119 32.27 -31.80 16.98
N ILE W 120 30.95 -31.65 16.84
CA ILE W 120 30.34 -30.89 15.76
C ILE W 120 29.18 -30.06 16.30
N ALA W 121 28.98 -28.86 15.76
CA ALA W 121 27.89 -27.99 16.19
C ALA W 121 27.40 -27.07 15.09
N GLY W 122 26.10 -26.79 15.12
CA GLY W 122 25.47 -25.89 14.15
C GLY W 122 24.88 -24.68 14.85
N PHE W 123 24.66 -23.60 14.11
CA PHE W 123 24.10 -22.37 14.65
C PHE W 123 23.11 -21.72 13.68
N ASP W 124 22.11 -21.02 14.21
CA ASP W 124 21.19 -20.30 13.34
C ASP W 124 21.88 -18.92 13.23
N LEU W 125 21.35 -18.02 12.42
CA LEU W 125 22.05 -16.75 12.25
C LEU W 125 22.22 -15.87 13.48
N ILE W 126 21.43 -16.06 14.52
CA ILE W 126 21.65 -15.24 15.71
C ILE W 126 22.28 -15.99 16.87
N GLY W 127 22.88 -17.14 16.57
CA GLY W 127 23.59 -17.86 17.60
C GLY W 127 23.06 -19.11 18.26
N CYS W 128 21.82 -19.50 17.99
CA CYS W 128 21.32 -20.69 18.64
C CYS W 128 22.22 -21.88 18.31
N ILE W 129 22.71 -22.53 19.35
CA ILE W 129 23.59 -23.67 19.19
C ILE W 129 22.88 -25.00 19.07
N ASP W 130 23.27 -25.76 18.05
CA ASP W 130 22.71 -27.09 17.87
C ASP W 130 23.93 -28.00 17.90
N GLU W 131 24.04 -28.79 18.96
CA GLU W 131 25.18 -29.68 19.11
C GLU W 131 24.74 -31.12 18.86
N ALA W 132 24.98 -31.60 17.65
CA ALA W 132 24.59 -32.95 17.28
C ALA W 132 25.71 -33.96 17.51
N LYS W 133 25.32 -35.22 17.68
CA LYS W 133 26.28 -36.29 17.89
C LYS W 133 26.57 -37.00 16.58
N ASP W 134 25.70 -36.77 15.59
CA ASP W 134 25.84 -37.42 14.29
C ASP W 134 26.22 -36.50 13.13
N PHE W 135 25.40 -35.50 12.84
CA PHE W 135 25.70 -34.61 11.74
C PHE W 135 25.08 -33.23 11.85
N ILE W 136 25.55 -32.33 10.99
CA ILE W 136 25.10 -30.95 10.97
C ILE W 136 25.12 -30.47 9.52
N VAL W 137 24.02 -29.90 9.08
CA VAL W 137 23.91 -29.41 7.70
C VAL W 137 23.67 -27.91 7.69
N SER W 138 23.94 -27.28 6.56
CA SER W 138 23.76 -25.84 6.44
C SER W 138 23.85 -25.37 4.99
N GLY W 139 23.09 -24.34 4.64
CA GLY W 139 23.13 -23.82 3.28
C GLY W 139 21.84 -23.89 2.48
N THR W 140 21.92 -23.41 1.25
CA THR W 140 20.77 -23.39 0.35
C THR W 140 20.22 -24.76 -0.02
N ALA W 141 20.95 -25.82 0.29
CA ALA W 141 20.48 -27.17 -0.01
C ALA W 141 20.39 -27.97 1.28
N SER W 142 20.15 -27.26 2.37
CA SER W 142 20.04 -27.90 3.67
C SER W 142 18.94 -28.96 3.75
N ASP W 143 17.85 -28.78 3.02
CA ASP W 143 16.76 -29.77 3.05
C ASP W 143 17.28 -31.07 2.46
N GLN W 144 17.89 -30.95 1.28
CA GLN W 144 18.44 -32.10 0.60
C GLN W 144 19.46 -32.79 1.50
N LEU W 145 20.31 -31.99 2.16
CA LEU W 145 21.32 -32.53 3.06
C LEU W 145 20.69 -33.27 4.25
N PHE W 146 19.57 -32.77 4.76
CA PHE W 146 18.92 -33.46 5.87
C PHE W 146 18.42 -34.81 5.38
N GLY W 147 17.94 -34.84 4.14
CA GLY W 147 17.44 -36.08 3.58
C GLY W 147 18.54 -37.10 3.37
N MET W 148 19.67 -36.65 2.81
CA MET W 148 20.80 -37.51 2.55
C MET W 148 21.41 -38.06 3.85
N CYS W 149 21.64 -37.17 4.80
CA CYS W 149 22.23 -37.56 6.08
C CYS W 149 21.37 -38.50 6.91
N GLU W 150 20.10 -38.16 7.08
CA GLU W 150 19.22 -38.98 7.89
C GLU W 150 19.13 -40.42 7.32
N SER W 151 19.42 -40.55 6.04
CA SER W 151 19.39 -41.85 5.37
C SER W 151 20.76 -42.56 5.33
N LEU W 152 21.72 -41.94 4.67
CA LEU W 152 23.05 -42.51 4.54
C LEU W 152 23.79 -42.81 5.82
N TYR W 153 23.67 -41.91 6.80
CA TYR W 153 24.39 -42.03 8.07
C TYR W 153 24.17 -43.22 8.98
N GLU W 154 25.22 -43.51 9.74
CA GLU W 154 25.24 -44.57 10.75
C GLU W 154 26.44 -44.21 11.63
N PRO W 155 26.34 -44.52 12.93
CA PRO W 155 27.37 -44.26 13.93
C PRO W 155 28.71 -45.00 13.77
N ASN W 156 29.75 -44.39 14.32
CA ASN W 156 31.10 -44.93 14.33
C ASN W 156 31.71 -45.43 13.02
N LEU W 157 31.53 -44.67 11.96
CA LEU W 157 32.11 -45.07 10.69
C LEU W 157 33.60 -44.79 10.77
N GLU W 158 34.39 -45.63 10.11
CA GLU W 158 35.83 -45.46 10.09
C GLU W 158 36.12 -44.30 9.16
N PRO W 159 37.19 -43.55 9.41
CA PRO W 159 37.57 -42.41 8.58
C PRO W 159 37.43 -42.61 7.06
N GLU W 160 37.76 -43.81 6.58
CA GLU W 160 37.68 -44.13 5.15
C GLU W 160 36.23 -44.30 4.68
N ASP W 161 35.39 -44.78 5.59
CA ASP W 161 33.97 -44.98 5.29
C ASP W 161 33.23 -43.65 5.43
N LEU W 162 33.51 -42.93 6.51
CA LEU W 162 32.89 -41.64 6.77
C LEU W 162 33.14 -40.73 5.58
N PHE W 163 34.31 -40.84 4.98
CA PHE W 163 34.60 -40.00 3.82
C PHE W 163 33.62 -40.28 2.69
N GLU W 164 33.32 -41.55 2.46
CA GLU W 164 32.40 -41.92 1.38
C GLU W 164 31.02 -41.40 1.67
N THR W 165 30.56 -41.64 2.89
CA THR W 165 29.24 -41.21 3.30
C THR W 165 29.04 -39.69 3.30
N ILE W 166 29.96 -38.94 3.88
CA ILE W 166 29.77 -37.50 3.88
C ILE W 166 29.86 -36.94 2.46
N SER W 167 30.60 -37.59 1.57
CA SER W 167 30.75 -37.11 0.19
C SER W 167 29.50 -37.35 -0.64
N GLN W 168 28.86 -38.49 -0.40
CA GLN W 168 27.66 -38.84 -1.13
C GLN W 168 26.50 -37.96 -0.70
N ALA W 169 26.48 -37.62 0.58
CA ALA W 169 25.44 -36.75 1.12
C ALA W 169 25.54 -35.37 0.45
N LEU W 170 26.75 -34.81 0.46
CA LEU W 170 27.01 -33.51 -0.12
C LEU W 170 26.74 -33.41 -1.62
N LEU W 171 27.33 -34.34 -2.36
CA LEU W 171 27.21 -34.41 -3.83
C LEU W 171 25.77 -34.52 -4.32
N ASN W 172 25.01 -35.45 -3.77
CA ASN W 172 23.64 -35.64 -4.22
C ASN W 172 22.71 -34.53 -3.77
N ALA W 173 23.06 -33.88 -2.68
CA ALA W 173 22.26 -32.79 -2.18
C ALA W 173 22.46 -31.59 -3.10
N ALA W 174 23.72 -31.29 -3.42
CA ALA W 174 24.06 -30.16 -4.30
C ALA W 174 23.49 -30.25 -5.70
N ASP W 175 23.30 -31.48 -6.17
CA ASP W 175 22.80 -31.68 -7.52
C ASP W 175 21.30 -31.46 -7.65
N ARG W 176 20.64 -31.26 -6.51
CA ARG W 176 19.21 -30.98 -6.53
C ARG W 176 19.02 -29.49 -6.20
N ASP W 177 20.13 -28.75 -6.13
CA ASP W 177 20.11 -27.33 -5.81
C ASP W 177 20.84 -26.50 -6.85
N ALA W 178 20.10 -25.59 -7.48
CA ALA W 178 20.66 -24.73 -8.50
C ALA W 178 21.74 -23.80 -7.98
N LEU W 179 21.73 -23.49 -6.69
CA LEU W 179 22.70 -22.57 -6.11
C LEU W 179 23.91 -23.20 -5.41
N SER W 180 23.98 -24.52 -5.38
CA SER W 180 25.10 -25.22 -4.76
C SER W 180 25.81 -26.11 -5.78
N GLY W 181 27.04 -26.51 -5.44
CA GLY W 181 27.83 -27.38 -6.31
C GLY W 181 29.05 -26.68 -6.89
N TRP W 182 29.34 -26.97 -8.14
CA TRP W 182 30.47 -26.34 -8.82
C TRP W 182 31.82 -26.75 -8.23
N GLY W 183 31.85 -27.92 -7.58
CA GLY W 183 33.07 -28.39 -6.96
C GLY W 183 32.84 -28.64 -5.49
N ALA W 184 33.77 -29.29 -4.81
CA ALA W 184 33.60 -29.55 -3.40
C ALA W 184 34.89 -30.01 -2.76
N VAL W 185 35.01 -29.78 -1.46
CA VAL W 185 36.18 -30.22 -0.73
C VAL W 185 35.69 -30.92 0.53
N VAL W 186 36.40 -31.97 0.94
CA VAL W 186 36.04 -32.73 2.13
C VAL W 186 37.24 -32.83 3.05
N TYR W 187 37.00 -32.74 4.35
CA TYR W 187 38.07 -32.81 5.34
C TYR W 187 37.83 -34.00 6.25
N ILE W 188 38.85 -34.85 6.39
CA ILE W 188 38.74 -35.99 7.30
C ILE W 188 39.72 -35.67 8.42
N ILE W 189 39.17 -35.48 9.61
CA ILE W 189 39.95 -35.11 10.77
C ILE W 189 40.10 -36.17 11.85
N LYS W 190 41.37 -36.48 12.18
CA LYS W 190 41.72 -37.44 13.21
C LYS W 190 42.61 -36.70 14.20
N LYS W 191 42.86 -37.28 15.37
CA LYS W 191 43.69 -36.64 16.39
C LYS W 191 45.07 -36.23 15.87
N ASP W 192 45.68 -37.11 15.10
CA ASP W 192 47.01 -36.91 14.56
C ASP W 192 47.11 -36.32 13.15
N GLU W 193 46.16 -36.63 12.28
CA GLU W 193 46.24 -36.10 10.91
C GLU W 193 44.92 -35.60 10.35
N VAL W 194 45.04 -34.75 9.34
CA VAL W 194 43.90 -34.16 8.64
C VAL W 194 44.14 -34.26 7.14
N VAL W 195 43.22 -34.93 6.45
CA VAL W 195 43.32 -35.08 5.00
C VAL W 195 42.25 -34.23 4.29
N LYS W 196 42.68 -33.55 3.23
CA LYS W 196 41.77 -32.71 2.44
C LYS W 196 41.63 -33.30 1.05
N ARG W 197 40.40 -33.39 0.56
CA ARG W 197 40.18 -33.94 -0.78
C ARG W 197 39.19 -33.13 -1.60
N TYR W 198 39.53 -32.88 -2.86
CA TYR W 198 38.62 -32.17 -3.75
C TYR W 198 37.89 -33.22 -4.57
N LEU W 199 36.56 -33.24 -4.44
CA LEU W 199 35.73 -34.19 -5.14
C LEU W 199 35.45 -33.81 -6.59
N LYS W 200 35.14 -34.81 -7.41
CA LYS W 200 34.80 -34.59 -8.81
C LYS W 200 33.28 -34.62 -8.87
N MET W 201 32.68 -33.58 -9.42
CA MET W 201 31.22 -33.52 -9.48
C MET W 201 30.75 -32.75 -10.70
N ARG W 202 29.46 -32.87 -11.00
CA ARG W 202 28.86 -32.16 -12.12
C ARG W 202 29.26 -30.70 -12.11
N GLN W 203 29.32 -30.08 -13.27
CA GLN W 203 29.68 -28.67 -13.35
C GLN W 203 28.57 -27.80 -13.95
N ASP W 204 27.32 -28.22 -13.80
CA ASP W 204 26.18 -27.47 -14.33
C ASP W 204 25.31 -26.80 -13.26
N MET X 1 24.17 -1.18 -16.89
CA MET X 1 25.31 -0.56 -16.15
C MET X 1 26.47 -0.27 -17.14
N ASP X 2 27.59 0.19 -16.60
CA ASP X 2 28.78 0.48 -17.39
C ASP X 2 29.52 -0.85 -17.50
N ILE X 3 30.44 -0.96 -18.45
CA ILE X 3 31.21 -2.20 -18.60
C ILE X 3 32.54 -2.11 -17.86
N ILE X 4 32.78 -3.09 -17.02
CA ILE X 4 33.99 -3.20 -16.22
C ILE X 4 34.51 -4.62 -16.38
N LEU X 5 35.59 -4.74 -17.16
CA LEU X 5 36.19 -6.04 -17.45
C LEU X 5 37.61 -6.11 -17.00
N GLY X 6 38.03 -7.30 -16.62
CA GLY X 6 39.39 -7.52 -16.19
C GLY X 6 39.81 -8.92 -16.56
N ILE X 7 41.04 -9.04 -17.04
CA ILE X 7 41.57 -10.35 -17.39
C ILE X 7 43.05 -10.41 -17.07
N ARG X 8 43.41 -11.46 -16.35
CA ARG X 8 44.79 -11.68 -15.95
C ARG X 8 45.46 -12.74 -16.83
N VAL X 9 46.48 -12.33 -17.56
CA VAL X 9 47.20 -13.26 -18.42
C VAL X 9 48.52 -13.67 -17.75
N GLN X 10 49.45 -14.18 -18.54
CA GLN X 10 50.74 -14.64 -18.04
C GLN X 10 51.50 -13.70 -17.10
N ASP X 11 51.77 -12.49 -17.56
CA ASP X 11 52.54 -11.56 -16.76
C ASP X 11 51.91 -10.18 -16.61
N SER X 12 50.60 -10.09 -16.73
CA SER X 12 49.95 -8.80 -16.56
C SER X 12 48.44 -8.91 -16.41
N VAL X 13 47.85 -7.81 -15.99
CA VAL X 13 46.41 -7.73 -15.81
C VAL X 13 45.93 -6.64 -16.73
N ILE X 14 44.86 -6.90 -17.47
CA ILE X 14 44.32 -5.91 -18.36
C ILE X 14 42.90 -5.56 -17.95
N LEU X 15 42.64 -4.26 -17.84
CA LEU X 15 41.33 -3.75 -17.46
C LEU X 15 40.75 -2.92 -18.59
N ALA X 16 39.46 -3.14 -18.88
CA ALA X 16 38.74 -2.42 -19.92
C ALA X 16 37.49 -1.84 -19.26
N SER X 17 37.23 -0.55 -19.48
CA SER X 17 36.08 0.12 -18.87
C SER X 17 35.37 1.03 -19.86
N SER X 18 34.05 0.89 -19.95
CA SER X 18 33.28 1.71 -20.91
C SER X 18 33.50 3.22 -20.72
N LYS X 19 33.42 3.95 -21.82
CA LYS X 19 33.67 5.38 -21.82
C LYS X 19 32.43 6.24 -21.76
N ALA X 20 31.26 5.62 -21.83
CA ALA X 20 30.03 6.37 -21.80
C ALA X 20 29.62 6.78 -20.41
N VAL X 21 28.96 7.94 -20.34
CA VAL X 21 28.40 8.48 -19.11
C VAL X 21 27.08 9.05 -19.59
N THR X 22 26.03 8.28 -19.34
CA THR X 22 24.68 8.60 -19.74
C THR X 22 23.82 8.97 -18.55
N ARG X 23 23.04 10.02 -18.70
CA ARG X 23 22.15 10.43 -17.63
C ARG X 23 20.76 10.59 -18.23
N GLY X 24 19.91 9.63 -17.88
CA GLY X 24 18.56 9.63 -18.37
C GLY X 24 18.49 9.40 -19.86
N ILE X 25 18.09 10.45 -20.56
CA ILE X 25 17.93 10.42 -22.00
C ILE X 25 19.17 10.86 -22.77
N SER X 26 20.18 11.41 -22.10
CA SER X 26 21.37 11.88 -22.82
C SER X 26 22.73 11.28 -22.43
N VAL X 27 23.57 10.99 -23.43
CA VAL X 27 24.92 10.50 -23.18
C VAL X 27 25.69 11.81 -23.04
N LEU X 28 26.19 12.09 -21.84
CA LEU X 28 26.89 13.35 -21.57
C LEU X 28 28.36 13.39 -21.95
N LYS X 29 29.04 12.25 -21.82
CA LYS X 29 30.45 12.16 -22.14
C LYS X 29 30.72 10.80 -22.78
N ASP X 30 31.71 10.74 -23.65
CA ASP X 30 32.04 9.49 -24.33
C ASP X 30 33.53 9.16 -24.25
N SER X 31 34.19 9.73 -23.24
CA SER X 31 35.62 9.54 -23.04
C SER X 31 35.96 9.45 -21.56
N ASP X 32 34.96 9.09 -20.76
CA ASP X 32 35.16 8.98 -19.33
C ASP X 32 36.05 7.80 -18.96
N ASP X 33 37.01 8.05 -18.09
CA ASP X 33 37.95 7.03 -17.64
C ASP X 33 37.55 6.58 -16.22
N LYS X 34 36.92 5.42 -16.13
CA LYS X 34 36.44 4.90 -14.85
C LYS X 34 37.52 4.17 -14.08
N THR X 35 38.60 4.89 -13.79
CA THR X 35 39.73 4.27 -13.12
C THR X 35 40.55 5.21 -12.23
N ARG X 36 41.21 4.64 -11.22
CA ARG X 36 42.09 5.40 -10.33
C ARG X 36 43.30 4.52 -10.08
N GLN X 37 44.49 5.11 -10.15
CA GLN X 37 45.69 4.35 -9.86
C GLN X 37 45.94 4.49 -8.36
N LEU X 38 45.98 3.36 -7.66
CA LEU X 38 46.17 3.37 -6.22
C LEU X 38 47.65 3.42 -5.83
N SER X 39 48.50 2.90 -6.72
CA SER X 39 49.95 2.90 -6.52
C SER X 39 50.53 2.56 -7.89
N PRO X 40 51.84 2.75 -8.08
CA PRO X 40 52.47 2.46 -9.37
C PRO X 40 52.18 1.09 -10.00
N HIS X 41 51.87 0.06 -9.19
CA HIS X 41 51.56 -1.26 -9.74
C HIS X 41 50.17 -1.80 -9.37
N THR X 42 49.25 -0.90 -9.04
CA THR X 42 47.88 -1.29 -8.67
C THR X 42 46.87 -0.32 -9.26
N LEU X 43 45.97 -0.86 -10.09
CA LEU X 43 44.93 -0.08 -10.75
C LEU X 43 43.54 -0.59 -10.36
N MET X 44 42.62 0.34 -10.12
CA MET X 44 41.25 -0.01 -9.75
C MET X 44 40.23 0.62 -10.69
N SER X 45 39.30 -0.20 -11.17
CA SER X 45 38.23 0.25 -12.06
C SER X 45 36.95 0.22 -11.24
N PHE X 46 35.96 1.02 -11.60
CA PHE X 46 34.72 1.07 -10.82
C PHE X 46 33.45 1.44 -11.59
N ALA X 47 32.32 1.00 -11.05
CA ALA X 47 30.99 1.24 -11.61
C ALA X 47 29.99 1.23 -10.47
N GLY X 48 28.89 1.95 -10.64
CA GLY X 48 27.87 2.02 -9.60
C GLY X 48 27.13 3.35 -9.56
N GLU X 49 26.71 3.74 -8.35
CA GLU X 49 25.96 4.97 -8.15
C GLU X 49 26.69 6.26 -8.55
N ALA X 50 25.95 7.17 -9.17
CA ALA X 50 26.47 8.46 -9.65
C ALA X 50 27.51 9.20 -8.80
N GLY X 51 27.34 9.29 -7.50
CA GLY X 51 28.33 10.02 -6.74
C GLY X 51 29.31 9.15 -5.98
N ASP X 52 28.81 8.06 -5.41
CA ASP X 52 29.60 7.12 -4.62
C ASP X 52 30.85 6.61 -5.33
N THR X 53 30.68 6.36 -6.62
CA THR X 53 31.74 5.84 -7.49
C THR X 53 33.11 6.54 -7.30
N VAL X 54 33.19 7.81 -7.68
CA VAL X 54 34.42 8.56 -7.57
C VAL X 54 34.83 8.86 -6.13
N GLN X 55 33.86 9.18 -5.29
CA GLN X 55 34.16 9.50 -3.90
C GLN X 55 34.86 8.34 -3.23
N PHE X 56 34.45 7.13 -3.60
CA PHE X 56 35.06 5.95 -3.00
C PHE X 56 36.43 5.66 -3.59
N ALA X 57 36.54 5.71 -4.91
CA ALA X 57 37.81 5.46 -5.57
C ALA X 57 38.89 6.42 -5.05
N GLU X 58 38.56 7.70 -5.00
CA GLU X 58 39.51 8.72 -4.56
C GLU X 58 39.83 8.58 -3.08
N TYR X 59 38.83 8.22 -2.28
CA TYR X 59 39.05 8.06 -0.86
C TYR X 59 40.09 6.95 -0.66
N ILE X 60 39.96 5.88 -1.43
CA ILE X 60 40.91 4.79 -1.31
C ILE X 60 42.28 5.19 -1.84
N GLN X 61 42.31 5.83 -2.99
CA GLN X 61 43.57 6.28 -3.55
C GLN X 61 44.32 7.08 -2.47
N ALA X 62 43.64 8.03 -1.86
CA ALA X 62 44.25 8.86 -0.83
C ALA X 62 44.86 7.99 0.26
N ASN X 63 44.14 6.96 0.69
CA ASN X 63 44.67 6.10 1.75
C ASN X 63 45.87 5.25 1.35
N ILE X 64 45.84 4.70 0.14
CA ILE X 64 46.96 3.89 -0.30
C ILE X 64 48.22 4.76 -0.51
N GLN X 65 48.04 5.95 -1.08
CA GLN X 65 49.16 6.86 -1.28
C GLN X 65 49.73 7.27 0.06
N LEU X 66 48.85 7.49 1.04
CA LEU X 66 49.28 7.86 2.38
C LEU X 66 50.10 6.73 2.96
N TYR X 67 49.65 5.50 2.80
CA TYR X 67 50.41 4.36 3.31
C TYR X 67 51.77 4.29 2.62
N SER X 68 51.78 4.54 1.31
CA SER X 68 53.01 4.53 0.52
C SER X 68 54.04 5.52 1.05
N ILE X 69 53.63 6.75 1.28
CA ILE X 69 54.53 7.79 1.80
C ILE X 69 55.04 7.43 3.19
N ARG X 70 54.12 7.12 4.09
CA ARG X 70 54.49 6.78 5.46
C ARG X 70 55.45 5.59 5.59
N GLU X 71 55.22 4.55 4.80
CA GLU X 71 56.05 3.35 4.86
C GLU X 71 57.13 3.29 3.77
N ASP X 72 57.12 4.25 2.85
CA ASP X 72 58.08 4.26 1.75
C ASP X 72 58.14 2.85 1.20
N TYR X 73 56.98 2.29 0.86
CA TYR X 73 56.89 0.95 0.35
C TYR X 73 55.54 0.85 -0.35
N GLU X 74 55.39 -0.10 -1.27
CA GLU X 74 54.14 -0.28 -1.99
C GLU X 74 53.49 -1.57 -1.51
N LEU X 75 52.28 -1.46 -0.96
CA LEU X 75 51.55 -2.63 -0.47
C LEU X 75 51.27 -3.58 -1.60
N SER X 76 51.27 -4.87 -1.31
CA SER X 76 50.98 -5.88 -2.31
C SER X 76 49.55 -5.71 -2.78
N PRO X 77 49.24 -6.21 -3.99
CA PRO X 77 47.87 -6.09 -4.49
C PRO X 77 46.90 -6.82 -3.57
N GLN X 78 47.35 -7.92 -2.98
CA GLN X 78 46.49 -8.69 -2.09
C GLN X 78 46.11 -7.82 -0.88
N ALA X 79 47.09 -7.09 -0.35
CA ALA X 79 46.86 -6.24 0.80
C ALA X 79 45.92 -5.08 0.45
N VAL X 80 46.10 -4.52 -0.72
CA VAL X 80 45.25 -3.41 -1.13
C VAL X 80 43.81 -3.89 -1.29
N SER X 81 43.62 -5.01 -1.97
CA SER X 81 42.29 -5.53 -2.19
C SER X 81 41.65 -5.84 -0.84
N SER X 82 42.42 -6.29 0.14
CA SER X 82 41.82 -6.59 1.44
C SER X 82 41.38 -5.30 2.13
N PHE X 83 42.17 -4.25 1.96
CA PHE X 83 41.81 -2.97 2.56
C PHE X 83 40.52 -2.48 1.92
N VAL X 84 40.41 -2.66 0.61
CA VAL X 84 39.21 -2.22 -0.11
C VAL X 84 37.99 -3.02 0.31
N ARG X 85 38.13 -4.33 0.45
CA ARG X 85 36.99 -5.16 0.86
C ARG X 85 36.51 -4.71 2.24
N GLN X 86 37.45 -4.48 3.15
CA GLN X 86 37.09 -4.04 4.49
C GLN X 86 36.27 -2.77 4.45
N GLU X 87 36.75 -1.79 3.69
CA GLU X 87 36.03 -0.53 3.59
C GLU X 87 34.61 -0.71 3.07
N LEU X 88 34.43 -1.56 2.06
CA LEU X 88 33.10 -1.77 1.52
C LEU X 88 32.24 -2.55 2.52
N ALA X 89 32.84 -3.52 3.20
CA ALA X 89 32.08 -4.30 4.17
C ALA X 89 31.55 -3.40 5.28
N LYS X 90 32.31 -2.38 5.66
CA LYS X 90 31.85 -1.45 6.70
C LYS X 90 30.66 -0.70 6.12
N SER X 91 30.88 -0.18 4.91
CA SER X 91 29.87 0.58 4.18
C SER X 91 28.49 -0.08 4.08
N ILE X 92 28.47 -1.36 3.73
CA ILE X 92 27.21 -2.06 3.55
C ILE X 92 26.27 -1.99 4.76
N ARG X 93 26.80 -1.84 5.97
CA ARG X 93 25.94 -1.76 7.14
C ARG X 93 25.90 -0.35 7.75
N SER X 94 26.38 0.64 6.99
CA SER X 94 26.39 2.02 7.46
C SER X 94 25.07 2.69 7.11
N ARG X 95 24.92 3.97 7.48
CA ARG X 95 23.70 4.71 7.21
C ARG X 95 23.45 4.77 5.71
N ARG X 96 24.42 5.28 4.96
CA ARG X 96 24.28 5.35 3.52
C ARG X 96 25.48 4.63 2.85
N PRO X 97 25.30 3.35 2.52
CA PRO X 97 26.31 2.49 1.89
C PRO X 97 26.78 2.95 0.53
N TYR X 98 28.07 2.72 0.25
CA TYR X 98 28.64 3.07 -1.05
C TYR X 98 28.10 2.04 -2.02
N GLN X 99 27.53 2.51 -3.11
CA GLN X 99 27.02 1.58 -4.11
C GLN X 99 28.02 1.56 -5.24
N VAL X 100 29.12 0.87 -4.99
CA VAL X 100 30.19 0.77 -5.96
C VAL X 100 30.78 -0.62 -6.09
N ASN X 101 31.01 -1.05 -7.34
CA ASN X 101 31.63 -2.34 -7.61
C ASN X 101 32.99 -2.03 -8.22
N VAL X 102 33.99 -2.86 -7.93
CA VAL X 102 35.31 -2.57 -8.47
C VAL X 102 36.12 -3.79 -8.86
N LEU X 103 37.09 -3.56 -9.73
CA LEU X 103 38.00 -4.59 -10.16
C LEU X 103 39.35 -4.04 -9.77
N ILE X 104 40.16 -4.87 -9.13
CA ILE X 104 41.49 -4.41 -8.78
C ILE X 104 42.55 -5.23 -9.52
N GLY X 105 43.29 -4.53 -10.38
CA GLY X 105 44.34 -5.17 -11.14
C GLY X 105 45.71 -4.68 -10.74
N GLY X 106 46.52 -5.58 -10.19
CA GLY X 106 47.86 -5.20 -9.77
C GLY X 106 48.94 -6.21 -10.12
N TYR X 107 50.19 -5.74 -10.11
CA TYR X 107 51.33 -6.60 -10.38
C TYR X 107 52.11 -6.68 -9.09
N ASP X 108 52.16 -7.88 -8.51
CA ASP X 108 52.87 -8.09 -7.25
C ASP X 108 54.37 -8.28 -7.51
N LYS X 109 55.12 -7.19 -7.36
CA LYS X 109 56.56 -7.17 -7.60
C LYS X 109 57.37 -8.17 -6.76
N LYS X 110 56.84 -8.57 -5.60
CA LYS X 110 57.55 -9.52 -4.77
C LYS X 110 57.38 -10.95 -5.29
N LYS X 111 56.15 -11.32 -5.63
CA LYS X 111 55.87 -12.67 -6.15
C LYS X 111 56.11 -12.70 -7.65
N ASN X 112 56.16 -11.51 -8.25
CA ASN X 112 56.33 -11.35 -9.70
C ASN X 112 55.24 -12.09 -10.45
N LYS X 113 54.00 -11.71 -10.17
CA LYS X 113 52.84 -12.30 -10.80
C LYS X 113 51.71 -11.28 -10.80
N PRO X 114 50.91 -11.26 -11.87
CA PRO X 114 49.79 -10.32 -11.96
C PRO X 114 48.62 -10.87 -11.15
N GLU X 115 47.79 -9.98 -10.63
CA GLU X 115 46.64 -10.40 -9.83
C GLU X 115 45.40 -9.57 -10.15
N LEU X 116 44.25 -10.24 -10.17
CA LEU X 116 42.97 -9.59 -10.45
C LEU X 116 41.94 -9.93 -9.38
N TYR X 117 41.40 -8.88 -8.74
CA TYR X 117 40.40 -9.06 -7.70
C TYR X 117 39.06 -8.44 -8.08
N GLN X 118 37.98 -9.18 -7.82
CA GLN X 118 36.66 -8.67 -8.09
C GLN X 118 35.96 -8.47 -6.76
N ILE X 119 35.47 -7.25 -6.55
CA ILE X 119 34.81 -6.90 -5.30
C ILE X 119 33.56 -6.08 -5.54
N ASP X 120 32.43 -6.55 -5.00
CA ASP X 120 31.17 -5.81 -5.17
C ASP X 120 30.91 -4.91 -3.97
N TYR X 121 29.86 -4.10 -4.06
CA TYR X 121 29.53 -3.18 -2.98
C TYR X 121 29.22 -3.86 -1.65
N LEU X 122 28.99 -5.17 -1.64
CA LEU X 122 28.72 -5.87 -0.38
C LEU X 122 30.01 -6.24 0.35
N GLY X 123 31.12 -6.11 -0.34
CA GLY X 123 32.38 -6.50 0.26
C GLY X 123 32.67 -7.96 -0.09
N THR X 124 32.14 -8.42 -1.22
CA THR X 124 32.37 -9.78 -1.68
C THR X 124 33.65 -9.74 -2.51
N LYS X 125 34.70 -10.41 -2.04
CA LYS X 125 35.96 -10.40 -2.77
C LYS X 125 36.35 -11.79 -3.26
N VAL X 126 36.79 -11.84 -4.51
CA VAL X 126 37.23 -13.08 -5.11
C VAL X 126 38.36 -12.78 -6.10
N GLU X 127 39.35 -13.67 -6.17
CA GLU X 127 40.47 -13.51 -7.10
C GLU X 127 40.18 -14.41 -8.32
N LEU X 128 40.32 -13.86 -9.53
CA LEU X 128 40.01 -14.62 -10.73
C LEU X 128 40.89 -14.32 -11.94
N PRO X 129 40.91 -15.26 -12.92
CA PRO X 129 41.68 -15.13 -14.15
C PRO X 129 41.06 -14.01 -14.98
N TYR X 130 39.76 -13.82 -14.78
CA TYR X 130 39.00 -12.79 -15.47
C TYR X 130 37.70 -12.49 -14.72
N GLY X 131 37.30 -11.23 -14.74
CA GLY X 131 36.08 -10.84 -14.06
C GLY X 131 35.37 -9.67 -14.70
N ALA X 132 34.15 -9.43 -14.25
CA ALA X 132 33.33 -8.35 -14.78
C ALA X 132 32.23 -8.00 -13.79
N HIS X 133 31.81 -6.74 -13.79
CA HIS X 133 30.73 -6.29 -12.93
C HIS X 133 29.59 -5.86 -13.83
N GLY X 134 28.36 -6.06 -13.37
CA GLY X 134 27.24 -5.64 -14.18
C GLY X 134 26.80 -6.72 -15.13
N TYR X 135 26.12 -6.31 -16.19
CA TYR X 135 25.61 -7.26 -17.16
C TYR X 135 26.61 -7.89 -18.11
N SER X 136 27.75 -7.24 -18.30
CA SER X 136 28.79 -7.77 -19.17
C SER X 136 29.10 -9.22 -18.83
N GLY X 137 29.23 -9.50 -17.54
CA GLY X 137 29.54 -10.84 -17.09
C GLY X 137 28.66 -11.90 -17.70
N PHE X 138 27.44 -11.54 -18.06
CA PHE X 138 26.52 -12.49 -18.63
C PHE X 138 26.91 -12.95 -20.03
N TYR X 139 27.79 -12.21 -20.68
CA TYR X 139 28.25 -12.58 -22.03
C TYR X 139 29.72 -12.98 -22.00
N THR X 140 30.52 -12.25 -21.21
CA THR X 140 31.95 -12.51 -21.17
C THR X 140 32.47 -13.71 -20.38
N PHE X 141 31.76 -14.15 -19.34
CA PHE X 141 32.25 -15.29 -18.58
C PHE X 141 32.34 -16.59 -19.38
N SER X 142 31.30 -16.91 -20.13
CA SER X 142 31.32 -18.13 -20.92
C SER X 142 32.27 -17.97 -22.11
N LEU X 143 32.39 -16.75 -22.63
CA LEU X 143 33.30 -16.46 -23.73
C LEU X 143 34.72 -16.85 -23.29
N LEU X 144 35.19 -16.23 -22.22
CA LEU X 144 36.52 -16.49 -21.69
C LEU X 144 36.62 -17.92 -21.18
N ASP X 145 35.52 -18.48 -20.70
CA ASP X 145 35.52 -19.86 -20.21
C ASP X 145 35.94 -20.75 -21.38
N HIS X 146 35.76 -20.22 -22.59
CA HIS X 146 36.06 -20.94 -23.82
C HIS X 146 37.44 -20.56 -24.38
N HIS X 147 37.63 -19.29 -24.68
CA HIS X 147 38.88 -18.77 -25.25
C HIS X 147 40.00 -18.37 -24.28
N TYR X 148 40.00 -18.85 -23.04
CA TYR X 148 41.05 -18.40 -22.13
C TYR X 148 42.09 -19.45 -21.72
N ARG X 149 43.35 -19.00 -21.70
CA ARG X 149 44.49 -19.83 -21.31
C ARG X 149 45.38 -19.05 -20.34
N PRO X 150 45.88 -19.71 -19.30
CA PRO X 150 46.74 -19.11 -18.26
C PRO X 150 48.05 -18.47 -18.73
N ASP X 151 48.74 -19.18 -19.62
CA ASP X 151 50.04 -18.74 -20.14
C ASP X 151 49.98 -17.77 -21.31
N MET X 152 48.83 -17.17 -21.57
CA MET X 152 48.73 -16.25 -22.69
C MET X 152 49.59 -15.01 -22.52
N THR X 153 49.95 -14.40 -23.65
CA THR X 153 50.76 -13.19 -23.64
C THR X 153 49.83 -12.00 -23.47
N THR X 154 50.42 -10.84 -23.22
CA THR X 154 49.65 -9.62 -23.07
C THR X 154 48.91 -9.36 -24.37
N GLU X 155 49.59 -9.57 -25.49
CA GLU X 155 49.00 -9.36 -26.79
C GLU X 155 47.81 -10.30 -27.00
N GLU X 156 47.94 -11.54 -26.54
CA GLU X 156 46.84 -12.50 -26.66
C GLU X 156 45.66 -12.02 -25.81
N GLY X 157 45.99 -11.50 -24.63
CA GLY X 157 44.96 -10.98 -23.74
C GLY X 157 44.18 -9.87 -24.41
N LEU X 158 44.86 -8.91 -25.02
CA LEU X 158 44.17 -7.81 -25.69
C LEU X 158 43.24 -8.30 -26.80
N ASP X 159 43.59 -9.42 -27.43
CA ASP X 159 42.75 -9.97 -28.49
C ASP X 159 41.53 -10.61 -27.83
N LEU X 160 41.77 -11.21 -26.67
CA LEU X 160 40.74 -11.85 -25.90
C LEU X 160 39.71 -10.79 -25.47
N LEU X 161 40.18 -9.57 -25.21
CA LEU X 161 39.29 -8.47 -24.82
C LEU X 161 38.52 -7.97 -26.01
N LYS X 162 39.23 -7.80 -27.11
CA LYS X 162 38.62 -7.34 -28.36
C LYS X 162 37.45 -8.26 -28.66
N LEU X 163 37.64 -9.54 -28.38
CA LEU X 163 36.61 -10.53 -28.61
C LEU X 163 35.42 -10.26 -27.68
N CYS X 164 35.71 -9.91 -26.44
CA CYS X 164 34.69 -9.61 -25.45
C CYS X 164 33.95 -8.33 -25.81
N VAL X 165 34.70 -7.28 -26.13
CA VAL X 165 34.11 -6.00 -26.49
C VAL X 165 33.18 -6.11 -27.69
N GLN X 166 33.58 -6.91 -28.69
CA GLN X 166 32.74 -7.06 -29.88
C GLN X 166 31.42 -7.72 -29.54
N GLU X 167 31.48 -8.78 -28.74
CA GLU X 167 30.28 -9.49 -28.32
C GLU X 167 29.36 -8.50 -27.63
N LEU X 168 29.93 -7.66 -26.77
CA LEU X 168 29.17 -6.65 -26.03
C LEU X 168 28.57 -5.60 -26.96
N GLU X 169 29.30 -5.19 -27.98
CA GLU X 169 28.76 -4.20 -28.89
C GLU X 169 27.69 -4.79 -29.79
N LYS X 170 27.66 -6.11 -29.87
CA LYS X 170 26.68 -6.79 -30.70
C LYS X 170 25.38 -7.07 -29.97
N ARG X 171 25.50 -7.62 -28.76
CA ARG X 171 24.35 -8.03 -27.95
C ARG X 171 23.82 -7.12 -26.81
N MET X 172 24.66 -6.29 -26.20
CA MET X 172 24.21 -5.39 -25.13
C MET X 172 23.26 -4.31 -25.65
N PRO X 173 22.24 -3.95 -24.86
CA PRO X 173 21.21 -2.95 -25.16
C PRO X 173 21.71 -1.53 -25.34
N MET X 174 22.56 -1.09 -24.44
CA MET X 174 23.07 0.27 -24.46
C MET X 174 24.30 0.49 -25.32
N ASP X 175 24.53 1.75 -25.67
CA ASP X 175 25.70 2.15 -26.45
C ASP X 175 26.71 2.63 -25.41
N PHE X 176 27.65 1.77 -25.04
CA PHE X 176 28.61 2.18 -24.01
C PHE X 176 29.78 3.02 -24.51
N LYS X 177 29.75 3.36 -25.80
CA LYS X 177 30.79 4.19 -26.42
C LYS X 177 32.22 3.64 -26.35
N GLY X 178 32.36 2.33 -26.53
CA GLY X 178 33.68 1.73 -26.49
C GLY X 178 34.28 1.69 -25.11
N VAL X 179 35.52 1.21 -25.03
CA VAL X 179 36.23 1.12 -23.76
C VAL X 179 37.62 1.74 -23.79
N ILE X 180 38.22 1.84 -22.60
CA ILE X 180 39.56 2.34 -22.42
C ILE X 180 40.27 1.14 -21.80
N VAL X 181 41.39 0.74 -22.38
CA VAL X 181 42.12 -0.42 -21.90
C VAL X 181 43.42 -0.01 -21.24
N LYS X 182 43.75 -0.68 -20.15
CA LYS X 182 44.98 -0.38 -19.45
C LYS X 182 45.67 -1.67 -19.04
N ILE X 183 47.00 -1.64 -19.04
CA ILE X 183 47.77 -2.82 -18.70
C ILE X 183 48.59 -2.58 -17.46
N VAL X 184 48.58 -3.56 -16.57
CA VAL X 184 49.35 -3.48 -15.35
C VAL X 184 50.32 -4.66 -15.39
N ASP X 185 51.60 -4.35 -15.25
CA ASP X 185 52.65 -5.37 -15.25
C ASP X 185 53.86 -4.86 -14.49
N LYS X 186 54.92 -5.67 -14.47
CA LYS X 186 56.15 -5.34 -13.78
C LYS X 186 56.67 -3.92 -13.99
N ASP X 187 56.30 -3.28 -15.10
CA ASP X 187 56.79 -1.93 -15.36
C ASP X 187 55.79 -0.84 -15.02
N GLY X 188 54.71 -1.23 -14.36
CA GLY X 188 53.71 -0.25 -14.00
C GLY X 188 52.41 -0.34 -14.77
N ILE X 189 51.77 0.81 -14.94
CA ILE X 189 50.48 0.91 -15.60
C ILE X 189 50.58 1.79 -16.84
N ARG X 190 50.01 1.31 -17.95
CA ARG X 190 49.98 2.08 -19.18
C ARG X 190 48.65 1.88 -19.90
N GLN X 191 48.26 2.87 -20.71
CA GLN X 191 47.01 2.83 -21.46
C GLN X 191 47.21 2.55 -22.94
N VAL X 192 46.47 1.56 -23.44
CA VAL X 192 46.55 1.18 -24.85
C VAL X 192 45.71 2.19 -25.63
N ASP X 193 46.30 3.34 -25.96
CA ASP X 193 45.60 4.39 -26.67
C ASP X 193 45.05 3.99 -28.05
N ASP X 194 45.43 2.81 -28.53
CA ASP X 194 44.95 2.34 -29.83
C ASP X 194 44.17 1.04 -29.73
N PHE X 195 42.89 1.14 -29.37
CA PHE X 195 42.03 -0.02 -29.25
C PHE X 195 40.74 0.27 -30.02
N GLN X 196 40.53 1.55 -30.33
CA GLN X 196 39.35 1.99 -31.07
C GLN X 196 39.36 1.37 -32.47
N ALA X 197 40.36 0.53 -32.71
CA ALA X 197 40.55 -0.18 -33.97
C ALA X 197 41.91 -0.90 -33.94
N GLN X 198 42.05 -1.83 -32.98
CA GLN X 198 43.29 -2.60 -32.82
C GLN X 198 43.18 -3.98 -33.45
N THR Y 1 13.97 24.73 -18.22
CA THR Y 1 15.32 25.34 -18.26
C THR Y 1 16.21 24.70 -19.30
N THR Y 2 17.02 25.54 -19.94
CA THR Y 2 17.97 25.05 -20.91
C THR Y 2 19.22 25.90 -20.73
N THR Y 3 20.36 25.22 -20.62
CA THR Y 3 21.63 25.88 -20.43
C THR Y 3 22.63 25.04 -21.18
N LEU Y 4 23.62 25.72 -21.76
CA LEU Y 4 24.68 25.04 -22.49
C LEU Y 4 25.99 25.82 -22.39
N ALA Y 5 27.09 25.12 -22.61
CA ALA Y 5 28.38 25.73 -22.58
C ALA Y 5 29.27 24.85 -23.41
N PHE Y 6 29.99 25.44 -24.35
CA PHE Y 6 30.88 24.66 -25.18
C PHE Y 6 32.20 25.37 -25.40
N ARG Y 7 33.25 24.57 -25.53
CA ARG Y 7 34.60 25.08 -25.75
C ARG Y 7 34.90 25.06 -27.24
N PHE Y 8 35.61 26.09 -27.70
CA PHE Y 8 35.99 26.17 -29.10
C PHE Y 8 37.25 27.03 -29.24
N GLN Y 9 37.68 27.22 -30.48
CA GLN Y 9 38.88 28.01 -30.78
C GLN Y 9 38.94 29.35 -30.07
N GLY Y 10 37.82 30.07 -30.00
CA GLY Y 10 37.82 31.37 -29.35
C GLY Y 10 37.52 31.41 -27.87
N GLY Y 11 37.63 30.25 -27.20
CA GLY Y 11 37.35 30.20 -25.77
C GLY Y 11 36.16 29.35 -25.39
N ILE Y 12 35.18 29.98 -24.73
CA ILE Y 12 33.98 29.27 -24.30
C ILE Y 12 32.75 30.12 -24.51
N ILE Y 13 31.66 29.47 -24.90
CA ILE Y 13 30.37 30.12 -25.10
C ILE Y 13 29.40 29.59 -24.03
N VAL Y 14 28.70 30.49 -23.36
CA VAL Y 14 27.74 30.11 -22.34
C VAL Y 14 26.42 30.82 -22.63
N ALA Y 15 25.36 30.02 -22.76
CA ALA Y 15 24.01 30.53 -23.05
C ALA Y 15 22.96 29.83 -22.18
N VAL Y 16 22.02 30.60 -21.66
CA VAL Y 16 20.97 30.06 -20.82
C VAL Y 16 19.65 30.74 -21.16
N ASP Y 17 18.54 30.16 -20.70
CA ASP Y 17 17.24 30.77 -20.93
C ASP Y 17 16.91 31.51 -19.64
N SER Y 18 15.69 31.97 -19.46
CA SER Y 18 15.39 32.68 -18.23
C SER Y 18 14.02 32.34 -17.67
N ARG Y 19 13.53 31.15 -17.98
CA ARG Y 19 12.22 30.75 -17.48
C ARG Y 19 12.24 29.95 -16.17
N ALA Y 20 11.24 30.23 -15.34
CA ALA Y 20 11.08 29.53 -14.07
C ALA Y 20 9.64 29.07 -14.05
N THR Y 21 9.44 27.82 -13.63
CA THR Y 21 8.10 27.27 -13.56
C THR Y 21 7.86 26.53 -12.26
N ALA Y 22 6.60 26.35 -11.93
CA ALA Y 22 6.18 25.61 -10.74
C ALA Y 22 5.00 24.88 -11.33
N GLY Y 23 5.22 23.63 -11.71
CA GLY Y 23 4.16 22.86 -12.35
C GLY Y 23 4.05 23.42 -13.75
N ASN Y 24 2.84 23.70 -14.21
CA ASN Y 24 2.63 24.25 -15.54
C ASN Y 24 2.58 25.77 -15.46
N TRP Y 25 2.67 26.29 -14.24
CA TRP Y 25 2.64 27.72 -14.03
C TRP Y 25 4.00 28.33 -14.32
N VAL Y 26 4.00 29.31 -15.21
CA VAL Y 26 5.23 30.02 -15.55
C VAL Y 26 5.37 31.07 -14.46
N ALA Y 27 6.28 30.80 -13.54
CA ALA Y 27 6.52 31.67 -12.41
C ALA Y 27 7.25 32.95 -12.82
N SER Y 28 8.13 32.82 -13.80
CA SER Y 28 8.91 33.95 -14.25
C SER Y 28 9.60 33.72 -15.57
N GLN Y 29 9.84 34.81 -16.30
CA GLN Y 29 10.55 34.75 -17.58
C GLN Y 29 11.78 35.66 -17.47
N THR Y 30 12.11 36.05 -16.24
CA THR Y 30 13.25 36.95 -15.99
C THR Y 30 14.25 36.48 -14.94
N VAL Y 31 14.57 35.20 -14.93
CA VAL Y 31 15.52 34.68 -13.94
C VAL Y 31 16.93 34.72 -14.49
N LYS Y 32 17.90 35.14 -13.68
CA LYS Y 32 19.29 35.17 -14.12
C LYS Y 32 19.91 33.81 -13.78
N LYS Y 33 20.03 32.95 -14.79
CA LYS Y 33 20.56 31.61 -14.58
C LYS Y 33 22.08 31.48 -14.64
N VAL Y 34 22.76 32.60 -14.82
CA VAL Y 34 24.22 32.60 -14.86
C VAL Y 34 24.70 33.41 -13.68
N ILE Y 35 25.65 32.87 -12.94
CA ILE Y 35 26.19 33.63 -11.82
C ILE Y 35 27.64 33.95 -12.13
N GLU Y 36 27.96 35.23 -12.03
CA GLU Y 36 29.32 35.68 -12.28
C GLU Y 36 30.10 35.49 -10.97
N ILE Y 37 30.61 34.27 -10.75
CA ILE Y 37 31.33 33.96 -9.52
C ILE Y 37 32.44 34.98 -9.32
N ASN Y 38 33.07 35.36 -10.42
CA ASN Y 38 34.11 36.37 -10.39
C ASN Y 38 34.54 36.65 -11.82
N PRO Y 39 35.23 37.78 -12.05
CA PRO Y 39 35.72 38.21 -13.36
C PRO Y 39 36.17 37.13 -14.34
N PHE Y 40 36.41 35.93 -13.83
CA PHE Y 40 36.87 34.85 -14.70
C PHE Y 40 36.14 33.53 -14.53
N LEU Y 41 35.14 33.49 -13.65
CA LEU Y 41 34.40 32.26 -13.38
C LEU Y 41 32.90 32.45 -13.51
N LEU Y 42 32.25 31.52 -14.19
CA LEU Y 42 30.81 31.57 -14.35
C LEU Y 42 30.17 30.28 -13.87
N GLY Y 43 28.93 30.39 -13.40
CA GLY Y 43 28.19 29.23 -12.96
C GLY Y 43 26.82 29.29 -13.62
N THR Y 44 26.35 28.18 -14.16
CA THR Y 44 25.04 28.11 -14.79
C THR Y 44 24.08 27.34 -13.88
N MET Y 45 22.79 27.66 -13.99
CA MET Y 45 21.81 27.03 -13.14
C MET Y 45 20.62 26.33 -13.79
N ALA Y 46 20.40 25.08 -13.39
CA ALA Y 46 19.28 24.28 -13.88
C ALA Y 46 18.80 23.42 -12.70
N GLY Y 47 17.50 23.13 -12.66
CA GLY Y 47 16.95 22.32 -11.59
C GLY Y 47 16.18 23.16 -10.58
N GLY Y 48 16.45 22.97 -9.30
CA GLY Y 48 15.78 23.74 -8.27
C GLY Y 48 16.36 25.14 -8.17
N ALA Y 49 15.52 26.16 -8.41
CA ALA Y 49 15.94 27.56 -8.36
C ALA Y 49 16.66 27.90 -7.07
N ALA Y 50 15.96 27.81 -5.95
CA ALA Y 50 16.57 28.10 -4.67
C ALA Y 50 17.83 27.29 -4.44
N ASP Y 51 17.83 26.01 -4.80
CA ASP Y 51 19.01 25.16 -4.59
C ASP Y 51 20.25 25.64 -5.33
N CYS Y 52 20.11 25.91 -6.62
CA CYS Y 52 21.24 26.38 -7.42
C CYS Y 52 21.72 27.73 -6.96
N GLN Y 53 20.78 28.64 -6.99
CA GLN Y 53 20.97 30.02 -6.63
C GLN Y 53 21.55 30.23 -5.23
N PHE Y 54 21.11 29.43 -4.26
CA PHE Y 54 21.62 29.57 -2.89
C PHE Y 54 23.03 28.98 -2.81
N TRP Y 55 23.16 27.71 -3.19
CA TRP Y 55 24.45 27.04 -3.13
C TRP Y 55 25.52 27.60 -4.04
N GLU Y 56 25.15 28.20 -5.16
CA GLU Y 56 26.17 28.77 -6.01
C GLU Y 56 26.63 30.11 -5.44
N THR Y 57 25.72 30.83 -4.78
CA THR Y 57 26.10 32.10 -4.16
C THR Y 57 27.12 31.74 -3.07
N TRP Y 58 26.79 30.69 -2.33
CA TRP Y 58 27.68 30.20 -1.28
C TRP Y 58 29.04 29.84 -1.89
N LEU Y 59 29.01 29.20 -3.07
CA LEU Y 59 30.23 28.81 -3.75
C LEU Y 59 31.09 30.04 -3.98
N GLY Y 60 30.47 31.13 -4.44
CA GLY Y 60 31.19 32.37 -4.69
C GLY Y 60 31.90 32.83 -3.42
N SER Y 61 31.24 32.64 -2.29
CA SER Y 61 31.81 33.01 -0.99
C SER Y 61 33.02 32.16 -0.71
N GLN Y 62 32.91 30.86 -0.97
CA GLN Y 62 34.02 29.95 -0.72
C GLN Y 62 35.18 30.27 -1.64
N CYS Y 63 34.87 30.63 -2.87
CA CYS Y 63 35.90 30.97 -3.84
C CYS Y 63 36.68 32.19 -3.40
N ARG Y 64 35.97 33.25 -3.02
CA ARG Y 64 36.59 34.47 -2.57
C ARG Y 64 37.50 34.21 -1.37
N LEU Y 65 37.02 33.39 -0.44
CA LEU Y 65 37.80 33.03 0.75
C LEU Y 65 39.10 32.36 0.35
N HIS Y 66 39.04 31.53 -0.68
CA HIS Y 66 40.22 30.82 -1.15
C HIS Y 66 41.28 31.82 -1.60
N GLU Y 67 40.88 32.82 -2.37
CA GLU Y 67 41.83 33.81 -2.85
C GLU Y 67 42.41 34.63 -1.72
N LEU Y 68 41.60 35.00 -0.73
CA LEU Y 68 42.13 35.76 0.39
C LEU Y 68 43.16 34.93 1.14
N ARG Y 69 42.90 33.63 1.22
CA ARG Y 69 43.76 32.70 1.93
C ARG Y 69 45.05 32.35 1.17
N GLU Y 70 44.93 32.07 -0.12
CA GLU Y 70 46.07 31.68 -0.94
C GLU Y 70 46.65 32.77 -1.84
N LYS Y 71 46.12 33.99 -1.73
CA LYS Y 71 46.61 35.09 -2.54
C LYS Y 71 46.68 34.66 -4.01
N GLU Y 72 45.69 33.89 -4.44
CA GLU Y 72 45.62 33.42 -5.81
C GLU Y 72 44.21 33.00 -6.19
N ARG Y 73 43.90 33.24 -7.45
CA ARG Y 73 42.60 32.91 -8.04
C ARG Y 73 42.35 31.40 -7.94
N ILE Y 74 41.13 31.03 -7.58
CA ILE Y 74 40.74 29.62 -7.43
C ILE Y 74 40.66 28.97 -8.81
N SER Y 75 41.08 27.71 -8.93
CA SER Y 75 41.00 27.03 -10.22
C SER Y 75 39.56 26.57 -10.51
N VAL Y 76 39.25 26.41 -11.79
CA VAL Y 76 37.94 25.97 -12.22
C VAL Y 76 37.70 24.58 -11.63
N ALA Y 77 38.71 23.72 -11.75
CA ALA Y 77 38.62 22.36 -11.24
C ALA Y 77 38.31 22.33 -9.75
N ALA Y 78 39.00 23.14 -8.98
CA ALA Y 78 38.79 23.19 -7.54
C ALA Y 78 37.46 23.87 -7.16
N ALA Y 79 37.03 24.86 -7.93
CA ALA Y 79 35.76 25.53 -7.65
C ALA Y 79 34.62 24.54 -7.86
N SER Y 80 34.73 23.76 -8.94
CA SER Y 80 33.72 22.78 -9.27
C SER Y 80 33.74 21.63 -8.25
N LYS Y 81 34.90 21.34 -7.66
CA LYS Y 81 34.94 20.24 -6.70
C LYS Y 81 34.41 20.64 -5.33
N ILE Y 82 34.38 21.94 -5.06
CA ILE Y 82 33.85 22.42 -3.81
C ILE Y 82 32.33 22.24 -3.83
N LEU Y 83 31.72 22.60 -4.96
CA LEU Y 83 30.28 22.47 -5.12
C LEU Y 83 29.94 20.99 -5.14
N SER Y 84 30.78 20.22 -5.81
CA SER Y 84 30.60 18.78 -5.92
C SER Y 84 30.56 18.10 -4.55
N ASN Y 85 31.57 18.38 -3.74
CA ASN Y 85 31.65 17.79 -2.42
C ASN Y 85 30.54 18.30 -1.48
N LEU Y 86 30.12 19.55 -1.65
CA LEU Y 86 29.05 20.10 -0.80
C LEU Y 86 27.79 19.30 -1.08
N VAL Y 87 27.43 19.30 -2.34
CA VAL Y 87 26.25 18.62 -2.83
C VAL Y 87 26.26 17.13 -2.46
N TYR Y 88 27.43 16.51 -2.44
CA TYR Y 88 27.51 15.10 -2.11
C TYR Y 88 27.22 14.86 -0.64
N GLN Y 89 27.51 15.85 0.21
CA GLN Y 89 27.23 15.71 1.64
C GLN Y 89 25.72 15.67 1.86
N TYR Y 90 24.97 16.18 0.88
CA TYR Y 90 23.52 16.22 0.92
C TYR Y 90 22.84 15.11 0.13
N LYS Y 91 23.61 14.19 -0.43
CA LYS Y 91 23.05 13.10 -1.23
C LYS Y 91 21.94 12.33 -0.50
N GLY Y 92 20.78 12.24 -1.16
CA GLY Y 92 19.65 11.56 -0.59
C GLY Y 92 18.63 12.52 0.02
N ALA Y 93 19.06 13.75 0.30
CA ALA Y 93 18.19 14.75 0.92
C ALA Y 93 17.22 15.46 -0.05
N GLY Y 94 17.41 15.28 -1.35
CA GLY Y 94 16.52 15.93 -2.28
C GLY Y 94 16.97 17.22 -2.93
N LEU Y 95 18.25 17.57 -2.86
CA LEU Y 95 18.70 18.80 -3.53
C LEU Y 95 18.53 18.52 -5.02
N SER Y 96 18.20 19.55 -5.77
CA SER Y 96 18.05 19.38 -7.21
C SER Y 96 18.82 20.43 -7.97
N MET Y 97 19.89 19.99 -8.62
CA MET Y 97 20.69 20.93 -9.38
C MET Y 97 21.59 20.31 -10.45
N GLY Y 98 21.43 20.82 -11.66
CA GLY Y 98 22.23 20.40 -12.80
C GLY Y 98 23.03 21.67 -13.05
N THR Y 99 24.33 21.62 -12.83
CA THR Y 99 25.11 22.83 -12.96
C THR Y 99 26.40 22.76 -13.79
N MET Y 100 26.83 23.91 -14.27
CA MET Y 100 28.07 24.03 -15.04
C MET Y 100 28.94 25.14 -14.51
N ILE Y 101 30.19 24.79 -14.21
CA ILE Y 101 31.18 25.75 -13.71
C ILE Y 101 32.14 25.96 -14.87
N CYS Y 102 32.14 27.17 -15.41
CA CYS Y 102 32.95 27.51 -16.57
C CYS Y 102 33.92 28.65 -16.30
N GLY Y 103 35.17 28.45 -16.68
CA GLY Y 103 36.14 29.51 -16.45
C GLY Y 103 37.42 29.43 -17.25
N TYR Y 104 38.34 30.33 -16.91
CA TYR Y 104 39.63 30.41 -17.56
C TYR Y 104 40.69 30.61 -16.50
N THR Y 105 41.85 30.00 -16.70
CA THR Y 105 42.97 30.17 -15.81
C THR Y 105 44.16 29.89 -16.70
N ARG Y 106 45.23 30.64 -16.48
CA ARG Y 106 46.44 30.47 -17.26
C ARG Y 106 46.89 29.01 -17.23
N LYS Y 107 46.72 28.39 -16.07
CA LYS Y 107 47.14 27.02 -15.83
C LYS Y 107 46.26 25.93 -16.45
N GLU Y 108 44.97 26.19 -16.60
CA GLU Y 108 44.06 25.20 -17.17
C GLU Y 108 43.56 25.58 -18.56
N GLY Y 109 43.45 26.88 -18.82
CA GLY Y 109 42.94 27.34 -20.10
C GLY Y 109 41.43 27.34 -20.04
N PRO Y 110 40.73 27.33 -21.19
CA PRO Y 110 39.26 27.32 -21.12
C PRO Y 110 38.82 25.99 -20.53
N THR Y 111 37.99 26.04 -19.49
CA THR Y 111 37.54 24.81 -18.85
C THR Y 111 36.07 24.78 -18.48
N ILE Y 112 35.47 23.60 -18.57
CA ILE Y 112 34.07 23.44 -18.24
C ILE Y 112 33.80 22.15 -17.47
N TYR Y 113 33.13 22.30 -16.33
CA TYR Y 113 32.78 21.17 -15.48
C TYR Y 113 31.28 21.09 -15.28
N TYR Y 114 30.74 19.90 -15.47
CA TYR Y 114 29.33 19.66 -15.28
C TYR Y 114 29.22 19.10 -13.85
N VAL Y 115 28.30 19.65 -13.06
CA VAL Y 115 28.12 19.19 -11.69
C VAL Y 115 26.65 19.09 -11.29
N ASP Y 116 26.16 17.88 -11.01
CA ASP Y 116 24.76 17.74 -10.59
C ASP Y 116 24.62 17.26 -9.15
N SER Y 117 23.42 17.46 -8.59
CA SER Y 117 23.14 17.06 -7.23
C SER Y 117 23.24 15.55 -6.98
N ASP Y 118 23.55 14.79 -8.03
CA ASP Y 118 23.72 13.34 -7.93
C ASP Y 118 25.12 13.01 -7.43
N GLY Y 119 26.03 13.98 -7.59
CA GLY Y 119 27.41 13.77 -7.19
C GLY Y 119 28.29 13.63 -8.42
N THR Y 120 27.66 13.69 -9.58
CA THR Y 120 28.37 13.58 -10.84
C THR Y 120 29.10 14.89 -11.14
N ARG Y 121 30.39 14.77 -11.43
CA ARG Y 121 31.25 15.89 -11.79
C ARG Y 121 32.04 15.46 -13.02
N LEU Y 122 31.88 16.19 -14.12
CA LEU Y 122 32.55 15.84 -15.38
C LEU Y 122 33.14 17.02 -16.11
N LYS Y 123 34.35 16.85 -16.63
CA LYS Y 123 34.98 17.88 -17.42
C LYS Y 123 34.66 17.56 -18.87
N GLY Y 124 34.39 18.58 -19.67
CA GLY Y 124 34.05 18.34 -21.06
C GLY Y 124 34.14 19.60 -21.92
N ASP Y 125 33.88 19.44 -23.21
CA ASP Y 125 33.93 20.55 -24.16
C ASP Y 125 32.52 21.04 -24.45
N ILE Y 126 31.56 20.13 -24.33
CA ILE Y 126 30.17 20.46 -24.56
C ILE Y 126 29.22 19.83 -23.54
N PHE Y 127 28.30 20.64 -23.01
CA PHE Y 127 27.29 20.18 -22.06
C PHE Y 127 26.03 21.02 -22.21
N CYS Y 128 24.89 20.33 -22.22
CA CYS Y 128 23.59 20.98 -22.28
C CYS Y 128 22.86 20.44 -21.06
N VAL Y 129 22.36 21.31 -20.21
CA VAL Y 129 21.70 20.85 -19.01
C VAL Y 129 20.33 21.47 -18.79
N GLY Y 130 19.38 20.64 -18.35
CA GLY Y 130 18.04 21.11 -18.07
C GLY Y 130 16.95 20.37 -18.82
N SER Y 131 15.69 20.70 -18.52
CA SER Y 131 14.57 20.06 -19.17
C SER Y 131 14.61 20.30 -20.67
N GLY Y 132 15.44 21.23 -21.11
CA GLY Y 132 15.52 21.50 -22.53
C GLY Y 132 16.80 21.04 -23.19
N GLN Y 133 17.68 20.40 -22.42
CA GLN Y 133 18.96 19.95 -22.95
C GLN Y 133 18.96 19.25 -24.30
N THR Y 134 18.09 18.27 -24.51
CA THR Y 134 18.06 17.54 -25.77
C THR Y 134 17.80 18.43 -26.97
N PHE Y 135 16.92 19.40 -26.79
CA PHE Y 135 16.59 20.32 -27.85
C PHE Y 135 17.79 21.16 -28.21
N ALA Y 136 18.57 21.58 -27.21
CA ALA Y 136 19.76 22.38 -27.43
C ALA Y 136 20.82 21.51 -28.11
N TYR Y 137 21.01 20.29 -27.61
CA TYR Y 137 21.98 19.35 -28.20
C TYR Y 137 21.69 19.14 -29.68
N GLY Y 138 20.43 19.00 -30.04
CA GLY Y 138 20.07 18.78 -31.43
C GLY Y 138 20.61 19.84 -32.38
N VAL Y 139 20.47 21.10 -31.99
CA VAL Y 139 20.94 22.20 -32.82
C VAL Y 139 22.45 22.38 -32.68
N LEU Y 140 22.92 22.44 -31.44
CA LEU Y 140 24.34 22.61 -31.16
C LEU Y 140 25.23 21.51 -31.77
N ASP Y 141 24.93 20.25 -31.45
CA ASP Y 141 25.73 19.14 -31.96
C ASP Y 141 25.93 19.16 -33.47
N SER Y 142 24.88 19.44 -34.23
CA SER Y 142 24.97 19.41 -35.68
C SER Y 142 25.58 20.62 -36.39
N ASN Y 143 26.06 21.60 -35.63
CA ASN Y 143 26.68 22.78 -36.22
C ASN Y 143 27.94 23.15 -35.46
N TYR Y 144 28.41 22.26 -34.60
CA TYR Y 144 29.62 22.56 -33.85
C TYR Y 144 30.90 22.14 -34.53
N LYS Y 145 31.88 23.05 -34.48
CA LYS Y 145 33.22 22.85 -35.02
C LYS Y 145 34.14 23.53 -34.02
N TRP Y 146 35.37 23.06 -33.90
CA TRP Y 146 36.29 23.71 -32.98
C TRP Y 146 36.68 25.05 -33.58
N ASP Y 147 36.39 25.21 -34.86
CA ASP Y 147 36.76 26.41 -35.58
C ASP Y 147 35.69 27.46 -35.88
N LEU Y 148 34.79 27.69 -34.96
CA LEU Y 148 33.77 28.70 -35.20
C LEU Y 148 34.38 30.04 -34.84
N SER Y 149 33.93 31.08 -35.49
CA SER Y 149 34.41 32.41 -35.18
C SER Y 149 33.66 32.80 -33.90
N VAL Y 150 34.30 33.57 -33.04
CA VAL Y 150 33.67 34.01 -31.81
C VAL Y 150 32.25 34.50 -32.11
N GLU Y 151 32.07 35.08 -33.29
CA GLU Y 151 30.77 35.61 -33.69
C GLU Y 151 29.80 34.54 -34.11
N ASP Y 152 30.33 33.46 -34.68
CA ASP Y 152 29.48 32.34 -35.12
C ASP Y 152 29.14 31.42 -33.96
N ALA Y 153 30.11 31.23 -33.06
CA ALA Y 153 29.91 30.39 -31.90
C ALA Y 153 28.84 31.09 -31.05
N LEU Y 154 28.91 32.41 -30.97
CA LEU Y 154 27.95 33.16 -30.19
C LEU Y 154 26.55 32.94 -30.72
N TYR Y 155 26.40 32.96 -32.03
CA TYR Y 155 25.09 32.76 -32.61
C TYR Y 155 24.61 31.31 -32.43
N LEU Y 156 25.48 30.33 -32.69
CA LEU Y 156 25.10 28.94 -32.55
C LEU Y 156 24.51 28.73 -31.15
N GLY Y 157 25.23 29.20 -30.14
CA GLY Y 157 24.75 29.07 -28.78
C GLY Y 157 23.38 29.71 -28.64
N LYS Y 158 23.29 31.00 -28.96
CA LYS Y 158 22.03 31.72 -28.86
C LYS Y 158 20.90 30.96 -29.58
N ARG Y 159 21.17 30.53 -30.80
CA ARG Y 159 20.19 29.81 -31.60
C ARG Y 159 19.81 28.50 -30.92
N SER Y 160 20.78 27.84 -30.29
CA SER Y 160 20.53 26.57 -29.60
C SER Y 160 19.53 26.74 -28.45
N ILE Y 161 19.70 27.79 -27.66
CA ILE Y 161 18.79 28.07 -26.55
C ILE Y 161 17.43 28.47 -27.14
N LEU Y 162 17.43 29.17 -28.27
CA LEU Y 162 16.18 29.57 -28.91
C LEU Y 162 15.38 28.31 -29.27
N ALA Y 163 16.08 27.32 -29.82
CA ALA Y 163 15.48 26.05 -30.22
C ALA Y 163 14.76 25.39 -29.02
N ALA Y 164 15.44 25.34 -27.88
CA ALA Y 164 14.88 24.75 -26.68
C ALA Y 164 13.71 25.58 -26.15
N ALA Y 165 13.86 26.89 -26.14
CA ALA Y 165 12.81 27.79 -25.65
C ALA Y 165 11.51 27.50 -26.40
N HIS Y 166 11.65 27.22 -27.68
CA HIS Y 166 10.52 26.94 -28.56
C HIS Y 166 9.86 25.60 -28.34
N ARG Y 167 10.65 24.54 -28.31
CA ARG Y 167 10.14 23.18 -28.17
C ARG Y 167 9.86 22.69 -26.75
N ASP Y 168 10.54 23.25 -25.76
CA ASP Y 168 10.37 22.86 -24.37
C ASP Y 168 9.42 23.83 -23.71
N ALA Y 169 8.32 23.29 -23.19
CA ALA Y 169 7.31 24.09 -22.52
C ALA Y 169 7.90 24.71 -21.27
N TYR Y 170 8.92 24.07 -20.71
CA TYR Y 170 9.54 24.57 -19.50
C TYR Y 170 10.74 25.52 -19.68
N SER Y 171 11.01 25.90 -20.93
CA SER Y 171 12.10 26.80 -21.23
C SER Y 171 11.51 27.99 -21.98
N GLY Y 172 12.22 29.12 -21.92
CA GLY Y 172 11.74 30.31 -22.60
C GLY Y 172 12.19 31.61 -21.96
N GLY Y 173 11.48 32.68 -22.28
CA GLY Y 173 11.80 34.00 -21.76
C GLY Y 173 12.78 34.77 -22.63
N SER Y 174 14.06 34.72 -22.27
CA SER Y 174 15.07 35.43 -23.02
C SER Y 174 16.37 34.63 -22.98
N VAL Y 175 17.32 35.02 -23.81
CA VAL Y 175 18.61 34.33 -23.83
C VAL Y 175 19.68 35.23 -23.23
N ASN Y 176 20.58 34.62 -22.47
CA ASN Y 176 21.66 35.38 -21.88
C ASN Y 176 22.93 34.75 -22.39
N LEU Y 177 23.72 35.56 -23.09
CA LEU Y 177 24.98 35.13 -23.68
C LEU Y 177 26.24 35.61 -22.99
N TYR Y 178 27.22 34.72 -22.94
CA TYR Y 178 28.52 35.04 -22.36
C TYR Y 178 29.61 34.42 -23.22
N HIS Y 179 30.75 35.08 -23.25
CA HIS Y 179 31.90 34.58 -23.97
C HIS Y 179 33.03 34.58 -22.95
N VAL Y 180 33.76 33.49 -22.86
CA VAL Y 180 34.86 33.43 -21.90
C VAL Y 180 36.21 33.33 -22.60
N THR Y 181 37.08 34.29 -22.29
CA THR Y 181 38.44 34.38 -22.85
C THR Y 181 39.37 34.55 -21.67
N GLU Y 182 40.68 34.59 -21.90
CA GLU Y 182 41.58 34.72 -20.76
C GLU Y 182 41.46 36.01 -19.95
N ASP Y 183 40.75 37.00 -20.48
CA ASP Y 183 40.59 38.24 -19.74
C ASP Y 183 39.25 38.25 -19.03
N GLY Y 184 38.75 37.05 -18.76
CA GLY Y 184 37.47 36.90 -18.09
C GLY Y 184 36.34 36.71 -19.09
N TRP Y 185 35.12 36.83 -18.59
CA TRP Y 185 33.95 36.67 -19.41
C TRP Y 185 33.52 38.01 -20.01
N ILE Y 186 32.79 37.94 -21.12
CA ILE Y 186 32.27 39.12 -21.76
C ILE Y 186 30.78 38.91 -21.91
N TYR Y 187 29.99 39.80 -21.34
CA TYR Y 187 28.55 39.65 -21.46
C TYR Y 187 28.17 39.98 -22.88
N HIS Y 188 27.25 39.21 -23.46
CA HIS Y 188 26.81 39.45 -24.82
C HIS Y 188 25.32 39.65 -24.97
N GLY Y 189 24.72 40.27 -23.96
CA GLY Y 189 23.30 40.58 -24.01
C GLY Y 189 22.19 39.62 -23.61
N ASN Y 190 21.03 40.23 -23.45
CA ASN Y 190 19.79 39.55 -23.09
C ASN Y 190 18.89 39.65 -24.31
N HIS Y 191 18.56 38.51 -24.90
CA HIS Y 191 17.72 38.47 -26.08
C HIS Y 191 16.35 37.86 -25.83
N ASP Y 192 15.34 38.70 -25.70
CA ASP Y 192 13.99 38.25 -25.46
C ASP Y 192 13.50 37.42 -26.65
N VAL Y 193 13.07 36.20 -26.38
CA VAL Y 193 12.57 35.29 -27.41
C VAL Y 193 11.36 35.87 -28.14
N GLY Y 194 10.66 36.77 -27.45
CA GLY Y 194 9.49 37.40 -28.03
C GLY Y 194 9.80 38.09 -29.34
N GLU Y 195 11.03 38.56 -29.49
CA GLU Y 195 11.44 39.22 -30.72
C GLU Y 195 12.53 38.44 -31.43
N LEU Y 196 13.34 37.74 -30.65
CA LEU Y 196 14.42 36.93 -31.23
C LEU Y 196 13.92 35.86 -32.19
N PHE Y 197 12.82 35.20 -31.81
CA PHE Y 197 12.25 34.14 -32.63
C PHE Y 197 11.88 34.62 -34.03
N TRP Y 198 11.03 35.63 -34.10
CA TRP Y 198 10.59 36.18 -35.38
C TRP Y 198 11.77 36.71 -36.19
N LYS Y 199 12.70 37.39 -35.51
CA LYS Y 199 13.86 37.91 -36.19
C LYS Y 199 14.59 36.73 -36.84
N VAL Y 200 14.94 35.72 -36.06
CA VAL Y 200 15.64 34.56 -36.61
C VAL Y 200 14.83 33.87 -37.70
N LYS Y 201 13.53 33.74 -37.49
CA LYS Y 201 12.69 33.07 -38.47
C LYS Y 201 12.84 33.75 -39.83
N GLU Y 202 12.64 35.06 -39.87
CA GLU Y 202 12.73 35.79 -41.11
C GLU Y 202 14.15 35.74 -41.70
N GLU Y 203 15.12 36.22 -40.93
CA GLU Y 203 16.49 36.25 -41.40
C GLU Y 203 17.08 34.91 -41.80
N GLU Y 204 16.86 33.89 -40.99
CA GLU Y 204 17.42 32.56 -41.28
C GLU Y 204 16.51 31.68 -42.14
N GLY Y 205 15.21 31.93 -42.07
CA GLY Y 205 14.26 31.15 -42.85
C GLY Y 205 13.97 29.78 -42.25
N SER Y 206 14.33 29.60 -40.98
CA SER Y 206 14.11 28.34 -40.29
C SER Y 206 12.78 28.46 -39.57
N PHE Y 207 12.45 27.49 -38.71
CA PHE Y 207 11.17 27.48 -38.00
C PHE Y 207 10.10 27.58 -39.06
N ASN Y 208 10.38 26.93 -40.17
CA ASN Y 208 9.48 26.94 -41.29
C ASN Y 208 8.07 26.47 -40.96
N ASN Y 209 7.91 25.67 -39.90
CA ASN Y 209 6.56 25.21 -39.57
C ASN Y 209 5.67 26.35 -39.09
N VAL Y 210 5.93 26.85 -37.88
CA VAL Y 210 5.17 27.97 -37.34
C VAL Y 210 4.78 28.96 -38.46
N ILE Y 211 3.52 29.34 -38.55
CA ILE Y 211 3.16 30.31 -39.59
C ILE Y 211 3.18 31.73 -39.05
N GLY Y 212 3.77 32.62 -39.83
CA GLY Y 212 3.87 34.01 -39.44
C GLY Y 212 3.22 34.95 -40.43
N GLN Z 1 -2.81 10.47 9.94
CA GLN Z 1 -1.48 10.90 10.51
C GLN Z 1 -1.43 12.44 10.59
N PHE Z 2 -0.59 12.95 11.49
CA PHE Z 2 -0.49 14.41 11.66
C PHE Z 2 0.11 15.17 10.49
N ASN Z 3 -0.68 16.10 9.95
CA ASN Z 3 -0.25 16.96 8.87
C ASN Z 3 0.03 18.30 9.53
N PRO Z 4 1.30 18.70 9.57
CA PRO Z 4 1.76 19.96 10.18
C PRO Z 4 1.44 21.22 9.38
N TYR Z 5 0.85 21.07 8.19
CA TYR Z 5 0.52 22.22 7.35
C TYR Z 5 -0.96 22.47 7.12
N GLY Z 6 -1.30 23.73 6.89
CA GLY Z 6 -2.66 24.13 6.61
C GLY Z 6 -2.63 25.18 5.50
N ASP Z 7 -3.80 25.63 5.07
CA ASP Z 7 -3.89 26.64 4.01
C ASP Z 7 -4.92 27.64 4.49
N ASN Z 8 -4.54 28.92 4.56
CA ASN Z 8 -5.46 29.93 5.04
C ASN Z 8 -5.95 30.90 3.98
N GLY Z 9 -5.69 30.56 2.72
CA GLY Z 9 -6.15 31.39 1.62
C GLY Z 9 -5.54 32.78 1.47
N GLY Z 10 -6.38 33.71 1.03
CA GLY Z 10 -5.93 35.07 0.82
C GLY Z 10 -5.05 35.21 -0.41
N THR Z 11 -4.74 36.45 -0.76
CA THR Z 11 -3.91 36.74 -1.90
C THR Z 11 -3.25 38.09 -1.67
N ILE Z 12 -2.08 38.29 -2.26
CA ILE Z 12 -1.36 39.53 -2.10
C ILE Z 12 -0.77 39.99 -3.43
N LEU Z 13 -0.41 41.26 -3.49
CA LEU Z 13 0.11 41.83 -4.72
C LEU Z 13 0.98 43.06 -4.46
N GLY Z 14 2.07 43.19 -5.21
CA GLY Z 14 2.96 44.33 -5.06
C GLY Z 14 3.26 45.02 -6.38
N ILE Z 15 3.11 46.34 -6.41
CA ILE Z 15 3.38 47.14 -7.62
C ILE Z 15 4.42 48.19 -7.24
N ALA Z 16 5.40 48.38 -8.12
CA ALA Z 16 6.44 49.37 -7.86
C ALA Z 16 6.28 50.58 -8.75
N GLY Z 17 6.29 51.76 -8.14
CA GLY Z 17 6.18 53.01 -8.87
C GLY Z 17 7.56 53.63 -8.99
N GLU Z 18 7.66 54.80 -9.62
CA GLU Z 18 8.94 55.47 -9.80
C GLU Z 18 9.56 55.95 -8.49
N ASP Z 19 8.73 56.41 -7.56
CA ASP Z 19 9.24 56.89 -6.29
C ASP Z 19 8.41 56.37 -5.12
N PHE Z 20 7.75 55.23 -5.36
CA PHE Z 20 6.92 54.60 -4.34
C PHE Z 20 6.70 53.14 -4.72
N ALA Z 21 5.99 52.42 -3.85
CA ALA Z 21 5.67 51.02 -4.10
C ALA Z 21 4.49 50.68 -3.21
N VAL Z 22 3.72 49.68 -3.62
CA VAL Z 22 2.58 49.25 -2.83
C VAL Z 22 2.58 47.73 -2.62
N LEU Z 23 2.02 47.30 -1.50
CA LEU Z 23 1.90 45.90 -1.18
C LEU Z 23 0.52 45.75 -0.60
N ALA Z 24 -0.34 45.04 -1.31
CA ALA Z 24 -1.71 44.85 -0.88
C ALA Z 24 -2.10 43.40 -0.68
N GLY Z 25 -3.13 43.19 0.11
CA GLY Z 25 -3.61 41.85 0.36
C GLY Z 25 -5.04 41.89 0.89
N ASP Z 26 -5.82 40.86 0.64
CA ASP Z 26 -7.17 40.86 1.15
C ASP Z 26 -7.02 40.54 2.62
N THR Z 27 -8.11 40.65 3.37
CA THR Z 27 -8.02 40.42 4.80
C THR Z 27 -8.80 39.21 5.27
N ARG Z 28 -9.17 38.36 4.32
CA ARG Z 28 -9.90 37.15 4.64
C ARG Z 28 -8.92 36.04 5.03
N ASN Z 29 -9.25 35.31 6.08
CA ASN Z 29 -8.45 34.21 6.58
C ASN Z 29 -9.41 33.04 6.68
N ILE Z 30 -9.11 31.96 5.96
CA ILE Z 30 -10.00 30.80 5.94
C ILE Z 30 -9.34 29.47 6.31
N THR Z 31 -10.18 28.46 6.49
CA THR Z 31 -9.79 27.07 6.79
C THR Z 31 -10.85 26.24 6.07
N ASP Z 32 -10.43 25.51 5.05
CA ASP Z 32 -11.35 24.70 4.27
C ASP Z 32 -12.45 25.60 3.73
N TYR Z 33 -13.70 25.31 4.07
CA TYR Z 33 -14.81 26.11 3.57
C TYR Z 33 -15.41 27.10 4.56
N SER Z 34 -14.67 27.39 5.62
CA SER Z 34 -15.12 28.34 6.63
C SER Z 34 -14.24 29.56 6.67
N ILE Z 35 -14.82 30.67 7.13
CA ILE Z 35 -14.08 31.92 7.28
C ILE Z 35 -13.68 32.00 8.75
N ASN Z 36 -12.40 32.21 9.00
CA ASN Z 36 -11.89 32.32 10.36
C ASN Z 36 -12.02 33.78 10.76
N SER Z 37 -11.78 34.66 9.80
CA SER Z 37 -11.88 36.09 10.06
C SER Z 37 -12.04 36.85 8.77
N ARG Z 38 -12.82 37.93 8.81
CA ARG Z 38 -13.04 38.77 7.65
C ARG Z 38 -11.99 39.88 7.65
N TYR Z 39 -11.35 40.06 8.80
CA TYR Z 39 -10.29 41.06 8.95
C TYR Z 39 -9.12 40.62 9.84
N GLU Z 40 -8.09 40.08 9.20
CA GLU Z 40 -6.89 39.64 9.88
C GLU Z 40 -5.75 40.15 9.00
N PRO Z 41 -5.25 41.36 9.28
CA PRO Z 41 -4.15 41.98 8.51
C PRO Z 41 -3.11 40.96 8.10
N LYS Z 42 -2.58 41.14 6.89
CA LYS Z 42 -1.63 40.19 6.34
C LYS Z 42 -0.36 40.85 5.79
N VAL Z 43 -0.39 42.18 5.68
CA VAL Z 43 0.76 42.95 5.19
C VAL Z 43 1.27 43.82 6.33
N PHE Z 44 2.58 43.79 6.58
CA PHE Z 44 3.18 44.53 7.71
C PHE Z 44 4.31 45.52 7.43
N ASP Z 45 4.38 46.54 8.28
CA ASP Z 45 5.42 47.56 8.23
C ASP Z 45 6.50 47.00 9.14
N CYS Z 46 7.62 46.61 8.55
CA CYS Z 46 8.72 46.03 9.31
C CYS Z 46 9.76 47.06 9.74
N GLY Z 47 9.55 48.30 9.34
CA GLY Z 47 10.50 49.34 9.67
C GLY Z 47 11.39 49.61 8.47
N ASP Z 48 12.20 50.67 8.56
CA ASP Z 48 13.11 51.06 7.49
C ASP Z 48 12.41 51.17 6.13
N ASN Z 49 11.13 51.50 6.17
CA ASN Z 49 10.33 51.63 4.95
C ASN Z 49 10.24 50.35 4.17
N ILE Z 50 10.11 49.25 4.89
CA ILE Z 50 9.98 47.95 4.26
C ILE Z 50 8.69 47.29 4.73
N VAL Z 51 7.86 46.92 3.76
CA VAL Z 51 6.61 46.24 4.02
C VAL Z 51 6.76 44.81 3.51
N MET Z 52 6.16 43.87 4.24
CA MET Z 52 6.27 42.47 3.89
C MET Z 52 5.01 41.68 4.17
N SER Z 53 4.86 40.58 3.44
CA SER Z 53 3.71 39.70 3.60
C SER Z 53 4.13 38.30 3.14
N ALA Z 54 3.92 37.32 4.01
CA ALA Z 54 4.25 35.93 3.71
C ALA Z 54 2.91 35.22 3.75
N ASN Z 55 2.35 34.97 2.58
CA ASN Z 55 1.03 34.37 2.45
C ASN Z 55 1.02 32.86 2.15
N GLY Z 56 0.09 32.16 2.79
CA GLY Z 56 -0.06 30.73 2.62
C GLY Z 56 -0.55 30.11 3.92
N PHE Z 57 0.31 29.34 4.58
CA PHE Z 57 -0.05 28.77 5.87
C PHE Z 57 0.26 29.92 6.81
N ALA Z 58 -0.78 30.53 7.37
CA ALA Z 58 -0.62 31.68 8.26
C ALA Z 58 0.33 31.50 9.44
N ALA Z 59 0.35 30.31 10.04
CA ALA Z 59 1.27 30.09 11.15
C ALA Z 59 2.70 30.28 10.68
N ASP Z 60 3.01 29.75 9.50
CA ASP Z 60 4.34 29.89 8.94
C ASP Z 60 4.59 31.34 8.52
N GLY Z 61 3.57 31.96 7.95
CA GLY Z 61 3.69 33.34 7.51
C GLY Z 61 4.04 34.27 8.66
N ASP Z 62 3.36 34.10 9.79
CA ASP Z 62 3.64 34.95 10.94
C ASP Z 62 5.03 34.71 11.50
N ALA Z 63 5.45 33.44 11.54
CA ALA Z 63 6.77 33.10 12.05
C ALA Z 63 7.83 33.81 11.21
N LEU Z 64 7.64 33.82 9.90
CA LEU Z 64 8.60 34.46 9.02
C LEU Z 64 8.70 35.96 9.27
N VAL Z 65 7.57 36.67 9.18
CA VAL Z 65 7.56 38.12 9.41
C VAL Z 65 8.18 38.46 10.75
N LYS Z 66 7.85 37.66 11.76
CA LYS Z 66 8.36 37.85 13.10
C LYS Z 66 9.90 37.69 13.14
N ARG Z 67 10.39 36.66 12.46
CA ARG Z 67 11.82 36.40 12.43
C ARG Z 67 12.57 37.47 11.62
N PHE Z 68 11.93 38.01 10.60
CA PHE Z 68 12.56 39.04 9.80
C PHE Z 68 12.61 40.35 10.59
N LYS Z 69 11.50 40.73 11.20
CA LYS Z 69 11.45 41.96 11.99
C LYS Z 69 12.51 41.91 13.07
N ASN Z 70 12.70 40.73 13.63
CA ASN Z 70 13.69 40.56 14.68
C ASN Z 70 15.08 40.74 14.09
N SER Z 71 15.21 40.42 12.81
CA SER Z 71 16.50 40.57 12.15
C SER Z 71 16.78 42.05 11.98
N VAL Z 72 15.73 42.79 11.65
CA VAL Z 72 15.87 44.24 11.46
C VAL Z 72 16.31 44.86 12.78
N LYS Z 73 15.66 44.45 13.86
CA LYS Z 73 15.96 44.95 15.19
C LYS Z 73 17.44 44.76 15.52
N TRP Z 74 17.96 43.56 15.27
CA TRP Z 74 19.36 43.31 15.56
C TRP Z 74 20.27 44.04 14.60
N TYR Z 75 19.82 44.23 13.37
CA TYR Z 75 20.64 44.95 12.41
C TYR Z 75 20.90 46.34 13.01
N HIS Z 76 19.87 46.96 13.55
CA HIS Z 76 20.02 48.28 14.14
C HIS Z 76 20.98 48.25 15.33
N PHE Z 77 20.89 47.22 16.16
CA PHE Z 77 21.80 47.13 17.29
C PHE Z 77 23.22 46.97 16.77
N ASP Z 78 23.44 45.92 16.00
CA ASP Z 78 24.76 45.63 15.46
C ASP Z 78 25.41 46.67 14.55
N HIS Z 79 24.61 47.43 13.82
CA HIS Z 79 25.23 48.41 12.92
C HIS Z 79 24.84 49.85 13.15
N ASN Z 80 24.78 50.22 14.43
CA ASN Z 80 24.50 51.60 14.81
C ASN Z 80 23.21 52.19 14.22
N ASP Z 81 22.13 51.43 14.27
CA ASP Z 81 20.84 51.88 13.74
C ASP Z 81 20.83 52.14 12.24
N LYS Z 82 21.83 51.63 11.53
CA LYS Z 82 21.89 51.78 10.09
C LYS Z 82 20.65 51.18 9.42
N LYS Z 83 20.07 51.93 8.51
CA LYS Z 83 18.89 51.49 7.79
C LYS Z 83 19.23 50.24 6.96
N LEU Z 84 18.31 49.29 6.93
CA LEU Z 84 18.50 48.05 6.18
C LEU Z 84 17.94 48.24 4.78
N SER Z 85 18.79 48.19 3.77
CA SER Z 85 18.32 48.38 2.41
C SER Z 85 17.41 47.22 1.99
N ILE Z 86 16.53 47.49 1.05
CA ILE Z 86 15.61 46.46 0.60
C ILE Z 86 16.30 45.29 -0.08
N ASN Z 87 17.38 45.55 -0.80
CA ASN Z 87 18.10 44.47 -1.46
C ASN Z 87 18.73 43.61 -0.38
N SER Z 88 19.12 44.24 0.73
CA SER Z 88 19.74 43.53 1.82
C SER Z 88 18.72 42.68 2.56
N ALA Z 89 17.53 43.23 2.73
CA ALA Z 89 16.44 42.53 3.41
C ALA Z 89 16.10 41.28 2.63
N ALA Z 90 16.15 41.39 1.31
CA ALA Z 90 15.85 40.28 0.43
C ALA Z 90 16.85 39.16 0.59
N ARG Z 91 18.13 39.49 0.68
CA ARG Z 91 19.12 38.45 0.85
C ARG Z 91 18.93 37.80 2.20
N ASN Z 92 18.52 38.60 3.17
CA ASN Z 92 18.33 38.06 4.50
C ASN Z 92 17.15 37.10 4.54
N ILE Z 93 16.05 37.50 3.90
CA ILE Z 93 14.87 36.66 3.89
C ILE Z 93 15.13 35.34 3.15
N GLN Z 94 16.04 35.36 2.18
CA GLN Z 94 16.37 34.16 1.46
C GLN Z 94 17.00 33.16 2.42
N HIS Z 95 17.87 33.65 3.30
CA HIS Z 95 18.51 32.77 4.24
C HIS Z 95 17.52 32.26 5.28
N LEU Z 96 16.53 33.10 5.63
CA LEU Z 96 15.52 32.70 6.60
C LEU Z 96 14.75 31.53 6.02
N LEU Z 97 14.34 31.68 4.76
CA LEU Z 97 13.57 30.64 4.08
C LEU Z 97 14.39 29.38 3.75
N TYR Z 98 15.56 29.56 3.15
CA TYR Z 98 16.36 28.40 2.78
C TYR Z 98 16.88 27.68 4.00
N GLY Z 99 16.84 28.37 5.13
CA GLY Z 99 17.29 27.76 6.37
C GLY Z 99 16.36 26.61 6.74
N LYS Z 100 15.13 26.65 6.25
CA LYS Z 100 14.17 25.59 6.53
C LYS Z 100 13.91 24.84 5.22
N ARG Z 101 14.97 24.68 4.41
CA ARG Z 101 14.87 24.01 3.12
C ARG Z 101 14.29 22.62 3.19
N PHE Z 102 14.51 21.93 4.31
CA PHE Z 102 13.99 20.57 4.40
C PHE Z 102 12.75 20.41 5.27
N PHE Z 103 12.12 21.53 5.58
CA PHE Z 103 10.88 21.59 6.37
C PHE Z 103 10.45 23.04 6.22
N PRO Z 104 10.19 23.45 4.97
CA PRO Z 104 9.77 24.79 4.50
C PRO Z 104 8.59 25.49 5.15
N TYR Z 105 8.64 26.81 5.05
CA TYR Z 105 7.58 27.70 5.50
C TYR Z 105 6.65 27.66 4.30
N TYR Z 106 5.41 27.21 4.48
CA TYR Z 106 4.49 27.15 3.36
C TYR Z 106 3.95 28.52 3.00
N VAL Z 107 4.83 29.39 2.53
CA VAL Z 107 4.42 30.73 2.18
C VAL Z 107 5.07 31.26 0.92
N HIS Z 108 4.35 32.19 0.29
CA HIS Z 108 4.80 32.89 -0.91
C HIS Z 108 4.94 34.30 -0.34
N THR Z 109 6.16 34.82 -0.26
CA THR Z 109 6.31 36.14 0.31
C THR Z 109 6.76 37.27 -0.64
N ILE Z 110 6.32 38.48 -0.33
CA ILE Z 110 6.65 39.66 -1.10
C ILE Z 110 6.98 40.83 -0.15
N ILE Z 111 7.94 41.66 -0.55
CA ILE Z 111 8.28 42.84 0.22
C ILE Z 111 8.38 44.01 -0.74
N ALA Z 112 8.06 45.19 -0.24
CA ALA Z 112 8.10 46.40 -1.06
C ALA Z 112 8.80 47.51 -0.30
N GLY Z 113 9.39 48.42 -1.05
CA GLY Z 113 10.10 49.54 -0.45
C GLY Z 113 10.73 50.40 -1.52
N LEU Z 114 11.86 51.01 -1.20
CA LEU Z 114 12.57 51.87 -2.15
C LEU Z 114 14.03 51.44 -2.21
N ASP Z 115 14.60 51.42 -3.41
CA ASP Z 115 16.01 51.05 -3.53
C ASP Z 115 16.88 52.21 -3.06
N GLU Z 116 18.18 52.02 -3.08
CA GLU Z 116 19.09 53.06 -2.61
C GLU Z 116 19.14 54.31 -3.48
N ASP Z 117 18.33 54.36 -4.53
CA ASP Z 117 18.28 55.52 -5.42
C ASP Z 117 16.91 56.20 -5.33
N GLY Z 118 16.12 55.79 -4.33
CA GLY Z 118 14.80 56.34 -4.14
C GLY Z 118 13.70 55.74 -4.99
N LYS Z 119 14.05 54.87 -5.94
CA LYS Z 119 13.04 54.24 -6.82
C LYS Z 119 12.20 53.14 -6.13
N GLY Z 120 10.97 52.97 -6.58
CA GLY Z 120 10.11 51.94 -6.00
C GLY Z 120 10.65 50.54 -6.27
N ALA Z 121 10.53 49.65 -5.29
CA ALA Z 121 11.04 48.30 -5.46
C ALA Z 121 10.18 47.19 -4.85
N VAL Z 122 10.03 46.12 -5.61
CA VAL Z 122 9.26 44.98 -5.17
C VAL Z 122 10.07 43.70 -5.35
N TYR Z 123 10.11 42.88 -4.29
CA TYR Z 123 10.82 41.61 -4.28
C TYR Z 123 9.85 40.53 -3.86
N SER Z 124 9.93 39.37 -4.50
CA SER Z 124 9.06 38.25 -4.15
C SER Z 124 9.92 37.01 -3.97
N PHE Z 125 9.40 36.02 -3.25
CA PHE Z 125 10.17 34.82 -2.97
C PHE Z 125 9.49 33.49 -3.19
N ASP Z 126 10.34 32.48 -3.24
CA ASP Z 126 10.00 31.07 -3.39
C ASP Z 126 9.70 30.60 -1.99
N PRO Z 127 8.99 29.48 -1.84
CA PRO Z 127 8.74 29.04 -0.47
C PRO Z 127 10.11 28.65 0.12
N VAL Z 128 11.07 28.35 -0.74
CA VAL Z 128 12.39 28.02 -0.24
C VAL Z 128 13.48 29.05 -0.48
N GLY Z 129 13.09 30.29 -0.79
CA GLY Z 129 14.09 31.32 -0.95
C GLY Z 129 14.47 31.89 -2.31
N SER Z 130 14.08 31.29 -3.41
CA SER Z 130 14.47 31.89 -4.69
C SER Z 130 13.76 33.24 -4.86
N TYR Z 131 14.52 34.31 -5.07
CA TYR Z 131 13.90 35.64 -5.24
C TYR Z 131 14.39 36.45 -6.44
N GLU Z 132 13.57 37.40 -6.85
CA GLU Z 132 13.88 38.25 -7.99
C GLU Z 132 13.27 39.62 -7.67
N ARG Z 133 13.84 40.68 -8.24
CA ARG Z 133 13.28 42.01 -8.03
C ARG Z 133 12.45 42.26 -9.28
N GLU Z 134 11.24 42.77 -9.12
CA GLU Z 134 10.36 43.02 -10.26
C GLU Z 134 9.55 44.30 -10.12
N GLN Z 135 8.84 44.64 -11.18
CA GLN Z 135 8.02 45.84 -11.16
C GLN Z 135 6.67 45.57 -10.53
N CYS Z 136 6.23 44.31 -10.56
CA CYS Z 136 4.95 43.91 -9.99
C CYS Z 136 4.95 42.40 -9.74
N ARG Z 137 4.04 41.95 -8.88
CA ARG Z 137 3.95 40.53 -8.58
C ARG Z 137 2.77 40.20 -7.67
N ALA Z 138 2.02 39.18 -8.06
CA ALA Z 138 0.89 38.72 -7.27
C ALA Z 138 1.30 37.39 -6.61
N GLY Z 139 0.82 37.17 -5.40
CA GLY Z 139 1.16 35.95 -4.68
C GLY Z 139 -0.05 35.43 -3.91
N GLY Z 140 -0.05 34.13 -3.63
CA GLY Z 140 -1.16 33.55 -2.91
C GLY Z 140 -2.18 32.87 -3.78
N ALA Z 141 -3.33 32.55 -3.18
CA ALA Z 141 -4.41 31.84 -3.85
C ALA Z 141 -4.82 32.32 -5.24
N ALA Z 142 -5.04 33.63 -5.42
CA ALA Z 142 -5.47 34.13 -6.72
C ALA Z 142 -4.35 34.66 -7.60
N ALA Z 143 -3.11 34.32 -7.26
CA ALA Z 143 -1.95 34.76 -8.03
C ALA Z 143 -2.09 34.47 -9.51
N SER Z 144 -2.58 33.27 -9.84
CA SER Z 144 -2.73 32.88 -11.24
C SER Z 144 -3.82 33.68 -11.96
N LEU Z 145 -4.67 34.35 -11.19
CA LEU Z 145 -5.72 35.17 -11.79
C LEU Z 145 -5.22 36.58 -12.04
N ILE Z 146 -4.46 37.09 -11.07
CA ILE Z 146 -3.94 38.44 -11.10
C ILE Z 146 -2.68 38.69 -11.91
N MET Z 147 -1.67 37.86 -11.76
CA MET Z 147 -0.41 38.05 -12.49
C MET Z 147 -0.59 38.36 -13.98
N PRO Z 148 -1.39 37.55 -14.70
CA PRO Z 148 -1.57 37.82 -16.12
C PRO Z 148 -2.03 39.26 -16.35
N PHE Z 149 -3.00 39.69 -15.55
CA PHE Z 149 -3.55 41.03 -15.65
C PHE Z 149 -2.46 42.09 -15.45
N LEU Z 150 -1.61 41.85 -14.45
CA LEU Z 150 -0.51 42.74 -14.16
C LEU Z 150 0.51 42.74 -15.28
N ASP Z 151 0.78 41.58 -15.87
CA ASP Z 151 1.75 41.52 -16.96
C ASP Z 151 1.30 42.45 -18.08
N ASN Z 152 -0.01 42.48 -18.30
CA ASN Z 152 -0.61 43.28 -19.34
C ASN Z 152 -0.72 44.77 -19.03
N GLN Z 153 -1.30 45.10 -17.87
CA GLN Z 153 -1.52 46.49 -17.49
C GLN Z 153 -0.38 47.26 -16.82
N VAL Z 154 0.66 46.56 -16.37
CA VAL Z 154 1.78 47.22 -15.71
C VAL Z 154 3.03 47.17 -16.56
N ASN Z 155 3.17 46.13 -17.38
CA ASN Z 155 4.33 45.99 -18.25
C ASN Z 155 3.93 45.92 -19.72
N PHE Z 156 2.69 46.32 -20.00
CA PHE Z 156 2.15 46.37 -21.35
C PHE Z 156 2.46 45.19 -22.27
N LYS Z 157 2.49 44.00 -21.71
CA LYS Z 157 2.78 42.80 -22.50
C LYS Z 157 1.71 42.56 -23.56
N ASN Z 158 2.17 42.16 -24.75
CA ASN Z 158 1.29 41.88 -25.89
C ASN Z 158 0.54 43.11 -26.37
N GLN Z 159 1.06 44.28 -26.03
CA GLN Z 159 0.45 45.52 -26.46
C GLN Z 159 1.35 46.24 -27.43
N TYR Z 160 0.79 46.70 -28.54
CA TYR Z 160 1.57 47.43 -29.54
C TYR Z 160 0.97 48.79 -29.87
N GLU Z 161 1.74 49.56 -30.64
CA GLU Z 161 1.31 50.87 -31.08
C GLU Z 161 0.37 50.62 -32.24
N PRO Z 162 -0.85 51.15 -32.17
CA PRO Z 162 -1.81 50.94 -33.25
C PRO Z 162 -1.25 51.36 -34.62
N GLY Z 163 -1.84 50.82 -35.67
CA GLY Z 163 -1.43 51.15 -37.03
C GLY Z 163 -0.02 50.77 -37.45
N THR Z 164 0.90 50.64 -36.51
CA THR Z 164 2.28 50.28 -36.82
C THR Z 164 2.46 48.81 -37.19
N ASN Z 165 1.37 48.15 -37.55
CA ASN Z 165 1.38 46.74 -37.93
C ASN Z 165 2.07 45.84 -36.90
N GLY Z 166 1.68 45.97 -35.64
CA GLY Z 166 2.26 45.16 -34.59
C GLY Z 166 3.77 45.07 -34.64
N LYS Z 167 4.41 46.18 -35.01
CA LYS Z 167 5.86 46.22 -35.10
C LYS Z 167 6.45 47.03 -33.93
N VAL Z 168 5.72 48.06 -33.51
CA VAL Z 168 6.17 48.91 -32.42
C VAL Z 168 5.49 48.53 -31.11
N LYS Z 169 6.29 48.14 -30.13
CA LYS Z 169 5.77 47.76 -28.81
C LYS Z 169 5.29 48.98 -28.04
N LYS Z 170 4.29 48.78 -27.19
CA LYS Z 170 3.81 49.90 -26.42
C LYS Z 170 4.93 50.34 -25.49
N PRO Z 171 5.28 51.63 -25.52
CA PRO Z 171 6.36 52.14 -24.67
C PRO Z 171 6.09 51.83 -23.20
N LEU Z 172 7.14 51.81 -22.38
CA LEU Z 172 6.99 51.51 -20.96
C LEU Z 172 6.85 52.71 -20.04
N LYS Z 173 5.90 53.58 -20.33
CA LYS Z 173 5.67 54.76 -19.47
C LYS Z 173 5.52 54.23 -18.03
N TYR Z 174 5.55 55.11 -17.04
CA TYR Z 174 5.37 54.60 -15.70
C TYR Z 174 4.18 55.09 -14.91
N LEU Z 175 3.59 54.17 -14.16
CA LEU Z 175 2.39 54.41 -13.38
C LEU Z 175 2.49 55.26 -12.14
N SER Z 176 1.48 56.10 -11.95
CA SER Z 176 1.40 56.97 -10.80
C SER Z 176 0.63 56.23 -9.71
N VAL Z 177 0.85 56.63 -8.46
CA VAL Z 177 0.19 55.99 -7.35
C VAL Z 177 -1.32 55.90 -7.56
N GLU Z 178 -1.92 56.92 -8.17
CA GLU Z 178 -3.36 56.91 -8.39
C GLU Z 178 -3.77 55.80 -9.35
N GLU Z 179 -2.99 55.63 -10.41
CA GLU Z 179 -3.27 54.61 -11.40
C GLU Z 179 -2.95 53.21 -10.83
N VAL Z 180 -1.93 53.14 -9.98
CA VAL Z 180 -1.53 51.87 -9.38
C VAL Z 180 -2.64 51.38 -8.45
N ILE Z 181 -3.22 52.28 -7.67
CA ILE Z 181 -4.28 51.93 -6.75
C ILE Z 181 -5.51 51.42 -7.49
N LYS Z 182 -5.73 51.92 -8.70
CA LYS Z 182 -6.88 51.49 -9.48
C LYS Z 182 -6.71 50.03 -9.89
N LEU Z 183 -5.51 49.68 -10.34
CA LEU Z 183 -5.21 48.32 -10.75
C LEU Z 183 -5.35 47.37 -9.57
N VAL Z 184 -4.85 47.78 -8.42
CA VAL Z 184 -4.93 46.97 -7.23
C VAL Z 184 -6.37 46.68 -6.88
N ARG Z 185 -7.22 47.71 -6.93
CA ARG Z 185 -8.62 47.51 -6.60
C ARG Z 185 -9.32 46.64 -7.63
N ASP Z 186 -9.04 46.88 -8.91
CA ASP Z 186 -9.65 46.09 -9.95
C ASP Z 186 -9.11 44.66 -9.94
N SER Z 187 -7.84 44.51 -9.56
CA SER Z 187 -7.23 43.19 -9.48
C SER Z 187 -7.94 42.37 -8.42
N PHE Z 188 -8.21 42.99 -7.27
CA PHE Z 188 -8.87 42.28 -6.18
C PHE Z 188 -10.35 42.02 -6.36
N THR Z 189 -11.08 42.99 -6.91
CA THR Z 189 -12.52 42.77 -7.11
C THR Z 189 -12.68 41.63 -8.11
N SER Z 190 -11.74 41.53 -9.04
CA SER Z 190 -11.82 40.46 -10.04
C SER Z 190 -11.50 39.12 -9.37
N ALA Z 191 -10.42 39.08 -8.62
CA ALA Z 191 -10.05 37.86 -7.93
C ALA Z 191 -11.19 37.46 -7.02
N THR Z 192 -11.81 38.43 -6.38
CA THR Z 192 -12.92 38.16 -5.46
C THR Z 192 -14.13 37.54 -6.14
N GLU Z 193 -14.31 37.85 -7.42
CA GLU Z 193 -15.44 37.30 -8.18
C GLU Z 193 -15.30 35.81 -8.50
N ARG Z 194 -14.09 35.35 -8.80
CA ARG Z 194 -13.89 33.96 -9.18
C ARG Z 194 -13.19 33.03 -8.21
N HIS Z 195 -12.64 33.59 -7.14
CA HIS Z 195 -11.94 32.76 -6.17
C HIS Z 195 -12.58 32.86 -4.80
N ILE Z 196 -13.07 31.72 -4.32
CA ILE Z 196 -13.77 31.65 -3.03
C ILE Z 196 -12.94 31.97 -1.78
N GLN Z 197 -11.63 31.94 -1.88
CA GLN Z 197 -10.81 32.25 -0.71
C GLN Z 197 -10.42 33.72 -0.65
N VAL Z 198 -10.83 34.49 -1.66
CA VAL Z 198 -10.50 35.92 -1.69
C VAL Z 198 -11.73 36.80 -1.48
N GLY Z 199 -11.63 37.76 -0.56
CA GLY Z 199 -12.76 38.65 -0.29
C GLY Z 199 -12.70 39.46 1.00
N ASP Z 200 -13.86 39.87 1.49
CA ASP Z 200 -14.03 40.61 2.74
C ASP Z 200 -13.44 42.02 2.79
N GLY Z 201 -12.14 42.14 2.56
CA GLY Z 201 -11.53 43.45 2.60
C GLY Z 201 -10.18 43.51 1.92
N LEU Z 202 -9.78 44.72 1.53
CA LEU Z 202 -8.51 44.98 0.86
C LEU Z 202 -7.72 46.03 1.63
N GLU Z 203 -6.51 45.69 2.03
CA GLU Z 203 -5.67 46.61 2.77
C GLU Z 203 -4.41 46.84 1.97
N ILE Z 204 -4.15 48.11 1.66
CA ILE Z 204 -3.00 48.49 0.87
C ILE Z 204 -2.03 49.33 1.69
N LEU Z 205 -0.74 49.01 1.59
CA LEU Z 205 0.29 49.76 2.29
C LEU Z 205 1.13 50.43 1.20
N ILE Z 206 1.17 51.76 1.22
CA ILE Z 206 1.95 52.53 0.25
C ILE Z 206 3.24 53.03 0.89
N VAL Z 207 4.36 52.81 0.20
CA VAL Z 207 5.66 53.25 0.72
C VAL Z 207 6.32 54.34 -0.13
N THR Z 208 6.67 55.44 0.52
CA THR Z 208 7.36 56.56 -0.14
C THR Z 208 8.50 56.96 0.77
N LYS Z 209 9.29 57.95 0.35
CA LYS Z 209 10.41 58.40 1.17
C LYS Z 209 9.89 58.88 2.52
N ASP Z 210 8.68 59.43 2.53
CA ASP Z 210 8.08 59.94 3.77
C ASP Z 210 7.59 58.83 4.70
N GLY Z 211 7.55 57.60 4.20
CA GLY Z 211 7.12 56.51 5.06
C GLY Z 211 6.11 55.54 4.49
N VAL Z 212 5.32 54.96 5.40
CA VAL Z 212 4.32 53.95 5.05
C VAL Z 212 2.90 54.41 5.39
N ARG Z 213 2.03 54.47 4.37
CA ARG Z 213 0.64 54.88 4.54
C ARG Z 213 -0.29 53.69 4.24
N LYS Z 214 -1.50 53.71 4.80
CA LYS Z 214 -2.46 52.63 4.59
C LYS Z 214 -3.81 53.09 4.03
N GLU Z 215 -4.41 52.25 3.20
CA GLU Z 215 -5.73 52.51 2.62
C GLU Z 215 -6.52 51.21 2.74
N PHE Z 216 -7.82 51.31 2.99
CA PHE Z 216 -8.64 50.11 3.14
C PHE Z 216 -9.93 50.17 2.34
N TYR Z 217 -10.24 49.08 1.64
CA TYR Z 217 -11.45 48.99 0.85
C TYR Z 217 -12.15 47.67 1.13
N GLU Z 218 -13.46 47.69 1.26
CA GLU Z 218 -14.20 46.47 1.49
C GLU Z 218 -14.24 45.64 0.20
N LEU Z 219 -14.47 44.34 0.36
CA LEU Z 219 -14.59 43.43 -0.77
C LEU Z 219 -15.83 42.63 -0.49
N LYS Z 220 -16.40 41.99 -1.51
CA LYS Z 220 -17.59 41.18 -1.32
C LYS Z 220 -17.34 40.13 -0.23
N ARG Z 221 -18.37 39.87 0.56
CA ARG Z 221 -18.27 38.94 1.66
C ARG Z 221 -18.84 37.53 1.47
N ASP Z 222 -19.23 37.20 0.23
CA ASP Z 222 -19.79 35.89 -0.07
C ASP Z 222 -18.72 34.84 -0.44
N THR AA 1 3.41 12.91 16.81
CA THR AA 1 2.17 12.58 16.07
C THR AA 1 1.32 11.71 16.97
N GLN AA 2 0.07 12.11 17.10
CA GLN AA 2 -0.83 11.40 17.98
C GLN AA 2 -2.24 11.45 17.42
N GLN AA 3 -3.18 11.02 18.26
CA GLN AA 3 -4.57 10.99 17.90
C GLN AA 3 -5.35 11.25 19.19
N PRO AA 4 -6.28 12.20 19.15
CA PRO AA 4 -7.09 12.55 20.31
C PRO AA 4 -7.89 11.35 20.82
N ILE AA 5 -8.01 11.19 22.13
CA ILE AA 5 -8.78 10.09 22.70
C ILE AA 5 -10.06 10.63 23.32
N VAL AA 6 -9.93 11.27 24.48
CA VAL AA 6 -11.08 11.88 25.15
C VAL AA 6 -11.18 13.31 24.58
N THR AA 7 -12.35 13.72 24.11
CA THR AA 7 -12.46 15.05 23.51
C THR AA 7 -13.62 15.97 23.89
N GLY AA 8 -13.36 17.26 23.80
CA GLY AA 8 -14.35 18.25 24.08
C GLY AA 8 -14.75 18.83 22.75
N THR AA 9 -16.03 19.15 22.58
CA THR AA 9 -16.50 19.69 21.33
C THR AA 9 -16.36 21.23 21.31
N SER AA 10 -17.23 21.90 20.57
CA SER AA 10 -17.21 23.35 20.41
C SER AA 10 -16.95 24.27 21.60
N VAL AA 11 -16.35 25.41 21.27
CA VAL AA 11 -16.11 26.48 22.22
C VAL AA 11 -16.55 27.67 21.39
N ILE AA 12 -17.54 28.41 21.87
CA ILE AA 12 -18.01 29.57 21.11
C ILE AA 12 -17.83 30.84 21.91
N SER AA 13 -17.76 31.97 21.21
CA SER AA 13 -17.53 33.23 21.88
C SER AA 13 -17.81 34.43 20.99
N MET AA 14 -17.98 35.59 21.61
CA MET AA 14 -18.22 36.85 20.89
C MET AA 14 -17.95 38.01 21.83
N LYS AA 15 -17.78 39.18 21.26
CA LYS AA 15 -17.55 40.34 22.11
C LYS AA 15 -18.72 41.29 21.97
N TYR AA 16 -19.05 42.01 23.05
CA TYR AA 16 -20.14 42.98 23.02
C TYR AA 16 -19.55 44.35 23.38
N ASP AA 17 -20.39 45.30 23.73
CA ASP AA 17 -19.89 46.65 24.04
C ASP AA 17 -18.88 46.78 25.18
N ASN AA 18 -19.08 46.06 26.28
CA ASN AA 18 -18.19 46.16 27.43
C ASN AA 18 -17.33 44.95 27.75
N GLY AA 19 -17.39 43.91 26.92
CA GLY AA 19 -16.58 42.73 27.17
C GLY AA 19 -16.73 41.60 26.18
N VAL AA 20 -16.54 40.38 26.67
CA VAL AA 20 -16.65 39.21 25.82
C VAL AA 20 -17.34 38.10 26.60
N ILE AA 21 -17.94 37.18 25.86
CA ILE AA 21 -18.64 36.05 26.45
C ILE AA 21 -18.05 34.80 25.79
N ILE AA 22 -17.96 33.72 26.55
CA ILE AA 22 -17.41 32.48 26.04
C ILE AA 22 -18.10 31.31 26.72
N ALA AA 23 -18.44 30.27 25.94
CA ALA AA 23 -19.10 29.10 26.50
C ALA AA 23 -18.61 27.77 25.92
N ALA AA 24 -18.90 26.68 26.62
CA ALA AA 24 -18.51 25.34 26.20
C ALA AA 24 -19.21 24.30 27.05
N ASP AA 25 -19.74 23.24 26.44
CA ASP AA 25 -20.43 22.22 27.21
C ASP AA 25 -19.50 21.39 28.10
N ASN AA 26 -20.09 20.66 29.04
CA ASN AA 26 -19.30 19.90 30.00
C ASN AA 26 -19.08 18.44 29.68
N LEU AA 27 -18.98 18.13 28.40
CA LEU AA 27 -18.78 16.76 28.00
C LEU AA 27 -17.36 16.39 27.59
N GLY AA 28 -16.97 15.17 27.96
CA GLY AA 28 -15.68 14.64 27.62
C GLY AA 28 -15.96 13.34 26.88
N SER AA 29 -16.05 13.42 25.55
CA SER AA 29 -16.35 12.27 24.70
C SER AA 29 -15.20 11.30 24.52
N TYR AA 30 -15.54 10.06 24.19
CA TYR AA 30 -14.57 9.02 23.96
C TYR AA 30 -15.07 8.31 22.72
N GLY AA 31 -14.81 8.93 21.56
CA GLY AA 31 -15.30 8.37 20.32
C GLY AA 31 -16.78 8.72 20.29
N SER AA 32 -17.65 7.73 20.10
CA SER AA 32 -19.08 8.02 20.06
C SER AA 32 -19.71 7.77 21.43
N LEU AA 33 -18.87 7.44 22.41
CA LEU AA 33 -19.35 7.23 23.77
C LEU AA 33 -19.29 8.57 24.51
N LEU AA 34 -20.43 9.06 24.98
CA LEU AA 34 -20.45 10.32 25.72
C LEU AA 34 -20.05 9.95 27.16
N ARG AA 35 -18.78 9.62 27.30
CA ARG AA 35 -18.19 9.15 28.55
C ARG AA 35 -18.17 9.99 29.84
N PHE AA 36 -17.66 11.22 29.78
CA PHE AA 36 -17.56 12.05 30.99
C PHE AA 36 -18.44 13.28 30.92
N ASN AA 37 -19.09 13.62 32.04
CA ASN AA 37 -19.98 14.77 32.05
C ASN AA 37 -19.69 15.96 32.94
N GLY AA 38 -18.68 15.88 33.81
CA GLY AA 38 -18.42 17.04 34.64
C GLY AA 38 -17.12 17.69 34.24
N VAL AA 39 -16.94 17.89 32.95
CA VAL AA 39 -15.70 18.46 32.43
C VAL AA 39 -15.77 19.96 32.17
N GLU AA 40 -15.05 20.72 32.98
CA GLU AA 40 -15.06 22.16 32.79
C GLU AA 40 -14.01 22.44 31.73
N ARG AA 41 -14.45 23.05 30.63
CA ARG AA 41 -13.54 23.34 29.54
C ARG AA 41 -13.21 24.80 29.43
N LEU AA 42 -13.71 25.58 30.39
CA LEU AA 42 -13.45 27.02 30.43
C LEU AA 42 -12.48 27.25 31.60
N ILE AA 43 -11.26 27.74 31.30
CA ILE AA 43 -10.28 27.96 32.35
C ILE AA 43 -9.97 29.43 32.59
N PRO AA 44 -10.33 29.93 33.77
CA PRO AA 44 -10.09 31.33 34.12
C PRO AA 44 -8.65 31.49 34.58
N VAL AA 45 -8.01 32.55 34.12
CA VAL AA 45 -6.65 32.88 34.51
C VAL AA 45 -6.78 34.29 35.08
N GLY AA 46 -6.59 34.41 36.38
CA GLY AA 46 -6.74 35.72 36.99
C GLY AA 46 -8.23 35.99 36.96
N ASP AA 47 -8.60 37.26 36.79
CA ASP AA 47 -10.00 37.62 36.75
C ASP AA 47 -10.31 38.49 35.56
N ASN AA 48 -9.40 38.48 34.59
CA ASN AA 48 -9.57 39.26 33.37
C ASN AA 48 -9.44 38.39 32.12
N THR AA 49 -9.33 37.08 32.32
CA THR AA 49 -9.15 36.16 31.19
C THR AA 49 -9.78 34.79 31.41
N VAL AA 50 -10.39 34.27 30.34
CA VAL AA 50 -10.97 32.93 30.38
C VAL AA 50 -10.51 32.21 29.11
N VAL AA 51 -9.90 31.04 29.29
CA VAL AA 51 -9.40 30.24 28.16
C VAL AA 51 -10.28 29.02 27.95
N GLY AA 52 -10.93 28.98 26.78
CA GLY AA 52 -11.80 27.87 26.41
C GLY AA 52 -11.05 26.89 25.53
N ILE AA 53 -11.15 25.61 25.87
CA ILE AA 53 -10.42 24.61 25.13
C ILE AA 53 -11.25 23.44 24.60
N SER AA 54 -11.00 23.08 23.34
CA SER AA 54 -11.69 21.95 22.73
C SER AA 54 -10.62 20.98 22.24
N GLY AA 55 -11.00 19.75 21.93
CA GLY AA 55 -10.03 18.77 21.48
C GLY AA 55 -9.67 17.75 22.55
N ASP AA 56 -8.45 17.24 22.47
CA ASP AA 56 -7.98 16.23 23.41
C ASP AA 56 -7.96 16.71 24.86
N ILE AA 57 -8.73 16.04 25.71
CA ILE AA 57 -8.83 16.43 27.12
C ILE AA 57 -7.54 16.25 27.93
N SER AA 58 -6.79 15.17 27.72
CA SER AA 58 -5.55 14.97 28.48
C SER AA 58 -4.62 16.12 28.14
N ASP AA 59 -4.67 16.57 26.90
CA ASP AA 59 -3.84 17.72 26.49
C ASP AA 59 -4.39 19.00 27.12
N MET AA 60 -5.71 19.08 27.24
CA MET AA 60 -6.33 20.24 27.86
C MET AA 60 -5.86 20.34 29.31
N GLN AA 61 -5.89 19.20 30.01
CA GLN AA 61 -5.49 19.18 31.41
C GLN AA 61 -4.04 19.61 31.56
N HIS AA 62 -3.23 19.30 30.56
CA HIS AA 62 -1.82 19.68 30.56
C HIS AA 62 -1.72 21.21 30.42
N ILE AA 63 -2.53 21.78 29.54
CA ILE AA 63 -2.52 23.23 29.32
C ILE AA 63 -3.05 23.98 30.54
N GLU AA 64 -3.90 23.31 31.29
CA GLU AA 64 -4.46 23.91 32.48
C GLU AA 64 -3.35 24.16 33.49
N ARG AA 65 -2.50 23.15 33.65
CA ARG AA 65 -1.39 23.22 34.57
C ARG AA 65 -0.44 24.32 34.11
N LEU AA 66 -0.15 24.37 32.81
CA LEU AA 66 0.72 25.40 32.28
C LEU AA 66 0.20 26.78 32.64
N LEU AA 67 -1.12 26.94 32.52
CA LEU AA 67 -1.76 28.22 32.83
C LEU AA 67 -1.62 28.57 34.30
N LYS AA 68 -1.89 27.61 35.18
CA LYS AA 68 -1.76 27.88 36.61
C LYS AA 68 -0.32 28.17 36.99
N ASP AA 69 0.63 27.47 36.36
CA ASP AA 69 2.05 27.67 36.63
C ASP AA 69 2.44 29.06 36.22
N LEU AA 70 1.81 29.55 35.16
CA LEU AA 70 2.08 30.88 34.66
C LEU AA 70 1.68 31.90 35.73
N VAL AA 71 0.51 31.70 36.30
CA VAL AA 71 0.03 32.60 37.35
C VAL AA 71 0.99 32.61 38.54
N THR AA 72 1.48 31.44 38.91
CA THR AA 72 2.42 31.30 40.03
C THR AA 72 3.73 32.00 39.72
N GLU AA 73 4.25 31.71 38.53
CA GLU AA 73 5.51 32.28 38.07
C GLU AA 73 5.47 33.79 38.02
N ASN AA 74 4.40 34.35 37.46
CA ASN AA 74 4.26 35.79 37.32
C ASN AA 74 4.27 36.52 38.66
N ALA AA 75 3.90 35.83 39.73
CA ALA AA 75 3.85 36.43 41.06
C ALA AA 75 5.23 36.51 41.69
N TYR AA 76 6.13 35.63 41.26
CA TYR AA 76 7.49 35.59 41.80
C TYR AA 76 8.23 36.92 41.67
N ASP AA 77 8.68 37.45 42.81
CA ASP AA 77 9.43 38.71 42.83
C ASP AA 77 8.67 39.85 42.13
N ASN AA 78 7.35 39.75 42.11
CA ASN AA 78 6.52 40.75 41.45
C ASN AA 78 5.60 41.46 42.45
N PRO AA 79 6.02 42.62 42.96
CA PRO AA 79 5.20 43.38 43.92
C PRO AA 79 3.89 43.89 43.31
N LEU AA 80 3.87 44.03 41.99
CA LEU AA 80 2.68 44.49 41.28
C LEU AA 80 1.90 43.35 40.60
N ALA AA 81 2.06 42.13 41.11
CA ALA AA 81 1.42 40.95 40.56
C ALA AA 81 -0.08 41.05 40.35
N ASP AA 82 -0.75 41.80 41.22
CA ASP AA 82 -2.19 41.98 41.08
C ASP AA 82 -2.53 43.43 40.76
N ALA AA 83 -1.62 44.09 40.04
CA ALA AA 83 -1.82 45.48 39.66
C ALA AA 83 -1.23 45.71 38.27
N GLU AA 84 -0.29 46.63 38.15
CA GLU AA 84 0.32 46.94 36.86
C GLU AA 84 0.97 45.74 36.16
N GLU AA 85 1.58 44.85 36.94
CA GLU AA 85 2.24 43.70 36.35
C GLU AA 85 1.49 42.38 36.52
N ALA AA 86 0.16 42.44 36.41
CA ALA AA 86 -0.67 41.25 36.50
C ALA AA 86 -0.77 40.68 35.08
N LEU AA 87 -1.17 39.41 34.96
CA LEU AA 87 -1.28 38.81 33.65
C LEU AA 87 -2.37 39.44 32.80
N GLU AA 88 -2.03 39.78 31.56
CA GLU AA 88 -2.97 40.37 30.62
C GLU AA 88 -3.48 39.26 29.71
N PRO AA 89 -4.72 39.38 29.21
CA PRO AA 89 -5.20 38.32 28.33
C PRO AA 89 -4.22 38.13 27.17
N SER AA 90 -3.72 39.24 26.62
CA SER AA 90 -2.78 39.17 25.51
C SER AA 90 -1.49 38.41 25.82
N TYR AA 91 -1.04 38.43 27.08
CA TYR AA 91 0.19 37.73 27.44
C TYR AA 91 -0.07 36.23 27.44
N ILE AA 92 -1.19 35.84 28.02
CA ILE AA 92 -1.61 34.47 28.12
C ILE AA 92 -1.75 33.86 26.72
N PHE AA 93 -2.34 34.61 25.80
CA PHE AA 93 -2.49 34.12 24.44
C PHE AA 93 -1.15 33.91 23.75
N GLU AA 94 -0.33 34.96 23.68
CA GLU AA 94 0.97 34.83 23.02
C GLU AA 94 1.74 33.62 23.54
N TYR AA 95 1.69 33.40 24.85
CA TYR AA 95 2.39 32.27 25.44
C TYR AA 95 1.85 30.99 24.82
N LEU AA 96 0.55 30.77 24.95
CA LEU AA 96 -0.10 29.58 24.41
C LEU AA 96 0.15 29.44 22.90
N ALA AA 97 0.05 30.53 22.17
CA ALA AA 97 0.29 30.49 20.74
C ALA AA 97 1.69 29.98 20.50
N THR AA 98 2.63 30.50 21.27
CA THR AA 98 4.02 30.08 21.16
C THR AA 98 4.13 28.59 21.39
N VAL AA 99 3.62 28.12 22.52
CA VAL AA 99 3.69 26.71 22.82
C VAL AA 99 3.01 25.87 21.72
N MET AA 100 1.84 26.30 21.26
CA MET AA 100 1.14 25.54 20.25
C MET AA 100 1.95 25.39 18.96
N TYR AA 101 2.51 26.50 18.48
CA TYR AA 101 3.28 26.43 17.23
C TYR AA 101 4.58 25.63 17.38
N GLN AA 102 5.21 25.69 18.55
CA GLN AA 102 6.44 24.95 18.78
C GLN AA 102 6.15 23.45 18.75
N ARG AA 103 5.09 23.05 19.44
CA ARG AA 103 4.69 21.65 19.48
C ARG AA 103 4.35 21.08 18.11
N ARG AA 104 3.67 21.85 17.25
CA ARG AA 104 3.34 21.33 15.93
C ARG AA 104 4.63 21.25 15.12
N SER AA 105 5.56 22.13 15.42
CA SER AA 105 6.80 22.16 14.69
C SER AA 105 7.70 20.99 15.06
N LYS AA 106 7.49 20.41 16.23
CA LYS AA 106 8.29 19.26 16.63
C LYS AA 106 7.50 18.01 16.28
N MET AA 107 6.40 18.18 15.55
CA MET AA 107 5.58 17.04 15.14
C MET AA 107 4.97 16.28 16.30
N ASN AA 108 4.68 16.98 17.39
CA ASN AA 108 4.05 16.37 18.55
C ASN AA 108 3.15 17.46 19.08
N PRO AA 109 2.03 17.70 18.38
CA PRO AA 109 1.07 18.75 18.77
C PRO AA 109 0.19 18.48 19.98
N LEU AA 110 -0.29 19.58 20.55
CA LEU AA 110 -1.24 19.53 21.65
C LEU AA 110 -2.50 19.55 20.76
N TRP AA 111 -3.26 18.47 20.78
CA TRP AA 111 -4.44 18.32 19.94
C TRP AA 111 -5.65 19.13 20.39
N ASN AA 112 -5.52 20.46 20.33
CA ASN AA 112 -6.59 21.33 20.75
C ASN AA 112 -6.80 22.55 19.87
N ALA AA 113 -7.97 23.17 20.07
CA ALA AA 113 -8.33 24.42 19.41
C ALA AA 113 -8.60 25.27 20.65
N ILE AA 114 -8.01 26.46 20.70
CA ILE AA 114 -8.17 27.33 21.85
C ILE AA 114 -8.63 28.75 21.55
N ILE AA 115 -9.49 29.27 22.42
CA ILE AA 115 -9.96 30.63 22.30
C ILE AA 115 -9.65 31.33 23.63
N VAL AA 116 -8.97 32.46 23.56
CA VAL AA 116 -8.66 33.22 24.75
C VAL AA 116 -9.58 34.45 24.77
N ALA AA 117 -10.38 34.54 25.81
CA ALA AA 117 -11.30 35.66 25.93
C ALA AA 117 -11.01 36.45 27.18
N GLY AA 118 -11.07 37.77 27.08
CA GLY AA 118 -10.82 38.61 28.23
C GLY AA 118 -10.85 40.10 27.95
N VAL AA 119 -10.50 40.88 28.98
CA VAL AA 119 -10.43 42.33 28.88
C VAL AA 119 -9.05 42.83 29.26
N GLN AA 120 -8.45 43.61 28.37
CA GLN AA 120 -7.13 44.19 28.58
C GLN AA 120 -7.22 45.23 29.69
N SER AA 121 -6.09 45.61 30.25
CA SER AA 121 -6.08 46.59 31.33
C SER AA 121 -6.62 47.96 30.91
N ASN AA 122 -6.49 48.29 29.63
CA ASN AA 122 -6.99 49.56 29.15
C ASN AA 122 -8.49 49.45 28.79
N GLY AA 123 -9.10 48.32 29.18
CA GLY AA 123 -10.52 48.11 28.92
C GLY AA 123 -10.87 47.40 27.61
N ASP AA 124 -9.92 47.36 26.68
CA ASP AA 124 -10.12 46.71 25.38
C ASP AA 124 -10.53 45.24 25.50
N GLN AA 125 -11.42 44.81 24.62
CA GLN AA 125 -11.87 43.43 24.62
C GLN AA 125 -10.79 42.61 23.92
N PHE AA 126 -10.60 41.38 24.39
CA PHE AA 126 -9.62 40.53 23.79
C PHE AA 126 -10.24 39.19 23.44
N LEU AA 127 -10.08 38.83 22.18
CA LEU AA 127 -10.62 37.58 21.70
C LEU AA 127 -9.71 37.05 20.58
N ARG AA 128 -9.05 35.93 20.83
CA ARG AA 128 -8.20 35.36 19.79
C ARG AA 128 -8.19 33.85 19.87
N TYR AA 129 -7.91 33.24 18.72
CA TYR AA 129 -7.90 31.79 18.57
C TYR AA 129 -6.54 31.25 18.13
N VAL AA 130 -6.26 30.00 18.53
CA VAL AA 130 -5.05 29.31 18.12
C VAL AA 130 -5.34 27.81 18.20
N ASN AA 131 -4.92 27.05 17.19
CA ASN AA 131 -5.18 25.62 17.17
C ASN AA 131 -3.90 24.80 17.17
N LEU AA 132 -4.05 23.48 17.07
CA LEU AA 132 -2.91 22.56 17.12
C LEU AA 132 -1.84 22.80 16.06
N LEU AA 133 -2.14 23.59 15.04
CA LEU AA 133 -1.18 23.91 13.98
C LEU AA 133 -0.45 25.23 14.28
N GLY AA 134 -0.95 25.95 15.29
CA GLY AA 134 -0.33 27.21 15.64
C GLY AA 134 -0.94 28.39 14.88
N VAL AA 135 -1.98 28.11 14.11
CA VAL AA 135 -2.65 29.18 13.37
C VAL AA 135 -3.41 30.08 14.36
N THR AA 136 -3.42 31.38 14.10
CA THR AA 136 -4.11 32.32 14.98
C THR AA 136 -4.86 33.41 14.22
N TYR AA 137 -5.95 33.87 14.82
CA TYR AA 137 -6.77 34.91 14.22
C TYR AA 137 -7.78 35.47 15.20
N SER AA 138 -8.31 36.64 14.83
CA SER AA 138 -9.31 37.32 15.64
C SER AA 138 -10.47 37.74 14.76
N SER AA 139 -11.65 37.84 15.38
CA SER AA 139 -12.88 38.21 14.69
C SER AA 139 -13.84 38.61 15.80
N PRO AA 140 -14.93 39.34 15.48
CA PRO AA 140 -15.88 39.74 16.53
C PRO AA 140 -16.49 38.50 17.20
N THR AA 141 -16.52 37.38 16.47
CA THR AA 141 -17.01 36.11 17.01
C THR AA 141 -15.96 35.06 16.66
N LEU AA 142 -15.84 34.02 17.50
CA LEU AA 142 -14.88 32.95 17.29
C LEU AA 142 -15.48 31.69 17.90
N ALA AA 143 -15.30 30.58 17.20
CA ALA AA 143 -15.80 29.30 17.65
C ALA AA 143 -14.92 28.18 17.07
N THR AA 144 -14.81 27.09 17.81
CA THR AA 144 -14.01 25.95 17.38
C THR AA 144 -14.89 24.79 16.96
N GLY AA 145 -14.33 23.92 16.12
CA GLY AA 145 -15.05 22.74 15.67
C GLY AA 145 -16.42 22.98 15.09
N PHE AA 146 -17.38 22.22 15.58
CA PHE AA 146 -18.76 22.32 15.11
C PHE AA 146 -19.32 23.72 15.21
N GLY AA 147 -18.90 24.44 16.25
CA GLY AA 147 -19.37 25.80 16.46
C GLY AA 147 -18.92 26.77 15.39
N ALA AA 148 -17.85 26.46 14.70
CA ALA AA 148 -17.38 27.37 13.66
C ALA AA 148 -18.38 27.34 12.52
N HIS AA 149 -18.95 26.15 12.29
CA HIS AA 149 -19.90 25.99 11.21
C HIS AA 149 -21.32 26.42 11.54
N MET AA 150 -21.78 26.18 12.76
CA MET AA 150 -23.13 26.57 13.14
C MET AA 150 -23.27 27.79 14.05
N ALA AA 151 -22.32 28.01 14.96
CA ALA AA 151 -22.43 29.14 15.85
C ALA AA 151 -22.10 30.47 15.18
N ASN AA 152 -20.97 30.54 14.49
CA ASN AA 152 -20.56 31.79 13.84
C ASN AA 152 -21.64 32.39 12.99
N PRO AA 153 -22.26 31.60 12.11
CA PRO AA 153 -23.32 32.15 11.25
C PRO AA 153 -24.37 32.90 12.07
N LEU AA 154 -24.70 32.37 13.24
CA LEU AA 154 -25.70 33.00 14.11
C LEU AA 154 -25.13 34.25 14.77
N LEU AA 155 -24.02 34.08 15.50
CA LEU AA 155 -23.39 35.18 16.22
C LEU AA 155 -23.01 36.35 15.33
N ARG AA 156 -22.61 36.07 14.10
CA ARG AA 156 -22.22 37.13 13.19
C ARG AA 156 -23.40 38.00 12.79
N LYS AA 157 -24.61 37.49 12.97
CA LYS AA 157 -25.80 38.28 12.65
C LYS AA 157 -25.97 39.40 13.67
N VAL AA 158 -25.38 39.22 14.86
CA VAL AA 158 -25.44 40.21 15.92
C VAL AA 158 -24.26 41.18 15.75
N VAL AA 159 -23.05 40.65 15.61
CA VAL AA 159 -21.87 41.48 15.42
C VAL AA 159 -21.22 41.10 14.08
N ASP AA 160 -21.74 41.70 13.01
CA ASP AA 160 -21.28 41.44 11.65
C ASP AA 160 -20.00 42.20 11.31
N ARG AA 161 -19.72 43.27 12.05
CA ARG AA 161 -18.53 44.04 11.80
C ARG AA 161 -18.17 44.82 13.04
N GLU AA 162 -16.97 45.39 13.04
CA GLU AA 162 -16.49 46.14 14.18
C GLU AA 162 -17.49 47.16 14.76
N SER AA 163 -18.13 47.93 13.89
CA SER AA 163 -19.09 48.95 14.33
C SER AA 163 -20.33 48.42 15.03
N ASP AA 164 -20.48 47.10 15.06
CA ASP AA 164 -21.63 46.48 15.71
C ASP AA 164 -21.37 46.22 17.19
N ILE AA 165 -20.09 46.11 17.55
CA ILE AA 165 -19.72 45.80 18.94
C ILE AA 165 -20.33 46.78 19.93
N PRO AA 166 -20.03 48.08 19.80
CA PRO AA 166 -20.58 49.06 20.73
C PRO AA 166 -22.11 49.11 20.80
N LYS AA 167 -22.79 48.60 19.79
CA LYS AA 167 -24.24 48.59 19.77
C LYS AA 167 -24.83 47.34 20.40
N THR AA 168 -23.96 46.41 20.83
CA THR AA 168 -24.44 45.15 21.39
C THR AA 168 -24.35 45.09 22.91
N THR AA 169 -25.44 44.79 23.57
CA THR AA 169 -25.41 44.71 25.03
C THR AA 169 -25.15 43.29 25.49
N VAL AA 170 -24.79 43.16 26.76
CA VAL AA 170 -24.51 41.87 27.38
C VAL AA 170 -25.72 40.96 27.26
N GLN AA 171 -26.90 41.54 27.44
CA GLN AA 171 -28.14 40.79 27.36
C GLN AA 171 -28.28 40.17 25.99
N VAL AA 172 -28.23 41.00 24.97
CA VAL AA 172 -28.35 40.54 23.59
C VAL AA 172 -27.32 39.42 23.33
N ALA AA 173 -26.06 39.75 23.54
CA ALA AA 173 -24.95 38.83 23.31
C ALA AA 173 -25.10 37.49 24.07
N GLU AA 174 -25.38 37.55 25.37
CA GLU AA 174 -25.54 36.33 26.14
C GLU AA 174 -26.69 35.49 25.59
N GLU AA 175 -27.72 36.17 25.10
CA GLU AA 175 -28.87 35.47 24.54
C GLU AA 175 -28.46 34.78 23.23
N ALA AA 176 -27.70 35.49 22.41
CA ALA AA 176 -27.25 34.94 21.14
C ALA AA 176 -26.41 33.69 21.39
N ILE AA 177 -25.52 33.78 22.37
CA ILE AA 177 -24.67 32.67 22.70
C ILE AA 177 -25.43 31.50 23.30
N VAL AA 178 -26.40 31.77 24.16
CA VAL AA 178 -27.17 30.70 24.77
C VAL AA 178 -28.01 29.96 23.71
N ASN AA 179 -28.47 30.70 22.71
CA ASN AA 179 -29.26 30.13 21.63
C ASN AA 179 -28.38 29.25 20.75
N ALA AA 180 -27.18 29.71 20.46
CA ALA AA 180 -26.24 28.96 19.63
C ALA AA 180 -25.96 27.62 20.32
N MET AA 181 -25.82 27.63 21.64
CA MET AA 181 -25.57 26.40 22.39
C MET AA 181 -26.73 25.45 22.23
N ARG AA 182 -27.94 25.98 22.13
CA ARG AA 182 -29.10 25.11 21.96
C ARG AA 182 -29.02 24.48 20.58
N VAL AA 183 -28.78 25.31 19.57
CA VAL AA 183 -28.66 24.82 18.20
C VAL AA 183 -27.61 23.70 18.11
N LEU AA 184 -26.45 23.89 18.74
CA LEU AA 184 -25.40 22.88 18.72
C LEU AA 184 -25.85 21.59 19.42
N TYR AA 185 -26.77 21.72 20.38
CA TYR AA 185 -27.25 20.54 21.06
C TYR AA 185 -28.21 19.80 20.13
N TYR AA 186 -28.79 20.53 19.19
CA TYR AA 186 -29.71 19.94 18.22
C TYR AA 186 -29.02 19.10 17.15
N ARG AA 187 -27.93 19.63 16.59
CA ARG AA 187 -27.25 18.97 15.48
C ARG AA 187 -25.87 18.35 15.67
N ASP AA 188 -25.20 18.62 16.79
CA ASP AA 188 -23.87 18.05 17.03
C ASP AA 188 -24.04 16.81 17.93
N ALA AA 189 -23.73 15.65 17.37
CA ALA AA 189 -23.86 14.37 18.08
C ALA AA 189 -22.82 14.12 19.17
N ARG AA 190 -21.93 15.09 19.37
CA ARG AA 190 -20.91 14.96 20.41
C ARG AA 190 -21.08 16.05 21.45
N SER AA 191 -22.30 16.59 21.54
CA SER AA 191 -22.59 17.66 22.49
C SER AA 191 -23.36 17.18 23.71
N SER AA 192 -23.46 18.08 24.68
CA SER AA 192 -24.15 17.85 25.94
C SER AA 192 -25.12 18.99 26.19
N ARG AA 193 -26.13 18.73 27.00
CA ARG AA 193 -27.13 19.73 27.33
C ARG AA 193 -26.59 20.71 28.38
N ASN AA 194 -25.61 20.25 29.14
CA ASN AA 194 -25.00 21.05 30.18
C ASN AA 194 -23.75 21.75 29.74
N PHE AA 195 -23.62 23.00 30.11
CA PHE AA 195 -22.48 23.80 29.73
C PHE AA 195 -22.18 24.92 30.70
N SER AA 196 -21.02 25.55 30.52
CA SER AA 196 -20.60 26.65 31.35
C SER AA 196 -20.51 27.86 30.45
N LEU AA 197 -20.72 29.04 31.03
CA LEU AA 197 -20.66 30.29 30.26
C LEU AA 197 -19.98 31.33 31.15
N ALA AA 198 -19.10 32.12 30.55
CA ALA AA 198 -18.41 33.14 31.32
C ALA AA 198 -18.45 34.50 30.65
N ILE AA 199 -18.55 35.54 31.46
CA ILE AA 199 -18.58 36.91 30.98
C ILE AA 199 -17.39 37.66 31.57
N ILE AA 200 -16.69 38.41 30.73
CA ILE AA 200 -15.54 39.19 31.18
C ILE AA 200 -15.91 40.63 30.80
N ASP AA 201 -16.40 41.39 31.77
CA ASP AA 201 -16.83 42.77 31.54
C ASP AA 201 -15.88 43.80 32.17
N LYS AA 202 -15.55 44.84 31.41
CA LYS AA 202 -14.65 45.87 31.90
C LYS AA 202 -15.17 46.62 33.14
N ASN AA 203 -16.43 46.39 33.51
CA ASN AA 203 -17.00 47.04 34.68
C ASN AA 203 -17.41 46.06 35.77
N THR AA 204 -18.05 44.95 35.38
CA THR AA 204 -18.50 43.96 36.37
C THR AA 204 -17.50 42.84 36.63
N GLY AA 205 -16.40 42.82 35.87
CA GLY AA 205 -15.41 41.79 36.05
C GLY AA 205 -15.75 40.45 35.43
N LEU AA 206 -15.32 39.38 36.07
CA LEU AA 206 -15.57 38.04 35.57
C LEU AA 206 -16.76 37.36 36.24
N THR AA 207 -17.71 36.92 35.44
CA THR AA 207 -18.88 36.22 35.92
C THR AA 207 -18.82 34.82 35.32
N PHE AA 208 -18.58 33.83 36.15
CA PHE AA 208 -18.50 32.46 35.67
C PHE AA 208 -19.75 31.70 36.05
N LYS AA 209 -20.54 31.32 35.05
CA LYS AA 209 -21.78 30.59 35.31
C LYS AA 209 -21.61 29.09 35.00
N LYS AA 210 -21.83 28.26 36.01
CA LYS AA 210 -21.71 26.83 35.84
C LYS AA 210 -23.05 26.12 35.89
N ASN AA 211 -23.08 24.90 35.37
CA ASN AA 211 -24.28 24.08 35.35
C ASN AA 211 -25.48 24.62 34.60
N LEU AA 212 -25.26 25.36 33.52
CA LEU AA 212 -26.38 25.84 32.74
C LEU AA 212 -26.94 24.67 31.96
N GLN AA 213 -28.13 24.84 31.43
CA GLN AA 213 -28.79 23.80 30.66
C GLN AA 213 -29.53 24.40 29.49
N VAL AA 214 -29.58 23.65 28.39
CA VAL AA 214 -30.29 24.10 27.22
C VAL AA 214 -31.78 23.92 27.58
N GLU AA 215 -32.54 24.99 27.40
CA GLU AA 215 -33.97 24.98 27.70
C GLU AA 215 -34.73 25.54 26.51
N ASN AA 216 -36.05 25.46 26.57
CA ASN AA 216 -36.93 25.97 25.53
C ASN AA 216 -36.69 25.36 24.17
N MET AA 217 -36.56 24.03 24.14
CA MET AA 217 -36.33 23.32 22.90
C MET AA 217 -37.66 22.98 22.22
N LYS AA 218 -37.64 22.92 20.90
CA LYS AA 218 -38.81 22.57 20.12
C LYS AA 218 -38.70 21.11 19.71
N TRP AA 219 -39.68 20.30 20.11
CA TRP AA 219 -39.70 18.88 19.79
C TRP AA 219 -41.11 18.41 19.43
N ASP AA 220 -42.11 19.19 19.80
CA ASP AA 220 -43.50 18.83 19.56
C ASP AA 220 -43.82 18.39 18.13
N PHE AA 221 -43.30 19.12 17.14
CA PHE AA 221 -43.56 18.77 15.74
C PHE AA 221 -43.09 17.36 15.39
N ALA AA 222 -42.26 16.78 16.24
CA ALA AA 222 -41.75 15.43 16.01
C ALA AA 222 -42.88 14.39 15.94
N LYS AA 223 -43.97 14.64 16.67
CA LYS AA 223 -45.10 13.69 16.70
C LYS AA 223 -45.81 13.59 15.35
N ASP AA 224 -45.69 14.65 14.54
CA ASP AA 224 -46.34 14.70 13.23
C ASP AA 224 -45.50 14.07 12.14
N ILE AA 225 -44.26 13.74 12.49
CA ILE AA 225 -43.34 13.13 11.54
C ILE AA 225 -43.45 11.61 11.58
N LYS AA 226 -43.99 11.01 10.53
CA LYS AA 226 -44.09 9.56 10.49
C LYS AA 226 -43.61 9.03 9.16
N GLY AA 227 -42.96 7.88 9.19
CA GLY AA 227 -42.44 7.29 7.97
C GLY AA 227 -41.29 8.12 7.42
N TYR AA 228 -40.94 7.86 6.17
CA TYR AA 228 -39.86 8.58 5.50
C TYR AA 228 -40.27 8.93 4.08
N GLY AA 229 -41.58 9.00 3.86
CA GLY AA 229 -42.09 9.34 2.55
C GLY AA 229 -43.54 9.01 2.28
N THR AA 230 -43.87 7.72 2.24
CA THR AA 230 -45.22 7.29 1.94
C THR AA 230 -46.02 6.72 3.11
N GLN AA 231 -45.34 6.29 4.16
CA GLN AA 231 -46.05 5.75 5.30
C GLN AA 231 -47.02 6.80 5.82
N LYS AA 232 -48.22 6.38 6.18
CA LYS AA 232 -49.23 7.31 6.66
C LYS AA 232 -49.50 7.25 8.16
N ILE AA 233 -49.16 6.13 8.80
CA ILE AA 233 -49.40 5.99 10.23
C ILE AA 233 -48.12 5.88 11.07
N THR BA 1 -11.64 -7.56 29.68
CA THR BA 1 -11.50 -7.18 31.10
C THR BA 1 -12.66 -6.33 31.58
N SER BA 2 -13.11 -6.59 32.81
CA SER BA 2 -14.17 -5.80 33.43
C SER BA 2 -13.68 -5.37 34.81
N ILE BA 3 -13.49 -4.06 34.96
CA ILE BA 3 -13.01 -3.49 36.23
C ILE BA 3 -13.81 -2.26 36.63
N MET BA 4 -13.91 -2.06 37.94
CA MET BA 4 -14.62 -0.92 38.48
C MET BA 4 -14.20 -0.66 39.93
N ALA BA 5 -14.42 0.58 40.36
CA ALA BA 5 -14.11 1.01 41.71
C ALA BA 5 -15.29 1.87 42.17
N VAL BA 6 -15.79 1.61 43.37
CA VAL BA 6 -16.93 2.34 43.90
C VAL BA 6 -16.74 2.90 45.31
N THR BA 7 -16.98 4.20 45.49
CA THR BA 7 -16.86 4.80 46.82
C THR BA 7 -18.19 4.55 47.53
N PHE BA 8 -18.13 4.35 48.84
CA PHE BA 8 -19.37 4.15 49.59
C PHE BA 8 -19.20 4.80 50.97
N LYS BA 9 -20.17 4.63 51.85
CA LYS BA 9 -20.11 5.26 53.17
C LYS BA 9 -18.81 5.09 53.96
N ASP BA 10 -18.27 3.87 54.02
CA ASP BA 10 -17.06 3.61 54.80
C ASP BA 10 -15.73 3.63 54.06
N GLY BA 11 -15.75 3.91 52.76
CA GLY BA 11 -14.51 3.94 52.02
C GLY BA 11 -14.68 3.65 50.54
N VAL BA 12 -14.01 2.61 50.04
CA VAL BA 12 -14.11 2.27 48.63
C VAL BA 12 -13.86 0.80 48.36
N ILE BA 13 -14.46 0.29 47.30
CA ILE BA 13 -14.28 -1.10 46.93
C ILE BA 13 -13.91 -1.25 45.44
N LEU BA 14 -12.88 -2.06 45.17
CA LEU BA 14 -12.42 -2.31 43.83
C LEU BA 14 -12.87 -3.69 43.41
N GLY BA 15 -13.24 -3.84 42.14
CA GLY BA 15 -13.68 -5.13 41.64
C GLY BA 15 -13.12 -5.42 40.26
N ALA BA 16 -13.00 -6.69 39.93
CA ALA BA 16 -12.49 -7.07 38.63
C ALA BA 16 -12.76 -8.54 38.32
N ASP BA 17 -12.77 -8.88 37.04
CA ASP BA 17 -12.96 -10.26 36.63
C ASP BA 17 -11.55 -10.83 36.69
N SER BA 18 -11.33 -12.06 36.24
CA SER BA 18 -10.00 -12.65 36.31
C SER BA 18 -9.53 -13.27 35.00
N ARG BA 19 -9.94 -12.69 33.88
CA ARG BA 19 -9.56 -13.24 32.60
C ARG BA 19 -8.54 -12.42 31.82
N THR BA 20 -7.52 -13.12 31.31
CA THR BA 20 -6.51 -12.50 30.46
C THR BA 20 -6.49 -13.36 29.20
N THR BA 21 -6.60 -12.73 28.05
CA THR BA 21 -6.65 -13.44 26.79
C THR BA 21 -5.55 -13.03 25.82
N THR BA 22 -5.28 -13.92 24.88
CA THR BA 22 -4.35 -13.69 23.80
C THR BA 22 -5.25 -14.17 22.67
N GLY BA 23 -6.00 -13.24 22.09
CA GLY BA 23 -6.93 -13.62 21.06
C GLY BA 23 -8.17 -14.19 21.74
N ALA BA 24 -8.57 -15.38 21.33
CA ALA BA 24 -9.74 -16.03 21.92
C ALA BA 24 -9.31 -17.04 22.96
N TYR BA 25 -8.00 -17.11 23.18
CA TYR BA 25 -7.50 -18.05 24.18
C TYR BA 25 -7.34 -17.36 25.52
N ILE BA 26 -7.76 -18.06 26.56
CA ILE BA 26 -7.67 -17.52 27.91
C ILE BA 26 -6.32 -17.99 28.48
N ALA BA 27 -5.35 -17.08 28.40
CA ALA BA 27 -4.00 -17.32 28.87
C ALA BA 27 -3.99 -17.54 30.38
N ASN BA 28 -4.94 -16.88 31.05
CA ASN BA 28 -5.07 -17.01 32.50
C ASN BA 28 -6.54 -16.83 32.88
N ARG BA 29 -7.09 -17.78 33.62
CA ARG BA 29 -8.48 -17.66 34.03
C ARG BA 29 -8.66 -17.19 35.47
N VAL BA 30 -7.54 -17.05 36.17
CA VAL BA 30 -7.58 -16.64 37.57
C VAL BA 30 -6.65 -15.47 37.84
N THR BA 31 -6.62 -14.53 36.91
CA THR BA 31 -5.78 -13.34 37.03
C THR BA 31 -6.23 -12.42 38.17
N ASP BA 32 -5.27 -11.76 38.81
CA ASP BA 32 -5.56 -10.81 39.89
C ASP BA 32 -5.28 -9.41 39.32
N LYS BA 33 -6.32 -8.73 38.86
CA LYS BA 33 -6.20 -7.41 38.27
C LYS BA 33 -6.25 -6.29 39.30
N LEU BA 34 -6.38 -6.66 40.57
CA LEU BA 34 -6.42 -5.68 41.65
C LEU BA 34 -5.02 -5.64 42.24
N THR BA 35 -4.31 -4.54 41.96
CA THR BA 35 -2.94 -4.36 42.39
C THR BA 35 -2.71 -3.25 43.42
N ARG BA 36 -1.88 -3.57 44.39
CA ARG BA 36 -1.57 -2.68 45.50
C ARG BA 36 -0.36 -1.80 45.24
N VAL BA 37 -0.51 -0.48 45.34
CA VAL BA 37 0.63 0.41 45.14
C VAL BA 37 1.01 1.06 46.47
N HIS BA 38 0.15 0.90 47.46
CA HIS BA 38 0.38 1.41 48.81
C HIS BA 38 -0.63 0.78 49.77
N ASP BA 39 -0.34 0.83 51.07
CA ASP BA 39 -1.21 0.24 52.08
C ASP BA 39 -2.69 0.42 51.81
N LYS BA 40 -3.11 1.64 51.54
CA LYS BA 40 -4.51 1.83 51.24
C LYS BA 40 -4.81 2.54 49.92
N ILE BA 41 -3.93 2.34 48.95
CA ILE BA 41 -4.13 2.88 47.61
C ILE BA 41 -3.91 1.72 46.65
N TRP BA 42 -4.98 1.28 46.01
CA TRP BA 42 -4.89 0.19 45.06
C TRP BA 42 -5.35 0.66 43.68
N CYS BA 43 -5.22 -0.20 42.68
CA CYS BA 43 -5.65 0.15 41.34
C CYS BA 43 -6.22 -1.08 40.64
N CYS BA 44 -7.03 -0.83 39.62
CA CYS BA 44 -7.62 -1.88 38.80
C CYS BA 44 -6.92 -1.69 37.46
N ARG BA 45 -6.41 -2.78 36.89
CA ARG BA 45 -5.71 -2.70 35.62
C ARG BA 45 -6.53 -3.27 34.47
N SER BA 46 -6.42 -2.61 33.31
CA SER BA 46 -7.09 -3.07 32.10
C SER BA 46 -6.21 -2.65 30.93
N GLY BA 47 -6.35 -3.34 29.80
CA GLY BA 47 -5.54 -3.05 28.64
C GLY BA 47 -4.42 -4.07 28.54
N SER BA 48 -3.19 -3.60 28.32
CA SER BA 48 -2.05 -4.49 28.21
C SER BA 48 -1.54 -4.94 29.57
N ALA BA 49 -1.47 -6.26 29.77
CA ALA BA 49 -1.01 -6.80 31.03
C ALA BA 49 0.43 -6.35 31.26
N ALA BA 50 1.25 -6.46 30.21
CA ALA BA 50 2.63 -6.04 30.30
C ALA BA 50 2.74 -4.55 30.63
N ASP BA 51 1.98 -3.72 29.92
CA ASP BA 51 2.02 -2.26 30.19
C ASP BA 51 1.52 -1.85 31.57
N THR BA 52 0.37 -2.36 31.99
CA THR BA 52 -0.14 -1.97 33.31
C THR BA 52 0.72 -2.52 34.45
N GLN BA 53 1.27 -3.73 34.29
CA GLN BA 53 2.15 -4.30 35.31
C GLN BA 53 3.38 -3.40 35.48
N ALA BA 54 4.01 -3.06 34.36
CA ALA BA 54 5.21 -2.22 34.37
C ALA BA 54 4.94 -0.84 34.98
N ILE BA 55 3.75 -0.30 34.72
CA ILE BA 55 3.40 1.00 35.27
C ILE BA 55 3.13 0.88 36.77
N ALA BA 56 2.30 -0.09 37.15
CA ALA BA 56 2.00 -0.27 38.57
C ALA BA 56 3.31 -0.48 39.34
N ASP BA 57 4.18 -1.36 38.83
CA ASP BA 57 5.46 -1.62 39.48
C ASP BA 57 6.24 -0.32 39.70
N ILE BA 58 6.23 0.57 38.71
CA ILE BA 58 6.94 1.82 38.86
C ILE BA 58 6.25 2.79 39.85
N VAL BA 59 4.92 2.84 39.81
CA VAL BA 59 4.19 3.71 40.72
C VAL BA 59 4.48 3.25 42.16
N GLN BA 60 4.42 1.95 42.38
CA GLN BA 60 4.71 1.42 43.71
C GLN BA 60 6.09 1.86 44.18
N TYR BA 61 7.06 1.79 43.29
CA TYR BA 61 8.41 2.22 43.62
C TYR BA 61 8.41 3.71 43.98
N HIS BA 62 7.69 4.54 43.24
CA HIS BA 62 7.65 5.97 43.51
C HIS BA 62 6.99 6.32 44.82
N LEU BA 63 5.93 5.58 45.15
CA LEU BA 63 5.23 5.84 46.39
C LEU BA 63 6.06 5.36 47.58
N GLU BA 64 6.78 4.26 47.41
CA GLU BA 64 7.62 3.76 48.50
C GLU BA 64 8.69 4.81 48.83
N LEU BA 65 9.32 5.37 47.81
CA LEU BA 65 10.35 6.40 48.01
C LEU BA 65 9.72 7.67 48.58
N TYR BA 66 8.51 7.99 48.14
CA TYR BA 66 7.78 9.16 48.62
C TYR BA 66 7.56 9.01 50.14
N THR BA 67 7.05 7.84 50.52
CA THR BA 67 6.79 7.54 51.92
C THR BA 67 8.06 7.66 52.77
N SER BA 68 9.18 7.13 52.28
CA SER BA 68 10.45 7.21 53.00
C SER BA 68 10.79 8.66 53.31
N GLN BA 69 10.48 9.55 52.37
CA GLN BA 69 10.80 10.96 52.52
C GLN BA 69 9.77 11.88 53.11
N TYR BA 70 8.50 11.74 52.73
CA TYR BA 70 7.51 12.66 53.24
C TYR BA 70 6.28 12.05 53.88
N GLY BA 71 6.40 10.81 54.33
CA GLY BA 71 5.24 10.18 54.94
C GLY BA 71 4.23 9.68 53.93
N THR BA 72 3.07 9.28 54.45
CA THR BA 72 2.00 8.73 53.64
C THR BA 72 1.51 9.61 52.50
N PRO BA 73 1.41 9.03 51.29
CA PRO BA 73 0.94 9.78 50.13
C PRO BA 73 -0.58 9.71 50.03
N SER BA 74 -1.19 10.77 49.49
CA SER BA 74 -2.63 10.82 49.33
C SER BA 74 -3.02 9.98 48.13
N THR BA 75 -4.31 9.67 48.02
CA THR BA 75 -4.78 8.88 46.89
C THR BA 75 -4.61 9.73 45.65
N GLU BA 76 -4.77 11.04 45.80
CA GLU BA 76 -4.64 11.96 44.69
C GLU BA 76 -3.24 11.89 44.12
N THR BA 77 -2.27 11.91 45.02
CA THR BA 77 -0.88 11.85 44.62
C THR BA 77 -0.56 10.59 43.83
N ALA BA 78 -1.12 9.45 44.24
CA ALA BA 78 -0.90 8.18 43.54
C ALA BA 78 -1.52 8.26 42.16
N ALA BA 79 -2.72 8.84 42.07
CA ALA BA 79 -3.40 8.98 40.80
C ALA BA 79 -2.61 9.91 39.88
N SER BA 80 -1.80 10.78 40.47
CA SER BA 80 -0.99 11.73 39.70
C SER BA 80 0.25 11.07 39.10
N VAL BA 81 0.85 10.15 39.83
CA VAL BA 81 2.03 9.45 39.35
C VAL BA 81 1.60 8.56 38.19
N PHE BA 82 0.48 7.87 38.34
CA PHE BA 82 -0.04 7.00 37.28
C PHE BA 82 -0.27 7.87 36.05
N LYS BA 83 -1.00 8.97 36.25
CA LYS BA 83 -1.33 9.89 35.18
C LYS BA 83 -0.08 10.44 34.45
N GLU BA 84 0.94 10.79 35.20
CA GLU BA 84 2.16 11.32 34.63
C GLU BA 84 2.76 10.25 33.71
N LEU BA 85 2.85 9.02 34.19
CA LEU BA 85 3.40 7.92 33.41
C LEU BA 85 2.55 7.66 32.17
N CYS BA 86 1.23 7.58 32.34
CA CYS BA 86 0.35 7.33 31.22
C CYS BA 86 0.27 8.44 30.15
N TYR BA 87 0.35 9.69 30.56
CA TYR BA 87 0.26 10.79 29.60
C TYR BA 87 1.57 10.95 28.81
N GLU BA 88 2.67 11.05 29.54
CA GLU BA 88 3.99 11.22 28.96
C GLU BA 88 4.39 10.07 28.02
N ASN BA 89 3.83 8.89 28.21
CA ASN BA 89 4.14 7.75 27.36
C ASN BA 89 2.93 7.24 26.59
N LYS BA 90 1.95 8.12 26.35
CA LYS BA 90 0.73 7.73 25.67
C LYS BA 90 0.94 6.99 24.33
N ASP BA 91 2.01 7.32 23.61
CA ASP BA 91 2.27 6.70 22.31
C ASP BA 91 2.74 5.24 22.38
N ASN BA 92 3.15 4.81 23.56
CA ASN BA 92 3.63 3.44 23.71
C ASN BA 92 2.96 2.66 24.82
N LEU BA 93 1.79 3.10 25.24
CA LEU BA 93 1.08 2.38 26.29
C LEU BA 93 -0.36 2.15 25.92
N THR BA 94 -0.91 1.07 26.48
CA THR BA 94 -2.30 0.73 26.32
C THR BA 94 -2.69 0.28 27.71
N ALA BA 95 -2.91 1.28 28.58
CA ALA BA 95 -3.28 1.05 29.96
C ALA BA 95 -4.47 1.88 30.40
N GLY BA 96 -5.57 1.22 30.70
CA GLY BA 96 -6.76 1.90 31.19
C GLY BA 96 -6.73 1.56 32.67
N ILE BA 97 -6.44 2.55 33.52
CA ILE BA 97 -6.31 2.29 34.94
C ILE BA 97 -7.24 3.06 35.87
N ILE BA 98 -7.76 2.34 36.88
CA ILE BA 98 -8.62 2.96 37.90
C ILE BA 98 -7.85 3.01 39.21
N VAL BA 99 -7.76 4.19 39.81
CA VAL BA 99 -7.06 4.35 41.08
C VAL BA 99 -8.06 4.59 42.21
N ALA BA 100 -7.94 3.79 43.27
CA ALA BA 100 -8.85 3.88 44.40
C ALA BA 100 -8.09 3.80 45.70
N GLY BA 101 -8.42 4.66 46.64
CA GLY BA 101 -7.74 4.64 47.92
C GLY BA 101 -8.63 5.10 49.06
N TYR BA 102 -8.29 4.65 50.27
CA TYR BA 102 -9.03 5.05 51.45
C TYR BA 102 -8.16 5.96 52.31
N ASP BA 103 -8.76 7.09 52.64
CA ASP BA 103 -8.11 8.12 53.42
C ASP BA 103 -9.02 8.43 54.62
N ASP BA 104 -8.43 8.75 55.76
CA ASP BA 104 -9.21 9.04 56.96
C ASP BA 104 -10.03 10.33 56.85
N LYS BA 105 -9.48 11.33 56.17
CA LYS BA 105 -10.14 12.61 56.02
C LYS BA 105 -11.05 12.65 54.80
N ASN BA 106 -10.62 12.04 53.69
CA ASN BA 106 -11.42 12.04 52.47
C ASN BA 106 -12.27 10.79 52.30
N LYS BA 107 -12.03 9.79 53.16
CA LYS BA 107 -12.78 8.55 53.09
C LYS BA 107 -12.36 7.83 51.80
N GLY BA 108 -13.31 7.56 50.91
CA GLY BA 108 -12.99 6.88 49.67
C GLY BA 108 -12.83 7.78 48.46
N GLU BA 109 -11.85 7.49 47.62
CA GLU BA 109 -11.67 8.30 46.41
C GLU BA 109 -11.41 7.40 45.22
N VAL BA 110 -11.90 7.84 44.06
CA VAL BA 110 -11.70 7.09 42.83
C VAL BA 110 -11.25 8.01 41.69
N TYR BA 111 -10.18 7.62 41.02
CA TYR BA 111 -9.63 8.36 39.88
C TYR BA 111 -9.49 7.44 38.68
N THR BA 112 -10.11 7.80 37.58
CA THR BA 112 -9.99 6.96 36.40
C THR BA 112 -9.04 7.61 35.40
N ILE BA 113 -8.12 6.80 34.89
CA ILE BA 113 -7.14 7.24 33.94
C ILE BA 113 -7.28 6.44 32.66
N PRO BA 114 -8.06 6.96 31.71
CA PRO BA 114 -8.33 6.33 30.42
C PRO BA 114 -7.10 6.38 29.52
N LEU BA 115 -7.24 5.81 28.33
CA LEU BA 115 -6.17 5.74 27.35
C LEU BA 115 -5.36 7.00 27.08
N GLY BA 116 -6.01 8.11 26.80
CA GLY BA 116 -5.18 9.28 26.51
C GLY BA 116 -4.18 9.73 27.59
N GLY BA 117 -4.50 9.49 28.86
CA GLY BA 117 -3.63 9.93 29.92
C GLY BA 117 -4.28 11.03 30.76
N SER BA 118 -5.55 11.29 30.55
CA SER BA 118 -6.23 12.30 31.35
C SER BA 118 -6.65 11.65 32.67
N VAL BA 119 -7.02 12.47 33.65
CA VAL BA 119 -7.45 11.94 34.94
C VAL BA 119 -8.86 12.44 35.23
N HIS BA 120 -9.63 11.59 35.90
CA HIS BA 120 -11.01 11.94 36.21
C HIS BA 120 -11.36 11.37 37.58
N LYS BA 121 -11.70 12.27 38.51
CA LYS BA 121 -12.08 11.87 39.86
C LYS BA 121 -13.59 11.71 39.83
N LEU BA 122 -14.07 10.54 40.23
CA LEU BA 122 -15.51 10.27 40.20
C LEU BA 122 -15.95 9.48 41.43
N PRO BA 123 -17.27 9.35 41.63
CA PRO BA 123 -17.89 8.62 42.74
C PRO BA 123 -17.63 7.14 42.58
N TYR BA 124 -17.51 6.74 41.32
CA TYR BA 124 -17.24 5.35 40.95
C TYR BA 124 -16.87 5.42 39.47
N ALA BA 125 -16.23 4.36 38.97
CA ALA BA 125 -15.85 4.31 37.58
C ALA BA 125 -15.79 2.86 37.15
N ILE BA 126 -16.05 2.67 35.86
CA ILE BA 126 -16.01 1.34 35.26
C ILE BA 126 -15.06 1.43 34.07
N ALA BA 127 -14.41 0.31 33.75
CA ALA BA 127 -13.48 0.30 32.63
C ALA BA 127 -13.25 -1.11 32.12
N GLY BA 128 -12.58 -1.23 30.99
CA GLY BA 128 -12.32 -2.54 30.42
C GLY BA 128 -13.29 -2.81 29.29
N SER BA 129 -12.95 -3.78 28.44
CA SER BA 129 -13.79 -4.13 27.32
C SER BA 129 -15.22 -4.47 27.77
N GLY BA 130 -15.35 -5.00 28.98
CA GLY BA 130 -16.66 -5.37 29.47
C GLY BA 130 -17.48 -4.22 30.01
N SER BA 131 -16.82 -3.11 30.32
CA SER BA 131 -17.54 -1.96 30.85
C SER BA 131 -18.65 -1.41 29.96
N THR BA 132 -18.46 -1.44 28.65
CA THR BA 132 -19.46 -0.88 27.74
C THR BA 132 -20.86 -1.43 27.97
N PHE BA 133 -20.94 -2.72 28.27
CA PHE BA 133 -22.21 -3.38 28.48
C PHE BA 133 -22.98 -3.02 29.74
N ILE BA 134 -22.29 -2.41 30.70
CA ILE BA 134 -22.94 -2.06 31.94
C ILE BA 134 -23.01 -0.55 32.23
N TYR BA 135 -22.94 0.27 31.19
CA TYR BA 135 -23.02 1.71 31.41
C TYR BA 135 -24.41 2.08 31.89
N GLY BA 136 -25.44 1.54 31.24
CA GLY BA 136 -26.80 1.81 31.63
C GLY BA 136 -27.12 1.19 32.98
N TYR BA 137 -26.74 -0.07 33.18
CA TYR BA 137 -27.01 -0.73 34.46
C TYR BA 137 -26.43 0.03 35.63
N CYS BA 138 -25.14 0.34 35.54
CA CYS BA 138 -24.46 1.06 36.60
C CYS BA 138 -24.99 2.48 36.81
N ASP BA 139 -25.36 3.15 35.74
CA ASP BA 139 -25.86 4.50 35.90
C ASP BA 139 -27.21 4.48 36.62
N LYS BA 140 -27.98 3.41 36.40
CA LYS BA 140 -29.29 3.27 37.00
C LYS BA 140 -29.28 2.65 38.39
N ASN BA 141 -28.18 2.02 38.78
CA ASN BA 141 -28.11 1.38 40.10
C ASN BA 141 -27.12 1.93 41.10
N PHE BA 142 -26.34 2.93 40.70
CA PHE BA 142 -25.40 3.49 41.65
C PHE BA 142 -26.05 4.59 42.47
N ARG BA 143 -25.67 4.63 43.74
CA ARG BA 143 -26.15 5.61 44.69
C ARG BA 143 -24.94 5.93 45.53
N GLU BA 144 -24.84 7.17 45.98
CA GLU BA 144 -23.72 7.55 46.83
C GLU BA 144 -23.91 7.08 48.27
N ASN BA 145 -22.79 6.89 48.95
CA ASN BA 145 -22.78 6.45 50.34
C ASN BA 145 -23.60 5.21 50.67
N MET BA 146 -23.51 4.19 49.84
CA MET BA 146 -24.22 2.96 50.10
C MET BA 146 -23.45 2.31 51.24
N SER BA 147 -23.93 1.17 51.71
CA SER BA 147 -23.22 0.49 52.78
C SER BA 147 -22.30 -0.54 52.16
N LYS BA 148 -21.38 -1.07 52.94
CA LYS BA 148 -20.47 -2.08 52.44
C LYS BA 148 -21.22 -3.20 51.73
N GLU BA 149 -22.33 -3.65 52.31
CA GLU BA 149 -23.10 -4.74 51.69
C GLU BA 149 -23.73 -4.34 50.37
N GLU BA 150 -24.31 -3.14 50.33
CA GLU BA 150 -24.97 -2.66 49.11
C GLU BA 150 -23.97 -2.47 47.98
N THR BA 151 -22.77 -2.04 48.34
CA THR BA 151 -21.71 -1.82 47.37
C THR BA 151 -21.20 -3.15 46.82
N VAL BA 152 -20.93 -4.11 47.71
CA VAL BA 152 -20.46 -5.41 47.27
C VAL BA 152 -21.48 -6.02 46.29
N ASP BA 153 -22.76 -5.77 46.56
CA ASP BA 153 -23.82 -6.29 45.70
C ASP BA 153 -23.89 -5.58 44.35
N PHE BA 154 -23.68 -4.27 44.38
CA PHE BA 154 -23.70 -3.47 43.16
C PHE BA 154 -22.58 -3.95 42.23
N ILE BA 155 -21.39 -4.11 42.80
CA ILE BA 155 -20.23 -4.54 42.05
C ILE BA 155 -20.40 -5.99 41.57
N LYS BA 156 -20.97 -6.84 42.42
CA LYS BA 156 -21.16 -8.23 42.07
C LYS BA 156 -22.15 -8.35 40.91
N HIS BA 157 -23.23 -7.58 40.97
CA HIS BA 157 -24.23 -7.59 39.91
C HIS BA 157 -23.68 -7.00 38.61
N SER BA 158 -23.10 -5.81 38.71
CA SER BA 158 -22.55 -5.13 37.55
C SER BA 158 -21.53 -5.99 36.81
N LEU BA 159 -20.55 -6.51 37.54
CA LEU BA 159 -19.54 -7.33 36.91
C LEU BA 159 -20.05 -8.66 36.39
N SER BA 160 -21.11 -9.22 36.98
CA SER BA 160 -21.58 -10.50 36.47
C SER BA 160 -22.19 -10.23 35.10
N GLN BA 161 -22.82 -9.08 34.94
CA GLN BA 161 -23.41 -8.73 33.64
C GLN BA 161 -22.29 -8.46 32.62
N ALA BA 162 -21.25 -7.78 33.05
CA ALA BA 162 -20.12 -7.48 32.16
C ALA BA 162 -19.49 -8.79 31.70
N ILE BA 163 -19.31 -9.72 32.65
CA ILE BA 163 -18.73 -11.01 32.33
C ILE BA 163 -19.66 -11.80 31.39
N LYS BA 164 -20.96 -11.62 31.58
CA LYS BA 164 -21.95 -12.34 30.78
C LYS BA 164 -21.90 -11.98 29.30
N TRP BA 165 -21.71 -10.71 28.99
CA TRP BA 165 -21.71 -10.28 27.61
C TRP BA 165 -20.37 -10.14 26.92
N ASP BA 166 -19.31 -9.91 27.70
CA ASP BA 166 -17.98 -9.75 27.13
C ASP BA 166 -17.12 -11.03 27.17
N GLY BA 167 -16.74 -11.48 25.99
CA GLY BA 167 -15.91 -12.67 25.90
C GLY BA 167 -14.54 -12.46 26.50
N SER BA 168 -14.12 -11.20 26.60
CA SER BA 168 -12.81 -10.93 27.18
C SER BA 168 -12.84 -10.86 28.70
N SER BA 169 -14.03 -11.07 29.29
CA SER BA 169 -14.18 -11.05 30.74
C SER BA 169 -14.69 -12.40 31.23
N GLY BA 170 -14.39 -12.74 32.48
CA GLY BA 170 -14.86 -14.00 33.02
C GLY BA 170 -14.02 -14.55 34.17
N GLY BA 171 -14.29 -15.79 34.55
CA GLY BA 171 -13.58 -16.41 35.65
C GLY BA 171 -14.25 -16.05 36.97
N VAL BA 172 -13.47 -15.69 37.98
CA VAL BA 172 -14.03 -15.31 39.26
C VAL BA 172 -14.07 -13.80 39.34
N ILE BA 173 -14.85 -13.27 40.29
CA ILE BA 173 -14.92 -11.83 40.50
C ILE BA 173 -14.11 -11.57 41.76
N ARG BA 174 -13.16 -10.65 41.68
CA ARG BA 174 -12.34 -10.32 42.84
C ARG BA 174 -12.67 -8.93 43.33
N MET BA 175 -12.60 -8.74 44.64
CA MET BA 175 -12.90 -7.44 45.22
C MET BA 175 -11.91 -7.16 46.33
N VAL BA 176 -11.69 -5.87 46.56
CA VAL BA 176 -10.79 -5.41 47.61
C VAL BA 176 -11.52 -4.26 48.30
N VAL BA 177 -11.76 -4.43 49.59
CA VAL BA 177 -12.45 -3.41 50.36
C VAL BA 177 -11.42 -2.60 51.10
N LEU BA 178 -11.54 -1.28 50.98
CA LEU BA 178 -10.61 -0.36 51.64
C LEU BA 178 -11.39 0.57 52.56
N THR BA 179 -11.14 0.45 53.86
CA THR BA 179 -11.82 1.28 54.86
C THR BA 179 -10.85 1.54 55.99
N ALA BA 180 -11.31 2.29 57.00
CA ALA BA 180 -10.48 2.57 58.15
C ALA BA 180 -10.18 1.27 58.87
N ALA BA 181 -11.01 0.26 58.64
CA ALA BA 181 -10.84 -1.06 59.27
C ALA BA 181 -9.71 -1.88 58.68
N GLY BA 182 -9.22 -1.50 57.52
CA GLY BA 182 -8.14 -2.28 56.94
C GLY BA 182 -8.38 -2.68 55.49
N VAL BA 183 -7.85 -3.83 55.10
CA VAL BA 183 -7.97 -4.31 53.74
C VAL BA 183 -8.56 -5.71 53.67
N GLU BA 184 -9.71 -5.84 53.03
CA GLU BA 184 -10.36 -7.12 52.91
C GLU BA 184 -10.46 -7.59 51.45
N ARG BA 185 -9.99 -8.81 51.20
CA ARG BA 185 -10.02 -9.43 49.89
C ARG BA 185 -11.28 -10.28 49.79
N LEU BA 186 -11.99 -10.16 48.68
CA LEU BA 186 -13.20 -10.95 48.48
C LEU BA 186 -13.09 -11.66 47.14
N ILE BA 187 -13.68 -12.84 47.06
CA ILE BA 187 -13.66 -13.60 45.84
C ILE BA 187 -15.06 -14.22 45.69
N PHE BA 188 -15.60 -14.23 44.48
CA PHE BA 188 -16.91 -14.80 44.21
C PHE BA 188 -16.77 -15.73 43.02
N TYR BA 189 -17.42 -16.89 43.08
CA TYR BA 189 -17.31 -17.85 42.00
C TYR BA 189 -18.48 -17.87 41.02
N PRO BA 190 -18.27 -18.40 39.80
CA PRO BA 190 -19.29 -18.48 38.76
C PRO BA 190 -20.63 -18.99 39.27
N ASP BA 191 -20.61 -20.12 39.98
CA ASP BA 191 -21.86 -20.68 40.50
C ASP BA 191 -22.65 -19.65 41.29
N GLU BA 192 -21.96 -18.73 41.94
CA GLU BA 192 -22.68 -17.75 42.71
C GLU BA 192 -23.19 -16.56 41.91
N TYR BA 193 -22.32 -15.89 41.18
CA TYR BA 193 -22.75 -14.70 40.43
C TYR BA 193 -23.45 -14.91 39.09
N GLU BA 194 -23.21 -16.04 38.44
CA GLU BA 194 -23.86 -16.29 37.15
C GLU BA 194 -25.37 -16.27 37.26
N GLN BA 195 -25.89 -16.78 38.38
CA GLN BA 195 -27.34 -16.84 38.60
C GLN BA 195 -27.89 -15.68 39.41
N LEU BA 196 -27.38 -14.48 39.18
CA LEU BA 196 -27.85 -13.30 39.88
C LEU BA 196 -28.86 -12.58 39.00
N ASN CA 1 -18.49 20.05 -11.88
CA ASN CA 1 -18.91 21.20 -11.02
C ASN CA 1 -19.72 20.73 -9.79
N GLN CA 2 -19.38 21.34 -8.64
CA GLN CA 2 -20.10 21.19 -7.36
C GLN CA 2 -21.11 22.35 -7.10
N LEU CA 3 -22.33 21.95 -6.68
CA LEU CA 3 -23.46 22.84 -6.31
C LEU CA 3 -23.55 22.89 -4.78
N ASN DA 1 6.94 -25.50 -13.02
CA ASN DA 1 8.40 -25.58 -13.38
C ASN DA 1 8.78 -24.55 -14.47
N GLN DA 2 9.94 -23.90 -14.31
CA GLN DA 2 10.61 -23.20 -15.42
C GLN DA 2 11.63 -24.12 -16.16
N LEU DA 3 11.73 -23.90 -17.47
CA LEU DA 3 12.72 -24.48 -18.38
C LEU DA 3 13.83 -23.44 -18.63
N ASN EA 1 -25.58 8.42 5.61
CA ASN EA 1 -26.58 8.34 6.82
C ASN EA 1 -26.65 6.99 7.63
N GLN EA 2 -26.29 7.15 8.88
CA GLN EA 2 -26.44 6.18 9.98
C GLN EA 2 -27.72 6.44 10.88
N LEU EA 3 -28.49 5.37 11.05
CA LEU EA 3 -29.54 5.19 12.06
C LEU EA 3 -28.92 4.65 13.37
N ASN FA 1 15.78 -20.24 15.09
CA ASN FA 1 15.08 -21.49 15.53
C ASN FA 1 13.95 -21.15 16.54
N GLN FA 2 12.82 -21.84 16.36
CA GLN FA 2 11.66 -21.80 17.25
C GLN FA 2 11.64 -23.03 18.20
N LEU FA 3 11.37 -22.72 19.50
CA LEU FA 3 11.25 -23.68 20.61
C LEU FA 3 9.77 -23.85 20.95
N ASN GA 1 10.26 26.68 -7.12
CA ASN GA 1 10.39 26.87 -8.61
C ASN GA 1 11.47 25.95 -9.21
N GLN GA 2 11.17 25.35 -10.39
CA GLN GA 2 12.20 24.77 -11.27
C GLN GA 2 12.71 25.80 -12.32
N LEU GA 3 14.00 25.66 -12.64
CA LEU GA 3 14.69 26.38 -13.73
C LEU GA 3 14.83 25.41 -14.93
N ASN HA 1 -0.98 -10.31 25.50
CA ASN HA 1 -2.01 -10.36 26.69
C ASN HA 1 -2.88 -9.07 26.98
N GLN HA 2 -4.18 -9.29 26.81
CA GLN HA 2 -5.29 -8.40 27.19
C GLN HA 2 -5.93 -8.81 28.56
N LEU HA 3 -6.04 -7.80 29.43
CA LEU HA 3 -6.89 -7.74 30.64
C LEU HA 3 -8.33 -7.26 30.26
#